data_7LHF
#
_entry.id   7LHF
#
_cell.length_a   1.00
_cell.length_b   1.00
_cell.length_c   1.00
_cell.angle_alpha   90.00
_cell.angle_beta   90.00
_cell.angle_gamma   90.00
#
_symmetry.space_group_name_H-M   'P 1'
#
loop_
_entity.id
_entity.type
_entity.pdbx_description
1 polymer 'Inositol 1,4,5-trisphosphate receptor type 1'
2 non-polymer (9R,11S)-9-({[(1S)-1-HYDROXYHEXADECYL]OXY}METHYL)-2,2-DIMETHYL-5,7,10-TRIOXA-2LAMBDA~5~-AZA-6LAMBDA~5~-PHOSPHAOCTACOSANE-6,6,11-TRIOL
3 non-polymer 'ZINC ION'
#
_entity_poly.entity_id   1
_entity_poly.type   'polypeptide(L)'
_entity_poly.pdbx_seq_one_letter_code
;SSFLHIGDICSLYAEGSTNGFISTLGLVDDRCVVQPEAGDLNNPPKKFRDCLFKLCPMNRYSAQKQFWKAAKPGANSTTD
AVLLNKLHHAADLEKKQNETENRKLLGTVIQYGNVIQLLHLKSNKYLTVNKRLPALLEKNAMRVTLDEAGNEGSWFYIQP
FYKLRSIGDSVVIGDKVVLNPVNAGQPLHASSHQLVDNPGCNEVNSVNCNTSWKIVLFMKWSDNKDDILKGGDVVRLFHA
EQEKFLTCDEHRKKQHVFLRTTGRQSATSATSSKALWEVEVVQHDPCRGGAGYWNSLFRFKHLATGHYLAAEVDPDFEEE
CLEFQPSVDPDQDASRSRLRNAQEKMVYSLVSVPEGNDISSIFELDPTTLRGGDSLVPRNSYVRLRHLCTNTWVHSTNIP
IDKEEEKPVMLKIGTSPLKEDKEAFAIVPVSPAEVRDLDFANDASKVLGSIAGKLEKGTITQNERRSVTKLLEDLVYFVT
GGTNSGQDVLEVVFSKPNRERQKLMREQNILKQIFKLLQAPFTDCGDGPMLRLEELGDQRHAPFRHICRLCYRVLRHSQQ
DYRKNQEYIAKQFGFMQKQIGYDVLAEDTITALLHNNRKLLEKHITAAEIDTFVSLVRKNREPRFLDYLSDLCVSMNKSI
PVTQELICKAVLNPTNADILIETKLVLSRFEFEGVSTGENALEAGEDEEEVWLFWRDSNKEIRSKSVRELAQDAKEGQKE
DRDVLSYYRYQLNLFARMCLDRQYLAINEISGQLDVDLILRCMSDENLPYDLRASFCRLMLHMHVDRDPQEQVTPVKYAR
LWSEIPSEIAIDDYDSSGASKDEIKERFAQTMEFVEEYLRDVVCQRFPFSDKEKNKLTFEVVNLARNLIYFGFYNFSDLL
RLTKILLAILDCVHVTTIFPISKMTKGEENKGSNVMRSIHGVGELMTQVVLRGGGFLPMTPMAAAPEGNVKQAEPEKEDI
MVMDTKLKIIEILQFILNVRLDYRISCLLCIFKREFDESNSQSSETSSGNSSQEGPSNVPGALDFEHIEEQAEGIFGGSE
ENTPLDLDDHGGRTFLRVLLHLTMHDYPPLVSGALQLLFRHFSQRQEVLQAFKQVQLLVTSQDVDNYKQIKQDLDQLRSI
VEKSELWVYKGQGPDEPMDGASGENEHKKTEEGTSKPLKHESTSSYNYRVVKEILIRLSKLCVQESASVRKSRKQQQRLL
RNMGAHAVVLELLQIPYEKAEDTKMQEIMRLAHEFLQNFCAGNQQNQALLHKHINLFLNPGILEAVTMQHIFMNNFQLCS
EINERVVQHFVHCIETHGRNVQYIKFLQTIVKAEGKFIKKCQDMVMAELVNSGEDVLVFYNDRASFQTLIQMMRSERDRM
DENSPLFMYHIHLVELLAVCTEGKNVYTEIKCNSLLPLDDIVRVVTHEDCIPEVKIAYINFLNHCYVDTEVEMKEIYTSN
HMWKLFENFLVDICRACNNTSDRKHADSVLEKYVTEIVMSIVTTFFSSPFSDQSTTLQTRQPVFVQLLQGVFRVYHCNWL
MPSQKASVESCIRVLSDVAKSRAIAIPVDLDSQVNNLFLKSHNIVQKTAMNWRLSARNAARRDSVLAASRDYRNIIERLQ
DIVSALEDRLRPLVQAELSVLVDVLHRPELLFPENTDARRKCESGGFICKLIKHTKQLLEENEEKLCIKVLQTLREMMTK
DRGYGEKQISIDELENAELPQPPEAENSTEQELEPSPPLRQLEDHKRGEALRQILVNRYYGNIRPSGRRESLTSFGNGPL
SPGGPSKPGGGGGGPGSGSTSRGEMSLAEVQCHLDKEGASNLVIDLIMNASSDRVFHESILLAIALLEGGNTTIQHSFFC
RLTEDKKSEKFFKVFYDRMKVAQQEIKATVTVNTSDLGNKKKDDEVDRDAPSRKKAKEPTTQITEEVRDQLLEASAATRK
AFTTFRREADPDDHYQSGEGTQATTDKAKDDLEMSAVITIMQPILRFLQLLCENHNRDLQNFLRCQNNKTNYNLVCETLQ
FLDCICGSTTGGLGLLGLYINEKNVALINQTLESLTEYCQGPCHENQNCIATHESNGIDIITALILNDINPLGKKRMDLV
LELKNNASKLLLAIMESRHDSENAERILYNMRPKELVEVIKKAYMQGEVEFEDGENGEDGAASPRNVGHNIYILAHQLAR
HNKELQTMLKPGGQVDGDEALEFYAKHTAQIEIVRLDRTMEQIVFPVPSICEFLTKESKLRIYYTTERDEQGSKINDFFL
RSEDLFNEMNWQKKLRAQPVLYWCARNMSFWSSISFNLAVLMNLLVAFFYPFKGVRGGTLEPHWSGLLWTAMLISLAIVI
ALPKPHGIRALIASTILRLIFSVGLQPTLFLLGAFNVCNKIIFLMSFVGNCGTFTRGYRAMVLDVEFLYHLLYLLICAMG
LFVHEFFYSLLLFDLVYREETLLNVIKSVTRNGRPIILTAALALILVYLFSIVGYLFFKDDFILEVDRLPNETAGPETGE
SLANDFLYSDVCRVETGENCTSPAPKEELLPVEETEQDKEHTCETLLMCIVTVLSHGLRSGGGVGDVLRKPSKEEPLFAA
RVIYDLLFFFMVIIIVLNLIFGVIIDTFADLRSEKQKKEEILKTTCFICGLERDKFDNKTVTFEEHIKEEHNMWHYLCFI
VLVKVKDSTEYTGPESYVAEMIRERNLDWFPRMRAMSLVSSDSEGEQNELRNLQEKLESTMKLVTNLSGQLSELKDQMTE
QRKQKQRIGLLGHPPH
;
_entity_poly.pdbx_strand_id   A,D,B,C
#
# COMPACT_ATOMS: atom_id res chain seq x y z
N SER A 1 -4.61 -14.19 35.49
CA SER A 1 -3.53 -13.77 36.38
C SER A 1 -4.00 -13.76 37.83
N SER A 2 -3.98 -14.94 38.45
CA SER A 2 -4.40 -15.17 39.83
C SER A 2 -5.83 -14.75 40.10
N PHE A 3 -6.68 -14.78 39.08
CA PHE A 3 -8.11 -14.55 39.21
C PHE A 3 -8.84 -15.88 39.13
N LEU A 4 -10.17 -15.82 39.25
CA LEU A 4 -11.01 -17.00 39.13
C LEU A 4 -11.88 -16.85 37.88
N HIS A 5 -11.86 -17.86 37.01
CA HIS A 5 -12.51 -17.82 35.72
C HIS A 5 -13.65 -18.83 35.67
N ILE A 6 -14.49 -18.68 34.64
CA ILE A 6 -15.47 -19.71 34.30
C ILE A 6 -14.73 -20.86 33.67
N GLY A 7 -14.94 -22.06 34.19
CA GLY A 7 -14.25 -23.24 33.70
C GLY A 7 -13.09 -23.70 34.53
N ASP A 8 -12.74 -22.98 35.60
CA ASP A 8 -11.74 -23.45 36.54
C ASP A 8 -12.27 -24.63 37.34
N ILE A 9 -11.34 -25.39 37.90
CA ILE A 9 -11.67 -26.55 38.72
C ILE A 9 -11.10 -26.29 40.11
N CYS A 10 -11.99 -25.94 41.04
CA CYS A 10 -11.58 -25.52 42.38
C CYS A 10 -11.96 -26.58 43.40
N SER A 11 -11.75 -26.24 44.68
CA SER A 11 -12.05 -27.17 45.77
C SER A 11 -12.46 -26.32 46.98
N LEU A 12 -13.75 -26.31 47.28
CA LEU A 12 -14.26 -25.46 48.35
C LEU A 12 -13.87 -26.01 49.72
N TYR A 13 -13.37 -25.14 50.58
CA TYR A 13 -12.91 -25.51 51.92
C TYR A 13 -13.76 -24.78 52.95
N ALA A 14 -14.22 -25.51 53.96
CA ALA A 14 -15.02 -24.94 55.04
C ALA A 14 -14.11 -24.59 56.20
N GLU A 15 -14.31 -23.41 56.77
CA GLU A 15 -13.65 -23.05 58.01
C GLU A 15 -14.53 -22.07 58.78
N GLY A 16 -14.42 -22.12 60.10
CA GLY A 16 -15.34 -21.44 60.98
C GLY A 16 -15.66 -22.29 62.18
N SER A 17 -16.94 -22.62 62.38
CA SER A 17 -17.31 -23.55 63.45
C SER A 17 -16.76 -24.94 63.20
N THR A 18 -16.82 -25.41 61.95
CA THR A 18 -16.30 -26.71 61.56
C THR A 18 -15.43 -26.57 60.32
N ASN A 19 -14.41 -27.41 60.23
CA ASN A 19 -13.42 -27.34 59.17
C ASN A 19 -13.53 -28.58 58.28
N GLY A 20 -13.00 -28.47 57.07
CA GLY A 20 -12.90 -29.61 56.18
C GLY A 20 -13.35 -29.28 54.78
N PHE A 21 -12.93 -30.12 53.84
CA PHE A 21 -13.36 -29.99 52.46
C PHE A 21 -14.78 -30.51 52.30
N ILE A 22 -15.46 -30.03 51.26
CA ILE A 22 -16.81 -30.49 50.94
C ILE A 22 -16.68 -31.68 50.00
N SER A 23 -17.04 -32.86 50.50
CA SER A 23 -16.99 -34.09 49.75
C SER A 23 -18.41 -34.58 49.47
N THR A 24 -18.51 -35.80 48.92
CA THR A 24 -19.81 -36.41 48.68
C THR A 24 -19.67 -37.91 48.86
N LEU A 25 -20.32 -38.45 49.89
CA LEU A 25 -20.25 -39.89 50.13
C LEU A 25 -21.02 -40.64 49.06
N GLY A 26 -20.39 -41.66 48.49
CA GLY A 26 -21.03 -42.51 47.50
C GLY A 26 -21.25 -41.82 46.17
N LEU A 27 -21.76 -42.60 45.22
CA LEU A 27 -22.22 -42.08 43.94
C LEU A 27 -23.69 -42.39 43.69
N VAL A 28 -24.23 -43.45 44.26
CA VAL A 28 -25.68 -43.66 44.22
C VAL A 28 -26.41 -42.70 45.15
N ASP A 29 -25.72 -42.14 46.13
CA ASP A 29 -26.33 -41.20 47.07
C ASP A 29 -26.05 -39.76 46.65
N ASP A 30 -26.92 -38.85 47.08
CA ASP A 30 -26.88 -37.46 46.67
C ASP A 30 -26.81 -36.52 47.87
N ARG A 31 -26.00 -36.88 48.86
CA ARG A 31 -25.81 -36.06 50.05
C ARG A 31 -24.44 -35.39 49.99
N CYS A 32 -24.40 -34.11 50.32
CA CYS A 32 -23.15 -33.37 50.40
C CYS A 32 -22.67 -33.30 51.85
N VAL A 33 -21.40 -33.62 52.06
CA VAL A 33 -20.85 -33.87 53.38
C VAL A 33 -19.48 -33.21 53.49
N VAL A 34 -19.24 -32.52 54.61
CA VAL A 34 -17.89 -32.12 55.01
C VAL A 34 -17.43 -33.04 56.12
N GLN A 35 -16.12 -33.20 56.26
CA GLN A 35 -15.56 -34.02 57.31
C GLN A 35 -14.24 -33.42 57.80
N PRO A 36 -14.10 -33.21 59.11
CA PRO A 36 -12.93 -32.48 59.62
C PRO A 36 -11.66 -33.32 59.70
N GLU A 37 -11.80 -34.61 59.98
CA GLU A 37 -10.67 -35.48 60.21
C GLU A 37 -9.95 -35.87 58.92
N ALA A 38 -10.59 -35.68 57.76
CA ALA A 38 -10.00 -36.09 56.49
C ALA A 38 -8.73 -35.32 56.17
N GLY A 39 -8.73 -34.02 56.40
CA GLY A 39 -7.50 -33.25 56.20
C GLY A 39 -7.80 -31.78 56.06
N ASP A 40 -6.72 -31.00 56.03
CA ASP A 40 -6.77 -29.55 55.89
C ASP A 40 -5.88 -29.11 54.73
N LEU A 41 -5.60 -27.80 54.64
CA LEU A 41 -4.83 -27.26 53.52
C LEU A 41 -3.40 -27.80 53.48
N ASN A 42 -2.81 -28.08 54.64
CA ASN A 42 -1.44 -28.60 54.67
C ASN A 42 -1.35 -30.00 54.06
N ASN A 43 -2.31 -30.87 54.38
CA ASN A 43 -2.38 -32.16 53.72
C ASN A 43 -3.83 -32.57 53.47
N PRO A 44 -4.23 -32.71 52.20
CA PRO A 44 -5.62 -33.00 51.87
C PRO A 44 -5.92 -34.47 52.11
N PRO A 45 -7.19 -34.88 52.05
CA PRO A 45 -7.50 -36.30 52.18
C PRO A 45 -6.94 -37.11 51.03
N LYS A 46 -6.78 -38.41 51.30
CA LYS A 46 -6.24 -39.33 50.31
C LYS A 46 -7.17 -39.46 49.11
N LYS A 47 -8.47 -39.52 49.34
CA LYS A 47 -9.45 -39.54 48.26
C LYS A 47 -9.84 -38.11 47.88
N PHE A 48 -8.85 -37.37 47.38
CA PHE A 48 -9.05 -35.96 47.08
C PHE A 48 -9.88 -35.75 45.81
N ARG A 49 -9.95 -36.75 44.93
CA ARG A 49 -10.69 -36.63 43.68
C ARG A 49 -12.18 -36.41 43.91
N ASP A 50 -12.70 -36.79 45.07
CA ASP A 50 -14.12 -36.65 45.37
C ASP A 50 -14.48 -35.18 45.60
N CYS A 51 -13.51 -34.37 46.01
CA CYS A 51 -13.78 -33.02 46.51
C CYS A 51 -13.70 -31.93 45.44
N LEU A 52 -13.50 -32.28 44.18
CA LEU A 52 -13.31 -31.27 43.15
C LEU A 52 -14.64 -30.80 42.57
N PHE A 53 -14.71 -29.51 42.24
CA PHE A 53 -15.88 -28.91 41.62
C PHE A 53 -15.44 -28.07 40.42
N LYS A 54 -16.37 -27.81 39.52
CA LYS A 54 -16.08 -27.08 38.29
C LYS A 54 -16.98 -25.86 38.17
N LEU A 55 -16.42 -24.76 37.69
CA LEU A 55 -17.13 -23.48 37.64
C LEU A 55 -17.88 -23.38 36.31
N CYS A 56 -19.17 -23.06 36.38
CA CYS A 56 -20.02 -23.08 35.20
C CYS A 56 -20.87 -21.82 35.15
N PRO A 57 -21.25 -21.38 33.95
CA PRO A 57 -22.08 -20.18 33.83
C PRO A 57 -23.57 -20.51 34.00
N MET A 58 -24.41 -19.52 33.75
CA MET A 58 -25.86 -19.66 33.76
C MET A 58 -26.35 -20.76 32.82
N ASN A 59 -27.22 -21.60 33.36
CA ASN A 59 -28.03 -22.52 32.57
C ASN A 59 -29.49 -22.16 32.78
N ARG A 60 -30.23 -22.01 31.69
CA ARG A 60 -31.61 -21.55 31.75
C ARG A 60 -32.55 -22.77 31.72
N TYR A 61 -33.21 -23.02 32.85
CA TYR A 61 -34.17 -24.11 32.96
C TYR A 61 -35.57 -23.51 32.87
N SER A 62 -35.98 -23.22 31.64
CA SER A 62 -37.28 -22.63 31.38
C SER A 62 -38.22 -23.62 30.71
N ALA A 63 -37.82 -24.20 29.57
CA ALA A 63 -38.62 -25.22 28.93
C ALA A 63 -38.47 -26.58 29.60
N GLN A 64 -37.33 -26.81 30.27
CA GLN A 64 -37.14 -28.06 31.00
C GLN A 64 -38.11 -28.18 32.16
N LYS A 65 -38.32 -27.09 32.91
CA LYS A 65 -39.28 -27.12 34.01
C LYS A 65 -40.69 -27.36 33.50
N GLN A 66 -41.05 -26.74 32.37
CA GLN A 66 -42.35 -26.94 31.76
C GLN A 66 -42.53 -28.39 31.31
N PHE A 67 -41.50 -28.96 30.70
CA PHE A 67 -41.57 -30.36 30.25
C PHE A 67 -41.67 -31.32 31.42
N TRP A 68 -40.93 -31.08 32.50
CA TRP A 68 -40.99 -31.96 33.66
C TRP A 68 -42.34 -31.86 34.35
N LYS A 69 -42.94 -30.66 34.36
CA LYS A 69 -44.27 -30.52 34.96
C LYS A 69 -45.34 -31.15 34.07
N ALA A 70 -45.18 -31.08 32.76
CA ALA A 70 -46.16 -31.66 31.85
C ALA A 70 -46.07 -33.19 31.79
N ALA A 71 -44.86 -33.74 31.91
CA ALA A 71 -44.67 -35.17 31.78
C ALA A 71 -45.04 -35.95 33.04
N LYS A 72 -45.38 -35.26 34.12
CA LYS A 72 -45.81 -35.91 35.35
C LYS A 72 -47.31 -35.68 35.53
N PRO A 73 -48.15 -36.66 35.20
CA PRO A 73 -49.61 -36.45 35.24
C PRO A 73 -50.14 -36.50 36.66
N GLY A 74 -50.63 -35.36 37.15
CA GLY A 74 -51.20 -35.29 38.48
C GLY A 74 -52.57 -35.93 38.57
N ALA A 75 -53.56 -35.32 37.89
CA ALA A 75 -54.91 -35.85 37.90
C ALA A 75 -55.60 -35.79 36.55
N ASN A 76 -54.93 -35.33 35.50
CA ASN A 76 -55.53 -35.24 34.17
C ASN A 76 -55.15 -36.40 33.27
N SER A 77 -53.89 -36.86 33.34
CA SER A 77 -53.36 -37.98 32.57
C SER A 77 -53.54 -37.78 31.07
N THR A 78 -53.34 -36.55 30.61
CA THR A 78 -53.50 -36.21 29.20
C THR A 78 -52.12 -36.28 28.54
N THR A 79 -51.84 -37.41 27.88
CA THR A 79 -50.60 -37.62 27.16
C THR A 79 -50.88 -37.47 25.67
N ASP A 80 -50.17 -36.57 25.01
CA ASP A 80 -50.41 -36.23 23.62
C ASP A 80 -49.14 -36.47 22.81
N ALA A 81 -49.30 -37.11 21.66
CA ALA A 81 -48.18 -37.30 20.73
C ALA A 81 -47.90 -36.08 19.88
N VAL A 82 -48.73 -35.04 19.97
CA VAL A 82 -48.52 -33.80 19.23
C VAL A 82 -48.19 -32.62 20.13
N LEU A 83 -48.38 -32.75 21.44
CA LEU A 83 -48.08 -31.68 22.39
C LEU A 83 -46.86 -31.96 23.23
N LEU A 84 -46.82 -33.11 23.90
CA LEU A 84 -45.67 -33.45 24.72
C LEU A 84 -44.46 -33.75 23.86
N ASN A 85 -44.67 -34.22 22.62
CA ASN A 85 -43.56 -34.45 21.70
C ASN A 85 -42.85 -33.15 21.33
N LYS A 86 -43.62 -32.12 20.97
CA LYS A 86 -42.98 -30.85 20.64
C LYS A 86 -42.49 -30.13 21.88
N LEU A 87 -43.10 -30.38 23.04
CA LEU A 87 -42.54 -29.86 24.29
C LEU A 87 -41.16 -30.48 24.57
N HIS A 88 -41.04 -31.79 24.36
CA HIS A 88 -39.75 -32.46 24.53
C HIS A 88 -38.73 -31.96 23.52
N HIS A 89 -39.16 -31.73 22.27
CA HIS A 89 -38.27 -31.19 21.26
C HIS A 89 -37.80 -29.78 21.62
N ALA A 90 -38.70 -28.96 22.14
CA ALA A 90 -38.33 -27.60 22.56
C ALA A 90 -37.33 -27.63 23.70
N ALA A 91 -37.58 -28.48 24.71
CA ALA A 91 -36.67 -28.61 25.84
C ALA A 91 -35.30 -29.10 25.39
N ASP A 92 -35.28 -30.09 24.48
CA ASP A 92 -34.02 -30.62 23.98
C ASP A 92 -33.22 -29.57 23.21
N LEU A 93 -33.89 -28.80 22.34
CA LEU A 93 -33.15 -27.83 21.56
C LEU A 93 -32.68 -26.66 22.42
N GLU A 94 -33.46 -26.27 23.43
CA GLU A 94 -33.00 -25.16 24.26
C GLU A 94 -31.88 -25.62 25.19
N LYS A 95 -31.89 -26.89 25.58
CA LYS A 95 -30.75 -27.46 26.28
C LYS A 95 -29.50 -27.49 25.40
N LYS A 96 -29.69 -27.80 24.11
CA LYS A 96 -28.57 -27.79 23.17
C LYS A 96 -27.98 -26.39 23.01
N GLN A 97 -28.84 -25.38 22.84
CA GLN A 97 -28.31 -24.02 22.73
C GLN A 97 -27.86 -23.48 24.08
N ASN A 98 -28.27 -24.11 25.18
CA ASN A 98 -27.74 -23.78 26.50
C ASN A 98 -26.32 -24.29 26.65
N GLU A 99 -26.06 -25.53 26.23
CA GLU A 99 -24.71 -26.08 26.38
C GLU A 99 -23.75 -25.52 25.33
N THR A 100 -24.25 -25.12 24.15
CA THR A 100 -23.33 -24.61 23.14
C THR A 100 -22.95 -23.15 23.35
N GLU A 101 -23.61 -22.44 24.25
CA GLU A 101 -23.21 -21.07 24.57
C GLU A 101 -22.31 -21.00 25.79
N ASN A 102 -22.20 -22.08 26.56
CA ASN A 102 -21.23 -22.12 27.65
C ASN A 102 -19.80 -22.18 27.12
N ARG A 103 -19.62 -22.70 25.91
CA ARG A 103 -18.31 -22.70 25.28
C ARG A 103 -17.88 -21.30 24.85
N LYS A 104 -18.83 -20.39 24.64
CA LYS A 104 -18.51 -19.01 24.33
C LYS A 104 -18.09 -18.21 25.56
N LEU A 105 -18.43 -18.69 26.76
CA LEU A 105 -18.02 -18.06 28.01
C LEU A 105 -16.87 -18.83 28.66
N LEU A 106 -16.11 -19.58 27.87
CA LEU A 106 -15.17 -20.54 28.42
C LEU A 106 -13.98 -19.85 29.09
N GLY A 107 -13.64 -18.64 28.66
CA GLY A 107 -12.69 -17.84 29.42
C GLY A 107 -13.30 -16.51 29.80
N THR A 108 -13.58 -16.31 31.09
CA THR A 108 -14.27 -15.12 31.54
C THR A 108 -14.03 -14.96 33.04
N VAL A 109 -13.50 -13.81 33.44
CA VAL A 109 -13.27 -13.53 34.86
C VAL A 109 -14.62 -13.26 35.51
N ILE A 110 -14.89 -13.95 36.62
CA ILE A 110 -16.12 -13.75 37.36
C ILE A 110 -15.91 -12.66 38.39
N GLN A 111 -16.98 -11.94 38.71
CA GLN A 111 -16.97 -10.93 39.73
C GLN A 111 -18.00 -11.27 40.80
N TYR A 112 -17.87 -10.61 41.95
CA TYR A 112 -18.79 -10.81 43.05
C TYR A 112 -20.19 -10.37 42.67
N GLY A 113 -21.18 -11.17 43.06
CA GLY A 113 -22.56 -10.91 42.68
C GLY A 113 -23.04 -11.64 41.44
N ASN A 114 -22.30 -12.63 40.96
CA ASN A 114 -22.69 -13.39 39.79
C ASN A 114 -23.30 -14.73 40.19
N VAL A 115 -23.78 -15.45 39.18
CA VAL A 115 -24.31 -16.81 39.34
C VAL A 115 -23.18 -17.78 39.04
N ILE A 116 -23.15 -18.91 39.76
CA ILE A 116 -21.89 -19.63 39.78
C ILE A 116 -22.00 -21.11 39.39
N GLN A 117 -23.17 -21.73 39.59
CA GLN A 117 -23.55 -23.03 39.01
C GLN A 117 -22.50 -24.12 39.25
N LEU A 118 -22.35 -24.50 40.51
CA LEU A 118 -21.32 -25.48 40.87
C LEU A 118 -21.64 -26.86 40.31
N LEU A 119 -20.62 -27.52 39.78
CA LEU A 119 -20.75 -28.85 39.18
C LEU A 119 -19.71 -29.78 39.78
N HIS A 120 -20.16 -30.91 40.33
CA HIS A 120 -19.26 -31.94 40.81
C HIS A 120 -18.64 -32.69 39.64
N LEU A 121 -17.32 -32.82 39.66
CA LEU A 121 -16.64 -33.47 38.55
C LEU A 121 -16.75 -34.99 38.57
N LYS A 122 -16.67 -35.59 39.76
CA LYS A 122 -16.68 -37.05 39.83
C LYS A 122 -18.05 -37.61 39.48
N SER A 123 -19.12 -37.02 40.02
CA SER A 123 -20.47 -37.52 39.82
C SER A 123 -21.16 -36.91 38.61
N ASN A 124 -20.60 -35.84 38.03
CA ASN A 124 -21.21 -35.09 36.92
C ASN A 124 -22.62 -34.59 37.28
N LYS A 125 -22.77 -34.13 38.52
CA LYS A 125 -24.06 -33.69 39.04
C LYS A 125 -23.92 -32.31 39.65
N TYR A 126 -24.91 -31.45 39.41
CA TYR A 126 -24.89 -30.10 39.92
C TYR A 126 -25.25 -30.06 41.40
N LEU A 127 -24.63 -29.12 42.12
CA LEU A 127 -24.94 -28.90 43.52
C LEU A 127 -26.15 -27.97 43.61
N THR A 128 -27.29 -28.52 44.00
CA THR A 128 -28.56 -27.79 43.99
C THR A 128 -29.15 -27.71 45.38
N VAL A 129 -30.18 -26.88 45.48
CA VAL A 129 -31.01 -26.76 46.67
C VAL A 129 -32.42 -26.40 46.22
N ASN A 130 -33.41 -26.85 46.97
CA ASN A 130 -34.79 -26.44 46.74
C ASN A 130 -35.42 -26.06 48.07
N LYS A 131 -36.30 -25.06 48.03
CA LYS A 131 -36.73 -24.33 49.21
C LYS A 131 -37.93 -24.96 49.92
N ARG A 132 -38.43 -26.09 49.44
CA ARG A 132 -39.71 -26.60 49.94
C ARG A 132 -39.59 -27.74 50.93
N LEU A 133 -38.50 -28.52 50.88
CA LEU A 133 -38.48 -29.62 51.85
C LEU A 133 -37.25 -29.52 52.72
N PRO A 134 -37.40 -29.70 54.05
CA PRO A 134 -36.27 -29.46 54.96
C PRO A 134 -35.19 -30.52 54.92
N ALA A 135 -34.19 -30.37 55.79
CA ALA A 135 -33.10 -31.34 55.88
C ALA A 135 -33.56 -32.60 56.58
N LEU A 136 -32.74 -33.65 56.46
CA LEU A 136 -33.04 -34.88 57.17
C LEU A 136 -32.66 -34.79 58.65
N LEU A 137 -31.39 -34.50 58.94
CA LEU A 137 -30.92 -34.54 60.31
C LEU A 137 -31.41 -33.33 61.10
N GLU A 138 -31.75 -32.23 60.42
CA GLU A 138 -32.24 -31.03 61.08
C GLU A 138 -33.51 -30.54 60.40
N LYS A 139 -34.25 -29.72 61.13
CA LYS A 139 -35.36 -28.94 60.59
C LYS A 139 -34.77 -27.63 60.05
N ASN A 140 -35.61 -26.60 59.90
CA ASN A 140 -35.25 -25.17 59.98
C ASN A 140 -34.12 -24.74 59.04
N ALA A 141 -34.49 -24.42 57.78
CA ALA A 141 -33.60 -24.02 56.68
C ALA A 141 -32.80 -25.18 56.08
N MET A 142 -33.47 -25.82 55.13
CA MET A 142 -33.21 -27.08 54.41
C MET A 142 -31.81 -27.39 53.89
N ARG A 143 -31.58 -28.69 53.68
CA ARG A 143 -30.37 -29.29 53.14
C ARG A 143 -30.16 -28.97 51.66
N VAL A 144 -29.02 -29.43 51.14
CA VAL A 144 -28.67 -29.38 49.72
C VAL A 144 -28.41 -30.80 49.23
N THR A 145 -28.57 -31.01 47.93
CA THR A 145 -28.44 -32.32 47.32
C THR A 145 -27.68 -32.18 46.00
N LEU A 146 -27.68 -33.26 45.20
CA LEU A 146 -27.11 -33.28 43.87
C LEU A 146 -28.07 -33.95 42.91
N ASP A 147 -28.07 -33.52 41.65
CA ASP A 147 -28.79 -34.24 40.61
C ASP A 147 -28.14 -33.97 39.26
N GLU A 148 -28.40 -34.88 38.32
CA GLU A 148 -27.84 -34.77 36.98
C GLU A 148 -28.54 -33.70 36.15
N ALA A 149 -29.82 -33.47 36.39
CA ALA A 149 -30.65 -32.71 35.45
C ALA A 149 -30.35 -31.22 35.47
N GLY A 150 -29.68 -30.72 36.50
CA GLY A 150 -29.54 -29.28 36.61
C GLY A 150 -30.84 -28.64 37.06
N ASN A 151 -31.19 -28.86 38.33
CA ASN A 151 -32.43 -28.32 38.88
C ASN A 151 -32.42 -26.80 38.86
N GLU A 152 -33.59 -26.22 38.61
CA GLU A 152 -33.78 -24.81 38.87
C GLU A 152 -33.65 -24.57 40.37
N GLY A 153 -32.82 -23.61 40.74
CA GLY A 153 -32.39 -23.48 42.12
C GLY A 153 -31.01 -24.01 42.40
N SER A 154 -30.24 -24.34 41.37
CA SER A 154 -28.82 -24.60 41.49
C SER A 154 -27.98 -23.35 41.27
N TRP A 155 -28.62 -22.22 41.01
CA TRP A 155 -27.89 -20.97 40.86
C TRP A 155 -27.50 -20.45 42.24
N PHE A 156 -26.24 -20.00 42.37
CA PHE A 156 -25.73 -19.49 43.64
C PHE A 156 -25.17 -18.11 43.42
N TYR A 157 -25.43 -17.21 44.36
CA TYR A 157 -24.78 -15.91 44.37
C TYR A 157 -23.44 -16.03 45.07
N ILE A 158 -22.39 -15.52 44.44
CA ILE A 158 -21.07 -15.47 45.05
C ILE A 158 -20.89 -14.11 45.69
N GLN A 159 -20.67 -14.10 47.01
CA GLN A 159 -20.61 -12.87 47.79
C GLN A 159 -19.39 -12.90 48.68
N PRO A 160 -18.78 -11.75 48.96
CA PRO A 160 -17.54 -11.75 49.74
C PRO A 160 -17.79 -11.88 51.24
N PHE A 161 -16.93 -12.66 51.88
CA PHE A 161 -16.87 -12.73 53.34
C PHE A 161 -16.13 -11.55 53.95
N TYR A 162 -15.38 -10.82 53.14
CA TYR A 162 -14.63 -9.65 53.57
C TYR A 162 -15.17 -8.43 52.84
N LYS A 163 -15.17 -7.30 53.53
CA LYS A 163 -15.55 -6.03 52.92
C LYS A 163 -14.36 -5.30 52.33
N LEU A 164 -13.22 -5.97 52.19
CA LEU A 164 -12.16 -5.48 51.30
C LEU A 164 -12.66 -5.40 49.86
N ARG A 165 -13.49 -6.36 49.47
CA ARG A 165 -14.00 -6.47 48.12
C ARG A 165 -15.47 -6.04 48.10
N SER A 166 -15.98 -5.78 46.91
CA SER A 166 -17.35 -5.33 46.75
C SER A 166 -17.94 -5.95 45.49
N ILE A 167 -19.20 -5.64 45.23
CA ILE A 167 -19.89 -6.17 44.05
C ILE A 167 -19.29 -5.53 42.81
N GLY A 168 -18.93 -6.36 41.84
CA GLY A 168 -18.24 -5.92 40.64
C GLY A 168 -16.75 -6.11 40.67
N ASP A 169 -16.18 -6.31 41.86
CA ASP A 169 -14.75 -6.61 41.97
C ASP A 169 -14.49 -8.04 41.54
N SER A 170 -13.35 -8.27 40.90
CA SER A 170 -12.98 -9.61 40.47
C SER A 170 -12.62 -10.47 41.67
N VAL A 171 -12.77 -11.79 41.49
CA VAL A 171 -12.52 -12.76 42.54
C VAL A 171 -11.13 -13.33 42.33
N VAL A 172 -10.29 -13.25 43.37
CA VAL A 172 -8.93 -13.75 43.29
C VAL A 172 -8.87 -15.14 43.91
N ILE A 173 -7.78 -15.84 43.65
CA ILE A 173 -7.62 -17.20 44.14
C ILE A 173 -7.21 -17.18 45.60
N GLY A 174 -7.94 -17.93 46.42
CA GLY A 174 -7.57 -18.12 47.81
C GLY A 174 -8.34 -17.30 48.81
N ASP A 175 -9.27 -16.46 48.38
CA ASP A 175 -10.03 -15.67 49.34
C ASP A 175 -11.23 -16.47 49.84
N LYS A 176 -11.75 -16.04 50.99
CA LYS A 176 -12.92 -16.66 51.58
C LYS A 176 -14.15 -15.93 51.11
N VAL A 177 -15.08 -16.66 50.50
CA VAL A 177 -16.34 -16.11 50.02
C VAL A 177 -17.48 -16.81 50.73
N VAL A 178 -18.69 -16.29 50.52
CA VAL A 178 -19.91 -16.91 51.04
C VAL A 178 -20.85 -17.13 49.86
N LEU A 179 -21.53 -18.27 49.86
CA LEU A 179 -22.40 -18.66 48.76
C LEU A 179 -23.82 -18.75 49.27
N ASN A 180 -24.74 -18.01 48.64
CA ASN A 180 -26.14 -18.20 48.93
C ASN A 180 -26.92 -18.34 47.63
N PRO A 181 -27.92 -19.21 47.60
CA PRO A 181 -28.71 -19.41 46.39
C PRO A 181 -29.60 -18.21 46.09
N VAL A 182 -29.94 -18.04 44.82
CA VAL A 182 -30.71 -16.88 44.40
C VAL A 182 -32.14 -16.96 44.89
N ASN A 183 -32.73 -18.17 44.91
CA ASN A 183 -34.14 -18.31 45.27
C ASN A 183 -34.36 -18.90 46.66
N ALA A 184 -33.32 -19.36 47.33
CA ALA A 184 -33.45 -19.82 48.71
C ALA A 184 -33.12 -18.74 49.71
N GLY A 185 -32.20 -17.84 49.39
CA GLY A 185 -31.90 -16.68 50.22
C GLY A 185 -31.30 -16.98 51.57
N GLN A 186 -30.61 -18.11 51.70
CA GLN A 186 -29.94 -18.48 52.94
C GLN A 186 -28.57 -19.04 52.62
N PRO A 187 -27.51 -18.55 53.27
CA PRO A 187 -26.15 -19.00 52.91
C PRO A 187 -25.93 -20.48 53.21
N LEU A 188 -25.13 -21.11 52.37
CA LEU A 188 -24.85 -22.53 52.50
C LEU A 188 -23.95 -22.76 53.70
N HIS A 189 -24.35 -23.70 54.56
CA HIS A 189 -23.79 -23.83 55.90
C HIS A 189 -23.23 -25.22 56.11
N ALA A 190 -22.08 -25.29 56.77
CA ALA A 190 -21.50 -26.56 57.20
C ALA A 190 -21.89 -26.80 58.65
N SER A 191 -22.59 -27.91 58.91
CA SER A 191 -23.19 -28.13 60.21
C SER A 191 -22.20 -28.77 61.17
N SER A 192 -22.70 -29.14 62.35
CA SER A 192 -21.91 -29.84 63.35
C SER A 192 -22.54 -31.15 63.80
N HIS A 193 -23.72 -31.51 63.30
CA HIS A 193 -24.34 -32.78 63.63
C HIS A 193 -23.75 -33.88 62.75
N GLN A 194 -23.13 -34.88 63.39
CA GLN A 194 -22.52 -35.97 62.65
C GLN A 194 -23.58 -36.92 62.09
N LEU A 195 -23.25 -37.53 60.96
CA LEU A 195 -24.11 -38.55 60.39
C LEU A 195 -24.02 -39.82 61.22
N VAL A 196 -25.10 -40.60 61.20
CA VAL A 196 -25.19 -41.77 62.07
C VAL A 196 -24.60 -43.01 61.42
N ASP A 197 -24.80 -43.21 60.12
CA ASP A 197 -24.23 -44.37 59.46
C ASP A 197 -22.73 -44.22 59.23
N ASN A 198 -22.29 -43.03 58.83
CA ASN A 198 -20.89 -42.75 58.61
C ASN A 198 -20.36 -41.97 59.80
N PRO A 199 -19.39 -42.49 60.55
CA PRO A 199 -18.99 -41.84 61.81
C PRO A 199 -18.22 -40.55 61.62
N GLY A 200 -17.29 -40.52 60.67
CA GLY A 200 -16.50 -39.33 60.44
C GLY A 200 -17.06 -38.42 59.35
N CYS A 201 -18.27 -37.91 59.55
CA CYS A 201 -18.94 -37.12 58.54
C CYS A 201 -19.80 -36.06 59.21
N ASN A 202 -20.08 -34.98 58.47
CA ASN A 202 -20.92 -33.90 58.95
C ASN A 202 -21.84 -33.41 57.85
N GLU A 203 -23.05 -33.02 58.22
CA GLU A 203 -24.05 -32.60 57.26
C GLU A 203 -23.72 -31.20 56.71
N VAL A 204 -24.21 -30.92 55.50
CA VAL A 204 -24.12 -29.61 54.89
C VAL A 204 -25.54 -29.09 54.71
N ASN A 205 -25.90 -28.05 55.45
CA ASN A 205 -27.21 -27.44 55.42
C ASN A 205 -27.20 -26.13 54.64
N SER A 206 -28.30 -25.40 54.73
CA SER A 206 -28.38 -24.03 54.21
C SER A 206 -29.05 -23.12 55.24
N VAL A 207 -28.61 -23.20 56.49
CA VAL A 207 -29.16 -22.34 57.55
C VAL A 207 -28.47 -20.98 57.52
N ASN A 208 -29.02 -20.03 58.27
CA ASN A 208 -28.58 -18.63 58.22
C ASN A 208 -27.21 -18.39 58.86
N CYS A 209 -26.66 -19.36 59.59
CA CYS A 209 -25.38 -19.17 60.27
C CYS A 209 -24.25 -19.03 59.25
N ASN A 210 -23.25 -18.24 59.61
CA ASN A 210 -22.21 -17.84 58.67
C ASN A 210 -21.06 -18.83 58.57
N THR A 211 -20.60 -19.04 57.33
CA THR A 211 -19.45 -19.87 57.01
C THR A 211 -18.70 -19.21 55.86
N SER A 212 -17.42 -19.52 55.78
CA SER A 212 -16.56 -19.01 54.71
C SER A 212 -16.08 -20.16 53.85
N TRP A 213 -16.19 -20.00 52.53
CA TRP A 213 -15.84 -21.04 51.58
C TRP A 213 -14.62 -20.58 50.80
N LYS A 214 -13.45 -21.01 51.27
CA LYS A 214 -12.18 -20.63 50.65
C LYS A 214 -12.03 -21.32 49.30
N ILE A 215 -11.70 -20.54 48.27
CA ILE A 215 -11.56 -21.07 46.91
C ILE A 215 -10.13 -21.56 46.75
N VAL A 216 -9.96 -22.87 46.69
CA VAL A 216 -8.65 -23.48 46.51
C VAL A 216 -8.54 -23.97 45.07
N LEU A 217 -7.62 -23.39 44.31
CA LEU A 217 -7.44 -23.77 42.91
C LEU A 217 -6.74 -25.11 42.81
N PHE A 218 -7.18 -25.92 41.85
CA PHE A 218 -6.54 -27.18 41.49
C PHE A 218 -6.13 -27.22 40.03
N MET A 219 -6.97 -26.72 39.13
CA MET A 219 -6.72 -26.78 37.71
C MET A 219 -7.10 -25.45 37.10
N LYS A 220 -6.11 -24.71 36.61
CA LYS A 220 -6.38 -23.45 35.93
C LYS A 220 -7.06 -23.74 34.60
N TRP A 221 -7.91 -22.79 34.17
CA TRP A 221 -8.47 -22.80 32.82
C TRP A 221 -7.35 -22.84 31.78
N SER A 222 -7.66 -23.46 30.63
CA SER A 222 -6.81 -23.75 29.48
C SER A 222 -5.79 -24.85 29.76
N ASP A 223 -5.78 -25.41 30.97
CA ASP A 223 -5.09 -26.66 31.26
C ASP A 223 -6.04 -27.84 31.29
N ASN A 224 -7.29 -27.63 30.88
CA ASN A 224 -8.32 -28.67 30.92
C ASN A 224 -8.66 -29.13 29.51
N LYS A 225 -7.68 -29.14 28.61
CA LYS A 225 -7.89 -29.69 27.29
C LYS A 225 -7.72 -31.21 27.30
N ASP A 226 -8.43 -31.89 26.42
CA ASP A 226 -8.41 -33.35 26.42
C ASP A 226 -7.17 -33.93 25.77
N ASP A 227 -6.43 -33.14 24.99
CA ASP A 227 -5.25 -33.63 24.28
C ASP A 227 -3.96 -33.42 25.07
N ILE A 228 -4.05 -33.25 26.38
CA ILE A 228 -2.89 -33.01 27.24
C ILE A 228 -2.96 -33.99 28.40
N LEU A 229 -1.84 -34.61 28.75
CA LEU A 229 -1.75 -35.39 29.97
C LEU A 229 -1.84 -34.44 31.16
N LYS A 230 -2.92 -34.55 31.94
CA LYS A 230 -3.21 -33.66 33.04
C LYS A 230 -2.81 -34.30 34.36
N GLY A 231 -3.07 -33.58 35.45
CA GLY A 231 -2.70 -33.99 36.78
C GLY A 231 -3.74 -34.76 37.55
N GLY A 232 -4.86 -35.11 36.93
CA GLY A 232 -5.87 -35.89 37.61
C GLY A 232 -6.45 -36.99 36.74
N ASP A 233 -5.76 -37.29 35.64
CA ASP A 233 -6.24 -38.27 34.69
C ASP A 233 -6.09 -39.69 35.22
N VAL A 234 -6.92 -40.58 34.69
CA VAL A 234 -6.82 -42.01 34.93
C VAL A 234 -6.29 -42.64 33.65
N VAL A 235 -5.21 -43.42 33.77
CA VAL A 235 -4.57 -44.06 32.64
C VAL A 235 -4.24 -45.50 33.00
N ARG A 236 -4.15 -46.33 31.96
CA ARG A 236 -3.61 -47.68 32.07
C ARG A 236 -2.29 -47.73 31.31
N LEU A 237 -1.33 -48.46 31.85
CA LEU A 237 0.07 -48.37 31.42
C LEU A 237 0.45 -49.61 30.63
N PHE A 238 0.27 -49.54 29.32
CA PHE A 238 0.63 -50.63 28.42
C PHE A 238 2.13 -50.67 28.20
N HIS A 239 2.73 -51.84 28.36
CA HIS A 239 4.09 -52.01 27.88
C HIS A 239 4.11 -52.01 26.36
N ALA A 240 5.27 -51.70 25.78
CA ALA A 240 5.36 -51.48 24.34
C ALA A 240 5.04 -52.75 23.56
N GLU A 241 5.48 -53.90 24.06
CA GLU A 241 5.24 -55.16 23.36
C GLU A 241 4.38 -56.14 24.16
N GLN A 242 4.63 -56.28 25.46
CA GLN A 242 4.14 -57.48 26.15
C GLN A 242 2.69 -57.37 26.63
N GLU A 243 2.43 -56.59 27.68
CA GLU A 243 1.09 -56.51 28.25
C GLU A 243 0.90 -55.21 29.01
N LYS A 244 -0.21 -55.12 29.75
CA LYS A 244 -0.50 -54.01 30.65
C LYS A 244 -0.23 -54.45 32.08
N PHE A 245 0.47 -53.63 32.85
CA PHE A 245 0.84 -54.05 34.20
C PHE A 245 -0.07 -53.40 35.23
N LEU A 246 -0.07 -53.97 36.43
CA LEU A 246 -1.10 -53.73 37.42
C LEU A 246 -0.55 -54.09 38.78
N THR A 247 -1.43 -54.22 39.77
CA THR A 247 -1.06 -54.75 41.07
C THR A 247 -2.24 -55.51 41.65
N CYS A 248 -1.94 -56.58 42.36
CA CYS A 248 -2.98 -57.47 42.86
C CYS A 248 -2.49 -58.12 44.16
N ASP A 249 -3.17 -59.17 44.59
CA ASP A 249 -2.89 -59.85 45.85
C ASP A 249 -2.71 -61.34 45.58
N GLU A 250 -1.62 -61.90 46.12
CA GLU A 250 -1.43 -63.34 46.16
C GLU A 250 -1.45 -63.85 47.60
N HIS A 251 -0.55 -63.35 48.44
CA HIS A 251 -0.62 -63.52 49.89
C HIS A 251 -0.69 -62.19 50.60
N ARG A 252 0.17 -61.25 50.23
CA ARG A 252 0.10 -59.86 50.63
C ARG A 252 0.05 -58.99 49.38
N LYS A 253 0.06 -57.68 49.58
CA LYS A 253 -0.01 -56.77 48.44
C LYS A 253 1.28 -56.84 47.63
N LYS A 254 1.26 -57.62 46.56
CA LYS A 254 2.43 -57.84 45.72
C LYS A 254 2.18 -57.18 44.39
N GLN A 255 3.10 -56.29 43.99
CA GLN A 255 2.95 -55.56 42.74
C GLN A 255 3.53 -56.41 41.62
N HIS A 256 2.80 -57.47 41.28
CA HIS A 256 3.18 -58.28 40.14
C HIS A 256 2.84 -57.53 38.86
N VAL A 257 3.52 -57.89 37.78
CA VAL A 257 3.58 -57.04 36.61
C VAL A 257 3.21 -57.81 35.36
N PHE A 258 2.36 -57.18 34.54
CA PHE A 258 1.88 -57.50 33.19
C PHE A 258 0.79 -58.58 33.10
N LEU A 259 0.62 -59.44 34.11
CA LEU A 259 -0.38 -60.51 34.09
C LEU A 259 -0.45 -61.22 32.73
N ARG A 260 0.59 -61.98 32.37
CA ARG A 260 0.84 -62.29 30.96
C ARG A 260 -0.31 -63.11 30.35
N THR A 261 -0.66 -62.75 29.11
CA THR A 261 -1.78 -63.32 28.36
C THR A 261 -1.40 -63.30 26.89
N THR A 262 -2.41 -63.43 26.02
CA THR A 262 -2.21 -63.35 24.58
C THR A 262 -3.07 -62.22 24.02
N GLY A 263 -2.46 -61.35 23.22
CA GLY A 263 -3.18 -60.25 22.57
C GLY A 263 -3.00 -58.93 23.32
N ARG A 264 -4.10 -58.22 23.53
CA ARG A 264 -4.16 -57.02 24.36
C ARG A 264 -3.25 -55.91 23.85
N GLN A 265 -3.44 -55.53 22.58
CA GLN A 265 -2.65 -54.47 21.98
C GLN A 265 -3.46 -53.16 21.97
N SER A 266 -3.63 -52.60 23.16
CA SER A 266 -4.22 -51.29 23.45
C SER A 266 -5.70 -51.16 23.08
N ALA A 267 -6.32 -52.19 22.51
CA ALA A 267 -7.71 -52.11 22.10
C ALA A 267 -8.64 -52.83 23.07
N THR A 268 -8.31 -54.06 23.44
CA THR A 268 -9.12 -54.80 24.39
C THR A 268 -8.94 -54.24 25.80
N SER A 269 -10.00 -54.33 26.59
CA SER A 269 -9.94 -53.91 27.98
C SER A 269 -9.29 -55.00 28.84
N ALA A 270 -8.92 -54.61 30.05
CA ALA A 270 -8.29 -55.52 30.99
C ALA A 270 -9.06 -55.52 32.30
N THR A 271 -8.48 -56.11 33.35
CA THR A 271 -9.11 -56.02 34.66
C THR A 271 -8.99 -54.59 35.19
N SER A 272 -9.97 -53.78 34.81
CA SER A 272 -9.92 -52.33 35.00
C SER A 272 -9.91 -51.91 36.46
N SER A 273 -10.27 -52.80 37.38
CA SER A 273 -10.09 -52.50 38.79
C SER A 273 -8.61 -52.36 39.14
N LYS A 274 -7.77 -53.24 38.58
CA LYS A 274 -6.37 -53.31 38.98
C LYS A 274 -5.40 -52.70 37.99
N ALA A 275 -5.76 -52.60 36.71
CA ALA A 275 -4.85 -52.12 35.69
C ALA A 275 -4.95 -50.61 35.47
N LEU A 276 -5.68 -49.89 36.31
CA LEU A 276 -5.88 -48.46 36.15
C LEU A 276 -5.05 -47.69 37.17
N TRP A 277 -4.33 -46.68 36.70
CA TRP A 277 -3.51 -45.83 37.54
C TRP A 277 -3.94 -44.38 37.37
N GLU A 278 -3.67 -43.58 38.41
CA GLU A 278 -3.97 -42.15 38.39
C GLU A 278 -2.67 -41.37 38.44
N VAL A 279 -2.51 -40.41 37.55
CA VAL A 279 -1.29 -39.63 37.42
C VAL A 279 -1.50 -38.26 38.07
N GLU A 280 -0.52 -37.81 38.84
CA GLU A 280 -0.58 -36.48 39.43
C GLU A 280 0.81 -35.85 39.42
N VAL A 281 0.85 -34.52 39.37
CA VAL A 281 2.07 -33.72 39.31
C VAL A 281 2.26 -33.07 40.67
N VAL A 282 3.52 -32.89 41.08
CA VAL A 282 3.82 -32.48 42.45
C VAL A 282 3.44 -31.01 42.69
N GLN A 283 3.91 -30.09 41.83
CA GLN A 283 3.52 -28.68 41.80
C GLN A 283 3.80 -27.91 43.10
N HIS A 284 4.61 -28.47 44.01
CA HIS A 284 5.19 -27.81 45.18
C HIS A 284 4.17 -27.49 46.29
N ASP A 285 2.88 -27.56 45.99
CA ASP A 285 1.85 -27.47 47.01
C ASP A 285 0.91 -28.66 46.82
N PRO A 286 0.22 -29.10 47.88
CA PRO A 286 -0.60 -30.32 47.76
C PRO A 286 -1.74 -30.23 46.75
N CYS A 287 -2.29 -29.04 46.52
CA CYS A 287 -3.27 -28.83 45.45
C CYS A 287 -2.53 -28.34 44.20
N ARG A 288 -3.27 -27.78 43.24
CA ARG A 288 -2.80 -27.01 42.09
C ARG A 288 -2.23 -27.94 40.99
N GLY A 289 -2.28 -29.26 41.17
CA GLY A 289 -1.63 -30.15 40.21
C GLY A 289 -2.28 -30.14 38.84
N GLY A 290 -1.45 -30.31 37.82
CA GLY A 290 -1.93 -30.43 36.46
C GLY A 290 -0.89 -30.01 35.45
N ALA A 291 -1.15 -30.40 34.20
CA ALA A 291 -0.41 -29.96 33.00
C ALA A 291 1.08 -30.33 33.09
N GLY A 292 1.35 -31.62 32.97
CA GLY A 292 2.72 -32.09 32.92
C GLY A 292 3.48 -31.54 31.72
N TYR A 293 4.80 -31.37 31.88
CA TYR A 293 5.61 -30.57 30.99
C TYR A 293 6.92 -31.26 30.63
N TRP A 294 6.90 -32.60 30.55
CA TRP A 294 8.02 -33.47 30.16
C TRP A 294 9.13 -33.54 31.22
N ASN A 295 9.07 -32.69 32.24
CA ASN A 295 10.06 -32.68 33.31
C ASN A 295 9.40 -32.38 34.65
N SER A 296 8.18 -32.88 34.84
CA SER A 296 7.30 -32.36 35.88
C SER A 296 7.26 -33.20 37.14
N LEU A 297 8.09 -34.25 37.23
CA LEU A 297 8.19 -35.12 38.41
C LEU A 297 6.84 -35.76 38.76
N PHE A 298 6.40 -36.63 37.86
CA PHE A 298 5.11 -37.28 38.00
C PHE A 298 5.13 -38.30 39.14
N ARG A 299 3.93 -38.71 39.55
CA ARG A 299 3.76 -39.74 40.56
C ARG A 299 2.48 -40.50 40.22
N PHE A 300 2.54 -41.83 40.28
CA PHE A 300 1.44 -42.69 39.84
C PHE A 300 0.81 -43.36 41.05
N LYS A 301 -0.50 -43.22 41.17
CA LYS A 301 -1.27 -43.75 42.28
C LYS A 301 -2.28 -44.76 41.77
N HIS A 302 -2.37 -45.91 42.43
CA HIS A 302 -3.33 -46.92 42.04
C HIS A 302 -4.75 -46.43 42.29
N LEU A 303 -5.70 -46.95 41.52
CA LEU A 303 -7.06 -46.47 41.63
C LEU A 303 -7.92 -47.33 42.55
N ALA A 304 -7.69 -48.65 42.56
CA ALA A 304 -8.45 -49.53 43.44
C ALA A 304 -8.10 -49.28 44.91
N THR A 305 -6.82 -49.09 45.20
CA THR A 305 -6.36 -48.81 46.54
C THR A 305 -5.42 -47.61 46.51
N GLY A 306 -5.27 -46.97 47.66
CA GLY A 306 -4.45 -45.77 47.74
C GLY A 306 -2.97 -46.06 47.89
N HIS A 307 -2.43 -46.90 47.02
CA HIS A 307 -1.01 -47.24 47.03
C HIS A 307 -0.33 -46.60 45.84
N TYR A 308 0.91 -46.18 46.03
CA TYR A 308 1.67 -45.48 45.02
C TYR A 308 2.64 -46.44 44.34
N LEU A 309 3.47 -45.92 43.46
CA LEU A 309 4.48 -46.69 42.76
C LEU A 309 5.86 -46.23 43.23
N ALA A 310 6.65 -47.16 43.74
CA ALA A 310 7.96 -46.82 44.29
C ALA A 310 8.89 -48.01 44.12
N ALA A 311 10.18 -47.75 44.30
CA ALA A 311 11.21 -48.78 44.24
C ALA A 311 12.02 -48.78 45.52
N GLU A 312 12.43 -49.97 45.95
CA GLU A 312 13.22 -50.13 47.16
C GLU A 312 14.11 -51.36 46.98
N VAL A 313 15.21 -51.39 47.75
CA VAL A 313 16.26 -52.37 47.52
C VAL A 313 15.73 -53.77 47.83
N ASP A 314 15.98 -54.70 46.91
CA ASP A 314 15.32 -56.00 46.95
C ASP A 314 15.93 -56.88 48.03
N PRO A 315 15.15 -57.39 48.98
CA PRO A 315 15.69 -58.36 49.94
C PRO A 315 16.03 -59.71 49.30
N ASP A 316 15.50 -59.99 48.10
CA ASP A 316 15.80 -61.22 47.40
C ASP A 316 17.17 -61.14 46.74
N PHE A 317 17.55 -62.22 46.07
CA PHE A 317 18.83 -62.27 45.37
C PHE A 317 18.76 -61.54 44.04
N GLU A 318 19.93 -61.32 43.45
CA GLU A 318 20.03 -60.69 42.14
C GLU A 318 21.22 -61.22 41.36
N VAL A 347 16.55 -50.34 44.80
CA VAL A 347 16.99 -49.96 43.46
C VAL A 347 16.50 -50.97 42.43
N TYR A 348 15.70 -51.94 42.89
CA TYR A 348 15.12 -52.96 42.04
C TYR A 348 13.67 -53.19 42.45
N SER A 349 12.93 -53.90 41.60
CA SER A 349 11.68 -54.56 41.96
C SER A 349 10.63 -53.56 42.50
N LEU A 350 10.10 -52.77 41.57
CA LEU A 350 9.05 -51.80 41.86
C LEU A 350 7.92 -52.40 42.70
N VAL A 351 7.58 -51.71 43.77
CA VAL A 351 6.58 -52.17 44.74
C VAL A 351 5.58 -51.05 44.96
N SER A 352 4.63 -51.30 45.87
CA SER A 352 3.60 -50.34 46.23
C SER A 352 3.78 -49.90 47.67
N VAL A 353 3.87 -48.59 47.88
CA VAL A 353 4.01 -48.02 49.22
C VAL A 353 2.66 -47.47 49.66
N PRO A 354 2.33 -47.56 50.95
CA PRO A 354 0.97 -47.16 51.38
C PRO A 354 0.72 -45.67 51.30
N GLU A 355 1.71 -44.84 51.63
CA GLU A 355 1.51 -43.40 51.68
C GLU A 355 2.63 -42.74 50.91
N GLY A 356 2.30 -41.68 50.17
CA GLY A 356 3.16 -41.26 49.09
C GLY A 356 3.59 -39.80 48.97
N ASN A 357 4.02 -39.17 50.05
CA ASN A 357 4.67 -37.88 49.90
C ASN A 357 6.20 -37.99 49.87
N ASP A 358 6.74 -39.19 49.94
CA ASP A 358 8.17 -39.35 50.03
C ASP A 358 8.83 -39.19 48.66
N ILE A 359 10.14 -39.02 48.66
CA ILE A 359 10.88 -38.89 47.40
C ILE A 359 11.14 -40.22 46.73
N SER A 360 10.87 -41.33 47.41
CA SER A 360 11.09 -42.65 46.84
C SER A 360 10.07 -43.02 45.78
N SER A 361 8.98 -42.26 45.65
CA SER A 361 7.92 -42.57 44.70
C SER A 361 7.80 -41.54 43.60
N ILE A 362 8.84 -40.73 43.38
CA ILE A 362 8.82 -39.71 42.33
C ILE A 362 9.42 -40.31 41.06
N PHE A 363 8.66 -40.30 39.98
CA PHE A 363 9.12 -40.79 38.70
C PHE A 363 9.14 -39.65 37.70
N GLU A 364 10.09 -39.69 36.78
CA GLU A 364 10.19 -38.70 35.72
C GLU A 364 10.34 -39.44 34.40
N LEU A 365 9.91 -38.78 33.33
CA LEU A 365 9.74 -39.45 32.05
C LEU A 365 10.28 -38.62 30.90
N ASP A 366 10.87 -39.30 29.92
CA ASP A 366 11.47 -38.69 28.75
C ASP A 366 10.94 -39.35 27.48
N PRO A 367 10.81 -38.61 26.39
CA PRO A 367 10.20 -39.17 25.19
C PRO A 367 11.10 -40.16 24.47
N THR A 368 10.47 -41.10 23.77
CA THR A 368 11.19 -41.93 22.82
C THR A 368 11.46 -41.19 21.52
N THR A 369 10.55 -40.28 21.14
CA THR A 369 10.62 -39.52 19.91
C THR A 369 11.44 -38.26 20.22
N LEU A 370 11.37 -37.21 19.40
CA LEU A 370 12.13 -35.97 19.62
C LEU A 370 11.79 -35.35 20.97
N ARG A 371 12.78 -34.65 21.53
CA ARG A 371 12.73 -34.22 22.92
C ARG A 371 11.85 -32.98 23.08
N GLY A 372 11.93 -32.35 24.26
CA GLY A 372 11.19 -31.14 24.54
C GLY A 372 11.40 -30.67 25.97
N GLY A 373 11.40 -29.36 26.17
CA GLY A 373 11.55 -28.80 27.50
C GLY A 373 10.23 -28.66 28.20
N ASP A 374 9.25 -28.10 27.49
CA ASP A 374 7.86 -28.06 27.96
C ASP A 374 6.97 -28.04 26.73
N SER A 375 6.30 -29.15 26.45
CA SER A 375 5.63 -29.26 25.18
C SER A 375 4.26 -29.91 25.23
N LEU A 376 3.58 -29.99 26.39
CA LEU A 376 2.20 -30.47 26.50
C LEU A 376 2.05 -31.91 26.00
N VAL A 377 2.60 -32.82 26.82
CA VAL A 377 2.59 -34.27 26.61
C VAL A 377 1.25 -34.75 26.07
N PRO A 378 1.19 -35.22 24.81
CA PRO A 378 -0.07 -35.31 24.06
C PRO A 378 -0.84 -36.61 24.26
N ARG A 379 -1.04 -37.00 25.52
CA ARG A 379 -2.08 -37.92 26.00
C ARG A 379 -1.96 -39.36 25.51
N ASN A 380 -1.07 -39.63 24.56
CA ASN A 380 -0.96 -40.96 24.00
C ASN A 380 0.47 -41.34 23.66
N SER A 381 1.45 -40.50 24.00
CA SER A 381 2.81 -40.70 23.58
C SER A 381 3.48 -41.83 24.36
N TYR A 382 4.50 -42.40 23.76
CA TYR A 382 5.28 -43.46 24.40
C TYR A 382 6.27 -42.87 25.38
N VAL A 383 6.48 -43.58 26.48
CA VAL A 383 7.14 -43.04 27.66
C VAL A 383 8.15 -44.06 28.19
N ARG A 384 9.35 -43.58 28.50
CA ARG A 384 10.34 -44.34 29.24
C ARG A 384 10.45 -43.76 30.64
N LEU A 385 10.29 -44.61 31.66
CA LEU A 385 10.21 -44.14 33.03
C LEU A 385 11.60 -44.14 33.68
N ARG A 386 11.95 -43.01 34.28
CA ARG A 386 13.21 -42.83 34.98
C ARG A 386 12.95 -42.52 36.44
N HIS A 387 13.64 -43.22 37.33
CA HIS A 387 13.47 -43.03 38.76
C HIS A 387 14.32 -41.87 39.23
N LEU A 388 13.88 -41.19 40.28
CA LEU A 388 14.53 -39.96 40.70
C LEU A 388 15.57 -40.17 41.80
N CYS A 389 15.18 -40.84 42.90
CA CYS A 389 16.05 -40.92 44.08
C CYS A 389 17.33 -41.70 43.78
N THR A 390 17.21 -42.79 43.04
CA THR A 390 18.35 -43.42 42.38
C THR A 390 18.11 -43.34 40.88
N ASN A 391 19.05 -42.76 40.15
CA ASN A 391 18.85 -42.53 38.73
C ASN A 391 18.94 -43.87 38.01
N THR A 392 17.77 -44.51 37.86
CA THR A 392 17.70 -45.89 37.39
C THR A 392 16.49 -46.01 36.49
N TRP A 393 16.62 -46.79 35.42
CA TRP A 393 15.56 -46.93 34.42
C TRP A 393 14.85 -48.26 34.61
N VAL A 394 13.52 -48.24 34.44
CA VAL A 394 12.73 -49.45 34.63
C VAL A 394 12.97 -50.43 33.48
N HIS A 395 12.90 -51.72 33.79
CA HIS A 395 13.08 -52.75 32.78
C HIS A 395 12.29 -53.99 33.17
N SER A 396 11.87 -54.75 32.17
CA SER A 396 10.97 -55.89 32.38
C SER A 396 11.79 -57.15 32.61
N THR A 397 11.80 -57.63 33.85
CA THR A 397 12.41 -58.91 34.15
C THR A 397 11.43 -60.04 33.84
N ASN A 398 11.96 -61.15 33.36
CA ASN A 398 11.14 -62.27 32.91
C ASN A 398 10.91 -63.33 33.97
N ILE A 399 11.44 -63.16 35.18
CA ILE A 399 11.27 -64.15 36.23
C ILE A 399 9.87 -63.99 36.84
N PRO A 400 9.26 -65.07 37.32
CA PRO A 400 7.91 -64.95 37.90
C PRO A 400 7.94 -64.70 39.40
N ILE A 401 6.89 -64.02 39.87
CA ILE A 401 6.74 -63.76 41.30
C ILE A 401 6.45 -65.05 42.05
N ASP A 402 5.50 -65.82 41.57
CA ASP A 402 5.06 -67.05 42.23
C ASP A 402 5.78 -68.25 41.63
N LYS A 403 6.62 -68.89 42.44
CA LYS A 403 7.45 -70.01 41.99
C LYS A 403 6.88 -71.36 42.41
N GLU A 404 5.65 -71.42 42.91
CA GLU A 404 5.12 -72.66 43.47
C GLU A 404 4.12 -73.36 42.56
N GLU A 405 3.38 -72.64 41.74
CA GLU A 405 2.34 -73.23 40.91
C GLU A 405 2.71 -73.12 39.43
N GLU A 406 2.36 -74.17 38.68
CA GLU A 406 2.78 -74.28 37.29
C GLU A 406 2.00 -73.31 36.41
N LYS A 407 2.65 -72.89 35.30
CA LYS A 407 2.17 -71.89 34.36
C LYS A 407 1.84 -70.61 35.10
N PRO A 408 2.84 -69.88 35.60
CA PRO A 408 2.57 -68.79 36.55
C PRO A 408 2.15 -67.51 35.83
N VAL A 409 1.05 -66.92 36.31
CA VAL A 409 0.48 -65.75 35.66
C VAL A 409 1.20 -64.47 36.09
N MET A 410 2.02 -64.52 37.13
CA MET A 410 2.60 -63.34 37.75
C MET A 410 4.03 -63.18 37.27
N LEU A 411 4.36 -62.01 36.75
CA LEU A 411 5.73 -61.68 36.36
C LEU A 411 6.27 -60.54 37.19
N LYS A 412 7.59 -60.44 37.24
CA LYS A 412 8.26 -59.38 37.98
C LYS A 412 8.63 -58.23 37.06
N ILE A 413 8.92 -57.08 37.66
CA ILE A 413 9.55 -55.96 36.97
C ILE A 413 10.71 -55.48 37.85
N GLY A 414 11.63 -54.75 37.24
CA GLY A 414 12.78 -54.25 37.96
C GLY A 414 13.26 -52.94 37.35
N THR A 415 14.32 -52.40 37.95
CA THR A 415 14.95 -51.18 37.46
C THR A 415 16.43 -51.42 37.26
N SER A 416 16.94 -51.04 36.09
CA SER A 416 18.32 -51.29 35.71
C SER A 416 18.97 -49.98 35.27
N PRO A 417 20.20 -49.70 35.72
CA PRO A 417 20.74 -48.34 35.59
C PRO A 417 21.23 -47.96 34.21
N LEU A 418 21.01 -48.77 33.18
CA LEU A 418 21.37 -48.39 31.81
C LEU A 418 20.10 -48.25 30.98
N LYS A 419 20.14 -47.37 30.00
CA LYS A 419 18.96 -46.99 29.23
C LYS A 419 18.91 -47.73 27.90
N GLU A 420 17.73 -48.25 27.56
CA GLU A 420 17.53 -48.92 26.29
C GLU A 420 16.10 -48.69 25.81
N ASP A 421 15.89 -48.90 24.52
CA ASP A 421 14.60 -48.68 23.88
C ASP A 421 13.72 -49.93 23.89
N LYS A 422 14.16 -51.01 24.55
CA LYS A 422 13.31 -52.18 24.72
C LYS A 422 12.07 -51.84 25.53
N GLU A 423 12.25 -51.18 26.66
CA GLU A 423 11.16 -50.92 27.59
C GLU A 423 10.69 -49.48 27.42
N ALA A 424 9.47 -49.30 26.93
CA ALA A 424 8.90 -47.97 26.73
C ALA A 424 7.39 -48.08 26.91
N PHE A 425 6.91 -47.78 28.11
CA PHE A 425 5.49 -47.87 28.40
C PHE A 425 4.70 -46.84 27.61
N ALA A 426 3.46 -47.17 27.28
CA ALA A 426 2.57 -46.27 26.59
C ALA A 426 1.51 -45.73 27.54
N ILE A 427 1.19 -44.45 27.38
CA ILE A 427 0.14 -43.81 28.18
C ILE A 427 -1.14 -43.82 27.37
N VAL A 428 -1.94 -44.87 27.53
CA VAL A 428 -3.24 -44.95 26.86
C VAL A 428 -4.32 -44.57 27.87
N PRO A 429 -5.15 -43.57 27.57
CA PRO A 429 -6.09 -43.05 28.56
C PRO A 429 -7.46 -43.72 28.50
N VAL A 430 -8.19 -43.57 29.59
CA VAL A 430 -9.58 -44.02 29.68
C VAL A 430 -10.45 -42.79 29.92
N SER A 431 -11.56 -42.72 29.18
CA SER A 431 -12.45 -41.57 29.28
C SER A 431 -13.18 -41.59 30.62
N PRO A 432 -13.67 -40.43 31.09
CA PRO A 432 -14.41 -40.41 32.36
C PRO A 432 -15.67 -41.25 32.38
N ALA A 433 -16.24 -41.53 31.21
CA ALA A 433 -17.47 -42.33 31.12
C ALA A 433 -17.27 -43.78 31.52
N GLU A 434 -16.04 -44.27 31.66
CA GLU A 434 -15.79 -45.61 32.16
C GLU A 434 -15.40 -45.64 33.62
N VAL A 435 -14.63 -44.66 34.10
CA VAL A 435 -14.33 -44.61 35.53
C VAL A 435 -15.58 -44.26 36.32
N ARG A 436 -16.50 -43.49 35.73
CA ARG A 436 -17.78 -43.24 36.38
C ARG A 436 -18.60 -44.52 36.50
N ASP A 437 -18.59 -45.37 35.46
CA ASP A 437 -19.28 -46.64 35.52
C ASP A 437 -18.65 -47.57 36.56
N LEU A 438 -17.32 -47.57 36.66
CA LEU A 438 -16.65 -48.39 37.66
C LEU A 438 -17.02 -47.93 39.07
N ASP A 439 -17.08 -46.61 39.28
CA ASP A 439 -17.49 -46.08 40.58
C ASP A 439 -18.94 -46.44 40.91
N PHE A 440 -19.83 -46.35 39.90
CA PHE A 440 -21.22 -46.72 40.10
C PHE A 440 -21.35 -48.20 40.45
N ALA A 441 -20.59 -49.06 39.77
CA ALA A 441 -20.63 -50.49 40.06
C ALA A 441 -20.13 -50.80 41.47
N ASN A 442 -19.06 -50.14 41.89
CA ASN A 442 -18.54 -50.35 43.24
C ASN A 442 -19.55 -49.91 44.30
N ASP A 443 -20.18 -48.75 44.10
CA ASP A 443 -21.14 -48.25 45.08
C ASP A 443 -22.40 -49.12 45.14
N ALA A 444 -22.87 -49.57 43.97
CA ALA A 444 -24.03 -50.47 43.95
C ALA A 444 -23.72 -51.80 44.62
N SER A 445 -22.51 -52.32 44.42
CA SER A 445 -22.10 -53.55 45.09
C SER A 445 -22.06 -53.37 46.60
N LYS A 446 -21.55 -52.23 47.08
CA LYS A 446 -21.52 -51.97 48.51
C LYS A 446 -22.91 -51.86 49.10
N VAL A 447 -23.83 -51.17 48.41
CA VAL A 447 -25.19 -51.00 48.93
C VAL A 447 -25.91 -52.35 48.97
N LEU A 448 -25.77 -53.16 47.92
CA LEU A 448 -26.37 -54.49 47.91
C LEU A 448 -25.78 -55.38 48.99
N GLY A 449 -24.47 -55.29 49.22
CA GLY A 449 -23.84 -56.07 50.27
C GLY A 449 -24.32 -55.69 51.65
N SER A 450 -24.60 -54.40 51.87
CA SER A 450 -25.16 -53.98 53.15
C SER A 450 -26.58 -54.49 53.33
N ILE A 451 -27.43 -54.29 52.31
CA ILE A 451 -28.86 -54.62 52.44
C ILE A 451 -29.09 -56.12 52.50
N ALA A 452 -28.27 -56.92 51.80
CA ALA A 452 -28.41 -58.38 51.85
C ALA A 452 -28.17 -58.90 53.25
N GLY A 453 -27.11 -58.43 53.91
CA GLY A 453 -26.89 -58.82 55.30
C GLY A 453 -27.94 -58.28 56.24
N LYS A 454 -28.40 -57.04 55.99
CA LYS A 454 -29.42 -56.43 56.84
C LYS A 454 -30.72 -57.22 56.80
N LEU A 455 -31.09 -57.70 55.62
CA LEU A 455 -32.25 -58.57 55.49
C LEU A 455 -31.97 -60.00 55.93
N GLU A 456 -30.69 -60.41 55.95
CA GLU A 456 -30.36 -61.76 56.37
C GLU A 456 -30.45 -61.95 57.87
N LYS A 457 -29.92 -61.01 58.67
CA LYS A 457 -30.04 -61.14 60.13
C LYS A 457 -31.47 -60.89 60.59
N GLY A 458 -32.12 -59.87 60.07
CA GLY A 458 -33.44 -59.52 60.53
C GLY A 458 -34.23 -58.75 59.51
N THR A 459 -35.19 -57.96 60.00
CA THR A 459 -36.06 -57.18 59.13
C THR A 459 -35.44 -55.82 58.83
N ILE A 460 -36.05 -55.12 57.87
CA ILE A 460 -35.59 -53.82 57.41
C ILE A 460 -36.74 -52.83 57.53
N THR A 461 -36.39 -51.54 57.52
CA THR A 461 -37.41 -50.51 57.50
C THR A 461 -37.95 -50.31 56.10
N GLN A 462 -39.03 -49.55 55.99
CA GLN A 462 -39.62 -49.26 54.68
C GLN A 462 -38.77 -48.28 53.88
N ASN A 463 -37.90 -47.52 54.54
CA ASN A 463 -37.01 -46.62 53.81
C ASN A 463 -35.91 -47.40 53.09
N GLU A 464 -35.39 -48.44 53.75
CA GLU A 464 -34.42 -49.30 53.09
C GLU A 464 -35.06 -50.12 51.98
N ARG A 465 -36.32 -50.52 52.16
CA ARG A 465 -37.04 -51.24 51.11
C ARG A 465 -37.29 -50.35 49.89
N ARG A 466 -37.51 -49.06 50.11
CA ARG A 466 -37.67 -48.14 48.99
C ARG A 466 -36.35 -47.80 48.32
N SER A 467 -35.26 -47.76 49.08
CA SER A 467 -33.97 -47.37 48.52
C SER A 467 -33.40 -48.45 47.62
N VAL A 468 -33.59 -49.73 47.99
CA VAL A 468 -33.07 -50.81 47.16
C VAL A 468 -33.91 -51.00 45.91
N THR A 469 -35.18 -50.58 45.92
CA THR A 469 -36.04 -50.77 44.76
C THR A 469 -35.63 -49.83 43.63
N LYS A 470 -35.36 -48.57 43.94
CA LYS A 470 -34.91 -47.64 42.91
C LYS A 470 -33.52 -47.99 42.40
N LEU A 471 -32.67 -48.57 43.25
CA LEU A 471 -31.35 -49.00 42.79
C LEU A 471 -31.46 -50.20 41.85
N LEU A 472 -32.33 -51.16 42.18
CA LEU A 472 -32.55 -52.29 41.28
C LEU A 472 -33.23 -51.83 39.98
N GLU A 473 -34.03 -50.78 40.06
CA GLU A 473 -34.57 -50.16 38.84
C GLU A 473 -33.47 -49.50 38.02
N ASP A 474 -32.49 -48.89 38.69
CA ASP A 474 -31.41 -48.20 37.98
C ASP A 474 -30.43 -49.18 37.36
N LEU A 475 -30.26 -50.36 37.96
CA LEU A 475 -29.33 -51.35 37.41
C LEU A 475 -29.78 -51.86 36.05
N VAL A 476 -31.09 -51.98 35.83
CA VAL A 476 -31.60 -52.46 34.55
C VAL A 476 -31.28 -51.48 33.44
N TYR A 477 -31.53 -50.18 33.67
CA TYR A 477 -31.21 -49.18 32.68
C TYR A 477 -29.72 -48.91 32.59
N PHE A 478 -28.96 -49.26 33.64
CA PHE A 478 -27.51 -49.28 33.55
C PHE A 478 -27.04 -50.30 32.53
N VAL A 479 -27.50 -51.54 32.65
CA VAL A 479 -26.98 -52.57 31.77
C VAL A 479 -27.56 -52.47 30.35
N THR A 480 -28.82 -52.08 30.20
CA THR A 480 -29.37 -52.04 28.85
C THR A 480 -29.01 -50.77 28.09
N GLY A 481 -28.45 -49.76 28.78
CA GLY A 481 -28.09 -48.51 28.15
C GLY A 481 -29.22 -47.56 27.88
N GLY A 482 -30.44 -47.86 28.34
CA GLY A 482 -31.57 -47.02 28.08
C GLY A 482 -31.72 -45.88 29.09
N THR A 483 -32.81 -45.15 28.94
CA THR A 483 -33.16 -44.04 29.81
C THR A 483 -34.54 -44.26 30.43
N ASN A 484 -34.75 -43.65 31.59
CA ASN A 484 -35.98 -43.86 32.34
C ASN A 484 -37.15 -43.18 31.65
N SER A 485 -38.14 -43.97 31.25
CA SER A 485 -39.37 -43.45 30.65
C SER A 485 -40.64 -44.11 31.18
N GLY A 486 -40.54 -45.20 31.93
CA GLY A 486 -41.72 -45.86 32.48
C GLY A 486 -41.79 -47.33 32.15
N GLN A 487 -42.39 -48.12 33.05
CA GLN A 487 -42.61 -49.56 32.88
C GLN A 487 -41.26 -50.29 32.70
N ASP A 488 -40.50 -50.31 33.79
CA ASP A 488 -39.14 -50.85 33.77
C ASP A 488 -39.06 -52.31 33.37
N VAL A 489 -40.13 -53.09 33.53
CA VAL A 489 -40.19 -54.44 32.95
C VAL A 489 -40.70 -54.27 31.53
N LEU A 490 -39.77 -53.94 30.63
CA LEU A 490 -40.12 -53.76 29.23
C LEU A 490 -39.27 -54.59 28.28
N GLU A 491 -37.96 -54.67 28.50
CA GLU A 491 -37.04 -55.60 27.82
C GLU A 491 -37.09 -55.47 26.29
N VAL A 492 -37.17 -54.25 25.80
CA VAL A 492 -37.45 -54.05 24.38
C VAL A 492 -36.21 -53.80 23.52
N VAL A 493 -35.19 -53.13 24.06
CA VAL A 493 -34.00 -52.78 23.26
C VAL A 493 -32.96 -53.89 23.46
N PHE A 494 -33.12 -54.95 22.69
CA PHE A 494 -32.13 -56.04 22.61
C PHE A 494 -31.19 -55.85 21.42
N SER A 495 -30.54 -54.69 21.34
CA SER A 495 -29.63 -54.41 20.22
C SER A 495 -28.20 -54.76 20.59
N LYS A 496 -27.66 -54.10 21.60
CA LYS A 496 -26.31 -54.35 22.10
C LYS A 496 -26.25 -53.91 23.55
N PRO A 497 -26.39 -54.84 24.50
CA PRO A 497 -26.56 -54.48 25.91
C PRO A 497 -25.27 -54.20 26.67
N ASN A 498 -24.37 -53.43 26.04
CA ASN A 498 -23.18 -52.86 26.68
C ASN A 498 -22.29 -53.96 27.28
N ARG A 499 -21.63 -54.71 26.38
CA ARG A 499 -20.74 -55.80 26.76
C ARG A 499 -19.70 -55.36 27.79
N GLU A 500 -19.16 -54.16 27.64
CA GLU A 500 -18.20 -53.60 28.60
C GLU A 500 -18.83 -53.31 29.96
N ARG A 501 -20.15 -53.29 30.06
CA ARG A 501 -20.86 -53.01 31.31
C ARG A 501 -21.37 -54.28 31.99
N GLN A 502 -21.84 -55.25 31.22
CA GLN A 502 -22.10 -56.56 31.81
C GLN A 502 -20.81 -57.30 32.14
N LYS A 503 -19.66 -56.86 31.61
CA LYS A 503 -18.39 -57.27 32.18
C LYS A 503 -18.20 -56.69 33.57
N LEU A 504 -18.59 -55.42 33.75
CA LEU A 504 -18.44 -54.76 35.05
C LEU A 504 -19.31 -55.40 36.12
N MET A 505 -20.55 -55.77 35.76
CA MET A 505 -21.40 -56.37 36.78
C MET A 505 -20.98 -57.78 37.17
N ARG A 506 -20.05 -58.39 36.44
CA ARG A 506 -19.45 -59.64 36.88
C ARG A 506 -18.15 -59.42 37.63
N GLU A 507 -17.31 -58.48 37.19
CA GLU A 507 -16.03 -58.27 37.84
C GLU A 507 -16.14 -57.53 39.16
N GLN A 508 -17.09 -56.61 39.30
CA GLN A 508 -17.22 -55.79 40.49
C GLN A 508 -18.13 -56.42 41.54
N ASN A 509 -18.36 -57.73 41.46
CA ASN A 509 -19.12 -58.52 42.46
C ASN A 509 -20.56 -58.05 42.62
N ILE A 510 -21.13 -57.46 41.57
CA ILE A 510 -22.55 -57.10 41.62
C ILE A 510 -23.41 -58.35 41.55
N LEU A 511 -23.09 -59.29 40.65
CA LEU A 511 -23.88 -60.50 40.52
C LEU A 511 -23.74 -61.44 41.72
N LYS A 512 -22.64 -61.35 42.46
CA LYS A 512 -22.52 -62.13 43.68
C LYS A 512 -23.49 -61.65 44.75
N GLN A 513 -23.66 -60.33 44.88
CA GLN A 513 -24.53 -59.79 45.91
C GLN A 513 -26.00 -60.00 45.59
N ILE A 514 -26.34 -60.14 44.31
CA ILE A 514 -27.72 -60.43 43.93
C ILE A 514 -28.11 -61.84 44.37
N PHE A 515 -27.19 -62.79 44.25
CA PHE A 515 -27.44 -64.14 44.72
C PHE A 515 -27.59 -64.18 46.24
N LYS A 516 -26.82 -63.35 46.95
CA LYS A 516 -26.97 -63.26 48.40
C LYS A 516 -28.31 -62.66 48.78
N LEU A 517 -28.80 -61.70 48.01
CA LEU A 517 -30.05 -61.02 48.32
C LEU A 517 -31.27 -61.89 48.02
N LEU A 518 -31.12 -62.92 47.20
CA LEU A 518 -32.25 -63.80 46.87
C LEU A 518 -32.52 -64.81 47.99
N GLN A 519 -31.49 -65.45 48.51
CA GLN A 519 -31.65 -66.45 49.56
C GLN A 519 -31.65 -65.86 50.95
N ALA A 520 -31.36 -64.56 51.10
CA ALA A 520 -31.42 -63.93 52.42
C ALA A 520 -32.82 -63.91 53.04
N PRO A 521 -33.90 -63.49 52.35
CA PRO A 521 -35.20 -63.45 53.05
C PRO A 521 -35.73 -64.82 53.42
N PHE A 522 -35.40 -65.87 52.67
CA PHE A 522 -35.90 -67.19 53.02
C PHE A 522 -35.16 -67.75 54.24
N THR A 523 -33.86 -67.47 54.34
CA THR A 523 -33.14 -67.78 55.56
C THR A 523 -33.57 -66.89 56.72
N ASP A 524 -34.12 -65.71 56.41
CA ASP A 524 -34.67 -64.85 57.45
C ASP A 524 -35.97 -65.43 58.01
N CYS A 525 -36.89 -65.83 57.12
CA CYS A 525 -38.18 -66.38 57.55
C CYS A 525 -38.08 -67.82 58.00
N GLY A 526 -36.98 -68.51 57.73
CA GLY A 526 -36.79 -69.86 58.22
C GLY A 526 -36.12 -69.89 59.57
N ASP A 527 -34.99 -69.20 59.68
CA ASP A 527 -34.26 -69.15 60.95
C ASP A 527 -33.46 -67.84 61.06
N LEU A 531 -43.14 -70.45 53.53
CA LEU A 531 -42.38 -69.23 53.73
C LEU A 531 -42.08 -68.57 52.38
N ARG A 532 -42.29 -69.32 51.30
CA ARG A 532 -42.15 -68.74 49.96
C ARG A 532 -43.51 -68.45 49.36
N LEU A 533 -44.36 -69.48 49.23
CA LEU A 533 -45.77 -69.30 48.90
C LEU A 533 -46.70 -70.17 49.73
N GLU A 534 -46.18 -71.19 50.42
CA GLU A 534 -47.03 -72.07 51.21
C GLU A 534 -47.46 -71.42 52.52
N GLU A 535 -46.65 -70.51 53.04
CA GLU A 535 -46.92 -69.80 54.28
C GLU A 535 -46.82 -68.28 54.13
N LEU A 536 -45.97 -67.81 53.22
CA LEU A 536 -45.80 -66.38 53.01
C LEU A 536 -46.20 -66.01 51.58
N GLY A 537 -47.32 -66.56 51.11
CA GLY A 537 -47.82 -66.28 49.78
C GLY A 537 -48.94 -65.26 49.78
N ASP A 538 -49.04 -64.48 50.85
CA ASP A 538 -50.15 -63.56 51.04
C ASP A 538 -50.01 -62.35 50.12
N GLN A 539 -51.09 -61.59 50.00
CA GLN A 539 -51.13 -60.39 49.16
C GLN A 539 -50.32 -59.25 49.76
N ARG A 540 -50.05 -59.28 51.07
CA ARG A 540 -49.31 -58.20 51.71
C ARG A 540 -47.87 -58.12 51.23
N HIS A 541 -47.33 -59.20 50.67
CA HIS A 541 -45.95 -59.22 50.16
C HIS A 541 -45.92 -58.88 48.68
N ALA A 542 -46.59 -57.80 48.28
CA ALA A 542 -46.57 -57.34 46.90
C ALA A 542 -45.32 -56.51 46.58
N PRO A 543 -44.91 -55.50 47.37
CA PRO A 543 -43.64 -54.83 47.04
C PRO A 543 -42.42 -55.61 47.50
N PHE A 544 -42.57 -56.53 48.45
CA PHE A 544 -41.45 -57.32 48.92
C PHE A 544 -40.99 -58.33 47.88
N ARG A 545 -41.91 -58.84 47.08
CA ARG A 545 -41.56 -59.71 45.96
C ARG A 545 -41.25 -58.94 44.70
N HIS A 546 -41.39 -57.61 44.72
CA HIS A 546 -41.07 -56.81 43.56
C HIS A 546 -39.57 -56.67 43.34
N ILE A 547 -38.76 -56.99 44.34
CA ILE A 547 -37.31 -56.90 44.20
C ILE A 547 -36.76 -58.25 43.75
N CYS A 548 -37.45 -59.33 44.11
CA CYS A 548 -37.01 -60.65 43.66
C CYS A 548 -37.27 -60.85 42.18
N ARG A 549 -38.34 -60.25 41.65
CA ARG A 549 -38.59 -60.31 40.22
C ARG A 549 -37.84 -59.22 39.45
N LEU A 550 -37.18 -58.31 40.15
CA LEU A 550 -36.23 -57.39 39.52
C LEU A 550 -34.82 -57.96 39.52
N CYS A 551 -34.47 -58.71 40.56
CA CYS A 551 -33.17 -59.38 40.60
C CYS A 551 -33.05 -60.40 39.49
N TYR A 552 -34.12 -61.16 39.24
CA TYR A 552 -34.06 -62.12 38.14
C TYR A 552 -34.07 -61.42 36.79
N ARG A 553 -34.72 -60.26 36.70
CA ARG A 553 -34.70 -59.49 35.45
C ARG A 553 -33.30 -58.98 35.13
N VAL A 554 -32.60 -58.45 36.14
CA VAL A 554 -31.24 -57.98 35.90
C VAL A 554 -30.26 -59.14 35.78
N LEU A 555 -30.58 -60.31 36.34
CA LEU A 555 -29.80 -61.49 36.05
C LEU A 555 -29.95 -61.90 34.58
N ARG A 556 -31.16 -61.78 34.06
CA ARG A 556 -31.40 -62.12 32.66
C ARG A 556 -30.72 -61.13 31.72
N HIS A 557 -30.74 -59.84 32.06
CA HIS A 557 -30.07 -58.84 31.22
C HIS A 557 -28.56 -58.93 31.27
N SER A 558 -27.98 -59.62 32.25
CA SER A 558 -26.54 -59.72 32.34
C SER A 558 -25.93 -60.71 31.37
N GLN A 559 -26.67 -61.74 30.96
CA GLN A 559 -26.10 -62.86 30.23
C GLN A 559 -26.49 -62.87 28.76
N GLN A 560 -27.08 -61.79 28.24
CA GLN A 560 -27.52 -61.80 26.85
C GLN A 560 -26.33 -61.68 25.91
N ASP A 561 -26.14 -62.70 25.08
CA ASP A 561 -25.04 -62.79 24.11
C ASP A 561 -23.67 -62.66 24.78
N TYR A 562 -23.50 -63.33 25.92
CA TYR A 562 -22.25 -63.24 26.68
C TYR A 562 -22.02 -64.57 27.37
N ARG A 563 -20.96 -65.27 26.97
CA ARG A 563 -20.66 -66.60 27.50
C ARG A 563 -20.23 -66.56 28.97
N LYS A 564 -19.39 -65.58 29.34
CA LYS A 564 -18.84 -65.55 30.70
C LYS A 564 -19.94 -65.35 31.74
N ASN A 565 -20.87 -64.43 31.47
CA ASN A 565 -21.98 -64.23 32.39
C ASN A 565 -22.90 -65.45 32.43
N GLN A 566 -23.10 -66.10 31.28
CA GLN A 566 -23.95 -67.29 31.23
C GLN A 566 -23.38 -68.41 32.08
N GLU A 567 -22.09 -68.68 31.96
CA GLU A 567 -21.50 -69.73 32.79
C GLU A 567 -21.38 -69.31 34.25
N TYR A 568 -21.20 -68.01 34.53
CA TYR A 568 -21.17 -67.56 35.91
C TYR A 568 -22.53 -67.76 36.59
N ILE A 569 -23.61 -67.49 35.86
CA ILE A 569 -24.95 -67.72 36.41
C ILE A 569 -25.23 -69.21 36.53
N ALA A 570 -24.82 -70.00 35.53
CA ALA A 570 -25.07 -71.43 35.55
C ALA A 570 -24.23 -72.17 36.58
N LYS A 571 -23.15 -71.56 37.08
CA LYS A 571 -22.45 -72.15 38.21
C LYS A 571 -23.25 -72.05 39.51
N GLN A 572 -24.19 -71.09 39.58
CA GLN A 572 -25.07 -70.92 40.73
C GLN A 572 -26.48 -71.43 40.40
N PHE A 573 -26.55 -72.53 39.67
CA PHE A 573 -27.81 -73.09 39.21
C PHE A 573 -28.46 -73.99 40.26
N GLY A 574 -27.72 -74.31 41.33
CA GLY A 574 -28.22 -75.26 42.31
C GLY A 574 -29.44 -74.79 43.07
N PHE A 575 -29.45 -73.52 43.51
CA PHE A 575 -30.58 -73.02 44.29
C PHE A 575 -31.63 -72.34 43.42
N MET A 576 -31.28 -71.96 42.19
CA MET A 576 -32.26 -71.37 41.28
C MET A 576 -33.31 -72.40 40.86
N GLN A 577 -32.97 -73.68 40.97
CA GLN A 577 -33.87 -74.78 40.63
C GLN A 577 -35.05 -74.88 41.59
N LYS A 578 -34.95 -74.30 42.79
CA LYS A 578 -36.02 -74.43 43.79
C LYS A 578 -37.28 -73.64 43.44
N GLN A 579 -37.21 -72.67 42.53
CA GLN A 579 -38.28 -71.68 42.45
C GLN A 579 -38.64 -71.27 41.02
N ILE A 580 -38.62 -72.21 40.05
CA ILE A 580 -39.13 -71.89 38.72
C ILE A 580 -40.64 -71.68 38.76
N GLY A 581 -41.37 -72.58 39.40
CA GLY A 581 -42.80 -72.59 39.27
C GLY A 581 -43.55 -71.52 40.03
N TYR A 582 -42.85 -70.65 40.75
CA TYR A 582 -43.48 -69.65 41.58
C TYR A 582 -43.42 -68.29 40.88
N ASP A 583 -43.90 -67.26 41.56
CA ASP A 583 -44.09 -65.95 40.95
C ASP A 583 -42.89 -65.02 41.11
N VAL A 584 -41.67 -65.57 41.21
CA VAL A 584 -40.47 -64.76 41.35
C VAL A 584 -39.81 -64.59 39.98
N LEU A 585 -40.55 -64.92 38.92
CA LEU A 585 -40.12 -64.73 37.53
C LEU A 585 -38.82 -65.47 37.20
N ALA A 586 -38.60 -66.63 37.83
CA ALA A 586 -37.40 -67.40 37.55
C ALA A 586 -37.50 -68.23 36.28
N GLU A 587 -38.71 -68.38 35.72
CA GLU A 587 -38.87 -69.22 34.54
C GLU A 587 -38.35 -68.55 33.27
N ASP A 588 -38.38 -67.22 33.21
CA ASP A 588 -37.94 -66.54 31.99
C ASP A 588 -36.43 -66.49 31.90
N THR A 589 -35.74 -66.35 33.03
CA THR A 589 -34.28 -66.27 33.02
C THR A 589 -33.67 -67.63 32.73
N ILE A 590 -34.26 -68.70 33.25
CA ILE A 590 -33.67 -70.03 33.14
C ILE A 590 -33.77 -70.57 31.71
N THR A 591 -34.73 -70.10 30.90
CA THR A 591 -34.80 -70.53 29.51
C THR A 591 -33.69 -69.91 28.68
N ALA A 592 -33.27 -68.70 29.04
CA ALA A 592 -32.27 -67.99 28.25
C ALA A 592 -30.89 -68.63 28.38
N LEU A 593 -30.60 -69.30 29.50
CA LEU A 593 -29.32 -69.96 29.67
C LEU A 593 -29.19 -71.18 28.78
N LEU A 594 -30.30 -71.84 28.46
CA LEU A 594 -30.30 -73.09 27.71
C LEU A 594 -30.70 -72.92 26.26
N HIS A 595 -30.73 -71.69 25.75
CA HIS A 595 -31.25 -71.42 24.41
C HIS A 595 -30.09 -71.43 23.42
N ASN A 596 -29.96 -72.53 22.67
CA ASN A 596 -28.98 -72.68 21.58
C ASN A 596 -27.54 -72.48 22.02
N ASN A 597 -27.15 -73.11 23.13
CA ASN A 597 -25.76 -73.13 23.56
C ASN A 597 -25.32 -74.57 23.80
N ARG A 598 -24.08 -74.87 23.45
CA ARG A 598 -23.57 -76.23 23.42
C ARG A 598 -22.75 -76.59 24.66
N LYS A 599 -21.65 -75.88 24.87
CA LYS A 599 -20.59 -76.37 25.74
C LYS A 599 -20.95 -76.22 27.20
N LEU A 600 -21.53 -75.09 27.59
CA LEU A 600 -21.93 -74.90 28.98
C LEU A 600 -23.14 -75.77 29.34
N LEU A 601 -24.04 -76.01 28.40
CA LEU A 601 -25.18 -76.87 28.68
C LEU A 601 -24.75 -78.33 28.83
N GLU A 602 -23.77 -78.77 28.04
CA GLU A 602 -23.38 -80.18 28.15
C GLU A 602 -22.52 -80.47 29.38
N LYS A 603 -22.02 -79.46 30.08
CA LYS A 603 -21.19 -79.68 31.26
C LYS A 603 -21.84 -79.23 32.56
N HIS A 604 -22.73 -78.24 32.53
CA HIS A 604 -23.31 -77.74 33.77
C HIS A 604 -24.43 -78.63 34.29
N ILE A 605 -25.25 -79.18 33.40
CA ILE A 605 -26.36 -80.04 33.79
C ILE A 605 -25.83 -81.46 33.97
N THR A 606 -26.07 -82.04 35.14
CA THR A 606 -25.61 -83.37 35.48
C THR A 606 -26.80 -84.29 35.73
N ALA A 607 -26.50 -85.56 36.00
CA ALA A 607 -27.55 -86.55 36.26
C ALA A 607 -28.22 -86.30 37.60
N ALA A 608 -27.48 -85.78 38.58
CA ALA A 608 -28.08 -85.48 39.89
C ALA A 608 -29.08 -84.35 39.78
N GLU A 609 -28.82 -83.37 38.91
CA GLU A 609 -29.77 -82.28 38.70
C GLU A 609 -31.06 -82.79 38.07
N ILE A 610 -30.96 -83.76 37.17
CA ILE A 610 -32.15 -84.36 36.58
C ILE A 610 -32.88 -85.21 37.61
N ASP A 611 -32.15 -85.95 38.44
CA ASP A 611 -32.76 -86.82 39.44
C ASP A 611 -33.50 -86.02 40.50
N THR A 612 -32.95 -84.86 40.89
CA THR A 612 -33.71 -83.97 41.76
C THR A 612 -34.66 -83.09 40.99
N PHE A 613 -34.61 -83.13 39.65
CA PHE A 613 -35.49 -82.34 38.81
C PHE A 613 -36.77 -83.09 38.49
N VAL A 614 -36.79 -84.40 38.72
CA VAL A 614 -37.96 -85.25 38.55
C VAL A 614 -38.63 -85.53 39.89
N SER A 615 -38.45 -84.61 40.85
CA SER A 615 -38.97 -84.66 42.21
C SER A 615 -40.44 -84.30 42.24
N LEU A 616 -40.94 -83.79 43.37
CA LEU A 616 -42.36 -83.46 43.49
C LEU A 616 -42.71 -82.21 42.67
N VAL A 617 -42.30 -82.22 41.40
CA VAL A 617 -42.66 -81.29 40.34
C VAL A 617 -43.14 -82.11 39.14
N ARG A 618 -42.41 -83.17 38.80
CA ARG A 618 -42.92 -84.26 37.99
C ARG A 618 -43.86 -85.18 38.74
N LYS A 619 -43.79 -85.21 40.07
CA LYS A 619 -44.85 -85.90 40.80
C LYS A 619 -46.13 -85.08 40.84
N ASN A 620 -46.09 -83.83 40.38
CA ASN A 620 -47.21 -82.92 40.42
C ASN A 620 -47.73 -82.63 39.01
N ARG A 621 -48.66 -81.69 38.93
CA ARG A 621 -49.36 -81.32 37.70
C ARG A 621 -48.63 -80.18 37.01
N GLU A 622 -49.34 -79.47 36.10
CA GLU A 622 -48.87 -78.30 35.35
C GLU A 622 -47.68 -78.62 34.44
N PRO A 623 -47.91 -79.25 33.28
CA PRO A 623 -46.82 -79.70 32.41
C PRO A 623 -46.10 -78.59 31.63
N ARG A 624 -46.36 -77.33 31.97
CA ARG A 624 -45.47 -76.26 31.54
C ARG A 624 -44.06 -76.50 32.10
N PHE A 625 -43.98 -77.10 33.28
CA PHE A 625 -42.66 -77.40 33.81
C PHE A 625 -42.09 -78.62 33.09
N LEU A 626 -42.99 -79.43 32.49
CA LEU A 626 -42.54 -80.56 31.69
C LEU A 626 -41.96 -80.13 30.35
N ASP A 627 -42.55 -79.13 29.69
CA ASP A 627 -41.82 -78.70 28.50
C ASP A 627 -40.70 -77.71 28.83
N TYR A 628 -40.65 -77.20 30.07
CA TYR A 628 -39.42 -76.61 30.58
C TYR A 628 -38.32 -77.66 30.75
N LEU A 629 -38.69 -78.92 30.97
CA LEU A 629 -37.73 -80.01 30.79
C LEU A 629 -37.42 -80.26 29.32
N SER A 630 -38.45 -80.19 28.46
CA SER A 630 -38.29 -80.63 27.08
C SER A 630 -37.43 -79.68 26.24
N ASP A 631 -37.42 -78.38 26.55
CA ASP A 631 -36.60 -77.50 25.73
C ASP A 631 -35.12 -77.62 26.07
N LEU A 632 -34.80 -78.07 27.29
CA LEU A 632 -33.42 -78.42 27.60
C LEU A 632 -33.13 -79.90 27.32
N CYS A 633 -34.15 -80.67 26.94
CA CYS A 633 -33.94 -82.08 26.63
C CYS A 633 -33.00 -82.27 25.44
N VAL A 634 -33.47 -81.93 24.23
CA VAL A 634 -32.65 -82.11 23.03
C VAL A 634 -32.68 -80.79 22.25
N SER A 635 -33.60 -79.90 22.63
CA SER A 635 -33.94 -78.74 21.79
C SER A 635 -32.81 -77.74 21.70
N MET A 636 -32.08 -77.79 20.60
CA MET A 636 -30.85 -77.04 20.37
C MET A 636 -30.95 -76.62 18.91
N ASN A 637 -29.83 -76.39 18.22
CA ASN A 637 -29.91 -76.31 16.76
C ASN A 637 -30.52 -77.60 16.20
N LYS A 638 -29.80 -78.72 16.33
CA LYS A 638 -30.17 -80.11 16.01
C LYS A 638 -29.41 -81.15 16.83
N SER A 639 -30.14 -81.89 17.67
CA SER A 639 -29.76 -83.22 18.18
C SER A 639 -28.43 -83.21 18.96
N ILE A 640 -28.48 -82.56 20.12
CA ILE A 640 -27.35 -82.59 21.06
C ILE A 640 -27.06 -84.03 21.50
N PRO A 641 -25.82 -84.50 21.36
CA PRO A 641 -25.53 -85.91 21.64
C PRO A 641 -25.00 -86.20 23.03
N VAL A 642 -24.95 -85.21 23.92
CA VAL A 642 -24.33 -85.42 25.22
C VAL A 642 -25.39 -85.63 26.30
N THR A 643 -26.40 -84.75 26.36
CA THR A 643 -27.43 -84.82 27.39
C THR A 643 -28.61 -85.67 27.00
N GLN A 644 -28.69 -86.14 25.76
CA GLN A 644 -29.85 -86.92 25.34
C GLN A 644 -29.85 -88.30 25.99
N GLU A 645 -28.69 -88.93 26.11
CA GLU A 645 -28.63 -90.17 26.88
C GLU A 645 -28.69 -89.91 28.38
N LEU A 646 -28.46 -88.67 28.80
CA LEU A 646 -28.62 -88.31 30.21
C LEU A 646 -30.09 -88.16 30.60
N ILE A 647 -30.93 -87.75 29.65
CA ILE A 647 -32.37 -87.64 29.94
C ILE A 647 -33.14 -88.90 29.56
N CYS A 648 -32.66 -89.69 28.59
CA CYS A 648 -33.36 -90.89 28.17
C CYS A 648 -33.25 -92.04 29.17
N LYS A 649 -32.42 -91.93 30.20
CA LYS A 649 -32.39 -92.94 31.25
C LYS A 649 -32.99 -92.42 32.56
N ALA A 650 -33.78 -91.35 32.51
CA ALA A 650 -34.38 -90.79 33.71
C ALA A 650 -35.90 -90.78 33.67
N VAL A 651 -36.50 -90.46 32.52
CA VAL A 651 -37.95 -90.31 32.45
C VAL A 651 -38.65 -91.66 32.48
N LEU A 652 -38.05 -92.69 31.88
CA LEU A 652 -38.67 -94.01 31.84
C LEU A 652 -37.81 -95.10 32.45
N ASN A 653 -36.70 -94.76 33.07
CA ASN A 653 -35.82 -95.72 33.74
C ASN A 653 -35.49 -95.22 35.13
N PRO A 654 -36.34 -95.51 36.13
CA PRO A 654 -37.57 -96.31 36.03
C PRO A 654 -38.79 -95.49 35.62
N THR A 655 -39.96 -96.10 35.68
CA THR A 655 -41.18 -95.53 35.11
C THR A 655 -41.98 -94.71 36.13
N ASN A 656 -41.33 -94.11 37.11
CA ASN A 656 -42.01 -93.30 38.11
C ASN A 656 -42.31 -91.91 37.60
N ALA A 657 -42.64 -90.99 38.53
CA ALA A 657 -42.77 -89.55 38.26
C ALA A 657 -43.87 -89.25 37.24
N ASP A 658 -45.12 -89.48 37.68
CA ASP A 658 -46.33 -89.31 36.87
C ASP A 658 -46.26 -90.24 35.65
N ILE A 659 -46.41 -91.53 35.97
CA ILE A 659 -45.81 -92.69 35.32
C ILE A 659 -45.76 -92.58 33.80
N LEU A 660 -46.93 -92.45 33.18
CA LEU A 660 -47.14 -92.39 31.73
C LEU A 660 -48.61 -92.06 31.53
N ILE A 661 -48.99 -91.92 30.26
CA ILE A 661 -50.37 -92.09 29.84
C ILE A 661 -50.34 -93.32 28.93
N GLU A 662 -50.64 -94.48 29.51
CA GLU A 662 -50.31 -95.77 28.90
C GLU A 662 -51.37 -96.16 27.90
N THR A 663 -51.00 -96.15 26.61
CA THR A 663 -51.84 -96.67 25.54
C THR A 663 -51.30 -98.02 25.11
N LYS A 664 -52.12 -99.07 25.26
CA LYS A 664 -51.62 -100.43 25.17
C LYS A 664 -52.43 -101.30 24.23
N LEU A 665 -53.36 -100.71 23.46
CA LEU A 665 -54.26 -101.40 22.52
C LEU A 665 -54.96 -102.58 23.20
N VAL A 666 -55.84 -102.21 24.14
CA VAL A 666 -56.43 -103.14 25.11
C VAL A 666 -57.25 -104.24 24.44
N LEU A 667 -57.69 -104.03 23.19
CA LEU A 667 -58.39 -105.03 22.38
C LEU A 667 -59.69 -105.48 23.05
N SER A 668 -60.60 -104.54 23.20
CA SER A 668 -61.92 -104.80 23.77
C SER A 668 -62.92 -103.89 23.06
N ARG A 669 -64.13 -103.79 23.62
CA ARG A 669 -65.16 -102.94 23.04
C ARG A 669 -64.96 -101.49 23.48
N GLU A 688 -62.81 -100.52 15.32
CA GLU A 688 -62.75 -101.81 16.01
C GLU A 688 -61.54 -101.87 16.95
N GLU A 689 -61.79 -102.28 18.19
CA GLU A 689 -60.79 -102.45 19.25
C GLU A 689 -60.04 -101.13 19.50
N GLU A 690 -60.80 -100.15 19.98
CA GLU A 690 -60.28 -98.83 20.22
C GLU A 690 -59.30 -98.83 21.40
N VAL A 691 -58.43 -97.82 21.42
CA VAL A 691 -57.36 -97.75 22.40
C VAL A 691 -57.91 -97.24 23.73
N TRP A 692 -57.22 -97.57 24.81
CA TRP A 692 -57.56 -97.13 26.15
C TRP A 692 -56.31 -96.60 26.84
N LEU A 693 -56.36 -95.34 27.26
CA LEU A 693 -55.23 -94.68 27.89
C LEU A 693 -55.46 -94.55 29.40
N PHE A 694 -54.37 -94.58 30.15
CA PHE A 694 -54.40 -94.59 31.61
C PHE A 694 -53.95 -93.24 32.15
N TRP A 695 -54.82 -92.59 32.94
CA TRP A 695 -54.43 -91.36 33.61
C TRP A 695 -55.02 -91.36 35.01
N ARG A 696 -54.23 -90.90 35.97
CA ARG A 696 -54.58 -90.97 37.38
C ARG A 696 -54.53 -89.60 38.04
N ASP A 697 -55.04 -89.55 39.27
CA ASP A 697 -55.05 -88.34 40.09
C ASP A 697 -53.91 -88.33 41.12
N SER A 698 -52.93 -89.22 40.95
CA SER A 698 -51.75 -89.34 41.82
C SER A 698 -52.10 -89.64 43.27
N ASN A 699 -53.23 -90.29 43.51
CA ASN A 699 -53.68 -90.60 44.86
C ASN A 699 -53.97 -92.08 45.08
N LYS A 700 -54.44 -92.79 44.06
CA LYS A 700 -55.02 -94.11 44.24
C LYS A 700 -54.81 -94.91 42.96
N GLU A 701 -55.61 -95.96 42.78
CA GLU A 701 -55.65 -96.76 41.56
C GLU A 701 -55.95 -95.86 40.35
N ILE A 702 -55.65 -96.40 39.16
CA ILE A 702 -55.41 -95.57 37.97
C ILE A 702 -56.66 -94.77 37.58
N ARG A 703 -57.83 -95.41 37.56
CA ARG A 703 -59.14 -94.76 37.33
C ARG A 703 -59.12 -94.02 35.98
N SER A 704 -59.11 -94.81 34.91
CA SER A 704 -59.15 -94.30 33.56
C SER A 704 -60.52 -94.56 32.95
N LYS A 705 -61.24 -93.48 32.62
CA LYS A 705 -62.54 -93.61 31.98
C LYS A 705 -62.44 -94.24 30.59
N SER A 706 -61.83 -93.51 29.65
CA SER A 706 -61.56 -93.92 28.27
C SER A 706 -60.88 -92.75 27.58
N VAL A 707 -60.45 -92.99 26.34
CA VAL A 707 -60.12 -91.89 25.44
C VAL A 707 -61.35 -91.47 24.66
N ARG A 708 -62.32 -92.37 24.49
CA ARG A 708 -63.54 -92.06 23.75
C ARG A 708 -64.41 -91.07 24.52
N GLU A 709 -64.37 -91.12 25.86
CA GLU A 709 -65.08 -90.13 26.65
C GLU A 709 -64.46 -88.75 26.52
N LEU A 710 -63.16 -88.69 26.23
CA LEU A 710 -62.47 -87.42 26.02
C LEU A 710 -62.81 -86.79 24.67
N ALA A 711 -63.39 -87.54 23.75
CA ALA A 711 -63.76 -86.99 22.45
C ALA A 711 -64.88 -85.95 22.59
N GLN A 712 -65.88 -86.25 23.40
CA GLN A 712 -66.95 -85.29 23.67
C GLN A 712 -66.57 -84.25 24.71
N ASP A 713 -65.39 -84.38 25.32
CA ASP A 713 -64.89 -83.43 26.30
C ASP A 713 -64.08 -82.31 25.67
N ALA A 714 -64.00 -82.27 24.34
CA ALA A 714 -63.30 -81.18 23.67
C ALA A 714 -64.07 -79.88 23.79
N LYS A 715 -65.39 -79.95 23.88
CA LYS A 715 -66.21 -78.75 24.01
C LYS A 715 -66.36 -78.29 25.45
N GLU A 716 -66.66 -79.20 26.38
CA GLU A 716 -66.72 -78.88 27.80
C GLU A 716 -66.51 -80.14 28.61
N GLY A 717 -66.21 -79.96 29.89
CA GLY A 717 -66.04 -81.09 30.78
C GLY A 717 -65.39 -80.66 32.08
N GLN A 718 -64.82 -81.63 32.78
CA GLN A 718 -64.13 -81.40 34.04
C GLN A 718 -62.72 -80.89 33.78
N LYS A 719 -62.15 -80.24 34.81
CA LYS A 719 -60.83 -79.65 34.69
C LYS A 719 -59.75 -80.70 34.45
N GLU A 720 -59.88 -81.86 35.09
CA GLU A 720 -58.99 -82.98 34.79
C GLU A 720 -59.20 -83.44 33.35
N ASP A 721 -60.45 -83.49 32.90
CA ASP A 721 -60.75 -83.78 31.50
C ASP A 721 -60.28 -82.67 30.58
N ARG A 722 -60.24 -81.43 31.08
CA ARG A 722 -59.67 -80.33 30.29
C ARG A 722 -58.19 -80.56 30.02
N ASP A 723 -57.42 -80.82 31.09
CA ASP A 723 -55.96 -80.76 30.95
C ASP A 723 -55.29 -82.12 30.72
N VAL A 724 -56.02 -83.22 30.73
CA VAL A 724 -55.39 -84.52 30.47
C VAL A 724 -54.92 -84.58 29.01
N LEU A 725 -55.68 -84.01 28.08
CA LEU A 725 -55.25 -83.96 26.68
C LEU A 725 -54.01 -83.09 26.50
N SER A 726 -53.95 -81.96 27.20
CA SER A 726 -52.78 -81.09 27.13
C SER A 726 -51.55 -81.79 27.70
N TYR A 727 -51.71 -82.52 28.82
CA TYR A 727 -50.58 -83.25 29.40
C TYR A 727 -50.09 -84.34 28.46
N TYR A 728 -51.02 -85.08 27.85
CA TYR A 728 -50.65 -86.13 26.92
C TYR A 728 -49.95 -85.56 25.69
N ARG A 729 -50.45 -84.42 25.18
CA ARG A 729 -49.81 -83.77 24.04
C ARG A 729 -48.41 -83.28 24.39
N TYR A 730 -48.24 -82.74 25.61
CA TYR A 730 -46.93 -82.23 26.01
C TYR A 730 -45.91 -83.35 26.16
N GLN A 731 -46.30 -84.47 26.77
CA GLN A 731 -45.32 -85.54 26.87
C GLN A 731 -45.13 -86.24 25.54
N LEU A 732 -46.09 -86.18 24.63
CA LEU A 732 -45.88 -86.75 23.31
C LEU A 732 -44.95 -85.90 22.47
N ASN A 733 -45.01 -84.58 22.64
CA ASN A 733 -44.00 -83.71 22.07
C ASN A 733 -42.63 -84.02 22.66
N LEU A 734 -42.58 -84.30 23.97
CA LEU A 734 -41.33 -84.70 24.62
C LEU A 734 -40.81 -86.02 24.03
N PHE A 735 -41.70 -86.97 23.78
CA PHE A 735 -41.28 -88.26 23.22
C PHE A 735 -40.85 -88.12 21.76
N ALA A 736 -41.49 -87.23 21.00
CA ALA A 736 -41.10 -86.98 19.62
C ALA A 736 -39.74 -86.32 19.54
N ARG A 737 -39.51 -85.30 20.35
CA ARG A 737 -38.24 -84.57 20.34
C ARG A 737 -37.20 -85.25 21.23
N MET A 738 -37.57 -86.39 21.83
CA MET A 738 -36.68 -87.10 22.72
C MET A 738 -35.52 -87.76 21.97
N CYS A 739 -35.81 -88.39 20.83
CA CYS A 739 -34.78 -89.14 20.09
C CYS A 739 -34.11 -88.29 19.01
N LEU A 740 -34.88 -87.93 17.98
CA LEU A 740 -34.51 -87.05 16.88
C LEU A 740 -33.31 -87.53 16.05
N ASP A 741 -32.70 -88.67 16.38
CA ASP A 741 -31.42 -89.04 15.80
C ASP A 741 -31.21 -90.53 16.10
N ARG A 742 -30.07 -91.07 15.67
CA ARG A 742 -29.68 -92.45 15.94
C ARG A 742 -29.31 -92.56 17.42
N GLN A 743 -30.31 -92.88 18.23
CA GLN A 743 -30.15 -93.04 19.68
C GLN A 743 -30.72 -94.40 20.07
N TYR A 744 -29.84 -95.39 20.24
CA TYR A 744 -30.25 -96.75 20.56
C TYR A 744 -30.85 -96.90 21.95
N LEU A 745 -30.51 -96.02 22.89
CA LEU A 745 -30.91 -96.21 24.28
C LEU A 745 -32.39 -95.92 24.52
N ALA A 746 -33.06 -95.22 23.60
CA ALA A 746 -34.48 -94.97 23.72
C ALA A 746 -35.17 -95.19 22.38
N ILE A 747 -34.80 -96.27 21.70
CA ILE A 747 -35.40 -96.59 20.41
C ILE A 747 -36.16 -97.92 20.42
N ASN A 748 -35.85 -98.83 21.34
CA ASN A 748 -36.55 -100.11 21.41
C ASN A 748 -37.62 -100.16 22.48
N GLU A 749 -37.47 -99.35 23.54
CA GLU A 749 -38.53 -99.24 24.53
C GLU A 749 -39.75 -98.52 23.95
N ILE A 750 -39.52 -97.56 23.05
CA ILE A 750 -40.61 -96.82 22.43
C ILE A 750 -41.00 -97.42 21.08
N SER A 751 -40.43 -98.57 20.72
CA SER A 751 -40.85 -99.25 19.49
C SER A 751 -41.91 -100.30 19.76
N GLY A 752 -41.67 -101.18 20.74
CA GLY A 752 -42.70 -102.14 21.12
C GLY A 752 -43.91 -101.47 21.75
N GLN A 753 -43.67 -100.55 22.67
CA GLN A 753 -44.71 -99.61 23.07
C GLN A 753 -45.05 -98.71 21.90
N LEU A 754 -46.35 -98.49 21.67
CA LEU A 754 -46.89 -97.70 20.57
C LEU A 754 -46.28 -98.14 19.22
N ASP A 755 -46.56 -99.39 18.89
CA ASP A 755 -46.03 -100.00 17.68
C ASP A 755 -46.68 -99.41 16.44
N VAL A 756 -46.31 -99.94 15.28
CA VAL A 756 -46.67 -99.35 13.99
C VAL A 756 -48.17 -99.38 13.77
N ASP A 757 -48.86 -100.43 14.22
CA ASP A 757 -50.30 -100.49 14.10
C ASP A 757 -50.97 -99.47 15.03
N LEU A 758 -50.44 -99.28 16.23
CA LEU A 758 -51.10 -98.41 17.20
C LEU A 758 -50.91 -96.94 16.85
N ILE A 759 -49.71 -96.56 16.42
CA ILE A 759 -49.45 -95.17 16.03
C ILE A 759 -50.25 -94.81 14.78
N LEU A 760 -50.53 -95.78 13.90
CA LEU A 760 -51.29 -95.52 12.69
C LEU A 760 -52.79 -95.61 12.94
N ARG A 761 -53.20 -96.31 14.00
CA ARG A 761 -54.62 -96.36 14.34
C ARG A 761 -55.13 -94.99 14.75
N CYS A 762 -54.27 -94.19 15.40
CA CYS A 762 -54.64 -92.84 15.77
C CYS A 762 -54.43 -91.83 14.63
N MET A 763 -54.06 -92.30 13.44
CA MET A 763 -54.11 -91.49 12.22
C MET A 763 -55.50 -91.49 11.59
N SER A 764 -56.53 -91.81 12.36
CA SER A 764 -57.90 -91.87 11.84
C SER A 764 -58.51 -90.48 11.84
N ASP A 765 -59.77 -90.39 11.44
CA ASP A 765 -60.51 -89.13 11.38
C ASP A 765 -61.35 -88.86 12.61
N GLU A 766 -60.98 -89.43 13.75
CA GLU A 766 -61.78 -89.29 14.96
C GLU A 766 -61.65 -87.87 15.53
N ASN A 767 -62.62 -87.50 16.36
CA ASN A 767 -62.70 -86.16 16.92
C ASN A 767 -61.70 -86.04 18.06
N LEU A 768 -60.72 -85.16 17.88
CA LEU A 768 -59.60 -84.94 18.78
C LEU A 768 -59.48 -83.45 19.08
N PRO A 769 -58.56 -83.05 19.99
CA PRO A 769 -58.18 -81.62 20.03
C PRO A 769 -57.40 -81.18 18.81
N TYR A 770 -56.98 -82.17 18.00
CA TYR A 770 -56.45 -82.12 16.64
C TYR A 770 -54.98 -81.67 16.66
N ASP A 771 -54.47 -81.22 17.80
CA ASP A 771 -53.03 -81.05 18.01
C ASP A 771 -52.39 -82.31 18.58
N LEU A 772 -53.19 -83.15 19.24
CA LEU A 772 -52.70 -84.44 19.69
C LEU A 772 -52.27 -85.30 18.51
N ARG A 773 -53.05 -85.29 17.42
CA ARG A 773 -52.65 -86.04 16.23
C ARG A 773 -51.40 -85.44 15.59
N ALA A 774 -51.20 -84.13 15.71
CA ALA A 774 -49.94 -83.53 15.28
C ALA A 774 -48.77 -84.05 16.10
N SER A 775 -48.96 -84.20 17.42
CA SER A 775 -47.93 -84.80 18.26
C SER A 775 -47.70 -86.26 17.91
N PHE A 776 -48.77 -87.00 17.60
CA PHE A 776 -48.65 -88.38 17.16
C PHE A 776 -47.84 -88.49 15.89
N CYS A 777 -48.05 -87.56 14.95
CA CYS A 777 -47.29 -87.60 13.70
C CYS A 777 -45.84 -87.15 13.89
N ARG A 778 -45.60 -86.22 14.82
CA ARG A 778 -44.22 -85.88 15.19
C ARG A 778 -43.49 -87.08 15.76
N LEU A 779 -44.18 -87.86 16.59
CA LEU A 779 -43.60 -89.10 17.11
C LEU A 779 -43.46 -90.15 16.00
N MET A 780 -44.39 -90.15 15.04
CA MET A 780 -44.33 -91.05 13.90
C MET A 780 -43.09 -90.83 13.06
N LEU A 781 -42.75 -89.56 12.81
CA LEU A 781 -41.63 -89.25 11.93
C LEU A 781 -40.30 -89.75 12.49
N HIS A 782 -40.20 -89.88 13.81
CA HIS A 782 -38.93 -90.23 14.45
C HIS A 782 -38.89 -91.67 14.95
N MET A 783 -39.89 -92.50 14.63
CA MET A 783 -39.87 -93.88 15.04
C MET A 783 -39.78 -94.87 13.89
N HIS A 784 -40.40 -94.59 12.74
CA HIS A 784 -40.39 -95.56 11.65
C HIS A 784 -39.05 -95.60 10.94
N VAL A 785 -38.22 -94.57 11.11
CA VAL A 785 -36.86 -94.57 10.58
C VAL A 785 -35.91 -94.81 11.75
N ASP A 786 -35.57 -96.08 11.97
CA ASP A 786 -34.42 -96.39 12.79
C ASP A 786 -33.12 -96.12 12.04
N ARG A 787 -33.21 -95.94 10.72
CA ARG A 787 -32.11 -95.54 9.83
C ARG A 787 -30.96 -96.55 9.82
N ASP A 788 -31.24 -97.79 10.22
CA ASP A 788 -30.31 -98.88 9.98
C ASP A 788 -30.48 -99.47 8.57
N PRO A 789 -31.72 -99.79 8.08
CA PRO A 789 -31.80 -100.34 6.72
C PRO A 789 -31.81 -99.28 5.63
N GLN A 790 -32.35 -98.10 5.90
CA GLN A 790 -32.50 -97.06 4.89
C GLN A 790 -31.62 -95.86 5.23
N GLU A 791 -30.89 -95.38 4.22
CA GLU A 791 -30.03 -94.21 4.32
C GLU A 791 -30.37 -93.24 3.20
N GLN A 792 -29.68 -92.10 3.19
CA GLN A 792 -29.91 -91.08 2.17
C GLN A 792 -29.45 -91.55 0.80
N VAL A 793 -30.25 -91.26 -0.21
CA VAL A 793 -29.99 -91.70 -1.58
C VAL A 793 -30.05 -90.50 -2.51
N THR A 794 -29.12 -90.45 -3.47
CA THR A 794 -29.15 -89.46 -4.54
C THR A 794 -29.83 -90.06 -5.78
N PRO A 795 -30.57 -89.26 -6.55
CA PRO A 795 -31.22 -89.78 -7.75
C PRO A 795 -30.41 -89.60 -9.03
N VAL A 796 -29.31 -88.85 -9.00
CA VAL A 796 -28.64 -88.42 -10.22
C VAL A 796 -27.32 -89.21 -10.22
N LYS A 797 -27.38 -90.44 -9.73
CA LYS A 797 -26.21 -91.29 -9.66
C LYS A 797 -25.67 -91.60 -11.05
N TYR A 798 -24.36 -91.79 -11.12
CA TYR A 798 -23.66 -92.04 -12.36
C TYR A 798 -22.64 -93.16 -12.14
N ALA A 799 -21.81 -93.39 -13.17
CA ALA A 799 -20.82 -94.48 -13.20
C ALA A 799 -21.50 -95.83 -13.01
N ARG A 800 -22.35 -96.18 -13.97
CA ARG A 800 -23.18 -97.38 -13.87
C ARG A 800 -22.32 -98.63 -14.07
N LEU A 801 -22.87 -99.78 -13.66
CA LEU A 801 -22.15 -101.05 -13.70
C LEU A 801 -22.39 -101.71 -15.06
N TRP A 802 -21.90 -101.02 -16.10
CA TRP A 802 -22.00 -101.43 -17.50
C TRP A 802 -23.44 -101.75 -17.88
N SER A 803 -24.32 -100.78 -17.61
CA SER A 803 -25.75 -101.01 -17.68
C SER A 803 -26.24 -101.06 -19.13
N GLU A 804 -26.99 -102.11 -19.46
CA GLU A 804 -27.59 -102.26 -20.78
C GLU A 804 -29.11 -102.34 -20.63
N ILE A 805 -29.67 -101.44 -19.84
CA ILE A 805 -31.10 -101.45 -19.50
C ILE A 805 -31.92 -101.20 -20.76
N PRO A 806 -33.03 -101.90 -20.98
CA PRO A 806 -33.87 -101.63 -22.15
C PRO A 806 -34.54 -100.27 -22.09
N SER A 807 -35.19 -99.91 -23.20
CA SER A 807 -35.89 -98.63 -23.34
C SER A 807 -37.38 -98.84 -23.11
N GLU A 808 -37.93 -98.09 -22.16
CA GLU A 808 -39.35 -98.19 -21.82
C GLU A 808 -39.88 -96.78 -21.56
N ILE A 809 -41.04 -96.71 -20.91
CA ILE A 809 -41.70 -95.46 -20.63
C ILE A 809 -41.62 -95.21 -19.12
N ALA A 810 -42.16 -94.07 -18.67
CA ALA A 810 -41.94 -93.55 -17.32
C ALA A 810 -42.52 -94.42 -16.21
N ILE A 811 -43.36 -95.40 -16.52
CA ILE A 811 -43.96 -96.24 -15.50
C ILE A 811 -43.11 -97.49 -15.29
N ASP A 812 -41.89 -97.50 -15.84
CA ASP A 812 -41.06 -98.70 -15.82
C ASP A 812 -40.55 -99.01 -14.42
N ASP A 813 -39.97 -98.01 -13.75
CA ASP A 813 -39.29 -98.17 -12.46
C ASP A 813 -38.22 -99.26 -12.56
N TYR A 814 -37.16 -98.90 -13.32
CA TYR A 814 -36.23 -99.79 -14.02
C TYR A 814 -35.83 -101.08 -13.29
N ASP A 815 -35.44 -100.97 -12.02
CA ASP A 815 -35.06 -102.16 -11.27
C ASP A 815 -36.24 -102.75 -10.49
N SER A 816 -36.86 -101.95 -9.63
CA SER A 816 -38.01 -102.38 -8.84
C SER A 816 -38.72 -101.13 -8.33
N SER A 817 -39.67 -101.32 -7.42
CA SER A 817 -40.31 -100.18 -6.77
C SER A 817 -39.33 -99.45 -5.85
N GLY A 818 -38.44 -100.20 -5.20
CA GLY A 818 -37.44 -99.60 -4.35
C GLY A 818 -36.11 -100.32 -4.50
N ALA A 819 -35.05 -99.64 -4.07
CA ALA A 819 -33.71 -100.21 -4.16
C ALA A 819 -33.55 -101.39 -3.20
N SER A 820 -34.12 -101.28 -2.00
CA SER A 820 -33.97 -102.32 -0.99
C SER A 820 -34.99 -103.43 -1.22
N LYS A 821 -35.13 -104.30 -0.23
CA LYS A 821 -36.01 -105.46 -0.33
C LYS A 821 -37.41 -105.10 0.20
N ASP A 822 -38.24 -106.12 0.39
CA ASP A 822 -39.67 -105.92 0.61
C ASP A 822 -40.06 -105.78 2.09
N GLU A 823 -39.10 -105.77 3.01
CA GLU A 823 -39.46 -105.64 4.42
C GLU A 823 -39.88 -104.22 4.79
N ILE A 824 -39.70 -103.25 3.90
CA ILE A 824 -39.96 -101.85 4.18
C ILE A 824 -40.95 -101.25 3.18
N LYS A 825 -41.86 -102.06 2.63
CA LYS A 825 -42.85 -101.59 1.67
C LYS A 825 -44.27 -101.71 2.20
N GLU A 826 -44.70 -102.92 2.57
CA GLU A 826 -46.10 -103.15 2.93
C GLU A 826 -46.45 -102.55 4.27
N ARG A 827 -45.48 -102.46 5.19
CA ARG A 827 -45.72 -101.81 6.47
C ARG A 827 -45.96 -100.32 6.30
N PHE A 828 -45.19 -99.67 5.42
CA PHE A 828 -45.33 -98.24 5.19
C PHE A 828 -46.46 -97.92 4.21
N ALA A 829 -46.98 -98.93 3.51
CA ALA A 829 -47.96 -98.70 2.45
C ALA A 829 -49.23 -98.03 2.96
N GLN A 830 -49.73 -98.47 4.13
CA GLN A 830 -50.95 -97.89 4.69
C GLN A 830 -50.75 -96.41 5.03
N THR A 831 -49.58 -96.08 5.57
CA THR A 831 -49.24 -94.68 5.79
C THR A 831 -49.20 -93.91 4.46
N MET A 832 -48.78 -94.59 3.39
CA MET A 832 -48.73 -93.92 2.09
C MET A 832 -50.14 -93.59 1.57
N GLU A 833 -51.09 -94.53 1.64
CA GLU A 833 -52.41 -94.11 1.17
C GLU A 833 -53.08 -93.15 2.14
N PHE A 834 -52.70 -93.16 3.42
CA PHE A 834 -53.26 -92.17 4.35
C PHE A 834 -52.73 -90.76 4.10
N VAL A 835 -51.43 -90.61 3.80
CA VAL A 835 -50.92 -89.28 3.45
C VAL A 835 -51.48 -88.84 2.10
N GLU A 836 -51.68 -89.77 1.17
CA GLU A 836 -52.35 -89.42 -0.09
C GLU A 836 -53.79 -88.97 0.16
N GLU A 837 -54.49 -89.64 1.09
CA GLU A 837 -55.86 -89.23 1.41
C GLU A 837 -55.89 -87.84 2.03
N TYR A 838 -54.95 -87.53 2.93
CA TYR A 838 -54.94 -86.21 3.54
C TYR A 838 -54.60 -85.12 2.52
N LEU A 839 -53.69 -85.42 1.58
CA LEU A 839 -53.42 -84.44 0.52
C LEU A 839 -54.64 -84.25 -0.38
N ARG A 840 -55.33 -85.33 -0.75
CA ARG A 840 -56.53 -85.23 -1.56
C ARG A 840 -57.69 -84.60 -0.80
N ASP A 841 -57.60 -84.48 0.52
CA ASP A 841 -58.58 -83.71 1.27
C ASP A 841 -58.21 -82.23 1.39
N VAL A 842 -56.93 -81.93 1.65
CA VAL A 842 -56.53 -80.54 1.81
C VAL A 842 -56.54 -79.81 0.48
N VAL A 843 -56.50 -80.55 -0.64
CA VAL A 843 -56.56 -79.89 -1.94
C VAL A 843 -57.94 -79.27 -2.18
N CYS A 844 -59.01 -79.92 -1.73
CA CYS A 844 -60.35 -79.47 -2.11
C CYS A 844 -61.21 -78.96 -0.95
N GLN A 845 -61.37 -79.71 0.16
CA GLN A 845 -62.27 -79.08 1.14
C GLN A 845 -61.60 -78.01 1.99
N ARG A 846 -60.27 -77.87 1.95
CA ARG A 846 -59.62 -76.71 2.53
C ARG A 846 -59.20 -75.72 1.43
N PHE A 847 -60.20 -75.14 0.77
CA PHE A 847 -59.90 -74.34 -0.41
C PHE A 847 -59.42 -72.90 -0.14
N PRO A 848 -60.04 -72.07 0.79
CA PRO A 848 -59.46 -70.73 0.98
C PRO A 848 -58.10 -70.81 1.65
N PHE A 849 -58.12 -71.38 2.85
CA PHE A 849 -57.00 -71.75 3.72
C PHE A 849 -57.65 -72.33 4.97
N SER A 850 -56.82 -72.83 5.89
CA SER A 850 -57.32 -73.34 7.16
C SER A 850 -56.42 -72.79 8.28
N ASP A 851 -56.79 -71.62 8.79
CA ASP A 851 -56.08 -71.01 9.91
C ASP A 851 -56.58 -71.50 11.26
N LYS A 852 -57.56 -72.39 11.27
CA LYS A 852 -58.13 -72.91 12.51
C LYS A 852 -57.32 -74.12 13.00
N GLU A 853 -56.04 -73.84 13.31
CA GLU A 853 -55.09 -74.78 13.91
C GLU A 853 -54.82 -76.02 13.08
N LYS A 854 -55.19 -76.00 11.80
CA LYS A 854 -54.88 -77.10 10.90
C LYS A 854 -53.44 -77.03 10.39
N ASN A 855 -52.83 -75.84 10.47
CA ASN A 855 -51.54 -75.61 9.84
C ASN A 855 -50.44 -76.44 10.49
N LYS A 856 -50.57 -76.73 11.78
CA LYS A 856 -49.61 -77.62 12.46
C LYS A 856 -49.61 -79.01 11.85
N LEU A 857 -50.81 -79.58 11.64
CA LEU A 857 -50.88 -80.93 11.11
C LEU A 857 -50.50 -80.96 9.63
N THR A 858 -50.84 -79.92 8.87
CA THR A 858 -50.39 -79.86 7.48
C THR A 858 -48.87 -79.77 7.39
N PHE A 859 -48.26 -78.94 8.25
CA PHE A 859 -46.81 -78.88 8.35
C PHE A 859 -46.19 -80.22 8.66
N GLU A 860 -46.75 -80.94 9.64
CA GLU A 860 -46.11 -82.17 10.04
C GLU A 860 -46.32 -83.30 9.02
N VAL A 861 -47.47 -83.34 8.35
CA VAL A 861 -47.65 -84.38 7.34
C VAL A 861 -46.80 -84.08 6.11
N VAL A 862 -46.59 -82.80 5.79
CA VAL A 862 -45.71 -82.44 4.69
C VAL A 862 -44.26 -82.79 5.03
N ASN A 863 -43.86 -82.55 6.28
CA ASN A 863 -42.52 -82.94 6.72
C ASN A 863 -42.34 -84.46 6.70
N LEU A 864 -43.38 -85.21 7.06
CA LEU A 864 -43.34 -86.66 7.02
C LEU A 864 -43.17 -87.16 5.59
N ALA A 865 -43.90 -86.56 4.65
CA ALA A 865 -43.75 -86.90 3.23
C ALA A 865 -42.35 -86.59 2.74
N ARG A 866 -41.83 -85.43 3.12
CA ARG A 866 -40.49 -85.02 2.69
C ARG A 866 -39.41 -85.95 3.24
N ASN A 867 -39.58 -86.43 4.47
CA ASN A 867 -38.58 -87.34 5.01
C ASN A 867 -38.73 -88.76 4.50
N LEU A 868 -39.92 -89.17 4.07
CA LEU A 868 -40.03 -90.50 3.48
C LEU A 868 -39.59 -90.55 2.02
N ILE A 869 -39.67 -89.43 1.28
CA ILE A 869 -39.29 -89.51 -0.13
C ILE A 869 -37.78 -89.56 -0.30
N TYR A 870 -37.02 -88.99 0.63
CA TYR A 870 -35.57 -88.88 0.44
C TYR A 870 -34.87 -90.22 0.59
N PHE A 871 -35.57 -91.24 1.06
CA PHE A 871 -35.11 -92.62 0.97
C PHE A 871 -35.60 -93.31 -0.29
N GLY A 872 -36.28 -92.57 -1.17
CA GLY A 872 -36.75 -93.11 -2.43
C GLY A 872 -37.86 -94.12 -2.34
N PHE A 873 -38.85 -93.90 -1.46
CA PHE A 873 -39.85 -94.94 -1.23
C PHE A 873 -41.09 -94.75 -2.11
N TYR A 874 -40.87 -94.38 -3.37
CA TYR A 874 -41.92 -94.22 -4.36
C TYR A 874 -41.48 -94.78 -5.70
N ASN A 875 -42.46 -95.17 -6.50
CA ASN A 875 -42.24 -95.33 -7.93
C ASN A 875 -42.19 -93.94 -8.58
N PHE A 876 -41.78 -93.91 -9.85
CA PHE A 876 -41.65 -92.63 -10.55
C PHE A 876 -43.02 -92.02 -10.80
N SER A 877 -43.98 -92.85 -11.21
CA SER A 877 -45.35 -92.40 -11.38
C SER A 877 -45.99 -91.95 -10.06
N ASP A 878 -45.50 -92.45 -8.92
CA ASP A 878 -46.07 -92.07 -7.64
C ASP A 878 -45.85 -90.58 -7.34
N LEU A 879 -44.60 -90.12 -7.42
CA LEU A 879 -44.37 -88.69 -7.19
C LEU A 879 -44.83 -87.85 -8.37
N LEU A 880 -44.79 -88.39 -9.59
CA LEU A 880 -45.30 -87.62 -10.74
C LEU A 880 -46.81 -87.44 -10.69
N ARG A 881 -47.54 -88.36 -10.04
CA ARG A 881 -48.96 -88.12 -9.82
C ARG A 881 -49.21 -87.34 -8.53
N LEU A 882 -48.27 -87.38 -7.58
CA LEU A 882 -48.40 -86.57 -6.37
C LEU A 882 -48.23 -85.09 -6.68
N THR A 883 -47.45 -84.77 -7.72
CA THR A 883 -47.12 -83.37 -8.01
C THR A 883 -48.35 -82.54 -8.35
N LYS A 884 -49.30 -83.12 -9.11
CA LYS A 884 -50.47 -82.36 -9.56
C LYS A 884 -51.36 -81.94 -8.39
N ILE A 885 -51.58 -82.85 -7.43
CA ILE A 885 -52.32 -82.49 -6.23
C ILE A 885 -51.49 -81.55 -5.37
N LEU A 886 -50.17 -81.77 -5.29
CA LEU A 886 -49.31 -80.98 -4.41
C LEU A 886 -49.21 -79.53 -4.86
N LEU A 887 -49.22 -79.27 -6.17
CA LEU A 887 -49.17 -77.89 -6.66
C LEU A 887 -50.52 -77.20 -6.62
N ALA A 888 -51.59 -77.91 -6.28
CA ALA A 888 -52.93 -77.36 -6.27
C ALA A 888 -53.35 -76.81 -4.92
N ILE A 889 -52.44 -76.78 -3.94
CA ILE A 889 -52.67 -76.01 -2.73
C ILE A 889 -52.22 -74.56 -2.93
N LEU A 890 -51.19 -74.34 -3.74
CA LEU A 890 -50.55 -73.04 -3.88
C LEU A 890 -51.33 -72.06 -4.73
N ASP A 891 -52.28 -72.54 -5.56
CA ASP A 891 -52.99 -71.69 -6.50
C ASP A 891 -54.33 -71.20 -5.99
N CYS A 892 -54.48 -71.05 -4.67
CA CYS A 892 -55.74 -70.62 -4.08
C CYS A 892 -55.81 -69.09 -4.06
N VAL A 893 -55.92 -68.53 -5.25
CA VAL A 893 -56.02 -67.09 -5.43
C VAL A 893 -56.78 -66.77 -6.72
N PRO A 955 -44.51 -54.51 5.60
CA PRO A 955 -45.45 -55.62 5.50
C PRO A 955 -45.85 -56.16 6.88
N GLU A 956 -47.14 -56.41 7.08
CA GLU A 956 -47.62 -56.94 8.34
C GLU A 956 -47.21 -58.39 8.50
N LYS A 957 -46.65 -58.71 9.67
CA LYS A 957 -46.11 -60.05 9.91
C LYS A 957 -47.24 -61.07 10.10
N GLU A 958 -47.14 -62.18 9.37
CA GLU A 958 -48.08 -63.28 9.47
C GLU A 958 -47.32 -64.48 10.05
N ASP A 959 -48.05 -65.56 10.36
CA ASP A 959 -47.49 -66.75 10.98
C ASP A 959 -46.36 -67.33 10.12
N ILE A 960 -45.23 -67.60 10.75
CA ILE A 960 -44.03 -68.04 10.05
C ILE A 960 -43.99 -69.54 9.81
N MET A 961 -44.92 -70.29 10.38
CA MET A 961 -44.89 -71.74 10.25
C MET A 961 -45.54 -72.20 8.94
N VAL A 962 -46.55 -71.46 8.46
CA VAL A 962 -47.02 -71.71 7.10
C VAL A 962 -45.96 -71.28 6.09
N MET A 963 -45.14 -70.29 6.43
CA MET A 963 -43.96 -69.98 5.63
C MET A 963 -42.96 -71.13 5.64
N ASP A 964 -42.79 -71.77 6.79
CA ASP A 964 -41.91 -72.93 6.87
C ASP A 964 -42.42 -74.09 6.01
N THR A 965 -43.72 -74.34 6.02
CA THR A 965 -44.24 -75.42 5.18
C THR A 965 -44.20 -75.03 3.70
N LYS A 966 -44.26 -73.73 3.38
CA LYS A 966 -44.08 -73.32 1.99
C LYS A 966 -42.64 -73.51 1.54
N LEU A 967 -41.68 -73.25 2.43
CA LEU A 967 -40.28 -73.56 2.12
C LEU A 967 -40.09 -75.06 1.96
N LYS A 968 -40.77 -75.85 2.79
CA LYS A 968 -40.65 -77.29 2.74
C LYS A 968 -41.20 -77.84 1.42
N ILE A 969 -42.35 -77.33 0.97
CA ILE A 969 -42.87 -77.76 -0.32
C ILE A 969 -42.03 -77.21 -1.47
N ILE A 970 -41.37 -76.07 -1.30
CA ILE A 970 -40.45 -75.59 -2.33
C ILE A 970 -39.29 -76.56 -2.50
N GLU A 971 -38.69 -77.03 -1.41
CA GLU A 971 -37.55 -77.91 -1.61
C GLU A 971 -37.96 -79.35 -1.91
N ILE A 972 -39.22 -79.75 -1.60
CA ILE A 972 -39.67 -81.03 -2.13
C ILE A 972 -39.90 -80.92 -3.65
N LEU A 973 -40.37 -79.75 -4.13
CA LEU A 973 -40.46 -79.53 -5.56
C LEU A 973 -39.08 -79.50 -6.20
N GLN A 974 -38.10 -78.97 -5.49
CA GLN A 974 -36.72 -78.98 -5.98
C GLN A 974 -36.19 -80.40 -6.08
N PHE A 975 -36.56 -81.27 -5.13
CA PHE A 975 -36.14 -82.66 -5.22
C PHE A 975 -36.80 -83.39 -6.38
N ILE A 976 -38.12 -83.26 -6.52
CA ILE A 976 -38.85 -84.13 -7.45
C ILE A 976 -38.50 -83.87 -8.90
N LEU A 977 -38.00 -82.67 -9.23
CA LEU A 977 -37.58 -82.38 -10.59
C LEU A 977 -36.16 -82.84 -10.88
N ASN A 978 -35.40 -83.24 -9.86
CA ASN A 978 -34.04 -83.68 -10.06
C ASN A 978 -33.94 -85.15 -10.43
N VAL A 979 -34.99 -85.94 -10.16
CA VAL A 979 -35.02 -87.32 -10.61
C VAL A 979 -35.57 -87.43 -12.04
N ARG A 980 -36.31 -86.41 -12.49
CA ARG A 980 -36.75 -86.37 -13.89
C ARG A 980 -35.56 -86.24 -14.82
N LEU A 981 -34.52 -85.51 -14.39
CA LEU A 981 -33.29 -85.42 -15.17
C LEU A 981 -32.62 -86.79 -15.30
N ASP A 982 -32.67 -87.60 -14.24
CA ASP A 982 -32.12 -88.95 -14.33
C ASP A 982 -32.91 -89.81 -15.29
N TYR A 983 -34.24 -89.67 -15.30
CA TYR A 983 -35.07 -90.38 -16.26
C TYR A 983 -34.71 -90.00 -17.69
N ARG A 984 -34.57 -88.70 -17.94
CA ARG A 984 -34.25 -88.23 -19.29
C ARG A 984 -32.86 -88.69 -19.72
N ILE A 985 -31.86 -88.59 -18.82
CA ILE A 985 -30.51 -88.99 -19.18
C ILE A 985 -30.42 -90.49 -19.42
N SER A 986 -31.15 -91.30 -18.62
CA SER A 986 -31.08 -92.75 -18.78
C SER A 986 -31.78 -93.18 -20.07
N CYS A 987 -32.97 -92.64 -20.33
CA CYS A 987 -33.70 -93.05 -21.52
C CYS A 987 -33.03 -92.54 -22.80
N LEU A 988 -32.47 -91.34 -22.77
CA LEU A 988 -31.79 -90.83 -23.96
C LEU A 988 -30.50 -91.59 -24.24
N LEU A 989 -29.71 -91.89 -23.20
CA LEU A 989 -28.52 -92.70 -23.39
C LEU A 989 -28.87 -94.09 -23.90
N CYS A 990 -29.92 -94.71 -23.34
CA CYS A 990 -30.35 -96.02 -23.79
C CYS A 990 -30.82 -96.00 -25.24
N ILE A 991 -31.63 -95.01 -25.62
CA ILE A 991 -32.14 -95.02 -26.99
C ILE A 991 -31.03 -94.70 -27.99
N PHE A 992 -30.07 -93.86 -27.62
CA PHE A 992 -29.14 -93.41 -28.63
C PHE A 992 -27.90 -94.33 -28.61
N LYS A 993 -27.86 -95.30 -27.68
CA LYS A 993 -27.00 -96.47 -27.87
C LYS A 993 -27.72 -97.64 -28.52
N ARG A 994 -29.05 -97.70 -28.40
CA ARG A 994 -29.82 -98.66 -29.18
C ARG A 994 -29.72 -98.38 -30.67
N GLU A 995 -29.81 -97.10 -31.03
CA GLU A 995 -29.60 -96.67 -32.41
C GLU A 995 -28.15 -96.87 -32.86
N PHE A 996 -27.21 -97.00 -31.93
CA PHE A 996 -25.85 -97.40 -32.27
C PHE A 996 -25.77 -98.88 -32.58
N ASP A 997 -26.15 -99.74 -31.64
CA ASP A 997 -25.89 -101.16 -31.79
C ASP A 997 -26.90 -101.89 -32.67
N GLU A 998 -28.01 -101.24 -33.06
CA GLU A 998 -28.93 -101.89 -33.98
C GLU A 998 -28.39 -101.87 -35.41
N SER A 999 -27.48 -100.95 -35.71
CA SER A 999 -26.75 -100.92 -36.99
C SER A 999 -25.32 -100.52 -36.65
N ASN A 1000 -24.47 -101.51 -36.42
CA ASN A 1000 -23.15 -101.29 -35.86
C ASN A 1000 -22.10 -102.13 -36.55
N SER A 1001 -20.85 -101.66 -36.47
CA SER A 1001 -19.68 -102.47 -36.71
C SER A 1001 -19.14 -103.08 -35.43
N GLN A 1002 -19.85 -102.87 -34.32
CA GLN A 1002 -19.48 -103.40 -33.02
C GLN A 1002 -19.60 -104.92 -33.01
N SER A 1003 -18.62 -105.57 -32.38
CA SER A 1003 -18.63 -107.03 -32.25
C SER A 1003 -19.70 -107.48 -31.26
N PRO A 1020 -23.16 -95.51 -40.13
CA PRO A 1020 -22.90 -95.73 -38.70
C PRO A 1020 -23.69 -94.77 -37.81
N GLY A 1021 -22.98 -93.85 -37.14
CA GLY A 1021 -23.62 -92.94 -36.21
C GLY A 1021 -24.49 -91.88 -36.87
N ALA A 1022 -24.26 -91.61 -38.16
CA ALA A 1022 -25.03 -90.60 -38.88
C ALA A 1022 -26.40 -91.11 -39.32
N LEU A 1023 -26.70 -92.39 -39.12
CA LEU A 1023 -28.02 -92.91 -39.47
C LEU A 1023 -29.10 -92.29 -38.59
N ASP A 1024 -28.80 -92.08 -37.31
CA ASP A 1024 -29.73 -91.46 -36.39
C ASP A 1024 -29.66 -89.93 -36.41
N PHE A 1025 -28.78 -89.36 -37.24
CA PHE A 1025 -28.63 -87.92 -37.27
C PHE A 1025 -29.86 -87.23 -37.83
N GLU A 1026 -30.64 -87.91 -38.67
CA GLU A 1026 -31.92 -87.38 -39.11
C GLU A 1026 -33.07 -87.82 -38.22
N HIS A 1027 -32.81 -88.65 -37.21
CA HIS A 1027 -33.77 -88.90 -36.13
C HIS A 1027 -33.57 -87.97 -34.94
N ILE A 1028 -32.56 -87.09 -34.97
CA ILE A 1028 -32.34 -86.16 -33.87
C ILE A 1028 -33.47 -85.13 -33.82
N GLU A 1029 -33.94 -84.70 -35.00
CA GLU A 1029 -34.98 -83.68 -35.08
C GLU A 1029 -36.33 -84.14 -34.56
N GLU A 1030 -36.52 -85.45 -34.36
CA GLU A 1030 -37.77 -85.97 -33.83
C GLU A 1030 -37.65 -86.50 -32.41
N GLN A 1031 -36.45 -86.45 -31.81
CA GLN A 1031 -36.27 -86.87 -30.42
C GLN A 1031 -35.79 -85.76 -29.51
N ALA A 1032 -34.92 -84.86 -30.01
CA ALA A 1032 -34.44 -83.75 -29.19
C ALA A 1032 -35.55 -82.76 -28.93
N GLU A 1033 -36.41 -82.52 -29.92
CA GLU A 1033 -37.60 -81.70 -29.73
C GLU A 1033 -38.77 -82.50 -29.18
N GLY A 1034 -38.65 -83.82 -29.10
CA GLY A 1034 -39.74 -84.67 -28.65
C GLY A 1034 -39.68 -84.99 -27.17
N ILE A 1035 -38.48 -85.10 -26.62
CA ILE A 1035 -38.34 -85.40 -25.20
C ILE A 1035 -38.33 -84.14 -24.34
N PHE A 1036 -38.18 -82.97 -24.95
CA PHE A 1036 -38.20 -81.70 -24.23
C PHE A 1036 -39.47 -80.90 -24.52
N GLY A 1037 -39.72 -80.60 -25.80
CA GLY A 1037 -40.88 -79.83 -26.19
C GLY A 1037 -41.95 -80.67 -26.86
N GLY A 1038 -42.29 -80.33 -28.10
CA GLY A 1038 -43.33 -81.05 -28.80
C GLY A 1038 -44.70 -80.78 -28.22
N SER A 1039 -45.19 -79.55 -28.39
CA SER A 1039 -46.44 -79.13 -27.75
C SER A 1039 -47.64 -79.90 -28.28
N GLU A 1040 -48.50 -80.31 -27.35
CA GLU A 1040 -49.71 -81.09 -27.61
C GLU A 1040 -49.44 -82.37 -28.40
N HIS A 1050 -43.60 -81.92 -14.08
CA HIS A 1050 -44.52 -81.75 -15.19
C HIS A 1050 -45.82 -81.08 -14.75
N GLY A 1051 -45.70 -79.93 -14.09
CA GLY A 1051 -46.87 -79.15 -13.75
C GLY A 1051 -47.56 -78.57 -14.98
N GLY A 1052 -46.78 -78.09 -15.94
CA GLY A 1052 -47.32 -77.59 -17.19
C GLY A 1052 -47.36 -76.09 -17.30
N ARG A 1053 -48.50 -75.55 -17.72
CA ARG A 1053 -48.67 -74.11 -17.88
C ARG A 1053 -48.84 -73.39 -16.54
N THR A 1054 -49.21 -74.11 -15.48
CA THR A 1054 -49.49 -73.51 -14.18
C THR A 1054 -48.29 -73.55 -13.24
N PHE A 1055 -47.16 -74.07 -13.70
CA PHE A 1055 -45.97 -74.14 -12.85
C PHE A 1055 -45.44 -72.76 -12.51
N LEU A 1056 -45.46 -71.83 -13.48
CA LEU A 1056 -44.87 -70.51 -13.26
C LEU A 1056 -45.74 -69.64 -12.36
N ARG A 1057 -47.05 -69.88 -12.35
CA ARG A 1057 -47.97 -69.00 -11.64
C ARG A 1057 -47.76 -69.07 -10.12
N VAL A 1058 -47.83 -70.27 -9.56
CA VAL A 1058 -47.67 -70.44 -8.12
C VAL A 1058 -46.24 -70.15 -7.70
N LEU A 1059 -45.28 -70.42 -8.59
CA LEU A 1059 -43.88 -70.16 -8.29
C LEU A 1059 -43.62 -68.67 -8.20
N LEU A 1060 -44.15 -67.88 -9.14
CA LEU A 1060 -44.04 -66.43 -9.04
C LEU A 1060 -44.81 -65.89 -7.85
N HIS A 1061 -45.97 -66.49 -7.54
CA HIS A 1061 -46.75 -66.06 -6.38
C HIS A 1061 -45.99 -66.24 -5.09
N LEU A 1062 -45.24 -67.34 -4.95
CA LEU A 1062 -44.33 -67.45 -3.82
C LEU A 1062 -43.12 -66.54 -3.96
N THR A 1063 -42.75 -66.20 -5.20
CA THR A 1063 -41.56 -65.37 -5.41
C THR A 1063 -41.74 -63.95 -4.88
N MET A 1064 -42.91 -63.32 -5.10
CA MET A 1064 -42.98 -61.99 -4.49
C MET A 1064 -43.51 -62.03 -3.05
N HIS A 1065 -43.63 -63.21 -2.45
CA HIS A 1065 -44.14 -63.36 -1.09
C HIS A 1065 -42.94 -63.62 -0.19
N ASP A 1066 -42.55 -62.62 0.60
CA ASP A 1066 -41.17 -62.46 1.06
C ASP A 1066 -41.01 -62.37 2.58
N TYR A 1067 -41.68 -63.22 3.35
CA TYR A 1067 -41.39 -63.08 4.78
C TYR A 1067 -40.15 -63.87 5.19
N PRO A 1068 -39.96 -65.15 4.83
CA PRO A 1068 -38.64 -65.78 5.02
C PRO A 1068 -37.82 -65.72 3.73
N PRO A 1069 -36.56 -66.21 3.74
CA PRO A 1069 -35.77 -66.25 2.50
C PRO A 1069 -36.07 -67.40 1.55
N LEU A 1070 -37.28 -67.98 1.61
CA LEU A 1070 -37.67 -69.08 0.71
C LEU A 1070 -37.59 -68.67 -0.76
N VAL A 1071 -37.68 -67.37 -1.04
CA VAL A 1071 -37.69 -66.86 -2.41
C VAL A 1071 -36.35 -67.04 -3.08
N SER A 1072 -35.27 -67.22 -2.31
CA SER A 1072 -34.01 -67.63 -2.91
C SER A 1072 -34.16 -68.97 -3.62
N GLY A 1073 -34.72 -69.96 -2.93
CA GLY A 1073 -35.01 -71.23 -3.57
C GLY A 1073 -36.06 -71.14 -4.66
N ALA A 1074 -37.04 -70.25 -4.49
CA ALA A 1074 -38.04 -70.03 -5.54
C ALA A 1074 -37.40 -69.54 -6.83
N LEU A 1075 -36.50 -68.55 -6.72
CA LEU A 1075 -35.75 -68.09 -7.88
C LEU A 1075 -34.82 -69.17 -8.41
N GLN A 1076 -34.30 -70.03 -7.52
CA GLN A 1076 -33.45 -71.13 -7.96
C GLN A 1076 -34.20 -72.07 -8.89
N LEU A 1077 -35.40 -72.50 -8.52
CA LEU A 1077 -36.06 -73.38 -9.48
C LEU A 1077 -36.76 -72.60 -10.60
N LEU A 1078 -36.93 -71.29 -10.45
CA LEU A 1078 -37.36 -70.47 -11.59
C LEU A 1078 -36.31 -70.50 -12.68
N PHE A 1079 -35.04 -70.31 -12.30
CA PHE A 1079 -33.96 -70.33 -13.27
C PHE A 1079 -33.64 -71.75 -13.71
N ARG A 1080 -33.89 -72.74 -12.86
CA ARG A 1080 -33.62 -74.13 -13.18
C ARG A 1080 -34.67 -74.72 -14.11
N HIS A 1081 -35.91 -74.20 -14.09
CA HIS A 1081 -36.93 -74.68 -15.00
C HIS A 1081 -36.57 -74.37 -16.46
N PHE A 1082 -36.27 -73.11 -16.75
CA PHE A 1082 -35.91 -72.73 -18.11
C PHE A 1082 -34.47 -73.10 -18.39
N SER A 1083 -34.21 -73.45 -19.65
CA SER A 1083 -32.93 -73.99 -20.10
C SER A 1083 -32.51 -75.21 -19.30
N GLN A 1084 -33.40 -76.21 -19.23
CA GLN A 1084 -33.00 -77.51 -18.70
C GLN A 1084 -32.01 -78.23 -19.60
N ARG A 1085 -31.93 -77.80 -20.87
CA ARG A 1085 -31.01 -78.40 -21.81
C ARG A 1085 -29.55 -78.20 -21.41
N GLN A 1086 -29.22 -77.06 -20.82
CA GLN A 1086 -27.84 -76.80 -20.41
C GLN A 1086 -27.36 -77.84 -19.39
N GLU A 1087 -28.12 -78.03 -18.31
CA GLU A 1087 -27.66 -79.00 -17.33
C GLU A 1087 -27.84 -80.43 -17.77
N VAL A 1088 -28.83 -80.74 -18.63
CA VAL A 1088 -28.91 -82.14 -19.05
C VAL A 1088 -27.77 -82.50 -20.01
N LEU A 1089 -27.34 -81.58 -20.87
CA LEU A 1089 -26.19 -81.89 -21.73
C LEU A 1089 -24.86 -81.87 -20.99
N GLN A 1090 -24.68 -80.98 -19.98
CA GLN A 1090 -23.43 -81.09 -19.23
C GLN A 1090 -23.43 -82.34 -18.34
N ALA A 1091 -24.63 -82.78 -17.92
CA ALA A 1091 -24.75 -84.06 -17.24
C ALA A 1091 -24.43 -85.21 -18.18
N PHE A 1092 -24.82 -85.12 -19.46
CA PHE A 1092 -24.37 -86.09 -20.45
C PHE A 1092 -22.85 -86.11 -20.56
N LYS A 1093 -22.23 -84.94 -20.63
CA LYS A 1093 -20.80 -84.86 -20.84
C LYS A 1093 -20.02 -85.36 -19.63
N GLN A 1094 -20.62 -85.31 -18.44
CA GLN A 1094 -19.93 -85.77 -17.24
C GLN A 1094 -20.40 -87.14 -16.75
N VAL A 1095 -21.47 -87.70 -17.32
CA VAL A 1095 -22.21 -88.73 -16.59
C VAL A 1095 -21.55 -90.10 -16.74
N GLN A 1096 -21.00 -90.42 -17.90
CA GLN A 1096 -20.76 -91.82 -18.22
C GLN A 1096 -19.29 -92.13 -18.08
N LEU A 1097 -18.99 -93.06 -17.18
CA LEU A 1097 -17.65 -93.51 -16.85
C LEU A 1097 -17.59 -95.03 -16.87
N LEU A 1098 -18.07 -95.60 -17.99
CA LEU A 1098 -18.21 -97.04 -18.13
C LEU A 1098 -16.88 -97.77 -17.99
N VAL A 1099 -16.89 -98.85 -17.22
CA VAL A 1099 -15.73 -99.72 -17.05
C VAL A 1099 -16.12 -101.11 -17.52
N THR A 1100 -15.25 -101.71 -18.34
CA THR A 1100 -15.50 -103.07 -18.80
C THR A 1100 -15.51 -104.06 -17.63
N SER A 1101 -14.59 -103.90 -16.69
CA SER A 1101 -14.66 -104.65 -15.45
C SER A 1101 -15.83 -104.15 -14.62
N GLN A 1102 -16.61 -105.08 -14.05
CA GLN A 1102 -17.77 -104.72 -13.27
C GLN A 1102 -17.32 -104.47 -11.83
N ASP A 1103 -16.63 -103.34 -11.65
CA ASP A 1103 -16.07 -102.95 -10.36
C ASP A 1103 -16.42 -101.49 -10.10
N VAL A 1104 -17.13 -101.25 -9.00
CA VAL A 1104 -17.53 -99.89 -8.63
C VAL A 1104 -16.77 -99.39 -7.41
N ASP A 1105 -16.36 -100.28 -6.50
CA ASP A 1105 -15.70 -99.87 -5.27
C ASP A 1105 -14.33 -99.25 -5.55
N ASN A 1106 -13.65 -99.69 -6.61
CA ASN A 1106 -12.36 -99.08 -6.96
C ASN A 1106 -12.52 -97.65 -7.47
N TYR A 1107 -13.55 -97.40 -8.28
CA TYR A 1107 -13.81 -96.03 -8.72
C TYR A 1107 -14.35 -95.17 -7.58
N LYS A 1108 -15.19 -95.75 -6.71
CA LYS A 1108 -15.81 -94.99 -5.64
C LYS A 1108 -14.80 -94.49 -4.63
N GLN A 1109 -13.67 -95.19 -4.47
CA GLN A 1109 -12.58 -94.67 -3.66
C GLN A 1109 -11.98 -93.42 -4.29
N ILE A 1110 -11.82 -93.42 -5.62
CA ILE A 1110 -11.28 -92.25 -6.31
C ILE A 1110 -12.25 -91.07 -6.22
N LYS A 1111 -13.55 -91.34 -6.36
CA LYS A 1111 -14.56 -90.29 -6.21
C LYS A 1111 -14.57 -89.73 -4.79
N GLN A 1112 -14.42 -90.61 -3.79
CA GLN A 1112 -14.42 -90.17 -2.40
C GLN A 1112 -13.16 -89.37 -2.07
N ASP A 1113 -12.01 -89.79 -2.62
CA ASP A 1113 -10.76 -89.10 -2.33
C ASP A 1113 -10.67 -87.75 -3.03
N LEU A 1114 -11.00 -87.71 -4.32
CA LEU A 1114 -10.81 -86.48 -5.10
C LEU A 1114 -11.80 -85.40 -4.69
N ASP A 1115 -13.00 -85.78 -4.25
CA ASP A 1115 -13.92 -84.82 -3.68
C ASP A 1115 -13.53 -84.38 -2.27
N GLN A 1116 -12.74 -85.20 -1.57
CA GLN A 1116 -12.27 -84.82 -0.24
C GLN A 1116 -11.18 -83.75 -0.32
N LEU A 1117 -10.39 -83.75 -1.41
CA LEU A 1117 -9.34 -82.75 -1.60
C LEU A 1117 -9.89 -81.37 -1.89
N ARG A 1118 -11.19 -81.22 -2.11
CA ARG A 1118 -11.79 -79.90 -2.30
C ARG A 1118 -11.66 -79.05 -1.03
N SER A 1119 -11.62 -79.68 0.14
CA SER A 1119 -11.40 -78.96 1.38
C SER A 1119 -9.94 -78.56 1.57
N ILE A 1120 -9.03 -79.08 0.76
CA ILE A 1120 -7.61 -78.77 0.88
C ILE A 1120 -7.26 -78.01 -0.41
N VAL A 1121 -8.23 -77.26 -0.93
CA VAL A 1121 -8.02 -76.39 -2.08
C VAL A 1121 -7.87 -74.94 -1.65
N GLU A 1122 -8.79 -74.45 -0.82
CA GLU A 1122 -8.75 -73.08 -0.35
C GLU A 1122 -7.96 -72.89 0.94
N LYS A 1123 -7.64 -73.99 1.64
CA LYS A 1123 -6.92 -73.91 2.90
C LYS A 1123 -6.07 -75.16 3.08
N SER A 1124 -5.05 -75.05 3.92
CA SER A 1124 -4.21 -76.18 4.27
C SER A 1124 -4.12 -76.45 5.76
N GLU A 1125 -4.38 -75.44 6.60
CA GLU A 1125 -4.34 -75.62 8.04
C GLU A 1125 -5.69 -75.26 8.66
N SER A 1165 -5.33 -78.43 12.00
CA SER A 1165 -4.32 -79.00 11.12
C SER A 1165 -4.63 -80.46 10.80
N TYR A 1166 -5.91 -80.74 10.55
CA TYR A 1166 -6.34 -82.09 10.19
C TYR A 1166 -5.83 -82.49 8.81
N ASN A 1167 -5.60 -81.52 7.93
CA ASN A 1167 -5.24 -81.80 6.55
C ASN A 1167 -3.89 -82.50 6.43
N TYR A 1168 -2.93 -82.14 7.28
CA TYR A 1168 -1.59 -82.73 7.20
C TYR A 1168 -1.59 -84.18 7.65
N ARG A 1169 -2.49 -84.56 8.56
CA ARG A 1169 -2.58 -85.94 9.00
C ARG A 1169 -3.26 -86.85 7.97
N VAL A 1170 -3.82 -86.30 6.91
CA VAL A 1170 -4.57 -87.09 5.94
C VAL A 1170 -4.06 -86.94 4.51
N VAL A 1171 -3.37 -85.85 4.16
CA VAL A 1171 -2.97 -85.64 2.77
C VAL A 1171 -1.88 -86.63 2.35
N LYS A 1172 -0.93 -86.92 3.25
CA LYS A 1172 0.11 -87.89 2.94
C LYS A 1172 -0.47 -89.28 2.73
N GLU A 1173 -1.41 -89.66 3.60
CA GLU A 1173 -2.05 -90.97 3.50
C GLU A 1173 -2.92 -91.08 2.25
N ILE A 1174 -3.57 -89.98 1.86
CA ILE A 1174 -4.48 -90.06 0.73
C ILE A 1174 -3.71 -90.04 -0.60
N LEU A 1175 -2.57 -89.34 -0.66
CA LEU A 1175 -1.70 -89.49 -1.82
C LEU A 1175 -1.04 -90.86 -1.86
N ILE A 1176 -0.74 -91.46 -0.70
CA ILE A 1176 -0.25 -92.83 -0.69
C ILE A 1176 -1.30 -93.79 -1.25
N ARG A 1177 -2.56 -93.63 -0.82
CA ARG A 1177 -3.64 -94.50 -1.28
C ARG A 1177 -3.89 -94.32 -2.78
N LEU A 1178 -3.96 -93.08 -3.24
CA LEU A 1178 -4.27 -92.86 -4.65
C LEU A 1178 -3.10 -93.26 -5.53
N SER A 1179 -1.86 -93.10 -5.05
CA SER A 1179 -0.70 -93.55 -5.78
C SER A 1179 -0.63 -95.07 -5.88
N LYS A 1180 -0.91 -95.77 -4.77
CA LYS A 1180 -0.84 -97.23 -4.81
C LYS A 1180 -1.99 -97.81 -5.63
N LEU A 1181 -3.15 -97.15 -5.66
CA LEU A 1181 -4.20 -97.58 -6.56
C LEU A 1181 -3.91 -97.24 -8.02
N CYS A 1182 -3.13 -96.19 -8.27
CA CYS A 1182 -2.71 -95.87 -9.63
C CYS A 1182 -1.62 -96.81 -10.14
N VAL A 1183 -0.75 -97.30 -9.25
CA VAL A 1183 0.41 -98.09 -9.65
C VAL A 1183 0.10 -99.59 -9.55
N GLN A 1184 -1.18 -99.95 -9.52
CA GLN A 1184 -1.60 -101.33 -9.36
C GLN A 1184 -1.16 -102.20 -10.54
N GLU A 1185 -0.95 -103.48 -10.26
CA GLU A 1185 -0.48 -104.48 -11.23
C GLU A 1185 0.83 -104.06 -11.88
N SER A 1186 1.79 -103.68 -11.04
CA SER A 1186 3.09 -103.24 -11.54
C SER A 1186 3.90 -104.40 -12.12
N ALA A 1187 3.66 -105.62 -11.63
CA ALA A 1187 4.33 -106.79 -12.18
C ALA A 1187 3.74 -107.21 -13.52
N SER A 1188 2.59 -106.66 -13.90
CA SER A 1188 1.96 -106.98 -15.17
C SER A 1188 2.57 -106.12 -16.27
N VAL A 1189 1.95 -106.12 -17.45
CA VAL A 1189 2.47 -105.36 -18.58
C VAL A 1189 2.19 -103.87 -18.44
N ARG A 1190 1.33 -103.47 -17.49
CA ARG A 1190 0.97 -102.09 -17.20
C ARG A 1190 0.33 -101.38 -18.40
N LYS A 1191 -0.22 -102.15 -19.34
CA LYS A 1191 -0.91 -101.55 -20.48
C LYS A 1191 -2.42 -101.51 -20.25
N SER A 1192 -3.04 -102.68 -20.03
CA SER A 1192 -4.48 -102.72 -19.87
C SER A 1192 -4.91 -102.33 -18.47
N ARG A 1193 -4.20 -102.82 -17.44
CA ARG A 1193 -4.62 -102.57 -16.07
C ARG A 1193 -4.32 -101.15 -15.62
N LYS A 1194 -3.31 -100.51 -16.19
CA LYS A 1194 -3.08 -99.10 -15.88
C LYS A 1194 -4.11 -98.21 -16.57
N GLN A 1195 -4.44 -98.52 -17.83
CA GLN A 1195 -5.34 -97.67 -18.60
C GLN A 1195 -6.77 -97.70 -18.08
N GLN A 1196 -7.19 -98.83 -17.51
CA GLN A 1196 -8.58 -99.02 -17.10
C GLN A 1196 -8.98 -98.21 -15.88
N GLN A 1197 -8.05 -97.44 -15.28
CA GLN A 1197 -8.41 -96.26 -14.52
C GLN A 1197 -7.62 -95.01 -14.93
N ARG A 1198 -6.58 -95.15 -15.76
CA ARG A 1198 -5.88 -93.98 -16.27
C ARG A 1198 -6.78 -93.14 -17.16
N LEU A 1199 -7.61 -93.78 -17.99
CA LEU A 1199 -8.72 -93.10 -18.63
C LEU A 1199 -9.65 -92.48 -17.61
N LEU A 1200 -9.99 -93.22 -16.56
CA LEU A 1200 -10.94 -92.78 -15.56
C LEU A 1200 -10.42 -91.64 -14.69
N ARG A 1201 -9.10 -91.49 -14.58
CA ARG A 1201 -8.54 -90.39 -13.79
C ARG A 1201 -8.07 -89.22 -14.64
N ASN A 1202 -8.34 -89.22 -15.96
CA ASN A 1202 -8.19 -87.97 -16.70
C ASN A 1202 -9.26 -86.96 -16.31
N MET A 1203 -10.41 -87.45 -15.84
CA MET A 1203 -11.51 -86.57 -15.47
C MET A 1203 -11.49 -86.31 -13.96
N GLY A 1204 -10.43 -85.66 -13.51
CA GLY A 1204 -10.43 -85.14 -12.15
C GLY A 1204 -9.18 -85.31 -11.30
N ALA A 1205 -8.18 -86.04 -11.79
CA ALA A 1205 -6.98 -86.28 -10.98
C ALA A 1205 -5.77 -85.43 -11.40
N HIS A 1206 -5.81 -84.81 -12.57
CA HIS A 1206 -4.73 -83.92 -12.99
C HIS A 1206 -4.95 -82.48 -12.58
N ALA A 1207 -6.21 -82.09 -12.34
CA ALA A 1207 -6.55 -80.74 -11.90
C ALA A 1207 -6.81 -80.69 -10.40
N VAL A 1208 -6.13 -81.54 -9.64
CA VAL A 1208 -6.22 -81.54 -8.18
C VAL A 1208 -4.81 -81.43 -7.60
N VAL A 1209 -3.90 -82.28 -8.07
CA VAL A 1209 -2.58 -82.34 -7.48
C VAL A 1209 -1.69 -81.22 -8.02
N LEU A 1210 -2.00 -80.67 -9.20
CA LEU A 1210 -1.12 -79.67 -9.79
C LEU A 1210 -1.26 -78.32 -9.11
N GLU A 1211 -2.49 -77.91 -8.79
CA GLU A 1211 -2.67 -76.67 -8.04
C GLU A 1211 -2.35 -76.85 -6.55
N LEU A 1212 -2.32 -78.10 -6.07
CA LEU A 1212 -1.78 -78.36 -4.75
C LEU A 1212 -0.30 -78.09 -4.72
N LEU A 1213 0.40 -78.32 -5.83
CA LEU A 1213 1.81 -78.02 -5.93
C LEU A 1213 2.09 -76.53 -5.95
N GLN A 1214 1.09 -75.70 -6.27
CA GLN A 1214 1.25 -74.26 -6.20
C GLN A 1214 1.52 -73.80 -4.77
N ILE A 1215 0.76 -74.36 -3.82
CA ILE A 1215 0.89 -74.27 -2.35
C ILE A 1215 1.21 -72.85 -1.88
N PRO A 1216 0.21 -71.96 -1.84
CA PRO A 1216 0.48 -70.58 -1.39
C PRO A 1216 1.01 -70.48 0.03
N TYR A 1217 0.71 -71.45 0.90
CA TYR A 1217 1.33 -71.52 2.21
C TYR A 1217 2.77 -72.04 2.06
N GLU A 1218 3.73 -71.13 1.97
CA GLU A 1218 5.12 -71.48 1.68
C GLU A 1218 5.99 -71.19 2.90
N LYS A 1219 6.69 -72.23 3.36
CA LYS A 1219 7.75 -72.10 4.34
C LYS A 1219 9.01 -72.74 3.76
N ALA A 1220 10.10 -71.98 3.74
CA ALA A 1220 11.33 -72.39 3.06
C ALA A 1220 12.18 -73.34 3.90
N GLU A 1221 11.82 -73.56 5.16
CA GLU A 1221 12.60 -74.43 6.03
C GLU A 1221 12.21 -75.89 5.80
N ASP A 1222 13.03 -76.79 6.34
CA ASP A 1222 12.74 -78.22 6.28
C ASP A 1222 11.62 -78.54 7.25
N THR A 1223 10.40 -78.67 6.73
CA THR A 1223 9.21 -78.83 7.56
C THR A 1223 8.44 -80.07 7.17
N LYS A 1224 7.21 -80.20 7.66
CA LYS A 1224 6.37 -81.36 7.40
C LYS A 1224 5.72 -81.35 6.03
N MET A 1225 5.96 -80.32 5.21
CA MET A 1225 5.48 -80.31 3.84
C MET A 1225 6.53 -80.75 2.83
N GLN A 1226 7.75 -81.08 3.28
CA GLN A 1226 8.80 -81.50 2.36
C GLN A 1226 8.56 -82.89 1.79
N GLU A 1227 7.92 -83.78 2.57
CA GLU A 1227 7.60 -85.11 2.07
C GLU A 1227 6.32 -85.13 1.24
N ILE A 1228 5.50 -84.08 1.30
CA ILE A 1228 4.27 -84.05 0.53
C ILE A 1228 4.56 -83.90 -0.95
N MET A 1229 5.48 -82.99 -1.29
CA MET A 1229 5.72 -82.67 -2.70
C MET A 1229 6.58 -83.71 -3.39
N ARG A 1230 7.39 -84.46 -2.65
CA ARG A 1230 8.12 -85.57 -3.26
C ARG A 1230 7.16 -86.69 -3.64
N LEU A 1231 6.13 -86.93 -2.83
CA LEU A 1231 5.08 -87.88 -3.21
C LEU A 1231 4.27 -87.36 -4.39
N ALA A 1232 4.05 -86.04 -4.47
CA ALA A 1232 3.38 -85.47 -5.62
C ALA A 1232 4.20 -85.64 -6.90
N HIS A 1233 5.52 -85.46 -6.81
CA HIS A 1233 6.37 -85.71 -7.96
C HIS A 1233 6.43 -87.18 -8.32
N GLU A 1234 6.41 -88.06 -7.31
CA GLU A 1234 6.36 -89.50 -7.56
C GLU A 1234 5.07 -89.87 -8.29
N PHE A 1235 3.95 -89.25 -7.91
CA PHE A 1235 2.72 -89.41 -8.65
C PHE A 1235 2.83 -88.87 -10.07
N LEU A 1236 3.48 -87.72 -10.24
CA LEU A 1236 3.60 -87.14 -11.57
C LEU A 1236 4.47 -87.99 -12.48
N GLN A 1237 5.42 -88.74 -11.92
CA GLN A 1237 6.07 -89.79 -12.68
C GLN A 1237 5.11 -90.96 -12.98
N ASN A 1238 4.45 -91.49 -11.95
CA ASN A 1238 3.77 -92.78 -12.15
C ASN A 1238 2.43 -92.64 -12.87
N PHE A 1239 1.71 -91.54 -12.66
CA PHE A 1239 0.47 -91.30 -13.40
C PHE A 1239 0.73 -91.13 -14.89
N CYS A 1240 1.76 -90.35 -15.24
CA CYS A 1240 2.04 -90.05 -16.63
C CYS A 1240 3.15 -90.95 -17.19
N ALA A 1241 3.26 -92.17 -16.65
CA ALA A 1241 4.13 -93.20 -17.20
C ALA A 1241 3.40 -94.11 -18.18
N GLY A 1242 2.34 -93.61 -18.82
CA GLY A 1242 1.56 -94.38 -19.76
C GLY A 1242 1.87 -94.04 -21.20
N ASN A 1243 1.03 -93.21 -21.80
CA ASN A 1243 1.16 -92.88 -23.22
C ASN A 1243 1.07 -91.36 -23.36
N GLN A 1244 0.88 -90.89 -24.59
CA GLN A 1244 0.96 -89.47 -24.90
C GLN A 1244 -0.30 -88.69 -24.57
N GLN A 1245 -1.37 -89.36 -24.13
CA GLN A 1245 -2.62 -88.71 -23.78
C GLN A 1245 -2.44 -87.72 -22.63
N ASN A 1246 -2.08 -88.22 -21.45
CA ASN A 1246 -1.85 -87.35 -20.31
C ASN A 1246 -0.58 -86.52 -20.47
N GLN A 1247 0.38 -86.96 -21.29
CA GLN A 1247 1.53 -86.13 -21.62
C GLN A 1247 1.09 -84.83 -22.31
N ALA A 1248 0.24 -84.95 -23.35
CA ALA A 1248 -0.27 -83.77 -24.03
C ALA A 1248 -1.26 -83.03 -23.15
N LEU A 1249 -1.92 -83.73 -22.23
CA LEU A 1249 -2.83 -83.05 -21.31
C LEU A 1249 -2.09 -82.11 -20.36
N LEU A 1250 -0.96 -82.56 -19.80
CA LEU A 1250 -0.23 -81.72 -18.85
C LEU A 1250 0.90 -80.92 -19.49
N HIS A 1251 1.13 -81.08 -20.80
CA HIS A 1251 2.22 -80.34 -21.45
C HIS A 1251 1.92 -78.84 -21.56
N LYS A 1252 0.66 -78.44 -21.55
CA LYS A 1252 0.32 -77.04 -21.66
C LYS A 1252 0.50 -76.27 -20.35
N HIS A 1253 0.69 -76.97 -19.23
CA HIS A 1253 0.95 -76.36 -17.94
C HIS A 1253 2.42 -76.42 -17.58
N ILE A 1254 3.30 -76.40 -18.59
CA ILE A 1254 4.74 -76.50 -18.38
C ILE A 1254 5.37 -75.19 -17.93
N ASN A 1255 4.61 -74.09 -17.97
CA ASN A 1255 5.14 -72.78 -17.62
C ASN A 1255 5.20 -72.54 -16.11
N LEU A 1256 4.69 -73.48 -15.30
CA LEU A 1256 4.76 -73.36 -13.86
C LEU A 1256 5.74 -74.34 -13.23
N PHE A 1257 6.57 -75.02 -14.02
CA PHE A 1257 7.74 -75.75 -13.55
C PHE A 1257 8.96 -74.99 -14.08
N LEU A 1258 9.35 -73.92 -13.39
CA LEU A 1258 10.41 -73.05 -13.90
C LEU A 1258 11.63 -72.97 -13.00
N ASN A 1259 11.47 -72.63 -11.73
CA ASN A 1259 12.61 -72.15 -10.95
C ASN A 1259 13.56 -73.18 -10.33
N PRO A 1260 13.11 -74.30 -9.65
CA PRO A 1260 14.05 -75.01 -8.77
C PRO A 1260 15.17 -75.76 -9.48
N GLY A 1261 14.84 -76.59 -10.48
CA GLY A 1261 15.83 -77.33 -11.22
C GLY A 1261 16.50 -78.46 -10.47
N ILE A 1262 16.07 -78.75 -9.24
CA ILE A 1262 16.65 -79.81 -8.44
C ILE A 1262 15.62 -80.90 -8.12
N LEU A 1263 14.38 -80.52 -7.86
CA LEU A 1263 13.31 -81.47 -7.58
C LEU A 1263 12.25 -81.54 -8.67
N GLU A 1264 11.89 -80.41 -9.29
CA GLU A 1264 10.98 -80.40 -10.43
C GLU A 1264 11.69 -80.76 -11.73
N ALA A 1265 13.02 -80.84 -11.73
CA ALA A 1265 13.74 -81.16 -12.95
C ALA A 1265 13.54 -82.61 -13.36
N VAL A 1266 13.48 -83.54 -12.40
CA VAL A 1266 13.28 -84.95 -12.71
C VAL A 1266 11.89 -85.20 -13.26
N THR A 1267 10.93 -84.30 -12.99
CA THR A 1267 9.61 -84.40 -13.59
C THR A 1267 9.69 -84.30 -15.11
N MET A 1268 10.36 -83.25 -15.61
CA MET A 1268 10.54 -83.12 -17.06
C MET A 1268 11.48 -84.18 -17.62
N GLN A 1269 12.33 -84.77 -16.77
CA GLN A 1269 13.09 -85.94 -17.21
C GLN A 1269 12.17 -87.12 -17.48
N HIS A 1270 11.13 -87.29 -16.67
CA HIS A 1270 10.16 -88.36 -16.86
C HIS A 1270 8.84 -87.86 -17.44
N ILE A 1271 8.87 -86.77 -18.20
CA ILE A 1271 7.77 -86.39 -19.08
C ILE A 1271 8.13 -86.56 -20.54
N PHE A 1272 9.31 -86.07 -20.94
CA PHE A 1272 9.80 -86.21 -22.32
C PHE A 1272 10.64 -87.47 -22.47
N MET A 1273 10.04 -88.62 -22.18
CA MET A 1273 10.83 -89.85 -22.14
C MET A 1273 11.08 -90.43 -23.53
N ASN A 1274 10.04 -90.66 -24.33
CA ASN A 1274 10.25 -91.25 -25.65
C ASN A 1274 9.31 -90.69 -26.73
N ASN A 1275 8.48 -89.71 -26.42
CA ASN A 1275 7.48 -89.24 -27.37
C ASN A 1275 8.11 -88.44 -28.50
N PHE A 1276 7.48 -88.51 -29.67
CA PHE A 1276 7.96 -87.88 -30.88
C PHE A 1276 7.19 -86.62 -31.26
N GLN A 1277 5.86 -86.64 -31.12
CA GLN A 1277 5.02 -85.53 -31.51
C GLN A 1277 5.02 -84.40 -30.48
N LEU A 1278 5.67 -84.59 -29.34
CA LEU A 1278 5.80 -83.54 -28.32
C LEU A 1278 7.22 -83.01 -28.19
N CYS A 1279 8.23 -83.78 -28.61
CA CYS A 1279 9.63 -83.41 -28.44
C CYS A 1279 10.20 -82.70 -29.67
N SER A 1280 9.38 -81.98 -30.42
CA SER A 1280 9.89 -81.26 -31.58
C SER A 1280 9.31 -79.86 -31.76
N GLU A 1281 8.42 -79.40 -30.88
CA GLU A 1281 7.77 -78.10 -31.03
C GLU A 1281 8.09 -77.16 -29.87
N ILE A 1282 9.15 -77.44 -29.11
CA ILE A 1282 9.48 -76.62 -27.95
C ILE A 1282 10.08 -75.30 -28.42
N ASN A 1283 9.44 -74.20 -28.06
CA ASN A 1283 9.94 -72.88 -28.38
C ASN A 1283 11.08 -72.52 -27.42
N GLU A 1284 11.85 -71.50 -27.80
CA GLU A 1284 13.06 -71.12 -27.08
C GLU A 1284 12.71 -70.25 -25.86
N ARG A 1285 12.06 -70.88 -24.88
CA ARG A 1285 11.72 -70.21 -23.63
C ARG A 1285 11.90 -71.05 -22.37
N VAL A 1286 12.29 -72.32 -22.48
CA VAL A 1286 12.53 -73.17 -21.31
C VAL A 1286 13.93 -73.77 -21.34
N VAL A 1287 14.35 -74.30 -22.48
CA VAL A 1287 15.62 -75.02 -22.55
C VAL A 1287 16.80 -74.05 -22.37
N GLN A 1288 16.70 -72.83 -22.92
CA GLN A 1288 17.74 -71.84 -22.68
C GLN A 1288 17.70 -71.31 -21.26
N HIS A 1289 16.51 -71.26 -20.66
CA HIS A 1289 16.40 -70.93 -19.23
C HIS A 1289 17.15 -71.96 -18.39
N PHE A 1290 17.04 -73.23 -18.75
CA PHE A 1290 17.78 -74.27 -18.04
C PHE A 1290 19.28 -74.22 -18.35
N VAL A 1291 19.66 -73.76 -19.55
CA VAL A 1291 21.07 -73.56 -19.86
C VAL A 1291 21.65 -72.48 -18.95
N HIS A 1292 20.94 -71.37 -18.78
CA HIS A 1292 21.39 -70.36 -17.82
C HIS A 1292 21.26 -70.84 -16.38
N CYS A 1293 20.37 -71.80 -16.12
CA CYS A 1293 20.26 -72.39 -14.79
C CYS A 1293 21.39 -73.38 -14.49
N ILE A 1294 22.10 -73.86 -15.51
CA ILE A 1294 23.32 -74.64 -15.26
C ILE A 1294 24.35 -73.77 -14.56
N GLU A 1295 24.54 -72.55 -15.05
CA GLU A 1295 25.31 -71.58 -14.30
C GLU A 1295 24.46 -71.01 -13.17
N THR A 1296 25.14 -70.29 -12.27
CA THR A 1296 24.58 -69.54 -11.14
C THR A 1296 23.85 -70.40 -10.13
N HIS A 1297 23.85 -71.72 -10.26
CA HIS A 1297 23.22 -72.60 -9.28
C HIS A 1297 24.06 -73.80 -8.92
N GLY A 1298 24.98 -74.21 -9.76
CA GLY A 1298 25.77 -75.40 -9.54
C GLY A 1298 25.50 -76.44 -10.61
N ARG A 1299 26.55 -77.17 -10.98
CA ARG A 1299 26.48 -78.19 -12.01
C ARG A 1299 26.05 -79.50 -11.37
N ASN A 1300 24.82 -79.93 -11.65
CA ASN A 1300 24.24 -81.10 -11.01
C ASN A 1300 24.46 -82.33 -11.89
N VAL A 1301 25.07 -83.37 -11.31
CA VAL A 1301 25.20 -84.64 -12.01
C VAL A 1301 23.83 -85.27 -12.21
N GLN A 1302 22.94 -85.10 -11.24
CA GLN A 1302 21.58 -85.64 -11.34
C GLN A 1302 20.82 -85.00 -12.49
N TYR A 1303 21.06 -83.71 -12.74
CA TYR A 1303 20.33 -83.00 -13.80
C TYR A 1303 20.83 -83.35 -15.20
N ILE A 1304 22.14 -83.45 -15.40
CA ILE A 1304 22.74 -83.34 -16.74
C ILE A 1304 22.44 -84.52 -17.65
N LYS A 1305 21.69 -85.51 -17.16
CA LYS A 1305 21.18 -86.55 -18.03
C LYS A 1305 19.89 -86.14 -18.74
N PHE A 1306 19.38 -84.93 -18.48
CA PHE A 1306 18.21 -84.43 -19.19
C PHE A 1306 18.54 -84.04 -20.63
N LEU A 1307 19.77 -83.56 -20.88
CA LEU A 1307 20.06 -82.83 -22.10
C LEU A 1307 20.05 -83.69 -23.36
N GLN A 1308 19.96 -85.02 -23.23
CA GLN A 1308 19.73 -85.88 -24.39
C GLN A 1308 18.29 -86.32 -24.54
N THR A 1309 17.48 -86.21 -23.48
CA THR A 1309 16.11 -86.69 -23.54
C THR A 1309 15.22 -85.79 -24.38
N ILE A 1310 15.33 -84.47 -24.21
CA ILE A 1310 14.43 -83.55 -24.91
C ILE A 1310 14.77 -83.49 -26.39
N VAL A 1311 16.04 -83.62 -26.75
CA VAL A 1311 16.48 -83.39 -28.12
C VAL A 1311 16.47 -84.70 -28.89
N LYS A 1312 17.14 -85.71 -28.35
CA LYS A 1312 17.39 -86.96 -29.06
C LYS A 1312 16.32 -87.98 -28.70
N ALA A 1313 15.35 -88.16 -29.60
CA ALA A 1313 14.46 -89.30 -29.50
C ALA A 1313 15.16 -90.54 -30.05
N GLU A 1314 14.62 -91.71 -29.71
CA GLU A 1314 15.22 -92.95 -30.18
C GLU A 1314 14.99 -93.12 -31.68
N GLY A 1315 16.00 -93.62 -32.37
CA GLY A 1315 15.92 -93.83 -33.80
C GLY A 1315 16.10 -92.58 -34.63
N LYS A 1316 15.26 -91.57 -34.40
CA LYS A 1316 15.22 -90.35 -35.20
C LYS A 1316 15.92 -89.23 -34.46
N PHE A 1317 16.79 -88.50 -35.16
CA PHE A 1317 17.49 -87.34 -34.62
C PHE A 1317 17.25 -86.17 -35.56
N ILE A 1318 16.55 -85.15 -35.07
CA ILE A 1318 16.20 -84.01 -35.92
C ILE A 1318 17.35 -83.01 -35.97
N LYS A 1319 17.39 -82.25 -37.05
CA LYS A 1319 18.56 -81.42 -37.37
C LYS A 1319 18.47 -80.04 -36.72
N LYS A 1320 17.27 -79.45 -36.67
CA LYS A 1320 17.13 -78.08 -36.19
C LYS A 1320 17.39 -78.00 -34.68
N CYS A 1321 16.87 -78.96 -33.91
CA CYS A 1321 17.07 -78.94 -32.46
C CYS A 1321 18.54 -79.14 -32.11
N GLN A 1322 19.23 -80.03 -32.83
CA GLN A 1322 20.65 -80.22 -32.61
C GLN A 1322 21.44 -78.96 -32.96
N ASP A 1323 21.03 -78.25 -34.01
CA ASP A 1323 21.68 -77.00 -34.38
C ASP A 1323 21.48 -75.94 -33.29
N MET A 1324 20.29 -75.84 -32.72
CA MET A 1324 20.03 -74.81 -31.73
C MET A 1324 20.48 -75.20 -30.33
N VAL A 1325 20.83 -76.46 -30.09
CA VAL A 1325 21.51 -76.80 -28.83
C VAL A 1325 23.02 -76.84 -28.97
N MET A 1326 23.56 -76.89 -30.20
CA MET A 1326 25.01 -76.85 -30.36
C MET A 1326 25.55 -75.45 -30.14
N ALA A 1327 24.85 -74.43 -30.62
CA ALA A 1327 25.36 -73.05 -30.59
C ALA A 1327 25.32 -72.46 -29.18
N GLU A 1328 24.37 -72.90 -28.34
CA GLU A 1328 24.26 -72.33 -27.01
C GLU A 1328 25.39 -72.80 -26.09
N LEU A 1329 25.94 -73.99 -26.33
CA LEU A 1329 27.04 -74.49 -25.52
C LEU A 1329 28.29 -73.63 -25.71
N VAL A 1330 28.56 -73.22 -26.95
CA VAL A 1330 29.68 -72.32 -27.21
C VAL A 1330 29.35 -70.92 -26.69
N ASN A 1331 28.10 -70.48 -26.84
CA ASN A 1331 27.72 -69.12 -26.46
C ASN A 1331 27.77 -68.92 -24.95
N SER A 1332 27.27 -69.91 -24.18
CA SER A 1332 27.23 -69.76 -22.73
C SER A 1332 28.62 -69.84 -22.13
N GLY A 1333 29.44 -70.78 -22.59
CA GLY A 1333 30.83 -70.86 -22.15
C GLY A 1333 31.13 -71.54 -20.83
N GLU A 1334 30.35 -71.23 -19.79
CA GLU A 1334 30.58 -71.76 -18.45
C GLU A 1334 29.77 -73.03 -18.17
N ASP A 1335 29.50 -73.83 -19.20
CA ASP A 1335 28.78 -75.08 -19.02
C ASP A 1335 29.69 -76.15 -18.40
N VAL A 1336 29.16 -77.36 -18.28
CA VAL A 1336 29.93 -78.47 -17.73
C VAL A 1336 30.95 -78.91 -18.76
N LEU A 1337 32.20 -78.49 -18.59
CA LEU A 1337 33.27 -78.79 -19.52
C LEU A 1337 33.98 -80.07 -19.10
N VAL A 1338 34.49 -80.81 -20.09
CA VAL A 1338 35.21 -82.03 -19.80
C VAL A 1338 36.69 -81.75 -19.52
N PHE A 1339 37.14 -80.52 -19.77
CA PHE A 1339 38.55 -80.16 -19.63
C PHE A 1339 38.93 -80.07 -18.16
N TYR A 1340 39.51 -81.14 -17.65
CA TYR A 1340 40.00 -81.26 -16.28
C TYR A 1340 41.45 -81.73 -16.29
N ASN A 1341 42.30 -81.00 -17.02
CA ASN A 1341 43.60 -81.43 -17.54
C ASN A 1341 44.51 -82.17 -16.57
N ASP A 1342 45.43 -82.97 -17.12
CA ASP A 1342 46.01 -84.21 -16.59
C ASP A 1342 46.18 -84.29 -15.09
N ARG A 1343 46.65 -83.21 -14.46
CA ARG A 1343 46.83 -83.21 -13.01
C ARG A 1343 45.52 -83.41 -12.27
N ALA A 1344 44.40 -82.94 -12.82
CA ALA A 1344 43.13 -82.98 -12.11
C ALA A 1344 42.33 -84.26 -12.35
N SER A 1345 42.06 -84.59 -13.62
CA SER A 1345 41.16 -85.70 -13.92
C SER A 1345 41.78 -87.07 -13.65
N PHE A 1346 43.10 -87.14 -13.44
CA PHE A 1346 43.72 -88.43 -13.21
C PHE A 1346 43.37 -88.99 -11.84
N GLN A 1347 43.70 -88.25 -10.78
CA GLN A 1347 43.52 -88.77 -9.43
C GLN A 1347 42.06 -88.78 -9.00
N THR A 1348 41.22 -87.96 -9.63
CA THR A 1348 39.80 -87.97 -9.29
C THR A 1348 39.11 -89.23 -9.80
N LEU A 1349 39.37 -89.61 -11.05
CA LEU A 1349 38.64 -90.72 -11.66
C LEU A 1349 39.12 -92.07 -11.15
N ILE A 1350 40.42 -92.21 -10.87
CA ILE A 1350 40.93 -93.49 -10.39
C ILE A 1350 40.49 -93.75 -8.95
N GLN A 1351 40.24 -92.68 -8.19
CA GLN A 1351 39.70 -92.85 -6.84
C GLN A 1351 38.19 -92.90 -6.81
N MET A 1352 37.53 -92.47 -7.89
CA MET A 1352 36.07 -92.51 -7.94
C MET A 1352 35.56 -93.93 -8.16
N MET A 1353 36.26 -94.69 -9.01
CA MET A 1353 35.76 -96.02 -9.40
C MET A 1353 36.34 -97.12 -8.51
N ARG A 1354 37.62 -97.02 -8.15
CA ARG A 1354 38.26 -98.10 -7.41
C ARG A 1354 37.85 -98.12 -5.94
N SER A 1355 37.69 -96.94 -5.32
CA SER A 1355 37.39 -96.90 -3.90
C SER A 1355 35.94 -97.30 -3.61
N GLU A 1356 35.00 -96.83 -4.43
CA GLU A 1356 33.59 -97.12 -4.23
C GLU A 1356 32.98 -97.61 -5.55
N ARG A 1357 32.02 -98.52 -5.43
CA ARG A 1357 31.34 -99.11 -6.57
C ARG A 1357 29.82 -98.97 -6.39
N ASP A 1358 29.07 -99.60 -7.28
CA ASP A 1358 27.61 -99.56 -7.24
C ASP A 1358 27.10 -98.13 -7.36
N ARG A 1359 27.76 -97.32 -8.20
CA ARG A 1359 27.45 -95.94 -8.50
C ARG A 1359 27.93 -94.98 -7.41
N MET A 1360 28.53 -95.48 -6.33
CA MET A 1360 29.04 -94.62 -5.26
C MET A 1360 28.01 -93.57 -4.85
N ASP A 1361 26.88 -94.08 -4.33
CA ASP A 1361 25.78 -93.23 -3.91
C ASP A 1361 25.21 -92.44 -5.08
N GLU A 1362 24.93 -93.15 -6.18
CA GLU A 1362 24.42 -92.54 -7.41
C GLU A 1362 25.49 -91.70 -8.09
N ASN A 1363 26.75 -92.00 -7.80
CA ASN A 1363 27.89 -91.30 -8.41
C ASN A 1363 27.60 -89.81 -8.51
N SER A 1364 27.38 -89.20 -7.35
CA SER A 1364 27.04 -87.77 -7.30
C SER A 1364 28.13 -87.01 -6.55
N PRO A 1365 29.39 -87.11 -6.98
CA PRO A 1365 30.45 -86.33 -6.33
C PRO A 1365 30.50 -84.88 -6.79
N LEU A 1366 29.89 -84.56 -7.93
CA LEU A 1366 29.81 -83.22 -8.51
C LEU A 1366 31.08 -82.83 -9.24
N PHE A 1367 32.11 -83.66 -9.25
CA PHE A 1367 33.36 -83.33 -9.92
C PHE A 1367 33.83 -84.42 -10.88
N MET A 1368 33.63 -85.69 -10.53
CA MET A 1368 34.07 -86.79 -11.38
C MET A 1368 32.94 -87.46 -12.14
N TYR A 1369 31.74 -87.55 -11.53
CA TYR A 1369 30.61 -88.15 -12.22
C TYR A 1369 29.92 -87.18 -13.16
N HIS A 1370 30.27 -85.89 -13.11
CA HIS A 1370 29.67 -84.92 -14.02
C HIS A 1370 30.03 -85.24 -15.47
N ILE A 1371 31.28 -85.64 -15.71
CA ILE A 1371 31.71 -85.94 -17.06
C ILE A 1371 30.95 -87.14 -17.61
N HIS A 1372 30.64 -88.12 -16.74
CA HIS A 1372 29.99 -89.34 -17.21
C HIS A 1372 28.66 -89.04 -17.88
N LEU A 1373 27.86 -88.16 -17.29
CA LEU A 1373 26.55 -87.81 -17.83
C LEU A 1373 26.60 -86.56 -18.70
N VAL A 1374 27.76 -86.28 -19.31
CA VAL A 1374 27.92 -85.13 -20.18
C VAL A 1374 27.90 -85.61 -21.63
N GLU A 1375 27.24 -86.74 -21.87
CA GLU A 1375 27.19 -87.33 -23.20
C GLU A 1375 26.49 -86.43 -24.23
N LEU A 1376 25.65 -85.50 -23.78
CA LEU A 1376 24.97 -84.61 -24.73
C LEU A 1376 25.97 -83.96 -25.67
N LEU A 1377 27.04 -83.39 -25.12
CA LEU A 1377 28.08 -82.79 -25.96
C LEU A 1377 28.92 -83.84 -26.68
N ALA A 1378 28.97 -85.07 -26.16
CA ALA A 1378 29.69 -86.16 -26.80
C ALA A 1378 28.86 -86.86 -27.86
N VAL A 1379 27.58 -87.15 -27.55
CA VAL A 1379 26.67 -87.73 -28.53
C VAL A 1379 25.84 -86.67 -29.24
N CYS A 1380 26.17 -85.38 -29.06
CA CYS A 1380 25.40 -84.32 -29.69
C CYS A 1380 25.34 -84.51 -31.21
N THR A 1381 26.50 -84.75 -31.83
CA THR A 1381 26.61 -84.98 -33.26
C THR A 1381 27.18 -86.36 -33.57
N GLU A 1382 26.79 -87.37 -32.78
CA GLU A 1382 27.38 -88.69 -32.90
C GLU A 1382 27.11 -89.32 -34.27
N GLY A 1383 25.85 -89.61 -34.57
CA GLY A 1383 25.55 -90.33 -35.80
C GLY A 1383 25.71 -89.53 -37.07
N LYS A 1384 24.81 -88.57 -37.31
CA LYS A 1384 24.90 -87.73 -38.49
C LYS A 1384 24.48 -86.28 -38.23
N ASN A 1385 24.15 -85.93 -36.99
CA ASN A 1385 23.67 -84.58 -36.67
C ASN A 1385 24.83 -83.64 -36.38
N VAL A 1386 25.57 -83.31 -37.43
CA VAL A 1386 26.74 -82.44 -37.34
C VAL A 1386 26.56 -81.33 -38.36
N TYR A 1387 25.96 -80.21 -37.95
CA TYR A 1387 25.87 -79.05 -38.82
C TYR A 1387 27.21 -78.31 -38.88
N THR A 1388 27.95 -78.27 -37.78
CA THR A 1388 29.26 -77.63 -37.74
C THR A 1388 30.09 -78.34 -36.68
N GLU A 1389 30.94 -79.27 -37.11
CA GLU A 1389 31.78 -80.02 -36.18
C GLU A 1389 33.04 -79.27 -35.78
N ILE A 1390 33.33 -78.14 -36.42
CA ILE A 1390 34.51 -77.36 -36.06
C ILE A 1390 34.39 -76.86 -34.63
N LYS A 1391 33.21 -76.38 -34.25
CA LYS A 1391 33.01 -75.88 -32.89
C LYS A 1391 33.22 -76.98 -31.86
N CYS A 1392 32.74 -78.19 -32.14
CA CYS A 1392 32.90 -79.30 -31.22
C CYS A 1392 34.35 -79.74 -31.08
N ASN A 1393 35.19 -79.47 -32.07
CA ASN A 1393 36.60 -79.82 -32.04
C ASN A 1393 37.48 -78.72 -31.46
N SER A 1394 37.15 -77.46 -31.76
CA SER A 1394 37.93 -76.34 -31.24
C SER A 1394 37.52 -75.99 -29.81
N LEU A 1395 36.25 -75.64 -29.61
CA LEU A 1395 35.77 -75.29 -28.28
C LEU A 1395 35.64 -76.52 -27.38
N LEU A 1396 35.54 -77.71 -27.95
CA LEU A 1396 35.42 -78.94 -27.17
C LEU A 1396 36.63 -79.83 -27.45
N PRO A 1397 36.74 -80.97 -26.77
CA PRO A 1397 37.91 -81.83 -27.00
C PRO A 1397 38.03 -82.21 -28.47
N LEU A 1398 39.28 -82.22 -28.96
CA LEU A 1398 39.52 -82.53 -30.36
C LEU A 1398 39.23 -83.98 -30.69
N ASP A 1399 39.29 -84.86 -29.70
CA ASP A 1399 39.09 -86.31 -29.81
C ASP A 1399 40.33 -87.02 -30.33
N ASP A 1400 41.40 -86.29 -30.65
CA ASP A 1400 42.65 -86.92 -31.07
C ASP A 1400 43.87 -86.31 -30.40
N ILE A 1401 43.73 -85.18 -29.71
CA ILE A 1401 44.82 -84.55 -28.97
C ILE A 1401 44.52 -84.47 -27.48
N VAL A 1402 43.28 -84.11 -27.12
CA VAL A 1402 42.88 -84.10 -25.72
C VAL A 1402 42.52 -85.50 -25.22
N ARG A 1403 42.04 -86.38 -26.10
CA ARG A 1403 41.73 -87.75 -25.68
C ARG A 1403 42.99 -88.47 -25.21
N VAL A 1404 44.09 -88.30 -25.93
CA VAL A 1404 45.34 -88.96 -25.58
C VAL A 1404 45.86 -88.45 -24.23
N VAL A 1405 45.65 -87.16 -23.95
CA VAL A 1405 46.18 -86.57 -22.72
C VAL A 1405 45.67 -87.33 -21.50
N THR A 1406 44.39 -87.69 -21.50
CA THR A 1406 43.79 -88.44 -20.41
C THR A 1406 43.90 -89.94 -20.60
N HIS A 1407 44.63 -90.41 -21.61
CA HIS A 1407 44.73 -91.82 -21.93
C HIS A 1407 45.86 -92.51 -21.19
N GLU A 1408 46.55 -91.82 -20.28
CA GLU A 1408 47.62 -92.46 -19.51
C GLU A 1408 47.09 -93.66 -18.73
N ASP A 1409 45.96 -93.49 -18.07
CA ASP A 1409 45.27 -94.56 -17.35
C ASP A 1409 43.88 -94.70 -17.98
N CYS A 1410 43.78 -95.52 -19.02
CA CYS A 1410 42.53 -95.66 -19.74
C CYS A 1410 41.42 -96.08 -18.80
N ILE A 1411 40.32 -95.34 -18.84
CA ILE A 1411 39.11 -95.64 -18.08
C ILE A 1411 38.02 -96.04 -19.07
N PRO A 1412 37.56 -97.29 -19.07
CA PRO A 1412 36.51 -97.67 -20.02
C PRO A 1412 35.26 -96.84 -19.89
N GLU A 1413 34.90 -96.43 -18.66
CA GLU A 1413 33.71 -95.62 -18.48
C GLU A 1413 33.79 -94.31 -19.26
N VAL A 1414 34.93 -93.65 -19.19
CA VAL A 1414 35.11 -92.42 -19.98
C VAL A 1414 35.17 -92.73 -21.47
N LYS A 1415 35.80 -93.86 -21.82
CA LYS A 1415 35.99 -94.19 -23.23
C LYS A 1415 34.65 -94.37 -23.94
N ILE A 1416 33.68 -95.02 -23.28
CA ILE A 1416 32.39 -95.28 -23.94
C ILE A 1416 31.76 -93.97 -24.38
N ALA A 1417 31.67 -93.00 -23.47
CA ALA A 1417 31.15 -91.68 -23.85
C ALA A 1417 32.19 -90.90 -24.64
N TYR A 1418 33.46 -90.94 -24.19
CA TYR A 1418 34.52 -90.25 -24.93
C TYR A 1418 34.75 -90.87 -26.29
N ILE A 1419 34.66 -92.19 -26.40
CA ILE A 1419 34.82 -92.85 -27.70
C ILE A 1419 33.68 -92.45 -28.62
N ASN A 1420 32.48 -92.27 -28.07
CA ASN A 1420 31.36 -91.78 -28.88
C ASN A 1420 31.68 -90.41 -29.48
N PHE A 1421 32.32 -89.55 -28.70
CA PHE A 1421 32.79 -88.27 -29.25
C PHE A 1421 33.79 -88.49 -30.37
N LEU A 1422 34.66 -89.50 -30.24
CA LEU A 1422 35.56 -89.84 -31.33
C LEU A 1422 34.78 -90.23 -32.58
N ASN A 1423 33.72 -91.02 -32.41
CA ASN A 1423 32.84 -91.33 -33.53
C ASN A 1423 32.12 -90.07 -34.01
N HIS A 1424 31.76 -89.18 -33.09
CA HIS A 1424 31.05 -87.97 -33.46
C HIS A 1424 31.87 -87.11 -34.42
N CYS A 1425 33.17 -86.95 -34.14
CA CYS A 1425 34.03 -86.13 -34.99
C CYS A 1425 34.69 -86.93 -36.09
N TYR A 1426 35.14 -88.16 -35.80
CA TYR A 1426 35.83 -88.96 -36.80
C TYR A 1426 35.10 -88.90 -38.14
N VAL A 1427 33.87 -89.42 -38.17
CA VAL A 1427 33.03 -89.30 -39.36
C VAL A 1427 31.58 -89.55 -38.95
N ASP A 1428 30.67 -88.68 -39.40
CA ASP A 1428 29.26 -88.95 -39.20
C ASP A 1428 28.90 -90.23 -39.96
N THR A 1429 28.94 -90.15 -41.29
CA THR A 1429 29.10 -91.33 -42.12
C THR A 1429 30.16 -91.15 -43.19
N GLU A 1430 30.20 -89.98 -43.84
CA GLU A 1430 31.25 -89.65 -44.81
C GLU A 1430 31.75 -88.22 -44.73
N VAL A 1431 30.99 -87.29 -44.15
CA VAL A 1431 31.22 -85.85 -44.37
C VAL A 1431 32.47 -85.32 -43.69
N GLU A 1432 33.05 -86.02 -42.73
CA GLU A 1432 34.20 -85.50 -42.03
C GLU A 1432 35.32 -85.17 -43.01
N MET A 1433 35.94 -84.00 -42.81
CA MET A 1433 37.06 -83.60 -43.65
C MET A 1433 38.19 -84.62 -43.53
N LYS A 1434 38.76 -84.98 -44.68
CA LYS A 1434 39.82 -86.00 -44.73
C LYS A 1434 41.08 -85.41 -44.10
N GLU A 1435 41.35 -85.81 -42.86
CA GLU A 1435 42.54 -85.37 -42.14
C GLU A 1435 43.40 -86.57 -41.79
N ILE A 1436 44.69 -86.50 -42.15
CA ILE A 1436 45.61 -87.59 -41.81
C ILE A 1436 45.72 -87.73 -40.30
N TYR A 1437 45.81 -86.61 -39.58
CA TYR A 1437 45.92 -86.67 -38.13
C TYR A 1437 44.70 -87.30 -37.49
N THR A 1438 43.51 -87.07 -38.05
CA THR A 1438 42.30 -87.64 -37.48
C THR A 1438 42.32 -89.16 -37.50
N SER A 1439 42.81 -89.76 -38.58
CA SER A 1439 42.90 -91.21 -38.71
C SER A 1439 44.25 -91.77 -38.31
N ASN A 1440 45.35 -91.17 -38.79
CA ASN A 1440 46.67 -91.62 -38.39
C ASN A 1440 46.89 -91.44 -36.89
N HIS A 1441 46.46 -90.30 -36.35
CA HIS A 1441 46.60 -90.08 -34.91
C HIS A 1441 45.75 -91.04 -34.11
N MET A 1442 44.54 -91.33 -34.58
CA MET A 1442 43.63 -92.22 -33.87
C MET A 1442 43.94 -93.69 -34.09
N TRP A 1443 44.87 -94.03 -34.98
CA TRP A 1443 45.21 -95.41 -35.26
C TRP A 1443 46.11 -96.03 -34.20
N LYS A 1444 46.67 -95.22 -33.29
CA LYS A 1444 47.53 -95.73 -32.23
C LYS A 1444 46.79 -95.97 -30.92
N LEU A 1445 45.58 -95.40 -30.78
CA LEU A 1445 44.82 -95.61 -29.55
C LEU A 1445 44.44 -97.08 -29.37
N PHE A 1446 44.08 -97.75 -30.47
CA PHE A 1446 43.70 -99.16 -30.38
C PHE A 1446 44.86 -99.99 -29.83
N GLU A 1447 46.07 -99.75 -30.33
CA GLU A 1447 47.23 -100.48 -29.83
C GLU A 1447 47.46 -100.21 -28.35
N ASN A 1448 47.36 -98.94 -27.94
CA ASN A 1448 47.55 -98.61 -26.53
C ASN A 1448 46.48 -99.27 -25.67
N PHE A 1449 45.22 -99.22 -26.10
CA PHE A 1449 44.13 -99.84 -25.37
C PHE A 1449 43.88 -101.29 -25.75
N LEU A 1450 44.57 -101.80 -26.78
CA LEU A 1450 44.40 -103.20 -27.16
C LEU A 1450 44.84 -104.13 -26.03
N VAL A 1451 45.95 -103.81 -25.38
CA VAL A 1451 46.40 -104.61 -24.23
C VAL A 1451 45.37 -104.56 -23.12
N ASP A 1452 44.80 -103.38 -22.86
CA ASP A 1452 43.78 -103.26 -21.82
C ASP A 1452 42.57 -104.13 -22.13
N ILE A 1453 42.13 -104.13 -23.40
CA ILE A 1453 41.03 -104.99 -23.79
C ILE A 1453 41.41 -106.45 -23.61
N CYS A 1454 42.63 -106.82 -24.04
CA CYS A 1454 43.11 -108.18 -23.84
C CYS A 1454 43.24 -108.51 -22.36
N ARG A 1455 43.72 -107.56 -21.57
CA ARG A 1455 43.89 -107.80 -20.14
C ARG A 1455 42.58 -108.15 -19.47
N ALA A 1456 41.51 -107.40 -19.78
CA ALA A 1456 40.19 -107.70 -19.24
C ALA A 1456 39.45 -108.76 -20.03
N CYS A 1457 39.92 -109.11 -21.24
CA CYS A 1457 39.26 -110.14 -22.02
C CYS A 1457 39.41 -111.52 -21.40
N ASN A 1458 40.57 -111.78 -20.78
CA ASN A 1458 40.81 -113.07 -20.16
C ASN A 1458 39.96 -113.30 -18.92
N ASN A 1459 39.51 -112.24 -18.26
CA ASN A 1459 38.67 -112.36 -17.08
C ASN A 1459 37.26 -112.72 -17.52
N THR A 1460 36.81 -113.91 -17.13
CA THR A 1460 35.51 -114.43 -17.52
C THR A 1460 34.61 -114.58 -16.29
N SER A 1461 33.36 -114.18 -16.43
CA SER A 1461 32.37 -114.30 -15.36
C SER A 1461 32.85 -113.62 -14.08
N ASP A 1462 33.42 -112.42 -14.24
CA ASP A 1462 33.89 -111.65 -13.09
C ASP A 1462 33.58 -110.17 -13.17
N ARG A 1463 32.85 -109.71 -14.19
CA ARG A 1463 32.52 -108.30 -14.32
C ARG A 1463 31.24 -108.15 -15.13
N LYS A 1464 30.60 -107.00 -14.98
CA LYS A 1464 29.36 -106.70 -15.70
C LYS A 1464 29.53 -105.63 -16.76
N HIS A 1465 30.44 -104.68 -16.57
CA HIS A 1465 30.68 -103.62 -17.54
C HIS A 1465 31.53 -104.07 -18.72
N ALA A 1466 32.18 -105.23 -18.62
CA ALA A 1466 33.02 -105.71 -19.72
C ALA A 1466 32.20 -105.92 -20.99
N ASP A 1467 31.01 -106.53 -20.85
CA ASP A 1467 30.17 -106.74 -22.03
C ASP A 1467 29.76 -105.41 -22.66
N SER A 1468 29.37 -104.44 -21.83
CA SER A 1468 29.01 -103.13 -22.36
C SER A 1468 30.21 -102.46 -23.02
N VAL A 1469 31.38 -102.54 -22.40
CA VAL A 1469 32.58 -101.94 -22.98
C VAL A 1469 32.92 -102.61 -24.30
N LEU A 1470 32.87 -103.95 -24.33
CA LEU A 1470 33.11 -104.66 -25.58
C LEU A 1470 32.03 -104.35 -26.61
N GLU A 1471 30.76 -104.33 -26.17
CA GLU A 1471 29.68 -103.96 -27.08
C GLU A 1471 29.80 -102.51 -27.52
N LYS A 1472 30.14 -101.62 -26.59
CA LYS A 1472 30.31 -100.21 -26.91
C LYS A 1472 31.60 -99.92 -27.67
N TYR A 1473 32.61 -100.77 -27.54
CA TYR A 1473 33.86 -100.59 -28.27
C TYR A 1473 33.77 -101.11 -29.70
N VAL A 1474 32.84 -102.03 -29.98
CA VAL A 1474 32.69 -102.57 -31.33
C VAL A 1474 31.98 -101.61 -32.27
N THR A 1475 31.34 -100.56 -31.73
CA THR A 1475 30.67 -99.58 -32.60
C THR A 1475 31.67 -98.89 -33.52
N GLU A 1476 32.83 -98.52 -32.99
CA GLU A 1476 33.85 -97.87 -33.80
C GLU A 1476 34.41 -98.81 -34.86
N ILE A 1477 34.52 -100.10 -34.54
CA ILE A 1477 35.04 -101.06 -35.51
C ILE A 1477 34.09 -101.18 -36.70
N VAL A 1478 32.79 -101.08 -36.45
CA VAL A 1478 31.80 -101.17 -37.53
C VAL A 1478 31.73 -99.91 -38.37
N MET A 1479 32.41 -98.84 -37.96
CA MET A 1479 32.42 -97.59 -38.71
C MET A 1479 33.37 -97.73 -39.90
N SER A 1480 33.70 -96.61 -40.53
CA SER A 1480 34.57 -96.63 -41.71
C SER A 1480 35.72 -97.60 -41.52
N ILE A 1481 35.98 -98.40 -42.56
CA ILE A 1481 37.05 -99.39 -42.46
C ILE A 1481 38.38 -98.70 -42.20
N VAL A 1482 39.31 -99.45 -41.61
CA VAL A 1482 40.63 -98.91 -41.32
C VAL A 1482 41.28 -98.44 -42.62
N THR A 1483 41.88 -97.26 -42.56
CA THR A 1483 42.52 -96.68 -43.74
C THR A 1483 43.73 -97.50 -44.16
N THR A 1484 44.04 -97.45 -45.45
CA THR A 1484 45.14 -98.20 -46.06
C THR A 1484 45.99 -97.28 -46.92
N PHE A 1485 46.31 -96.11 -46.40
CA PHE A 1485 47.09 -95.12 -47.11
C PHE A 1485 48.57 -95.23 -46.72
N PHE A 1486 49.38 -94.26 -47.15
CA PHE A 1486 50.79 -94.27 -46.77
C PHE A 1486 50.94 -94.40 -45.26
N SER A 1487 50.23 -93.56 -44.52
CA SER A 1487 50.08 -93.75 -43.08
C SER A 1487 49.09 -94.90 -42.86
N SER A 1488 48.69 -95.14 -41.62
CA SER A 1488 47.74 -96.24 -41.43
C SER A 1488 48.31 -97.48 -42.12
N PRO A 1489 49.29 -98.15 -41.51
CA PRO A 1489 50.08 -99.16 -42.25
C PRO A 1489 49.30 -100.24 -42.98
N PHE A 1490 47.98 -100.39 -42.81
CA PHE A 1490 47.20 -101.35 -43.59
C PHE A 1490 47.54 -102.79 -43.19
N SER A 1491 47.53 -103.05 -41.89
CA SER A 1491 47.78 -104.39 -41.35
C SER A 1491 49.20 -104.85 -41.68
N ASP A 1492 50.17 -104.08 -41.18
CA ASP A 1492 51.57 -104.43 -41.29
C ASP A 1492 51.94 -105.38 -40.15
N GLN A 1493 53.25 -105.58 -39.94
CA GLN A 1493 53.69 -106.51 -38.89
C GLN A 1493 53.14 -106.09 -37.52
N SER A 1494 53.20 -104.80 -37.20
CA SER A 1494 52.73 -104.29 -35.92
C SER A 1494 51.27 -103.85 -35.95
N THR A 1495 50.59 -103.97 -37.10
CA THR A 1495 49.21 -103.56 -37.22
C THR A 1495 48.25 -104.70 -37.51
N THR A 1496 48.75 -105.87 -37.90
CA THR A 1496 47.91 -107.04 -38.19
C THR A 1496 47.87 -108.04 -37.06
N LEU A 1497 49.01 -108.30 -36.41
CA LEU A 1497 49.04 -109.28 -35.33
C LEU A 1497 48.16 -108.85 -34.18
N GLN A 1498 48.17 -107.57 -33.83
CA GLN A 1498 47.39 -107.05 -32.73
C GLN A 1498 45.96 -106.68 -33.14
N THR A 1499 45.61 -106.82 -34.42
CA THR A 1499 44.28 -106.52 -34.90
C THR A 1499 43.47 -107.73 -35.30
N ARG A 1500 44.10 -108.89 -35.49
CA ARG A 1500 43.40 -110.11 -35.87
C ARG A 1500 43.42 -111.17 -34.78
N GLN A 1501 44.61 -111.55 -34.31
CA GLN A 1501 44.69 -112.54 -33.23
C GLN A 1501 43.99 -112.06 -31.97
N PRO A 1502 44.25 -110.86 -31.46
CA PRO A 1502 43.52 -110.41 -30.26
C PRO A 1502 42.03 -110.31 -30.46
N VAL A 1503 41.56 -109.97 -31.67
CA VAL A 1503 40.14 -109.82 -31.90
C VAL A 1503 39.42 -111.13 -31.65
N PHE A 1504 39.98 -112.25 -32.12
CA PHE A 1504 39.36 -113.55 -31.89
C PHE A 1504 39.28 -113.87 -30.41
N VAL A 1505 40.27 -113.46 -29.62
CA VAL A 1505 40.24 -113.70 -28.18
C VAL A 1505 39.01 -113.04 -27.55
N GLN A 1506 38.75 -111.78 -27.93
CA GLN A 1506 37.55 -111.11 -27.46
C GLN A 1506 36.30 -111.82 -27.96
N LEU A 1507 36.31 -112.27 -29.22
CA LEU A 1507 35.17 -113.02 -29.75
C LEU A 1507 34.96 -114.32 -28.99
N LEU A 1508 36.05 -115.01 -28.65
CA LEU A 1508 35.93 -116.26 -27.90
C LEU A 1508 35.29 -116.01 -26.54
N GLN A 1509 35.70 -114.95 -25.85
CA GLN A 1509 35.11 -114.64 -24.56
C GLN A 1509 33.62 -114.34 -24.69
N GLY A 1510 33.25 -113.56 -25.71
CA GLY A 1510 31.84 -113.27 -25.93
C GLY A 1510 31.02 -114.51 -26.23
N VAL A 1511 31.59 -115.41 -27.04
CA VAL A 1511 30.89 -116.66 -27.35
C VAL A 1511 30.66 -117.48 -26.08
N PHE A 1512 31.66 -117.53 -25.21
CA PHE A 1512 31.53 -118.27 -23.96
C PHE A 1512 30.62 -117.57 -22.96
N ARG A 1513 30.33 -116.29 -23.16
CA ARG A 1513 29.47 -115.57 -22.24
C ARG A 1513 28.05 -116.15 -22.27
N VAL A 1514 27.37 -116.04 -21.13
CA VAL A 1514 26.02 -116.55 -20.98
C VAL A 1514 24.97 -115.47 -21.26
N TYR A 1515 25.37 -114.37 -21.87
CA TYR A 1515 24.45 -113.29 -22.19
C TYR A 1515 23.60 -113.66 -23.41
N HIS A 1516 22.77 -112.72 -23.86
CA HIS A 1516 21.94 -112.95 -25.03
C HIS A 1516 22.80 -113.08 -26.28
N CYS A 1517 22.27 -113.82 -27.26
CA CYS A 1517 22.99 -114.03 -28.52
C CYS A 1517 22.87 -112.85 -29.47
N ASN A 1518 22.04 -111.86 -29.15
CA ASN A 1518 21.90 -110.70 -30.03
C ASN A 1518 23.21 -109.94 -30.16
N TRP A 1519 23.94 -109.76 -29.06
CA TRP A 1519 25.23 -109.08 -29.08
C TRP A 1519 26.39 -109.98 -29.46
N LEU A 1520 26.27 -111.29 -29.23
CA LEU A 1520 27.34 -112.20 -29.60
C LEU A 1520 27.55 -112.22 -31.11
N MET A 1521 26.46 -112.23 -31.87
CA MET A 1521 26.57 -112.24 -33.33
C MET A 1521 27.35 -111.06 -33.86
N PRO A 1522 27.09 -109.82 -33.42
CA PRO A 1522 27.87 -108.69 -33.97
C PRO A 1522 29.36 -108.81 -33.74
N SER A 1523 29.79 -109.41 -32.62
CA SER A 1523 31.22 -109.50 -32.35
C SER A 1523 31.94 -110.29 -33.42
N GLN A 1524 31.37 -111.43 -33.84
CA GLN A 1524 31.99 -112.21 -34.89
C GLN A 1524 32.07 -111.43 -36.20
N LYS A 1525 30.99 -110.73 -36.55
CA LYS A 1525 31.01 -109.91 -37.75
C LYS A 1525 32.03 -108.78 -37.64
N ALA A 1526 32.13 -108.16 -36.46
CA ALA A 1526 33.09 -107.08 -36.28
C ALA A 1526 34.52 -107.57 -36.57
N SER A 1527 34.90 -108.69 -35.97
CA SER A 1527 36.21 -109.27 -36.26
C SER A 1527 36.30 -109.72 -37.71
N VAL A 1528 35.23 -110.33 -38.23
CA VAL A 1528 35.24 -110.78 -39.62
C VAL A 1528 35.36 -109.58 -40.56
N GLU A 1529 34.60 -108.52 -40.30
CA GLU A 1529 34.69 -107.33 -41.13
C GLU A 1529 36.09 -106.73 -41.08
N SER A 1530 36.68 -106.66 -39.88
CA SER A 1530 38.05 -106.17 -39.76
C SER A 1530 39.03 -107.07 -40.49
N CYS A 1531 38.85 -108.38 -40.41
CA CYS A 1531 39.76 -109.31 -41.09
C CYS A 1531 39.74 -109.08 -42.59
N ILE A 1532 38.56 -108.89 -43.17
CA ILE A 1532 38.47 -108.65 -44.61
C ILE A 1532 38.80 -107.21 -44.99
N ARG A 1533 38.94 -106.32 -44.02
CA ARG A 1533 39.28 -104.93 -44.31
C ARG A 1533 40.19 -104.82 -45.53
N ARG A 1593 -13.87 -101.17 -25.73
CA ARG A 1593 -12.87 -100.18 -26.14
C ARG A 1593 -13.45 -99.22 -27.18
N ASN A 1594 -14.52 -99.65 -27.85
CA ASN A 1594 -15.21 -98.79 -28.81
C ASN A 1594 -16.19 -97.84 -28.14
N ILE A 1595 -16.46 -98.02 -26.85
CA ILE A 1595 -17.26 -97.08 -26.08
C ILE A 1595 -16.59 -95.71 -26.03
N ILE A 1596 -15.29 -95.69 -25.76
CA ILE A 1596 -14.53 -94.45 -25.69
C ILE A 1596 -14.53 -93.77 -27.06
N GLU A 1597 -14.41 -94.57 -28.12
CA GLU A 1597 -14.35 -94.02 -29.47
C GLU A 1597 -15.70 -93.48 -29.93
N ARG A 1598 -16.80 -93.90 -29.29
CA ARG A 1598 -18.13 -93.51 -29.77
C ARG A 1598 -18.80 -92.43 -28.95
N LEU A 1599 -18.61 -92.37 -27.62
CA LEU A 1599 -19.31 -91.33 -26.86
C LEU A 1599 -18.74 -89.93 -27.09
N GLN A 1600 -17.56 -89.80 -27.69
CA GLN A 1600 -17.15 -88.48 -28.16
C GLN A 1600 -18.06 -87.98 -29.29
N ASP A 1601 -18.34 -88.86 -30.25
CA ASP A 1601 -19.32 -88.53 -31.29
C ASP A 1601 -20.71 -88.34 -30.71
N ILE A 1602 -21.05 -89.12 -29.67
CA ILE A 1602 -22.36 -88.98 -29.02
C ILE A 1602 -22.51 -87.60 -28.39
N VAL A 1603 -21.50 -87.18 -27.62
CA VAL A 1603 -21.61 -85.87 -26.97
C VAL A 1603 -21.49 -84.74 -27.99
N SER A 1604 -20.81 -84.95 -29.12
CA SER A 1604 -20.83 -83.94 -30.17
C SER A 1604 -22.22 -83.83 -30.81
N ALA A 1605 -22.86 -84.96 -31.09
CA ALA A 1605 -24.20 -84.99 -31.66
C ALA A 1605 -25.28 -84.57 -30.66
N LEU A 1606 -24.93 -84.45 -29.39
CA LEU A 1606 -25.79 -83.74 -28.45
C LEU A 1606 -25.47 -82.25 -28.34
N GLU A 1607 -24.20 -81.86 -28.28
CA GLU A 1607 -23.84 -80.45 -28.09
C GLU A 1607 -24.01 -79.64 -29.37
N ASP A 1608 -24.40 -80.27 -30.48
CA ASP A 1608 -24.88 -79.51 -31.62
C ASP A 1608 -26.15 -78.71 -31.32
N ARG A 1609 -26.84 -79.02 -30.22
CA ARG A 1609 -28.01 -78.31 -29.73
C ARG A 1609 -27.66 -77.17 -28.78
N LEU A 1610 -26.51 -76.53 -28.96
CA LEU A 1610 -26.03 -75.49 -28.05
C LEU A 1610 -26.80 -74.19 -28.18
N ARG A 1611 -27.36 -73.92 -29.35
CA ARG A 1611 -28.18 -72.75 -29.65
C ARG A 1611 -29.63 -72.86 -29.16
N PRO A 1612 -30.33 -74.00 -29.31
CA PRO A 1612 -31.72 -74.06 -28.81
C PRO A 1612 -31.86 -73.79 -27.31
N LEU A 1613 -30.89 -74.17 -26.50
CA LEU A 1613 -30.94 -73.81 -25.09
C LEU A 1613 -30.77 -72.30 -24.89
N VAL A 1614 -29.93 -71.66 -25.72
CA VAL A 1614 -29.71 -70.22 -25.61
C VAL A 1614 -30.99 -69.45 -25.97
N GLN A 1615 -31.62 -69.84 -27.07
CA GLN A 1615 -32.88 -69.19 -27.44
C GLN A 1615 -34.04 -69.60 -26.55
N ALA A 1616 -33.98 -70.77 -25.91
CA ALA A 1616 -35.01 -71.17 -24.97
C ALA A 1616 -34.79 -70.55 -23.59
N GLU A 1617 -33.62 -69.99 -23.33
CA GLU A 1617 -33.48 -69.27 -22.06
C GLU A 1617 -33.69 -67.77 -22.22
N LEU A 1618 -33.04 -67.10 -23.18
CA LEU A 1618 -32.98 -65.64 -23.12
C LEU A 1618 -34.32 -65.01 -23.47
N SER A 1619 -34.93 -65.41 -24.59
CA SER A 1619 -36.20 -64.84 -25.01
C SER A 1619 -37.31 -65.24 -24.06
N VAL A 1620 -37.29 -66.49 -23.60
CA VAL A 1620 -38.33 -67.02 -22.72
C VAL A 1620 -38.26 -66.42 -21.32
N LEU A 1621 -37.09 -65.97 -20.88
CA LEU A 1621 -37.07 -65.15 -19.68
C LEU A 1621 -37.50 -63.71 -19.93
N VAL A 1622 -37.00 -63.07 -21.00
CA VAL A 1622 -37.24 -61.65 -21.15
C VAL A 1622 -38.69 -61.33 -21.49
N ASP A 1623 -39.42 -62.22 -22.18
CA ASP A 1623 -40.80 -61.90 -22.49
C ASP A 1623 -41.70 -62.02 -21.27
N VAL A 1624 -41.39 -62.95 -20.37
CA VAL A 1624 -42.24 -63.11 -19.19
C VAL A 1624 -41.87 -62.09 -18.11
N LEU A 1625 -40.59 -61.69 -18.02
CA LEU A 1625 -40.27 -60.61 -17.08
C LEU A 1625 -40.71 -59.25 -17.59
N HIS A 1626 -40.92 -59.09 -18.90
CA HIS A 1626 -41.51 -57.86 -19.39
C HIS A 1626 -42.99 -57.77 -19.04
N ARG A 1627 -43.72 -58.88 -19.15
CA ARG A 1627 -45.14 -58.93 -18.81
C ARG A 1627 -45.39 -60.08 -17.86
N PRO A 1628 -45.14 -59.88 -16.56
CA PRO A 1628 -45.31 -60.97 -15.58
C PRO A 1628 -46.73 -61.21 -15.10
N GLU A 1629 -47.65 -60.26 -15.23
CA GLU A 1629 -49.00 -60.41 -14.70
C GLU A 1629 -50.00 -60.43 -15.85
N LEU A 1630 -50.55 -61.62 -16.11
CA LEU A 1630 -51.71 -61.86 -16.95
C LEU A 1630 -52.14 -63.30 -16.74
N LEU A 1631 -53.46 -63.52 -16.84
CA LEU A 1631 -54.11 -64.83 -16.69
C LEU A 1631 -53.88 -65.43 -15.30
N PHE A 1632 -53.56 -64.59 -14.30
CA PHE A 1632 -53.21 -65.13 -12.99
C PHE A 1632 -54.47 -65.66 -12.28
N PRO A 1633 -55.44 -64.84 -11.74
CA PRO A 1633 -56.85 -65.19 -11.96
C PRO A 1633 -57.55 -64.27 -12.95
N GLU A 1634 -56.83 -63.23 -13.40
CA GLU A 1634 -57.39 -62.04 -14.04
C GLU A 1634 -58.45 -61.39 -13.13
N ASN A 1635 -57.99 -60.93 -11.97
CA ASN A 1635 -58.86 -60.28 -11.00
C ASN A 1635 -58.34 -58.89 -10.63
N THR A 1636 -58.93 -58.29 -9.60
CA THR A 1636 -58.63 -56.91 -9.21
C THR A 1636 -58.01 -56.80 -7.83
N ASP A 1637 -58.39 -57.68 -6.90
CA ASP A 1637 -57.96 -57.53 -5.51
C ASP A 1637 -56.48 -57.89 -5.36
N ALA A 1638 -56.10 -59.12 -5.71
CA ALA A 1638 -54.81 -59.67 -5.34
C ALA A 1638 -53.73 -59.48 -6.39
N ARG A 1639 -54.02 -58.85 -7.52
CA ARG A 1639 -53.03 -58.71 -8.59
C ARG A 1639 -52.69 -57.27 -8.94
N ARG A 1640 -53.62 -56.33 -8.78
CA ARG A 1640 -53.39 -54.98 -9.26
C ARG A 1640 -52.37 -54.23 -8.41
N LYS A 1641 -52.18 -54.65 -7.16
CA LYS A 1641 -51.18 -54.04 -6.31
C LYS A 1641 -49.84 -54.79 -6.32
N CYS A 1642 -49.87 -56.08 -6.64
CA CYS A 1642 -48.63 -56.86 -6.69
C CYS A 1642 -47.74 -56.47 -7.86
N GLU A 1643 -48.31 -56.06 -8.99
CA GLU A 1643 -47.53 -55.51 -10.09
C GLU A 1643 -48.15 -54.19 -10.54
N SER A 1644 -47.50 -53.10 -10.16
CA SER A 1644 -47.65 -51.79 -10.77
C SER A 1644 -46.29 -51.30 -11.24
N GLY A 1645 -45.50 -52.21 -11.80
CA GLY A 1645 -44.08 -51.99 -11.94
C GLY A 1645 -43.29 -52.38 -10.71
N GLY A 1646 -43.78 -53.36 -9.94
CA GLY A 1646 -43.16 -53.69 -8.67
C GLY A 1646 -42.88 -55.17 -8.44
N PHE A 1647 -42.69 -55.94 -9.52
CA PHE A 1647 -42.23 -57.31 -9.40
C PHE A 1647 -40.72 -57.42 -9.59
N ILE A 1648 -40.20 -56.80 -10.66
CA ILE A 1648 -38.75 -56.72 -10.84
C ILE A 1648 -38.14 -55.87 -9.73
N CYS A 1649 -38.88 -54.88 -9.23
CA CYS A 1649 -38.46 -54.13 -8.04
C CYS A 1649 -38.30 -55.04 -6.84
N LYS A 1650 -39.25 -55.95 -6.66
CA LYS A 1650 -39.19 -56.90 -5.56
C LYS A 1650 -37.98 -57.82 -5.70
N LEU A 1651 -37.76 -58.31 -6.93
CA LEU A 1651 -36.62 -59.19 -7.20
C LEU A 1651 -35.29 -58.49 -6.97
N ILE A 1652 -35.17 -57.23 -7.39
CA ILE A 1652 -33.88 -56.57 -7.28
C ILE A 1652 -33.63 -56.06 -5.87
N LYS A 1653 -34.67 -55.80 -5.07
CA LYS A 1653 -34.37 -55.46 -3.68
C LYS A 1653 -34.03 -56.72 -2.90
N HIS A 1654 -34.62 -57.85 -3.28
CA HIS A 1654 -34.26 -59.09 -2.60
C HIS A 1654 -32.87 -59.59 -2.96
N THR A 1655 -32.49 -59.52 -4.23
CA THR A 1655 -31.24 -60.17 -4.66
C THR A 1655 -29.99 -59.38 -4.28
N LYS A 1656 -30.13 -58.16 -3.76
CA LYS A 1656 -28.96 -57.45 -3.27
C LYS A 1656 -28.48 -57.97 -1.92
N GLN A 1657 -29.31 -58.76 -1.23
CA GLN A 1657 -29.00 -59.24 0.10
C GLN A 1657 -28.47 -60.66 0.13
N LEU A 1658 -28.34 -61.31 -1.03
CA LEU A 1658 -27.87 -62.68 -1.09
C LEU A 1658 -26.42 -62.79 -1.54
N LEU A 1659 -25.70 -61.68 -1.66
CA LEU A 1659 -24.26 -61.75 -1.85
C LEU A 1659 -23.55 -62.23 -0.59
N GLU A 1660 -24.09 -61.86 0.58
CA GLU A 1660 -23.44 -62.16 1.84
C GLU A 1660 -23.53 -63.64 2.19
N GLU A 1661 -24.56 -64.33 1.70
CA GLU A 1661 -24.69 -65.76 1.91
C GLU A 1661 -24.06 -66.50 0.73
N ASN A 1662 -24.22 -67.81 0.68
CA ASN A 1662 -23.54 -68.62 -0.33
C ASN A 1662 -24.31 -68.55 -1.65
N GLU A 1663 -23.90 -69.40 -2.61
CA GLU A 1663 -24.54 -69.55 -3.91
C GLU A 1663 -24.56 -68.21 -4.68
N GLU A 1664 -23.36 -67.74 -5.02
CA GLU A 1664 -23.21 -66.57 -5.87
C GLU A 1664 -23.58 -66.83 -7.32
N LYS A 1665 -23.79 -68.10 -7.70
CA LYS A 1665 -24.22 -68.41 -9.05
C LYS A 1665 -25.61 -67.84 -9.35
N LEU A 1666 -26.49 -67.86 -8.35
CA LEU A 1666 -27.83 -67.30 -8.52
C LEU A 1666 -27.78 -65.80 -8.78
N CYS A 1667 -26.90 -65.09 -8.08
CA CYS A 1667 -26.77 -63.64 -8.28
C CYS A 1667 -26.27 -63.30 -9.68
N ILE A 1668 -25.27 -64.03 -10.18
CA ILE A 1668 -24.74 -63.70 -11.50
C ILE A 1668 -25.69 -64.16 -12.58
N LYS A 1669 -26.50 -65.20 -12.33
CA LYS A 1669 -27.55 -65.56 -13.28
C LYS A 1669 -28.63 -64.50 -13.33
N VAL A 1670 -28.98 -63.92 -12.18
CA VAL A 1670 -29.92 -62.79 -12.15
C VAL A 1670 -29.35 -61.60 -12.91
N LEU A 1671 -28.06 -61.32 -12.71
CA LEU A 1671 -27.41 -60.21 -13.39
C LEU A 1671 -27.39 -60.40 -14.91
N GLN A 1672 -27.05 -61.60 -15.38
CA GLN A 1672 -27.00 -61.83 -16.81
C GLN A 1672 -28.40 -61.85 -17.42
N THR A 1673 -29.42 -62.29 -16.66
CA THR A 1673 -30.79 -62.21 -17.14
C THR A 1673 -31.23 -60.75 -17.29
N LEU A 1674 -30.90 -59.92 -16.31
CA LEU A 1674 -31.25 -58.49 -16.40
C LEU A 1674 -30.48 -57.80 -17.52
N ARG A 1675 -29.23 -58.20 -17.76
CA ARG A 1675 -28.46 -57.59 -18.85
C ARG A 1675 -28.98 -58.03 -20.21
N GLU A 1676 -29.36 -59.31 -20.35
CA GLU A 1676 -29.94 -59.76 -21.61
C GLU A 1676 -31.31 -59.14 -21.85
N MET A 1677 -32.05 -58.84 -20.78
CA MET A 1677 -33.26 -58.05 -20.94
C MET A 1677 -32.94 -56.61 -21.27
N MET A 1678 -31.76 -56.14 -20.87
CA MET A 1678 -31.47 -54.71 -20.87
C MET A 1678 -31.17 -54.21 -22.28
N THR A 1679 -30.51 -55.03 -23.10
CA THR A 1679 -30.10 -54.62 -24.43
C THR A 1679 -31.28 -54.68 -25.41
N LYS A 1680 -31.00 -54.36 -26.66
CA LYS A 1680 -32.01 -54.39 -27.72
C LYS A 1680 -31.34 -54.86 -29.00
N ASP A 1681 -32.02 -54.64 -30.14
CA ASP A 1681 -31.64 -55.15 -31.46
C ASP A 1681 -31.52 -56.68 -31.46
N ARG A 1682 -32.37 -57.33 -30.68
CA ARG A 1682 -32.45 -58.78 -30.63
C ARG A 1682 -33.84 -59.16 -30.11
N GLY A 1683 -34.26 -60.38 -30.47
CA GLY A 1683 -35.53 -60.91 -30.02
C GLY A 1683 -36.76 -60.12 -30.44
N TYR A 1684 -36.99 -60.03 -31.75
CA TYR A 1684 -38.12 -59.29 -32.29
C TYR A 1684 -39.15 -60.26 -32.87
N GLY A 1685 -40.41 -60.05 -32.51
CA GLY A 1685 -41.49 -60.90 -33.00
C GLY A 1685 -42.39 -60.21 -34.00
N LEU A 1719 -26.07 -72.33 -45.32
CA LEU A 1719 -27.40 -72.02 -44.81
C LEU A 1719 -27.46 -72.23 -43.30
N ARG A 1720 -26.31 -72.07 -42.64
CA ARG A 1720 -26.20 -72.31 -41.21
C ARG A 1720 -26.41 -71.04 -40.39
N GLN A 1721 -27.08 -70.03 -40.96
CA GLN A 1721 -27.40 -68.81 -40.24
C GLN A 1721 -28.88 -68.44 -40.32
N LEU A 1722 -29.69 -69.18 -41.05
CA LEU A 1722 -31.09 -68.84 -41.26
C LEU A 1722 -32.05 -69.89 -40.73
N GLU A 1723 -31.71 -71.18 -40.82
CA GLU A 1723 -32.56 -72.21 -40.26
C GLU A 1723 -32.59 -72.16 -38.74
N ASP A 1724 -31.45 -71.80 -38.12
CA ASP A 1724 -31.39 -71.69 -36.67
C ASP A 1724 -32.31 -70.60 -36.15
N HIS A 1725 -32.30 -69.44 -36.81
CA HIS A 1725 -33.15 -68.33 -36.40
C HIS A 1725 -34.63 -68.67 -36.54
N LYS A 1726 -35.01 -69.32 -37.64
CA LYS A 1726 -36.43 -69.60 -37.85
C LYS A 1726 -36.94 -70.69 -36.92
N ARG A 1727 -36.13 -71.73 -36.65
CA ARG A 1727 -36.62 -72.73 -35.70
C ARG A 1727 -36.55 -72.22 -34.26
N GLY A 1728 -35.61 -71.32 -33.96
CA GLY A 1728 -35.61 -70.70 -32.64
C GLY A 1728 -36.81 -69.83 -32.40
N GLU A 1729 -37.18 -69.00 -33.38
CA GLU A 1729 -38.38 -68.19 -33.22
C GLU A 1729 -39.64 -69.04 -33.26
N ALA A 1730 -39.63 -70.16 -33.98
CA ALA A 1730 -40.76 -71.07 -33.94
C ALA A 1730 -40.94 -71.69 -32.56
N LEU A 1731 -39.83 -72.12 -31.94
CA LEU A 1731 -39.92 -72.72 -30.60
C LEU A 1731 -40.30 -71.68 -29.56
N ARG A 1732 -39.78 -70.46 -29.69
CA ARG A 1732 -40.18 -69.39 -28.77
C ARG A 1732 -41.63 -68.99 -28.98
N GLN A 1733 -42.12 -69.08 -30.21
CA GLN A 1733 -43.53 -68.84 -30.48
C GLN A 1733 -44.40 -69.90 -29.83
N ILE A 1734 -43.95 -71.17 -29.87
CA ILE A 1734 -44.66 -72.25 -29.20
C ILE A 1734 -44.72 -71.99 -27.70
N LEU A 1735 -43.59 -71.61 -27.11
CA LEU A 1735 -43.56 -71.38 -25.66
C LEU A 1735 -44.37 -70.16 -25.26
N VAL A 1736 -44.37 -69.09 -26.07
CA VAL A 1736 -45.14 -67.91 -25.68
C VAL A 1736 -46.63 -68.12 -25.91
N ASN A 1737 -47.04 -68.93 -26.89
CA ASN A 1737 -48.47 -69.18 -27.00
C ASN A 1737 -48.96 -70.20 -25.98
N ARG A 1738 -48.07 -71.06 -25.47
CA ARG A 1738 -48.48 -71.89 -24.33
C ARG A 1738 -48.50 -71.09 -23.03
N TYR A 1739 -47.64 -70.08 -22.91
CA TYR A 1739 -47.56 -69.33 -21.66
C TYR A 1739 -48.51 -68.14 -21.60
N TYR A 1740 -49.19 -67.83 -22.69
CA TYR A 1740 -50.05 -66.63 -22.72
C TYR A 1740 -51.51 -67.01 -22.95
N SER A 1781 -53.70 -54.29 -26.05
CA SER A 1781 -53.19 -52.93 -25.83
C SER A 1781 -51.83 -52.96 -25.16
N ARG A 1782 -50.90 -53.70 -25.75
CA ARG A 1782 -49.54 -53.78 -25.21
C ARG A 1782 -48.78 -52.49 -25.48
N GLY A 1783 -48.17 -51.94 -24.44
CA GLY A 1783 -47.36 -50.75 -24.59
C GLY A 1783 -45.95 -51.06 -25.01
N GLU A 1784 -45.58 -50.64 -26.22
CA GLU A 1784 -44.24 -50.91 -26.74
C GLU A 1784 -43.22 -50.03 -26.01
N MET A 1785 -42.14 -50.65 -25.57
CA MET A 1785 -41.09 -49.98 -24.80
C MET A 1785 -39.88 -49.77 -25.68
N SER A 1786 -39.36 -48.55 -25.72
CA SER A 1786 -38.12 -48.25 -26.39
C SER A 1786 -36.97 -48.35 -25.39
N LEU A 1787 -35.75 -48.31 -25.91
CA LEU A 1787 -34.57 -48.40 -25.06
C LEU A 1787 -34.44 -47.18 -24.15
N ALA A 1788 -34.79 -46.00 -24.65
CA ALA A 1788 -34.62 -44.77 -23.88
C ALA A 1788 -35.54 -44.69 -22.66
N GLU A 1789 -36.61 -45.46 -22.61
CA GLU A 1789 -37.52 -45.45 -21.48
C GLU A 1789 -37.46 -46.70 -20.61
N VAL A 1790 -36.96 -47.83 -21.13
CA VAL A 1790 -36.80 -49.00 -20.28
C VAL A 1790 -35.69 -48.78 -19.27
N GLN A 1791 -34.68 -47.97 -19.60
CA GLN A 1791 -33.65 -47.62 -18.63
C GLN A 1791 -34.22 -46.81 -17.48
N CYS A 1792 -35.08 -45.83 -17.80
CA CYS A 1792 -35.71 -45.04 -16.74
C CYS A 1792 -36.67 -45.87 -15.91
N HIS A 1793 -37.42 -46.76 -16.55
CA HIS A 1793 -38.32 -47.67 -15.83
C HIS A 1793 -37.55 -48.60 -14.90
N LEU A 1794 -36.40 -49.10 -15.35
CA LEU A 1794 -35.63 -50.01 -14.51
C LEU A 1794 -34.90 -49.27 -13.39
N ASP A 1795 -34.50 -48.02 -13.62
CA ASP A 1795 -33.82 -47.26 -12.57
C ASP A 1795 -34.82 -46.81 -11.51
N LYS A 1796 -36.05 -46.45 -11.91
CA LYS A 1796 -37.01 -45.88 -10.97
C LYS A 1796 -37.38 -46.86 -9.87
N GLU A 1797 -37.30 -48.16 -10.16
CA GLU A 1797 -37.48 -49.17 -9.14
C GLU A 1797 -36.19 -49.54 -8.41
N GLY A 1798 -35.05 -49.01 -8.83
CA GLY A 1798 -33.83 -49.12 -8.05
C GLY A 1798 -32.74 -50.03 -8.57
N ALA A 1799 -32.57 -50.11 -9.90
CA ALA A 1799 -31.50 -50.92 -10.46
C ALA A 1799 -30.13 -50.26 -10.33
N SER A 1800 -30.08 -48.93 -10.24
CA SER A 1800 -28.82 -48.25 -10.00
C SER A 1800 -28.27 -48.58 -8.61
N ASN A 1801 -29.16 -48.65 -7.63
CA ASN A 1801 -28.78 -49.01 -6.27
C ASN A 1801 -28.20 -50.42 -6.20
N LEU A 1802 -28.73 -51.33 -7.01
CA LEU A 1802 -28.26 -52.71 -7.02
C LEU A 1802 -26.79 -52.80 -7.39
N VAL A 1803 -26.40 -52.21 -8.53
CA VAL A 1803 -25.00 -52.29 -8.94
C VAL A 1803 -24.12 -51.43 -8.03
N ILE A 1804 -24.61 -50.27 -7.60
CA ILE A 1804 -23.78 -49.38 -6.79
C ILE A 1804 -23.54 -49.93 -5.39
N ASP A 1805 -24.38 -50.86 -4.93
CA ASP A 1805 -24.10 -51.57 -3.69
C ASP A 1805 -23.46 -52.93 -3.91
N LEU A 1806 -23.62 -53.50 -5.11
CA LEU A 1806 -23.05 -54.80 -5.41
C LEU A 1806 -21.55 -54.72 -5.64
N ILE A 1807 -21.07 -53.63 -6.25
CA ILE A 1807 -19.61 -53.48 -6.38
C ILE A 1807 -19.00 -52.69 -5.24
N MET A 1808 -19.82 -52.06 -4.40
CA MET A 1808 -19.26 -51.43 -3.20
C MET A 1808 -18.86 -52.49 -2.18
N ASN A 1809 -19.64 -53.56 -2.07
CA ASN A 1809 -19.34 -54.65 -1.14
C ASN A 1809 -19.15 -55.95 -1.91
N ALA A 1810 -18.38 -55.91 -2.98
CA ALA A 1810 -18.20 -57.07 -3.84
C ALA A 1810 -17.28 -58.08 -3.17
N SER A 1811 -17.73 -59.34 -3.14
CA SER A 1811 -16.96 -60.44 -2.57
C SER A 1811 -16.22 -61.24 -3.63
N SER A 1812 -16.93 -61.68 -4.67
CA SER A 1812 -16.32 -62.49 -5.71
C SER A 1812 -15.70 -61.60 -6.79
N ASP A 1813 -15.13 -62.25 -7.81
CA ASP A 1813 -14.54 -61.55 -8.94
C ASP A 1813 -15.42 -61.57 -10.18
N ARG A 1814 -16.24 -62.61 -10.33
CA ARG A 1814 -17.20 -62.68 -11.42
C ARG A 1814 -18.39 -61.76 -11.22
N VAL A 1815 -18.74 -61.46 -9.97
CA VAL A 1815 -19.83 -60.54 -9.65
C VAL A 1815 -19.53 -59.13 -10.14
N PHE A 1816 -18.29 -58.69 -9.96
CA PHE A 1816 -17.89 -57.34 -10.36
C PHE A 1816 -18.01 -57.14 -11.88
N HIS A 1817 -17.56 -58.13 -12.65
CA HIS A 1817 -17.56 -58.02 -14.11
C HIS A 1817 -18.98 -57.97 -14.67
N GLU A 1818 -19.85 -58.86 -14.19
CA GLU A 1818 -21.24 -58.85 -14.62
C GLU A 1818 -21.96 -57.59 -14.14
N SER A 1819 -21.61 -57.09 -12.96
CA SER A 1819 -22.24 -55.88 -12.46
C SER A 1819 -21.87 -54.66 -13.28
N ILE A 1820 -20.58 -54.51 -13.65
CA ILE A 1820 -20.22 -53.36 -14.47
C ILE A 1820 -20.73 -53.51 -15.89
N LEU A 1821 -20.85 -54.74 -16.39
CA LEU A 1821 -21.50 -54.94 -17.70
C LEU A 1821 -22.97 -54.54 -17.66
N LEU A 1822 -23.66 -54.87 -16.56
CA LEU A 1822 -25.05 -54.45 -16.40
C LEU A 1822 -25.15 -52.93 -16.29
N ALA A 1823 -24.21 -52.29 -15.60
CA ALA A 1823 -24.21 -50.83 -15.50
C ALA A 1823 -23.98 -50.18 -16.86
N ILE A 1824 -23.08 -50.74 -17.67
CA ILE A 1824 -22.82 -50.22 -19.00
C ILE A 1824 -24.07 -50.35 -19.88
N ALA A 1825 -24.71 -51.52 -19.83
CA ALA A 1825 -25.95 -51.70 -20.59
C ALA A 1825 -27.07 -50.82 -20.06
N LEU A 1826 -27.03 -50.47 -18.77
CA LEU A 1826 -28.04 -49.59 -18.20
C LEU A 1826 -27.88 -48.16 -18.67
N LEU A 1827 -26.65 -47.63 -18.66
CA LEU A 1827 -26.43 -46.24 -19.04
C LEU A 1827 -26.67 -46.03 -20.53
N GLU A 1828 -25.83 -46.65 -21.36
CA GLU A 1828 -26.01 -46.75 -22.82
C GLU A 1828 -26.21 -45.37 -23.46
N GLY A 1829 -25.16 -44.55 -23.36
CA GLY A 1829 -25.16 -43.26 -23.99
C GLY A 1829 -25.55 -42.13 -23.06
N GLY A 1830 -26.30 -41.17 -23.59
CA GLY A 1830 -26.64 -39.98 -22.84
C GLY A 1830 -27.96 -40.04 -22.10
N ASN A 1831 -28.14 -41.03 -21.23
CA ASN A 1831 -29.31 -41.08 -20.36
C ASN A 1831 -28.98 -40.34 -19.07
N THR A 1832 -29.19 -39.02 -19.11
CA THR A 1832 -28.92 -38.18 -17.95
C THR A 1832 -29.94 -38.36 -16.84
N THR A 1833 -31.08 -39.00 -17.10
CA THR A 1833 -32.06 -39.26 -16.06
C THR A 1833 -31.58 -40.31 -15.08
N ILE A 1834 -30.64 -41.17 -15.48
CA ILE A 1834 -30.13 -42.20 -14.60
C ILE A 1834 -28.69 -41.93 -14.15
N GLN A 1835 -27.96 -41.05 -14.83
CA GLN A 1835 -26.71 -40.55 -14.27
C GLN A 1835 -26.98 -39.65 -13.06
N HIS A 1836 -28.17 -39.04 -13.02
CA HIS A 1836 -28.58 -38.29 -11.84
C HIS A 1836 -28.71 -39.19 -10.63
N SER A 1837 -29.17 -40.44 -10.82
CA SER A 1837 -29.22 -41.39 -9.72
C SER A 1837 -27.82 -41.71 -9.20
N PHE A 1838 -26.87 -41.94 -10.12
CA PHE A 1838 -25.51 -42.26 -9.72
C PHE A 1838 -24.86 -41.10 -8.98
N PHE A 1839 -25.14 -39.87 -9.42
CA PHE A 1839 -24.59 -38.72 -8.70
C PHE A 1839 -25.29 -38.48 -7.37
N CYS A 1840 -26.61 -38.66 -7.32
CA CYS A 1840 -27.38 -38.36 -6.11
C CYS A 1840 -27.34 -39.48 -5.10
N ARG A 1841 -26.67 -40.59 -5.40
CA ARG A 1841 -26.32 -41.55 -4.36
C ARG A 1841 -24.88 -41.39 -3.87
N LEU A 1842 -23.93 -41.18 -4.78
CA LEU A 1842 -22.51 -41.22 -4.43
C LEU A 1842 -22.06 -40.06 -3.56
N THR A 1843 -22.82 -38.97 -3.51
CA THR A 1843 -22.45 -37.85 -2.65
C THR A 1843 -23.12 -37.91 -1.28
N GLU A 1844 -23.52 -39.09 -0.84
CA GLU A 1844 -24.11 -39.29 0.48
C GLU A 1844 -23.52 -40.56 1.08
N ASP A 1845 -24.18 -41.06 2.13
CA ASP A 1845 -23.97 -42.33 2.84
C ASP A 1845 -22.58 -42.52 3.43
N LYS A 1846 -21.71 -41.51 3.29
CA LYS A 1846 -20.42 -41.39 3.97
C LYS A 1846 -19.47 -42.58 3.74
N LYS A 1847 -19.74 -43.44 2.76
CA LYS A 1847 -18.87 -44.57 2.52
C LYS A 1847 -18.66 -44.84 1.03
N SER A 1848 -18.90 -43.84 0.18
CA SER A 1848 -18.59 -43.96 -1.24
C SER A 1848 -17.10 -43.94 -1.52
N GLU A 1849 -16.27 -43.61 -0.52
CA GLU A 1849 -14.82 -43.75 -0.67
C GLU A 1849 -14.45 -45.21 -0.89
N LYS A 1850 -15.23 -46.14 -0.32
CA LYS A 1850 -15.05 -47.55 -0.63
C LYS A 1850 -15.40 -47.83 -2.09
N PHE A 1851 -16.45 -47.18 -2.61
CA PHE A 1851 -16.85 -47.35 -4.01
C PHE A 1851 -15.74 -46.89 -4.94
N PHE A 1852 -15.12 -45.75 -4.65
CA PHE A 1852 -14.02 -45.29 -5.49
C PHE A 1852 -12.76 -46.12 -5.27
N LYS A 1853 -12.57 -46.64 -4.06
CA LYS A 1853 -11.40 -47.45 -3.76
C LYS A 1853 -11.42 -48.76 -4.53
N VAL A 1854 -12.61 -49.33 -4.72
CA VAL A 1854 -12.73 -50.59 -5.48
C VAL A 1854 -12.26 -50.41 -6.92
N PHE A 1855 -12.58 -49.27 -7.54
CA PHE A 1855 -12.05 -49.00 -8.87
C PHE A 1855 -10.57 -48.69 -8.82
N TYR A 1856 -10.15 -47.88 -7.85
CA TYR A 1856 -8.80 -47.35 -7.80
C TYR A 1856 -7.76 -48.44 -7.60
N ASP A 1857 -7.98 -49.33 -6.62
CA ASP A 1857 -6.98 -50.38 -6.38
C ASP A 1857 -6.98 -51.42 -7.49
N ARG A 1858 -8.15 -51.67 -8.08
CA ARG A 1858 -8.25 -52.69 -9.12
C ARG A 1858 -7.57 -52.25 -10.41
N MET A 1859 -7.61 -50.95 -10.73
CA MET A 1859 -6.84 -50.53 -11.88
C MET A 1859 -5.45 -50.02 -11.52
N LYS A 1860 -5.12 -49.93 -10.24
CA LYS A 1860 -3.72 -49.74 -9.84
C LYS A 1860 -2.92 -51.03 -9.95
N VAL A 1861 -3.53 -52.17 -9.62
CA VAL A 1861 -2.84 -53.46 -9.71
C VAL A 1861 -2.77 -53.94 -11.15
N ALA A 1862 -3.67 -53.48 -12.01
CA ALA A 1862 -3.66 -53.90 -13.41
C ALA A 1862 -2.51 -53.26 -14.16
N GLN A 1863 -2.14 -52.03 -13.80
CA GLN A 1863 -0.99 -51.40 -14.41
C GLN A 1863 0.33 -51.90 -13.85
N GLN A 1864 0.31 -52.56 -12.70
CA GLN A 1864 1.50 -53.25 -12.20
C GLN A 1864 1.74 -54.56 -12.93
N GLU A 1865 0.66 -55.23 -13.34
CA GLU A 1865 0.81 -56.53 -13.98
C GLU A 1865 1.36 -56.38 -15.39
N ILE A 1866 1.07 -55.26 -16.06
CA ILE A 1866 1.62 -55.02 -17.39
C ILE A 1866 3.07 -54.56 -17.33
N LYS A 1867 3.51 -53.96 -16.22
CA LYS A 1867 4.90 -53.57 -16.06
C LYS A 1867 5.80 -54.74 -15.72
N ALA A 1868 5.23 -55.90 -15.39
CA ALA A 1868 6.01 -57.05 -14.98
C ALA A 1868 5.93 -58.19 -15.98
N THR A 1869 4.72 -58.68 -16.28
CA THR A 1869 4.60 -59.92 -17.05
C THR A 1869 4.73 -59.65 -18.55
N VAL A 1870 3.78 -58.92 -19.12
CA VAL A 1870 3.78 -58.65 -20.57
C VAL A 1870 4.52 -57.34 -20.76
N THR A 1871 5.85 -57.44 -20.76
CA THR A 1871 6.73 -56.31 -21.11
C THR A 1871 7.85 -56.92 -21.95
N VAL A 1872 7.62 -57.01 -23.25
CA VAL A 1872 8.56 -57.62 -24.18
C VAL A 1872 8.73 -56.72 -25.39
N ASN A 1873 9.82 -56.95 -26.13
CA ASN A 1873 10.01 -56.38 -27.45
C ASN A 1873 10.81 -57.36 -28.29
N THR A 1874 10.49 -57.42 -29.58
CA THR A 1874 11.20 -58.30 -30.50
C THR A 1874 12.18 -57.47 -31.30
N SER A 1875 13.46 -57.60 -30.99
CA SER A 1875 14.52 -56.89 -31.72
C SER A 1875 14.96 -57.68 -32.95
N ASP A 1876 14.00 -58.04 -33.79
CA ASP A 1876 14.23 -58.84 -34.98
C ASP A 1876 13.40 -58.26 -36.12
N LEU A 1877 13.29 -59.01 -37.21
CA LEU A 1877 12.47 -58.61 -38.34
C LEU A 1877 11.57 -59.75 -38.80
N ASP A 1950 -4.39 -69.99 -29.78
CA ASP A 1950 -3.19 -69.79 -30.60
C ASP A 1950 -2.67 -68.37 -30.46
N ASP A 1951 -3.03 -67.71 -29.36
CA ASP A 1951 -2.63 -66.34 -29.11
C ASP A 1951 -2.23 -66.16 -27.66
N LEU A 1952 -1.36 -65.19 -27.41
CA LEU A 1952 -1.00 -64.79 -26.05
C LEU A 1952 -2.12 -63.89 -25.54
N GLU A 1953 -3.15 -64.51 -24.98
CA GLU A 1953 -4.32 -63.76 -24.52
C GLU A 1953 -3.98 -63.01 -23.24
N MET A 1954 -4.57 -61.82 -23.11
CA MET A 1954 -4.26 -60.92 -22.00
C MET A 1954 -4.76 -61.48 -20.67
N SER A 1955 -4.18 -60.97 -19.59
CA SER A 1955 -4.58 -61.41 -18.26
C SER A 1955 -5.97 -60.87 -17.93
N ALA A 1956 -6.62 -61.51 -16.96
CA ALA A 1956 -7.97 -61.14 -16.58
C ALA A 1956 -8.05 -59.81 -15.84
N VAL A 1957 -6.91 -59.23 -15.45
CA VAL A 1957 -6.92 -57.92 -14.78
C VAL A 1957 -6.74 -56.77 -15.76
N ILE A 1958 -6.23 -57.02 -16.97
CA ILE A 1958 -6.12 -56.00 -18.00
C ILE A 1958 -7.36 -55.94 -18.87
N THR A 1959 -7.85 -57.11 -19.30
CA THR A 1959 -9.07 -57.18 -20.09
C THR A 1959 -10.29 -56.71 -19.30
N ILE A 1960 -10.22 -56.75 -17.96
CA ILE A 1960 -11.32 -56.23 -17.16
C ILE A 1960 -11.41 -54.71 -17.20
N MET A 1961 -10.38 -54.01 -17.68
CA MET A 1961 -10.44 -52.55 -17.74
C MET A 1961 -11.10 -52.01 -18.99
N GLN A 1962 -11.38 -52.85 -19.98
CA GLN A 1962 -12.21 -52.39 -21.09
C GLN A 1962 -13.62 -51.99 -20.61
N PRO A 1963 -14.36 -52.80 -19.84
CA PRO A 1963 -15.60 -52.29 -19.28
C PRO A 1963 -15.41 -51.24 -18.19
N ILE A 1964 -14.27 -51.23 -17.49
CA ILE A 1964 -14.03 -50.19 -16.48
C ILE A 1964 -13.94 -48.82 -17.15
N LEU A 1965 -13.13 -48.73 -18.22
CA LEU A 1965 -12.99 -47.49 -18.94
C LEU A 1965 -14.26 -47.12 -19.69
N ARG A 1966 -15.00 -48.12 -20.20
CA ARG A 1966 -16.29 -47.81 -20.82
C ARG A 1966 -17.29 -47.26 -19.81
N PHE A 1967 -17.33 -47.81 -18.60
CA PHE A 1967 -18.23 -47.33 -17.57
C PHE A 1967 -17.83 -45.95 -17.07
N LEU A 1968 -16.53 -45.67 -16.98
CA LEU A 1968 -16.10 -44.33 -16.61
C LEU A 1968 -16.37 -43.32 -17.72
N GLN A 1969 -16.28 -43.75 -18.98
CA GLN A 1969 -16.61 -42.86 -20.10
C GLN A 1969 -18.10 -42.54 -20.12
N LEU A 1970 -18.95 -43.56 -19.94
CA LEU A 1970 -20.40 -43.35 -19.98
C LEU A 1970 -20.92 -42.55 -18.79
N LEU A 1971 -20.13 -42.44 -17.72
CA LEU A 1971 -20.60 -41.74 -16.53
C LEU A 1971 -20.65 -40.23 -16.75
N CYS A 1972 -19.85 -39.72 -17.68
CA CYS A 1972 -19.84 -38.30 -18.02
C CYS A 1972 -20.06 -38.13 -19.52
N GLU A 1973 -21.11 -38.77 -20.03
CA GLU A 1973 -21.23 -39.00 -21.47
C GLU A 1973 -21.53 -37.71 -22.23
N ASN A 1974 -22.67 -37.08 -21.96
CA ASN A 1974 -23.04 -35.89 -22.73
C ASN A 1974 -22.07 -34.75 -22.45
N HIS A 1975 -22.21 -34.10 -21.30
CA HIS A 1975 -21.08 -33.41 -20.69
C HIS A 1975 -21.00 -33.57 -19.18
N ASN A 1976 -22.13 -33.61 -18.47
CA ASN A 1976 -22.25 -34.04 -17.07
C ASN A 1976 -21.28 -33.29 -16.16
N ARG A 1977 -21.57 -31.99 -16.01
CA ARG A 1977 -20.68 -31.06 -15.31
C ARG A 1977 -20.39 -31.50 -13.88
N ASP A 1978 -21.40 -32.04 -13.18
CA ASP A 1978 -21.20 -32.44 -11.80
C ASP A 1978 -20.40 -33.73 -11.67
N LEU A 1979 -20.55 -34.63 -12.63
CA LEU A 1979 -19.85 -35.92 -12.59
C LEU A 1979 -18.47 -35.88 -13.23
N GLN A 1980 -18.10 -34.77 -13.85
CA GLN A 1980 -16.76 -34.61 -14.39
C GLN A 1980 -15.77 -34.13 -13.34
N ASN A 1981 -16.27 -33.45 -12.29
CA ASN A 1981 -15.42 -33.04 -11.19
C ASN A 1981 -15.44 -34.04 -10.03
N PHE A 1982 -16.50 -34.85 -9.92
CA PHE A 1982 -16.60 -35.84 -8.87
C PHE A 1982 -15.70 -37.05 -9.11
N LEU A 1983 -15.21 -37.22 -10.33
CA LEU A 1983 -14.23 -38.26 -10.63
C LEU A 1983 -12.80 -37.82 -10.31
N ARG A 1984 -12.61 -36.56 -9.93
CA ARG A 1984 -11.31 -35.99 -9.61
C ARG A 1984 -11.14 -35.67 -8.14
N CYS A 1985 -12.17 -35.13 -7.51
CA CYS A 1985 -12.16 -34.88 -6.07
C CYS A 1985 -13.54 -35.17 -5.51
N GLN A 1986 -13.60 -36.05 -4.50
CA GLN A 1986 -14.86 -36.48 -3.92
C GLN A 1986 -15.19 -35.77 -2.62
N ASN A 1987 -14.30 -34.88 -2.14
CA ASN A 1987 -14.49 -34.11 -0.91
C ASN A 1987 -14.73 -35.00 0.30
N ASN A 1988 -14.01 -36.12 0.36
CA ASN A 1988 -14.12 -37.07 1.46
C ASN A 1988 -12.89 -36.97 2.35
N LYS A 1989 -12.81 -37.89 3.32
CA LYS A 1989 -11.61 -37.99 4.14
C LYS A 1989 -10.40 -38.39 3.31
N THR A 1990 -10.60 -39.35 2.40
CA THR A 1990 -9.60 -39.71 1.41
C THR A 1990 -10.19 -39.53 0.01
N ASN A 1991 -9.36 -39.12 -0.93
CA ASN A 1991 -9.80 -38.81 -2.28
C ASN A 1991 -8.92 -39.52 -3.29
N TYR A 1992 -9.55 -40.17 -4.27
CA TYR A 1992 -8.86 -40.85 -5.34
C TYR A 1992 -9.16 -40.11 -6.65
N ASN A 1993 -8.10 -39.58 -7.26
CA ASN A 1993 -8.21 -38.89 -8.55
C ASN A 1993 -8.10 -39.93 -9.64
N LEU A 1994 -9.23 -40.27 -10.26
CA LEU A 1994 -9.22 -41.32 -11.27
C LEU A 1994 -8.66 -40.85 -12.61
N VAL A 1995 -8.71 -39.54 -12.88
CA VAL A 1995 -8.25 -39.02 -14.17
C VAL A 1995 -6.75 -39.17 -14.31
N CYS A 1996 -5.99 -38.78 -13.28
CA CYS A 1996 -4.54 -38.81 -13.36
C CYS A 1996 -4.01 -40.24 -13.43
N GLU A 1997 -4.60 -41.15 -12.66
CA GLU A 1997 -4.16 -42.54 -12.73
C GLU A 1997 -4.67 -43.24 -14.00
N THR A 1998 -5.76 -42.77 -14.60
CA THR A 1998 -6.13 -43.25 -15.92
C THR A 1998 -5.09 -42.84 -16.96
N LEU A 1999 -4.57 -41.61 -16.85
CA LEU A 1999 -3.49 -41.20 -17.72
C LEU A 1999 -2.21 -41.99 -17.43
N GLN A 2000 -2.00 -42.35 -16.16
CA GLN A 2000 -0.87 -43.20 -15.80
C GLN A 2000 -0.98 -44.56 -16.46
N PHE A 2001 -2.17 -45.14 -16.46
CA PHE A 2001 -2.39 -46.43 -17.13
C PHE A 2001 -2.17 -46.30 -18.64
N LEU A 2002 -2.66 -45.20 -19.24
CA LEU A 2002 -2.44 -44.98 -20.66
C LEU A 2002 -0.96 -44.83 -20.98
N ASP A 2003 -0.22 -44.18 -20.08
CA ASP A 2003 1.21 -44.00 -20.28
C ASP A 2003 1.96 -45.31 -20.18
N CYS A 2004 1.59 -46.14 -19.19
CA CYS A 2004 2.36 -47.36 -18.96
C CYS A 2004 1.99 -48.50 -19.90
N ILE A 2005 0.78 -48.50 -20.47
CA ILE A 2005 0.38 -49.63 -21.30
C ILE A 2005 1.15 -49.68 -22.61
N CYS A 2006 1.60 -48.53 -23.12
CA CYS A 2006 2.18 -48.45 -24.45
C CYS A 2006 3.52 -47.73 -24.43
N GLY A 2007 4.43 -48.21 -23.58
CA GLY A 2007 5.78 -47.69 -23.57
C GLY A 2007 6.00 -46.41 -22.80
N SER A 2008 5.84 -46.47 -21.48
CA SER A 2008 6.08 -45.33 -20.62
C SER A 2008 7.52 -44.84 -20.74
N THR A 2009 7.66 -43.51 -20.92
CA THR A 2009 8.93 -42.77 -20.94
C THR A 2009 9.81 -43.14 -22.15
N THR A 2010 9.43 -44.17 -22.91
CA THR A 2010 10.20 -44.62 -24.06
C THR A 2010 9.55 -44.23 -25.37
N GLY A 2011 8.23 -44.30 -25.46
CA GLY A 2011 7.54 -43.93 -26.68
C GLY A 2011 7.52 -42.44 -26.95
N GLY A 2012 7.69 -41.62 -25.93
CA GLY A 2012 7.64 -40.18 -26.10
C GLY A 2012 8.87 -39.57 -26.75
N LEU A 2013 9.94 -40.35 -26.93
CA LEU A 2013 11.17 -39.87 -27.51
C LEU A 2013 11.49 -40.52 -28.84
N GLY A 2014 10.61 -41.35 -29.38
CA GLY A 2014 10.99 -42.19 -30.49
C GLY A 2014 10.07 -43.39 -30.64
N LEU A 2015 10.65 -44.58 -30.65
CA LEU A 2015 9.92 -45.80 -30.97
C LEU A 2015 8.81 -46.07 -29.96
N LEU A 2016 7.62 -46.36 -30.48
CA LEU A 2016 6.54 -46.87 -29.65
C LEU A 2016 5.74 -47.97 -30.35
N GLY A 2017 6.06 -48.30 -31.60
CA GLY A 2017 5.36 -49.35 -32.30
C GLY A 2017 5.68 -50.74 -31.83
N LEU A 2018 6.74 -50.91 -31.03
CA LEU A 2018 7.02 -52.21 -30.43
C LEU A 2018 5.99 -52.55 -29.37
N TYR A 2019 5.46 -51.56 -28.66
CA TYR A 2019 4.44 -51.78 -27.66
C TYR A 2019 3.04 -51.88 -28.24
N ILE A 2020 2.86 -51.61 -29.53
CA ILE A 2020 1.55 -51.60 -30.17
C ILE A 2020 1.46 -52.80 -31.10
N ASN A 2021 0.37 -53.57 -30.96
CA ASN A 2021 0.09 -54.67 -31.85
C ASN A 2021 -1.43 -54.79 -31.99
N GLU A 2022 -1.87 -55.80 -32.77
CA GLU A 2022 -3.27 -55.90 -33.14
C GLU A 2022 -4.18 -56.28 -31.97
N LYS A 2023 -3.62 -56.78 -30.87
CA LYS A 2023 -4.42 -57.16 -29.72
C LYS A 2023 -4.41 -56.09 -28.63
N ASN A 2024 -3.75 -54.96 -28.85
CA ASN A 2024 -3.63 -53.92 -27.84
C ASN A 2024 -4.36 -52.63 -28.20
N VAL A 2025 -4.69 -52.41 -29.48
CA VAL A 2025 -5.25 -51.14 -29.91
C VAL A 2025 -6.66 -50.94 -29.38
N ALA A 2026 -7.39 -52.04 -29.13
CA ALA A 2026 -8.78 -51.94 -28.69
C ALA A 2026 -8.91 -51.36 -27.29
N LEU A 2027 -7.84 -51.38 -26.49
CA LEU A 2027 -7.85 -50.76 -25.18
C LEU A 2027 -7.26 -49.35 -25.20
N ILE A 2028 -6.29 -49.11 -26.08
CA ILE A 2028 -5.73 -47.76 -26.21
C ILE A 2028 -6.77 -46.82 -26.81
N ASN A 2029 -7.57 -47.30 -27.76
CA ASN A 2029 -8.68 -46.51 -28.28
C ASN A 2029 -9.67 -46.16 -27.19
N GLN A 2030 -9.99 -47.13 -26.33
CA GLN A 2030 -10.97 -46.90 -25.26
C GLN A 2030 -10.44 -45.90 -24.23
N THR A 2031 -9.16 -45.99 -23.86
CA THR A 2031 -8.66 -45.03 -22.89
C THR A 2031 -8.47 -43.64 -23.51
N LEU A 2032 -8.16 -43.57 -24.81
CA LEU A 2032 -8.11 -42.27 -25.47
C LEU A 2032 -9.49 -41.61 -25.51
N GLU A 2033 -10.53 -42.39 -25.80
CA GLU A 2033 -11.89 -41.86 -25.78
C GLU A 2033 -12.31 -41.47 -24.37
N SER A 2034 -11.89 -42.24 -23.36
CA SER A 2034 -12.24 -41.93 -21.99
C SER A 2034 -11.59 -40.64 -21.51
N LEU A 2035 -10.32 -40.40 -21.85
CA LEU A 2035 -9.73 -39.10 -21.53
C LEU A 2035 -10.29 -37.97 -22.39
N THR A 2036 -10.78 -38.28 -23.59
CA THR A 2036 -11.47 -37.26 -24.38
C THR A 2036 -12.77 -36.83 -23.70
N GLU A 2037 -13.47 -37.77 -23.06
CA GLU A 2037 -14.72 -37.43 -22.39
C GLU A 2037 -14.51 -36.66 -21.10
N TYR A 2038 -13.33 -36.73 -20.49
CA TYR A 2038 -13.10 -36.05 -19.23
C TYR A 2038 -12.94 -34.55 -19.40
N CYS A 2039 -12.52 -34.09 -20.58
CA CYS A 2039 -12.18 -32.70 -20.80
C CYS A 2039 -13.25 -31.90 -21.54
N GLN A 2040 -13.98 -32.54 -22.46
CA GLN A 2040 -15.04 -31.86 -23.20
C GLN A 2040 -16.15 -31.45 -22.25
N GLY A 2041 -16.85 -30.38 -22.59
CA GLY A 2041 -17.64 -29.68 -21.61
C GLY A 2041 -16.66 -28.98 -20.68
N PRO A 2042 -16.04 -27.91 -21.18
CA PRO A 2042 -14.66 -27.58 -20.79
C PRO A 2042 -14.45 -27.22 -19.33
N CYS A 2043 -14.41 -28.24 -18.48
CA CYS A 2043 -13.96 -28.05 -17.10
C CYS A 2043 -12.46 -27.79 -17.11
N HIS A 2044 -12.06 -26.68 -16.51
CA HIS A 2044 -10.66 -26.26 -16.56
C HIS A 2044 -9.79 -27.02 -15.58
N GLU A 2045 -10.37 -27.84 -14.71
CA GLU A 2045 -9.59 -28.60 -13.74
C GLU A 2045 -9.06 -29.90 -14.33
N ASN A 2046 -9.90 -30.63 -15.07
CA ASN A 2046 -9.47 -31.87 -15.68
C ASN A 2046 -8.49 -31.64 -16.82
N GLN A 2047 -8.53 -30.47 -17.46
CA GLN A 2047 -7.56 -30.17 -18.51
C GLN A 2047 -6.21 -29.79 -17.92
N ASN A 2048 -6.20 -29.13 -16.76
CA ASN A 2048 -4.95 -28.86 -16.08
C ASN A 2048 -4.38 -30.11 -15.43
N CYS A 2049 -5.26 -31.02 -14.97
CA CYS A 2049 -4.79 -32.25 -14.34
C CYS A 2049 -4.12 -33.16 -15.35
N ILE A 2050 -4.67 -33.28 -16.56
CA ILE A 2050 -4.11 -34.18 -17.56
C ILE A 2050 -2.77 -33.67 -18.07
N ALA A 2051 -2.69 -32.37 -18.38
CA ALA A 2051 -1.48 -31.85 -19.01
C ALA A 2051 -0.30 -31.74 -18.05
N THR A 2052 -0.55 -31.47 -16.76
CA THR A 2052 0.50 -30.99 -15.87
C THR A 2052 0.77 -31.85 -14.65
N HIS A 2053 0.37 -33.12 -14.63
CA HIS A 2053 0.67 -33.83 -13.40
C HIS A 2053 2.05 -34.48 -13.50
N GLU A 2054 2.42 -35.23 -12.44
CA GLU A 2054 3.80 -35.57 -12.19
C GLU A 2054 4.36 -36.54 -13.24
N SER A 2055 3.66 -37.63 -13.52
CA SER A 2055 4.13 -38.58 -14.52
C SER A 2055 3.66 -38.09 -15.88
N ASN A 2056 4.56 -37.43 -16.62
CA ASN A 2056 4.18 -36.68 -17.80
C ASN A 2056 3.73 -37.59 -18.93
N GLY A 2057 2.43 -37.87 -18.98
CA GLY A 2057 1.82 -38.69 -19.99
C GLY A 2057 1.30 -37.93 -21.19
N ILE A 2058 1.49 -36.61 -21.24
CA ILE A 2058 1.14 -35.85 -22.43
C ILE A 2058 2.20 -35.97 -23.51
N ASP A 2059 3.37 -36.52 -23.19
CA ASP A 2059 4.46 -36.66 -24.14
C ASP A 2059 4.23 -37.79 -25.13
N ILE A 2060 3.31 -38.70 -24.82
CA ILE A 2060 3.11 -39.89 -25.64
C ILE A 2060 1.81 -39.81 -26.44
N ILE A 2061 0.79 -39.10 -25.95
CA ILE A 2061 -0.33 -38.75 -26.81
C ILE A 2061 0.09 -37.71 -27.84
N THR A 2062 1.15 -36.97 -27.56
CA THR A 2062 1.76 -36.11 -28.57
C THR A 2062 2.57 -36.93 -29.57
N ALA A 2063 3.25 -37.98 -29.10
CA ALA A 2063 4.27 -38.65 -29.90
C ALA A 2063 3.67 -39.43 -31.05
N LEU A 2064 2.51 -40.06 -30.85
CA LEU A 2064 2.03 -41.02 -31.84
C LEU A 2064 1.35 -40.38 -33.03
N ILE A 2065 1.16 -39.06 -33.02
CA ILE A 2065 0.71 -38.37 -34.23
C ILE A 2065 1.87 -37.71 -34.98
N LEU A 2066 3.02 -37.52 -34.35
CA LEU A 2066 4.16 -36.94 -35.02
C LEU A 2066 4.93 -38.01 -35.80
N ASN A 2067 5.37 -39.06 -35.12
CA ASN A 2067 6.12 -40.12 -35.76
C ASN A 2067 5.18 -41.22 -36.24
N ASP A 2068 5.71 -42.08 -37.10
CA ASP A 2068 4.96 -43.20 -37.65
C ASP A 2068 5.21 -44.47 -36.86
N ILE A 2069 4.21 -45.35 -36.84
CA ILE A 2069 4.34 -46.65 -36.21
C ILE A 2069 5.21 -47.54 -37.06
N ASN A 2070 6.19 -48.19 -36.43
CA ASN A 2070 7.18 -48.97 -37.17
C ASN A 2070 6.60 -50.18 -37.91
N PRO A 2071 5.75 -51.04 -37.32
CA PRO A 2071 5.14 -52.11 -38.14
C PRO A 2071 4.08 -51.54 -39.07
N LEU A 2072 4.07 -52.04 -40.30
CA LEU A 2072 3.07 -51.69 -41.30
C LEU A 2072 2.50 -52.97 -41.90
N GLY A 2073 1.19 -52.96 -42.16
CA GLY A 2073 0.53 -54.15 -42.67
C GLY A 2073 -0.85 -53.80 -43.18
N LYS A 2074 -1.57 -54.86 -43.58
CA LYS A 2074 -2.91 -54.67 -44.14
C LYS A 2074 -3.89 -54.19 -43.08
N LYS A 2075 -3.92 -54.85 -41.92
CA LYS A 2075 -4.71 -54.39 -40.79
C LYS A 2075 -3.87 -53.53 -39.86
N ARG A 2076 -3.21 -52.52 -40.42
CA ARG A 2076 -2.44 -51.58 -39.60
C ARG A 2076 -2.80 -50.14 -39.94
N MET A 2077 -3.03 -49.86 -41.23
CA MET A 2077 -3.37 -48.52 -41.65
C MET A 2077 -4.77 -48.14 -41.18
N ASP A 2078 -5.72 -49.06 -41.31
CA ASP A 2078 -7.09 -48.88 -40.86
C ASP A 2078 -7.26 -49.00 -39.35
N LEU A 2079 -6.17 -49.08 -38.60
CA LEU A 2079 -6.20 -48.91 -37.15
C LEU A 2079 -5.39 -47.71 -36.70
N VAL A 2080 -4.28 -47.43 -37.37
CA VAL A 2080 -3.49 -46.24 -37.03
C VAL A 2080 -4.23 -44.98 -37.45
N LEU A 2081 -5.13 -45.06 -38.43
CA LEU A 2081 -5.95 -43.90 -38.77
C LEU A 2081 -6.84 -43.48 -37.62
N GLU A 2082 -7.59 -44.43 -37.05
CA GLU A 2082 -8.45 -44.12 -35.91
C GLU A 2082 -7.63 -43.82 -34.66
N LEU A 2083 -6.46 -44.43 -34.51
CA LEU A 2083 -5.59 -44.13 -33.37
C LEU A 2083 -5.12 -42.67 -33.40
N LYS A 2084 -4.60 -42.23 -34.56
CA LYS A 2084 -4.16 -40.85 -34.70
C LYS A 2084 -5.33 -39.88 -34.64
N ASN A 2085 -6.49 -40.28 -35.16
CA ASN A 2085 -7.67 -39.43 -35.11
C ASN A 2085 -8.13 -39.21 -33.67
N ASN A 2086 -8.15 -40.27 -32.86
CA ASN A 2086 -8.55 -40.14 -31.47
C ASN A 2086 -7.53 -39.34 -30.67
N ALA A 2087 -6.24 -39.52 -30.97
CA ALA A 2087 -5.22 -38.74 -30.28
C ALA A 2087 -5.32 -37.25 -30.61
N SER A 2088 -5.56 -36.92 -31.88
CA SER A 2088 -5.74 -35.52 -32.28
C SER A 2088 -7.01 -34.94 -31.66
N LYS A 2089 -8.07 -35.74 -31.57
CA LYS A 2089 -9.30 -35.29 -30.93
C LYS A 2089 -9.08 -35.01 -29.45
N LEU A 2090 -8.29 -35.86 -28.77
CA LEU A 2090 -7.96 -35.61 -27.37
C LEU A 2090 -7.13 -34.35 -27.20
N LEU A 2091 -6.17 -34.11 -28.10
CA LEU A 2091 -5.37 -32.91 -28.01
C LEU A 2091 -6.19 -31.66 -28.27
N LEU A 2092 -7.20 -31.75 -29.15
CA LEU A 2092 -8.14 -30.64 -29.31
C LEU A 2092 -9.00 -30.46 -28.07
N ALA A 2093 -9.38 -31.56 -27.43
CA ALA A 2093 -10.22 -31.47 -26.23
C ALA A 2093 -9.48 -30.84 -25.06
N ILE A 2094 -8.15 -31.04 -24.99
CA ILE A 2094 -7.37 -30.39 -23.94
C ILE A 2094 -7.34 -28.87 -24.15
N MET A 2095 -7.06 -28.44 -25.38
CA MET A 2095 -7.06 -27.02 -25.73
C MET A 2095 -8.38 -26.68 -26.42
N GLU A 2096 -9.43 -26.57 -25.62
CA GLU A 2096 -10.76 -26.34 -26.19
C GLU A 2096 -11.10 -24.85 -26.20
N SER A 2097 -11.17 -24.23 -25.03
CA SER A 2097 -11.30 -22.78 -24.93
C SER A 2097 -10.64 -22.38 -23.61
N ARG A 2098 -9.37 -22.00 -23.69
CA ARG A 2098 -8.59 -21.72 -22.50
C ARG A 2098 -8.01 -20.31 -22.49
N HIS A 2099 -7.37 -19.89 -23.58
CA HIS A 2099 -6.65 -18.60 -23.68
C HIS A 2099 -5.60 -18.49 -22.58
N ASP A 2100 -4.96 -19.61 -22.26
CA ASP A 2100 -4.00 -19.71 -21.18
C ASP A 2100 -2.69 -20.23 -21.74
N SER A 2101 -1.58 -19.60 -21.35
CA SER A 2101 -0.29 -19.90 -21.94
C SER A 2101 0.32 -21.21 -21.44
N GLU A 2102 0.08 -21.56 -20.17
CA GLU A 2102 0.86 -22.63 -19.53
C GLU A 2102 0.56 -24.00 -20.13
N ASN A 2103 -0.71 -24.28 -20.40
CA ASN A 2103 -1.05 -25.58 -20.98
C ASN A 2103 -0.65 -25.65 -22.45
N ALA A 2104 -0.55 -24.50 -23.12
CA ALA A 2104 -0.07 -24.50 -24.49
C ALA A 2104 1.45 -24.70 -24.55
N GLU A 2105 2.19 -24.02 -23.67
CA GLU A 2105 3.64 -24.17 -23.70
C GLU A 2105 4.08 -25.50 -23.13
N ARG A 2106 3.28 -26.12 -22.26
CA ARG A 2106 3.57 -27.48 -21.83
C ARG A 2106 3.47 -28.45 -23.01
N ILE A 2107 2.47 -28.26 -23.87
CA ILE A 2107 2.37 -29.05 -25.09
C ILE A 2107 3.51 -28.72 -26.03
N LEU A 2108 3.80 -27.43 -26.20
CA LEU A 2108 4.79 -26.96 -27.17
C LEU A 2108 6.22 -27.25 -26.74
N TYR A 2109 6.45 -27.62 -25.48
CA TYR A 2109 7.80 -27.90 -25.00
C TYR A 2109 8.32 -29.18 -25.64
N ASN A 2110 7.44 -30.12 -25.93
CA ASN A 2110 7.87 -31.46 -26.37
C ASN A 2110 8.37 -31.45 -27.80
N MET A 2111 7.53 -31.05 -28.75
CA MET A 2111 7.92 -31.11 -30.14
C MET A 2111 8.65 -29.83 -30.52
N ARG A 2112 9.48 -29.95 -31.55
CA ARG A 2112 9.85 -28.77 -32.31
C ARG A 2112 8.71 -28.44 -33.27
N PRO A 2113 8.53 -27.16 -33.62
CA PRO A 2113 7.37 -26.79 -34.44
C PRO A 2113 7.45 -27.32 -35.86
N LYS A 2114 7.27 -28.63 -36.01
CA LYS A 2114 7.20 -29.29 -37.31
C LYS A 2114 5.80 -29.81 -37.62
N GLU A 2115 4.77 -29.26 -36.97
CA GLU A 2115 3.41 -29.59 -37.32
C GLU A 2115 3.08 -29.19 -38.76
N LEU A 2116 3.75 -28.17 -39.29
CA LEU A 2116 3.49 -27.78 -40.68
C LEU A 2116 3.98 -28.84 -41.65
N VAL A 2117 5.17 -29.40 -41.43
CA VAL A 2117 5.63 -30.46 -42.32
C VAL A 2117 4.85 -31.74 -42.04
N GLU A 2118 4.36 -31.93 -40.82
CA GLU A 2118 3.49 -33.06 -40.53
C GLU A 2118 2.19 -32.98 -41.33
N VAL A 2119 1.54 -31.82 -41.34
CA VAL A 2119 0.28 -31.70 -42.07
C VAL A 2119 0.51 -31.65 -43.58
N ILE A 2120 1.67 -31.16 -44.02
CA ILE A 2120 2.00 -31.18 -45.45
C ILE A 2120 2.15 -32.63 -45.92
N LYS A 2121 2.89 -33.44 -45.16
CA LYS A 2121 3.03 -34.85 -45.48
C LYS A 2121 1.69 -35.57 -45.40
N LYS A 2122 0.87 -35.21 -44.41
CA LYS A 2122 -0.34 -35.98 -44.16
C LYS A 2122 -1.38 -35.65 -45.23
N ALA A 2123 -1.35 -34.41 -45.74
CA ALA A 2123 -2.20 -34.04 -46.87
C ALA A 2123 -1.71 -34.68 -48.17
N TYR A 2124 -0.39 -34.74 -48.36
CA TYR A 2124 0.14 -35.40 -49.56
C TYR A 2124 -0.06 -36.91 -49.55
N MET A 2125 -0.33 -37.50 -48.38
CA MET A 2125 -0.68 -38.92 -48.33
C MET A 2125 -2.10 -39.19 -48.79
N GLN A 2126 -2.86 -38.19 -49.23
CA GLN A 2126 -4.16 -38.38 -49.85
C GLN A 2126 -4.07 -38.56 -51.36
N GLY A 2127 -2.91 -38.26 -51.96
CA GLY A 2127 -2.82 -38.17 -53.40
C GLY A 2127 -2.93 -39.48 -54.15
N GLU A 2128 -2.66 -40.61 -53.48
CA GLU A 2128 -2.66 -41.89 -54.19
C GLU A 2128 -4.05 -42.43 -54.48
N VAL A 2129 -5.09 -41.85 -53.88
CA VAL A 2129 -6.45 -42.29 -54.15
C VAL A 2129 -7.20 -41.24 -54.96
N ALA A 2141 -15.26 -38.31 -41.18
CA ALA A 2141 -15.09 -39.75 -41.00
C ALA A 2141 -13.62 -40.10 -40.79
N ALA A 2142 -13.32 -41.39 -40.85
CA ALA A 2142 -11.95 -41.88 -40.72
C ALA A 2142 -11.28 -41.80 -42.09
N SER A 2143 -10.83 -40.60 -42.46
CA SER A 2143 -10.18 -40.37 -43.74
C SER A 2143 -8.88 -39.63 -43.47
N PRO A 2144 -7.86 -39.81 -44.33
CA PRO A 2144 -6.55 -39.22 -44.03
C PRO A 2144 -6.51 -37.70 -44.07
N ARG A 2145 -7.39 -37.05 -44.83
CA ARG A 2145 -7.31 -35.60 -44.95
C ARG A 2145 -7.87 -34.88 -43.73
N ASN A 2146 -8.87 -35.48 -43.07
CA ASN A 2146 -9.47 -34.82 -41.91
C ASN A 2146 -8.54 -34.82 -40.71
N VAL A 2147 -7.67 -35.83 -40.61
CA VAL A 2147 -6.71 -35.90 -39.51
C VAL A 2147 -5.76 -34.71 -39.57
N GLY A 2148 -5.17 -34.47 -40.75
CA GLY A 2148 -4.30 -33.32 -40.93
C GLY A 2148 -5.00 -32.01 -40.69
N HIS A 2149 -6.30 -31.96 -40.97
CA HIS A 2149 -7.09 -30.77 -40.64
C HIS A 2149 -7.21 -30.58 -39.13
N ASN A 2150 -7.33 -31.68 -38.39
CA ASN A 2150 -7.36 -31.59 -36.93
C ASN A 2150 -6.05 -31.08 -36.36
N ILE A 2151 -4.91 -31.62 -36.84
CA ILE A 2151 -3.62 -31.07 -36.40
C ILE A 2151 -3.44 -29.63 -36.88
N TYR A 2152 -3.99 -29.26 -38.04
CA TYR A 2152 -3.91 -27.86 -38.47
C TYR A 2152 -4.67 -26.95 -37.52
N ILE A 2153 -5.86 -27.36 -37.08
CA ILE A 2153 -6.64 -26.56 -36.15
C ILE A 2153 -5.91 -26.45 -34.81
N LEU A 2154 -5.30 -27.55 -34.36
CA LEU A 2154 -4.54 -27.52 -33.12
C LEU A 2154 -3.34 -26.59 -33.22
N ALA A 2155 -2.63 -26.62 -34.35
CA ALA A 2155 -1.48 -25.74 -34.54
C ALA A 2155 -1.91 -24.29 -34.69
N HIS A 2156 -3.08 -24.04 -35.27
CA HIS A 2156 -3.62 -22.69 -35.32
C HIS A 2156 -3.93 -22.17 -33.92
N GLN A 2157 -4.48 -23.04 -33.06
CA GLN A 2157 -4.75 -22.63 -31.69
C GLN A 2157 -3.45 -22.41 -30.90
N LEU A 2158 -2.43 -23.21 -31.18
CA LEU A 2158 -1.15 -23.08 -30.48
C LEU A 2158 -0.32 -21.91 -30.98
N ALA A 2159 -0.64 -21.36 -32.15
CA ALA A 2159 0.19 -20.33 -32.76
C ALA A 2159 0.07 -18.98 -32.08
N ARG A 2160 -0.99 -18.76 -31.31
CA ARG A 2160 -1.18 -17.46 -30.66
C ARG A 2160 -0.25 -17.25 -29.48
N HIS A 2161 0.46 -18.29 -29.02
CA HIS A 2161 1.47 -18.15 -27.98
C HIS A 2161 2.88 -18.24 -28.53
N ASN A 2162 3.13 -19.14 -29.48
CA ASN A 2162 4.45 -19.26 -30.10
C ASN A 2162 4.53 -18.29 -31.26
N LYS A 2163 5.33 -17.23 -31.09
CA LYS A 2163 5.49 -16.25 -32.16
C LYS A 2163 6.26 -16.85 -33.33
N GLU A 2164 7.17 -17.79 -33.07
CA GLU A 2164 7.91 -18.44 -34.14
C GLU A 2164 6.98 -19.29 -35.00
N LEU A 2165 6.02 -19.97 -34.37
CA LEU A 2165 5.07 -20.79 -35.13
C LEU A 2165 4.09 -19.93 -35.90
N GLN A 2166 3.67 -18.80 -35.33
CA GLN A 2166 2.66 -17.94 -35.96
C GLN A 2166 3.16 -17.37 -37.28
N THR A 2167 4.43 -16.98 -37.33
CA THR A 2167 4.99 -16.30 -38.50
C THR A 2167 5.47 -17.26 -39.58
N MET A 2168 4.98 -18.50 -39.61
CA MET A 2168 5.33 -19.43 -40.68
C MET A 2168 4.19 -20.30 -41.17
N LEU A 2169 2.97 -20.14 -40.66
CA LEU A 2169 1.81 -20.66 -41.38
C LEU A 2169 1.09 -19.55 -42.14
N LYS A 2170 1.06 -18.34 -41.58
CA LYS A 2170 0.47 -17.20 -42.27
C LYS A 2170 1.18 -16.82 -43.57
N PRO A 2171 2.54 -16.61 -43.62
CA PRO A 2171 3.12 -16.10 -44.88
C PRO A 2171 3.39 -17.16 -45.91
N GLY A 2172 2.77 -18.34 -45.77
CA GLY A 2172 2.99 -19.45 -46.69
C GLY A 2172 2.49 -19.28 -48.11
N GLY A 2173 2.04 -18.07 -48.47
CA GLY A 2173 1.66 -17.81 -49.85
C GLY A 2173 2.83 -17.84 -50.81
N GLN A 2174 4.00 -17.38 -50.36
CA GLN A 2174 5.17 -17.25 -51.20
C GLN A 2174 6.10 -18.46 -51.13
N VAL A 2175 5.70 -19.52 -50.42
CA VAL A 2175 6.50 -20.73 -50.35
C VAL A 2175 5.88 -21.79 -51.25
N ASP A 2176 6.65 -22.85 -51.51
CA ASP A 2176 6.21 -23.92 -52.39
C ASP A 2176 5.16 -24.83 -51.76
N GLY A 2177 5.10 -24.90 -50.43
CA GLY A 2177 4.10 -25.71 -49.76
C GLY A 2177 2.74 -25.04 -49.74
N ASP A 2178 2.09 -24.99 -50.91
CA ASP A 2178 0.87 -24.21 -51.04
C ASP A 2178 -0.39 -25.04 -50.82
N GLU A 2179 -0.37 -26.31 -51.25
CA GLU A 2179 -1.58 -27.13 -51.25
C GLU A 2179 -2.14 -27.29 -49.85
N ALA A 2180 -1.37 -27.89 -48.95
CA ALA A 2180 -1.85 -28.20 -47.61
C ALA A 2180 -2.16 -26.93 -46.83
N LEU A 2181 -1.24 -25.95 -46.86
CA LEU A 2181 -1.40 -24.76 -46.03
C LEU A 2181 -2.59 -23.92 -46.46
N GLU A 2182 -2.69 -23.58 -47.75
CA GLU A 2182 -3.84 -22.77 -48.15
C GLU A 2182 -5.13 -23.57 -48.27
N PHE A 2183 -5.08 -24.89 -48.46
CA PHE A 2183 -6.31 -25.69 -48.35
C PHE A 2183 -6.86 -25.65 -46.94
N TYR A 2184 -6.01 -25.91 -45.94
CA TYR A 2184 -6.48 -25.95 -44.58
C TYR A 2184 -6.77 -24.56 -44.03
N ALA A 2185 -6.13 -23.52 -44.58
CA ALA A 2185 -6.48 -22.16 -44.19
C ALA A 2185 -7.78 -21.70 -44.84
N LYS A 2186 -8.07 -22.17 -46.05
CA LYS A 2186 -9.31 -21.82 -46.72
C LYS A 2186 -10.50 -22.53 -46.06
N HIS A 2187 -10.31 -23.76 -45.60
CA HIS A 2187 -11.42 -24.55 -45.09
C HIS A 2187 -11.54 -24.49 -43.58
N THR A 2188 -11.03 -23.45 -42.93
CA THR A 2188 -11.09 -23.30 -41.48
C THR A 2188 -11.70 -21.95 -41.13
N ALA A 2189 -12.73 -21.97 -40.29
CA ALA A 2189 -13.41 -20.77 -39.84
C ALA A 2189 -13.15 -20.55 -38.36
N GLN A 2190 -13.81 -19.52 -37.80
CA GLN A 2190 -13.52 -19.07 -36.43
C GLN A 2190 -14.69 -18.20 -35.97
N ILE A 2191 -15.18 -18.45 -34.76
CA ILE A 2191 -16.42 -17.86 -34.25
C ILE A 2191 -16.21 -17.57 -32.77
N GLU A 2192 -16.93 -16.58 -32.24
CA GLU A 2192 -16.92 -16.26 -30.81
C GLU A 2192 -18.34 -16.30 -30.26
N ILE A 2193 -18.52 -16.99 -29.13
CA ILE A 2193 -19.83 -17.17 -28.52
C ILE A 2193 -19.82 -16.68 -27.07
N VAL A 2194 -20.99 -16.67 -26.44
CA VAL A 2194 -21.14 -16.29 -25.04
C VAL A 2194 -21.90 -17.42 -24.34
N ARG A 2195 -21.36 -17.90 -23.22
CA ARG A 2195 -21.97 -19.00 -22.49
C ARG A 2195 -22.90 -18.47 -21.39
N LEU A 2196 -23.32 -19.36 -20.49
CA LEU A 2196 -24.27 -19.00 -19.43
C LEU A 2196 -23.70 -17.96 -18.47
N ASP A 2197 -22.44 -18.10 -18.08
CA ASP A 2197 -21.81 -17.21 -17.12
C ASP A 2197 -21.33 -15.90 -17.76
N ARG A 2198 -21.80 -15.60 -18.97
CA ARG A 2198 -21.46 -14.39 -19.72
C ARG A 2198 -19.96 -14.28 -19.94
N THR A 2199 -19.34 -15.38 -20.34
CA THR A 2199 -17.93 -15.44 -20.66
C THR A 2199 -17.76 -15.69 -22.15
N MET A 2200 -16.80 -15.00 -22.75
CA MET A 2200 -16.59 -15.03 -24.18
C MET A 2200 -15.43 -15.95 -24.51
N GLU A 2201 -15.69 -16.98 -25.32
CA GLU A 2201 -14.69 -17.94 -25.72
C GLU A 2201 -14.72 -18.13 -27.22
N GLN A 2202 -13.60 -18.56 -27.76
CA GLN A 2202 -13.36 -18.62 -29.20
C GLN A 2202 -13.31 -20.06 -29.68
N ILE A 2203 -14.02 -20.33 -30.77
CA ILE A 2203 -14.15 -21.68 -31.31
C ILE A 2203 -13.57 -21.71 -32.71
N VAL A 2204 -12.71 -22.69 -32.99
CA VAL A 2204 -12.16 -22.94 -34.31
C VAL A 2204 -12.73 -24.26 -34.80
N PHE A 2205 -13.33 -24.26 -35.98
CA PHE A 2205 -14.03 -25.41 -36.50
C PHE A 2205 -13.78 -25.53 -38.01
N PRO A 2206 -13.94 -26.73 -38.58
CA PRO A 2206 -13.90 -26.85 -40.04
C PRO A 2206 -15.23 -26.49 -40.65
N VAL A 2207 -15.18 -25.87 -41.83
CA VAL A 2207 -16.41 -25.50 -42.53
C VAL A 2207 -17.01 -26.75 -43.15
N PRO A 2208 -18.32 -26.85 -43.27
CA PRO A 2208 -18.92 -27.95 -44.02
C PRO A 2208 -18.59 -27.85 -45.50
N SER A 2209 -18.61 -29.01 -46.16
CA SER A 2209 -18.36 -29.04 -47.59
C SER A 2209 -19.51 -28.45 -48.39
N ILE A 2210 -20.70 -28.34 -47.81
CA ILE A 2210 -21.85 -27.81 -48.53
C ILE A 2210 -21.92 -26.29 -48.49
N CYS A 2211 -21.13 -25.64 -47.63
CA CYS A 2211 -21.18 -24.20 -47.50
C CYS A 2211 -20.52 -23.47 -48.66
N GLU A 2212 -19.65 -24.15 -49.42
CA GLU A 2212 -19.06 -23.54 -50.59
C GLU A 2212 -20.00 -23.52 -51.79
N PHE A 2213 -21.13 -24.21 -51.71
CA PHE A 2213 -22.13 -24.23 -52.77
C PHE A 2213 -23.17 -23.13 -52.58
N LEU A 2214 -22.70 -21.90 -52.41
CA LEU A 2214 -23.57 -20.75 -52.18
C LEU A 2214 -23.17 -19.62 -53.12
N THR A 2215 -24.14 -19.10 -53.86
CA THR A 2215 -23.86 -18.04 -54.81
C THR A 2215 -23.59 -16.73 -54.09
N LYS A 2216 -22.67 -15.94 -54.65
CA LYS A 2216 -22.30 -14.68 -54.01
C LYS A 2216 -23.36 -13.60 -54.18
N GLU A 2217 -24.25 -13.74 -55.17
CA GLU A 2217 -25.37 -12.80 -55.30
C GLU A 2217 -26.31 -12.92 -54.11
N SER A 2218 -26.60 -14.14 -53.67
CA SER A 2218 -27.41 -14.33 -52.47
C SER A 2218 -26.68 -13.84 -51.23
N LYS A 2219 -25.35 -13.97 -51.20
CA LYS A 2219 -24.58 -13.45 -50.08
C LYS A 2219 -24.69 -11.93 -50.00
N LEU A 2220 -24.60 -11.24 -51.14
CA LEU A 2220 -24.75 -9.79 -51.16
C LEU A 2220 -26.17 -9.38 -50.79
N ARG A 2221 -27.17 -10.16 -51.23
CA ARG A 2221 -28.55 -9.88 -50.85
C ARG A 2221 -28.75 -9.98 -49.34
N ILE A 2222 -28.17 -11.00 -48.71
CA ILE A 2222 -28.31 -11.16 -47.28
C ILE A 2222 -27.56 -10.06 -46.54
N TYR A 2223 -26.39 -9.66 -47.06
CA TYR A 2223 -25.62 -8.59 -46.43
C TYR A 2223 -26.32 -7.25 -46.51
N TYR A 2224 -27.03 -6.97 -47.61
CA TYR A 2224 -27.64 -5.65 -47.76
C TYR A 2224 -29.05 -5.57 -47.21
N THR A 2225 -29.88 -6.57 -47.50
CA THR A 2225 -31.31 -6.47 -47.19
C THR A 2225 -31.66 -6.75 -45.74
N THR A 2226 -30.70 -7.21 -44.93
CA THR A 2226 -30.99 -7.46 -43.53
C THR A 2226 -31.14 -6.14 -42.78
N GLU A 2227 -32.20 -6.02 -41.97
CA GLU A 2227 -32.52 -4.78 -41.27
C GLU A 2227 -32.49 -5.03 -39.77
N ARG A 2228 -32.21 -3.96 -39.03
CA ARG A 2228 -32.14 -4.05 -37.57
C ARG A 2228 -33.51 -3.82 -36.95
N ASP A 2229 -33.69 -4.38 -35.76
CA ASP A 2229 -34.93 -4.27 -35.02
C ASP A 2229 -34.85 -3.07 -34.07
N GLU A 2230 -35.80 -3.00 -33.12
CA GLU A 2230 -35.89 -1.84 -32.24
C GLU A 2230 -34.73 -1.76 -31.27
N GLN A 2231 -34.10 -2.89 -30.96
CA GLN A 2231 -32.93 -2.92 -30.08
C GLN A 2231 -31.63 -2.66 -30.82
N GLY A 2232 -31.67 -2.48 -32.13
CA GLY A 2232 -30.46 -2.21 -32.90
C GLY A 2232 -29.56 -3.41 -33.07
N SER A 2233 -30.10 -4.49 -33.64
CA SER A 2233 -29.33 -5.70 -33.89
C SER A 2233 -29.85 -6.36 -35.15
N LYS A 2234 -28.95 -6.91 -35.94
CA LYS A 2234 -29.32 -7.52 -37.20
C LYS A 2234 -29.40 -9.04 -37.14
N ILE A 2235 -29.13 -9.65 -35.99
CA ILE A 2235 -29.01 -11.10 -35.93
C ILE A 2235 -30.36 -11.81 -35.95
N ASN A 2236 -31.43 -11.14 -35.51
CA ASN A 2236 -32.74 -11.77 -35.41
C ASN A 2236 -33.30 -12.13 -36.78
N ASP A 2237 -33.17 -11.22 -37.76
CA ASP A 2237 -33.58 -11.54 -39.12
C ASP A 2237 -32.51 -12.37 -39.84
N PHE A 2238 -31.26 -12.24 -39.39
CA PHE A 2238 -30.16 -13.01 -39.96
C PHE A 2238 -30.35 -14.50 -39.74
N PHE A 2239 -30.97 -14.89 -38.62
CA PHE A 2239 -31.23 -16.30 -38.37
C PHE A 2239 -32.19 -16.90 -39.38
N LEU A 2240 -33.30 -16.19 -39.67
CA LEU A 2240 -34.27 -16.66 -40.65
C LEU A 2240 -33.66 -16.72 -42.05
N ARG A 2241 -32.90 -15.69 -42.40
CA ARG A 2241 -32.21 -15.70 -43.69
C ARG A 2241 -31.17 -16.82 -43.76
N SER A 2242 -30.58 -17.19 -42.62
CA SER A 2242 -29.64 -18.30 -42.58
C SER A 2242 -30.33 -19.63 -42.87
N GLU A 2243 -31.54 -19.81 -42.31
CA GLU A 2243 -32.29 -21.04 -42.61
C GLU A 2243 -32.65 -21.13 -44.10
N ASP A 2244 -33.09 -20.01 -44.67
CA ASP A 2244 -33.38 -19.99 -46.11
C ASP A 2244 -32.13 -20.25 -46.93
N LEU A 2245 -30.98 -19.74 -46.48
CA LEU A 2245 -29.73 -19.99 -47.17
C LEU A 2245 -29.32 -21.46 -47.10
N PHE A 2246 -29.62 -22.12 -45.98
CA PHE A 2246 -29.35 -23.55 -45.86
C PHE A 2246 -30.15 -24.35 -46.87
N ASN A 2247 -31.44 -24.03 -47.00
CA ASN A 2247 -32.26 -24.73 -48.00
C ASN A 2247 -31.79 -24.43 -49.42
N GLU A 2248 -31.34 -23.19 -49.66
CA GLU A 2248 -30.83 -22.82 -50.98
C GLU A 2248 -29.55 -23.57 -51.31
N MET A 2249 -28.66 -23.76 -50.33
CA MET A 2249 -27.43 -24.51 -50.57
C MET A 2249 -27.72 -25.98 -50.81
N ASN A 2250 -28.71 -26.54 -50.10
CA ASN A 2250 -29.13 -27.91 -50.36
C ASN A 2250 -29.59 -28.08 -51.80
N TRP A 2251 -30.47 -27.18 -52.26
CA TRP A 2251 -30.95 -27.27 -53.63
C TRP A 2251 -29.84 -27.02 -54.65
N GLN A 2252 -28.89 -26.14 -54.35
CA GLN A 2252 -27.79 -25.89 -55.28
C GLN A 2252 -26.91 -27.14 -55.44
N LYS A 2253 -26.63 -27.83 -54.33
CA LYS A 2253 -25.88 -29.07 -54.41
C LYS A 2253 -26.64 -30.13 -55.19
N LYS A 2254 -27.97 -30.19 -55.02
CA LYS A 2254 -28.77 -31.12 -55.81
C LYS A 2254 -28.74 -30.77 -57.29
N LEU A 2255 -28.78 -29.47 -57.62
CA LEU A 2255 -28.86 -29.01 -59.00
C LEU A 2255 -27.54 -29.16 -59.74
N ARG A 2256 -26.41 -29.10 -59.04
CA ARG A 2256 -25.11 -29.08 -59.70
C ARG A 2256 -24.81 -30.36 -60.50
N ALA A 2257 -25.55 -31.44 -60.25
CA ALA A 2257 -25.31 -32.69 -60.98
C ALA A 2257 -25.73 -32.59 -62.44
N GLN A 2258 -26.87 -31.94 -62.72
CA GLN A 2258 -27.39 -31.89 -64.09
C GLN A 2258 -26.55 -30.92 -64.93
N PRO A 2259 -26.09 -31.33 -66.10
CA PRO A 2259 -25.26 -30.44 -66.93
C PRO A 2259 -26.04 -29.35 -67.66
N VAL A 2260 -27.20 -29.69 -68.22
CA VAL A 2260 -27.91 -28.75 -69.09
C VAL A 2260 -28.79 -27.82 -68.27
N LEU A 2261 -29.44 -28.32 -67.22
CA LEU A 2261 -30.27 -27.47 -66.38
C LEU A 2261 -29.43 -26.44 -65.64
N TYR A 2262 -28.24 -26.84 -65.20
CA TYR A 2262 -27.33 -25.88 -64.58
C TYR A 2262 -26.82 -24.86 -65.59
N TRP A 2263 -26.66 -25.26 -66.85
CA TRP A 2263 -26.26 -24.30 -67.88
C TRP A 2263 -27.37 -23.29 -68.14
N CYS A 2264 -28.63 -23.74 -68.13
CA CYS A 2264 -29.74 -22.80 -68.32
C CYS A 2264 -29.91 -21.89 -67.11
N ALA A 2265 -29.78 -22.45 -65.90
CA ALA A 2265 -29.96 -21.64 -64.69
C ALA A 2265 -28.77 -20.73 -64.43
N ARG A 2266 -27.61 -21.01 -65.02
CA ARG A 2266 -26.43 -20.19 -64.82
C ARG A 2266 -26.42 -18.94 -65.67
N ASN A 2267 -27.34 -18.81 -66.64
CA ASN A 2267 -27.28 -17.76 -67.63
C ASN A 2267 -28.61 -17.02 -67.73
N MET A 2268 -29.21 -16.69 -66.58
CA MET A 2268 -30.49 -15.99 -66.55
C MET A 2268 -30.37 -14.58 -67.12
N SER A 2269 -29.24 -13.92 -66.86
CA SER A 2269 -29.07 -12.53 -67.24
C SER A 2269 -29.10 -12.36 -68.76
N PHE A 2270 -28.51 -13.31 -69.49
CA PHE A 2270 -28.50 -13.24 -70.94
C PHE A 2270 -29.91 -13.33 -71.51
N TRP A 2271 -30.70 -14.29 -71.02
CA TRP A 2271 -32.08 -14.46 -71.51
C TRP A 2271 -32.92 -13.23 -71.18
N SER A 2272 -32.81 -12.73 -69.94
CA SER A 2272 -33.61 -11.57 -69.55
C SER A 2272 -33.23 -10.32 -70.34
N SER A 2273 -31.93 -10.11 -70.55
CA SER A 2273 -31.47 -8.94 -71.29
C SER A 2273 -31.92 -9.00 -72.74
N ILE A 2274 -31.79 -10.16 -73.39
CA ILE A 2274 -32.16 -10.20 -74.80
C ILE A 2274 -33.69 -10.12 -74.97
N SER A 2275 -34.45 -10.66 -74.01
CA SER A 2275 -35.91 -10.51 -74.07
C SER A 2275 -36.32 -9.05 -73.92
N PHE A 2276 -35.71 -8.35 -72.95
CA PHE A 2276 -35.99 -6.92 -72.75
C PHE A 2276 -35.64 -6.12 -74.00
N ASN A 2277 -34.45 -6.37 -74.57
CA ASN A 2277 -34.01 -5.59 -75.72
C ASN A 2277 -34.89 -5.82 -76.93
N LEU A 2278 -35.24 -7.07 -77.23
CA LEU A 2278 -36.00 -7.27 -78.45
C LEU A 2278 -37.47 -6.92 -78.25
N ALA A 2279 -37.98 -6.93 -77.01
CA ALA A 2279 -39.33 -6.42 -76.80
C ALA A 2279 -39.37 -4.89 -76.91
N VAL A 2280 -38.32 -4.21 -76.48
CA VAL A 2280 -38.19 -2.77 -76.72
C VAL A 2280 -38.18 -2.48 -78.21
N LEU A 2281 -37.39 -3.24 -78.97
CA LEU A 2281 -37.32 -3.02 -80.41
C LEU A 2281 -38.64 -3.36 -81.10
N MET A 2282 -39.38 -4.35 -80.58
CA MET A 2282 -40.69 -4.69 -81.12
C MET A 2282 -41.69 -3.56 -80.88
N ASN A 2283 -41.65 -2.94 -79.70
CA ASN A 2283 -42.51 -1.79 -79.44
C ASN A 2283 -42.14 -0.61 -80.33
N LEU A 2284 -40.85 -0.41 -80.59
CA LEU A 2284 -40.44 0.66 -81.49
C LEU A 2284 -40.89 0.38 -82.93
N LEU A 2285 -40.91 -0.89 -83.34
CA LEU A 2285 -41.41 -1.20 -84.67
C LEU A 2285 -42.91 -0.97 -84.79
N VAL A 2286 -43.68 -1.38 -83.78
CA VAL A 2286 -45.13 -1.19 -83.88
C VAL A 2286 -45.51 0.28 -83.69
N ALA A 2287 -44.68 1.07 -83.00
CA ALA A 2287 -45.04 2.45 -82.72
C ALA A 2287 -44.94 3.34 -83.95
N PHE A 2288 -43.89 3.16 -84.76
CA PHE A 2288 -43.62 4.09 -85.86
C PHE A 2288 -44.66 3.98 -86.98
N PHE A 2289 -45.00 2.76 -87.37
CA PHE A 2289 -45.99 2.54 -88.42
C PHE A 2289 -46.92 1.40 -88.02
N TYR A 2290 -48.13 1.78 -87.61
CA TYR A 2290 -49.11 0.77 -87.19
C TYR A 2290 -49.84 0.10 -88.35
N PRO A 2291 -50.48 0.82 -89.30
CA PRO A 2291 -51.40 0.14 -90.23
C PRO A 2291 -50.75 -0.84 -91.20
N PHE A 2292 -49.41 -0.84 -91.30
CA PHE A 2292 -48.64 -1.83 -92.06
C PHE A 2292 -49.00 -1.79 -93.55
N LYS A 2293 -49.05 -0.59 -94.11
CA LYS A 2293 -49.40 -0.42 -95.51
C LYS A 2293 -48.18 -0.31 -96.43
N GLY A 2294 -47.01 -0.05 -95.89
CA GLY A 2294 -45.82 0.07 -96.69
C GLY A 2294 -44.64 0.49 -95.85
N VAL A 2295 -43.48 0.56 -96.52
CA VAL A 2295 -42.24 0.95 -95.85
C VAL A 2295 -41.56 2.02 -96.70
N ARG A 2296 -42.01 2.16 -97.95
CA ARG A 2296 -41.37 3.10 -98.87
C ARG A 2296 -41.63 4.55 -98.48
N GLY A 2297 -42.79 4.82 -97.88
CA GLY A 2297 -43.09 6.18 -97.44
C GLY A 2297 -42.25 6.59 -96.25
N GLY A 2298 -41.84 7.85 -96.23
CA GLY A 2298 -41.04 8.37 -95.14
C GLY A 2298 -40.61 9.81 -95.31
N THR A 2299 -40.51 10.53 -94.19
CA THR A 2299 -39.98 11.89 -94.19
C THR A 2299 -38.47 11.93 -94.02
N LEU A 2300 -37.80 10.78 -94.12
CA LEU A 2300 -36.36 10.66 -94.02
C LEU A 2300 -35.69 11.05 -95.34
N GLU A 2301 -34.42 10.66 -95.51
CA GLU A 2301 -33.60 10.94 -96.69
C GLU A 2301 -34.27 10.49 -98.00
N PRO A 2302 -33.73 10.92 -99.16
CA PRO A 2302 -34.47 10.80 -100.44
C PRO A 2302 -34.82 9.39 -100.85
N HIS A 2303 -34.13 8.39 -100.32
CA HIS A 2303 -34.51 7.00 -100.52
C HIS A 2303 -34.38 6.25 -99.20
N TRP A 2304 -35.37 5.40 -98.92
CA TRP A 2304 -35.28 4.48 -97.79
C TRP A 2304 -34.21 3.41 -98.04
N SER A 2305 -33.96 3.07 -99.30
CA SER A 2305 -32.89 2.12 -99.62
C SER A 2305 -31.52 2.71 -99.30
N GLY A 2306 -31.39 4.04 -99.30
CA GLY A 2306 -30.15 4.65 -98.86
C GLY A 2306 -29.89 4.40 -97.38
N LEU A 2307 -30.92 4.55 -96.54
CA LEU A 2307 -30.78 4.23 -95.13
C LEU A 2307 -30.57 2.74 -94.91
N LEU A 2308 -31.19 1.91 -95.75
CA LEU A 2308 -30.99 0.47 -95.68
C LEU A 2308 -29.54 0.10 -96.01
N TRP A 2309 -28.97 0.73 -97.03
CA TRP A 2309 -27.57 0.49 -97.37
C TRP A 2309 -26.63 1.03 -96.30
N THR A 2310 -26.99 2.16 -95.68
CA THR A 2310 -26.22 2.66 -94.55
C THR A 2310 -26.25 1.68 -93.38
N ALA A 2311 -27.42 1.08 -93.11
CA ALA A 2311 -27.52 0.07 -92.06
C ALA A 2311 -26.71 -1.18 -92.42
N MET A 2312 -26.71 -1.56 -93.70
CA MET A 2312 -25.89 -2.68 -94.13
C MET A 2312 -24.40 -2.40 -93.97
N LEU A 2313 -23.99 -1.17 -94.26
CA LEU A 2313 -22.60 -0.77 -94.04
C LEU A 2313 -22.25 -0.77 -92.56
N ILE A 2314 -23.18 -0.33 -91.72
CA ILE A 2314 -22.96 -0.35 -90.27
C ILE A 2314 -22.84 -1.78 -89.77
N SER A 2315 -23.67 -2.69 -90.28
CA SER A 2315 -23.60 -4.09 -89.89
C SER A 2315 -22.29 -4.72 -90.37
N LEU A 2316 -21.85 -4.38 -91.58
CA LEU A 2316 -20.58 -4.88 -92.09
C LEU A 2316 -19.40 -4.36 -91.28
N ALA A 2317 -19.47 -3.10 -90.84
CA ALA A 2317 -18.41 -2.54 -90.00
C ALA A 2317 -18.43 -3.15 -88.59
N ILE A 2318 -19.62 -3.49 -88.08
CA ILE A 2318 -19.71 -4.12 -86.76
C ILE A 2318 -19.36 -5.59 -86.79
N VAL A 2319 -19.44 -6.25 -87.96
CA VAL A 2319 -19.07 -7.65 -88.06
C VAL A 2319 -17.57 -7.87 -88.13
N ILE A 2320 -16.78 -6.80 -88.11
CA ILE A 2320 -15.32 -6.92 -88.15
C ILE A 2320 -14.74 -6.23 -86.92
N ALA A 2321 -15.58 -5.93 -85.95
CA ALA A 2321 -15.16 -5.27 -84.72
C ALA A 2321 -14.62 -6.31 -83.74
N LEU A 2322 -14.42 -5.89 -82.48
CA LEU A 2322 -13.98 -6.81 -81.46
C LEU A 2322 -15.11 -7.78 -81.10
N PRO A 2323 -14.77 -8.97 -80.60
CA PRO A 2323 -15.80 -9.98 -80.32
C PRO A 2323 -16.58 -9.63 -79.05
N LYS A 2324 -17.81 -9.15 -79.25
CA LYS A 2324 -18.79 -8.77 -78.22
C LYS A 2324 -18.21 -7.78 -77.21
N PRO A 2325 -17.43 -6.78 -77.64
CA PRO A 2325 -17.01 -5.73 -76.71
C PRO A 2325 -18.02 -4.60 -76.64
N HIS A 2326 -18.72 -4.36 -77.76
CA HIS A 2326 -19.68 -3.29 -77.92
C HIS A 2326 -20.39 -3.49 -79.26
N GLY A 2327 -21.55 -2.86 -79.38
CA GLY A 2327 -22.29 -2.90 -80.63
C GLY A 2327 -22.90 -4.24 -80.98
N ILE A 2328 -23.14 -5.09 -79.98
CA ILE A 2328 -23.76 -6.39 -80.23
C ILE A 2328 -25.21 -6.22 -80.66
N ARG A 2329 -25.92 -5.28 -80.03
CA ARG A 2329 -27.30 -4.99 -80.42
C ARG A 2329 -27.38 -4.21 -81.72
N ALA A 2330 -26.31 -3.51 -82.11
CA ALA A 2330 -26.34 -2.71 -83.33
C ALA A 2330 -26.43 -3.58 -84.57
N LEU A 2331 -25.65 -4.66 -84.64
CA LEU A 2331 -25.69 -5.56 -85.78
C LEU A 2331 -27.03 -6.29 -85.87
N ILE A 2332 -27.58 -6.70 -84.72
CA ILE A 2332 -28.87 -7.37 -84.70
C ILE A 2332 -29.98 -6.41 -85.14
N ALA A 2333 -29.92 -5.16 -84.69
CA ALA A 2333 -30.90 -4.17 -85.11
C ALA A 2333 -30.81 -3.88 -86.60
N SER A 2334 -29.57 -3.80 -87.12
CA SER A 2334 -29.38 -3.59 -88.55
C SER A 2334 -29.89 -4.76 -89.37
N THR A 2335 -29.68 -5.99 -88.87
CA THR A 2335 -30.19 -7.18 -89.55
C THR A 2335 -31.71 -7.21 -89.55
N ILE A 2336 -32.33 -6.84 -88.42
CA ILE A 2336 -33.78 -6.81 -88.34
C ILE A 2336 -34.35 -5.74 -89.25
N LEU A 2337 -33.66 -4.59 -89.36
CA LEU A 2337 -34.11 -3.54 -90.26
C LEU A 2337 -33.96 -3.96 -91.72
N ARG A 2338 -32.88 -4.68 -92.05
CA ARG A 2338 -32.68 -5.15 -93.42
C ARG A 2338 -33.71 -6.22 -93.79
N LEU A 2339 -34.06 -7.09 -92.84
CA LEU A 2339 -35.09 -8.09 -93.12
C LEU A 2339 -36.47 -7.45 -93.23
N ILE A 2340 -36.66 -6.26 -92.67
CA ILE A 2340 -37.95 -5.58 -92.73
C ILE A 2340 -38.31 -5.14 -94.14
N PHE A 2341 -37.32 -4.78 -94.96
CA PHE A 2341 -37.59 -4.29 -96.31
C PHE A 2341 -37.64 -5.42 -97.34
N SER A 2342 -36.90 -6.51 -97.11
CA SER A 2342 -36.88 -7.61 -98.08
C SER A 2342 -38.21 -8.37 -98.10
N VAL A 2343 -38.71 -8.73 -96.93
CA VAL A 2343 -39.95 -9.49 -96.80
C VAL A 2343 -40.96 -8.55 -96.12
N GLY A 2344 -42.23 -8.95 -96.16
CA GLY A 2344 -43.28 -8.14 -95.57
C GLY A 2344 -43.13 -7.98 -94.06
N LEU A 2345 -43.71 -6.90 -93.55
CA LEU A 2345 -43.50 -6.55 -92.15
C LEU A 2345 -44.25 -7.47 -91.20
N GLN A 2346 -45.45 -7.90 -91.56
CA GLN A 2346 -46.17 -8.86 -90.73
C GLN A 2346 -45.45 -10.21 -90.57
N PRO A 2347 -44.84 -10.82 -91.61
CA PRO A 2347 -43.99 -12.00 -91.33
C PRO A 2347 -42.83 -11.71 -90.39
N THR A 2348 -42.21 -10.53 -90.51
CA THR A 2348 -41.10 -10.18 -89.61
C THR A 2348 -41.58 -10.06 -88.18
N LEU A 2349 -42.74 -9.44 -87.98
CA LEU A 2349 -43.29 -9.31 -86.62
C LEU A 2349 -43.73 -10.64 -86.06
N PHE A 2350 -44.25 -11.53 -86.90
CA PHE A 2350 -44.60 -12.88 -86.44
C PHE A 2350 -43.34 -13.65 -86.02
N LEU A 2351 -42.27 -13.54 -86.80
CA LEU A 2351 -41.01 -14.19 -86.45
C LEU A 2351 -40.44 -13.64 -85.15
N LEU A 2352 -40.49 -12.31 -84.97
CA LEU A 2352 -39.99 -11.70 -83.75
C LEU A 2352 -40.82 -12.09 -82.54
N GLY A 2353 -42.14 -12.17 -82.70
CA GLY A 2353 -42.99 -12.59 -81.60
C GLY A 2353 -42.77 -14.04 -81.21
N ALA A 2354 -42.57 -14.91 -82.20
CA ALA A 2354 -42.26 -16.31 -81.91
C ALA A 2354 -40.92 -16.43 -81.19
N PHE A 2355 -39.93 -15.63 -81.62
CA PHE A 2355 -38.63 -15.64 -80.96
C PHE A 2355 -38.77 -15.16 -79.51
N ASN A 2356 -39.57 -14.13 -79.27
CA ASN A 2356 -39.74 -13.64 -77.90
C ASN A 2356 -40.48 -14.66 -77.04
N VAL A 2357 -41.48 -15.34 -77.59
CA VAL A 2357 -42.22 -16.29 -76.75
C VAL A 2357 -41.39 -17.55 -76.47
N CYS A 2358 -40.53 -17.97 -77.40
CA CYS A 2358 -39.65 -19.10 -77.09
C CYS A 2358 -38.57 -18.69 -76.10
N ASN A 2359 -38.09 -17.45 -76.20
CA ASN A 2359 -37.17 -16.90 -75.22
C ASN A 2359 -37.79 -16.86 -73.84
N LYS A 2360 -39.06 -16.45 -73.75
CA LYS A 2360 -39.70 -16.38 -72.44
C LYS A 2360 -39.99 -17.77 -71.87
N ILE A 2361 -40.36 -18.74 -72.71
CA ILE A 2361 -40.62 -20.06 -72.15
C ILE A 2361 -39.35 -20.81 -71.81
N ILE A 2362 -38.19 -20.43 -72.37
CA ILE A 2362 -36.98 -21.03 -71.82
C ILE A 2362 -36.47 -20.24 -70.61
N PHE A 2363 -36.75 -18.94 -70.55
CA PHE A 2363 -36.35 -18.16 -69.38
C PHE A 2363 -37.17 -18.53 -68.15
N LEU A 2364 -38.42 -18.92 -68.34
CA LEU A 2364 -39.23 -19.36 -67.19
C LEU A 2364 -38.67 -20.65 -66.60
N MET A 2365 -38.23 -21.58 -67.45
CA MET A 2365 -37.57 -22.78 -66.97
C MET A 2365 -36.24 -22.45 -66.30
N SER A 2366 -35.50 -21.49 -66.87
CA SER A 2366 -34.24 -21.08 -66.26
C SER A 2366 -34.46 -20.44 -64.89
N PHE A 2367 -35.56 -19.70 -64.73
CA PHE A 2367 -35.85 -19.06 -63.46
C PHE A 2367 -36.30 -20.08 -62.42
N VAL A 2368 -37.18 -21.01 -62.79
CA VAL A 2368 -37.66 -21.99 -61.83
C VAL A 2368 -36.59 -23.03 -61.51
N GLY A 2369 -35.56 -23.15 -62.36
CA GLY A 2369 -34.45 -24.03 -62.10
C GLY A 2369 -33.66 -23.69 -60.85
N ASN A 2370 -32.94 -22.56 -60.87
CA ASN A 2370 -32.09 -22.23 -59.73
C ASN A 2370 -32.88 -21.81 -58.50
N CYS A 2371 -34.04 -21.18 -58.69
CA CYS A 2371 -34.98 -20.95 -57.59
C CYS A 2371 -35.82 -22.22 -57.45
N GLY A 2372 -35.24 -23.22 -56.79
CA GLY A 2372 -35.82 -24.55 -56.74
C GLY A 2372 -37.02 -24.72 -55.83
N THR A 2373 -38.03 -23.85 -56.01
CA THR A 2373 -39.27 -23.97 -55.26
C THR A 2373 -40.15 -25.10 -55.78
N PHE A 2374 -40.05 -25.43 -57.06
CA PHE A 2374 -40.92 -26.41 -57.70
C PHE A 2374 -40.64 -27.85 -57.26
N THR A 2375 -39.56 -28.11 -56.52
CA THR A 2375 -39.27 -29.46 -56.09
C THR A 2375 -40.09 -29.88 -54.87
N ARG A 2376 -40.74 -28.94 -54.18
CA ARG A 2376 -41.54 -29.28 -53.02
C ARG A 2376 -43.01 -29.46 -53.34
N GLY A 2377 -43.44 -29.11 -54.55
CA GLY A 2377 -44.82 -29.24 -54.93
C GLY A 2377 -45.29 -28.17 -55.89
N TYR A 2378 -46.58 -27.83 -55.83
CA TYR A 2378 -47.17 -26.84 -56.71
C TYR A 2378 -47.70 -25.62 -55.99
N ARG A 2379 -48.09 -25.75 -54.73
CA ARG A 2379 -48.68 -24.64 -54.00
C ARG A 2379 -47.68 -23.50 -53.80
N ALA A 2380 -46.43 -23.83 -53.48
CA ALA A 2380 -45.43 -22.81 -53.20
C ALA A 2380 -45.00 -22.08 -54.46
N MET A 2381 -44.91 -22.80 -55.59
CA MET A 2381 -44.54 -22.13 -56.84
C MET A 2381 -45.70 -21.35 -57.43
N VAL A 2382 -46.94 -21.79 -57.21
CA VAL A 2382 -48.09 -21.02 -57.67
C VAL A 2382 -48.26 -19.75 -56.85
N LEU A 2383 -48.11 -19.85 -55.53
CA LEU A 2383 -48.34 -18.70 -54.65
C LEU A 2383 -47.26 -17.63 -54.76
N ASP A 2384 -46.12 -17.94 -55.38
CA ASP A 2384 -45.03 -16.97 -55.50
C ASP A 2384 -45.42 -15.82 -56.44
N VAL A 2385 -45.21 -14.59 -55.97
CA VAL A 2385 -45.64 -13.42 -56.72
C VAL A 2385 -44.74 -13.18 -57.93
N GLU A 2386 -43.46 -13.50 -57.82
CA GLU A 2386 -42.54 -13.31 -58.93
C GLU A 2386 -42.83 -14.28 -60.07
N PHE A 2387 -43.13 -15.53 -59.73
CA PHE A 2387 -43.52 -16.51 -60.75
C PHE A 2387 -44.84 -16.11 -61.40
N LEU A 2388 -45.78 -15.58 -60.61
CA LEU A 2388 -47.05 -15.12 -61.17
C LEU A 2388 -46.85 -13.93 -62.11
N TYR A 2389 -45.94 -13.02 -61.76
CA TYR A 2389 -45.64 -11.89 -62.63
C TYR A 2389 -45.00 -12.36 -63.94
N HIS A 2390 -44.08 -13.31 -63.87
CA HIS A 2390 -43.46 -13.86 -65.07
C HIS A 2390 -44.49 -14.59 -65.93
N LEU A 2391 -45.41 -15.32 -65.30
CA LEU A 2391 -46.46 -16.01 -66.03
C LEU A 2391 -47.41 -15.02 -66.70
N LEU A 2392 -47.72 -13.91 -66.02
CA LEU A 2392 -48.56 -12.87 -66.62
C LEU A 2392 -47.86 -12.22 -67.80
N TYR A 2393 -46.56 -12.00 -67.69
CA TYR A 2393 -45.77 -11.47 -68.80
C TYR A 2393 -45.83 -12.42 -70.00
N LEU A 2394 -45.68 -13.73 -69.75
CA LEU A 2394 -45.76 -14.70 -70.82
C LEU A 2394 -47.15 -14.75 -71.45
N LEU A 2395 -48.19 -14.65 -70.62
CA LEU A 2395 -49.56 -14.68 -71.10
C LEU A 2395 -49.87 -13.49 -72.01
N ILE A 2396 -49.47 -12.28 -71.59
CA ILE A 2396 -49.76 -11.13 -72.42
C ILE A 2396 -48.84 -11.07 -73.63
N CYS A 2397 -47.64 -11.67 -73.55
CA CYS A 2397 -46.81 -11.81 -74.75
C CYS A 2397 -47.46 -12.72 -75.77
N ALA A 2398 -48.00 -13.87 -75.33
CA ALA A 2398 -48.69 -14.76 -76.25
C ALA A 2398 -49.95 -14.10 -76.81
N MET A 2399 -50.65 -13.33 -75.99
CA MET A 2399 -51.85 -12.64 -76.45
C MET A 2399 -51.52 -11.55 -77.47
N GLY A 2400 -50.42 -10.83 -77.26
CA GLY A 2400 -49.99 -9.85 -78.23
C GLY A 2400 -49.41 -10.47 -79.49
N LEU A 2401 -48.95 -11.71 -79.40
CA LEU A 2401 -48.54 -12.42 -80.61
C LEU A 2401 -49.76 -12.92 -81.40
N PHE A 2402 -50.81 -13.34 -80.70
CA PHE A 2402 -51.93 -13.99 -81.37
C PHE A 2402 -53.05 -13.03 -81.73
N VAL A 2403 -53.41 -12.08 -80.88
CA VAL A 2403 -54.44 -11.11 -81.22
C VAL A 2403 -53.88 -9.69 -81.12
N HIS A 2404 -53.84 -9.02 -82.27
CA HIS A 2404 -53.52 -7.60 -82.49
C HIS A 2404 -52.12 -7.34 -81.92
N GLU A 2405 -51.75 -6.11 -81.53
CA GLU A 2405 -50.35 -5.86 -81.20
C GLU A 2405 -50.09 -5.03 -79.94
N PHE A 2406 -51.11 -4.37 -79.39
CA PHE A 2406 -50.87 -3.37 -78.35
C PHE A 2406 -50.43 -3.95 -77.00
N PHE A 2407 -50.47 -5.27 -76.85
CA PHE A 2407 -50.05 -5.86 -75.58
C PHE A 2407 -48.54 -5.81 -75.39
N TYR A 2408 -47.78 -5.57 -76.46
CA TYR A 2408 -46.36 -5.25 -76.29
C TYR A 2408 -46.19 -3.93 -75.55
N SER A 2409 -47.00 -2.93 -75.90
CA SER A 2409 -47.03 -1.69 -75.15
C SER A 2409 -47.49 -1.93 -73.72
N LEU A 2410 -48.40 -2.89 -73.53
CA LEU A 2410 -48.83 -3.23 -72.17
C LEU A 2410 -47.68 -3.79 -71.33
N LEU A 2411 -46.83 -4.63 -71.92
CA LEU A 2411 -45.71 -5.22 -71.20
C LEU A 2411 -44.47 -4.31 -71.16
N LEU A 2412 -44.53 -3.16 -71.82
CA LEU A 2412 -43.44 -2.18 -71.72
C LEU A 2412 -43.20 -1.69 -70.28
N PHE A 2413 -44.24 -1.65 -69.44
CA PHE A 2413 -44.04 -1.35 -68.02
C PHE A 2413 -43.16 -2.40 -67.34
N ASP A 2414 -43.48 -3.68 -67.54
CA ASP A 2414 -42.68 -4.75 -66.97
C ASP A 2414 -41.26 -4.72 -67.52
N LEU A 2415 -41.10 -4.22 -68.75
CA LEU A 2415 -39.77 -4.01 -69.30
C LEU A 2415 -38.99 -2.95 -68.51
N VAL A 2416 -39.52 -1.72 -68.46
CA VAL A 2416 -38.73 -0.60 -67.96
C VAL A 2416 -38.68 -0.58 -66.42
N TYR A 2417 -39.49 -1.38 -65.73
CA TYR A 2417 -39.49 -1.46 -64.27
C TYR A 2417 -38.45 -2.45 -63.71
N ARG A 2418 -37.34 -2.68 -64.41
CA ARG A 2418 -36.37 -3.67 -63.98
C ARG A 2418 -35.20 -3.11 -63.19
N GLU A 2419 -34.95 -1.81 -63.25
CA GLU A 2419 -33.83 -1.18 -62.56
C GLU A 2419 -34.28 -0.49 -61.27
N GLU A 2420 -33.30 0.05 -60.54
CA GLU A 2420 -33.54 0.53 -59.19
C GLU A 2420 -33.81 2.02 -59.07
N THR A 2421 -33.20 2.88 -59.89
CA THR A 2421 -33.35 4.32 -59.67
C THR A 2421 -34.71 4.83 -60.10
N LEU A 2422 -35.18 4.40 -61.29
CA LEU A 2422 -36.54 4.68 -61.71
C LEU A 2422 -37.54 4.10 -60.73
N LEU A 2423 -37.26 2.89 -60.26
CA LEU A 2423 -38.09 2.29 -59.23
C LEU A 2423 -38.14 3.18 -58.00
N ASN A 2424 -36.99 3.68 -57.52
CA ASN A 2424 -36.91 4.47 -56.30
C ASN A 2424 -37.70 5.77 -56.41
N VAL A 2425 -37.57 6.47 -57.54
CA VAL A 2425 -38.32 7.73 -57.65
C VAL A 2425 -39.83 7.47 -57.74
N ILE A 2426 -40.23 6.45 -58.50
CA ILE A 2426 -41.64 6.11 -58.56
C ILE A 2426 -42.15 5.65 -57.21
N LYS A 2427 -41.32 4.98 -56.43
CA LYS A 2427 -42.03 4.17 -55.48
C LYS A 2427 -41.95 4.98 -54.18
N SER A 2428 -41.12 6.02 -54.22
CA SER A 2428 -41.24 7.22 -53.40
C SER A 2428 -42.56 7.94 -53.65
N VAL A 2429 -42.95 8.08 -54.92
CA VAL A 2429 -44.28 8.62 -55.21
C VAL A 2429 -45.35 7.73 -54.57
N THR A 2430 -45.17 6.41 -54.59
CA THR A 2430 -46.17 5.52 -54.01
C THR A 2430 -45.97 5.28 -52.52
N ARG A 2431 -44.98 5.90 -51.88
CA ARG A 2431 -44.79 5.69 -50.45
C ARG A 2431 -45.88 6.37 -49.62
N ASN A 2432 -45.88 7.69 -49.59
CA ASN A 2432 -46.87 8.45 -48.82
C ASN A 2432 -48.08 8.74 -49.69
N GLY A 2433 -48.69 7.67 -50.19
CA GLY A 2433 -49.81 7.81 -51.08
C GLY A 2433 -51.06 8.29 -50.39
N ARG A 2434 -51.21 8.00 -49.10
CA ARG A 2434 -52.44 8.37 -48.41
C ARG A 2434 -52.55 9.88 -48.16
N PRO A 2435 -51.47 10.61 -47.81
CA PRO A 2435 -51.57 12.08 -47.87
C PRO A 2435 -51.92 12.62 -49.24
N ILE A 2436 -51.42 12.01 -50.32
CA ILE A 2436 -51.75 12.49 -51.66
C ILE A 2436 -53.22 12.26 -51.97
N ILE A 2437 -53.74 11.09 -51.61
CA ILE A 2437 -55.16 10.78 -51.84
C ILE A 2437 -56.04 11.70 -51.01
N LEU A 2438 -55.65 11.97 -49.76
CA LEU A 2438 -56.46 12.85 -48.93
C LEU A 2438 -56.38 14.30 -49.39
N THR A 2439 -55.24 14.73 -49.92
CA THR A 2439 -55.14 16.08 -50.48
C THR A 2439 -55.98 16.19 -51.75
N ALA A 2440 -56.03 15.13 -52.56
CA ALA A 2440 -56.91 15.12 -53.71
C ALA A 2440 -58.38 15.18 -53.30
N ALA A 2441 -58.74 14.48 -52.22
CA ALA A 2441 -60.10 14.55 -51.70
C ALA A 2441 -60.44 15.96 -51.19
N LEU A 2442 -59.47 16.60 -50.53
CA LEU A 2442 -59.64 17.99 -50.10
C LEU A 2442 -59.84 18.93 -51.28
N ALA A 2443 -59.08 18.73 -52.34
CA ALA A 2443 -59.27 19.50 -53.56
C ALA A 2443 -60.65 19.28 -54.15
N LEU A 2444 -61.12 18.03 -54.11
CA LEU A 2444 -62.44 17.71 -54.64
C LEU A 2444 -63.54 18.41 -53.85
N ILE A 2445 -63.44 18.44 -52.52
CA ILE A 2445 -64.49 19.09 -51.74
C ILE A 2445 -64.42 20.61 -51.89
N LEU A 2446 -63.22 21.18 -52.05
CA LEU A 2446 -63.12 22.62 -52.30
C LEU A 2446 -63.74 22.99 -53.64
N VAL A 2447 -63.49 22.16 -54.67
CA VAL A 2447 -64.14 22.34 -55.96
C VAL A 2447 -65.66 22.22 -55.83
N TYR A 2448 -66.12 21.32 -54.96
CA TYR A 2448 -67.55 21.13 -54.76
C TYR A 2448 -68.21 22.38 -54.16
N LEU A 2449 -67.60 22.95 -53.12
CA LEU A 2449 -68.14 24.19 -52.54
C LEU A 2449 -68.08 25.37 -53.51
N PHE A 2450 -66.99 25.49 -54.27
CA PHE A 2450 -66.93 26.57 -55.25
C PHE A 2450 -67.97 26.39 -56.35
N SER A 2451 -68.24 25.14 -56.73
CA SER A 2451 -69.25 24.87 -57.75
C SER A 2451 -70.65 25.20 -57.26
N ILE A 2452 -70.96 24.89 -55.99
CA ILE A 2452 -72.30 25.23 -55.52
C ILE A 2452 -72.45 26.74 -55.28
N VAL A 2453 -71.36 27.43 -54.95
CA VAL A 2453 -71.41 28.90 -54.88
C VAL A 2453 -71.68 29.48 -56.27
N GLY A 2454 -70.99 28.95 -57.29
CA GLY A 2454 -71.24 29.39 -58.65
C GLY A 2454 -72.63 29.06 -59.16
N TYR A 2455 -73.18 27.93 -58.74
CA TYR A 2455 -74.56 27.59 -59.07
C TYR A 2455 -75.53 28.55 -58.41
N LEU A 2456 -75.24 28.95 -57.17
CA LEU A 2456 -76.13 29.87 -56.45
C LEU A 2456 -76.12 31.26 -57.08
N PHE A 2457 -74.94 31.83 -57.32
CA PHE A 2457 -74.86 33.25 -57.64
C PHE A 2457 -74.45 33.57 -59.06
N PHE A 2458 -73.67 32.71 -59.72
CA PHE A 2458 -73.12 33.03 -61.04
C PHE A 2458 -73.59 32.03 -62.08
N LYS A 2459 -74.89 31.76 -62.11
CA LYS A 2459 -75.43 30.68 -62.94
C LYS A 2459 -75.31 31.02 -64.43
N ASP A 2460 -75.47 32.29 -64.79
CA ASP A 2460 -75.48 32.69 -66.18
C ASP A 2460 -74.10 33.04 -66.72
N ASP A 2461 -73.07 33.00 -65.89
CA ASP A 2461 -71.70 33.25 -66.33
C ASP A 2461 -71.00 31.99 -66.81
N PHE A 2462 -71.68 30.85 -66.80
CA PHE A 2462 -71.08 29.57 -67.16
C PHE A 2462 -71.28 29.24 -68.63
N ILE A 2463 -71.37 30.24 -69.50
CA ILE A 2463 -71.44 29.99 -70.93
C ILE A 2463 -70.04 29.73 -71.45
N LEU A 2464 -69.82 28.54 -72.02
CA LEU A 2464 -68.53 28.19 -72.59
C LEU A 2464 -68.70 27.66 -74.00
N GLU A 2465 -67.66 27.85 -74.81
CA GLU A 2465 -67.72 27.63 -76.24
C GLU A 2465 -67.30 26.22 -76.59
N VAL A 2466 -68.10 25.55 -77.42
CA VAL A 2466 -67.82 24.20 -77.90
C VAL A 2466 -68.02 24.15 -79.40
N ASP A 2467 -67.42 23.15 -80.03
CA ASP A 2467 -67.62 22.88 -81.45
C ASP A 2467 -68.34 21.55 -81.63
N ARG A 2468 -69.28 21.51 -82.56
CA ARG A 2468 -70.20 20.40 -82.71
C ARG A 2468 -69.80 19.54 -83.91
N LEU A 2469 -69.87 18.23 -83.72
CA LEU A 2469 -69.63 17.31 -84.81
C LEU A 2469 -70.76 17.42 -85.83
N PRO A 2470 -70.44 17.59 -87.12
CA PRO A 2470 -71.48 17.77 -88.12
C PRO A 2470 -72.35 16.53 -88.28
N ASN A 2471 -73.63 16.76 -88.59
CA ASN A 2471 -74.63 15.71 -88.65
C ASN A 2471 -74.41 14.76 -89.82
N LYS A 2519 -75.88 26.68 -80.78
CA LYS A 2519 -75.10 27.52 -81.69
C LYS A 2519 -73.88 28.06 -80.96
N GLU A 2520 -72.77 27.30 -81.07
CA GLU A 2520 -71.42 27.70 -80.68
C GLU A 2520 -71.24 27.85 -79.17
N HIS A 2521 -72.31 27.77 -78.40
CA HIS A 2521 -72.25 28.02 -76.97
C HIS A 2521 -73.14 27.02 -76.24
N THR A 2522 -72.74 26.65 -75.03
CA THR A 2522 -73.52 25.77 -74.19
C THR A 2522 -73.56 26.33 -72.78
N CYS A 2523 -74.62 25.99 -72.04
CA CYS A 2523 -74.76 26.36 -70.65
C CYS A 2523 -74.85 25.08 -69.82
N GLU A 2524 -74.44 25.18 -68.56
CA GLU A 2524 -74.43 24.05 -67.64
C GLU A 2524 -75.19 24.43 -66.37
N THR A 2525 -76.43 23.94 -66.26
CA THR A 2525 -77.27 24.19 -65.08
C THR A 2525 -77.83 22.85 -64.59
N LEU A 2526 -77.01 22.11 -63.85
CA LEU A 2526 -77.49 20.91 -63.18
C LEU A 2526 -76.82 20.67 -61.83
N LEU A 2527 -75.81 21.48 -61.48
CA LEU A 2527 -74.95 21.39 -60.29
C LEU A 2527 -74.04 20.15 -60.33
N MET A 2528 -74.20 19.27 -61.32
CA MET A 2528 -73.19 18.27 -61.62
C MET A 2528 -72.37 18.64 -62.84
N CYS A 2529 -73.02 19.20 -63.86
CA CYS A 2529 -72.28 19.78 -64.97
C CYS A 2529 -71.43 20.96 -64.51
N ILE A 2530 -71.86 21.66 -63.45
CA ILE A 2530 -71.05 22.74 -62.91
C ILE A 2530 -69.80 22.19 -62.20
N VAL A 2531 -69.93 21.05 -61.52
CA VAL A 2531 -68.74 20.41 -60.96
C VAL A 2531 -67.82 19.93 -62.07
N THR A 2532 -68.39 19.44 -63.17
CA THR A 2532 -67.58 19.06 -64.32
C THR A 2532 -66.84 20.26 -64.90
N VAL A 2533 -67.50 21.42 -64.99
CA VAL A 2533 -66.87 22.63 -65.51
C VAL A 2533 -65.79 23.14 -64.56
N LEU A 2534 -66.01 23.01 -63.25
CA LEU A 2534 -64.98 23.42 -62.30
C LEU A 2534 -63.77 22.49 -62.34
N SER A 2535 -63.98 21.19 -62.62
CA SER A 2535 -62.84 20.30 -62.81
C SER A 2535 -62.16 20.53 -64.16
N HIS A 2536 -62.92 20.98 -65.16
CA HIS A 2536 -62.36 21.49 -66.40
C HIS A 2536 -61.48 22.72 -66.18
N GLY A 2537 -61.89 23.61 -65.29
CA GLY A 2537 -61.14 24.80 -64.93
C GLY A 2537 -60.13 24.63 -63.82
N LEU A 2538 -60.03 23.45 -63.22
CA LEU A 2538 -58.95 23.17 -62.28
C LEU A 2538 -57.61 23.10 -62.99
N ARG A 2539 -57.62 22.79 -64.29
CA ARG A 2539 -56.46 22.94 -65.16
C ARG A 2539 -56.33 24.40 -65.59
N SER A 2540 -55.53 24.66 -66.62
CA SER A 2540 -55.33 25.96 -67.27
C SER A 2540 -54.62 26.99 -66.40
N GLY A 2541 -54.24 26.66 -65.17
CA GLY A 2541 -53.33 27.49 -64.41
C GLY A 2541 -53.88 28.78 -63.85
N GLY A 2542 -54.59 29.56 -64.67
CA GLY A 2542 -55.18 30.79 -64.19
C GLY A 2542 -56.30 30.57 -63.19
N GLY A 2543 -57.07 29.49 -63.36
CA GLY A 2543 -58.17 29.18 -62.47
C GLY A 2543 -59.48 29.09 -63.23
N VAL A 2544 -60.56 29.42 -62.53
CA VAL A 2544 -61.89 29.35 -63.13
C VAL A 2544 -62.24 30.62 -63.89
N GLY A 2545 -61.48 31.70 -63.69
CA GLY A 2545 -61.77 32.94 -64.37
C GLY A 2545 -61.48 32.96 -65.84
N ASP A 2546 -60.75 31.97 -66.36
CA ASP A 2546 -60.41 31.92 -67.78
C ASP A 2546 -61.49 31.27 -68.63
N VAL A 2547 -62.42 30.53 -68.04
CA VAL A 2547 -63.49 29.89 -68.78
C VAL A 2547 -64.83 30.59 -68.61
N LEU A 2548 -65.05 31.27 -67.48
CA LEU A 2548 -66.27 32.03 -67.30
C LEU A 2548 -66.24 33.29 -68.14
N ARG A 2549 -67.42 33.80 -68.48
CA ARG A 2549 -67.50 34.96 -69.36
C ARG A 2549 -67.02 36.22 -68.65
N LYS A 2550 -66.58 37.19 -69.45
CA LYS A 2550 -65.92 38.38 -68.92
C LYS A 2550 -66.96 39.34 -68.33
N PRO A 2551 -66.71 39.89 -67.14
CA PRO A 2551 -67.78 40.62 -66.42
C PRO A 2551 -68.08 42.00 -66.97
N SER A 2552 -67.21 42.58 -67.80
CA SER A 2552 -67.47 43.80 -68.58
C SER A 2552 -67.68 45.06 -67.73
N LYS A 2553 -67.31 45.03 -66.45
CA LYS A 2553 -67.03 46.20 -65.61
C LYS A 2553 -68.28 47.00 -65.22
N GLU A 2554 -69.42 46.72 -65.85
CA GLU A 2554 -70.62 47.51 -65.61
C GLU A 2554 -71.75 46.76 -64.95
N GLU A 2555 -71.75 45.43 -65.02
CA GLU A 2555 -72.73 44.66 -64.27
C GLU A 2555 -72.48 44.80 -62.78
N PRO A 2556 -73.55 44.75 -61.97
CA PRO A 2556 -73.37 44.87 -60.51
C PRO A 2556 -72.52 43.76 -59.90
N LEU A 2557 -72.55 42.56 -60.45
CA LEU A 2557 -71.75 41.45 -59.95
C LEU A 2557 -70.38 41.45 -60.64
N PHE A 2558 -69.63 42.52 -60.41
CA PHE A 2558 -68.27 42.66 -60.90
C PHE A 2558 -67.24 42.38 -59.81
N ALA A 2559 -67.36 43.08 -58.67
CA ALA A 2559 -66.47 42.82 -57.55
C ALA A 2559 -66.68 41.41 -57.01
N ALA A 2560 -67.92 40.92 -57.00
CA ALA A 2560 -68.17 39.55 -56.58
C ALA A 2560 -67.42 38.56 -57.47
N ARG A 2561 -67.40 38.82 -58.77
CA ARG A 2561 -66.63 37.98 -59.69
C ARG A 2561 -65.15 38.09 -59.44
N VAL A 2562 -64.65 39.29 -59.14
CA VAL A 2562 -63.20 39.48 -58.96
C VAL A 2562 -62.71 38.75 -57.72
N ILE A 2563 -63.37 38.94 -56.58
CA ILE A 2563 -62.99 38.17 -55.38
C ILE A 2563 -63.25 36.67 -55.55
N TYR A 2564 -64.31 36.27 -56.26
CA TYR A 2564 -64.54 34.85 -56.51
C TYR A 2564 -63.40 34.21 -57.28
N ASP A 2565 -62.98 34.86 -58.38
CA ASP A 2565 -61.88 34.34 -59.20
C ASP A 2565 -60.57 34.34 -58.42
N LEU A 2566 -60.29 35.41 -57.67
CA LEU A 2566 -59.04 35.49 -56.94
C LEU A 2566 -58.97 34.46 -55.82
N LEU A 2567 -60.07 34.27 -55.08
CA LEU A 2567 -60.08 33.25 -54.04
C LEU A 2567 -59.89 31.85 -54.61
N PHE A 2568 -60.60 31.54 -55.72
CA PHE A 2568 -60.43 30.22 -56.33
C PHE A 2568 -58.99 29.99 -56.76
N PHE A 2569 -58.43 30.94 -57.53
CA PHE A 2569 -57.07 30.82 -58.03
C PHE A 2569 -56.09 30.64 -56.89
N PHE A 2570 -56.02 31.63 -55.99
CA PHE A 2570 -55.07 31.62 -54.88
C PHE A 2570 -55.21 30.36 -54.04
N MET A 2571 -56.35 30.19 -53.37
CA MET A 2571 -56.48 29.13 -52.40
C MET A 2571 -56.37 27.75 -53.06
N VAL A 2572 -57.26 27.45 -54.03
CA VAL A 2572 -57.28 26.11 -54.61
C VAL A 2572 -55.96 25.83 -55.34
N ILE A 2573 -55.65 26.62 -56.38
CA ILE A 2573 -54.49 26.34 -57.22
C ILE A 2573 -53.21 26.33 -56.40
N ILE A 2574 -52.87 27.47 -55.79
CA ILE A 2574 -51.61 27.61 -55.08
C ILE A 2574 -51.52 26.60 -53.94
N ILE A 2575 -52.44 26.69 -52.98
CA ILE A 2575 -52.29 25.92 -51.75
C ILE A 2575 -52.36 24.43 -52.01
N VAL A 2576 -53.34 23.97 -52.82
CA VAL A 2576 -53.54 22.53 -52.94
C VAL A 2576 -52.47 21.89 -53.83
N LEU A 2577 -52.20 22.49 -55.00
CA LEU A 2577 -51.22 21.84 -55.88
C LEU A 2577 -49.82 21.92 -55.28
N ASN A 2578 -49.50 23.04 -54.62
CA ASN A 2578 -48.25 23.12 -53.88
C ASN A 2578 -48.22 22.14 -52.70
N LEU A 2579 -49.37 21.81 -52.12
CA LEU A 2579 -49.41 20.80 -51.06
C LEU A 2579 -49.03 19.43 -51.59
N ILE A 2580 -49.57 19.06 -52.75
CA ILE A 2580 -49.25 17.76 -53.34
C ILE A 2580 -47.76 17.67 -53.67
N PHE A 2581 -47.22 18.72 -54.29
CA PHE A 2581 -45.81 18.69 -54.65
C PHE A 2581 -44.91 18.75 -53.41
N GLY A 2582 -45.35 19.45 -52.36
CA GLY A 2582 -44.59 19.45 -51.12
C GLY A 2582 -44.55 18.09 -50.46
N VAL A 2583 -45.66 17.34 -50.54
CA VAL A 2583 -45.68 15.97 -50.01
C VAL A 2583 -44.67 15.10 -50.76
N ILE A 2584 -44.63 15.22 -52.09
CA ILE A 2584 -43.69 14.43 -52.88
C ILE A 2584 -42.24 14.78 -52.55
N ILE A 2585 -41.94 16.07 -52.43
CA ILE A 2585 -40.57 16.52 -52.12
C ILE A 2585 -40.15 16.05 -50.73
N ASP A 2586 -41.07 16.12 -49.77
CA ASP A 2586 -40.75 15.66 -48.42
C ASP A 2586 -40.52 14.16 -48.40
N THR A 2587 -41.19 13.41 -49.27
CA THR A 2587 -40.94 11.98 -49.35
C THR A 2587 -39.54 11.67 -49.91
N PHE A 2588 -39.11 12.45 -50.93
CA PHE A 2588 -37.70 12.37 -51.35
C PHE A 2588 -36.73 12.62 -50.20
N ALA A 2589 -36.99 13.66 -49.40
CA ALA A 2589 -36.08 13.98 -48.30
C ALA A 2589 -36.02 12.86 -47.27
N ASP A 2590 -37.18 12.28 -46.94
CA ASP A 2590 -37.22 11.19 -45.99
C ASP A 2590 -36.47 9.96 -46.50
N LEU A 2591 -36.67 9.61 -47.77
CA LEU A 2591 -35.99 8.45 -48.33
C LEU A 2591 -34.48 8.64 -48.38
N ARG A 2592 -34.02 9.83 -48.78
CA ARG A 2592 -32.57 10.06 -48.83
C ARG A 2592 -31.96 10.02 -47.44
N SER A 2593 -32.66 10.57 -46.44
CA SER A 2593 -32.14 10.53 -45.07
C SER A 2593 -32.02 9.12 -44.55
N GLU A 2594 -33.05 8.29 -44.75
CA GLU A 2594 -32.97 6.93 -44.21
C GLU A 2594 -31.99 6.08 -44.99
N LYS A 2595 -31.81 6.33 -46.29
CA LYS A 2595 -30.85 5.56 -47.08
C LYS A 2595 -29.43 5.88 -46.66
N GLN A 2596 -29.11 7.17 -46.47
CA GLN A 2596 -27.75 7.50 -46.03
C GLN A 2596 -27.50 7.03 -44.61
N LYS A 2597 -28.54 7.05 -43.75
CA LYS A 2597 -28.40 6.56 -42.39
C LYS A 2597 -28.08 5.07 -42.36
N LYS A 2598 -28.83 4.26 -43.11
CA LYS A 2598 -28.58 2.83 -43.10
C LYS A 2598 -27.28 2.48 -43.81
N GLU A 2599 -26.89 3.24 -44.84
CA GLU A 2599 -25.60 3.00 -45.48
C GLU A 2599 -24.44 3.29 -44.53
N GLU A 2600 -24.54 4.39 -43.77
CA GLU A 2600 -23.48 4.71 -42.81
C GLU A 2600 -23.41 3.72 -41.67
N ILE A 2601 -24.57 3.26 -41.16
CA ILE A 2601 -24.53 2.30 -40.06
C ILE A 2601 -24.08 0.93 -40.57
N LEU A 2602 -24.25 0.65 -41.86
CA LEU A 2602 -23.69 -0.57 -42.43
C LEU A 2602 -22.18 -0.45 -42.61
N LYS A 2603 -21.71 0.76 -42.92
CA LYS A 2603 -20.31 0.92 -43.30
C LYS A 2603 -19.39 1.10 -42.10
N THR A 2604 -19.88 1.68 -41.00
CA THR A 2604 -19.02 2.01 -39.86
C THR A 2604 -19.36 1.23 -38.59
N THR A 2605 -19.90 0.02 -38.72
CA THR A 2605 -20.32 -0.75 -37.56
C THR A 2605 -20.26 -2.23 -37.90
N CYS A 2606 -19.81 -3.05 -36.95
CA CYS A 2606 -19.75 -4.49 -37.14
C CYS A 2606 -21.15 -5.09 -37.24
N PHE A 2607 -21.30 -6.05 -38.16
CA PHE A 2607 -22.59 -6.68 -38.41
C PHE A 2607 -23.07 -7.47 -37.19
N ILE A 2608 -22.17 -8.18 -36.53
CA ILE A 2608 -22.54 -9.05 -35.41
C ILE A 2608 -22.38 -8.35 -34.08
N CYS A 2609 -21.19 -7.79 -33.83
CA CYS A 2609 -20.89 -7.20 -32.54
C CYS A 2609 -21.62 -5.89 -32.32
N GLY A 2610 -21.94 -5.17 -33.40
CA GLY A 2610 -22.57 -3.87 -33.27
C GLY A 2610 -21.67 -2.77 -32.75
N LEU A 2611 -20.39 -3.04 -32.54
CA LEU A 2611 -19.46 -2.02 -32.08
C LEU A 2611 -19.08 -1.10 -33.23
N GLU A 2612 -18.72 0.12 -32.88
CA GLU A 2612 -18.40 1.17 -33.85
C GLU A 2612 -16.92 1.18 -34.15
N ARG A 2613 -16.57 1.89 -35.23
CA ARG A 2613 -15.19 2.01 -35.66
C ARG A 2613 -14.32 2.77 -34.67
N ASP A 2614 -14.92 3.58 -33.79
CA ASP A 2614 -14.16 4.40 -32.87
C ASP A 2614 -13.56 3.61 -31.73
N LYS A 2615 -14.07 2.40 -31.47
CA LYS A 2615 -13.55 1.61 -30.36
C LYS A 2615 -12.22 0.95 -30.70
N PHE A 2616 -11.94 0.74 -31.98
CA PHE A 2616 -10.71 0.10 -32.43
C PHE A 2616 -9.64 1.12 -32.81
N ASP A 2617 -9.25 1.98 -31.88
CA ASP A 2617 -8.30 3.05 -32.21
C ASP A 2617 -6.92 2.48 -32.49
N ASN A 2618 -6.26 1.91 -31.48
CA ASN A 2618 -5.03 1.17 -31.71
C ASN A 2618 -5.21 -0.30 -31.33
N LYS A 2619 -5.45 -0.60 -30.05
CA LYS A 2619 -5.96 -1.87 -29.51
C LYS A 2619 -5.31 -3.14 -30.07
N THR A 2620 -4.09 -3.04 -30.60
CA THR A 2620 -3.31 -4.11 -31.23
C THR A 2620 -4.02 -4.82 -32.39
N VAL A 2621 -5.15 -4.30 -32.84
CA VAL A 2621 -5.91 -4.87 -33.95
C VAL A 2621 -6.45 -3.73 -34.81
N THR A 2622 -7.14 -4.10 -35.89
CA THR A 2622 -7.82 -3.15 -36.76
C THR A 2622 -9.25 -3.60 -36.95
N PHE A 2623 -10.10 -2.64 -37.34
CA PHE A 2623 -11.51 -2.93 -37.57
C PHE A 2623 -11.70 -3.86 -38.75
N GLU A 2624 -10.92 -3.67 -39.81
CA GLU A 2624 -11.11 -4.45 -41.03
C GLU A 2624 -10.68 -5.90 -40.89
N GLU A 2625 -9.80 -6.22 -39.94
CA GLU A 2625 -9.51 -7.61 -39.65
C GLU A 2625 -10.43 -8.19 -38.59
N HIS A 2626 -11.00 -7.34 -37.74
CA HIS A 2626 -12.05 -7.77 -36.82
C HIS A 2626 -13.29 -8.22 -37.58
N ILE A 2627 -13.66 -7.50 -38.63
CA ILE A 2627 -14.91 -7.79 -39.32
C ILE A 2627 -14.69 -8.79 -40.46
N LYS A 2628 -13.50 -9.36 -40.55
CA LYS A 2628 -13.27 -10.43 -41.51
C LYS A 2628 -12.70 -11.71 -40.91
N GLU A 2629 -12.12 -11.67 -39.71
CA GLU A 2629 -11.62 -12.88 -39.08
C GLU A 2629 -12.29 -13.18 -37.75
N GLU A 2630 -12.42 -12.17 -36.87
CA GLU A 2630 -12.98 -12.42 -35.56
C GLU A 2630 -14.50 -12.52 -35.60
N HIS A 2631 -15.16 -11.64 -36.35
CA HIS A 2631 -16.61 -11.57 -36.37
C HIS A 2631 -17.14 -11.60 -37.80
N ASN A 2632 -16.57 -12.46 -38.63
CA ASN A 2632 -17.11 -12.66 -39.97
C ASN A 2632 -18.41 -13.44 -39.88
N MET A 2633 -19.47 -12.89 -40.48
CA MET A 2633 -20.79 -13.49 -40.32
C MET A 2633 -21.00 -14.74 -41.16
N TRP A 2634 -20.22 -14.92 -42.23
CA TRP A 2634 -20.32 -16.17 -42.97
C TRP A 2634 -19.74 -17.33 -42.18
N HIS A 2635 -18.80 -17.06 -41.28
CA HIS A 2635 -18.37 -18.07 -40.33
C HIS A 2635 -19.49 -18.45 -39.39
N TYR A 2636 -20.32 -17.48 -38.99
CA TYR A 2636 -21.47 -17.79 -38.14
C TYR A 2636 -22.51 -18.62 -38.89
N LEU A 2637 -22.74 -18.31 -40.17
CA LEU A 2637 -23.63 -19.13 -40.99
C LEU A 2637 -23.08 -20.54 -41.17
N CYS A 2638 -21.76 -20.65 -41.38
CA CYS A 2638 -21.12 -21.96 -41.51
C CYS A 2638 -21.24 -22.76 -40.23
N PHE A 2639 -21.12 -22.10 -39.07
CA PHE A 2639 -21.26 -22.80 -37.81
C PHE A 2639 -22.68 -23.26 -37.57
N ILE A 2640 -23.67 -22.45 -37.98
CA ILE A 2640 -25.06 -22.87 -37.86
C ILE A 2640 -25.33 -24.10 -38.72
N VAL A 2641 -24.83 -24.09 -39.96
CA VAL A 2641 -24.98 -25.25 -40.84
C VAL A 2641 -24.26 -26.46 -40.26
N LEU A 2642 -23.06 -26.26 -39.71
CA LEU A 2642 -22.29 -27.35 -39.10
C LEU A 2642 -23.03 -27.97 -37.92
N VAL A 2643 -23.66 -27.13 -37.10
CA VAL A 2643 -24.46 -27.63 -35.99
C VAL A 2643 -25.63 -28.45 -36.51
N LYS A 2644 -26.30 -27.98 -37.56
CA LYS A 2644 -27.49 -28.69 -38.02
C LYS A 2644 -27.22 -29.75 -39.08
N VAL A 2645 -25.97 -30.10 -39.38
CA VAL A 2645 -25.70 -31.18 -40.34
C VAL A 2645 -25.06 -32.39 -39.67
N LYS A 2646 -24.42 -32.24 -38.51
CA LYS A 2646 -23.52 -33.26 -37.98
C LYS A 2646 -24.36 -34.37 -37.34
N ASP A 2647 -23.69 -35.31 -36.64
CA ASP A 2647 -24.25 -36.59 -36.24
C ASP A 2647 -25.35 -36.45 -35.18
N SER A 2648 -25.34 -35.33 -34.44
CA SER A 2648 -26.05 -35.01 -33.19
C SER A 2648 -25.39 -35.68 -31.99
N THR A 2649 -24.36 -36.48 -32.17
CA THR A 2649 -23.44 -36.91 -31.13
C THR A 2649 -22.03 -36.56 -31.59
N GLU A 2650 -21.04 -37.05 -30.84
CA GLU A 2650 -19.60 -36.96 -31.12
C GLU A 2650 -19.12 -35.56 -31.54
N TYR A 2651 -19.82 -34.51 -31.11
CA TYR A 2651 -19.30 -33.16 -31.25
C TYR A 2651 -19.14 -32.51 -29.88
N THR A 2652 -18.31 -31.46 -29.84
CA THR A 2652 -17.61 -31.07 -28.63
C THR A 2652 -18.48 -30.26 -27.69
N GLY A 2653 -17.83 -29.60 -26.73
CA GLY A 2653 -18.47 -28.88 -25.66
C GLY A 2653 -19.30 -27.68 -26.06
N PRO A 2654 -18.65 -26.61 -26.55
CA PRO A 2654 -19.41 -25.41 -26.91
C PRO A 2654 -20.40 -25.61 -28.03
N GLU A 2655 -20.12 -26.52 -28.97
CA GLU A 2655 -21.06 -26.80 -30.04
C GLU A 2655 -22.36 -27.38 -29.49
N SER A 2656 -22.26 -28.24 -28.47
CA SER A 2656 -23.45 -28.78 -27.82
C SER A 2656 -24.27 -27.71 -27.12
N TYR A 2657 -23.61 -26.77 -26.44
CA TYR A 2657 -24.32 -25.67 -25.79
C TYR A 2657 -25.03 -24.80 -26.82
N VAL A 2658 -24.36 -24.51 -27.95
CA VAL A 2658 -24.99 -23.71 -29.01
C VAL A 2658 -26.16 -24.45 -29.62
N ALA A 2659 -26.02 -25.77 -29.84
CA ALA A 2659 -27.13 -26.56 -30.37
C ALA A 2659 -28.30 -26.60 -29.42
N GLU A 2660 -28.03 -26.59 -28.11
CA GLU A 2660 -29.11 -26.43 -27.14
C GLU A 2660 -29.73 -25.05 -27.21
N MET A 2661 -28.93 -24.03 -27.53
CA MET A 2661 -29.44 -22.67 -27.66
C MET A 2661 -30.14 -22.43 -28.99
N ILE A 2662 -30.05 -23.37 -29.94
CA ILE A 2662 -30.68 -23.20 -31.25
C ILE A 2662 -32.05 -23.88 -31.29
N ARG A 2663 -32.14 -25.09 -30.74
CA ARG A 2663 -33.41 -25.82 -30.72
C ARG A 2663 -34.46 -25.07 -29.90
N GLU A 2664 -34.09 -24.61 -28.72
CA GLU A 2664 -34.93 -23.67 -28.00
C GLU A 2664 -34.58 -22.27 -28.49
N ARG A 2665 -35.56 -21.37 -28.45
CA ARG A 2665 -35.60 -20.27 -29.41
C ARG A 2665 -34.51 -19.21 -29.22
N ASN A 2666 -34.10 -18.91 -27.98
CA ASN A 2666 -33.34 -17.69 -27.72
C ASN A 2666 -31.97 -17.71 -28.39
N LEU A 2667 -31.46 -16.52 -28.69
CA LEU A 2667 -30.26 -16.38 -29.51
C LEU A 2667 -29.32 -15.34 -28.91
N ASP A 2668 -29.25 -15.31 -27.58
CA ASP A 2668 -28.32 -14.44 -26.88
C ASP A 2668 -26.96 -15.09 -26.63
N TRP A 2669 -26.56 -16.06 -27.45
CA TRP A 2669 -25.19 -16.56 -27.41
C TRP A 2669 -24.27 -15.80 -28.36
N PHE A 2670 -24.81 -14.89 -29.17
CA PHE A 2670 -23.97 -14.00 -29.96
C PHE A 2670 -23.34 -12.94 -29.06
N PRO A 2671 -22.13 -12.47 -29.40
CA PRO A 2671 -21.57 -11.33 -28.67
C PRO A 2671 -22.25 -10.04 -29.06
N ARG A 2672 -23.05 -9.46 -28.17
CA ARG A 2672 -23.97 -8.41 -28.59
C ARG A 2672 -23.35 -7.02 -28.52
N MET A 2673 -22.43 -6.79 -27.59
CA MET A 2673 -21.76 -5.48 -27.56
C MET A 2673 -20.31 -5.61 -27.11
N ARG A 2674 -19.68 -6.76 -27.36
CA ARG A 2674 -18.39 -7.08 -26.77
C ARG A 2674 -17.61 -7.97 -27.72
N ALA A 2675 -16.28 -7.85 -27.68
CA ALA A 2675 -15.44 -8.38 -28.75
C ALA A 2675 -14.23 -9.22 -28.32
N MET A 2676 -13.84 -9.19 -27.05
CA MET A 2676 -12.74 -9.93 -26.40
C MET A 2676 -11.37 -9.71 -27.03
N SER A 2677 -11.28 -8.83 -28.02
CA SER A 2677 -10.02 -8.28 -28.47
C SER A 2677 -9.77 -6.91 -27.88
N LEU A 2678 -10.69 -6.42 -27.05
CA LEU A 2678 -10.58 -5.13 -26.39
C LEU A 2678 -10.35 -5.25 -24.90
N VAL A 2679 -10.29 -6.47 -24.36
CA VAL A 2679 -10.10 -6.66 -22.92
C VAL A 2679 -8.61 -6.61 -22.59
N SER A 2680 -8.31 -6.33 -21.33
CA SER A 2680 -6.95 -6.24 -20.83
C SER A 2680 -6.81 -7.05 -19.55
N SER A 2681 -5.56 -7.32 -19.17
CA SER A 2681 -5.29 -8.10 -17.98
C SER A 2681 -5.25 -7.21 -16.73
N ASP A 2682 -5.26 -7.87 -15.57
CA ASP A 2682 -5.24 -7.19 -14.29
C ASP A 2682 -4.07 -7.70 -13.48
N SER A 2683 -3.27 -6.79 -12.93
CA SER A 2683 -2.12 -7.16 -12.12
C SER A 2683 -2.08 -6.38 -10.81
N GLU A 2684 -2.67 -5.18 -10.81
CA GLU A 2684 -2.62 -4.31 -9.63
C GLU A 2684 -3.42 -4.89 -8.47
N GLY A 2685 -4.63 -5.38 -8.76
CA GLY A 2685 -5.44 -5.99 -7.71
C GLY A 2685 -4.84 -7.26 -7.18
N GLU A 2686 -4.25 -8.08 -8.06
CA GLU A 2686 -3.57 -9.30 -7.62
C GLU A 2686 -2.37 -8.97 -6.75
N GLN A 2687 -1.60 -7.93 -7.12
CA GLN A 2687 -0.47 -7.50 -6.31
C GLN A 2687 -0.93 -7.00 -4.95
N ASN A 2688 -2.04 -6.25 -4.91
CA ASN A 2688 -2.56 -5.76 -3.64
C ASN A 2688 -3.05 -6.90 -2.75
N GLU A 2689 -3.69 -7.92 -3.35
CA GLU A 2689 -4.19 -9.03 -2.54
C GLU A 2689 -3.05 -9.91 -2.03
N LEU A 2690 -2.02 -10.15 -2.85
CA LEU A 2690 -0.88 -10.90 -2.34
C LEU A 2690 -0.11 -10.09 -1.30
N ARG A 2691 -0.07 -8.77 -1.45
CA ARG A 2691 0.47 -7.91 -0.41
C ARG A 2691 -0.33 -8.03 0.89
N ASN A 2692 -1.66 -8.10 0.78
CA ASN A 2692 -2.50 -8.24 1.97
C ASN A 2692 -2.27 -9.59 2.65
N LEU A 2693 -2.15 -10.67 1.87
CA LEU A 2693 -1.87 -11.99 2.45
C LEU A 2693 -0.49 -12.03 3.10
N GLN A 2694 0.51 -11.42 2.45
CA GLN A 2694 1.83 -11.31 3.03
C GLN A 2694 1.80 -10.46 4.31
N GLU A 2695 0.92 -9.46 4.34
CA GLU A 2695 0.76 -8.64 5.54
C GLU A 2695 0.10 -9.40 6.68
N LYS A 2696 -0.84 -10.30 6.35
CA LYS A 2696 -1.42 -11.15 7.39
C LYS A 2696 -0.40 -12.13 7.96
N LEU A 2697 0.42 -12.73 7.08
CA LEU A 2697 1.50 -13.60 7.55
C LEU A 2697 2.53 -12.81 8.37
N GLU A 2698 2.79 -11.57 7.97
CA GLU A 2698 3.71 -10.73 8.71
C GLU A 2698 3.13 -10.32 10.05
N SER A 2699 1.81 -10.14 10.11
CA SER A 2699 1.14 -9.89 11.38
C SER A 2699 1.25 -11.08 12.31
N THR A 2700 1.18 -12.29 11.75
CA THR A 2700 1.43 -13.49 12.55
C THR A 2700 2.86 -13.53 13.09
N MET A 2701 3.84 -13.21 12.24
CA MET A 2701 5.22 -13.27 12.72
C MET A 2701 5.49 -12.15 13.72
N LYS A 2702 4.85 -10.99 13.53
CA LYS A 2702 5.00 -9.90 14.49
C LYS A 2702 4.22 -10.13 15.78
N LEU A 2703 3.18 -10.96 15.77
CA LEU A 2703 2.59 -11.32 17.05
C LEU A 2703 3.49 -12.30 17.80
N VAL A 2704 4.17 -13.18 17.07
CA VAL A 2704 5.23 -13.97 17.71
C VAL A 2704 6.33 -13.04 18.25
N THR A 2705 6.63 -11.98 17.50
CA THR A 2705 7.61 -10.99 17.95
C THR A 2705 7.16 -10.26 19.21
N ASN A 2706 5.86 -9.96 19.34
CA ASN A 2706 5.46 -9.31 20.58
C ASN A 2706 5.31 -10.30 21.74
N LEU A 2707 5.13 -11.61 21.46
CA LEU A 2707 5.37 -12.60 22.51
C LEU A 2707 6.81 -12.57 23.00
N SER A 2708 7.77 -12.43 22.06
CA SER A 2708 9.14 -12.13 22.47
C SER A 2708 9.24 -10.78 23.18
N GLY A 2709 8.29 -9.88 22.91
CA GLY A 2709 8.22 -8.63 23.65
C GLY A 2709 7.91 -8.82 25.12
N GLN A 2710 6.83 -9.57 25.42
CA GLN A 2710 6.59 -9.81 26.85
C GLN A 2710 7.66 -10.71 27.45
N LEU A 2711 8.36 -11.49 26.63
CA LEU A 2711 9.58 -12.16 27.10
C LEU A 2711 10.65 -11.13 27.51
N SER A 2712 10.76 -10.03 26.76
CA SER A 2712 11.68 -8.97 27.14
C SER A 2712 11.31 -8.34 28.48
N GLU A 2713 10.02 -8.06 28.71
CA GLU A 2713 9.79 -7.58 30.08
C GLU A 2713 9.74 -8.70 31.12
N LEU A 2714 9.68 -9.98 30.73
CA LEU A 2714 10.00 -11.04 31.68
C LEU A 2714 11.44 -10.92 32.17
N LYS A 2715 12.36 -10.66 31.24
CA LYS A 2715 13.73 -10.35 31.65
C LYS A 2715 13.79 -9.07 32.49
N ASP A 2716 12.86 -8.13 32.23
CA ASP A 2716 12.82 -6.93 33.07
C ASP A 2716 12.46 -7.25 34.51
N GLN A 2717 11.43 -8.09 34.76
CA GLN A 2717 11.17 -8.34 36.18
C GLN A 2717 12.22 -9.24 36.79
N MET A 2718 12.89 -10.08 36.01
CA MET A 2718 14.03 -10.82 36.56
C MET A 2718 15.13 -9.88 37.02
N THR A 2719 15.50 -8.91 36.17
CA THR A 2719 16.57 -7.98 36.49
C THR A 2719 16.20 -7.07 37.66
N GLU A 2720 14.99 -6.51 37.64
CA GLU A 2720 14.62 -5.64 38.75
C GLU A 2720 14.30 -6.43 40.02
N GLN A 2721 13.95 -7.71 39.91
CA GLN A 2721 13.77 -8.53 41.09
C GLN A 2721 15.10 -8.80 41.79
N ARG A 2722 16.13 -9.17 41.04
CA ARG A 2722 17.42 -9.38 41.67
C ARG A 2722 18.03 -8.06 42.14
N LYS A 2723 17.78 -6.97 41.40
CA LYS A 2723 18.26 -5.65 41.82
C LYS A 2723 17.60 -5.19 43.11
N GLN A 2724 16.28 -5.38 43.23
CA GLN A 2724 15.60 -4.99 44.47
C GLN A 2724 15.94 -5.95 45.60
N LYS A 2725 16.26 -7.21 45.29
CA LYS A 2725 16.69 -8.14 46.33
C LYS A 2725 18.02 -7.72 46.94
N GLN A 2726 18.99 -7.37 46.10
CA GLN A 2726 20.26 -6.89 46.65
C GLN A 2726 20.11 -5.51 47.28
N ARG A 2727 19.15 -4.70 46.80
CA ARG A 2727 18.89 -3.42 47.43
C ARG A 2727 18.34 -3.57 48.85
N ILE A 2728 17.39 -4.50 49.04
CA ILE A 2728 16.89 -4.80 50.38
C ILE A 2728 18.00 -5.39 51.24
N GLY A 2729 18.87 -6.22 50.63
CA GLY A 2729 20.00 -6.77 51.38
C GLY A 2729 20.96 -5.73 51.88
N LEU A 2730 21.29 -4.74 51.04
CA LEU A 2730 22.21 -3.69 51.47
C LEU A 2730 21.56 -2.66 52.38
N LEU A 2731 20.25 -2.40 52.24
CA LEU A 2731 19.61 -1.36 53.01
C LEU A 2731 18.54 -2.01 53.89
N GLY A 2732 18.91 -3.06 54.59
CA GLY A 2732 18.01 -3.75 55.49
C GLY A 2732 18.52 -5.14 55.81
N HIS A 2733 18.11 -5.65 56.97
CA HIS A 2733 18.47 -6.99 57.42
C HIS A 2733 17.21 -7.74 57.84
N PRO A 2734 16.46 -8.28 56.88
CA PRO A 2734 15.26 -9.05 57.23
C PRO A 2734 15.61 -10.51 57.48
N PRO A 2735 15.13 -11.07 58.60
CA PRO A 2735 15.39 -12.49 58.87
C PRO A 2735 14.52 -13.38 58.00
N HIS A 2736 15.00 -14.61 57.81
CA HIS A 2736 14.28 -15.61 57.04
C HIS A 2736 13.75 -16.71 57.95
N SER B 1 16.64 14.19 31.68
CA SER B 1 17.89 13.49 32.00
C SER B 1 18.83 14.40 32.78
N SER B 2 18.59 14.47 34.11
CA SER B 2 19.36 15.26 35.05
C SER B 2 19.36 16.75 34.71
N PHE B 3 18.31 17.22 34.04
CA PHE B 3 18.10 18.63 33.77
C PHE B 3 17.03 19.16 34.71
N LEU B 4 16.74 20.45 34.58
CA LEU B 4 15.68 21.09 35.36
C LEU B 4 14.57 21.53 34.41
N HIS B 5 13.34 21.14 34.71
CA HIS B 5 12.19 21.35 33.85
C HIS B 5 11.20 22.30 34.50
N ILE B 6 10.26 22.78 33.69
CA ILE B 6 9.10 23.50 34.19
C ILE B 6 8.18 22.46 34.82
N GLY B 7 7.77 22.71 36.06
CA GLY B 7 6.92 21.78 36.77
C GLY B 7 7.63 20.90 37.79
N ASP B 8 8.96 21.02 37.90
CA ASP B 8 9.67 20.31 38.93
C ASP B 8 9.39 20.93 40.30
N ILE B 9 9.70 20.17 41.34
CA ILE B 9 9.53 20.62 42.72
C ILE B 9 10.89 20.56 43.38
N CYS B 10 11.53 21.72 43.55
CA CYS B 10 12.89 21.78 44.05
C CYS B 10 12.92 22.38 45.46
N SER B 11 14.13 22.62 45.96
CA SER B 11 14.32 23.15 47.30
C SER B 11 15.59 24.00 47.28
N LEU B 12 15.42 25.32 47.33
CA LEU B 12 16.56 26.22 47.21
C LEU B 12 17.37 26.22 48.49
N TYR B 13 18.68 26.11 48.35
CA TYR B 13 19.61 26.08 49.48
C TYR B 13 20.53 27.28 49.40
N ALA B 14 20.71 27.96 50.53
CA ALA B 14 21.60 29.10 50.62
C ALA B 14 22.96 28.66 51.12
N GLU B 15 24.02 29.15 50.50
CA GLU B 15 25.37 28.96 51.00
C GLU B 15 26.23 30.14 50.57
N GLY B 16 27.23 30.44 51.39
CA GLY B 16 27.99 31.66 51.26
C GLY B 16 28.28 32.25 52.62
N SER B 17 27.84 33.48 52.86
CA SER B 17 27.98 34.09 54.18
C SER B 17 27.13 33.34 55.22
N THR B 18 25.91 32.97 54.85
CA THR B 18 25.02 32.22 55.73
C THR B 18 24.45 31.02 54.97
N ASN B 19 24.21 29.94 55.72
CA ASN B 19 23.77 28.68 55.15
C ASN B 19 22.35 28.37 55.60
N GLY B 20 21.67 27.51 54.87
CA GLY B 20 20.36 27.02 55.28
C GLY B 20 19.38 27.03 54.14
N PHE B 21 18.31 26.25 54.30
CA PHE B 21 17.22 26.23 53.34
C PHE B 21 16.34 27.46 53.52
N ILE B 22 15.65 27.83 52.44
CA ILE B 22 14.72 28.96 52.47
C ILE B 22 13.35 28.42 52.89
N SER B 23 12.91 28.81 54.07
CA SER B 23 11.64 28.40 54.63
C SER B 23 10.70 29.59 54.70
N THR B 24 9.55 29.40 55.33
CA THR B 24 8.59 30.48 55.54
C THR B 24 7.89 30.26 56.86
N LEU B 25 8.15 31.14 57.83
CA LEU B 25 7.50 31.00 59.14
C LEU B 25 6.02 31.32 59.03
N GLY B 26 5.19 30.44 59.58
CA GLY B 26 3.75 30.64 59.61
C GLY B 26 3.11 30.49 58.24
N LEU B 27 1.78 30.60 58.26
CA LEU B 27 1.00 30.67 57.04
C LEU B 27 0.16 31.95 56.96
N VAL B 28 -0.21 32.54 58.09
CA VAL B 28 -0.82 33.86 58.08
C VAL B 28 0.21 34.95 57.77
N ASP B 29 1.50 34.67 57.97
CA ASP B 29 2.55 35.63 57.71
C ASP B 29 3.17 35.37 56.34
N ASP B 30 3.77 36.42 55.77
CA ASP B 30 4.29 36.39 54.40
C ASP B 30 5.76 36.80 54.37
N ARG B 31 6.54 36.31 55.32
CA ARG B 31 7.96 36.60 55.38
C ARG B 31 8.74 35.36 54.96
N CYS B 32 9.77 35.55 54.14
CA CYS B 32 10.65 34.48 53.73
C CYS B 32 11.91 34.49 54.58
N VAL B 33 12.27 33.32 55.11
CA VAL B 33 13.28 33.20 56.15
C VAL B 33 14.18 32.01 55.85
N VAL B 34 15.49 32.20 55.98
CA VAL B 34 16.45 31.11 56.04
C VAL B 34 16.87 30.93 57.49
N GLN B 35 17.32 29.72 57.82
CA GLN B 35 17.80 29.45 59.17
C GLN B 35 18.92 28.42 59.13
N PRO B 36 20.07 28.71 59.74
CA PRO B 36 21.24 27.84 59.59
C PRO B 36 21.20 26.58 60.44
N GLU B 37 20.60 26.69 61.62
CA GLU B 37 20.61 25.59 62.60
C GLU B 37 19.64 24.48 62.22
N ALA B 38 18.70 24.74 61.32
CA ALA B 38 17.69 23.74 60.97
C ALA B 38 18.30 22.52 60.30
N GLY B 39 19.25 22.71 59.41
CA GLY B 39 19.94 21.58 58.81
C GLY B 39 20.60 21.95 57.50
N ASP B 40 21.38 21.00 56.99
CA ASP B 40 22.11 21.14 55.73
C ASP B 40 21.79 19.98 54.80
N LEU B 41 22.57 19.82 53.73
CA LEU B 41 22.29 18.79 52.73
C LEU B 41 22.39 17.37 53.30
N ASN B 42 23.28 17.15 54.27
CA ASN B 42 23.42 15.82 54.86
C ASN B 42 22.17 15.41 55.64
N ASN B 43 21.60 16.32 56.41
CA ASN B 43 20.31 16.06 57.04
C ASN B 43 19.42 17.31 57.06
N PRO B 44 18.29 17.26 56.38
CA PRO B 44 17.44 18.43 56.25
C PRO B 44 16.67 18.69 57.54
N PRO B 45 15.99 19.83 57.66
CA PRO B 45 15.15 20.06 58.84
C PRO B 45 14.00 19.08 58.92
N LYS B 46 13.49 18.90 60.14
CA LYS B 46 12.40 17.96 60.38
C LYS B 46 11.13 18.41 59.68
N LYS B 47 10.83 19.70 59.70
CA LYS B 47 9.70 20.26 58.97
C LYS B 47 10.13 20.64 57.56
N PHE B 48 10.50 19.62 56.79
CA PHE B 48 11.05 19.85 55.45
C PHE B 48 9.98 20.26 54.44
N ARG B 49 8.71 19.94 54.72
CA ARG B 49 7.61 20.28 53.81
C ARG B 49 7.45 21.78 53.62
N ASP B 50 7.93 22.58 54.57
CA ASP B 50 7.84 24.03 54.49
C ASP B 50 8.76 24.61 53.42
N CYS B 51 9.79 23.88 53.02
CA CYS B 51 10.88 24.41 52.20
C CYS B 51 10.74 24.10 50.71
N LEU B 52 9.64 23.52 50.27
CA LEU B 52 9.53 23.11 48.88
C LEU B 52 8.95 24.21 48.01
N PHE B 53 9.41 24.29 46.76
CA PHE B 53 8.95 25.27 45.79
C PHE B 53 8.68 24.55 44.46
N LYS B 54 7.85 25.18 43.62
CA LYS B 54 7.44 24.58 42.36
C LYS B 54 7.77 25.53 41.21
N LEU B 55 8.20 24.97 40.08
CA LEU B 55 8.78 25.76 39.00
C LEU B 55 7.70 26.08 37.97
N CYS B 56 7.58 27.35 37.60
CA CYS B 56 6.44 27.80 36.81
C CYS B 56 6.90 28.71 35.67
N PRO B 57 6.15 28.76 34.58
CA PRO B 57 6.46 29.70 33.49
C PRO B 57 5.81 31.06 33.74
N MET B 58 5.88 31.91 32.71
CA MET B 58 5.24 33.21 32.70
C MET B 58 3.76 33.16 33.05
N ASN B 59 3.37 34.07 33.95
CA ASN B 59 2.00 34.49 34.12
C ASN B 59 1.94 35.96 33.78
N ARG B 60 1.02 36.35 32.91
CA ARG B 60 0.94 37.72 32.41
C ARG B 60 -0.06 38.51 33.23
N TYR B 61 0.45 39.44 34.05
CA TYR B 61 -0.38 40.29 34.88
C TYR B 61 -0.52 41.63 34.18
N SER B 62 -1.37 41.66 33.17
CA SER B 62 -1.63 42.87 32.39
C SER B 62 -3.01 43.43 32.68
N ALA B 63 -4.06 42.63 32.51
CA ALA B 63 -5.39 43.08 32.87
C ALA B 63 -5.65 43.00 34.36
N GLN B 64 -4.94 42.12 35.07
CA GLN B 64 -5.06 42.04 36.53
C GLN B 64 -4.57 43.32 37.20
N LYS B 65 -3.44 43.86 36.74
CA LYS B 65 -2.93 45.12 37.30
C LYS B 65 -3.91 46.26 37.04
N GLN B 66 -4.48 46.30 35.84
CA GLN B 66 -5.46 47.32 35.49
C GLN B 66 -6.71 47.20 36.36
N PHE B 67 -7.19 45.97 36.59
CA PHE B 67 -8.36 45.75 37.43
C PHE B 67 -8.08 46.12 38.88
N TRP B 68 -6.90 45.79 39.40
CA TRP B 68 -6.58 46.13 40.78
C TRP B 68 -6.43 47.63 40.95
N LYS B 69 -5.90 48.32 39.93
CA LYS B 69 -5.80 49.78 40.03
C LYS B 69 -7.16 50.44 39.89
N ALA B 70 -8.05 49.88 39.07
CA ALA B 70 -9.37 50.46 38.90
C ALA B 70 -10.29 50.19 40.09
N ALA B 71 -10.15 49.04 40.75
CA ALA B 71 -11.04 48.68 41.84
C ALA B 71 -10.66 49.35 43.16
N LYS B 72 -9.55 50.08 43.21
CA LYS B 72 -9.15 50.81 44.40
C LYS B 72 -9.36 52.30 44.15
N PRO B 73 -10.44 52.90 44.64
CA PRO B 73 -10.75 54.31 44.34
C PRO B 73 -9.89 55.25 45.16
N GLY B 74 -9.00 55.98 44.47
CA GLY B 74 -8.15 56.94 45.13
C GLY B 74 -8.88 58.21 45.53
N ALA B 75 -9.34 58.98 44.55
CA ALA B 75 -10.07 60.21 44.83
C ALA B 75 -11.26 60.44 43.90
N ASN B 76 -11.56 59.52 42.99
CA ASN B 76 -12.69 59.67 42.07
C ASN B 76 -13.93 58.90 42.51
N SER B 77 -13.73 57.70 43.06
CA SER B 77 -14.82 56.84 43.58
C SER B 77 -15.87 56.55 42.51
N THR B 78 -15.42 56.34 41.28
CA THR B 78 -16.33 56.07 40.16
C THR B 78 -16.43 54.56 39.99
N THR B 79 -17.49 53.98 40.54
CA THR B 79 -17.77 52.55 40.41
C THR B 79 -18.88 52.37 39.40
N ASP B 80 -18.61 51.57 38.36
CA ASP B 80 -19.53 51.40 37.25
C ASP B 80 -19.87 49.92 37.11
N ALA B 81 -21.16 49.63 36.92
CA ALA B 81 -21.61 48.27 36.67
C ALA B 81 -21.44 47.86 35.22
N VAL B 82 -21.02 48.78 34.35
CA VAL B 82 -20.77 48.47 32.94
C VAL B 82 -19.31 48.57 32.55
N LEU B 83 -18.46 49.13 33.41
CA LEU B 83 -17.04 49.26 33.14
C LEU B 83 -16.19 48.34 34.00
N LEU B 84 -16.35 48.42 35.32
CA LEU B 84 -15.59 47.55 36.21
C LEU B 84 -16.03 46.10 36.07
N ASN B 85 -17.29 45.86 35.69
CA ASN B 85 -17.76 44.50 35.47
C ASN B 85 -17.05 43.86 34.28
N LYS B 86 -16.95 44.56 33.16
CA LYS B 86 -16.25 43.99 32.02
C LYS B 86 -14.75 43.99 32.23
N LEU B 87 -14.22 44.91 33.04
CA LEU B 87 -12.81 44.82 33.43
C LEU B 87 -12.53 43.55 34.24
N HIS B 88 -13.42 43.23 35.18
CA HIS B 88 -13.30 42.01 35.97
C HIS B 88 -13.43 40.78 35.09
N HIS B 89 -14.36 40.81 34.12
CA HIS B 89 -14.52 39.70 33.19
C HIS B 89 -13.26 39.52 32.33
N ALA B 90 -12.67 40.61 31.87
CA ALA B 90 -11.45 40.54 31.07
C ALA B 90 -10.30 39.96 31.88
N ALA B 91 -10.13 40.42 33.12
CA ALA B 91 -9.08 39.89 33.98
C ALA B 91 -9.28 38.41 34.27
N ASP B 92 -10.53 38.01 34.53
CA ASP B 92 -10.83 36.62 34.80
C ASP B 92 -10.54 35.73 33.60
N LEU B 93 -10.94 36.16 32.40
CA LEU B 93 -10.72 35.31 31.24
C LEU B 93 -9.24 35.26 30.86
N GLU B 94 -8.50 36.36 31.05
CA GLU B 94 -7.08 36.29 30.70
C GLU B 94 -6.32 35.48 31.73
N LYS B 95 -6.79 35.47 32.99
CA LYS B 95 -6.23 34.57 33.99
C LYS B 95 -6.53 33.11 33.63
N LYS B 96 -7.73 32.85 33.09
CA LYS B 96 -8.07 31.50 32.66
C LYS B 96 -7.17 31.03 31.52
N GLN B 97 -6.98 31.88 30.51
CA GLN B 97 -6.09 31.49 29.41
C GLN B 97 -4.62 31.55 29.83
N ASN B 98 -4.33 32.23 30.94
CA ASN B 98 -3.00 32.20 31.53
C ASN B 98 -2.71 30.86 32.18
N GLU B 99 -3.66 30.33 32.94
CA GLU B 99 -3.44 29.05 33.61
C GLU B 99 -3.60 27.87 32.66
N THR B 100 -4.39 28.01 31.60
CA THR B 100 -4.56 26.87 30.70
C THR B 100 -3.42 26.72 29.70
N GLU B 101 -2.55 27.70 29.58
CA GLU B 101 -1.37 27.57 28.71
C GLU B 101 -0.14 27.11 29.47
N ASN B 102 -0.16 27.14 30.80
CA ASN B 102 0.93 26.57 31.57
C ASN B 102 0.94 25.05 31.47
N ARG B 103 -0.22 24.44 31.21
CA ARG B 103 -0.28 23.00 30.98
C ARG B 103 0.36 22.60 29.66
N LYS B 104 0.44 23.52 28.70
CA LYS B 104 1.13 23.27 27.44
C LYS B 104 2.65 23.34 27.58
N LEU B 105 3.16 23.99 28.62
CA LEU B 105 4.58 24.05 28.90
C LEU B 105 4.97 23.11 30.03
N LEU B 106 4.18 22.06 30.25
CA LEU B 106 4.32 21.25 31.44
C LEU B 106 5.60 20.42 31.42
N GLY B 107 6.10 20.08 30.23
CA GLY B 107 7.42 19.51 30.15
C GLY B 107 8.31 20.33 29.23
N THR B 108 9.30 21.02 29.80
CA THR B 108 10.13 21.95 29.04
C THR B 108 11.40 22.22 29.81
N VAL B 109 12.55 21.96 29.18
CA VAL B 109 13.84 22.22 29.81
C VAL B 109 14.07 23.73 29.82
N ILE B 110 14.41 24.26 30.99
CA ILE B 110 14.69 25.68 31.12
C ILE B 110 16.17 25.90 30.86
N GLN B 111 16.50 27.10 30.39
CA GLN B 111 17.88 27.51 30.17
C GLN B 111 18.17 28.77 30.96
N TYR B 112 19.46 29.05 31.12
CA TYR B 112 19.91 30.23 31.84
C TYR B 112 19.46 31.49 31.11
N GLY B 113 19.03 32.49 31.86
CA GLY B 113 18.49 33.70 31.29
C GLY B 113 16.99 33.72 31.10
N ASN B 114 16.27 32.78 31.70
CA ASN B 114 14.83 32.72 31.56
C ASN B 114 14.12 33.29 32.78
N VAL B 115 12.79 33.20 32.74
CA VAL B 115 11.90 33.55 33.83
C VAL B 115 11.61 32.28 34.62
N ILE B 116 11.38 32.39 35.92
CA ILE B 116 11.40 31.14 36.65
C ILE B 116 10.16 30.97 37.55
N GLN B 117 9.58 32.08 38.03
CA GLN B 117 8.26 32.12 38.69
C GLN B 117 8.11 31.11 39.82
N LEU B 118 8.85 31.36 40.90
CA LEU B 118 8.82 30.44 42.04
C LEU B 118 7.47 30.44 42.74
N LEU B 119 6.98 29.25 43.10
CA LEU B 119 5.71 29.07 43.79
C LEU B 119 5.92 28.20 45.01
N HIS B 120 5.54 28.70 46.18
CA HIS B 120 5.57 27.90 47.40
C HIS B 120 4.44 26.89 47.39
N LEU B 121 4.77 25.63 47.69
CA LEU B 121 3.77 24.58 47.63
C LEU B 121 2.87 24.52 48.85
N LYS B 122 3.42 24.74 50.04
CA LYS B 122 2.62 24.64 51.25
C LYS B 122 1.60 25.77 51.34
N SER B 123 2.02 27.00 51.04
CA SER B 123 1.15 28.17 51.17
C SER B 123 0.38 28.49 49.89
N ASN B 124 0.76 27.88 48.76
CA ASN B 124 0.19 28.17 47.43
C ASN B 124 0.31 29.66 47.10
N LYS B 125 1.45 30.25 47.44
CA LYS B 125 1.69 31.67 47.24
C LYS B 125 3.01 31.88 46.50
N TYR B 126 3.01 32.82 45.56
CA TYR B 126 4.20 33.11 44.78
C TYR B 126 5.20 33.92 45.59
N LEU B 127 6.48 33.70 45.31
CA LEU B 127 7.55 34.48 45.91
C LEU B 127 7.76 35.74 45.11
N THR B 128 7.42 36.89 45.70
CA THR B 128 7.39 38.15 44.99
C THR B 128 8.35 39.16 45.61
N VAL B 129 8.56 40.24 44.87
CA VAL B 129 9.22 41.43 45.35
C VAL B 129 8.65 42.61 44.57
N ASN B 130 8.56 43.76 45.24
CA ASN B 130 8.15 44.99 44.57
C ASN B 130 9.18 46.06 44.86
N LYS B 131 9.38 46.95 43.89
CA LYS B 131 10.57 47.78 43.83
C LYS B 131 10.49 49.04 44.68
N ARG B 132 9.39 49.27 45.40
CA ARG B 132 9.16 50.59 45.99
C ARG B 132 9.36 50.65 47.50
N LEU B 133 9.16 49.54 48.23
CA LEU B 133 9.27 49.76 49.68
C LEU B 133 10.37 48.89 50.27
N PRO B 134 11.14 49.42 51.24
CA PRO B 134 12.30 48.68 51.74
C PRO B 134 11.96 47.54 52.69
N ALA B 135 12.99 46.92 53.26
CA ALA B 135 12.82 45.83 54.21
C ALA B 135 12.44 46.36 55.58
N LEU B 136 11.99 45.44 56.44
CA LEU B 136 11.67 45.81 57.82
C LEU B 136 12.94 45.91 58.66
N LEU B 137 13.69 44.81 58.75
CA LEU B 137 14.84 44.77 59.66
C LEU B 137 16.00 45.60 59.13
N GLU B 138 16.05 45.84 57.82
CA GLU B 138 17.11 46.65 57.23
C GLU B 138 16.52 47.72 56.31
N LYS B 139 17.31 48.75 56.08
CA LYS B 139 17.08 49.71 55.01
C LYS B 139 17.72 49.16 53.74
N ASN B 140 17.98 50.02 52.75
CA ASN B 140 19.01 49.86 51.70
C ASN B 140 18.96 48.53 50.94
N ALA B 141 18.09 48.48 49.90
CA ALA B 141 17.78 47.31 49.07
C ALA B 141 16.89 46.26 49.74
N MET B 142 15.59 46.52 49.59
CA MET B 142 14.36 45.90 50.07
C MET B 142 14.23 44.38 50.16
N ARG B 143 13.28 43.96 51.00
CA ARG B 143 12.89 42.58 51.29
C ARG B 143 12.05 41.96 50.18
N VAL B 144 11.73 40.68 50.38
CA VAL B 144 10.81 39.93 49.54
C VAL B 144 9.70 39.36 50.41
N THR B 145 8.55 39.08 49.80
CA THR B 145 7.36 38.61 50.52
C THR B 145 6.70 37.50 49.70
N LEU B 146 5.48 37.13 50.10
CA LEU B 146 4.65 36.17 49.40
C LEU B 146 3.24 36.71 49.27
N ASP B 147 2.55 36.33 48.20
CA ASP B 147 1.12 36.61 48.09
C ASP B 147 0.45 35.60 47.16
N GLU B 148 -0.86 35.47 47.31
CA GLU B 148 -1.63 34.52 46.50
C GLU B 148 -1.83 35.01 45.08
N ALA B 149 -1.92 36.33 44.89
CA ALA B 149 -2.43 36.88 43.64
C ALA B 149 -1.45 36.75 42.48
N GLY B 150 -0.17 36.50 42.75
CA GLY B 150 0.78 36.56 41.67
C GLY B 150 1.08 38.00 41.28
N ASN B 151 1.79 38.71 42.16
CA ASN B 151 2.13 40.10 41.89
C ASN B 151 3.02 40.21 40.65
N GLU B 152 2.82 41.29 39.90
CA GLU B 152 3.80 41.68 38.90
C GLU B 152 5.09 42.05 39.61
N GLY B 153 6.20 41.47 39.17
CA GLY B 153 7.42 41.51 39.94
C GLY B 153 7.74 40.23 40.66
N SER B 154 7.00 39.17 40.40
CA SER B 154 7.37 37.83 40.83
C SER B 154 8.24 37.12 39.80
N TRP B 155 8.48 37.74 38.65
CA TRP B 155 9.37 37.15 37.66
C TRP B 155 10.82 37.30 38.11
N PHE B 156 11.58 36.23 37.99
CA PHE B 156 12.99 36.23 38.39
C PHE B 156 13.82 35.75 37.21
N TYR B 157 14.98 36.38 37.02
CA TYR B 157 15.94 35.88 36.05
C TYR B 157 16.82 34.82 36.70
N ILE B 158 16.97 33.68 36.04
CA ILE B 158 17.85 32.63 36.49
C ILE B 158 19.20 32.80 35.79
N GLN B 159 20.25 33.00 36.58
CA GLN B 159 21.57 33.31 36.05
C GLN B 159 22.61 32.44 36.74
N PRO B 160 23.67 32.07 36.03
CA PRO B 160 24.65 31.15 36.63
C PRO B 160 25.61 31.84 37.58
N PHE B 161 25.90 31.15 38.69
CA PHE B 161 26.96 31.56 39.61
C PHE B 161 28.34 31.17 39.11
N TYR B 162 28.41 30.29 38.12
CA TYR B 162 29.65 29.84 37.52
C TYR B 162 29.68 30.24 36.06
N LYS B 163 30.88 30.54 35.57
CA LYS B 163 31.08 30.84 34.17
C LYS B 163 31.42 29.59 33.35
N LEU B 164 31.23 28.40 33.93
CA LEU B 164 31.18 27.18 33.14
C LEU B 164 30.01 27.21 32.18
N ARG B 165 28.89 27.78 32.62
CA ARG B 165 27.65 27.83 31.87
C ARG B 165 27.43 29.24 31.35
N SER B 166 26.53 29.37 30.38
CA SER B 166 26.25 30.66 29.77
C SER B 166 24.77 30.75 29.46
N ILE B 167 24.36 31.89 28.92
CA ILE B 167 22.96 32.10 28.57
C ILE B 167 22.60 31.21 27.39
N GLY B 168 21.50 30.48 27.53
CA GLY B 168 21.09 29.50 26.55
C GLY B 168 21.46 28.08 26.89
N ASP B 169 22.40 27.89 27.81
CA ASP B 169 22.76 26.57 28.28
C ASP B 169 21.68 26.04 29.21
N SER B 170 21.43 24.73 29.13
CA SER B 170 20.44 24.11 29.99
C SER B 170 20.93 24.06 31.44
N VAL B 171 19.98 24.02 32.36
CA VAL B 171 20.27 24.01 33.79
C VAL B 171 20.22 22.58 34.29
N VAL B 172 21.28 22.13 34.92
CA VAL B 172 21.37 20.76 35.42
C VAL B 172 21.02 20.78 36.91
N ILE B 173 20.76 19.59 37.45
CA ILE B 173 20.36 19.45 38.85
C ILE B 173 21.59 19.54 39.73
N GLY B 174 21.54 20.41 40.73
CA GLY B 174 22.57 20.48 41.74
C GLY B 174 23.56 21.61 41.58
N ASP B 175 23.44 22.43 40.55
CA ASP B 175 24.37 23.53 40.40
C ASP B 175 23.91 24.74 41.20
N LYS B 176 24.85 25.64 41.47
CA LYS B 176 24.57 26.87 42.20
C LYS B 176 24.25 27.96 41.18
N VAL B 177 23.09 28.57 41.32
CA VAL B 177 22.66 29.65 40.45
C VAL B 177 22.43 30.89 41.30
N VAL B 178 22.17 32.00 40.62
CA VAL B 178 21.82 33.26 41.28
C VAL B 178 20.51 33.76 40.66
N LEU B 179 19.63 34.29 41.50
CA LEU B 179 18.31 34.73 41.08
C LEU B 179 18.19 36.23 41.30
N ASN B 180 17.86 36.95 40.23
CA ASN B 180 17.51 38.35 40.40
C ASN B 180 16.23 38.66 39.65
N PRO B 181 15.37 39.50 40.22
CA PRO B 181 14.10 39.84 39.56
C PRO B 181 14.32 40.72 38.34
N VAL B 182 13.37 40.65 37.41
CA VAL B 182 13.50 41.38 36.16
C VAL B 182 13.36 42.88 36.38
N ASN B 183 12.44 43.30 37.26
CA ASN B 183 12.16 44.71 37.44
C ASN B 183 12.73 45.29 38.74
N ALA B 184 13.45 44.49 39.52
CA ALA B 184 14.15 45.01 40.68
C ALA B 184 15.65 45.14 40.46
N GLY B 185 16.23 44.25 39.66
CA GLY B 185 17.63 44.35 39.26
C GLY B 185 18.63 44.18 40.39
N GLN B 186 18.27 43.42 41.41
CA GLN B 186 19.18 43.15 42.52
C GLN B 186 19.05 41.69 42.92
N PRO B 187 20.15 40.96 43.07
CA PRO B 187 20.05 39.53 43.38
C PRO B 187 19.45 39.28 44.74
N LEU B 188 18.73 38.16 44.85
CA LEU B 188 18.06 37.80 46.09
C LEU B 188 19.10 37.31 47.09
N HIS B 189 19.07 37.87 48.29
CA HIS B 189 20.16 37.75 49.25
C HIS B 189 19.68 37.15 50.55
N ALA B 190 20.48 36.27 51.13
CA ALA B 190 20.23 35.74 52.46
C ALA B 190 21.06 36.54 53.46
N SER B 191 20.38 37.17 54.42
CA SER B 191 21.03 38.14 55.29
C SER B 191 21.67 37.43 56.48
N SER B 192 22.17 38.25 57.41
CA SER B 192 22.75 37.75 58.65
C SER B 192 22.13 38.36 59.90
N HIS B 193 21.17 39.27 59.76
CA HIS B 193 20.47 39.83 60.92
C HIS B 193 19.35 38.89 61.35
N GLN B 194 19.42 38.43 62.59
CA GLN B 194 18.42 37.49 63.10
C GLN B 194 17.11 38.21 63.41
N LEU B 195 16.01 37.49 63.26
CA LEU B 195 14.72 38.02 63.66
C LEU B 195 14.61 38.07 65.18
N VAL B 196 13.81 39.01 65.67
CA VAL B 196 13.74 39.26 67.10
C VAL B 196 12.71 38.36 67.79
N ASP B 197 11.56 38.12 67.15
CA ASP B 197 10.55 37.26 67.77
C ASP B 197 10.96 35.78 67.68
N ASN B 198 11.49 35.37 66.53
CA ASN B 198 11.95 34.00 66.34
C ASN B 198 13.46 33.96 66.48
N PRO B 199 14.01 33.22 67.44
CA PRO B 199 15.45 33.31 67.71
C PRO B 199 16.31 32.66 66.65
N GLY B 200 15.92 31.49 66.17
CA GLY B 200 16.69 30.79 65.15
C GLY B 200 16.24 31.06 63.74
N CYS B 201 16.31 32.31 63.31
CA CYS B 201 15.81 32.70 61.99
C CYS B 201 16.67 33.83 61.44
N ASN B 202 16.66 33.98 60.12
CA ASN B 202 17.40 35.03 59.44
C ASN B 202 16.56 35.59 58.29
N GLU B 203 16.69 36.89 58.05
CA GLU B 203 15.92 37.58 57.04
C GLU B 203 16.44 37.23 55.64
N VAL B 204 15.56 37.33 54.65
CA VAL B 204 15.91 37.18 53.25
C VAL B 204 15.64 38.53 52.57
N ASN B 205 16.70 39.20 52.15
CA ASN B 205 16.62 40.51 51.51
C ASN B 205 16.82 40.37 50.00
N SER B 206 16.98 41.51 49.33
CA SER B 206 17.35 41.57 47.93
C SER B 206 18.46 42.59 47.72
N VAL B 207 19.52 42.53 48.54
CA VAL B 207 20.63 43.45 48.40
C VAL B 207 21.61 42.94 47.35
N ASN B 208 22.56 43.79 46.96
CA ASN B 208 23.48 43.50 45.87
C ASN B 208 24.52 42.44 46.21
N CYS B 209 24.67 42.07 47.48
CA CYS B 209 25.69 41.10 47.86
C CYS B 209 25.37 39.72 47.30
N ASN B 210 26.43 38.97 46.99
CA ASN B 210 26.30 37.73 46.23
C ASN B 210 25.98 36.51 47.10
N THR B 211 25.07 35.68 46.61
CA THR B 211 24.69 34.43 47.22
C THR B 211 24.43 33.42 46.11
N SER B 212 24.59 32.14 46.44
CA SER B 212 24.37 31.06 45.50
C SER B 212 23.20 30.22 45.97
N TRP B 213 22.28 29.92 45.06
CA TRP B 213 21.06 29.18 45.37
C TRP B 213 21.14 27.83 44.68
N LYS B 214 21.60 26.83 45.44
CA LYS B 214 21.76 25.47 44.90
C LYS B 214 20.39 24.84 44.68
N ILE B 215 20.18 24.28 43.49
CA ILE B 215 18.90 23.67 43.12
C ILE B 215 18.95 22.22 43.59
N VAL B 216 18.18 21.90 44.63
CA VAL B 216 18.11 20.55 45.15
C VAL B 216 16.78 19.94 44.72
N LEU B 217 16.84 18.89 43.91
CA LEU B 217 15.63 18.25 43.42
C LEU B 217 14.98 17.41 44.50
N PHE B 218 13.66 17.44 44.54
CA PHE B 218 12.85 16.60 45.41
C PHE B 218 11.86 15.75 44.63
N MET B 219 11.23 16.30 43.61
CA MET B 219 10.21 15.60 42.85
C MET B 219 10.43 15.91 41.38
N LYS B 220 10.81 14.89 40.62
CA LYS B 220 10.96 15.05 39.18
C LYS B 220 9.58 15.25 38.54
N TRP B 221 9.55 16.01 37.45
CA TRP B 221 8.37 16.10 36.60
C TRP B 221 7.91 14.72 36.15
N SER B 222 6.60 14.59 35.93
CA SER B 222 5.84 13.39 35.58
C SER B 222 5.72 12.42 36.75
N ASP B 223 6.29 12.72 37.90
CA ASP B 223 5.99 12.03 39.15
C ASP B 223 5.02 12.82 40.01
N ASN B 224 4.45 13.90 39.46
CA ASN B 224 3.55 14.78 40.21
C ASN B 224 2.11 14.60 39.71
N LYS B 225 1.75 13.39 39.29
CA LYS B 225 0.37 13.12 38.93
C LYS B 225 -0.45 12.80 40.19
N ASP B 226 -1.74 13.13 40.13
CA ASP B 226 -2.60 12.97 41.30
C ASP B 226 -3.04 11.53 41.53
N ASP B 227 -2.92 10.66 40.52
CA ASP B 227 -3.36 9.28 40.63
C ASP B 227 -2.25 8.33 41.07
N ILE B 228 -1.20 8.84 41.71
CA ILE B 228 -0.06 8.05 42.15
C ILE B 228 0.21 8.39 43.61
N LEU B 229 0.45 7.37 44.42
CA LEU B 229 0.94 7.60 45.78
C LEU B 229 2.35 8.15 45.72
N LYS B 230 2.52 9.42 46.12
CA LYS B 230 3.78 10.13 46.02
C LYS B 230 4.51 10.11 47.35
N GLY B 231 5.67 10.77 47.38
CA GLY B 231 6.52 10.80 48.55
C GLY B 231 6.32 11.96 49.50
N GLY B 232 5.30 12.78 49.29
CA GLY B 232 5.03 13.87 50.20
C GLY B 232 3.56 14.02 50.50
N ASP B 233 2.78 12.99 50.18
CA ASP B 233 1.34 13.05 50.35
C ASP B 233 0.95 12.92 51.81
N VAL B 234 -0.23 13.46 52.12
CA VAL B 234 -0.87 13.29 53.42
C VAL B 234 -2.02 12.32 53.23
N VAL B 235 -2.06 11.27 54.05
CA VAL B 235 -3.08 10.25 53.97
C VAL B 235 -3.56 9.89 55.37
N ARG B 236 -4.80 9.41 55.45
CA ARG B 236 -5.33 8.80 56.65
C ARG B 236 -5.53 7.31 56.39
N LEU B 237 -5.27 6.50 57.41
CA LEU B 237 -5.09 5.06 57.24
C LEU B 237 -6.30 4.30 57.79
N PHE B 238 -7.26 4.04 56.90
CA PHE B 238 -8.47 3.31 57.26
C PHE B 238 -8.18 1.82 57.35
N HIS B 239 -8.61 1.19 58.43
CA HIS B 239 -8.61 -0.26 58.46
C HIS B 239 -9.70 -0.77 57.52
N ALA B 240 -9.52 -2.00 57.03
CA ALA B 240 -10.37 -2.52 55.97
C ALA B 240 -11.81 -2.64 56.40
N GLU B 241 -12.04 -3.11 57.63
CA GLU B 241 -13.40 -3.30 58.12
C GLU B 241 -13.77 -2.35 59.24
N GLN B 242 -12.87 -2.11 60.18
CA GLN B 242 -13.30 -1.55 61.46
C GLN B 242 -13.40 -0.02 61.45
N GLU B 243 -12.26 0.67 61.56
CA GLU B 243 -12.19 2.13 61.62
C GLU B 243 -10.74 2.60 61.54
N LYS B 244 -10.53 3.92 61.65
CA LYS B 244 -9.26 4.58 61.33
C LYS B 244 -8.39 4.75 62.56
N PHE B 245 -7.09 4.48 62.42
CA PHE B 245 -6.21 4.57 63.57
C PHE B 245 -5.39 5.85 63.54
N LEU B 246 -4.81 6.19 64.70
CA LEU B 246 -4.24 7.50 64.92
C LEU B 246 -3.23 7.38 66.06
N THR B 247 -2.83 8.52 66.63
CA THR B 247 -2.05 8.54 67.85
C THR B 247 -2.43 9.77 68.66
N CYS B 248 -2.41 9.62 69.98
CA CYS B 248 -2.86 10.67 70.88
C CYS B 248 -2.12 10.54 72.20
N ASP B 249 -2.64 11.21 73.23
CA ASP B 249 -2.01 11.28 74.54
C ASP B 249 -3.02 10.86 75.60
N GLU B 250 -2.59 9.96 76.50
CA GLU B 250 -3.36 9.64 77.69
C GLU B 250 -2.62 10.07 78.96
N HIS B 251 -1.41 9.54 79.17
CA HIS B 251 -0.48 10.05 80.16
C HIS B 251 0.83 10.50 79.52
N ARG B 252 1.39 9.67 78.65
CA ARG B 252 2.51 10.02 77.78
C ARG B 252 2.08 9.75 76.34
N LYS B 253 3.01 9.94 75.41
CA LYS B 253 2.68 9.73 74.01
C LYS B 253 2.45 8.26 73.74
N LYS B 254 1.19 7.85 73.73
CA LYS B 254 0.80 6.46 73.54
C LYS B 254 0.12 6.33 72.20
N GLN B 255 0.65 5.44 71.35
CA GLN B 255 0.09 5.24 70.02
C GLN B 255 -1.06 4.24 70.13
N HIS B 256 -2.16 4.70 70.72
CA HIS B 256 -3.37 3.89 70.73
C HIS B 256 -3.96 3.85 69.33
N VAL B 257 -4.77 2.84 69.08
CA VAL B 257 -5.14 2.49 67.71
C VAL B 257 -6.65 2.38 67.60
N PHE B 258 -7.17 2.96 66.52
CA PHE B 258 -8.53 2.98 65.98
C PHE B 258 -9.55 3.88 66.67
N LEU B 259 -9.36 4.25 67.94
CA LEU B 259 -10.31 5.11 68.67
C LEU B 259 -11.77 4.73 68.42
N ARG B 260 -12.23 3.59 68.94
CA ARG B 260 -13.40 2.92 68.38
C ARG B 260 -14.68 3.77 68.51
N THR B 261 -15.46 3.76 67.44
CA THR B 261 -16.71 4.51 67.30
C THR B 261 -17.66 3.66 66.47
N THR B 262 -18.69 4.29 65.92
CA THR B 262 -19.64 3.62 65.05
C THR B 262 -19.68 4.34 63.70
N GLY B 263 -19.55 3.58 62.62
CA GLY B 263 -19.63 4.12 61.26
C GLY B 263 -18.25 4.31 60.63
N ARG B 264 -18.03 5.49 60.04
CA ARG B 264 -16.72 5.93 59.54
C ARG B 264 -16.18 5.01 58.45
N GLN B 265 -16.97 4.84 57.39
CA GLN B 265 -16.56 4.01 56.25
C GLN B 265 -16.06 4.91 55.11
N SER B 266 -14.88 5.50 55.33
CA SER B 266 -14.10 6.29 54.38
C SER B 266 -14.76 7.58 53.91
N ALA B 267 -15.99 7.89 54.35
CA ALA B 267 -16.68 9.07 53.90
C ALA B 267 -16.66 10.18 54.95
N THR B 268 -17.00 9.86 56.18
CA THR B 268 -16.97 10.85 57.25
C THR B 268 -15.54 11.18 57.65
N SER B 269 -15.33 12.42 58.06
CA SER B 269 -14.03 12.85 58.54
C SER B 269 -13.83 12.40 59.98
N ALA B 270 -12.58 12.48 60.43
CA ALA B 270 -12.21 12.09 61.79
C ALA B 270 -11.47 13.23 62.47
N THR B 271 -10.86 12.96 63.62
CA THR B 271 -10.02 13.98 64.25
C THR B 271 -8.75 14.18 63.43
N SER B 272 -8.86 15.05 62.44
CA SER B 272 -7.85 15.22 61.39
C SER B 272 -6.51 15.70 61.91
N SER B 273 -6.47 16.26 63.13
CA SER B 273 -5.18 16.55 63.74
C SER B 273 -4.39 15.27 64.00
N LYS B 274 -5.06 14.22 64.47
CA LYS B 274 -4.37 13.02 64.92
C LYS B 274 -4.46 11.85 63.96
N ALA B 275 -5.44 11.81 63.08
CA ALA B 275 -5.64 10.67 62.18
C ALA B 275 -4.95 10.84 60.84
N LEU B 276 -4.11 11.87 60.68
CA LEU B 276 -3.45 12.16 59.42
C LEU B 276 -1.98 11.77 59.49
N TRP B 277 -1.51 11.05 58.48
CA TRP B 277 -0.12 10.62 58.38
C TRP B 277 0.48 11.12 57.07
N GLU B 278 1.80 11.27 57.06
CA GLU B 278 2.53 11.69 55.88
C GLU B 278 3.45 10.56 55.43
N VAL B 279 3.38 10.23 54.15
CA VAL B 279 4.14 9.11 53.59
C VAL B 279 5.35 9.66 52.85
N GLU B 280 6.51 9.03 53.05
CA GLU B 280 7.71 9.39 52.32
C GLU B 280 8.51 8.14 51.96
N VAL B 281 9.27 8.23 50.87
CA VAL B 281 10.09 7.15 50.35
C VAL B 281 11.56 7.48 50.61
N VAL B 282 12.37 6.45 50.89
CA VAL B 282 13.72 6.68 51.39
C VAL B 282 14.66 7.21 50.30
N GLN B 283 14.68 6.57 49.12
CA GLN B 283 15.37 7.02 47.91
C GLN B 283 16.88 7.25 48.08
N HIS B 284 17.48 6.75 49.17
CA HIS B 284 18.92 6.63 49.40
C HIS B 284 19.61 7.98 49.66
N ASP B 285 18.91 9.08 49.42
CA ASP B 285 19.39 10.40 49.83
C ASP B 285 18.26 11.10 50.57
N PRO B 286 18.58 12.04 51.46
CA PRO B 286 17.53 12.68 52.28
C PRO B 286 16.47 13.43 51.48
N CYS B 287 16.82 14.01 50.34
CA CYS B 287 15.86 14.61 49.44
C CYS B 287 15.44 13.57 48.39
N ARG B 288 14.83 14.02 47.29
CA ARG B 288 14.57 13.30 46.04
C ARG B 288 13.37 12.33 46.20
N GLY B 289 12.72 12.27 47.36
CA GLY B 289 11.69 11.27 47.59
C GLY B 289 10.46 11.44 46.71
N GLY B 290 9.86 10.33 46.33
CA GLY B 290 8.63 10.33 45.58
C GLY B 290 8.45 9.08 44.77
N ALA B 291 7.20 8.88 44.32
CA ALA B 291 6.80 7.86 43.35
C ALA B 291 7.12 6.44 43.85
N GLY B 292 6.35 6.01 44.85
CA GLY B 292 6.48 4.65 45.36
C GLY B 292 6.14 3.61 44.29
N TYR B 293 6.77 2.44 44.42
CA TYR B 293 6.84 1.47 43.33
C TYR B 293 6.56 0.05 43.82
N TRP B 294 5.72 -0.09 44.85
CA TRP B 294 5.25 -1.35 45.45
C TRP B 294 6.34 -2.07 46.25
N ASN B 295 7.59 -1.61 46.15
CA ASN B 295 8.71 -2.20 46.88
C ASN B 295 9.68 -1.12 47.35
N SER B 296 9.15 0.03 47.73
CA SER B 296 9.94 1.25 47.82
C SER B 296 10.37 1.60 49.24
N LEU B 297 10.09 0.74 50.23
CA LEU B 297 10.48 0.93 51.63
C LEU B 297 9.94 2.25 52.19
N PHE B 298 8.62 2.29 52.31
CA PHE B 298 7.93 3.49 52.77
C PHE B 298 8.21 3.74 54.26
N ARG B 299 7.89 4.95 54.69
CA ARG B 299 7.97 5.34 56.08
C ARG B 299 6.88 6.36 56.36
N PHE B 300 6.17 6.19 57.46
CA PHE B 300 4.98 6.99 57.77
C PHE B 300 5.29 7.90 58.95
N LYS B 301 5.05 9.19 58.76
CA LYS B 301 5.33 10.22 59.75
C LYS B 301 4.03 10.91 60.15
N HIS B 302 3.82 11.08 61.44
CA HIS B 302 2.63 11.77 61.91
C HIS B 302 2.67 13.25 61.52
N LEU B 303 1.49 13.83 61.38
CA LEU B 303 1.42 15.20 60.90
C LEU B 303 1.34 16.22 62.04
N ALA B 304 0.65 15.87 63.13
CA ALA B 304 0.54 16.78 64.26
C ALA B 304 1.89 16.94 64.96
N THR B 305 2.62 15.84 65.13
CA THR B 305 3.93 15.87 65.74
C THR B 305 4.90 15.09 64.87
N GLY B 306 6.19 15.37 65.05
CA GLY B 306 7.20 14.74 64.22
C GLY B 306 7.61 13.37 64.71
N HIS B 307 6.64 12.50 64.93
CA HIS B 307 6.90 11.14 65.37
C HIS B 307 6.59 10.18 64.23
N TYR B 308 7.37 9.11 64.14
CA TYR B 308 7.26 8.14 63.08
C TYR B 308 6.51 6.92 63.57
N LEU B 309 6.41 5.90 62.71
CA LEU B 309 5.75 4.65 63.05
C LEU B 309 6.81 3.56 63.10
N ALA B 310 6.88 2.87 64.25
CA ALA B 310 7.90 1.85 64.43
C ALA B 310 7.37 0.79 65.39
N ALA B 311 8.07 -0.34 65.44
CA ALA B 311 7.74 -1.43 66.33
C ALA B 311 8.94 -1.78 67.18
N GLU B 312 8.68 -2.15 68.43
CA GLU B 312 9.74 -2.54 69.35
C GLU B 312 9.17 -3.56 70.33
N VAL B 313 10.06 -4.35 70.93
CA VAL B 313 9.64 -5.52 71.71
C VAL B 313 8.89 -5.06 72.95
N ASP B 314 7.73 -5.68 73.18
CA ASP B 314 6.79 -5.18 74.17
C ASP B 314 7.25 -5.50 75.58
N PRO B 315 7.43 -4.50 76.46
CA PRO B 315 7.73 -4.81 77.86
C PRO B 315 6.58 -5.45 78.60
N ASP B 316 5.36 -5.37 78.07
CA ASP B 316 4.21 -6.00 78.69
C ASP B 316 4.18 -7.49 78.38
N PHE B 317 3.16 -8.18 78.89
CA PHE B 317 3.02 -9.60 78.68
C PHE B 317 2.44 -9.89 77.30
N GLU B 318 2.48 -11.16 76.91
CA GLU B 318 1.91 -11.61 75.64
C GLU B 318 1.40 -13.04 75.76
N VAL B 347 8.90 -6.44 68.50
CA VAL B 347 8.26 -7.25 67.48
C VAL B 347 6.75 -7.21 67.63
N TYR B 348 6.28 -6.40 68.57
CA TYR B 348 4.86 -6.24 68.86
C TYR B 348 4.57 -4.77 69.11
N SER B 349 3.28 -4.41 69.08
CA SER B 349 2.76 -3.19 69.69
C SER B 349 3.42 -1.93 69.09
N LEU B 350 3.04 -1.64 67.84
CA LEU B 350 3.50 -0.45 67.11
C LEU B 350 3.42 0.81 67.96
N VAL B 351 4.52 1.55 68.01
CA VAL B 351 4.66 2.74 68.82
C VAL B 351 5.17 3.88 67.94
N SER B 352 5.40 5.03 68.57
CA SER B 352 5.90 6.22 67.90
C SER B 352 7.30 6.55 68.42
N VAL B 353 8.25 6.67 67.49
CA VAL B 353 9.62 7.01 67.85
C VAL B 353 9.86 8.48 67.51
N PRO B 354 10.66 9.20 68.30
CA PRO B 354 10.79 10.64 68.08
C PRO B 354 11.54 11.01 66.81
N GLU B 355 12.57 10.26 66.45
CA GLU B 355 13.39 10.61 65.30
C GLU B 355 13.56 9.37 64.44
N GLY B 356 13.53 9.56 63.12
CA GLY B 356 13.25 8.46 62.23
C GLY B 356 14.15 8.15 61.06
N ASN B 357 15.47 8.17 61.22
CA ASN B 357 16.32 7.62 60.18
C ASN B 357 16.71 6.17 60.42
N ASP B 358 16.23 5.56 61.50
CA ASP B 358 16.66 4.21 61.84
C ASP B 358 15.92 3.18 60.98
N ILE B 359 16.44 1.95 60.98
CA ILE B 359 15.80 0.88 60.21
C ILE B 359 14.60 0.29 60.91
N SER B 360 14.37 0.65 62.19
CA SER B 360 13.23 0.13 62.93
C SER B 360 11.91 0.72 62.48
N SER B 361 11.92 1.79 61.68
CA SER B 361 10.71 2.45 61.25
C SER B 361 10.45 2.32 59.75
N ILE B 362 11.09 1.35 59.10
CA ILE B 362 10.90 1.13 57.67
C ILE B 362 9.80 0.10 57.48
N PHE B 363 8.75 0.48 56.75
CA PHE B 363 7.65 -0.42 56.44
C PHE B 363 7.59 -0.64 54.94
N GLU B 364 7.18 -1.84 54.55
CA GLU B 364 7.00 -2.16 53.14
C GLU B 364 5.63 -2.80 52.97
N LEU B 365 5.09 -2.67 51.77
CA LEU B 365 3.68 -2.97 51.54
C LEU B 365 3.49 -3.77 50.25
N ASP B 366 2.54 -4.70 50.29
CA ASP B 366 2.22 -5.58 49.18
C ASP B 366 0.72 -5.55 48.92
N PRO B 367 0.30 -5.69 47.66
CA PRO B 367 -1.12 -5.56 47.34
C PRO B 367 -1.95 -6.74 47.82
N THR B 368 -3.23 -6.45 48.08
CA THR B 368 -4.20 -7.52 48.27
C THR B 368 -4.65 -8.11 46.94
N THR B 369 -4.67 -7.29 45.90
CA THR B 369 -5.14 -7.67 44.56
C THR B 369 -3.89 -8.22 43.83
N LEU B 370 -3.91 -8.30 42.49
CA LEU B 370 -2.79 -8.81 41.72
C LEU B 370 -1.52 -8.01 41.98
N ARG B 371 -0.38 -8.69 41.86
CA ARG B 371 0.89 -8.17 42.32
C ARG B 371 1.47 -7.17 41.32
N GLY B 372 2.74 -6.80 41.51
CA GLY B 372 3.43 -5.90 40.63
C GLY B 372 4.83 -5.59 41.10
N GLY B 373 5.77 -5.40 40.18
CA GLY B 373 7.13 -5.06 40.53
C GLY B 373 7.32 -3.57 40.67
N ASP B 374 6.81 -2.82 39.71
CA ASP B 374 6.76 -1.36 39.79
C ASP B 374 5.57 -0.91 38.95
N SER B 375 4.51 -0.47 39.60
CA SER B 375 3.27 -0.25 38.88
C SER B 375 2.50 1.00 39.28
N LEU B 376 3.12 1.98 39.94
CA LEU B 376 2.48 3.28 40.23
C LEU B 376 1.21 3.11 41.08
N VAL B 377 1.45 2.78 42.36
CA VAL B 377 0.44 2.56 43.40
C VAL B 377 -0.67 3.61 43.31
N PRO B 378 -1.89 3.22 42.93
CA PRO B 378 -2.89 4.16 42.43
C PRO B 378 -3.76 4.83 43.50
N ARG B 379 -3.12 5.37 44.53
CA ARG B 379 -3.63 6.41 45.44
C ARG B 379 -4.80 5.99 46.32
N ASN B 380 -5.39 4.83 46.07
CA ASN B 380 -6.56 4.43 46.82
C ASN B 380 -6.58 2.91 47.08
N SER B 381 -5.54 2.20 46.72
CA SER B 381 -5.54 0.74 46.79
C SER B 381 -5.41 0.26 48.24
N TYR B 382 -5.88 -0.97 48.46
CA TYR B 382 -5.77 -1.60 49.76
C TYR B 382 -4.38 -2.18 49.97
N VAL B 383 -3.91 -2.08 51.21
CA VAL B 383 -2.50 -2.28 51.54
C VAL B 383 -2.38 -3.15 52.77
N ARG B 384 -1.51 -4.15 52.71
CA ARG B 384 -1.10 -4.93 53.87
C ARG B 384 0.32 -4.52 54.24
N LEU B 385 0.53 -4.14 55.50
CA LEU B 385 1.80 -3.58 55.92
C LEU B 385 2.72 -4.67 56.46
N ARG B 386 3.95 -4.70 55.96
CA ARG B 386 4.96 -5.66 56.36
C ARG B 386 6.15 -4.90 56.94
N HIS B 387 6.61 -5.35 58.10
CA HIS B 387 7.74 -4.71 58.77
C HIS B 387 9.05 -5.26 58.21
N LEU B 388 10.08 -4.43 58.23
CA LEU B 388 11.32 -4.80 57.56
C LEU B 388 12.34 -5.45 58.50
N CYS B 389 12.64 -4.81 59.63
CA CYS B 389 13.75 -5.26 60.48
C CYS B 389 13.47 -6.63 61.07
N THR B 390 12.24 -6.88 61.51
CA THR B 390 11.74 -8.22 61.75
C THR B 390 10.59 -8.45 60.78
N ASN B 391 10.68 -9.51 59.99
CA ASN B 391 9.69 -9.76 58.95
C ASN B 391 8.39 -10.19 59.62
N THR B 392 7.54 -9.22 59.91
CA THR B 392 6.36 -9.44 60.72
C THR B 392 5.23 -8.60 60.16
N TRP B 393 4.02 -9.13 60.17
CA TRP B 393 2.86 -8.47 59.59
C TRP B 393 1.99 -7.87 60.68
N VAL B 394 1.47 -6.67 60.43
CA VAL B 394 0.65 -5.98 61.41
C VAL B 394 -0.72 -6.66 61.54
N HIS B 395 -1.27 -6.62 62.75
CA HIS B 395 -2.57 -7.23 63.01
C HIS B 395 -3.26 -6.48 64.15
N SER B 396 -4.58 -6.47 64.12
CA SER B 396 -5.38 -5.68 65.04
C SER B 396 -5.69 -6.50 66.29
N THR B 397 -5.04 -6.17 67.39
CA THR B 397 -5.37 -6.78 68.68
C THR B 397 -6.58 -6.06 69.28
N ASN B 398 -7.43 -6.82 69.95
CA ASN B 398 -8.69 -6.31 70.48
C ASN B 398 -8.59 -5.86 71.94
N ILE B 399 -7.42 -5.97 72.57
CA ILE B 399 -7.27 -5.58 73.97
C ILE B 399 -7.16 -4.05 74.05
N PRO B 400 -7.64 -3.42 75.11
CA PRO B 400 -7.54 -1.96 75.21
C PRO B 400 -6.27 -1.49 75.90
N ILE B 401 -5.84 -0.29 75.52
CA ILE B 401 -4.66 0.31 76.13
C ILE B 401 -4.95 0.71 77.58
N ASP B 402 -6.06 1.39 77.80
CA ASP B 402 -6.42 1.89 79.12
C ASP B 402 -7.37 0.90 79.80
N LYS B 403 -6.89 0.30 80.90
CA LYS B 403 -7.62 -0.72 81.62
C LYS B 403 -8.30 -0.20 82.88
N GLU B 404 -8.33 1.11 83.09
CA GLU B 404 -8.81 1.66 84.34
C GLU B 404 -10.22 2.25 84.27
N GLU B 405 -10.63 2.78 83.12
CA GLU B 405 -11.93 3.44 83.01
C GLU B 405 -12.85 2.64 82.10
N GLU B 406 -14.12 2.62 82.46
CA GLU B 406 -15.10 1.79 81.78
C GLU B 406 -15.41 2.33 80.38
N LYS B 407 -15.74 1.40 79.47
CA LYS B 407 -16.04 1.64 78.07
C LYS B 407 -14.84 2.34 77.43
N PRO B 408 -13.72 1.64 77.27
CA PRO B 408 -12.45 2.31 76.93
C PRO B 408 -12.35 2.61 75.44
N VAL B 409 -11.91 3.84 75.13
CA VAL B 409 -11.86 4.29 73.75
C VAL B 409 -10.55 3.88 73.07
N MET B 410 -9.53 3.50 73.83
CA MET B 410 -8.18 3.27 73.33
C MET B 410 -8.02 1.78 73.10
N LEU B 411 -7.67 1.39 71.88
CA LEU B 411 -7.38 0.00 71.55
C LEU B 411 -5.93 -0.17 71.13
N LYS B 412 -5.45 -1.40 71.20
CA LYS B 412 -4.07 -1.70 70.86
C LYS B 412 -3.98 -2.22 69.42
N ILE B 413 -2.76 -2.19 68.88
CA ILE B 413 -2.43 -2.88 67.65
C ILE B 413 -1.14 -3.66 67.91
N GLY B 414 -0.88 -4.65 67.06
CA GLY B 414 0.30 -5.47 67.20
C GLY B 414 0.78 -5.97 65.85
N THR B 415 1.86 -6.74 65.89
CA THR B 415 2.44 -7.35 64.70
C THR B 415 2.60 -8.84 64.94
N SER B 416 2.12 -9.66 64.00
CA SER B 416 2.12 -11.10 64.13
C SER B 416 2.77 -11.72 62.89
N PRO B 417 3.65 -12.71 63.07
CA PRO B 417 4.53 -13.13 61.97
C PRO B 417 3.87 -13.97 60.89
N LEU B 418 2.56 -14.21 60.93
CA LEU B 418 1.87 -14.93 59.86
C LEU B 418 0.95 -13.98 59.13
N LYS B 419 0.74 -14.24 57.84
CA LYS B 419 0.02 -13.33 56.97
C LYS B 419 -1.42 -13.77 56.77
N GLU B 420 -2.34 -12.82 56.86
CA GLU B 420 -3.75 -13.10 56.62
C GLU B 420 -4.41 -11.88 56.00
N ASP B 421 -5.57 -12.11 55.39
CA ASP B 421 -6.32 -11.08 54.69
C ASP B 421 -7.32 -10.36 55.60
N LYS B 422 -7.33 -10.66 56.90
CA LYS B 422 -8.15 -9.92 57.84
C LYS B 422 -7.74 -8.46 57.90
N GLU B 423 -6.44 -8.21 58.05
CA GLU B 423 -5.93 -6.86 58.26
C GLU B 423 -5.34 -6.35 56.94
N ALA B 424 -5.97 -5.33 56.37
CA ALA B 424 -5.48 -4.74 55.12
C ALA B 424 -5.87 -3.27 55.10
N PHE B 425 -4.98 -2.40 55.55
CA PHE B 425 -5.28 -0.98 55.65
C PHE B 425 -5.49 -0.37 54.27
N ALA B 426 -6.34 0.65 54.23
CA ALA B 426 -6.62 1.36 52.99
C ALA B 426 -5.93 2.72 53.01
N ILE B 427 -5.42 3.11 51.84
CA ILE B 427 -4.77 4.41 51.68
C ILE B 427 -5.78 5.36 51.07
N VAL B 428 -6.53 6.07 51.91
CA VAL B 428 -7.49 7.08 51.44
C VAL B 428 -6.85 8.44 51.61
N PRO B 429 -6.74 9.24 50.54
CA PRO B 429 -5.99 10.49 50.60
C PRO B 429 -6.87 11.69 50.95
N VAL B 430 -6.19 12.75 51.39
CA VAL B 430 -6.82 14.03 51.65
C VAL B 430 -6.20 15.06 50.70
N SER B 431 -7.04 15.88 50.08
CA SER B 431 -6.58 16.86 49.13
C SER B 431 -5.81 17.96 49.85
N PRO B 432 -4.94 18.69 49.13
CA PRO B 432 -4.20 19.80 49.78
C PRO B 432 -5.09 20.91 50.32
N ALA B 433 -6.30 21.05 49.80
CA ALA B 433 -7.22 22.10 50.24
C ALA B 433 -7.71 21.90 51.67
N GLU B 434 -7.51 20.74 52.27
CA GLU B 434 -7.86 20.52 53.68
C GLU B 434 -6.66 20.62 54.60
N VAL B 435 -5.49 20.15 54.18
CA VAL B 435 -4.30 20.31 55.01
C VAL B 435 -3.90 21.77 55.06
N ARG B 436 -4.17 22.53 53.99
CA ARG B 436 -3.94 23.97 54.03
C ARG B 436 -4.85 24.66 55.04
N ASP B 437 -6.12 24.22 55.11
CA ASP B 437 -7.05 24.77 56.09
C ASP B 437 -6.63 24.42 57.51
N LEU B 438 -6.14 23.19 57.71
CA LEU B 438 -5.66 22.81 59.03
C LEU B 438 -4.45 23.64 59.45
N ASP B 439 -3.54 23.89 58.52
CA ASP B 439 -2.38 24.75 58.81
C ASP B 439 -2.81 26.18 59.13
N PHE B 440 -3.78 26.70 58.37
CA PHE B 440 -4.29 28.05 58.62
C PHE B 440 -4.94 28.14 59.99
N ALA B 441 -5.72 27.12 60.37
CA ALA B 441 -6.36 27.10 61.68
C ALA B 441 -5.33 27.06 62.81
N ASN B 442 -4.29 26.23 62.65
CA ASN B 442 -3.25 26.16 63.67
C ASN B 442 -2.52 27.49 63.83
N ASP B 443 -2.19 28.13 62.70
CA ASP B 443 -1.46 29.40 62.78
C ASP B 443 -2.32 30.51 63.36
N ALA B 444 -3.61 30.55 62.99
CA ALA B 444 -4.51 31.54 63.56
C ALA B 444 -4.69 31.32 65.07
N SER B 445 -4.78 30.07 65.50
CA SER B 445 -4.87 29.77 66.92
C SER B 445 -3.63 30.23 67.66
N LYS B 446 -2.44 30.02 67.09
CA LYS B 446 -1.21 30.47 67.72
C LYS B 446 -1.14 31.99 67.83
N VAL B 447 -1.54 32.70 66.77
CA VAL B 447 -1.49 34.16 66.79
C VAL B 447 -2.47 34.72 67.81
N LEU B 448 -3.69 34.17 67.86
CA LEU B 448 -4.66 34.61 68.85
C LEU B 448 -4.20 34.30 70.27
N GLY B 449 -3.56 33.14 70.47
CA GLY B 449 -3.05 32.81 71.79
C GLY B 449 -1.94 33.74 72.24
N SER B 450 -1.11 34.20 71.30
CA SER B 450 -0.08 35.17 71.66
C SER B 450 -0.69 36.52 72.01
N ILE B 451 -1.61 37.01 71.16
CA ILE B 451 -2.13 38.37 71.34
C ILE B 451 -3.06 38.46 72.55
N ALA B 452 -3.79 37.39 72.86
CA ALA B 452 -4.66 37.39 74.05
C ALA B 452 -3.85 37.55 75.33
N GLY B 453 -2.75 36.81 75.45
CA GLY B 453 -1.87 37.00 76.60
C GLY B 453 -1.19 38.34 76.60
N LYS B 454 -0.78 38.82 75.42
CA LYS B 454 -0.10 40.11 75.32
C LYS B 454 -1.01 41.25 75.77
N LEU B 455 -2.29 41.19 75.42
CA LEU B 455 -3.26 42.14 75.91
C LEU B 455 -3.69 41.87 77.34
N GLU B 456 -3.53 40.64 77.83
CA GLU B 456 -3.90 40.32 79.20
C GLU B 456 -2.92 40.86 80.23
N LYS B 457 -1.61 40.70 80.00
CA LYS B 457 -0.65 41.27 80.95
C LYS B 457 -0.60 42.80 80.86
N GLY B 458 -0.60 43.35 79.66
CA GLY B 458 -0.46 44.78 79.50
C GLY B 458 -1.00 45.28 78.19
N THR B 459 -0.48 46.41 77.74
CA THR B 459 -0.93 47.03 76.51
C THR B 459 -0.16 46.48 75.31
N ILE B 460 -0.64 46.83 74.11
CA ILE B 460 -0.07 46.38 72.86
C ILE B 460 0.23 47.60 72.00
N THR B 461 1.10 47.40 71.02
CA THR B 461 1.38 48.45 70.06
C THR B 461 0.27 48.53 69.01
N GLN B 462 0.31 49.60 68.21
CA GLN B 462 -0.68 49.77 67.15
C GLN B 462 -0.44 48.81 65.98
N ASN B 463 0.78 48.27 65.85
CA ASN B 463 1.04 47.30 64.80
C ASN B 463 0.39 45.96 65.14
N GLU B 464 0.42 45.56 66.42
CA GLU B 464 -0.28 44.35 66.83
C GLU B 464 -1.79 44.53 66.77
N ARG B 465 -2.28 45.74 67.03
CA ARG B 465 -3.71 46.00 66.92
C ARG B 465 -4.16 45.95 65.47
N ARG B 466 -3.31 46.35 64.53
CA ARG B 466 -3.65 46.25 63.12
C ARG B 466 -3.54 44.82 62.60
N SER B 467 -2.60 44.04 63.14
CA SER B 467 -2.40 42.68 62.64
C SER B 467 -3.53 41.75 63.06
N VAL B 468 -4.07 41.92 64.26
CA VAL B 468 -5.16 41.07 64.71
C VAL B 468 -6.47 41.45 64.04
N THR B 469 -6.61 42.69 63.58
CA THR B 469 -7.85 43.11 62.95
C THR B 469 -8.03 42.46 61.58
N LYS B 470 -6.96 42.44 60.77
CA LYS B 470 -7.05 41.78 59.48
C LYS B 470 -7.20 40.27 59.61
N LEU B 471 -6.65 39.68 60.68
CA LEU B 471 -6.83 38.25 60.90
C LEU B 471 -8.26 37.93 61.30
N LEU B 472 -8.85 38.75 62.18
CA LEU B 472 -10.25 38.55 62.55
C LEU B 472 -11.18 38.82 61.37
N GLU B 473 -10.79 39.72 60.48
CA GLU B 473 -11.53 39.92 59.23
C GLU B 473 -11.39 38.71 58.32
N ASP B 474 -10.21 38.07 58.33
CA ASP B 474 -9.96 36.93 57.45
C ASP B 474 -10.68 35.69 57.95
N LEU B 475 -10.86 35.56 59.26
CA LEU B 475 -11.54 34.40 59.82
C LEU B 475 -13.00 34.32 59.40
N VAL B 476 -13.65 35.48 59.24
CA VAL B 476 -15.05 35.50 58.82
C VAL B 476 -15.21 34.95 57.42
N TYR B 477 -14.38 35.39 56.49
CA TYR B 477 -14.42 34.87 55.13
C TYR B 477 -13.86 33.46 55.03
N PHE B 478 -13.04 33.07 56.01
CA PHE B 478 -12.64 31.67 56.13
C PHE B 478 -13.83 30.78 56.40
N VAL B 479 -14.62 31.13 57.42
CA VAL B 479 -15.71 30.25 57.80
C VAL B 479 -16.91 30.35 56.84
N THR B 480 -17.18 31.53 56.27
CA THR B 480 -18.35 31.62 55.40
C THR B 480 -18.04 31.16 53.97
N GLY B 481 -16.78 30.97 53.63
CA GLY B 481 -16.40 30.54 52.29
C GLY B 481 -16.42 31.63 51.25
N GLY B 482 -16.61 32.89 51.64
CA GLY B 482 -16.67 33.98 50.69
C GLY B 482 -15.31 34.54 50.34
N THR B 483 -15.34 35.60 49.53
CA THR B 483 -14.14 36.30 49.10
C THR B 483 -14.24 37.77 49.48
N ASN B 484 -13.08 38.39 49.65
CA ASN B 484 -13.01 39.78 50.09
C ASN B 484 -13.50 40.73 49.01
N SER B 485 -14.57 41.47 49.30
CA SER B 485 -15.09 42.47 48.39
C SER B 485 -15.44 43.79 49.06
N GLY B 486 -15.48 43.85 50.40
CA GLY B 486 -15.80 45.07 51.10
C GLY B 486 -16.95 44.88 52.07
N GLN B 487 -16.92 45.63 53.18
CA GLN B 487 -17.96 45.62 54.21
C GLN B 487 -18.12 44.21 54.81
N ASP B 488 -17.08 43.81 55.54
CA ASP B 488 -17.00 42.46 56.09
C ASP B 488 -18.14 42.10 57.04
N VAL B 489 -18.79 43.08 57.66
CA VAL B 489 -19.98 42.80 58.48
C VAL B 489 -21.17 42.88 57.54
N LEU B 490 -21.38 41.79 56.80
CA LEU B 490 -22.46 41.74 55.82
C LEU B 490 -23.39 40.56 56.01
N GLU B 491 -22.85 39.37 56.33
CA GLU B 491 -23.63 38.20 56.78
C GLU B 491 -24.70 37.78 55.76
N VAL B 492 -24.37 37.82 54.48
CA VAL B 492 -25.39 37.66 53.45
C VAL B 492 -25.48 36.24 52.88
N VAL B 493 -24.38 35.51 52.79
CA VAL B 493 -24.39 34.17 52.17
C VAL B 493 -24.58 33.15 53.30
N PHE B 494 -25.84 32.93 53.63
CA PHE B 494 -26.24 31.87 54.57
C PHE B 494 -26.73 30.64 53.83
N SER B 495 -25.88 30.07 52.95
CA SER B 495 -26.28 28.88 52.18
C SER B 495 -25.77 27.61 52.85
N LYS B 496 -24.46 27.49 52.97
CA LYS B 496 -23.81 26.36 53.61
C LYS B 496 -22.44 26.80 54.12
N PRO B 497 -22.32 27.15 55.40
CA PRO B 497 -21.11 27.81 55.91
C PRO B 497 -19.97 26.86 56.26
N ASN B 498 -19.71 25.88 55.39
CA ASN B 498 -18.53 25.01 55.45
C ASN B 498 -18.45 24.26 56.78
N ARG B 499 -19.36 23.28 56.92
CA ARG B 499 -19.43 22.45 58.12
C ARG B 499 -18.08 21.85 58.49
N GLU B 500 -17.32 21.40 57.50
CA GLU B 500 -15.98 20.86 57.71
C GLU B 500 -14.99 21.91 58.20
N ARG B 501 -15.31 23.19 58.11
CA ARG B 501 -14.44 24.28 58.55
C ARG B 501 -14.83 24.85 59.89
N GLN B 502 -16.13 24.96 60.18
CA GLN B 502 -16.54 25.26 61.54
C GLN B 502 -16.33 24.08 62.46
N LYS B 503 -16.11 22.88 61.93
CA LYS B 503 -15.52 21.81 62.74
C LYS B 503 -14.08 22.13 63.11
N LEU B 504 -13.32 22.69 62.17
CA LEU B 504 -11.92 23.01 62.40
C LEU B 504 -11.77 24.12 63.43
N MET B 505 -12.63 25.14 63.39
CA MET B 505 -12.50 26.21 64.36
C MET B 505 -12.90 25.81 65.77
N ARG B 506 -13.52 24.64 65.95
CA ARG B 506 -13.73 24.09 67.27
C ARG B 506 -12.64 23.13 67.69
N GLU B 507 -12.17 22.28 66.77
CA GLU B 507 -11.17 21.29 67.13
C GLU B 507 -9.77 21.89 67.30
N GLN B 508 -9.42 22.92 66.53
CA GLN B 508 -8.10 23.51 66.57
C GLN B 508 -7.97 24.64 67.60
N ASN B 509 -8.88 24.70 68.57
CA ASN B 509 -8.83 25.64 69.70
C ASN B 509 -8.89 27.09 69.25
N ILE B 510 -9.50 27.37 68.11
CA ILE B 510 -9.69 28.76 67.70
C ILE B 510 -10.75 29.43 68.56
N LEU B 511 -11.87 28.73 68.82
CA LEU B 511 -12.94 29.30 69.63
C LEU B 511 -12.54 29.46 71.09
N LYS B 512 -11.59 28.67 71.58
CA LYS B 512 -11.10 28.87 72.94
C LYS B 512 -10.33 30.17 73.07
N GLN B 513 -9.51 30.51 72.06
CA GLN B 513 -8.69 31.71 72.14
C GLN B 513 -9.52 32.97 71.95
N ILE B 514 -10.67 32.88 71.27
CA ILE B 514 -11.55 34.02 71.12
C ILE B 514 -12.17 34.39 72.47
N PHE B 515 -12.53 33.38 73.26
CA PHE B 515 -13.06 33.64 74.60
C PHE B 515 -11.99 34.25 75.50
N LYS B 516 -10.74 33.84 75.34
CA LYS B 516 -9.65 34.45 76.10
C LYS B 516 -9.43 35.89 75.70
N LEU B 517 -9.60 36.21 74.41
CA LEU B 517 -9.36 37.55 73.92
C LEU B 517 -10.46 38.53 74.30
N LEU B 518 -11.64 38.04 74.67
CA LEU B 518 -12.74 38.90 75.06
C LEU B 518 -12.59 39.43 76.49
N GLN B 519 -12.26 38.55 77.44
CA GLN B 519 -12.11 38.94 78.83
C GLN B 519 -10.72 39.43 79.17
N ALA B 520 -9.75 39.35 78.24
CA ALA B 520 -8.42 39.88 78.49
C ALA B 520 -8.39 41.40 78.69
N PRO B 521 -9.00 42.24 77.82
CA PRO B 521 -8.90 43.69 78.08
C PRO B 521 -9.61 44.14 79.34
N PHE B 522 -10.66 43.44 79.75
CA PHE B 522 -11.36 43.83 80.98
C PHE B 522 -10.53 43.51 82.20
N THR B 523 -9.84 42.37 82.20
CA THR B 523 -8.87 42.09 83.26
C THR B 523 -7.64 42.97 83.15
N ASP B 524 -7.37 43.52 81.96
CA ASP B 524 -6.28 44.47 81.81
C ASP B 524 -6.61 45.82 82.45
N CYS B 525 -7.81 46.33 82.17
CA CYS B 525 -8.24 47.62 82.71
C CYS B 525 -8.73 47.51 84.15
N GLY B 526 -8.97 46.31 84.66
CA GLY B 526 -9.35 46.15 86.05
C GLY B 526 -8.15 45.94 86.94
N ASP B 527 -7.29 45.00 86.58
CA ASP B 527 -6.09 44.72 87.36
C ASP B 527 -4.98 44.16 86.47
N LEU B 531 -15.09 50.60 83.05
CA LEU B 531 -13.99 50.07 82.26
C LEU B 531 -14.51 49.42 80.99
N ARG B 532 -15.83 49.20 80.95
CA ARG B 532 -16.46 48.70 79.72
C ARG B 532 -17.16 49.83 78.97
N LEU B 533 -18.12 50.48 79.63
CA LEU B 533 -18.71 51.73 79.15
C LEU B 533 -18.89 52.78 80.22
N GLU B 534 -18.82 52.40 81.51
CA GLU B 534 -19.02 53.37 82.58
C GLU B 534 -17.79 54.25 82.78
N GLU B 535 -16.60 53.74 82.43
CA GLU B 535 -15.35 54.47 82.56
C GLU B 535 -14.55 54.48 81.28
N LEU B 536 -14.68 53.44 80.45
CA LEU B 536 -13.95 53.36 79.20
C LEU B 536 -14.92 53.32 78.03
N GLY B 537 -15.94 54.17 78.07
CA GLY B 537 -16.91 54.25 76.99
C GLY B 537 -16.66 55.41 76.05
N ASP B 538 -15.43 55.92 76.04
CA ASP B 538 -15.10 57.13 75.30
C ASP B 538 -15.03 56.82 73.80
N GLN B 539 -15.01 57.90 73.00
CA GLN B 539 -14.95 57.77 71.55
C GLN B 539 -13.57 57.34 71.06
N ARG B 540 -12.53 57.47 71.90
CA ARG B 540 -11.19 57.08 71.49
C ARG B 540 -11.06 55.58 71.29
N HIS B 541 -11.94 54.78 71.89
CA HIS B 541 -11.90 53.34 71.76
C HIS B 541 -12.81 52.86 70.63
N ALA B 542 -12.66 53.47 69.46
CA ALA B 542 -13.42 53.06 68.28
C ALA B 542 -12.78 51.85 67.56
N PRO B 543 -11.47 51.81 67.26
CA PRO B 543 -10.92 50.58 66.68
C PRO B 543 -10.65 49.49 67.70
N PHE B 544 -10.53 49.86 68.98
CA PHE B 544 -10.29 48.86 70.02
C PHE B 544 -11.52 47.99 70.27
N ARG B 545 -12.72 48.57 70.11
CA ARG B 545 -13.94 47.80 70.19
C ARG B 545 -14.34 47.18 68.87
N HIS B 546 -13.58 47.45 67.80
CA HIS B 546 -13.87 46.85 66.50
C HIS B 546 -13.49 45.39 66.44
N ILE B 547 -12.67 44.90 67.36
CA ILE B 547 -12.26 43.51 67.38
C ILE B 547 -13.22 42.71 68.26
N CYS B 548 -13.81 43.37 69.26
CA CYS B 548 -14.79 42.68 70.10
C CYS B 548 -16.09 42.44 69.36
N ARG B 549 -16.46 43.34 68.45
CA ARG B 549 -17.64 43.12 67.63
C ARG B 549 -17.35 42.27 66.40
N LEU B 550 -16.08 41.96 66.14
CA LEU B 550 -15.72 40.95 65.15
C LEU B 550 -15.61 39.57 65.76
N CYS B 551 -15.16 39.49 67.01
CA CYS B 551 -15.12 38.22 67.72
C CYS B 551 -16.52 37.65 67.91
N TYR B 552 -17.48 38.49 68.25
CA TYR B 552 -18.85 38.01 68.37
C TYR B 552 -19.45 37.65 67.02
N ARG B 553 -19.04 38.35 65.97
CA ARG B 553 -19.50 38.01 64.63
C ARG B 553 -19.00 36.65 64.18
N VAL B 554 -17.72 36.35 64.43
CA VAL B 554 -17.20 35.05 64.05
C VAL B 554 -17.65 33.97 65.02
N LEU B 555 -18.02 34.33 66.25
CA LEU B 555 -18.70 33.37 67.13
C LEU B 555 -20.08 33.02 66.57
N ARG B 556 -20.78 34.01 66.02
CA ARG B 556 -22.10 33.77 65.45
C ARG B 556 -22.01 32.92 64.18
N HIS B 557 -21.00 33.17 63.34
CA HIS B 557 -20.83 32.38 62.13
C HIS B 557 -20.37 30.95 62.41
N SER B 558 -19.87 30.65 63.61
CA SER B 558 -19.40 29.31 63.92
C SER B 558 -20.52 28.33 64.19
N GLN B 559 -21.67 28.79 64.68
CA GLN B 559 -22.70 27.91 65.21
C GLN B 559 -23.92 27.81 64.31
N GLN B 560 -23.85 28.31 63.08
CA GLN B 560 -25.02 28.29 62.21
C GLN B 560 -25.28 26.88 61.70
N ASP B 561 -26.45 26.34 62.05
CA ASP B 561 -26.87 24.98 61.68
C ASP B 561 -25.88 23.91 62.13
N TYR B 562 -25.36 24.05 63.34
CA TYR B 562 -24.36 23.11 63.86
C TYR B 562 -24.56 22.98 65.36
N ARG B 563 -24.92 21.78 65.81
CA ARG B 563 -25.20 21.52 67.21
C ARG B 563 -23.95 21.60 68.09
N LYS B 564 -22.84 21.03 67.63
CA LYS B 564 -21.64 20.95 68.45
C LYS B 564 -21.09 22.33 68.78
N ASN B 565 -21.05 23.22 67.79
CA ASN B 565 -20.59 24.57 68.04
C ASN B 565 -21.56 25.34 68.94
N GLN B 566 -22.87 25.09 68.77
CA GLN B 566 -23.87 25.75 69.59
C GLN B 566 -23.72 25.38 71.05
N GLU B 567 -23.58 24.08 71.35
CA GLU B 567 -23.39 23.69 72.74
C GLU B 567 -22.03 24.08 73.27
N TYR B 568 -20.99 24.13 72.43
CA TYR B 568 -19.67 24.60 72.88
C TYR B 568 -19.72 26.06 73.28
N ILE B 569 -20.44 26.88 72.51
CA ILE B 569 -20.58 28.29 72.87
C ILE B 569 -21.46 28.45 74.10
N ALA B 570 -22.54 27.67 74.19
CA ALA B 570 -23.44 27.76 75.33
C ALA B 570 -22.84 27.23 76.61
N LYS B 571 -21.78 26.43 76.54
CA LYS B 571 -21.06 26.06 77.76
C LYS B 571 -20.27 27.23 78.35
N GLN B 572 -19.95 28.23 77.52
CA GLN B 572 -19.26 29.45 77.95
C GLN B 572 -20.24 30.62 78.02
N PHE B 573 -21.46 30.35 78.47
CA PHE B 573 -22.51 31.35 78.52
C PHE B 573 -22.45 32.19 79.79
N GLY B 574 -21.58 31.82 80.74
CA GLY B 574 -21.57 32.49 82.02
C GLY B 574 -21.16 33.95 81.96
N PHE B 575 -20.11 34.26 81.18
CA PHE B 575 -19.63 35.63 81.12
C PHE B 575 -20.22 36.41 79.95
N MET B 576 -20.80 35.71 78.97
CA MET B 576 -21.44 36.39 77.85
C MET B 576 -22.70 37.14 78.31
N GLN B 577 -23.27 36.72 79.44
CA GLN B 577 -24.44 37.37 80.01
C GLN B 577 -24.15 38.78 80.53
N LYS B 578 -22.88 39.11 80.77
CA LYS B 578 -22.53 40.40 81.33
C LYS B 578 -22.72 41.57 80.36
N GLN B 579 -22.80 41.33 79.06
CA GLN B 579 -22.62 42.40 78.08
C GLN B 579 -23.55 42.33 76.88
N ILE B 580 -24.81 41.90 77.06
CA ILE B 580 -25.79 42.00 75.96
C ILE B 580 -26.09 43.46 75.65
N GLY B 581 -26.37 44.26 76.67
CA GLY B 581 -26.90 45.58 76.44
C GLY B 581 -25.94 46.63 75.95
N TYR B 582 -24.68 46.28 75.75
CA TYR B 582 -23.66 47.24 75.36
C TYR B 582 -23.37 47.08 73.87
N ASP B 583 -22.39 47.86 73.38
CA ASP B 583 -22.14 47.97 71.95
C ASP B 583 -21.09 46.98 71.45
N VAL B 584 -20.97 45.81 72.09
CA VAL B 584 -20.02 44.80 71.65
C VAL B 584 -20.73 43.76 70.79
N LEU B 585 -21.95 44.08 70.35
CA LEU B 585 -22.74 43.25 69.43
C LEU B 585 -23.01 41.85 69.98
N ALA B 586 -23.15 41.72 71.29
CA ALA B 586 -23.44 40.42 71.88
C ALA B 586 -24.91 40.05 71.80
N GLU B 587 -25.80 40.98 71.45
CA GLU B 587 -27.22 40.68 71.41
C GLU B 587 -27.61 39.85 70.19
N ASP B 588 -26.89 39.99 69.08
CA ASP B 588 -27.24 39.25 67.88
C ASP B 588 -26.81 37.79 67.95
N THR B 589 -25.67 37.53 68.59
CA THR B 589 -25.19 36.15 68.69
C THR B 589 -26.01 35.34 69.68
N ILE B 590 -26.44 35.97 70.78
CA ILE B 590 -27.14 35.25 71.84
C ILE B 590 -28.54 34.84 71.42
N THR B 591 -29.15 35.54 70.46
CA THR B 591 -30.47 35.12 69.97
C THR B 591 -30.37 33.87 69.11
N ALA B 592 -29.25 33.69 68.40
CA ALA B 592 -29.11 32.57 67.48
C ALA B 592 -28.96 31.25 68.22
N LEU B 593 -28.43 31.27 69.44
CA LEU B 593 -28.31 30.03 70.21
C LEU B 593 -29.66 29.50 70.67
N LEU B 594 -30.62 30.39 70.92
CA LEU B 594 -31.90 30.03 71.49
C LEU B 594 -33.02 29.97 70.44
N HIS B 595 -32.68 29.92 69.17
CA HIS B 595 -33.66 30.01 68.10
C HIS B 595 -34.05 28.60 67.65
N ASN B 596 -35.22 28.13 68.13
CA ASN B 596 -35.84 26.87 67.71
C ASN B 596 -34.95 25.66 67.96
N ASN B 597 -34.44 25.51 69.17
CA ASN B 597 -33.71 24.31 69.58
C ASN B 597 -34.25 23.81 70.91
N ARG B 598 -34.20 22.48 71.09
CA ARG B 598 -34.80 21.82 72.24
C ARG B 598 -33.80 21.51 73.34
N LYS B 599 -32.81 20.68 73.03
CA LYS B 599 -32.13 19.92 74.08
C LYS B 599 -31.08 20.77 74.78
N LEU B 600 -30.31 21.55 74.02
CA LEU B 600 -29.32 22.42 74.63
C LEU B 600 -29.95 23.57 75.40
N LEU B 601 -31.10 24.07 74.93
CA LEU B 601 -31.78 25.14 75.66
C LEU B 601 -32.38 24.61 76.95
N GLU B 602 -32.91 23.38 76.95
CA GLU B 602 -33.55 22.89 78.16
C GLU B 602 -32.55 22.45 79.24
N LYS B 603 -31.26 22.34 78.92
CA LYS B 603 -30.26 21.93 79.91
C LYS B 603 -29.24 23.01 80.24
N HIS B 604 -28.95 23.92 79.31
CA HIS B 604 -27.92 24.92 79.57
C HIS B 604 -28.41 26.05 80.46
N ILE B 605 -29.66 26.49 80.28
CA ILE B 605 -30.23 27.56 81.08
C ILE B 605 -30.76 26.98 82.38
N THR B 606 -30.31 27.51 83.50
CA THR B 606 -30.70 27.05 84.83
C THR B 606 -31.43 28.17 85.57
N ALA B 607 -31.88 27.83 86.78
CA ALA B 607 -32.59 28.81 87.60
C ALA B 607 -31.66 29.89 88.11
N ALA B 608 -30.39 29.56 88.36
CA ALA B 608 -29.42 30.56 88.81
C ALA B 608 -29.14 31.58 87.73
N GLU B 609 -29.13 31.15 86.47
CA GLU B 609 -28.94 32.08 85.36
C GLU B 609 -30.10 33.05 85.25
N ILE B 610 -31.32 32.58 85.50
CA ILE B 610 -32.48 33.46 85.49
C ILE B 610 -32.46 34.40 86.69
N ASP B 611 -32.04 33.90 87.85
CA ASP B 611 -32.02 34.71 89.07
C ASP B 611 -30.98 35.82 88.98
N THR B 612 -29.83 35.54 88.36
CA THR B 612 -28.89 36.61 88.08
C THR B 612 -29.23 37.36 86.79
N PHE B 613 -30.22 36.87 86.04
CA PHE B 613 -30.62 37.51 84.79
C PHE B 613 -31.71 38.55 85.04
N VAL B 614 -32.30 38.54 86.23
CA VAL B 614 -33.30 39.52 86.66
C VAL B 614 -32.69 40.53 87.62
N SER B 615 -31.39 40.77 87.50
CA SER B 615 -30.57 41.68 88.29
C SER B 615 -30.80 43.12 87.86
N LEU B 616 -29.82 44.00 88.07
CA LEU B 616 -29.99 45.41 87.70
C LEU B 616 -29.98 45.60 86.19
N VAL B 617 -30.80 44.81 85.50
CA VAL B 617 -31.15 44.88 84.09
C VAL B 617 -32.68 44.88 83.99
N ARG B 618 -33.33 43.98 84.71
CA ARG B 618 -34.73 44.10 85.06
C ARG B 618 -35.01 45.14 86.13
N LYS B 619 -34.01 45.49 86.94
CA LYS B 619 -34.20 46.65 87.80
C LYS B 619 -34.11 47.96 87.02
N ASN B 620 -33.69 47.89 85.76
CA ASN B 620 -33.49 49.05 84.91
C ASN B 620 -34.53 49.11 83.79
N ARG B 621 -34.34 50.07 82.89
CA ARG B 621 -35.25 50.35 81.79
C ARG B 621 -34.87 49.54 80.55
N GLU B 622 -35.35 49.97 79.37
CA GLU B 622 -35.07 49.39 78.05
C GLU B 622 -35.56 47.96 77.92
N PRO B 623 -36.88 47.76 77.73
CA PRO B 623 -37.45 46.40 77.70
C PRO B 623 -37.15 45.59 76.44
N ARG B 624 -36.24 46.07 75.59
CA ARG B 624 -35.66 45.19 74.59
C ARG B 624 -34.94 44.02 75.25
N PHE B 625 -34.38 44.25 76.43
CA PHE B 625 -33.75 43.13 77.13
C PHE B 625 -34.84 42.27 77.77
N LEU B 626 -36.03 42.85 77.99
CA LEU B 626 -37.16 42.09 78.50
C LEU B 626 -37.74 41.14 77.46
N ASP B 627 -37.86 41.57 76.20
CA ASP B 627 -38.28 40.53 75.25
C ASP B 627 -37.10 39.71 74.76
N TYR B 628 -35.85 40.10 75.05
CA TYR B 628 -34.76 39.13 75.00
C TYR B 628 -34.92 38.04 76.06
N LEU B 629 -35.59 38.35 77.17
CA LEU B 629 -36.03 37.28 78.06
C LEU B 629 -37.22 36.51 77.48
N SER B 630 -38.18 37.24 76.90
CA SER B 630 -39.44 36.63 76.49
C SER B 630 -39.27 35.68 75.29
N ASP B 631 -38.29 35.94 74.42
CA ASP B 631 -38.08 35.02 73.30
C ASP B 631 -37.29 33.78 73.71
N LEU B 632 -36.57 33.81 74.83
CA LEU B 632 -36.04 32.57 75.36
C LEU B 632 -36.98 31.93 76.37
N CYS B 633 -38.09 32.59 76.69
CA CYS B 633 -39.07 32.00 77.61
C CYS B 633 -39.67 30.72 77.05
N VAL B 634 -40.48 30.83 75.99
CA VAL B 634 -41.12 29.64 75.45
C VAL B 634 -41.02 29.65 73.93
N SER B 635 -40.53 30.77 73.37
CA SER B 635 -40.58 30.99 71.92
C SER B 635 -39.71 30.00 71.18
N MET B 636 -40.36 29.00 70.60
CA MET B 636 -39.69 27.89 69.94
C MET B 636 -40.56 27.62 68.71
N ASN B 637 -40.54 26.39 68.19
CA ASN B 637 -41.62 25.93 67.33
C ASN B 637 -42.97 26.16 68.00
N LYS B 638 -43.26 25.39 69.06
CA LYS B 638 -44.40 25.48 69.98
C LYS B 638 -44.12 24.90 71.37
N SER B 639 -44.18 25.76 72.39
CA SER B 639 -44.55 25.41 73.77
C SER B 639 -43.59 24.40 74.41
N ILE B 640 -42.37 24.85 74.66
CA ILE B 640 -41.40 24.05 75.42
C ILE B 640 -41.92 23.85 76.85
N PRO B 641 -41.96 22.61 77.35
CA PRO B 641 -42.49 22.37 78.70
C PRO B 641 -41.45 22.29 79.81
N VAL B 642 -40.17 22.53 79.51
CA VAL B 642 -39.12 22.32 80.51
C VAL B 642 -38.77 23.62 81.23
N THR B 643 -38.39 24.66 80.50
CA THR B 643 -38.06 25.95 81.08
C THR B 643 -39.29 26.81 81.34
N GLN B 644 -40.47 26.34 80.92
CA GLN B 644 -41.70 27.12 81.08
C GLN B 644 -42.05 27.31 82.56
N GLU B 645 -41.95 26.25 83.37
CA GLU B 645 -42.16 26.41 84.79
C GLU B 645 -40.95 27.05 85.47
N LEU B 646 -39.79 27.04 84.80
CA LEU B 646 -38.60 27.69 85.33
C LEU B 646 -38.71 29.21 85.25
N ILE B 647 -39.39 29.73 84.24
CA ILE B 647 -39.46 31.19 84.07
C ILE B 647 -40.64 31.83 84.82
N CYS B 648 -41.75 31.12 85.00
CA CYS B 648 -42.88 31.76 85.67
C CYS B 648 -42.72 31.80 87.19
N LYS B 649 -41.70 31.16 87.74
CA LYS B 649 -41.44 31.22 89.17
C LYS B 649 -40.36 32.21 89.52
N ALA B 650 -39.98 33.08 88.59
CA ALA B 650 -39.01 34.12 88.83
C ALA B 650 -39.56 35.53 88.61
N VAL B 651 -40.35 35.72 87.56
CA VAL B 651 -40.80 37.08 87.21
C VAL B 651 -41.88 37.57 88.18
N LEU B 652 -42.76 36.69 88.64
CA LEU B 652 -43.79 37.09 89.60
C LEU B 652 -43.77 36.29 90.89
N ASN B 653 -42.72 35.50 91.13
CA ASN B 653 -42.51 34.82 92.40
C ASN B 653 -41.08 35.05 92.86
N PRO B 654 -40.81 36.15 93.58
CA PRO B 654 -41.75 37.19 94.01
C PRO B 654 -41.95 38.30 92.97
N THR B 655 -42.58 39.39 93.40
CA THR B 655 -43.03 40.45 92.51
C THR B 655 -42.03 41.59 92.38
N ASN B 656 -40.74 41.32 92.55
CA ASN B 656 -39.71 42.36 92.44
C ASN B 656 -39.34 42.64 90.98
N ALA B 657 -38.22 43.34 90.78
CA ALA B 657 -37.60 43.54 89.46
C ALA B 657 -38.52 44.28 88.50
N ASP B 658 -38.71 45.58 88.81
CA ASP B 658 -39.59 46.49 88.07
C ASP B 658 -41.02 45.96 88.10
N ILE B 659 -41.60 46.10 89.31
CA ILE B 659 -42.57 45.22 89.94
C ILE B 659 -43.65 44.72 88.98
N LEU B 660 -44.42 45.65 88.42
CA LEU B 660 -45.53 45.40 87.51
C LEU B 660 -45.97 46.75 86.96
N ILE B 661 -46.86 46.71 85.98
CA ILE B 661 -47.74 47.81 85.68
C ILE B 661 -49.13 47.32 86.07
N GLU B 662 -49.55 47.67 87.29
CA GLU B 662 -50.65 46.99 87.97
C GLU B 662 -51.97 47.65 87.61
N THR B 663 -52.81 46.94 86.86
CA THR B 663 -54.17 47.35 86.56
C THR B 663 -55.12 46.56 87.46
N LYS B 664 -55.85 47.27 88.33
CA LYS B 664 -56.55 46.62 89.43
C LYS B 664 -58.02 46.99 89.51
N LEU B 665 -58.54 47.71 88.51
CA LEU B 665 -59.94 48.18 88.44
C LEU B 665 -60.32 48.93 89.72
N VAL B 666 -59.68 50.10 89.87
CA VAL B 666 -59.69 50.87 91.11
C VAL B 666 -61.10 51.32 91.52
N LEU B 667 -62.04 51.34 90.56
CA LEU B 667 -63.46 51.64 90.80
C LEU B 667 -63.64 53.03 91.42
N SER B 668 -63.25 54.04 90.64
CA SER B 668 -63.40 55.43 91.04
C SER B 668 -63.71 56.25 89.79
N ARG B 669 -63.62 57.57 89.91
CA ARG B 669 -63.86 58.45 88.76
C ARG B 669 -62.62 58.54 87.88
N GLU B 688 -67.48 54.04 82.57
CA GLU B 688 -67.70 54.08 84.02
C GLU B 688 -66.67 53.23 84.74
N GLU B 689 -66.06 53.81 85.78
CA GLU B 689 -65.05 53.18 86.63
C GLU B 689 -63.86 52.70 85.80
N GLU B 690 -63.16 53.68 85.22
CA GLU B 690 -62.03 53.38 84.35
C GLU B 690 -60.85 52.84 85.16
N VAL B 691 -59.96 52.14 84.46
CA VAL B 691 -58.86 51.44 85.10
C VAL B 691 -57.74 52.42 85.40
N TRP B 692 -56.90 52.07 86.38
CA TRP B 692 -55.74 52.85 86.77
C TRP B 692 -54.53 51.93 86.88
N LEU B 693 -53.47 52.27 86.14
CA LEU B 693 -52.26 51.46 86.09
C LEU B 693 -51.12 52.16 86.85
N PHE B 694 -50.27 51.36 87.48
CA PHE B 694 -49.22 51.84 88.37
C PHE B 694 -47.86 51.67 87.68
N TRP B 695 -47.15 52.78 87.48
CA TRP B 695 -45.79 52.70 86.95
C TRP B 695 -44.93 53.72 87.67
N ARG B 696 -43.69 53.34 87.95
CA ARG B 696 -42.80 54.13 88.79
C ARG B 696 -41.50 54.46 88.07
N ASP B 697 -40.74 55.37 88.68
CA ASP B 697 -39.43 55.77 88.19
C ASP B 697 -38.28 55.04 88.90
N SER B 698 -38.60 53.96 89.63
CA SER B 698 -37.64 53.13 90.35
C SER B 698 -36.85 53.90 91.39
N ASN B 699 -37.41 54.96 91.95
CA ASN B 699 -36.74 55.80 92.94
C ASN B 699 -37.54 55.99 94.21
N LYS B 700 -38.86 56.03 94.12
CA LYS B 700 -39.69 56.50 95.23
C LYS B 700 -41.04 55.79 95.15
N GLU B 701 -42.05 56.38 95.80
CA GLU B 701 -43.44 55.95 95.70
C GLU B 701 -43.91 55.95 94.24
N ILE B 702 -45.01 55.24 93.99
CA ILE B 702 -45.33 54.73 92.66
C ILE B 702 -45.54 55.87 91.65
N ARG B 703 -46.30 56.91 92.02
CA ARG B 703 -46.50 58.11 91.22
C ARG B 703 -47.06 57.75 89.83
N SER B 704 -48.33 57.33 89.85
CA SER B 704 -49.05 56.98 88.63
C SER B 704 -50.04 58.09 88.31
N LYS B 705 -49.87 58.73 87.15
CA LYS B 705 -50.80 59.77 86.71
C LYS B 705 -52.18 59.19 86.44
N SER B 706 -52.30 58.39 85.38
CA SER B 706 -53.49 57.65 84.97
C SER B 706 -53.14 56.90 83.70
N VAL B 707 -54.07 56.07 83.23
CA VAL B 707 -54.01 55.58 81.86
C VAL B 707 -54.74 56.54 80.92
N ARG B 708 -55.69 57.32 81.46
CA ARG B 708 -56.44 58.26 80.65
C ARG B 708 -55.57 59.44 80.22
N GLU B 709 -54.59 59.82 81.04
CA GLU B 709 -53.63 60.84 80.62
C GLU B 709 -52.72 60.34 79.52
N LEU B 710 -52.49 59.02 79.46
CA LEU B 710 -51.69 58.43 78.40
C LEU B 710 -52.41 58.38 77.06
N ALA B 711 -53.73 58.55 77.05
CA ALA B 711 -54.48 58.54 75.80
C ALA B 711 -54.11 59.72 74.92
N GLN B 712 -53.97 60.91 75.51
CA GLN B 712 -53.55 62.09 74.76
C GLN B 712 -52.04 62.16 74.58
N ASP B 713 -51.30 61.24 75.19
CA ASP B 713 -49.85 61.19 75.08
C ASP B 713 -49.38 60.35 73.90
N ALA B 714 -50.31 59.82 73.10
CA ALA B 714 -49.93 59.06 71.92
C ALA B 714 -49.35 59.96 70.84
N LYS B 715 -49.75 61.23 70.81
CA LYS B 715 -49.26 62.16 69.82
C LYS B 715 -47.97 62.86 70.25
N GLU B 716 -47.90 63.35 71.48
CA GLU B 716 -46.65 63.83 72.06
C GLU B 716 -46.74 63.78 73.57
N GLY B 717 -45.58 63.91 74.21
CA GLY B 717 -45.53 63.92 75.67
C GLY B 717 -44.11 63.77 76.16
N GLN B 718 -43.98 63.37 77.42
CA GLN B 718 -42.69 63.15 78.05
C GLN B 718 -42.13 61.79 77.66
N LYS B 719 -40.81 61.64 77.82
CA LYS B 719 -40.13 60.41 77.43
C LYS B 719 -40.61 59.22 78.25
N GLU B 720 -40.85 59.43 79.54
CA GLU B 720 -41.48 58.40 80.36
C GLU B 720 -42.88 58.10 79.85
N ASP B 721 -43.63 59.14 79.47
CA ASP B 721 -44.94 58.94 78.84
C ASP B 721 -44.81 58.32 77.45
N ARG B 722 -43.68 58.56 76.76
CA ARG B 722 -43.45 57.89 75.49
C ARG B 722 -43.31 56.38 75.69
N ASP B 723 -42.44 55.96 76.60
CA ASP B 723 -42.06 54.55 76.66
C ASP B 723 -42.82 53.71 77.68
N VAL B 724 -43.70 54.31 78.48
CA VAL B 724 -44.48 53.50 79.43
C VAL B 724 -45.45 52.60 78.69
N LEU B 725 -46.02 53.08 77.58
CA LEU B 725 -46.90 52.25 76.77
C LEU B 725 -46.15 51.12 76.11
N SER B 726 -44.93 51.38 75.62
CA SER B 726 -44.11 50.32 75.03
C SER B 726 -43.70 49.29 76.07
N TYR B 727 -43.36 49.72 77.28
CA TYR B 727 -43.00 48.78 78.34
C TYR B 727 -44.19 47.91 78.74
N TYR B 728 -45.37 48.53 78.86
CA TYR B 728 -46.57 47.78 79.20
C TYR B 728 -46.92 46.79 78.09
N ARG B 729 -46.78 47.21 76.83
CA ARG B 729 -47.02 46.31 75.70
C ARG B 729 -46.03 45.14 75.70
N TYR B 730 -44.77 45.40 76.04
CA TYR B 730 -43.78 44.34 76.03
C TYR B 730 -44.03 43.33 77.16
N GLN B 731 -44.36 43.81 78.36
CA GLN B 731 -44.65 42.84 79.41
C GLN B 731 -45.98 42.15 79.18
N LEU B 732 -46.91 42.78 78.46
CA LEU B 732 -48.16 42.11 78.13
C LEU B 732 -47.95 41.06 77.06
N ASN B 733 -47.02 41.31 76.13
CA ASN B 733 -46.61 40.28 75.20
C ASN B 733 -45.96 39.11 75.93
N LEU B 734 -45.15 39.40 76.94
CA LEU B 734 -44.56 38.34 77.76
C LEU B 734 -45.64 37.55 78.49
N PHE B 735 -46.61 38.24 79.10
CA PHE B 735 -47.67 37.58 79.85
C PHE B 735 -48.58 36.76 78.93
N ALA B 736 -48.87 37.28 77.74
CA ALA B 736 -49.65 36.54 76.75
C ALA B 736 -48.90 35.31 76.27
N ARG B 737 -47.66 35.49 75.85
CA ARG B 737 -46.85 34.42 75.31
C ARG B 737 -46.03 33.75 76.42
N MET B 738 -46.57 33.70 77.63
CA MET B 738 -45.95 32.93 78.69
C MET B 738 -46.47 31.51 78.72
N CYS B 739 -47.80 31.34 78.70
CA CYS B 739 -48.42 30.07 79.14
C CYS B 739 -48.68 29.08 78.02
N LEU B 740 -49.64 29.41 77.15
CA LEU B 740 -50.01 28.73 75.91
C LEU B 740 -50.50 27.28 76.10
N ASP B 741 -50.37 26.69 77.28
CA ASP B 741 -50.53 25.24 77.45
C ASP B 741 -51.13 24.97 78.84
N ARG B 742 -51.02 23.70 79.25
CA ARG B 742 -51.41 23.22 80.58
C ARG B 742 -50.34 23.62 81.59
N GLN B 743 -50.24 24.92 81.84
CA GLN B 743 -49.28 25.46 82.80
C GLN B 743 -50.08 26.11 83.92
N TYR B 744 -50.45 25.30 84.91
CA TYR B 744 -51.30 25.77 86.00
C TYR B 744 -50.52 26.42 87.14
N LEU B 745 -49.19 26.42 87.06
CA LEU B 745 -48.39 27.07 88.11
C LEU B 745 -48.50 28.58 88.05
N ALA B 746 -48.84 29.16 86.91
CA ALA B 746 -49.03 30.59 86.77
C ALA B 746 -50.26 30.88 85.93
N ILE B 747 -51.36 30.19 86.22
CA ILE B 747 -52.64 30.48 85.58
C ILE B 747 -53.70 30.96 86.58
N ASN B 748 -53.55 30.69 87.87
CA ASN B 748 -54.52 31.14 88.85
C ASN B 748 -54.18 32.50 89.45
N GLU B 749 -52.89 32.86 89.50
CA GLU B 749 -52.52 34.21 89.90
C GLU B 749 -52.92 35.23 88.84
N ILE B 750 -52.81 34.85 87.56
CA ILE B 750 -53.15 35.75 86.47
C ILE B 750 -54.61 35.58 86.06
N SER B 751 -55.40 34.82 86.82
CA SER B 751 -56.82 34.75 86.56
C SER B 751 -57.60 35.77 87.39
N GLY B 752 -57.35 35.80 88.71
CA GLY B 752 -57.95 36.83 89.54
C GLY B 752 -57.42 38.22 89.20
N GLN B 753 -56.10 38.34 89.06
CA GLN B 753 -55.53 39.52 88.42
C GLN B 753 -55.94 39.54 86.96
N LEU B 754 -56.37 40.72 86.49
CA LEU B 754 -56.89 40.95 85.14
C LEU B 754 -57.95 39.90 84.77
N ASP B 755 -59.04 39.94 85.53
CA ASP B 755 -60.13 38.99 85.37
C ASP B 755 -60.90 39.27 84.07
N VAL B 756 -61.96 38.49 83.87
CA VAL B 756 -62.68 38.48 82.59
C VAL B 756 -63.35 39.83 82.33
N ASP B 757 -63.85 40.49 83.37
CA ASP B 757 -64.42 41.81 83.19
C ASP B 757 -63.35 42.85 82.86
N LEU B 758 -62.17 42.74 83.48
CA LEU B 758 -61.14 43.76 83.29
C LEU B 758 -60.48 43.62 81.93
N ILE B 759 -60.21 42.38 81.50
CA ILE B 759 -59.62 42.17 80.18
C ILE B 759 -60.58 42.58 79.07
N LEU B 760 -61.89 42.46 79.31
CA LEU B 760 -62.88 42.83 78.31
C LEU B 760 -63.20 44.32 78.36
N ARG B 761 -62.96 44.97 79.50
CA ARG B 761 -63.16 46.41 79.58
C ARG B 761 -62.16 47.13 78.68
N CYS B 762 -60.97 46.56 78.52
CA CYS B 762 -59.97 47.11 77.62
C CYS B 762 -60.20 46.72 76.17
N MET B 763 -61.28 45.98 75.86
CA MET B 763 -61.71 45.73 74.50
C MET B 763 -62.61 46.85 73.96
N SER B 764 -62.53 48.04 74.55
CA SER B 764 -63.38 49.15 74.14
C SER B 764 -62.75 49.86 72.94
N ASP B 765 -63.40 50.94 72.49
CA ASP B 765 -62.94 51.73 71.36
C ASP B 765 -62.13 52.96 71.78
N GLU B 766 -61.52 52.93 72.96
CA GLU B 766 -60.78 54.09 73.45
C GLU B 766 -59.49 54.29 72.67
N ASN B 767 -58.96 55.51 72.76
CA ASN B 767 -57.78 55.90 71.99
C ASN B 767 -56.54 55.33 72.66
N LEU B 768 -55.85 54.44 71.96
CA LEU B 768 -54.70 53.68 72.43
C LEU B 768 -53.57 53.81 71.42
N PRO B 769 -52.36 53.29 71.73
CA PRO B 769 -51.36 53.10 70.66
C PRO B 769 -51.77 52.01 69.68
N TYR B 770 -52.79 51.24 70.05
CA TYR B 770 -53.62 50.32 69.28
C TYR B 770 -52.88 48.99 69.06
N ASP B 771 -51.59 48.92 69.40
CA ASP B 771 -50.88 47.65 69.54
C ASP B 771 -51.00 47.09 70.94
N LEU B 772 -51.25 47.96 71.92
CA LEU B 772 -51.50 47.52 73.28
C LEU B 772 -52.75 46.66 73.34
N ARG B 773 -53.81 47.04 72.62
CA ARG B 773 -55.01 46.22 72.59
C ARG B 773 -54.76 44.89 71.87
N ALA B 774 -53.82 44.87 70.90
CA ALA B 774 -53.41 43.60 70.32
C ALA B 774 -52.73 42.71 71.37
N SER B 775 -51.91 43.31 72.24
CA SER B 775 -51.32 42.54 73.33
C SER B 775 -52.38 42.06 74.33
N PHE B 776 -53.37 42.90 74.60
CA PHE B 776 -54.49 42.51 75.47
C PHE B 776 -55.26 41.33 74.87
N CYS B 777 -55.46 41.33 73.56
CA CYS B 777 -56.20 40.23 72.94
C CYS B 777 -55.35 38.96 72.85
N ARG B 778 -54.03 39.11 72.68
CA ARG B 778 -53.14 37.96 72.78
C ARG B 778 -53.20 37.34 74.18
N LEU B 779 -53.27 38.18 75.20
CA LEU B 779 -53.44 37.67 76.56
C LEU B 779 -54.82 37.07 76.77
N MET B 780 -55.84 37.65 76.12
CA MET B 780 -57.20 37.13 76.15
C MET B 780 -57.28 35.71 75.61
N LEU B 781 -56.54 35.44 74.52
CA LEU B 781 -56.61 34.13 73.88
C LEU B 781 -56.10 33.02 74.80
N HIS B 782 -55.19 33.34 75.72
CA HIS B 782 -54.57 32.35 76.58
C HIS B 782 -55.08 32.37 78.01
N MET B 783 -56.10 33.16 78.33
CA MET B 783 -56.62 33.18 79.69
C MET B 783 -58.05 32.70 79.83
N HIS B 784 -58.92 32.95 78.84
CA HIS B 784 -60.32 32.60 79.03
C HIS B 784 -60.52 31.10 78.91
N VAL B 785 -59.63 30.43 78.19
CA VAL B 785 -59.72 29.00 77.96
C VAL B 785 -58.63 28.35 78.82
N ASP B 786 -59.04 27.82 79.97
CA ASP B 786 -58.15 26.97 80.74
C ASP B 786 -58.15 25.55 80.22
N ARG B 787 -59.02 25.25 79.26
CA ARG B 787 -59.14 23.97 78.57
C ARG B 787 -59.53 22.83 79.50
N ASP B 788 -59.99 23.14 80.71
CA ASP B 788 -60.47 22.11 81.63
C ASP B 788 -61.91 21.70 81.31
N PRO B 789 -62.90 22.64 81.14
CA PRO B 789 -64.24 22.16 80.77
C PRO B 789 -64.40 21.90 79.28
N GLN B 790 -63.65 22.63 78.45
CA GLN B 790 -63.78 22.53 77.00
C GLN B 790 -62.55 21.89 76.39
N GLU B 791 -62.77 20.94 75.49
CA GLU B 791 -61.73 20.27 74.73
C GLU B 791 -62.05 20.36 73.24
N GLN B 792 -61.19 19.77 72.41
CA GLN B 792 -61.39 19.78 70.97
C GLN B 792 -62.56 18.87 70.59
N VAL B 793 -63.40 19.34 69.66
CA VAL B 793 -64.60 18.64 69.25
C VAL B 793 -64.60 18.51 67.73
N THR B 794 -65.02 17.35 67.23
CA THR B 794 -65.24 17.12 65.81
C THR B 794 -66.72 17.29 65.48
N PRO B 795 -67.05 17.83 64.29
CA PRO B 795 -68.46 17.99 63.93
C PRO B 795 -69.05 16.85 63.12
N VAL B 796 -68.24 15.89 62.68
CA VAL B 796 -68.67 14.90 61.69
C VAL B 796 -68.72 13.59 62.47
N LYS B 797 -69.11 13.69 63.74
CA LYS B 797 -69.18 12.52 64.60
C LYS B 797 -70.23 11.54 64.09
N TYR B 798 -69.98 10.25 64.35
CA TYR B 798 -70.85 9.18 63.90
C TYR B 798 -71.02 8.17 65.03
N ALA B 799 -71.67 7.05 64.71
CA ALA B 799 -72.03 6.00 65.66
C ALA B 799 -72.89 6.56 66.80
N ARG B 800 -74.07 7.03 66.42
CA ARG B 800 -74.96 7.71 67.35
C ARG B 800 -75.58 6.72 68.33
N LEU B 801 -76.11 7.26 69.43
CA LEU B 801 -76.66 6.44 70.52
C LEU B 801 -78.14 6.17 70.22
N TRP B 802 -78.35 5.45 69.11
CA TRP B 802 -79.67 5.05 68.62
C TRP B 802 -80.59 6.27 68.48
N SER B 803 -80.10 7.28 67.78
CA SER B 803 -80.74 8.58 67.76
C SER B 803 -81.99 8.57 66.89
N GLU B 804 -83.10 9.07 67.43
CA GLU B 804 -84.35 9.20 66.70
C GLU B 804 -84.76 10.67 66.70
N ILE B 805 -83.81 11.54 66.38
CA ILE B 805 -84.02 12.99 66.42
C ILE B 805 -85.07 13.39 65.39
N PRO B 806 -85.99 14.30 65.70
CA PRO B 806 -86.96 14.74 64.70
C PRO B 806 -86.31 15.54 63.56
N SER B 807 -87.13 15.83 62.55
CA SER B 807 -86.70 16.57 61.37
C SER B 807 -87.11 18.03 61.52
N GLU B 808 -86.14 18.93 61.43
CA GLU B 808 -86.38 20.37 61.55
C GLU B 808 -85.53 21.08 60.51
N ILE B 809 -85.36 22.39 60.70
CA ILE B 809 -84.61 23.22 59.78
C ILE B 809 -83.33 23.65 60.49
N ALA B 810 -82.47 24.41 59.80
CA ALA B 810 -81.10 24.67 60.22
C ALA B 810 -80.98 25.47 61.51
N ILE B 811 -82.06 26.08 61.99
CA ILE B 811 -82.00 26.90 63.21
C ILE B 811 -82.31 26.04 64.43
N ASP B 812 -82.37 24.72 64.24
CA ASP B 812 -82.80 23.82 65.32
C ASP B 812 -81.76 23.74 66.43
N ASP B 813 -80.49 23.50 66.07
CA ASP B 813 -79.40 23.25 67.03
C ASP B 813 -79.77 22.10 67.97
N TYR B 814 -79.82 20.90 67.37
CA TYR B 814 -80.58 19.72 67.77
C TYR B 814 -80.67 19.46 69.27
N ASP B 815 -79.54 19.50 69.98
CA ASP B 815 -79.54 19.27 71.41
C ASP B 815 -79.68 20.58 72.20
N SER B 816 -78.77 21.51 72.00
CA SER B 816 -78.78 22.81 72.67
C SER B 816 -77.89 23.76 71.89
N SER B 817 -77.62 24.93 72.45
CA SER B 817 -76.66 25.85 71.84
C SER B 817 -75.25 25.28 71.91
N GLY B 818 -74.92 24.59 73.00
CA GLY B 818 -73.62 23.97 73.14
C GLY B 818 -73.74 22.60 73.76
N ALA B 819 -72.69 21.80 73.58
CA ALA B 819 -72.68 20.45 74.14
C ALA B 819 -72.60 20.47 75.66
N SER B 820 -71.82 21.40 76.22
CA SER B 820 -71.65 21.47 77.66
C SER B 820 -72.80 22.26 78.30
N LYS B 821 -72.60 22.61 79.57
CA LYS B 821 -73.65 23.29 80.34
C LYS B 821 -73.47 24.81 80.20
N ASP B 822 -74.19 25.56 81.04
CA ASP B 822 -74.36 27.00 80.85
C ASP B 822 -73.30 27.84 81.55
N GLU B 823 -72.30 27.24 82.20
CA GLU B 823 -71.28 28.04 82.88
C GLU B 823 -70.30 28.70 81.91
N ILE B 824 -70.33 28.34 80.64
CA ILE B 824 -69.39 28.81 79.63
C ILE B 824 -70.09 29.49 78.45
N LYS B 825 -71.26 30.08 78.69
CA LYS B 825 -72.02 30.75 77.64
C LYS B 825 -72.14 32.25 77.88
N GLU B 826 -72.69 32.66 79.03
CA GLU B 826 -72.99 34.06 79.26
C GLU B 826 -71.74 34.89 79.52
N ARG B 827 -70.70 34.27 80.10
CA ARG B 827 -69.44 34.96 80.31
C ARG B 827 -68.75 35.26 78.99
N PHE B 828 -68.80 34.33 78.04
CA PHE B 828 -68.20 34.54 76.73
C PHE B 828 -69.09 35.32 75.78
N ALA B 829 -70.37 35.48 76.13
CA ALA B 829 -71.34 36.09 75.22
C ALA B 829 -70.96 37.51 74.83
N GLN B 830 -70.50 38.32 75.81
CA GLN B 830 -70.15 39.71 75.53
C GLN B 830 -68.97 39.79 74.57
N THR B 831 -67.99 38.88 74.73
CA THR B 831 -66.90 38.77 73.76
C THR B 831 -67.44 38.39 72.39
N MET B 832 -68.52 37.58 72.35
CA MET B 832 -69.09 37.21 71.05
C MET B 832 -69.70 38.40 70.32
N GLU B 833 -70.50 39.24 71.02
CA GLU B 833 -70.98 40.39 70.22
C GLU B 833 -69.87 41.41 69.98
N PHE B 834 -68.81 41.42 70.79
CA PHE B 834 -67.71 42.34 70.48
C PHE B 834 -66.91 41.90 69.26
N VAL B 835 -66.65 40.61 69.10
CA VAL B 835 -65.98 40.15 67.88
C VAL B 835 -66.89 40.31 66.67
N GLU B 836 -68.21 40.11 66.87
CA GLU B 836 -69.14 40.38 65.79
C GLU B 836 -69.14 41.86 65.39
N GLU B 837 -69.05 42.75 66.39
CA GLU B 837 -69.00 44.18 66.10
C GLU B 837 -67.74 44.55 65.35
N TYR B 838 -66.60 43.96 65.73
CA TYR B 838 -65.37 44.28 65.02
C TYR B 838 -65.38 43.76 63.59
N LEU B 839 -65.97 42.57 63.37
CA LEU B 839 -66.11 42.08 62.00
C LEU B 839 -67.06 42.95 61.19
N ARG B 840 -68.18 43.36 61.79
CA ARG B 840 -69.13 44.25 61.11
C ARG B 840 -68.58 45.64 60.90
N ASP B 841 -67.48 46.00 61.57
CA ASP B 841 -66.80 47.26 61.29
C ASP B 841 -65.74 47.12 60.21
N VAL B 842 -64.93 46.04 60.27
CA VAL B 842 -63.87 45.86 59.29
C VAL B 842 -64.44 45.50 57.92
N VAL B 843 -65.68 44.99 57.87
CA VAL B 843 -66.29 44.71 56.57
C VAL B 843 -66.55 45.99 55.80
N CYS B 844 -66.91 47.09 56.48
CA CYS B 844 -67.33 48.29 55.79
C CYS B 844 -66.32 49.43 55.85
N GLN B 845 -65.96 49.94 57.04
CA GLN B 845 -65.16 51.16 56.95
C GLN B 845 -63.67 50.91 56.76
N ARG B 846 -63.20 49.66 56.81
CA ARG B 846 -61.88 49.34 56.27
C ARG B 846 -62.03 48.70 54.90
N PHE B 847 -62.49 49.50 53.94
CA PHE B 847 -62.82 48.93 52.64
C PHE B 847 -61.64 48.72 51.69
N PRO B 848 -60.65 49.66 51.50
CA PRO B 848 -59.53 49.30 50.61
C PRO B 848 -58.66 48.22 51.24
N PHE B 849 -58.13 48.56 52.40
CA PHE B 849 -57.33 47.76 53.33
C PHE B 849 -56.96 48.70 54.46
N SER B 850 -56.30 48.16 55.48
CA SER B 850 -55.80 48.97 56.59
C SER B 850 -54.37 48.54 56.90
N ASP B 851 -53.41 49.17 56.22
CA ASP B 851 -52.00 48.92 56.45
C ASP B 851 -51.44 49.77 57.58
N LYS B 852 -52.26 50.60 58.20
CA LYS B 852 -51.81 51.48 59.29
C LYS B 852 -51.90 50.75 60.63
N GLU B 853 -51.10 49.68 60.73
CA GLU B 853 -50.89 48.89 61.95
C GLU B 853 -52.16 48.24 62.49
N LYS B 854 -53.22 48.19 61.69
CA LYS B 854 -54.44 47.49 62.10
C LYS B 854 -54.33 45.99 61.89
N ASN B 855 -53.40 45.56 61.05
CA ASN B 855 -53.34 44.16 60.64
C ASN B 855 -52.99 43.24 61.79
N LYS B 856 -52.24 43.74 62.78
CA LYS B 856 -51.95 42.95 63.98
C LYS B 856 -53.24 42.63 64.74
N LEU B 857 -54.09 43.65 64.94
CA LEU B 857 -55.31 43.41 65.72
C LEU B 857 -56.31 42.58 64.92
N THR B 858 -56.37 42.78 63.60
CA THR B 858 -57.25 41.93 62.79
C THR B 858 -56.79 40.47 62.84
N PHE B 859 -55.48 40.24 62.74
CA PHE B 859 -54.90 38.91 62.90
C PHE B 859 -55.28 38.30 64.24
N GLU B 860 -55.13 39.05 65.32
CA GLU B 860 -55.36 38.45 66.62
C GLU B 860 -56.84 38.22 66.90
N VAL B 861 -57.73 39.09 66.42
CA VAL B 861 -59.16 38.83 66.65
C VAL B 861 -59.63 37.66 65.78
N VAL B 862 -59.05 37.50 64.59
CA VAL B 862 -59.39 36.35 63.76
C VAL B 862 -58.88 35.06 64.41
N ASN B 863 -57.69 35.12 65.01
CA ASN B 863 -57.15 33.96 65.72
C ASN B 863 -58.00 33.60 66.94
N LEU B 864 -58.48 34.61 67.66
CA LEU B 864 -59.35 34.36 68.80
C LEU B 864 -60.67 33.72 68.37
N ALA B 865 -61.24 34.22 67.26
CA ALA B 865 -62.46 33.61 66.72
C ALA B 865 -62.22 32.15 66.33
N ARG B 866 -61.09 31.89 65.67
CA ARG B 866 -60.77 30.53 65.24
C ARG B 866 -60.56 29.61 66.44
N ASN B 867 -59.97 30.11 67.51
CA ASN B 867 -59.77 29.26 68.67
C ASN B 867 -61.03 29.07 69.50
N LEU B 868 -61.99 29.99 69.42
CA LEU B 868 -63.24 29.77 70.14
C LEU B 868 -64.23 28.92 69.36
N ILE B 869 -64.15 28.88 68.03
CA ILE B 869 -65.12 28.06 67.30
C ILE B 869 -64.80 26.58 67.41
N TYR B 870 -63.52 26.22 67.60
CA TYR B 870 -63.14 24.82 67.58
C TYR B 870 -63.60 24.08 68.83
N PHE B 871 -64.08 24.79 69.84
CA PHE B 871 -64.81 24.19 70.95
C PHE B 871 -66.30 24.17 70.68
N GLY B 872 -66.74 24.59 69.49
CA GLY B 872 -68.13 24.57 69.12
C GLY B 872 -69.02 25.56 69.86
N PHE B 873 -68.55 26.77 70.09
CA PHE B 873 -69.31 27.69 70.95
C PHE B 873 -70.24 28.59 70.15
N TYR B 874 -70.89 28.03 69.14
CA TYR B 874 -71.87 28.72 68.30
C TYR B 874 -73.06 27.82 68.03
N ASN B 875 -74.19 28.45 67.76
CA ASN B 875 -75.27 27.78 67.05
C ASN B 875 -74.93 27.67 65.58
N PHE B 876 -75.72 26.87 64.85
CA PHE B 876 -75.46 26.66 63.44
C PHE B 876 -75.71 27.93 62.63
N SER B 877 -76.80 28.62 62.95
CA SER B 877 -77.09 29.91 62.33
C SER B 877 -76.05 30.96 62.67
N ASP B 878 -75.35 30.82 63.80
CA ASP B 878 -74.34 31.81 64.18
C ASP B 878 -73.19 31.84 63.19
N LEU B 879 -72.57 30.69 62.91
CA LEU B 879 -71.49 30.69 61.92
C LEU B 879 -72.03 30.84 60.50
N LEU B 880 -73.24 30.36 60.23
CA LEU B 880 -73.80 30.54 58.88
C LEU B 880 -74.12 32.01 58.59
N ARG B 881 -74.43 32.80 59.62
CA ARG B 881 -74.56 34.24 59.40
C ARG B 881 -73.22 34.96 59.50
N LEU B 882 -72.24 34.38 60.20
CA LEU B 882 -70.92 34.97 60.24
C LEU B 882 -70.20 34.84 58.91
N THR B 883 -70.55 33.81 58.12
CA THR B 883 -69.83 33.53 56.87
C THR B 883 -69.99 34.68 55.86
N LYS B 884 -71.18 35.27 55.77
CA LYS B 884 -71.44 36.31 54.76
C LYS B 884 -70.59 37.55 55.02
N ILE B 885 -70.48 37.97 56.28
CA ILE B 885 -69.62 39.09 56.62
C ILE B 885 -68.16 38.69 56.47
N LEU B 886 -67.82 37.45 56.85
CA LEU B 886 -66.43 37.00 56.82
C LEU B 886 -65.87 36.92 55.39
N LEU B 887 -66.69 36.52 54.42
CA LEU B 887 -66.24 36.46 53.04
C LEU B 887 -66.23 37.81 52.35
N ALA B 888 -66.73 38.85 53.00
CA ALA B 888 -66.81 40.18 52.40
C ALA B 888 -65.62 41.05 52.72
N ILE B 889 -64.59 40.51 53.37
CA ILE B 889 -63.30 41.19 53.44
C ILE B 889 -62.46 40.85 52.21
N LEU B 890 -62.61 39.64 51.68
CA LEU B 890 -61.75 39.12 50.63
C LEU B 890 -62.04 39.69 49.25
N ASP B 891 -63.23 40.28 49.04
CA ASP B 891 -63.66 40.73 47.73
C ASP B 891 -63.40 42.22 47.49
N CYS B 892 -62.38 42.79 48.12
CA CYS B 892 -62.09 44.21 47.98
C CYS B 892 -61.20 44.44 46.77
N VAL B 893 -61.78 44.20 45.60
CA VAL B 893 -61.09 44.39 44.32
C VAL B 893 -62.10 44.73 43.23
N PRO B 955 -41.87 38.28 42.00
CA PRO B 955 -42.89 39.04 42.72
C PRO B 955 -42.31 39.80 43.92
N GLU B 956 -42.71 41.05 44.09
CA GLU B 956 -42.24 41.85 45.20
C GLU B 956 -42.84 41.37 46.52
N LYS B 957 -41.98 41.18 47.51
CA LYS B 957 -42.42 40.62 48.79
C LYS B 957 -43.23 41.64 49.58
N GLU B 958 -44.39 41.20 50.08
CA GLU B 958 -45.27 42.01 50.90
C GLU B 958 -45.30 41.36 52.29
N ASP B 959 -45.94 42.04 53.26
CA ASP B 959 -46.00 41.58 54.64
C ASP B 959 -46.64 40.19 54.73
N ILE B 960 -45.97 39.29 55.45
CA ILE B 960 -46.38 37.89 55.51
C ILE B 960 -47.42 37.62 56.58
N MET B 961 -47.73 38.61 57.42
CA MET B 961 -48.67 38.39 58.50
C MET B 961 -50.11 38.54 58.02
N VAL B 962 -50.36 39.42 57.05
CA VAL B 962 -51.66 39.42 56.39
C VAL B 962 -51.83 38.14 55.58
N MET B 963 -50.73 37.57 55.07
CA MET B 963 -50.80 36.25 54.48
C MET B 963 -51.15 35.19 55.52
N ASP B 964 -50.61 35.32 56.73
CA ASP B 964 -50.95 34.40 57.80
C ASP B 964 -52.43 34.49 58.17
N THR B 965 -52.99 35.70 58.23
CA THR B 965 -54.41 35.81 58.55
C THR B 965 -55.28 35.35 57.38
N LYS B 966 -54.77 35.44 56.14
CA LYS B 966 -55.51 34.86 55.02
C LYS B 966 -55.51 33.34 55.07
N LEU B 967 -54.38 32.74 55.48
CA LEU B 967 -54.35 31.30 55.71
C LEU B 967 -55.30 30.91 56.84
N LYS B 968 -55.36 31.75 57.89
CA LYS B 968 -56.22 31.48 59.03
C LYS B 968 -57.69 31.51 58.63
N ILE B 969 -58.08 32.51 57.83
CA ILE B 969 -59.47 32.54 57.36
C ILE B 969 -59.74 31.45 56.33
N ILE B 970 -58.73 30.99 55.58
CA ILE B 970 -58.93 29.84 54.70
C ILE B 970 -59.26 28.59 55.52
N GLU B 971 -58.54 28.34 56.60
CA GLU B 971 -58.84 27.11 57.31
C GLU B 971 -60.05 27.26 58.25
N ILE B 972 -60.45 28.49 58.60
CA ILE B 972 -61.75 28.62 59.27
C ILE B 972 -62.87 28.38 58.26
N LEU B 973 -62.69 28.78 56.99
CA LEU B 973 -63.65 28.43 55.95
C LEU B 973 -63.68 26.93 55.72
N GLN B 974 -62.51 26.28 55.84
CA GLN B 974 -62.44 24.83 55.75
C GLN B 974 -63.24 24.16 56.88
N PHE B 975 -63.15 24.72 58.09
CA PHE B 975 -63.90 24.14 59.19
C PHE B 975 -65.40 24.33 59.02
N ILE B 976 -65.84 25.55 58.69
CA ILE B 976 -67.27 25.87 58.75
C ILE B 976 -68.09 25.09 57.71
N LEU B 977 -67.47 24.64 56.63
CA LEU B 977 -68.18 23.85 55.64
C LEU B 977 -68.23 22.37 56.00
N ASN B 978 -67.46 21.93 56.99
CA ASN B 978 -67.46 20.53 57.39
C ASN B 978 -68.57 20.18 58.36
N VAL B 979 -69.17 21.18 59.01
CA VAL B 979 -70.33 20.92 59.86
C VAL B 979 -71.63 20.99 59.05
N ARG B 980 -71.60 21.64 57.88
CA ARG B 980 -72.75 21.62 56.98
C ARG B 980 -73.00 20.20 56.46
N LEU B 981 -71.94 19.43 56.26
CA LEU B 981 -72.07 18.03 55.88
C LEU B 981 -72.77 17.24 56.98
N ASP B 982 -72.50 17.55 58.25
CA ASP B 982 -73.19 16.89 59.34
C ASP B 982 -74.67 17.24 59.37
N TYR B 983 -74.99 18.51 59.09
CA TYR B 983 -76.38 18.94 58.96
C TYR B 983 -77.10 18.14 57.87
N ARG B 984 -76.46 18.04 56.69
CA ARG B 984 -77.08 17.35 55.57
C ARG B 984 -77.23 15.86 55.85
N ILE B 985 -76.20 15.23 56.42
CA ILE B 985 -76.26 13.79 56.68
C ILE B 985 -77.30 13.47 57.76
N SER B 986 -77.40 14.33 58.79
CA SER B 986 -78.34 14.05 59.87
C SER B 986 -79.78 14.25 59.41
N CYS B 987 -80.06 15.36 58.70
CA CYS B 987 -81.43 15.61 58.27
C CYS B 987 -81.86 14.65 57.17
N LEU B 988 -80.94 14.25 56.28
CA LEU B 988 -81.31 13.30 55.24
C LEU B 988 -81.56 11.92 55.82
N LEU B 989 -80.71 11.46 56.76
CA LEU B 989 -80.97 10.19 57.43
C LEU B 989 -82.27 10.22 58.20
N CYS B 990 -82.56 11.33 58.90
CA CYS B 990 -83.80 11.46 59.64
C CYS B 990 -85.01 11.44 58.73
N ILE B 991 -84.97 12.18 57.61
CA ILE B 991 -86.15 12.22 56.75
C ILE B 991 -86.35 10.89 56.03
N PHE B 992 -85.28 10.19 55.68
CA PHE B 992 -85.47 9.03 54.83
C PHE B 992 -85.61 7.78 55.74
N LYS B 993 -85.49 7.94 57.06
CA LYS B 993 -86.05 6.95 57.98
C LYS B 993 -87.46 7.31 58.46
N ARG B 994 -87.82 8.60 58.42
CA ARG B 994 -89.21 8.99 58.65
C ARG B 994 -90.11 8.44 57.56
N GLU B 995 -89.65 8.54 56.31
CA GLU B 995 -90.37 7.95 55.19
C GLU B 995 -90.37 6.43 55.24
N PHE B 996 -89.45 5.82 56.01
CA PHE B 996 -89.52 4.39 56.27
C PHE B 996 -90.60 4.06 57.30
N ASP B 997 -90.52 4.65 58.49
CA ASP B 997 -91.39 4.21 59.58
C ASP B 997 -92.79 4.81 59.53
N GLU B 998 -93.05 5.80 58.66
CA GLU B 998 -94.41 6.30 58.54
C GLU B 998 -95.30 5.35 57.75
N SER B 999 -94.70 4.49 56.94
CA SER B 999 -95.40 3.40 56.23
C SER B 999 -94.46 2.20 56.28
N ASN B 1000 -94.61 1.37 57.30
CA ASN B 1000 -93.64 0.32 57.59
C ASN B 1000 -94.32 -0.98 57.98
N SER B 1001 -93.59 -2.07 57.78
CA SER B 1001 -93.87 -3.35 58.43
C SER B 1001 -93.10 -3.49 59.73
N GLN B 1002 -92.38 -2.45 60.13
CA GLN B 1002 -91.60 -2.44 61.36
C GLN B 1002 -92.52 -2.48 62.57
N SER B 1003 -92.13 -3.27 63.58
CA SER B 1003 -92.88 -3.36 64.82
C SER B 1003 -92.75 -2.08 65.64
N PRO B 1020 -93.40 -0.44 50.45
CA PRO B 1020 -92.38 -0.26 51.48
C PRO B 1020 -91.40 0.87 51.16
N GLY B 1021 -90.14 0.50 50.89
CA GLY B 1021 -89.11 1.50 50.62
C GLY B 1021 -89.26 2.21 49.30
N ALA B 1022 -89.98 1.61 48.35
CA ALA B 1022 -90.18 2.21 47.03
C ALA B 1022 -91.22 3.32 47.04
N LEU B 1023 -91.91 3.54 48.16
CA LEU B 1023 -92.89 4.63 48.23
C LEU B 1023 -92.20 5.98 48.13
N ASP B 1024 -91.02 6.12 48.73
CA ASP B 1024 -90.25 7.35 48.67
C ASP B 1024 -89.35 7.42 47.44
N PHE B 1025 -89.37 6.39 46.59
CA PHE B 1025 -88.51 6.39 45.41
C PHE B 1025 -88.93 7.44 44.41
N GLU B 1026 -90.21 7.84 44.41
CA GLU B 1026 -90.63 8.96 43.58
C GLU B 1026 -90.58 10.30 44.33
N HIS B 1027 -90.20 10.28 45.62
CA HIS B 1027 -89.83 11.49 46.32
C HIS B 1027 -88.33 11.79 46.26
N ILE B 1028 -87.54 10.91 45.63
CA ILE B 1028 -86.11 11.16 45.49
C ILE B 1028 -85.88 12.34 44.55
N GLU B 1029 -86.71 12.46 43.51
CA GLU B 1029 -86.54 13.51 42.51
C GLU B 1029 -86.87 14.89 43.03
N GLU B 1030 -87.45 15.00 44.24
CA GLU B 1030 -87.73 16.30 44.85
C GLU B 1030 -86.89 16.56 46.10
N GLN B 1031 -86.05 15.62 46.51
CA GLN B 1031 -85.21 15.81 47.69
C GLN B 1031 -83.72 15.74 47.37
N ALA B 1032 -83.30 14.87 46.44
CA ALA B 1032 -81.90 14.73 46.12
C ALA B 1032 -81.37 15.97 45.41
N GLU B 1033 -82.18 16.54 44.51
CA GLU B 1033 -81.87 17.82 43.90
C GLU B 1033 -82.41 19.00 44.70
N GLY B 1034 -83.13 18.73 45.79
CA GLY B 1034 -83.70 19.79 46.61
C GLY B 1034 -82.80 20.20 47.74
N ILE B 1035 -82.03 19.26 48.29
CA ILE B 1035 -81.13 19.57 49.38
C ILE B 1035 -79.75 19.98 48.88
N PHE B 1036 -79.45 19.77 47.60
CA PHE B 1036 -78.17 20.16 47.02
C PHE B 1036 -78.32 21.33 46.06
N GLY B 1037 -79.16 21.19 45.03
CA GLY B 1037 -79.36 22.24 44.05
C GLY B 1037 -80.68 22.97 44.23
N GLY B 1038 -81.53 22.94 43.19
CA GLY B 1038 -82.79 23.63 43.24
C GLY B 1038 -82.61 25.13 43.21
N SER B 1039 -82.17 25.66 42.07
CA SER B 1039 -81.82 27.08 41.96
C SER B 1039 -83.05 27.96 42.14
N GLU B 1040 -82.87 29.03 42.91
CA GLU B 1040 -83.88 30.02 43.26
C GLU B 1040 -85.15 29.39 43.85
N HIS B 1050 -72.41 28.45 52.53
CA HIS B 1050 -73.42 29.00 51.64
C HIS B 1050 -73.10 30.43 51.21
N GLY B 1051 -71.90 30.62 50.69
CA GLY B 1051 -71.55 31.92 50.14
C GLY B 1051 -72.34 32.24 48.87
N GLY B 1052 -72.53 31.24 48.01
CA GLY B 1052 -73.33 31.40 46.82
C GLY B 1052 -72.53 31.56 45.54
N ARG B 1053 -72.90 32.55 44.74
CA ARG B 1053 -72.21 32.81 43.47
C ARG B 1053 -70.85 33.46 43.66
N THR B 1054 -70.60 34.08 44.81
CA THR B 1054 -69.37 34.82 45.07
C THR B 1054 -68.31 33.99 45.78
N PHE B 1055 -68.60 32.71 46.05
CA PHE B 1055 -67.64 31.86 46.74
C PHE B 1055 -66.40 31.61 45.90
N LEU B 1056 -66.59 31.43 44.58
CA LEU B 1056 -65.47 31.08 43.71
C LEU B 1056 -64.56 32.26 43.45
N ARG B 1057 -65.09 33.49 43.50
CA ARG B 1057 -64.34 34.67 43.11
C ARG B 1057 -63.19 34.94 44.08
N VAL B 1058 -63.51 35.05 45.37
CA VAL B 1058 -62.48 35.34 46.37
C VAL B 1058 -61.55 34.14 46.54
N LEU B 1059 -62.07 32.93 46.34
CA LEU B 1059 -61.26 31.73 46.46
C LEU B 1059 -60.22 31.67 45.35
N LEU B 1060 -60.62 31.97 44.11
CA LEU B 1060 -59.66 32.05 43.01
C LEU B 1060 -58.69 33.21 43.20
N HIS B 1061 -59.19 34.34 43.74
CA HIS B 1061 -58.31 35.48 43.99
C HIS B 1061 -57.21 35.15 44.98
N LEU B 1062 -57.52 34.37 46.02
CA LEU B 1062 -56.46 33.86 46.87
C LEU B 1062 -55.66 32.76 46.19
N THR B 1063 -56.26 32.06 45.22
CA THR B 1063 -55.58 30.96 44.55
C THR B 1063 -54.39 31.46 43.72
N MET B 1064 -54.54 32.54 42.95
CA MET B 1064 -53.32 32.95 42.25
C MET B 1064 -52.44 33.89 43.07
N HIS B 1065 -52.72 34.06 44.36
CA HIS B 1065 -51.96 34.96 45.23
C HIS B 1065 -51.07 34.07 46.10
N ASP B 1066 -49.77 34.06 45.79
CA ASP B 1066 -48.90 32.92 46.08
C ASP B 1066 -47.66 33.25 46.92
N TYR B 1067 -47.79 34.04 47.98
CA TYR B 1067 -46.56 34.24 48.75
C TYR B 1067 -46.34 33.10 49.76
N PRO B 1068 -47.29 32.68 50.59
CA PRO B 1068 -47.11 31.44 51.36
C PRO B 1068 -47.78 30.27 50.65
N PRO B 1069 -47.66 29.03 51.21
CA PRO B 1069 -48.36 27.88 50.60
C PRO B 1069 -49.84 27.75 50.93
N LEU B 1070 -50.52 28.85 51.28
CA LEU B 1070 -51.96 28.83 51.58
C LEU B 1070 -52.78 28.32 50.40
N VAL B 1071 -52.25 28.44 49.18
CA VAL B 1071 -52.97 28.06 47.98
C VAL B 1071 -53.15 26.56 47.89
N SER B 1072 -52.34 25.77 48.61
CA SER B 1072 -52.63 24.35 48.74
C SER B 1072 -54.01 24.14 49.36
N GLY B 1073 -54.27 24.81 50.49
CA GLY B 1073 -55.60 24.78 51.08
C GLY B 1073 -56.66 25.42 50.22
N ALA B 1074 -56.29 26.44 49.46
CA ALA B 1074 -57.25 27.08 48.54
C ALA B 1074 -57.73 26.10 47.47
N LEU B 1075 -56.81 25.39 46.83
CA LEU B 1075 -57.19 24.33 45.90
C LEU B 1075 -57.91 23.19 46.61
N GLN B 1076 -57.59 22.94 47.88
CA GLN B 1076 -58.29 21.91 48.63
C GLN B 1076 -59.78 22.22 48.74
N LEU B 1077 -60.13 23.44 49.16
CA LEU B 1077 -61.57 23.69 49.23
C LEU B 1077 -62.17 24.03 47.86
N LEU B 1078 -61.34 24.37 46.86
CA LEU B 1078 -61.85 24.50 45.49
C LEU B 1078 -62.35 23.15 45.01
N PHE B 1079 -61.55 22.10 45.22
CA PHE B 1079 -61.94 20.76 44.79
C PHE B 1079 -63.01 20.18 45.71
N ARG B 1080 -63.02 20.59 46.97
CA ARG B 1080 -64.01 20.10 47.92
C ARG B 1080 -65.38 20.74 47.72
N HIS B 1081 -65.43 21.96 47.17
CA HIS B 1081 -66.73 22.58 46.88
C HIS B 1081 -67.49 21.81 45.82
N PHE B 1082 -66.86 21.56 44.68
CA PHE B 1082 -67.52 20.81 43.62
C PHE B 1082 -67.55 19.32 43.97
N SER B 1083 -68.65 18.68 43.55
CA SER B 1083 -68.92 17.27 43.85
C SER B 1083 -68.91 17.00 45.36
N GLN B 1084 -69.71 17.76 46.10
CA GLN B 1084 -69.95 17.44 47.50
C GLN B 1084 -70.74 16.15 47.66
N ARG B 1085 -71.41 15.72 46.58
CA ARG B 1085 -72.18 14.49 46.61
C ARG B 1085 -71.30 13.26 46.85
N GLN B 1086 -70.08 13.25 46.31
CA GLN B 1086 -69.19 12.11 46.50
C GLN B 1086 -68.87 11.88 47.97
N GLU B 1087 -68.42 12.92 48.67
CA GLU B 1087 -68.09 12.69 50.08
C GLU B 1087 -69.33 12.58 50.96
N VAL B 1088 -70.46 13.20 50.60
CA VAL B 1088 -71.62 13.00 51.46
C VAL B 1088 -72.18 11.58 51.30
N LEU B 1089 -72.12 11.00 50.10
CA LEU B 1089 -72.58 9.62 49.94
C LEU B 1089 -71.61 8.61 50.54
N GLN B 1090 -70.29 8.84 50.45
CA GLN B 1090 -69.40 7.88 51.14
C GLN B 1090 -69.49 8.05 52.65
N ALA B 1091 -69.80 9.26 53.12
CA ALA B 1091 -70.11 9.47 54.53
C ALA B 1091 -71.39 8.76 54.93
N PHE B 1092 -72.40 8.72 54.05
CA PHE B 1092 -73.58 7.89 54.29
C PHE B 1092 -73.20 6.42 54.41
N LYS B 1093 -72.36 5.93 53.50
CA LYS B 1093 -72.02 4.52 53.48
C LYS B 1093 -71.17 4.11 54.68
N GLN B 1094 -70.46 5.06 55.28
CA GLN B 1094 -69.61 4.75 56.43
C GLN B 1094 -70.21 5.21 57.76
N VAL B 1095 -71.29 5.99 57.75
CA VAL B 1095 -71.60 6.82 58.93
C VAL B 1095 -72.31 6.01 60.01
N GLN B 1096 -73.18 5.09 59.66
CA GLN B 1096 -74.16 4.62 60.61
C GLN B 1096 -73.79 3.24 61.11
N LEU B 1097 -73.56 3.16 62.43
CA LEU B 1097 -73.15 1.94 63.12
C LEU B 1097 -74.05 1.74 64.34
N LEU B 1098 -75.36 1.76 64.09
CA LEU B 1098 -76.36 1.72 65.16
C LEU B 1098 -76.26 0.44 65.97
N VAL B 1099 -76.35 0.58 67.29
CA VAL B 1099 -76.36 -0.54 68.20
C VAL B 1099 -77.66 -0.47 69.00
N THR B 1100 -78.35 -1.60 69.11
CA THR B 1100 -79.58 -1.66 69.91
C THR B 1100 -79.29 -1.37 71.37
N SER B 1101 -78.22 -1.93 71.91
CA SER B 1101 -77.76 -1.54 73.23
C SER B 1101 -77.21 -0.12 73.18
N GLN B 1102 -77.57 0.70 74.17
CA GLN B 1102 -77.14 2.09 74.22
C GLN B 1102 -75.76 2.13 74.89
N ASP B 1103 -74.76 1.64 74.16
CA ASP B 1103 -73.40 1.56 74.67
C ASP B 1103 -72.46 2.12 73.62
N VAL B 1104 -71.72 3.17 73.98
CA VAL B 1104 -70.77 3.79 73.07
C VAL B 1104 -69.32 3.52 73.47
N ASP B 1105 -69.05 3.32 74.76
CA ASP B 1105 -67.68 3.14 75.24
C ASP B 1105 -67.09 1.82 74.73
N ASN B 1106 -67.93 0.80 74.53
CA ASN B 1106 -67.42 -0.45 73.99
C ASN B 1106 -67.02 -0.33 72.53
N TYR B 1107 -67.79 0.41 71.73
CA TYR B 1107 -67.40 0.65 70.35
C TYR B 1107 -66.21 1.60 70.27
N LYS B 1108 -66.17 2.61 71.15
CA LYS B 1108 -65.12 3.62 71.10
C LYS B 1108 -63.75 3.02 71.39
N GLN B 1109 -63.69 1.95 72.18
CA GLN B 1109 -62.44 1.23 72.36
C GLN B 1109 -61.99 0.58 71.04
N ILE B 1110 -62.92 0.01 70.29
CA ILE B 1110 -62.58 -0.59 69.00
C ILE B 1110 -62.12 0.46 68.01
N LYS B 1111 -62.80 1.63 67.99
CA LYS B 1111 -62.37 2.72 67.12
C LYS B 1111 -61.00 3.24 67.51
N GLN B 1112 -60.72 3.33 68.82
CA GLN B 1112 -59.43 3.81 69.28
C GLN B 1112 -58.32 2.81 68.97
N ASP B 1113 -58.61 1.51 69.12
CA ASP B 1113 -57.59 0.49 68.87
C ASP B 1113 -57.29 0.32 67.39
N LEU B 1114 -58.34 0.22 66.56
CA LEU B 1114 -58.13 -0.07 65.14
C LEU B 1114 -57.49 1.10 64.41
N ASP B 1115 -57.77 2.33 64.84
CA ASP B 1115 -57.07 3.48 64.30
C ASP B 1115 -55.64 3.59 64.83
N GLN B 1116 -55.35 2.99 65.99
CA GLN B 1116 -53.99 3.01 66.50
C GLN B 1116 -53.08 2.05 65.72
N LEU B 1117 -53.64 0.97 65.17
CA LEU B 1117 -52.87 0.02 64.38
C LEU B 1117 -52.43 0.58 63.04
N ARG B 1118 -52.93 1.76 62.64
CA ARG B 1118 -52.46 2.39 61.41
C ARG B 1118 -50.99 2.74 61.49
N SER B 1119 -50.48 3.03 62.68
CA SER B 1119 -49.04 3.28 62.86
C SER B 1119 -48.22 2.01 62.82
N ILE B 1120 -48.85 0.83 62.85
CA ILE B 1120 -48.13 -0.44 62.83
C ILE B 1120 -48.54 -1.10 61.51
N VAL B 1121 -48.80 -0.27 60.50
CA VAL B 1121 -49.08 -0.75 59.15
C VAL B 1121 -47.84 -0.60 58.25
N GLU B 1122 -47.22 0.57 58.26
CA GLU B 1122 -46.05 0.82 57.42
C GLU B 1122 -44.73 0.50 58.14
N LYS B 1123 -44.75 0.32 59.45
CA LYS B 1123 -43.54 0.05 60.21
C LYS B 1123 -43.88 -0.82 61.41
N SER B 1124 -42.87 -1.51 61.93
CA SER B 1124 -43.01 -2.32 63.13
C SER B 1124 -42.03 -1.94 64.23
N GLU B 1125 -40.90 -1.33 63.89
CA GLU B 1125 -39.92 -0.93 64.89
C GLU B 1125 -39.65 0.57 64.80
N SER B 1165 -38.93 0.98 69.34
CA SER B 1165 -39.61 -0.31 69.39
C SER B 1165 -40.80 -0.26 70.34
N TYR B 1166 -41.56 0.83 70.27
CA TYR B 1166 -42.75 0.98 71.11
C TYR B 1166 -43.86 0.04 70.67
N ASN B 1167 -43.86 -0.36 69.39
CA ASN B 1167 -44.95 -1.17 68.86
C ASN B 1167 -45.03 -2.56 69.49
N TYR B 1168 -43.88 -3.15 69.82
CA TYR B 1168 -43.87 -4.50 70.39
C TYR B 1168 -44.40 -4.51 71.81
N ARG B 1169 -44.22 -3.41 72.55
CA ARG B 1169 -44.74 -3.32 73.91
C ARG B 1169 -46.25 -3.09 73.97
N VAL B 1170 -46.89 -2.84 72.83
CA VAL B 1170 -48.32 -2.53 72.82
C VAL B 1170 -49.13 -3.44 71.91
N VAL B 1171 -48.53 -4.10 70.91
CA VAL B 1171 -49.32 -4.89 69.96
C VAL B 1171 -49.88 -6.15 70.64
N LYS B 1172 -49.08 -6.79 71.51
CA LYS B 1172 -49.54 -7.97 72.22
C LYS B 1172 -50.70 -7.61 73.15
N GLU B 1173 -50.58 -6.50 73.86
CA GLU B 1173 -51.62 -6.07 74.79
C GLU B 1173 -52.89 -5.65 74.04
N ILE B 1174 -52.74 -5.04 72.85
CA ILE B 1174 -53.92 -4.55 72.15
C ILE B 1174 -54.65 -5.71 71.45
N LEU B 1175 -53.93 -6.73 70.98
CA LEU B 1175 -54.61 -7.93 70.52
C LEU B 1175 -55.25 -8.70 71.67
N ILE B 1176 -54.63 -8.68 72.86
CA ILE B 1176 -55.28 -9.27 74.03
C ILE B 1176 -56.59 -8.55 74.34
N ARG B 1177 -56.56 -7.21 74.34
CA ARG B 1177 -57.76 -6.42 74.63
C ARG B 1177 -58.85 -6.64 73.60
N LEU B 1178 -58.49 -6.60 72.31
CA LEU B 1178 -59.50 -6.72 71.28
C LEU B 1178 -60.05 -8.15 71.21
N SER B 1179 -59.19 -9.15 71.51
CA SER B 1179 -59.65 -10.53 71.56
C SER B 1179 -60.58 -10.77 72.74
N LYS B 1180 -60.27 -10.22 73.93
CA LYS B 1180 -61.13 -10.44 75.08
C LYS B 1180 -62.45 -9.67 74.94
N LEU B 1181 -62.44 -8.53 74.25
CA LEU B 1181 -63.69 -7.86 73.95
C LEU B 1181 -64.48 -8.58 72.87
N CYS B 1182 -63.81 -9.29 71.96
CA CYS B 1182 -64.50 -10.09 70.96
C CYS B 1182 -65.09 -11.37 71.54
N VAL B 1183 -64.45 -11.95 72.56
CA VAL B 1183 -64.85 -13.25 73.09
C VAL B 1183 -65.76 -13.07 74.32
N GLN B 1184 -66.35 -11.89 74.49
CA GLN B 1184 -67.18 -11.60 75.65
C GLN B 1184 -68.43 -12.47 75.67
N GLU B 1185 -68.93 -12.71 76.90
CA GLU B 1185 -70.09 -13.56 77.17
C GLU B 1185 -69.92 -14.96 76.59
N SER B 1186 -68.75 -15.57 76.87
CA SER B 1186 -68.47 -16.90 76.36
C SER B 1186 -69.31 -17.96 77.05
N ALA B 1187 -69.73 -17.71 78.29
CA ALA B 1187 -70.61 -18.63 78.99
C ALA B 1187 -72.05 -18.55 78.48
N SER B 1188 -72.37 -17.53 77.69
CA SER B 1188 -73.71 -17.37 77.13
C SER B 1188 -73.82 -18.21 75.85
N VAL B 1189 -74.90 -17.99 75.09
CA VAL B 1189 -75.12 -18.77 73.88
C VAL B 1189 -74.23 -18.30 72.73
N ARG B 1190 -73.57 -17.15 72.87
CA ARG B 1190 -72.64 -16.57 71.90
C ARG B 1190 -73.31 -16.28 70.56
N LYS B 1191 -74.65 -16.14 70.55
CA LYS B 1191 -75.36 -15.79 69.33
C LYS B 1191 -75.64 -14.29 69.26
N SER B 1192 -76.35 -13.77 70.25
CA SER B 1192 -76.73 -12.36 70.23
C SER B 1192 -75.59 -11.47 70.68
N ARG B 1193 -74.89 -11.86 71.75
CA ARG B 1193 -73.85 -11.00 72.32
C ARG B 1193 -72.58 -10.99 71.48
N LYS B 1194 -72.31 -12.07 70.74
CA LYS B 1194 -71.18 -12.05 69.81
C LYS B 1194 -71.49 -11.21 68.58
N GLN B 1195 -72.71 -11.32 68.06
CA GLN B 1195 -73.07 -10.64 66.81
C GLN B 1195 -73.15 -9.13 67.00
N GLN B 1196 -73.51 -8.67 68.18
CA GLN B 1196 -73.75 -7.24 68.41
C GLN B 1196 -72.49 -6.40 68.44
N GLN B 1197 -71.31 -7.01 68.28
CA GLN B 1197 -70.15 -6.32 67.73
C GLN B 1197 -69.48 -7.05 66.57
N ARG B 1198 -69.86 -8.31 66.31
CA ARG B 1198 -69.33 -9.02 65.15
C ARG B 1198 -69.77 -8.36 63.86
N LEU B 1199 -71.03 -7.92 63.81
CA LEU B 1199 -71.46 -7.00 62.75
C LEU B 1199 -70.62 -5.73 62.74
N LEU B 1200 -70.38 -5.16 63.92
CA LEU B 1200 -69.67 -3.90 64.05
C LEU B 1200 -68.19 -4.02 63.70
N ARG B 1201 -67.61 -5.21 63.78
CA ARG B 1201 -66.20 -5.38 63.43
C ARG B 1201 -66.00 -5.97 62.04
N ASN B 1202 -67.06 -6.12 61.24
CA ASN B 1202 -66.85 -6.37 59.82
C ASN B 1202 -66.30 -5.14 59.12
N MET B 1203 -66.57 -3.95 59.67
CA MET B 1203 -66.12 -2.70 59.06
C MET B 1203 -64.84 -2.23 59.75
N GLY B 1204 -63.78 -3.03 59.58
CA GLY B 1204 -62.47 -2.55 59.95
C GLY B 1204 -61.55 -3.48 60.73
N ALA B 1205 -62.03 -4.66 61.15
CA ALA B 1205 -61.20 -5.54 61.96
C ALA B 1205 -60.61 -6.72 61.18
N HIS B 1206 -61.12 -7.01 59.98
CA HIS B 1206 -60.55 -8.06 59.15
C HIS B 1206 -59.47 -7.56 58.21
N ALA B 1207 -59.49 -6.26 57.89
CA ALA B 1207 -58.49 -5.64 57.03
C ALA B 1207 -57.41 -4.93 57.84
N VAL B 1208 -57.14 -5.41 59.05
CA VAL B 1208 -56.08 -4.86 59.89
C VAL B 1208 -55.14 -5.99 60.30
N VAL B 1209 -55.70 -7.08 60.81
CA VAL B 1209 -54.88 -8.16 61.34
C VAL B 1209 -54.35 -9.05 60.23
N LEU B 1210 -55.01 -9.08 59.07
CA LEU B 1210 -54.61 -10.02 58.03
C LEU B 1210 -53.35 -9.53 57.30
N GLU B 1211 -53.24 -8.23 57.02
CA GLU B 1211 -52.01 -7.71 56.44
C GLU B 1211 -50.92 -7.56 57.48
N LEU B 1212 -51.27 -7.56 58.77
CA LEU B 1212 -50.26 -7.69 59.81
C LEU B 1212 -49.63 -9.07 59.76
N LEU B 1213 -50.41 -10.09 59.40
CA LEU B 1213 -49.90 -11.45 59.25
C LEU B 1213 -48.95 -11.58 58.07
N GLN B 1214 -49.01 -10.65 57.11
CA GLN B 1214 -48.04 -10.64 56.01
C GLN B 1214 -46.62 -10.40 56.54
N ILE B 1215 -46.48 -9.45 57.47
CA ILE B 1215 -45.30 -9.10 58.26
C ILE B 1215 -44.00 -9.10 57.44
N PRO B 1216 -43.77 -8.05 56.64
CA PRO B 1216 -42.54 -8.00 55.83
C PRO B 1216 -41.25 -8.04 56.65
N TYR B 1217 -41.27 -7.59 57.89
CA TYR B 1217 -40.13 -7.75 58.79
C TYR B 1217 -40.10 -9.19 59.28
N GLU B 1218 -39.30 -10.03 58.62
CA GLU B 1218 -39.27 -11.47 58.88
C GLU B 1218 -37.92 -11.87 59.47
N LYS B 1219 -37.96 -12.48 60.66
CA LYS B 1219 -36.80 -13.16 61.25
C LYS B 1219 -37.22 -14.59 61.56
N ALA B 1220 -36.45 -15.55 61.06
CA ALA B 1220 -36.82 -16.96 61.14
C ALA B 1220 -36.47 -17.60 62.47
N GLU B 1221 -35.79 -16.88 63.35
CA GLU B 1221 -35.41 -17.42 64.65
C GLU B 1221 -36.56 -17.27 65.65
N ASP B 1222 -36.44 -17.96 66.77
CA ASP B 1222 -37.42 -17.86 67.86
C ASP B 1222 -37.22 -16.52 68.56
N THR B 1223 -38.07 -15.55 68.22
CA THR B 1223 -37.91 -14.18 68.69
C THR B 1223 -39.19 -13.71 69.38
N LYS B 1224 -39.28 -12.40 69.62
CA LYS B 1224 -40.42 -11.81 70.32
C LYS B 1224 -41.65 -11.64 69.42
N MET B 1225 -41.57 -12.02 68.14
CA MET B 1225 -42.74 -12.01 67.28
C MET B 1225 -43.42 -13.37 67.16
N GLN B 1226 -42.89 -14.40 67.83
CA GLN B 1226 -43.48 -15.72 67.74
C GLN B 1226 -44.80 -15.81 68.50
N GLU B 1227 -44.96 -15.04 69.58
CA GLU B 1227 -46.22 -15.02 70.31
C GLU B 1227 -47.25 -14.08 69.70
N ILE B 1228 -46.83 -13.18 68.81
CA ILE B 1228 -47.78 -12.26 68.18
C ILE B 1228 -48.71 -12.99 67.23
N MET B 1229 -48.14 -13.87 66.40
CA MET B 1229 -48.92 -14.50 65.35
C MET B 1229 -49.79 -15.63 65.88
N ARG B 1230 -49.40 -16.26 66.98
CA ARG B 1230 -50.26 -17.26 67.60
C ARG B 1230 -51.51 -16.60 68.19
N LEU B 1231 -51.38 -15.39 68.74
CA LEU B 1231 -52.56 -14.63 69.17
C LEU B 1231 -53.41 -14.20 67.98
N ALA B 1232 -52.77 -13.88 66.85
CA ALA B 1232 -53.51 -13.54 65.64
C ALA B 1232 -54.31 -14.74 65.13
N HIS B 1233 -53.72 -15.93 65.16
CA HIS B 1233 -54.44 -17.13 64.76
C HIS B 1233 -55.54 -17.47 65.77
N GLU B 1234 -55.29 -17.23 67.06
CA GLU B 1234 -56.32 -17.43 68.08
C GLU B 1234 -57.50 -16.51 67.82
N PHE B 1235 -57.24 -15.25 67.47
CA PHE B 1235 -58.29 -14.34 67.07
C PHE B 1235 -59.02 -14.82 65.82
N LEU B 1236 -58.27 -15.32 64.84
CA LEU B 1236 -58.88 -15.79 63.59
C LEU B 1236 -59.77 -17.00 63.82
N GLN B 1237 -59.47 -17.81 64.85
CA GLN B 1237 -60.47 -18.77 65.32
C GLN B 1237 -61.64 -18.05 65.99
N ASN B 1238 -61.38 -17.14 66.92
CA ASN B 1238 -62.45 -16.57 67.74
C ASN B 1238 -63.28 -15.54 67.00
N PHE B 1239 -62.68 -14.77 66.08
CA PHE B 1239 -63.47 -13.80 65.32
C PHE B 1239 -64.43 -14.50 64.37
N CYS B 1240 -63.97 -15.54 63.68
CA CYS B 1240 -64.78 -16.21 62.68
C CYS B 1240 -65.39 -17.51 63.23
N ALA B 1241 -65.70 -17.53 64.53
CA ALA B 1241 -66.45 -18.60 65.15
C ALA B 1241 -67.95 -18.32 65.20
N GLY B 1242 -68.44 -17.49 64.30
CA GLY B 1242 -69.85 -17.12 64.27
C GLY B 1242 -70.63 -17.86 63.20
N ASN B 1243 -70.85 -17.19 62.07
CA ASN B 1243 -71.66 -17.74 61.00
C ASN B 1243 -70.90 -17.56 59.68
N GLN B 1244 -71.60 -17.73 58.56
CA GLN B 1244 -70.97 -17.77 57.25
C GLN B 1244 -70.66 -16.39 56.68
N GLN B 1245 -71.06 -15.31 57.35
CA GLN B 1245 -70.81 -13.95 56.89
C GLN B 1245 -69.31 -13.66 56.79
N ASN B 1246 -68.61 -13.68 57.93
CA ASN B 1246 -67.18 -13.45 57.92
C ASN B 1246 -66.41 -14.62 57.31
N GLN B 1247 -67.00 -15.82 57.29
CA GLN B 1247 -66.40 -16.94 56.53
C GLN B 1247 -66.29 -16.60 55.05
N ALA B 1248 -67.40 -16.16 54.45
CA ALA B 1248 -67.36 -15.76 53.04
C ALA B 1248 -66.57 -14.48 52.85
N LEU B 1249 -66.49 -13.64 53.88
CA LEU B 1249 -65.70 -12.42 53.78
C LEU B 1249 -64.21 -12.73 53.67
N LEU B 1250 -63.70 -13.64 54.49
CA LEU B 1250 -62.26 -13.95 54.45
C LEU B 1250 -61.92 -15.14 53.57
N HIS B 1251 -62.91 -15.80 52.95
CA HIS B 1251 -62.61 -16.95 52.10
C HIS B 1251 -61.90 -16.57 50.82
N LYS B 1252 -62.05 -15.33 50.35
CA LYS B 1252 -61.40 -14.91 49.11
C LYS B 1252 -59.94 -14.52 49.31
N HIS B 1253 -59.48 -14.39 50.55
CA HIS B 1253 -58.06 -14.17 50.85
C HIS B 1253 -57.40 -15.46 51.31
N ILE B 1254 -57.85 -16.61 50.81
CA ILE B 1254 -57.31 -17.90 51.20
C ILE B 1254 -55.97 -18.20 50.52
N ASN B 1255 -55.56 -17.39 49.55
CA ASN B 1255 -54.34 -17.63 48.79
C ASN B 1255 -53.08 -17.18 49.51
N LEU B 1256 -53.20 -16.56 50.69
CA LEU B 1256 -52.04 -16.17 51.47
C LEU B 1256 -51.77 -17.11 52.63
N PHE B 1257 -52.51 -18.22 52.74
CA PHE B 1257 -52.23 -19.26 53.72
C PHE B 1257 -51.83 -20.50 52.92
N LEU B 1258 -50.57 -20.56 52.52
CA LEU B 1258 -50.12 -21.63 51.64
C LEU B 1258 -49.02 -22.50 52.22
N ASN B 1259 -47.90 -21.90 52.66
CA ASN B 1259 -46.68 -22.69 52.84
C ASN B 1259 -46.52 -23.49 54.14
N PRO B 1260 -46.80 -22.94 55.39
CA PRO B 1260 -46.27 -23.63 56.58
C PRO B 1260 -46.93 -24.97 56.89
N GLY B 1261 -48.26 -25.03 56.94
CA GLY B 1261 -48.96 -26.26 57.22
C GLY B 1261 -48.87 -26.75 58.64
N ILE B 1262 -48.25 -25.99 59.54
CA ILE B 1262 -48.10 -26.39 60.94
C ILE B 1262 -48.82 -25.43 61.87
N LEU B 1263 -48.78 -24.13 61.57
CA LEU B 1263 -49.46 -23.12 62.38
C LEU B 1263 -50.63 -22.46 61.67
N GLU B 1264 -50.53 -22.22 60.35
CA GLU B 1264 -51.64 -21.71 59.58
C GLU B 1264 -52.64 -22.80 59.19
N ALA B 1265 -52.29 -24.07 59.41
CA ALA B 1265 -53.18 -25.16 59.02
C ALA B 1265 -54.40 -25.25 59.93
N VAL B 1266 -54.23 -24.98 61.23
CA VAL B 1266 -55.35 -25.03 62.17
C VAL B 1266 -56.36 -23.93 61.89
N THR B 1267 -55.93 -22.84 61.23
CA THR B 1267 -56.86 -21.81 60.79
C THR B 1267 -57.89 -22.38 59.82
N MET B 1268 -57.44 -23.07 58.77
CA MET B 1268 -58.37 -23.69 57.84
C MET B 1268 -59.13 -24.85 58.47
N GLN B 1269 -58.59 -25.44 59.54
CA GLN B 1269 -59.38 -26.41 60.30
C GLN B 1269 -60.57 -25.73 60.97
N HIS B 1270 -60.38 -24.52 61.49
CA HIS B 1270 -61.46 -23.77 62.13
C HIS B 1270 -62.00 -22.66 61.25
N ILE B 1271 -61.92 -22.81 59.92
CA ILE B 1271 -62.68 -22.01 58.98
C ILE B 1271 -63.76 -22.84 58.29
N PHE B 1272 -63.40 -24.03 57.81
CA PHE B 1272 -64.34 -24.94 57.16
C PHE B 1272 -64.93 -25.91 58.18
N MET B 1273 -65.60 -25.37 59.19
CA MET B 1273 -66.04 -26.22 60.29
C MET B 1273 -67.34 -26.97 59.98
N ASN B 1274 -68.40 -26.27 59.56
CA ASN B 1274 -69.66 -26.94 59.29
C ASN B 1274 -70.42 -26.36 58.10
N ASN B 1275 -69.87 -25.37 57.39
CA ASN B 1275 -70.63 -24.68 56.36
C ASN B 1275 -70.81 -25.56 55.12
N PHE B 1276 -71.92 -25.33 54.43
CA PHE B 1276 -72.31 -26.10 53.25
C PHE B 1276 -72.08 -25.36 51.94
N GLN B 1277 -72.39 -24.07 51.89
CA GLN B 1277 -72.29 -23.28 50.67
C GLN B 1277 -70.87 -22.84 50.37
N LEU B 1278 -69.92 -23.12 51.26
CA LEU B 1278 -68.51 -22.82 51.04
C LEU B 1278 -67.64 -24.06 50.86
N CYS B 1279 -68.09 -25.21 51.35
CA CYS B 1279 -67.31 -26.45 51.30
C CYS B 1279 -67.62 -27.31 50.09
N SER B 1280 -68.01 -26.71 48.97
CA SER B 1280 -68.31 -27.48 47.77
C SER B 1280 -67.80 -26.85 46.48
N GLU B 1281 -67.15 -25.68 46.53
CA GLU B 1281 -66.70 -24.99 45.33
C GLU B 1281 -65.19 -24.83 45.27
N ILE B 1282 -64.46 -25.61 46.05
CA ILE B 1282 -63.01 -25.47 46.12
C ILE B 1282 -62.40 -26.06 44.85
N ASN B 1283 -61.69 -25.22 44.10
CA ASN B 1283 -60.99 -25.68 42.91
C ASN B 1283 -59.70 -26.40 43.31
N GLU B 1284 -59.14 -27.15 42.36
CA GLU B 1284 -57.99 -28.02 42.61
C GLU B 1284 -56.69 -27.21 42.57
N ARG B 1285 -56.53 -26.35 43.57
CA ARG B 1285 -55.31 -25.57 43.72
C ARG B 1285 -54.79 -25.42 45.15
N VAL B 1286 -55.49 -25.93 46.16
CA VAL B 1286 -55.03 -25.88 47.54
C VAL B 1286 -54.97 -27.26 48.17
N VAL B 1287 -56.02 -28.06 47.98
CA VAL B 1287 -56.10 -29.35 48.67
C VAL B 1287 -55.05 -30.33 48.13
N GLN B 1288 -54.76 -30.28 46.82
CA GLN B 1288 -53.68 -31.11 46.29
C GLN B 1288 -52.31 -30.58 46.70
N HIS B 1289 -52.20 -29.26 46.87
CA HIS B 1289 -50.97 -28.70 47.43
C HIS B 1289 -50.73 -29.22 48.84
N PHE B 1290 -51.79 -29.34 49.63
CA PHE B 1290 -51.66 -29.94 50.96
C PHE B 1290 -51.41 -31.44 50.90
N VAL B 1291 -51.90 -32.12 49.86
CA VAL B 1291 -51.57 -33.53 49.67
C VAL B 1291 -50.07 -33.70 49.43
N HIS B 1292 -49.50 -32.86 48.56
CA HIS B 1292 -48.06 -32.89 48.37
C HIS B 1292 -47.30 -32.36 49.59
N CYS B 1293 -47.95 -31.54 50.41
CA CYS B 1293 -47.36 -31.08 51.66
C CYS B 1293 -47.38 -32.13 52.76
N ILE B 1294 -48.21 -33.17 52.63
CA ILE B 1294 -48.11 -34.32 53.53
C ILE B 1294 -46.75 -34.98 53.38
N GLU B 1295 -46.33 -35.21 52.14
CA GLU B 1295 -44.95 -35.58 51.88
C GLU B 1295 -44.05 -34.36 52.00
N THR B 1296 -42.75 -34.60 52.00
CA THR B 1296 -41.66 -33.63 51.98
C THR B 1296 -41.67 -32.66 53.17
N HIS B 1297 -42.50 -32.89 54.19
CA HIS B 1297 -42.47 -32.08 55.39
C HIS B 1297 -42.60 -32.88 56.66
N GLY B 1298 -43.16 -34.08 56.61
CA GLY B 1298 -43.45 -34.87 57.78
C GLY B 1298 -44.93 -35.05 57.97
N ARG B 1299 -45.31 -36.23 58.47
CA ARG B 1299 -46.71 -36.59 58.67
C ARG B 1299 -47.13 -36.13 60.06
N ASN B 1300 -47.99 -35.11 60.10
CA ASN B 1300 -48.39 -34.48 61.36
C ASN B 1300 -49.69 -35.09 61.85
N VAL B 1301 -49.68 -35.58 63.09
CA VAL B 1301 -50.91 -36.06 63.71
C VAL B 1301 -51.88 -34.90 63.94
N GLN B 1302 -51.34 -33.73 64.27
CA GLN B 1302 -52.17 -32.55 64.50
C GLN B 1302 -52.89 -32.12 63.22
N TYR B 1303 -52.24 -32.29 62.07
CA TYR B 1303 -52.83 -31.86 60.80
C TYR B 1303 -53.92 -32.79 60.30
N ILE B 1304 -53.72 -34.11 60.39
CA ILE B 1304 -54.45 -35.07 59.55
C ILE B 1304 -55.93 -35.21 59.91
N LYS B 1305 -56.40 -34.47 60.92
CA LYS B 1305 -57.83 -34.38 61.16
C LYS B 1305 -58.51 -33.33 60.29
N PHE B 1306 -57.76 -32.63 59.45
CA PHE B 1306 -58.34 -31.69 58.50
C PHE B 1306 -59.06 -32.41 57.35
N LEU B 1307 -58.59 -33.60 56.98
CA LEU B 1307 -58.97 -34.20 55.70
C LEU B 1307 -60.43 -34.65 55.64
N GLN B 1308 -61.15 -34.65 56.77
CA GLN B 1308 -62.59 -34.90 56.75
C GLN B 1308 -63.42 -33.62 56.88
N THR B 1309 -62.82 -32.52 57.33
CA THR B 1309 -63.59 -31.30 57.53
C THR B 1309 -63.92 -30.62 56.22
N ILE B 1310 -62.96 -30.54 55.29
CA ILE B 1310 -63.17 -29.80 54.05
C ILE B 1310 -64.14 -30.55 53.13
N VAL B 1311 -64.13 -31.87 53.16
CA VAL B 1311 -64.88 -32.67 52.20
C VAL B 1311 -66.28 -32.92 52.71
N LYS B 1312 -66.39 -33.50 53.90
CA LYS B 1312 -67.67 -33.99 54.41
C LYS B 1312 -68.27 -32.98 55.37
N ALA B 1313 -69.38 -32.38 54.97
CA ALA B 1313 -70.23 -31.68 55.92
C ALA B 1313 -71.08 -32.69 56.68
N GLU B 1314 -71.69 -32.23 57.77
CA GLU B 1314 -72.51 -33.13 58.57
C GLU B 1314 -73.81 -33.45 57.83
N GLY B 1315 -74.23 -34.71 57.92
CA GLY B 1315 -75.44 -35.15 57.24
C GLY B 1315 -75.25 -35.45 55.77
N LYS B 1316 -74.76 -34.47 55.00
CA LYS B 1316 -74.64 -34.58 53.56
C LYS B 1316 -73.20 -34.87 53.17
N PHE B 1317 -73.02 -35.86 52.29
CA PHE B 1317 -71.71 -36.21 51.74
C PHE B 1317 -71.82 -36.18 50.22
N ILE B 1318 -71.12 -35.22 49.59
CA ILE B 1318 -71.20 -35.07 48.16
C ILE B 1318 -70.29 -36.08 47.46
N LYS B 1319 -70.64 -36.39 46.21
CA LYS B 1319 -70.01 -37.50 45.50
C LYS B 1319 -68.73 -37.08 44.77
N LYS B 1320 -68.73 -35.87 44.19
CA LYS B 1320 -67.60 -35.44 43.37
C LYS B 1320 -66.34 -35.20 44.21
N CYS B 1321 -66.51 -34.57 45.39
CA CYS B 1321 -65.35 -34.31 46.25
C CYS B 1321 -64.75 -35.60 46.78
N GLN B 1322 -65.61 -36.57 47.14
CA GLN B 1322 -65.11 -37.87 47.58
C GLN B 1322 -64.37 -38.59 46.46
N ASP B 1323 -64.86 -38.47 45.23
CA ASP B 1323 -64.20 -39.07 44.08
C ASP B 1323 -62.83 -38.43 43.84
N MET B 1324 -62.72 -37.11 43.97
CA MET B 1324 -61.45 -36.46 43.70
C MET B 1324 -60.49 -36.48 44.88
N VAL B 1325 -60.95 -36.86 46.07
CA VAL B 1325 -60.00 -37.14 47.15
C VAL B 1325 -59.66 -38.62 47.26
N MET B 1326 -60.43 -39.50 46.64
CA MET B 1326 -60.07 -40.92 46.66
C MET B 1326 -58.90 -41.21 45.72
N ALA B 1327 -58.90 -40.59 44.54
CA ALA B 1327 -57.90 -40.91 43.52
C ALA B 1327 -56.51 -40.37 43.86
N GLU B 1328 -56.45 -39.25 44.60
CA GLU B 1328 -55.15 -38.67 44.92
C GLU B 1328 -54.39 -39.51 45.94
N LEU B 1329 -55.10 -40.22 46.82
CA LEU B 1329 -54.43 -41.06 47.81
C LEU B 1329 -53.68 -42.21 47.14
N VAL B 1330 -54.29 -42.81 46.11
CA VAL B 1330 -53.59 -43.85 45.35
C VAL B 1330 -52.48 -43.24 44.51
N ASN B 1331 -52.73 -42.07 43.93
CA ASN B 1331 -51.75 -41.46 43.02
C ASN B 1331 -50.51 -40.99 43.75
N SER B 1332 -50.67 -40.38 44.94
CA SER B 1332 -49.51 -39.87 45.67
C SER B 1332 -48.68 -41.00 46.25
N GLY B 1333 -49.32 -42.01 46.82
CA GLY B 1333 -48.62 -43.20 47.30
C GLY B 1333 -47.94 -43.12 48.65
N GLU B 1334 -47.22 -42.03 48.93
CA GLU B 1334 -46.47 -41.88 50.16
C GLU B 1334 -47.25 -41.15 51.25
N ASP B 1335 -48.57 -41.30 51.26
CA ASP B 1335 -49.40 -40.68 52.29
C ASP B 1335 -49.28 -41.46 53.61
N VAL B 1336 -50.07 -41.03 54.59
CA VAL B 1336 -50.06 -41.69 55.89
C VAL B 1336 -50.79 -43.03 55.75
N LEU B 1337 -50.01 -44.10 55.67
CA LEU B 1337 -50.56 -45.45 55.48
C LEU B 1337 -50.78 -46.11 56.84
N VAL B 1338 -51.78 -46.99 56.90
CA VAL B 1338 -52.06 -47.71 58.14
C VAL B 1338 -51.22 -48.98 58.23
N PHE B 1339 -50.54 -49.35 57.15
CA PHE B 1339 -49.78 -50.62 57.09
C PHE B 1339 -48.52 -50.50 57.93
N TYR B 1340 -48.58 -50.99 59.16
CA TYR B 1340 -47.48 -51.03 60.11
C TYR B 1340 -47.32 -52.45 60.65
N ASN B 1341 -47.17 -53.41 59.73
CA ASN B 1341 -47.40 -54.84 59.92
C ASN B 1341 -46.83 -55.46 61.18
N ASP B 1342 -47.42 -56.59 61.60
CA ASP B 1342 -47.58 -57.08 62.97
C ASP B 1342 -46.44 -56.79 63.94
N ARG B 1343 -45.19 -56.91 63.49
CA ARG B 1343 -44.06 -56.62 64.36
C ARG B 1343 -44.03 -55.17 64.81
N ALA B 1344 -44.52 -54.25 63.98
CA ALA B 1344 -44.40 -52.82 64.29
C ALA B 1344 -45.59 -52.28 65.08
N SER B 1345 -46.81 -52.46 64.58
CA SER B 1345 -47.97 -51.82 65.18
C SER B 1345 -48.38 -52.45 66.51
N PHE B 1346 -47.86 -53.63 66.85
CA PHE B 1346 -48.25 -54.29 68.08
C PHE B 1346 -47.67 -53.56 69.29
N GLN B 1347 -46.34 -53.47 69.37
CA GLN B 1347 -45.71 -52.92 70.55
C GLN B 1347 -45.85 -51.41 70.64
N THR B 1348 -46.10 -50.73 69.51
CA THR B 1348 -46.30 -49.29 69.56
C THR B 1348 -47.64 -48.93 70.21
N LEU B 1349 -48.71 -49.61 69.80
CA LEU B 1349 -50.05 -49.22 70.24
C LEU B 1349 -50.32 -49.66 71.68
N ILE B 1350 -49.79 -50.81 72.10
CA ILE B 1350 -50.04 -51.27 73.46
C ILE B 1350 -49.26 -50.43 74.47
N GLN B 1351 -48.15 -49.83 74.05
CA GLN B 1351 -47.41 -48.92 74.92
C GLN B 1351 -47.91 -47.49 74.84
N MET B 1352 -48.65 -47.15 73.78
CA MET B 1352 -49.14 -45.78 73.62
C MET B 1352 -50.33 -45.51 74.52
N MET B 1353 -51.21 -46.52 74.69
CA MET B 1353 -52.42 -46.33 75.50
C MET B 1353 -52.18 -46.66 76.96
N ARG B 1354 -51.44 -47.74 77.25
CA ARG B 1354 -51.33 -48.21 78.62
C ARG B 1354 -50.37 -47.36 79.45
N SER B 1355 -49.27 -46.90 78.85
CA SER B 1355 -48.27 -46.16 79.63
C SER B 1355 -48.74 -44.75 79.96
N GLU B 1356 -49.36 -44.06 79.01
CA GLU B 1356 -49.83 -42.70 79.21
C GLU B 1356 -51.29 -42.59 78.76
N ARG B 1357 -52.04 -41.74 79.45
CA ARG B 1357 -53.45 -41.53 79.18
C ARG B 1357 -53.72 -40.04 79.01
N ASP B 1358 -55.00 -39.69 78.89
CA ASP B 1358 -55.42 -38.31 78.71
C ASP B 1358 -54.83 -37.70 77.43
N ARG B 1359 -54.76 -38.51 76.38
CA ARG B 1359 -54.25 -38.17 75.06
C ARG B 1359 -52.73 -38.17 75.00
N MET B 1360 -52.03 -38.44 76.09
CA MET B 1360 -50.57 -38.50 76.11
C MET B 1360 -49.97 -37.29 75.39
N ASP B 1361 -50.23 -36.11 75.95
CA ASP B 1361 -49.75 -34.85 75.37
C ASP B 1361 -50.35 -34.63 73.98
N GLU B 1362 -51.67 -34.78 73.89
CA GLU B 1362 -52.39 -34.62 72.62
C GLU B 1362 -52.07 -35.77 71.66
N ASN B 1363 -51.64 -36.90 72.21
CA ASN B 1363 -51.33 -38.09 71.43
C ASN B 1363 -50.61 -37.72 70.14
N SER B 1364 -49.46 -37.08 70.30
CA SER B 1364 -48.68 -36.61 69.16
C SER B 1364 -47.33 -37.32 69.11
N PRO B 1365 -47.33 -38.66 69.09
CA PRO B 1365 -46.04 -39.38 68.95
C PRO B 1365 -45.52 -39.41 67.54
N LEU B 1366 -46.37 -39.17 66.53
CA LEU B 1366 -46.04 -39.13 65.11
C LEU B 1366 -45.95 -40.53 64.51
N PHE B 1367 -46.13 -41.59 65.28
CA PHE B 1367 -46.04 -42.95 64.75
C PHE B 1367 -47.25 -43.80 65.11
N MET B 1368 -47.81 -43.64 66.31
CA MET B 1368 -48.95 -44.43 66.74
C MET B 1368 -50.26 -43.67 66.70
N TYR B 1369 -50.24 -42.36 67.00
CA TYR B 1369 -51.47 -41.57 66.96
C TYR B 1369 -51.81 -41.12 65.55
N HIS B 1370 -50.89 -41.29 64.59
CA HIS B 1370 -51.19 -40.91 63.21
C HIS B 1370 -52.34 -41.74 62.65
N ILE B 1371 -52.36 -43.03 62.96
CA ILE B 1371 -53.42 -43.91 62.45
C ILE B 1371 -54.76 -43.48 63.01
N HIS B 1372 -54.79 -43.03 64.28
CA HIS B 1372 -56.05 -42.70 64.92
C HIS B 1372 -56.81 -41.62 64.14
N LEU B 1373 -56.11 -40.58 63.69
CA LEU B 1373 -56.71 -39.49 62.95
C LEU B 1373 -56.61 -39.67 61.44
N VAL B 1374 -56.51 -40.92 60.98
CA VAL B 1374 -56.44 -41.23 59.56
C VAL B 1374 -57.80 -41.73 59.08
N GLU B 1375 -58.86 -41.32 59.78
CA GLU B 1375 -60.20 -41.77 59.46
C GLU B 1375 -60.66 -41.37 58.07
N LEU B 1376 -60.09 -40.31 57.49
CA LEU B 1376 -60.50 -39.90 56.16
C LEU B 1376 -60.44 -41.06 55.18
N LEU B 1377 -59.31 -41.79 55.16
CA LEU B 1377 -59.20 -42.96 54.30
C LEU B 1377 -59.99 -44.14 54.84
N ALA B 1378 -60.28 -44.16 56.13
CA ALA B 1378 -61.07 -45.23 56.73
C ALA B 1378 -62.57 -45.00 56.54
N VAL B 1379 -63.03 -43.77 56.80
CA VAL B 1379 -64.42 -43.42 56.57
C VAL B 1379 -64.62 -42.71 55.23
N CYS B 1380 -63.65 -42.77 54.34
CA CYS B 1380 -63.75 -42.06 53.07
C CYS B 1380 -65.04 -42.43 52.33
N THR B 1381 -65.33 -43.72 52.25
CA THR B 1381 -66.54 -44.23 51.62
C THR B 1381 -67.41 -44.98 52.63
N GLU B 1382 -67.52 -44.46 53.85
CA GLU B 1382 -68.21 -45.15 54.92
C GLU B 1382 -69.68 -45.38 54.61
N GLY B 1383 -70.46 -44.30 54.52
CA GLY B 1383 -71.90 -44.45 54.35
C GLY B 1383 -72.34 -44.94 52.99
N LYS B 1384 -72.23 -44.09 51.97
CA LYS B 1384 -72.60 -44.48 50.62
C LYS B 1384 -71.69 -43.88 49.55
N ASN B 1385 -70.65 -43.14 49.93
CA ASN B 1385 -69.79 -42.46 48.97
C ASN B 1385 -68.66 -43.39 48.51
N VAL B 1386 -69.03 -44.37 47.70
CA VAL B 1386 -68.08 -45.35 47.18
C VAL B 1386 -68.22 -45.38 45.66
N TYR B 1387 -67.42 -44.57 44.97
CA TYR B 1387 -67.38 -44.63 43.52
C TYR B 1387 -66.57 -45.82 43.04
N THR B 1388 -65.50 -46.16 43.74
CA THR B 1388 -64.67 -47.31 43.41
C THR B 1388 -64.04 -47.83 44.69
N GLU B 1389 -64.67 -48.86 45.29
CA GLU B 1389 -64.16 -49.44 46.53
C GLU B 1389 -63.02 -50.42 46.30
N ILE B 1390 -62.75 -50.79 45.04
CA ILE B 1390 -61.65 -51.72 44.77
C ILE B 1390 -60.33 -51.10 45.20
N LYS B 1391 -60.13 -49.82 44.90
CA LYS B 1391 -58.88 -49.16 45.28
C LYS B 1391 -58.69 -49.15 46.79
N CYS B 1392 -59.76 -48.90 47.53
CA CYS B 1392 -59.66 -48.87 48.99
C CYS B 1392 -59.37 -50.24 49.58
N ASN B 1393 -59.70 -51.31 48.88
CA ASN B 1393 -59.43 -52.67 49.34
C ASN B 1393 -58.09 -53.20 48.88
N SER B 1394 -57.66 -52.87 47.67
CA SER B 1394 -56.38 -53.33 47.16
C SER B 1394 -55.24 -52.46 47.67
N LEU B 1395 -55.28 -51.15 47.36
CA LEU B 1395 -54.24 -50.25 47.82
C LEU B 1395 -54.31 -49.98 49.32
N LEU B 1396 -55.49 -50.13 49.92
CA LEU B 1396 -55.67 -49.91 51.35
C LEU B 1396 -56.02 -51.23 52.04
N PRO B 1397 -56.14 -51.25 53.36
CA PRO B 1397 -56.45 -52.50 54.05
C PRO B 1397 -57.74 -53.12 53.50
N LEU B 1398 -57.72 -54.46 53.36
CA LEU B 1398 -58.88 -55.15 52.80
C LEU B 1398 -60.07 -55.13 53.75
N ASP B 1399 -59.82 -54.96 55.05
CA ASP B 1399 -60.81 -54.95 56.11
C ASP B 1399 -61.23 -56.36 56.52
N ASP B 1400 -60.72 -57.40 55.87
CA ASP B 1400 -61.01 -58.77 56.26
C ASP B 1400 -59.77 -59.66 56.29
N ILE B 1401 -58.63 -59.19 55.79
CA ILE B 1401 -57.38 -59.92 55.84
C ILE B 1401 -56.31 -59.16 56.61
N VAL B 1402 -56.22 -57.84 56.39
CA VAL B 1402 -55.29 -57.01 57.17
C VAL B 1402 -55.85 -56.65 58.54
N ARG B 1403 -57.17 -56.57 58.68
CA ARG B 1403 -57.76 -56.28 59.98
C ARG B 1403 -57.46 -57.38 60.98
N VAL B 1404 -57.54 -58.64 60.54
CA VAL B 1404 -57.27 -59.77 61.44
C VAL B 1404 -55.81 -59.77 61.87
N VAL B 1405 -54.90 -59.37 60.98
CA VAL B 1405 -53.48 -59.41 61.29
C VAL B 1405 -53.18 -58.63 62.56
N THR B 1406 -53.79 -57.46 62.70
CA THR B 1406 -53.61 -56.61 63.89
C THR B 1406 -54.60 -56.94 65.00
N HIS B 1407 -55.40 -57.99 64.85
CA HIS B 1407 -56.44 -58.34 65.80
C HIS B 1407 -55.94 -59.24 66.93
N GLU B 1408 -54.63 -59.52 66.97
CA GLU B 1408 -54.11 -60.36 68.05
C GLU B 1408 -54.38 -59.72 69.41
N ASP B 1409 -54.16 -58.42 69.53
CA ASP B 1409 -54.46 -57.65 70.74
C ASP B 1409 -55.45 -56.56 70.33
N CYS B 1410 -56.74 -56.89 70.39
CA CYS B 1410 -57.76 -55.96 69.94
C CYS B 1410 -57.65 -54.64 70.69
N ILE B 1411 -57.60 -53.55 69.94
CA ILE B 1411 -57.58 -52.19 70.48
C ILE B 1411 -58.89 -51.52 70.09
N PRO B 1412 -59.77 -51.23 71.04
CA PRO B 1412 -61.05 -50.57 70.66
C PRO B 1412 -60.84 -49.25 69.95
N GLU B 1413 -59.80 -48.50 70.29
CA GLU B 1413 -59.56 -47.22 69.63
C GLU B 1413 -59.35 -47.41 68.14
N VAL B 1414 -58.54 -48.40 67.76
CA VAL B 1414 -58.34 -48.69 66.34
C VAL B 1414 -59.61 -49.26 65.72
N LYS B 1415 -60.35 -50.08 66.48
CA LYS B 1415 -61.52 -50.73 65.93
C LYS B 1415 -62.58 -49.72 65.51
N ILE B 1416 -62.79 -48.68 66.31
CA ILE B 1416 -63.83 -47.70 66.00
C ILE B 1416 -63.60 -47.10 64.61
N ALA B 1417 -62.37 -46.62 64.36
CA ALA B 1417 -62.04 -46.13 63.03
C ALA B 1417 -61.83 -47.27 62.05
N TYR B 1418 -61.14 -48.33 62.48
CA TYR B 1418 -60.94 -49.49 61.62
C TYR B 1418 -62.25 -50.20 61.33
N ILE B 1419 -63.13 -50.29 62.33
CA ILE B 1419 -64.44 -50.91 62.11
C ILE B 1419 -65.25 -50.10 61.12
N ASN B 1420 -65.11 -48.78 61.15
CA ASN B 1420 -65.78 -47.94 60.17
C ASN B 1420 -65.33 -48.28 58.76
N PHE B 1421 -64.03 -48.55 58.59
CA PHE B 1421 -63.54 -49.04 57.30
C PHE B 1421 -64.19 -50.36 56.93
N LEU B 1422 -64.41 -51.24 57.91
CA LEU B 1422 -65.14 -52.47 57.65
C LEU B 1422 -66.55 -52.17 57.14
N ASN B 1423 -67.21 -51.20 57.76
CA ASN B 1423 -68.51 -50.75 57.24
C ASN B 1423 -68.35 -50.10 55.87
N HIS B 1424 -67.25 -49.38 55.66
CA HIS B 1424 -67.04 -48.71 54.39
C HIS B 1424 -67.00 -49.70 53.23
N CYS B 1425 -66.29 -50.81 53.42
CA CYS B 1425 -66.17 -51.82 52.36
C CYS B 1425 -67.25 -52.88 52.43
N TYR B 1426 -67.62 -53.33 53.63
CA TYR B 1426 -68.62 -54.38 53.77
C TYR B 1426 -69.82 -54.10 52.86
N VAL B 1427 -70.53 -53.00 53.11
CA VAL B 1427 -71.61 -52.57 52.24
C VAL B 1427 -71.89 -51.10 52.50
N ASP B 1428 -72.00 -50.30 51.44
CA ASP B 1428 -72.46 -48.93 51.61
C ASP B 1428 -73.88 -48.96 52.15
N THR B 1429 -74.81 -49.40 51.32
CA THR B 1429 -76.08 -49.94 51.79
C THR B 1429 -76.44 -51.26 51.14
N GLU B 1430 -76.23 -51.39 49.84
CA GLU B 1430 -76.43 -52.65 49.12
C GLU B 1430 -75.36 -52.96 48.08
N VAL B 1431 -74.63 -51.96 47.57
CA VAL B 1431 -73.87 -52.11 46.33
C VAL B 1431 -72.66 -53.02 46.43
N GLU B 1432 -72.18 -53.33 47.63
CA GLU B 1432 -70.98 -54.14 47.74
C GLU B 1432 -71.18 -55.48 47.03
N MET B 1433 -70.15 -55.88 46.29
CA MET B 1433 -70.19 -57.17 45.60
C MET B 1433 -70.35 -58.29 46.62
N LYS B 1434 -71.23 -59.24 46.31
CA LYS B 1434 -71.53 -60.35 47.21
C LYS B 1434 -70.33 -61.28 47.26
N GLU B 1435 -69.55 -61.19 48.33
CA GLU B 1435 -68.37 -62.03 48.52
C GLU B 1435 -68.55 -62.86 49.78
N ILE B 1436 -68.37 -64.17 49.67
CA ILE B 1436 -68.47 -65.04 50.83
C ILE B 1436 -67.40 -64.68 51.85
N TYR B 1437 -66.17 -64.43 51.39
CA TYR B 1437 -65.09 -64.08 52.30
C TYR B 1437 -65.37 -62.78 53.04
N THR B 1438 -66.03 -61.81 52.39
CA THR B 1438 -66.32 -60.55 53.05
C THR B 1438 -67.22 -60.74 54.26
N SER B 1439 -68.23 -61.59 54.16
CA SER B 1439 -69.15 -61.86 55.27
C SER B 1439 -68.77 -63.07 56.09
N ASN B 1440 -68.40 -64.18 55.43
CA ASN B 1440 -67.96 -65.35 56.18
C ASN B 1440 -66.68 -65.07 56.96
N HIS B 1441 -65.74 -64.38 56.33
CA HIS B 1441 -64.49 -64.03 57.01
C HIS B 1441 -64.74 -63.08 58.17
N MET B 1442 -65.64 -62.11 57.99
CA MET B 1442 -65.92 -61.12 59.01
C MET B 1442 -66.85 -61.63 60.10
N TRP B 1443 -67.43 -62.82 59.94
CA TRP B 1443 -68.34 -63.36 60.94
C TRP B 1443 -67.62 -63.95 62.14
N LYS B 1444 -66.30 -64.09 62.09
CA LYS B 1444 -65.53 -64.63 63.21
C LYS B 1444 -64.94 -63.54 64.10
N LEU B 1445 -64.85 -62.31 63.60
CA LEU B 1445 -64.29 -61.22 64.41
C LEU B 1445 -65.16 -60.96 65.63
N PHE B 1446 -66.48 -61.01 65.48
CA PHE B 1446 -67.37 -60.76 66.61
C PHE B 1446 -67.12 -61.76 67.73
N GLU B 1447 -66.96 -63.04 67.39
CA GLU B 1447 -66.68 -64.05 68.41
C GLU B 1447 -65.33 -63.77 69.09
N ASN B 1448 -64.31 -63.43 68.30
CA ASN B 1448 -63.01 -63.14 68.89
C ASN B 1448 -63.08 -61.92 69.80
N PHE B 1449 -63.76 -60.86 69.36
CA PHE B 1449 -63.91 -59.65 70.15
C PHE B 1449 -65.13 -59.68 71.06
N LEU B 1450 -65.99 -60.69 70.95
CA LEU B 1450 -67.14 -60.78 71.83
C LEU B 1450 -66.72 -60.94 73.28
N VAL B 1451 -65.70 -61.76 73.52
CA VAL B 1451 -65.18 -61.91 74.89
C VAL B 1451 -64.64 -60.58 75.39
N ASP B 1452 -63.92 -59.86 74.54
CA ASP B 1452 -63.38 -58.56 74.95
C ASP B 1452 -64.51 -57.60 75.33
N ILE B 1453 -65.58 -57.57 74.53
CA ILE B 1453 -66.73 -56.73 74.88
C ILE B 1453 -67.34 -57.19 76.20
N CYS B 1454 -67.49 -58.51 76.37
CA CYS B 1454 -68.00 -59.04 77.62
C CYS B 1454 -67.05 -58.73 78.78
N ARG B 1455 -65.74 -58.84 78.53
CA ARG B 1455 -64.78 -58.58 79.61
C ARG B 1455 -64.91 -57.15 80.12
N ALA B 1456 -65.01 -56.17 79.22
CA ALA B 1456 -65.20 -54.79 79.62
C ALA B 1456 -66.65 -54.44 79.92
N CYS B 1457 -67.59 -55.30 79.53
CA CYS B 1457 -69.00 -55.03 79.81
C CYS B 1457 -69.30 -55.11 81.32
N ASN B 1458 -68.63 -56.03 82.01
CA ASN B 1458 -68.87 -56.19 83.44
C ASN B 1458 -68.34 -55.02 84.26
N ASN B 1459 -67.36 -54.28 83.74
CA ASN B 1459 -66.81 -53.12 84.44
C ASN B 1459 -67.79 -51.96 84.32
N THR B 1460 -68.35 -51.53 85.44
CA THR B 1460 -69.35 -50.48 85.48
C THR B 1460 -68.81 -49.27 86.23
N SER B 1461 -69.07 -48.08 85.68
CA SER B 1461 -68.64 -46.82 86.30
C SER B 1461 -67.14 -46.81 86.56
N ASP B 1462 -66.37 -47.27 85.57
CA ASP B 1462 -64.92 -47.29 85.68
C ASP B 1462 -64.20 -46.87 84.40
N ARG B 1463 -64.92 -46.45 83.36
CA ARG B 1463 -64.29 -46.04 82.12
C ARG B 1463 -65.20 -45.08 81.38
N LYS B 1464 -64.61 -44.32 80.47
CA LYS B 1464 -65.36 -43.34 79.68
C LYS B 1464 -65.47 -43.73 78.21
N HIS B 1465 -64.48 -44.43 77.66
CA HIS B 1465 -64.51 -44.85 76.26
C HIS B 1465 -65.38 -46.07 76.03
N ALA B 1466 -65.79 -46.78 77.09
CA ALA B 1466 -66.62 -47.96 76.91
C ALA B 1466 -67.95 -47.60 76.25
N ASP B 1467 -68.59 -46.51 76.69
CA ASP B 1467 -69.84 -46.11 76.07
C ASP B 1467 -69.67 -45.78 74.60
N SER B 1468 -68.59 -45.06 74.26
CA SER B 1468 -68.32 -44.75 72.86
C SER B 1468 -68.06 -46.02 72.06
N VAL B 1469 -67.27 -46.94 72.62
CA VAL B 1469 -66.97 -48.19 71.93
C VAL B 1469 -68.25 -48.99 71.73
N LEU B 1470 -69.07 -49.09 72.78
CA LEU B 1470 -70.35 -49.79 72.65
C LEU B 1470 -71.26 -49.06 71.67
N GLU B 1471 -71.33 -47.73 71.77
CA GLU B 1471 -72.13 -46.96 70.83
C GLU B 1471 -71.57 -47.07 69.42
N LYS B 1472 -70.25 -47.01 69.27
CA LYS B 1472 -69.60 -47.13 67.98
C LYS B 1472 -69.60 -48.57 67.45
N TYR B 1473 -69.69 -49.56 68.33
CA TYR B 1473 -69.74 -50.96 67.91
C TYR B 1473 -71.13 -51.38 67.47
N VAL B 1474 -72.17 -50.69 67.94
CA VAL B 1474 -73.54 -51.04 67.56
C VAL B 1474 -73.89 -50.57 66.16
N THR B 1475 -73.08 -49.69 65.56
CA THR B 1475 -73.36 -49.23 64.21
C THR B 1475 -73.32 -50.39 63.22
N GLU B 1476 -72.34 -51.28 63.36
CA GLU B 1476 -72.25 -52.43 62.48
C GLU B 1476 -73.41 -53.39 62.67
N ILE B 1477 -73.90 -53.52 63.91
CA ILE B 1477 -75.03 -54.42 64.17
C ILE B 1477 -76.28 -53.92 63.46
N VAL B 1478 -76.45 -52.60 63.37
CA VAL B 1478 -77.61 -52.02 62.70
C VAL B 1478 -77.51 -52.10 61.18
N MET B 1479 -76.36 -52.50 60.65
CA MET B 1479 -76.18 -52.61 59.21
C MET B 1479 -76.85 -53.91 58.72
N SER B 1480 -76.56 -54.31 57.50
CA SER B 1480 -77.17 -55.50 56.92
C SER B 1480 -77.24 -56.62 57.95
N ILE B 1481 -78.40 -57.27 58.00
CA ILE B 1481 -78.59 -58.35 58.96
C ILE B 1481 -77.57 -59.46 58.71
N VAL B 1482 -77.29 -60.22 59.77
CA VAL B 1482 -76.34 -61.32 59.65
C VAL B 1482 -76.82 -62.30 58.60
N THR B 1483 -75.90 -62.73 57.74
CA THR B 1483 -76.23 -63.64 56.66
C THR B 1483 -76.66 -65.01 57.21
N THR B 1484 -77.50 -65.70 56.44
CA THR B 1484 -78.04 -67.00 56.82
C THR B 1484 -77.88 -67.99 55.66
N PHE B 1485 -76.70 -68.01 55.06
CA PHE B 1485 -76.40 -68.88 53.94
C PHE B 1485 -75.72 -70.15 54.43
N PHE B 1486 -75.22 -70.96 53.50
CA PHE B 1486 -74.49 -72.17 53.88
C PHE B 1486 -73.39 -71.84 54.88
N SER B 1487 -72.57 -70.85 54.57
CA SER B 1487 -71.66 -70.28 55.54
C SER B 1487 -72.47 -69.39 56.47
N SER B 1488 -71.82 -68.65 57.36
CA SER B 1488 -72.61 -67.80 58.24
C SER B 1488 -73.68 -68.66 58.89
N PRO B 1489 -73.32 -69.48 59.90
CA PRO B 1489 -74.21 -70.55 60.37
C PRO B 1489 -75.64 -70.16 60.72
N PHE B 1490 -76.01 -68.88 60.78
CA PHE B 1490 -77.41 -68.48 61.01
C PHE B 1490 -77.85 -68.83 62.44
N SER B 1491 -77.05 -68.43 63.41
CA SER B 1491 -77.35 -68.62 64.83
C SER B 1491 -77.42 -70.11 65.17
N ASP B 1492 -76.30 -70.79 64.95
CA ASP B 1492 -76.14 -72.18 65.32
C ASP B 1492 -75.73 -72.27 66.80
N GLN B 1493 -75.28 -73.44 67.23
CA GLN B 1493 -74.90 -73.62 68.63
C GLN B 1493 -73.82 -72.64 69.04
N SER B 1494 -72.80 -72.45 68.20
CA SER B 1494 -71.69 -71.55 68.50
C SER B 1494 -71.92 -70.14 67.95
N THR B 1495 -73.05 -69.88 67.30
CA THR B 1495 -73.33 -68.56 66.74
C THR B 1495 -74.53 -67.88 67.37
N THR B 1496 -75.34 -68.58 68.16
CA THR B 1496 -76.51 -68.00 68.80
C THR B 1496 -76.28 -67.70 70.29
N LEU B 1497 -75.58 -68.59 70.99
CA LEU B 1497 -75.35 -68.38 72.42
C LEU B 1497 -74.52 -67.13 72.66
N GLN B 1498 -73.50 -66.91 71.83
CA GLN B 1498 -72.62 -65.75 71.97
C GLN B 1498 -73.15 -64.51 71.28
N THR B 1499 -74.30 -64.61 70.61
CA THR B 1499 -74.90 -63.48 69.91
C THR B 1499 -76.18 -62.98 70.56
N ARG B 1500 -76.78 -63.74 71.47
CA ARG B 1500 -78.01 -63.34 72.14
C ARG B 1500 -77.83 -63.11 73.63
N GLN B 1501 -77.31 -64.11 74.35
CA GLN B 1501 -77.07 -63.93 75.78
C GLN B 1501 -76.07 -62.82 76.07
N PRO B 1502 -74.89 -62.79 75.43
CA PRO B 1502 -73.96 -61.68 75.68
C PRO B 1502 -74.53 -60.32 75.32
N VAL B 1503 -75.37 -60.24 74.29
CA VAL B 1503 -75.91 -58.95 73.87
C VAL B 1503 -76.72 -58.32 74.99
N PHE B 1504 -77.54 -59.12 75.68
CA PHE B 1504 -78.32 -58.59 76.78
C PHE B 1504 -77.43 -58.07 77.90
N VAL B 1505 -76.29 -58.72 78.14
CA VAL B 1505 -75.38 -58.25 79.18
C VAL B 1505 -74.90 -56.84 78.87
N GLN B 1506 -74.53 -56.58 77.61
CA GLN B 1506 -74.16 -55.22 77.22
C GLN B 1506 -75.34 -54.27 77.37
N LEU B 1507 -76.53 -54.73 76.98
CA LEU B 1507 -77.72 -53.90 77.14
C LEU B 1507 -77.99 -53.59 78.61
N LEU B 1508 -77.81 -54.58 79.48
CA LEU B 1508 -78.02 -54.36 80.90
C LEU B 1508 -77.07 -53.30 81.44
N GLN B 1509 -75.79 -53.36 81.05
CA GLN B 1509 -74.83 -52.36 81.50
C GLN B 1509 -75.22 -50.97 81.01
N GLY B 1510 -75.63 -50.86 79.73
CA GLY B 1510 -76.06 -49.58 79.22
C GLY B 1510 -77.28 -49.04 79.94
N VAL B 1511 -78.24 -49.90 80.26
CA VAL B 1511 -79.43 -49.48 80.99
C VAL B 1511 -79.03 -48.94 82.36
N PHE B 1512 -78.10 -49.61 83.03
CA PHE B 1512 -77.65 -49.17 84.35
C PHE B 1512 -76.78 -47.92 84.27
N ARG B 1513 -76.26 -47.58 83.09
CA ARG B 1513 -75.43 -46.40 82.95
C ARG B 1513 -76.22 -45.14 83.24
N VAL B 1514 -75.52 -44.13 83.75
CA VAL B 1514 -76.14 -42.85 84.10
C VAL B 1514 -76.04 -41.84 82.96
N TYR B 1515 -75.72 -42.30 81.75
CA TYR B 1515 -75.62 -41.42 80.60
C TYR B 1515 -77.01 -41.05 80.09
N HIS B 1516 -77.04 -40.32 78.98
CA HIS B 1516 -78.31 -39.93 78.38
C HIS B 1516 -79.05 -41.14 77.85
N CYS B 1517 -80.38 -41.04 77.81
CA CYS B 1517 -81.22 -42.12 77.32
C CYS B 1517 -81.27 -42.19 75.80
N ASN B 1518 -80.71 -41.20 75.09
CA ASN B 1518 -80.72 -41.24 73.64
C ASN B 1518 -79.97 -42.45 73.10
N TRP B 1519 -78.82 -42.76 73.68
CA TRP B 1519 -78.03 -43.92 73.25
C TRP B 1519 -78.48 -45.23 73.89
N LEU B 1520 -79.12 -45.17 75.06
CA LEU B 1520 -79.61 -46.40 75.70
C LEU B 1520 -80.67 -47.07 74.85
N MET B 1521 -81.59 -46.28 74.28
CA MET B 1521 -82.64 -46.86 73.45
C MET B 1521 -82.09 -47.64 72.28
N PRO B 1522 -81.11 -47.14 71.51
CA PRO B 1522 -80.61 -47.93 70.38
C PRO B 1522 -80.04 -49.28 70.78
N SER B 1523 -79.43 -49.39 71.95
CA SER B 1523 -78.82 -50.66 72.36
C SER B 1523 -79.88 -51.76 72.44
N GLN B 1524 -81.03 -51.46 73.04
CA GLN B 1524 -82.09 -52.47 73.12
C GLN B 1524 -82.57 -52.88 71.72
N LYS B 1525 -82.75 -51.90 70.84
CA LYS B 1525 -83.16 -52.22 69.48
C LYS B 1525 -82.10 -53.03 68.75
N ALA B 1526 -80.83 -52.69 68.96
CA ALA B 1526 -79.74 -53.44 68.32
C ALA B 1526 -79.79 -54.91 68.70
N SER B 1527 -79.91 -55.20 70.01
CA SER B 1527 -80.05 -56.58 70.43
C SER B 1527 -81.37 -57.18 69.95
N VAL B 1528 -82.45 -56.39 70.01
CA VAL B 1528 -83.75 -56.88 69.55
C VAL B 1528 -83.71 -57.17 68.06
N GLU B 1529 -83.11 -56.27 67.27
CA GLU B 1529 -83.00 -56.51 65.84
C GLU B 1529 -82.17 -57.75 65.55
N SER B 1530 -81.06 -57.92 66.27
CA SER B 1530 -80.25 -59.13 66.10
C SER B 1530 -81.03 -60.37 66.50
N CYS B 1531 -81.79 -60.29 67.58
CA CYS B 1531 -82.56 -61.46 68.03
C CYS B 1531 -83.56 -61.90 66.97
N ILE B 1532 -84.24 -60.95 66.33
CA ILE B 1532 -85.21 -61.28 65.29
C ILE B 1532 -84.55 -61.57 63.95
N ARG B 1533 -83.25 -61.31 63.82
CA ARG B 1533 -82.54 -61.58 62.57
C ARG B 1533 -83.10 -62.82 61.89
N ARG B 1593 -83.11 -5.20 64.48
CA ARG B 1593 -82.53 -6.17 63.56
C ARG B 1593 -82.91 -5.86 62.11
N ASN B 1594 -84.00 -5.11 61.93
CA ASN B 1594 -84.43 -4.68 60.61
C ASN B 1594 -83.68 -3.45 60.13
N ILE B 1595 -82.91 -2.80 61.01
CA ILE B 1595 -82.04 -1.70 60.62
C ILE B 1595 -80.99 -2.17 59.62
N ILE B 1596 -80.36 -3.31 59.90
CA ILE B 1596 -79.34 -3.87 59.03
C ILE B 1596 -79.96 -4.25 57.69
N GLU B 1597 -81.18 -4.78 57.72
CA GLU B 1597 -81.85 -5.20 56.49
C GLU B 1597 -82.29 -4.02 55.64
N ARG B 1598 -82.41 -2.83 56.23
CA ARG B 1598 -82.95 -1.69 55.49
C ARG B 1598 -81.92 -0.67 55.03
N LEU B 1599 -80.84 -0.43 55.79
CA LEU B 1599 -79.87 0.57 55.31
C LEU B 1599 -79.04 0.10 54.12
N GLN B 1600 -79.04 -1.19 53.80
CA GLN B 1600 -78.48 -1.60 52.51
C GLN B 1600 -79.31 -1.06 51.35
N ASP B 1601 -80.63 -1.18 51.44
CA ASP B 1601 -81.51 -0.56 50.46
C ASP B 1601 -81.40 0.97 50.50
N ILE B 1602 -81.20 1.54 51.69
CA ILE B 1602 -81.05 2.99 51.81
C ILE B 1602 -79.80 3.46 51.07
N VAL B 1603 -78.67 2.80 51.28
CA VAL B 1603 -77.45 3.23 50.61
C VAL B 1603 -77.49 2.91 49.12
N SER B 1604 -78.24 1.88 48.70
CA SER B 1604 -78.44 1.67 47.27
C SER B 1604 -79.26 2.79 46.64
N ALA B 1605 -80.36 3.18 47.30
CA ALA B 1605 -81.21 4.27 46.83
C ALA B 1605 -80.55 5.64 46.98
N LEU B 1606 -79.43 5.72 47.68
CA LEU B 1606 -78.57 6.91 47.61
C LEU B 1606 -77.50 6.82 46.52
N GLU B 1607 -76.84 5.67 46.36
CA GLU B 1607 -75.76 5.54 45.37
C GLU B 1607 -76.29 5.39 43.95
N ASP B 1608 -77.61 5.33 43.77
CA ASP B 1608 -78.17 5.49 42.42
C ASP B 1608 -77.87 6.86 41.81
N ARG B 1609 -77.46 7.84 42.63
CA ARG B 1609 -77.07 9.17 42.20
C ARG B 1609 -75.57 9.27 41.87
N LEU B 1610 -74.96 8.17 41.41
CA LEU B 1610 -73.52 8.12 41.16
C LEU B 1610 -73.11 8.93 39.94
N ARG B 1611 -74.00 9.11 38.98
CA ARG B 1611 -73.78 9.90 37.78
C ARG B 1611 -73.93 11.41 37.98
N PRO B 1612 -74.94 11.93 38.72
CA PRO B 1612 -75.03 13.39 38.91
C PRO B 1612 -73.80 14.02 39.54
N LEU B 1613 -73.11 13.32 40.45
CA LEU B 1613 -71.87 13.85 40.99
C LEU B 1613 -70.78 13.90 39.93
N VAL B 1614 -70.74 12.91 39.02
CA VAL B 1614 -69.74 12.89 37.95
C VAL B 1614 -69.96 14.05 36.99
N GLN B 1615 -71.21 14.27 36.57
CA GLN B 1615 -71.49 15.39 35.68
C GLN B 1615 -71.44 16.73 36.40
N ALA B 1616 -71.64 16.76 37.72
CA ALA B 1616 -71.51 18.00 38.48
C ALA B 1616 -70.05 18.31 38.82
N GLU B 1617 -69.15 17.35 38.67
CA GLU B 1617 -67.75 17.69 38.86
C GLU B 1617 -67.05 18.01 37.53
N LEU B 1618 -67.19 17.16 36.51
CA LEU B 1618 -66.28 17.25 35.37
C LEU B 1618 -66.57 18.48 34.51
N SER B 1619 -67.82 18.65 34.10
CA SER B 1619 -68.16 19.76 33.22
C SER B 1619 -68.09 21.08 33.95
N VAL B 1620 -68.56 21.10 35.20
CA VAL B 1620 -68.60 22.30 36.02
C VAL B 1620 -67.19 22.73 36.44
N LEU B 1621 -66.22 21.82 36.43
CA LEU B 1621 -64.84 22.25 36.58
C LEU B 1621 -64.22 22.70 35.26
N VAL B 1622 -64.43 21.95 34.18
CA VAL B 1622 -63.71 22.27 32.95
C VAL B 1622 -64.20 23.55 32.29
N ASP B 1623 -65.48 23.93 32.47
CA ASP B 1623 -65.94 25.17 31.85
C ASP B 1623 -65.38 26.38 32.58
N VAL B 1624 -65.24 26.30 33.90
CA VAL B 1624 -64.72 27.45 34.63
C VAL B 1624 -63.20 27.52 34.53
N LEU B 1625 -62.50 26.39 34.40
CA LEU B 1625 -61.07 26.47 34.11
C LEU B 1625 -60.80 26.87 32.67
N HIS B 1626 -61.74 26.66 31.75
CA HIS B 1626 -61.58 27.18 30.40
C HIS B 1626 -61.69 28.70 30.37
N ARG B 1627 -62.67 29.26 31.09
CA ARG B 1627 -62.87 30.70 31.17
C ARG B 1627 -62.91 31.13 32.63
N PRO B 1628 -61.75 31.31 33.26
CA PRO B 1628 -61.71 31.68 34.68
C PRO B 1628 -61.93 33.16 34.99
N GLU B 1629 -61.77 34.06 34.04
CA GLU B 1629 -61.89 35.50 34.32
C GLU B 1629 -63.08 36.07 33.55
N LEU B 1630 -64.14 36.37 34.30
CA LEU B 1630 -65.27 37.18 33.86
C LEU B 1630 -66.09 37.53 35.10
N LEU B 1631 -66.71 38.71 35.06
CA LEU B 1631 -67.56 39.25 36.13
C LEU B 1631 -66.80 39.42 37.45
N PHE B 1632 -65.48 39.52 37.39
CA PHE B 1632 -64.70 39.56 38.63
C PHE B 1632 -64.88 40.91 39.34
N PRO B 1633 -64.30 42.08 38.88
CA PRO B 1633 -65.11 43.31 38.88
C PRO B 1633 -65.53 43.74 37.48
N GLU B 1634 -65.03 43.02 36.46
CA GLU B 1634 -64.98 43.47 35.07
C GLU B 1634 -64.25 44.81 34.96
N ASN B 1635 -62.97 44.79 35.32
CA ASN B 1635 -62.13 45.98 35.27
C ASN B 1635 -60.88 45.75 34.43
N THR B 1636 -59.94 46.70 34.49
CA THR B 1636 -58.75 46.69 33.65
C THR B 1636 -57.46 46.54 34.44
N ASP B 1637 -57.40 47.11 35.65
CA ASP B 1637 -56.14 47.14 36.40
C ASP B 1637 -55.78 45.77 36.95
N ALA B 1638 -56.65 45.18 37.76
CA ALA B 1638 -56.29 44.02 38.56
C ALA B 1638 -56.62 42.68 37.91
N ARG B 1639 -57.18 42.67 36.71
CA ARG B 1639 -57.59 41.41 36.08
C ARG B 1639 -56.90 41.12 34.77
N ARG B 1640 -56.52 42.15 34.00
CA ARG B 1640 -56.00 41.91 32.66
C ARG B 1640 -54.61 41.30 32.67
N LYS B 1641 -53.87 41.47 33.77
CA LYS B 1641 -52.55 40.85 33.89
C LYS B 1641 -52.60 39.52 34.63
N CYS B 1642 -53.60 39.31 35.47
CA CYS B 1642 -53.70 38.05 36.21
C CYS B 1642 -54.08 36.87 35.31
N GLU B 1643 -54.86 37.10 34.26
CA GLU B 1643 -55.10 36.07 33.26
C GLU B 1643 -54.85 36.63 31.88
N SER B 1644 -53.73 36.25 31.29
CA SER B 1644 -53.46 36.34 29.86
C SER B 1644 -53.09 34.96 29.35
N GLY B 1645 -53.79 33.94 29.83
CA GLY B 1645 -53.32 32.58 29.73
C GLY B 1645 -52.39 32.18 30.86
N GLY B 1646 -52.55 32.79 32.04
CA GLY B 1646 -51.61 32.59 33.12
C GLY B 1646 -52.22 32.25 34.47
N PHE B 1647 -53.40 31.64 34.47
CA PHE B 1647 -53.99 31.10 35.69
C PHE B 1647 -53.73 29.61 35.84
N ILE B 1648 -53.98 28.84 34.78
CA ILE B 1648 -53.61 27.42 34.78
C ILE B 1648 -52.10 27.28 34.81
N CYS B 1649 -51.38 28.25 34.23
CA CYS B 1649 -49.92 28.30 34.36
C CYS B 1649 -49.51 28.43 35.82
N LYS B 1650 -50.21 29.31 36.55
CA LYS B 1650 -49.93 29.50 37.97
C LYS B 1650 -50.20 28.22 38.75
N LEU B 1651 -51.33 27.57 38.46
CA LEU B 1651 -51.70 26.33 39.13
C LEU B 1651 -50.70 25.22 38.85
N ILE B 1652 -50.24 25.09 37.61
CA ILE B 1652 -49.35 23.99 37.28
C ILE B 1652 -47.93 24.24 37.73
N LYS B 1653 -47.49 25.50 37.88
CA LYS B 1653 -46.17 25.70 38.45
C LYS B 1653 -46.21 25.50 39.96
N HIS B 1654 -47.36 25.81 40.58
CA HIS B 1654 -47.47 25.58 42.02
C HIS B 1654 -47.59 24.09 42.36
N THR B 1655 -48.39 23.33 41.60
CA THR B 1655 -48.70 21.96 42.00
C THR B 1655 -47.56 20.98 41.73
N LYS B 1656 -46.50 21.40 41.05
CA LYS B 1656 -45.34 20.52 40.89
C LYS B 1656 -44.50 20.45 42.16
N GLN B 1657 -44.71 21.36 43.11
CA GLN B 1657 -43.90 21.45 44.31
C GLN B 1657 -44.56 20.81 45.52
N LEU B 1658 -45.76 20.26 45.38
CA LEU B 1658 -46.46 19.65 46.50
C LEU B 1658 -46.41 18.14 46.49
N LEU B 1659 -45.62 17.54 45.60
CA LEU B 1659 -45.36 16.11 45.70
C LEU B 1659 -44.47 15.80 46.91
N GLU B 1660 -43.56 16.71 47.24
CA GLU B 1660 -42.58 16.47 48.30
C GLU B 1660 -43.23 16.52 49.68
N GLU B 1661 -44.32 17.26 49.83
CA GLU B 1661 -45.05 17.30 51.08
C GLU B 1661 -46.16 16.26 51.04
N ASN B 1662 -47.03 16.26 52.06
CA ASN B 1662 -48.05 15.22 52.19
C ASN B 1662 -49.23 15.54 51.27
N GLU B 1663 -50.31 14.76 51.44
CA GLU B 1663 -51.57 14.94 50.71
C GLU B 1663 -51.37 14.85 49.19
N GLU B 1664 -50.96 13.66 48.76
CA GLU B 1664 -50.86 13.36 47.33
C GLU B 1664 -52.20 13.22 46.65
N LYS B 1665 -53.30 13.18 47.41
CA LYS B 1665 -54.63 13.12 46.82
C LYS B 1665 -54.94 14.39 46.03
N LEU B 1666 -54.49 15.54 46.54
CA LEU B 1666 -54.72 16.80 45.84
C LEU B 1666 -54.01 16.83 44.49
N CYS B 1667 -52.78 16.29 44.43
CA CYS B 1667 -52.04 16.25 43.17
C CYS B 1667 -52.72 15.36 42.13
N ILE B 1668 -53.21 14.19 42.54
CA ILE B 1668 -53.83 13.31 41.56
C ILE B 1668 -55.21 13.82 41.17
N LYS B 1669 -55.89 14.55 42.07
CA LYS B 1669 -57.13 15.20 41.69
C LYS B 1669 -56.89 16.31 40.67
N VAL B 1670 -55.80 17.07 40.84
CA VAL B 1670 -55.41 18.07 39.85
C VAL B 1670 -55.11 17.42 38.52
N LEU B 1671 -54.38 16.29 38.56
CA LEU B 1671 -54.03 15.57 37.34
C LEU B 1671 -55.26 15.06 36.60
N GLN B 1672 -56.21 14.46 37.34
CA GLN B 1672 -57.41 13.94 36.68
C GLN B 1672 -58.31 15.06 36.18
N THR B 1673 -58.34 16.21 36.87
CA THR B 1673 -59.08 17.36 36.37
C THR B 1673 -58.47 17.87 35.07
N LEU B 1674 -57.15 17.98 35.01
CA LEU B 1674 -56.48 18.42 33.79
C LEU B 1674 -56.66 17.42 32.65
N ARG B 1675 -56.68 16.12 32.96
CA ARG B 1675 -56.89 15.11 31.93
C ARG B 1675 -58.33 15.12 31.42
N GLU B 1676 -59.31 15.31 32.31
CA GLU B 1676 -60.69 15.41 31.88
C GLU B 1676 -60.94 16.68 31.09
N MET B 1677 -60.20 17.76 31.39
CA MET B 1677 -60.24 18.93 30.53
C MET B 1677 -59.53 18.66 29.21
N MET B 1678 -58.58 17.73 29.22
CA MET B 1678 -57.65 17.59 28.11
C MET B 1678 -58.31 16.92 26.90
N THR B 1679 -59.19 15.95 27.14
CA THR B 1679 -59.80 15.17 26.08
C THR B 1679 -60.95 15.96 25.43
N LYS B 1680 -61.60 15.33 24.47
CA LYS B 1680 -62.72 15.95 23.75
C LYS B 1680 -63.74 14.85 23.46
N ASP B 1681 -64.67 15.15 22.54
CA ASP B 1681 -65.84 14.33 22.23
C ASP B 1681 -66.70 14.07 23.46
N ARG B 1682 -66.77 15.06 24.35
CA ARG B 1682 -67.62 15.00 25.53
C ARG B 1682 -67.89 16.44 25.98
N GLY B 1683 -69.00 16.61 26.70
CA GLY B 1683 -69.38 17.89 27.25
C GLY B 1683 -69.60 18.99 26.22
N TYR B 1684 -70.60 18.81 25.37
CA TYR B 1684 -70.93 19.77 24.33
C TYR B 1684 -72.25 20.45 24.64
N GLY B 1685 -72.25 21.79 24.54
CA GLY B 1685 -73.44 22.56 24.81
C GLY B 1685 -74.07 23.16 23.56
N LEU B 1719 -84.49 3.01 28.54
CA LEU B 1719 -84.40 4.47 28.43
C LEU B 1719 -83.46 5.02 29.50
N ARG B 1720 -82.46 4.23 29.88
CA ARG B 1720 -81.51 4.59 30.92
C ARG B 1720 -80.26 5.25 30.38
N GLN B 1721 -80.22 5.55 29.08
CA GLN B 1721 -79.08 6.22 28.47
C GLN B 1721 -79.41 7.61 27.94
N LEU B 1722 -80.66 8.05 28.04
CA LEU B 1722 -81.07 9.33 27.48
C LEU B 1722 -81.61 10.30 28.51
N GLU B 1723 -82.31 9.81 29.54
CA GLU B 1723 -82.77 10.69 30.60
C GLU B 1723 -81.62 11.21 31.45
N ASP B 1724 -80.60 10.37 31.65
CA ASP B 1724 -79.43 10.78 32.43
C ASP B 1724 -78.69 11.93 31.76
N HIS B 1725 -78.50 11.83 30.43
CA HIS B 1725 -77.81 12.87 29.69
C HIS B 1725 -78.58 14.18 29.71
N LYS B 1726 -79.91 14.13 29.55
CA LYS B 1726 -80.68 15.37 29.50
C LYS B 1726 -80.77 16.03 30.87
N ARG B 1727 -80.90 15.25 31.95
CA ARG B 1727 -80.92 15.90 33.25
C ARG B 1727 -79.53 16.35 33.67
N GLY B 1728 -78.47 15.67 33.21
CA GLY B 1728 -77.13 16.15 33.46
C GLY B 1728 -76.83 17.46 32.75
N GLU B 1729 -77.23 17.57 31.48
CA GLU B 1729 -77.02 18.83 30.78
C GLU B 1729 -77.91 19.93 31.35
N ALA B 1730 -79.10 19.59 31.84
CA ALA B 1730 -79.95 20.56 32.51
C ALA B 1730 -79.29 21.08 33.78
N LEU B 1731 -78.70 20.18 34.57
CA LEU B 1731 -78.09 20.60 35.84
C LEU B 1731 -76.82 21.42 35.61
N ARG B 1732 -75.99 21.02 34.63
CA ARG B 1732 -74.82 21.83 34.35
C ARG B 1732 -75.20 23.16 33.69
N GLN B 1733 -76.34 23.18 32.98
CA GLN B 1733 -76.84 24.45 32.46
C GLN B 1733 -77.27 25.37 33.58
N ILE B 1734 -77.91 24.81 34.61
CA ILE B 1734 -78.27 25.59 35.80
C ILE B 1734 -77.02 26.17 36.46
N LEU B 1735 -76.00 25.32 36.63
CA LEU B 1735 -74.78 25.79 37.29
C LEU B 1735 -74.02 26.80 36.46
N VAL B 1736 -73.99 26.65 35.12
CA VAL B 1736 -73.26 27.62 34.32
C VAL B 1736 -74.03 28.93 34.19
N ASN B 1737 -75.37 28.91 34.22
CA ASN B 1737 -76.06 30.20 34.19
C ASN B 1737 -76.06 30.88 35.56
N ARG B 1738 -75.88 30.12 36.65
CA ARG B 1738 -75.65 30.78 37.94
C ARG B 1738 -74.22 31.30 38.05
N TYR B 1739 -73.26 30.64 37.41
CA TYR B 1739 -71.86 31.04 37.56
C TYR B 1739 -71.41 32.06 36.53
N TYR B 1740 -72.26 32.41 35.56
CA TYR B 1740 -71.85 33.32 34.50
C TYR B 1740 -72.68 34.59 34.51
N SER B 1781 -68.19 36.95 22.23
CA SER B 1781 -67.08 36.67 21.33
C SER B 1781 -66.17 35.58 21.90
N ARG B 1782 -66.76 34.44 22.25
CA ARG B 1782 -65.98 33.33 22.78
C ARG B 1782 -65.19 32.66 21.68
N GLY B 1783 -63.89 32.47 21.91
CA GLY B 1783 -63.05 31.79 20.95
C GLY B 1783 -63.10 30.28 21.11
N GLU B 1784 -63.64 29.59 20.11
CA GLU B 1784 -63.75 28.14 20.17
C GLU B 1784 -62.39 27.49 20.01
N MET B 1785 -62.08 26.55 20.89
CA MET B 1785 -60.78 25.88 20.92
C MET B 1785 -60.94 24.47 20.37
N SER B 1786 -60.08 24.10 19.42
CA SER B 1786 -60.01 22.73 18.93
C SER B 1786 -58.98 21.97 19.72
N LEU B 1787 -58.96 20.65 19.52
CA LEU B 1787 -58.00 19.81 20.23
C LEU B 1787 -56.58 20.09 19.79
N ALA B 1788 -56.36 20.39 18.50
CA ALA B 1788 -55.02 20.60 17.99
C ALA B 1788 -54.34 21.85 18.53
N GLU B 1789 -55.10 22.79 19.07
CA GLU B 1789 -54.53 24.02 19.63
C GLU B 1789 -54.60 24.11 21.14
N VAL B 1790 -55.49 23.36 21.80
CA VAL B 1790 -55.50 23.36 23.25
C VAL B 1790 -54.26 22.66 23.81
N GLN B 1791 -53.71 21.69 23.06
CA GLN B 1791 -52.47 21.05 23.48
C GLN B 1791 -51.31 22.04 23.44
N CYS B 1792 -51.23 22.85 22.38
CA CYS B 1792 -50.19 23.86 22.28
C CYS B 1792 -50.36 24.94 23.33
N HIS B 1793 -51.60 25.36 23.58
CA HIS B 1793 -51.88 26.34 24.63
C HIS B 1793 -51.48 25.83 26.00
N LEU B 1794 -51.75 24.55 26.28
CA LEU B 1794 -51.43 23.99 27.58
C LEU B 1794 -49.93 23.75 27.72
N ASP B 1795 -49.23 23.42 26.63
CA ASP B 1795 -47.80 23.19 26.72
C ASP B 1795 -47.05 24.51 26.88
N LYS B 1796 -47.52 25.58 26.21
CA LYS B 1796 -46.79 26.85 26.19
C LYS B 1796 -46.66 27.44 27.59
N GLU B 1797 -47.62 27.14 28.47
CA GLU B 1797 -47.50 27.53 29.86
C GLU B 1797 -46.78 26.52 30.73
N GLY B 1798 -46.42 25.35 30.18
CA GLY B 1798 -45.52 24.44 30.86
C GLY B 1798 -46.10 23.15 31.40
N ALA B 1799 -47.09 22.57 30.71
CA ALA B 1799 -47.64 21.30 31.15
C ALA B 1799 -46.73 20.12 30.86
N SER B 1800 -45.87 20.23 29.85
CA SER B 1800 -44.89 19.17 29.58
C SER B 1800 -43.89 19.07 30.73
N ASN B 1801 -43.47 20.22 31.27
CA ASN B 1801 -42.54 20.24 32.39
C ASN B 1801 -43.14 19.57 33.62
N LEU B 1802 -44.46 19.73 33.82
CA LEU B 1802 -45.13 19.15 34.97
C LEU B 1802 -45.00 17.63 34.99
N VAL B 1803 -45.37 16.96 33.89
CA VAL B 1803 -45.29 15.51 33.87
C VAL B 1803 -43.84 15.04 33.82
N ILE B 1804 -42.98 15.77 33.10
CA ILE B 1804 -41.60 15.33 32.94
C ILE B 1804 -40.81 15.49 34.23
N ASP B 1805 -41.27 16.33 35.16
CA ASP B 1805 -40.68 16.39 36.49
C ASP B 1805 -41.45 15.57 37.51
N LEU B 1806 -42.72 15.29 37.25
CA LEU B 1806 -43.54 14.54 38.18
C LEU B 1806 -43.20 13.05 38.15
N ILE B 1807 -42.84 12.51 36.98
CA ILE B 1807 -42.39 11.12 36.94
C ILE B 1807 -40.89 10.98 37.03
N MET B 1808 -40.13 12.08 36.93
CA MET B 1808 -38.70 12.01 37.21
C MET B 1808 -38.44 11.84 38.70
N ASN B 1809 -39.24 12.50 39.53
CA ASN B 1809 -39.10 12.42 40.98
C ASN B 1809 -40.38 11.86 41.59
N ALA B 1810 -40.91 10.79 41.01
CA ALA B 1810 -42.17 10.24 41.46
C ALA B 1810 -42.00 9.49 42.77
N SER B 1811 -42.86 9.79 43.74
CA SER B 1811 -42.84 9.14 45.05
C SER B 1811 -43.87 8.02 45.16
N SER B 1812 -45.12 8.31 44.82
CA SER B 1812 -46.19 7.33 44.92
C SER B 1812 -46.27 6.49 43.65
N ASP B 1813 -47.22 5.57 43.63
CA ASP B 1813 -47.48 4.72 42.48
C ASP B 1813 -48.69 5.15 41.67
N ARG B 1814 -49.67 5.77 42.31
CA ARG B 1814 -50.84 6.32 41.63
C ARG B 1814 -50.51 7.61 40.88
N VAL B 1815 -49.51 8.37 41.34
CA VAL B 1815 -49.09 9.59 40.66
C VAL B 1815 -48.53 9.28 39.27
N PHE B 1816 -47.74 8.21 39.16
CA PHE B 1816 -47.12 7.84 37.90
C PHE B 1816 -48.16 7.49 36.83
N HIS B 1817 -49.19 6.73 37.22
CA HIS B 1817 -50.21 6.28 36.27
C HIS B 1817 -51.04 7.45 35.76
N GLU B 1818 -51.48 8.33 36.65
CA GLU B 1818 -52.22 9.51 36.22
C GLU B 1818 -51.35 10.47 35.41
N SER B 1819 -50.05 10.55 35.74
CA SER B 1819 -49.16 11.43 35.00
C SER B 1819 -48.94 10.93 33.57
N ILE B 1820 -48.73 9.63 33.39
CA ILE B 1820 -48.56 9.13 32.03
C ILE B 1820 -49.87 9.16 31.25
N LEU B 1821 -51.01 9.00 31.94
CA LEU B 1821 -52.30 9.17 31.25
C LEU B 1821 -52.48 10.61 30.79
N LEU B 1822 -52.09 11.58 31.62
CA LEU B 1822 -52.14 12.98 31.22
C LEU B 1822 -51.20 13.26 30.05
N ALA B 1823 -50.01 12.65 30.05
CA ALA B 1823 -49.08 12.83 28.94
C ALA B 1823 -49.64 12.25 27.64
N ILE B 1824 -50.28 11.08 27.73
CA ILE B 1824 -50.90 10.47 26.55
C ILE B 1824 -52.01 11.36 26.01
N ALA B 1825 -52.87 11.87 26.90
CA ALA B 1825 -53.93 12.78 26.46
C ALA B 1825 -53.36 14.10 25.95
N LEU B 1826 -52.18 14.49 26.42
CA LEU B 1826 -51.56 15.72 25.94
C LEU B 1826 -51.01 15.55 24.53
N LEU B 1827 -50.31 14.44 24.25
CA LEU B 1827 -49.70 14.26 22.93
C LEU B 1827 -50.76 14.03 21.87
N GLU B 1828 -51.49 12.91 21.97
CA GLU B 1828 -52.68 12.61 21.16
C GLU B 1828 -52.42 12.73 19.66
N GLY B 1829 -51.53 11.85 19.19
CA GLY B 1829 -51.24 11.79 17.78
C GLY B 1829 -50.00 12.56 17.38
N GLY B 1830 -50.07 13.20 16.21
CA GLY B 1830 -48.91 13.88 15.67
C GLY B 1830 -48.81 15.35 16.00
N ASN B 1831 -48.80 15.69 17.29
CA ASN B 1831 -48.54 17.07 17.70
C ASN B 1831 -47.04 17.24 17.89
N THR B 1832 -46.37 17.58 16.79
CA THR B 1832 -44.93 17.77 16.83
C THR B 1832 -44.52 19.06 17.52
N THR B 1833 -45.46 19.99 17.74
CA THR B 1833 -45.13 21.21 18.45
C THR B 1833 -44.87 20.96 19.93
N ILE B 1834 -45.37 19.87 20.48
CA ILE B 1834 -45.17 19.56 21.89
C ILE B 1834 -44.23 18.37 22.10
N GLN B 1835 -43.98 17.55 21.07
CA GLN B 1835 -42.88 16.60 21.14
C GLN B 1835 -41.54 17.33 21.10
N HIS B 1836 -41.52 18.53 20.50
CA HIS B 1836 -40.32 19.36 20.54
C HIS B 1836 -39.99 19.79 21.97
N SER B 1837 -41.01 20.02 22.79
CA SER B 1837 -40.77 20.33 24.20
C SER B 1837 -40.14 19.14 24.93
N PHE B 1838 -40.65 17.95 24.68
CA PHE B 1838 -40.12 16.74 25.32
C PHE B 1838 -38.68 16.49 24.89
N PHE B 1839 -38.38 16.73 23.62
CA PHE B 1839 -36.99 16.55 23.18
C PHE B 1839 -36.08 17.66 23.68
N CYS B 1840 -36.55 18.91 23.71
CA CYS B 1840 -35.73 20.04 24.10
C CYS B 1840 -35.62 20.22 25.61
N ARG B 1841 -36.29 19.37 26.38
CA ARG B 1841 -35.96 19.27 27.80
C ARG B 1841 -35.05 18.09 28.12
N LEU B 1842 -35.31 16.93 27.52
CA LEU B 1842 -34.64 15.69 27.93
C LEU B 1842 -33.16 15.66 27.56
N THR B 1843 -32.72 16.50 26.64
CA THR B 1843 -31.31 16.54 26.28
C THR B 1843 -30.53 17.60 27.05
N GLU B 1844 -31.02 18.00 28.21
CA GLU B 1844 -30.33 18.96 29.08
C GLU B 1844 -30.45 18.47 30.52
N ASP B 1845 -30.18 19.38 31.46
CA ASP B 1845 -30.33 19.28 32.92
C ASP B 1845 -29.55 18.14 33.58
N LYS B 1846 -28.79 17.37 32.80
CA LYS B 1846 -27.82 16.37 33.24
C LYS B 1846 -28.39 15.30 34.17
N LYS B 1847 -29.71 15.16 34.25
CA LYS B 1847 -30.28 14.14 35.12
C LYS B 1847 -31.49 13.45 34.48
N SER B 1848 -31.61 13.51 33.15
CA SER B 1848 -32.64 12.75 32.45
C SER B 1848 -32.36 11.25 32.44
N GLU B 1849 -31.16 10.83 32.86
CA GLU B 1849 -30.92 9.40 33.04
C GLU B 1849 -31.82 8.83 34.13
N LYS B 1850 -32.19 9.65 35.11
CA LYS B 1850 -33.20 9.25 36.08
C LYS B 1850 -34.56 9.07 35.41
N PHE B 1851 -34.90 9.97 34.47
CA PHE B 1851 -36.15 9.88 33.75
C PHE B 1851 -36.23 8.59 32.94
N PHE B 1852 -35.14 8.21 32.28
CA PHE B 1852 -35.14 6.96 31.53
C PHE B 1852 -35.07 5.76 32.47
N LYS B 1853 -34.43 5.90 33.63
CA LYS B 1853 -34.32 4.81 34.58
C LYS B 1853 -35.68 4.45 35.17
N VAL B 1854 -36.53 5.45 35.39
CA VAL B 1854 -37.87 5.20 35.94
C VAL B 1854 -38.69 4.33 34.98
N PHE B 1855 -38.54 4.54 33.67
CA PHE B 1855 -39.20 3.66 32.71
C PHE B 1855 -38.51 2.31 32.64
N TYR B 1856 -37.17 2.30 32.63
CA TYR B 1856 -36.41 1.09 32.37
C TYR B 1856 -36.58 0.05 33.47
N ASP B 1857 -36.50 0.48 34.74
CA ASP B 1857 -36.63 -0.49 35.82
C ASP B 1857 -38.07 -0.97 35.98
N ARG B 1858 -39.04 -0.09 35.71
CA ARG B 1858 -40.44 -0.48 35.82
C ARG B 1858 -40.84 -1.45 34.73
N MET B 1859 -40.26 -1.31 33.54
CA MET B 1859 -40.45 -2.32 32.50
C MET B 1859 -39.58 -3.55 32.70
N LYS B 1860 -38.51 -3.46 33.48
CA LYS B 1860 -37.71 -4.64 33.78
C LYS B 1860 -38.38 -5.52 34.84
N VAL B 1861 -39.02 -4.92 35.84
CA VAL B 1861 -39.69 -5.70 36.88
C VAL B 1861 -41.02 -6.26 36.42
N ALA B 1862 -41.62 -5.68 35.39
CA ALA B 1862 -42.90 -6.19 34.91
C ALA B 1862 -42.71 -7.48 34.11
N GLN B 1863 -41.60 -7.60 33.39
CA GLN B 1863 -41.31 -8.83 32.67
C GLN B 1863 -40.79 -9.93 33.58
N GLN B 1864 -40.36 -9.61 34.79
CA GLN B 1864 -40.05 -10.63 35.79
C GLN B 1864 -41.32 -11.19 36.41
N GLU B 1865 -42.35 -10.37 36.56
CA GLU B 1865 -43.58 -10.83 37.19
C GLU B 1865 -44.36 -11.77 36.27
N ILE B 1866 -44.21 -11.63 34.96
CA ILE B 1866 -44.88 -12.53 34.04
C ILE B 1866 -44.12 -13.84 33.88
N LYS B 1867 -42.81 -13.85 34.12
CA LYS B 1867 -42.02 -15.07 34.06
C LYS B 1867 -42.18 -15.93 35.31
N ALA B 1868 -42.77 -15.40 36.37
CA ALA B 1868 -42.91 -16.11 37.63
C ALA B 1868 -44.36 -16.45 37.96
N THR B 1869 -45.23 -15.45 38.02
CA THR B 1869 -46.58 -15.69 38.54
C THR B 1869 -47.49 -16.27 37.47
N VAL B 1870 -47.78 -15.49 36.42
CA VAL B 1870 -48.71 -15.93 35.38
C VAL B 1870 -47.84 -16.58 34.30
N THR B 1871 -47.48 -17.83 34.53
CA THR B 1871 -46.80 -18.67 33.54
C THR B 1871 -47.44 -20.06 33.66
N VAL B 1872 -48.53 -20.26 32.93
CA VAL B 1872 -49.29 -21.50 32.99
C VAL B 1872 -49.60 -21.95 31.57
N ASN B 1873 -49.94 -23.23 31.45
CA ASN B 1873 -50.54 -23.77 30.24
C ASN B 1873 -51.49 -24.89 30.63
N THR B 1874 -52.57 -25.02 29.88
CA THR B 1874 -53.56 -26.07 30.12
C THR B 1874 -53.36 -27.17 29.08
N SER B 1875 -52.81 -28.30 29.51
CA SER B 1875 -52.62 -29.46 28.63
C SER B 1875 -53.87 -30.33 28.59
N ASP B 1876 -55.02 -29.72 28.31
CA ASP B 1876 -56.30 -30.40 28.28
C ASP B 1876 -57.06 -29.93 27.05
N LEU B 1877 -58.34 -30.28 26.99
CA LEU B 1877 -59.20 -29.82 25.89
C LEU B 1877 -60.49 -29.23 26.44
N ASP B 1950 -64.79 -12.32 38.18
CA ASP B 1950 -64.91 -13.69 37.66
C ASP B 1950 -63.79 -13.99 36.66
N ASP B 1951 -62.71 -13.22 36.73
CA ASP B 1951 -61.59 -13.39 35.82
C ASP B 1951 -60.28 -13.28 36.58
N LEU B 1952 -59.25 -13.94 36.05
CA LEU B 1952 -57.89 -13.79 36.57
C LEU B 1952 -57.32 -12.48 36.02
N GLU B 1953 -57.61 -11.39 36.71
CA GLU B 1953 -57.19 -10.08 36.26
C GLU B 1953 -55.68 -9.91 36.45
N MET B 1954 -55.06 -9.19 35.51
CA MET B 1954 -53.60 -9.07 35.48
C MET B 1954 -53.10 -8.23 36.65
N SER B 1955 -51.81 -8.38 36.94
CA SER B 1955 -51.21 -7.60 38.00
C SER B 1955 -51.09 -6.13 37.62
N ALA B 1956 -50.97 -5.27 38.62
CA ALA B 1956 -50.89 -3.83 38.39
C ALA B 1956 -49.57 -3.41 37.76
N VAL B 1957 -48.57 -4.29 37.68
CA VAL B 1957 -47.31 -3.94 37.03
C VAL B 1957 -47.28 -4.32 35.55
N ILE B 1958 -48.16 -5.21 35.11
CA ILE B 1958 -48.27 -5.57 33.70
C ILE B 1958 -49.30 -4.69 32.98
N THR B 1959 -50.45 -4.47 33.62
CA THR B 1959 -51.47 -3.59 33.05
C THR B 1959 -50.99 -2.14 32.99
N ILE B 1960 -50.01 -1.77 33.81
CA ILE B 1960 -49.44 -0.42 33.74
C ILE B 1960 -48.62 -0.18 32.48
N MET B 1961 -48.23 -1.24 31.75
CA MET B 1961 -47.44 -1.02 30.55
C MET B 1961 -48.27 -0.75 29.30
N GLN B 1962 -49.59 -0.89 29.36
CA GLN B 1962 -50.41 -0.41 28.25
C GLN B 1962 -50.27 1.10 28.06
N PRO B 1963 -50.40 1.97 29.08
CA PRO B 1963 -50.08 3.38 28.84
C PRO B 1963 -48.59 3.65 28.68
N ILE B 1964 -47.69 2.82 29.21
CA ILE B 1964 -46.26 3.03 28.99
C ILE B 1964 -45.92 2.84 27.53
N LEU B 1965 -46.40 1.76 26.93
CA LEU B 1965 -46.16 1.50 25.51
C LEU B 1965 -46.90 2.51 24.64
N ARG B 1966 -48.10 2.94 25.04
CA ARG B 1966 -48.78 3.97 24.28
C ARG B 1966 -48.02 5.30 24.31
N PHE B 1967 -47.46 5.66 25.47
CA PHE B 1967 -46.69 6.89 25.59
C PHE B 1967 -45.38 6.81 24.82
N LEU B 1968 -44.74 5.63 24.80
CA LEU B 1968 -43.53 5.48 23.99
C LEU B 1968 -43.85 5.49 22.50
N GLN B 1969 -45.01 4.96 22.11
CA GLN B 1969 -45.42 5.00 20.71
C GLN B 1969 -45.73 6.43 20.27
N LEU B 1970 -46.44 7.19 21.09
CA LEU B 1970 -46.80 8.56 20.74
C LEU B 1970 -45.62 9.51 20.75
N LEU B 1971 -44.50 9.12 21.36
CA LEU B 1971 -43.35 10.01 21.45
C LEU B 1971 -42.65 10.13 20.11
N CYS B 1972 -42.79 9.14 19.24
CA CYS B 1972 -42.20 9.17 17.91
C CYS B 1972 -43.29 8.92 16.87
N GLU B 1973 -44.39 9.68 16.97
CA GLU B 1973 -45.62 9.30 16.29
C GLU B 1973 -45.53 9.47 14.78
N ASN B 1974 -45.30 10.71 14.30
CA ASN B 1974 -45.29 10.93 12.87
C ASN B 1974 -44.11 10.22 12.21
N HIS B 1975 -42.91 10.77 12.36
CA HIS B 1975 -41.69 9.96 12.29
C HIS B 1975 -40.63 10.35 13.32
N ASN B 1976 -40.49 11.64 13.64
CA ASN B 1976 -39.74 12.16 14.79
C ASN B 1976 -38.30 11.61 14.82
N ARG B 1977 -37.53 12.06 13.83
CA ARG B 1977 -36.17 11.53 13.60
C ARG B 1977 -35.28 11.67 14.82
N ASP B 1978 -35.40 12.79 15.55
CA ASP B 1978 -34.54 13.02 16.70
C ASP B 1978 -34.96 12.16 17.91
N LEU B 1979 -36.25 11.90 18.05
CA LEU B 1979 -36.76 11.13 19.19
C LEU B 1979 -36.77 9.63 18.93
N GLN B 1980 -36.46 9.20 17.71
CA GLN B 1980 -36.35 7.77 17.43
C GLN B 1980 -34.98 7.23 17.76
N ASN B 1981 -33.96 8.09 17.78
CA ASN B 1981 -32.62 7.69 18.20
C ASN B 1981 -32.36 7.97 19.67
N PHE B 1982 -33.09 8.92 20.25
CA PHE B 1982 -32.93 9.25 21.67
C PHE B 1982 -33.53 8.21 22.59
N LEU B 1983 -34.39 7.34 22.08
CA LEU B 1983 -34.92 6.22 22.85
C LEU B 1983 -33.98 5.02 22.85
N ARG B 1984 -32.89 5.08 22.09
CA ARG B 1984 -31.93 4.00 21.98
C ARG B 1984 -30.57 4.35 22.59
N CYS B 1985 -30.10 5.59 22.42
CA CYS B 1985 -28.88 6.06 23.05
C CYS B 1985 -29.07 7.51 23.45
N GLN B 1986 -28.86 7.79 24.73
CA GLN B 1986 -29.08 9.12 25.28
C GLN B 1986 -27.79 9.91 25.44
N ASN B 1987 -26.63 9.32 25.11
CA ASN B 1987 -25.31 9.96 25.19
C ASN B 1987 -25.02 10.49 26.59
N ASN B 1988 -25.41 9.71 27.60
CA ASN B 1988 -25.19 10.06 29.00
C ASN B 1988 -24.08 9.18 29.58
N LYS B 1989 -23.88 9.32 30.89
CA LYS B 1989 -22.94 8.44 31.59
C LYS B 1989 -23.43 7.00 31.56
N THR B 1990 -24.73 6.80 31.76
CA THR B 1990 -25.37 5.51 31.59
C THR B 1990 -26.49 5.64 30.57
N ASN B 1991 -26.71 4.58 29.78
CA ASN B 1991 -27.67 4.60 28.69
C ASN B 1991 -28.56 3.38 28.78
N TYR B 1992 -29.87 3.60 28.63
CA TYR B 1992 -30.85 2.53 28.62
C TYR B 1992 -31.48 2.45 27.24
N ASN B 1993 -31.36 1.28 26.61
CA ASN B 1993 -31.94 1.04 25.28
C ASN B 1993 -33.36 0.54 25.48
N LEU B 1994 -34.33 1.41 25.24
CA LEU B 1994 -35.72 1.02 25.44
C LEU B 1994 -36.26 0.13 24.33
N VAL B 1995 -35.69 0.22 23.13
CA VAL B 1995 -36.13 -0.65 22.04
C VAL B 1995 -35.80 -2.10 22.33
N CYS B 1996 -34.58 -2.35 22.82
CA CYS B 1996 -34.13 -3.71 23.11
C CYS B 1996 -34.96 -4.37 24.20
N GLU B 1997 -35.18 -3.66 25.31
CA GLU B 1997 -36.01 -4.21 26.37
C GLU B 1997 -37.49 -4.28 26.01
N THR B 1998 -37.97 -3.41 25.11
CA THR B 1998 -39.33 -3.55 24.62
C THR B 1998 -39.49 -4.83 23.80
N LEU B 1999 -38.49 -5.15 22.98
CA LEU B 1999 -38.53 -6.42 22.25
C LEU B 1999 -38.37 -7.60 23.21
N GLN B 2000 -37.59 -7.43 24.27
CA GLN B 2000 -37.49 -8.49 25.29
C GLN B 2000 -38.82 -8.74 25.97
N PHE B 2001 -39.55 -7.67 26.30
CA PHE B 2001 -40.87 -7.81 26.90
C PHE B 2001 -41.85 -8.48 25.93
N LEU B 2002 -41.80 -8.09 24.66
CA LEU B 2002 -42.65 -8.72 23.65
C LEU B 2002 -42.31 -10.20 23.50
N ASP B 2003 -41.03 -10.54 23.62
CA ASP B 2003 -40.61 -11.92 23.49
C ASP B 2003 -41.11 -12.74 24.68
N CYS B 2004 -40.98 -12.19 25.89
CA CYS B 2004 -41.29 -12.98 27.09
C CYS B 2004 -42.78 -13.04 27.40
N ILE B 2005 -43.58 -12.08 26.93
CA ILE B 2005 -44.99 -12.06 27.31
C ILE B 2005 -45.76 -13.22 26.65
N CYS B 2006 -45.31 -13.69 25.49
CA CYS B 2006 -46.07 -14.66 24.71
C CYS B 2006 -45.20 -15.85 24.33
N GLY B 2007 -44.55 -16.45 25.33
CA GLY B 2007 -43.83 -17.69 25.11
C GLY B 2007 -42.46 -17.55 24.51
N SER B 2008 -41.54 -16.94 25.25
CA SER B 2008 -40.16 -16.77 24.78
C SER B 2008 -39.50 -18.12 24.55
N THR B 2009 -38.80 -18.23 23.41
CA THR B 2009 -37.99 -19.37 23.00
C THR B 2009 -38.83 -20.63 22.70
N THR B 2010 -40.13 -20.60 23.02
CA THR B 2010 -41.02 -21.74 22.81
C THR B 2010 -41.98 -21.50 21.66
N GLY B 2011 -42.49 -20.28 21.51
CA GLY B 2011 -43.40 -19.98 20.42
C GLY B 2011 -42.74 -19.90 19.07
N GLY B 2012 -41.43 -19.65 19.02
CA GLY B 2012 -40.73 -19.51 17.75
C GLY B 2012 -40.48 -20.81 17.03
N LEU B 2013 -40.73 -21.95 17.67
CA LEU B 2013 -40.49 -23.25 17.07
C LEU B 2013 -41.77 -24.04 16.85
N GLY B 2014 -42.93 -23.46 17.09
CA GLY B 2014 -44.14 -24.26 17.17
C GLY B 2014 -45.24 -23.56 17.92
N LEU B 2015 -45.77 -24.23 18.96
CA LEU B 2015 -46.96 -23.78 19.66
C LEU B 2015 -46.71 -22.42 20.34
N LEU B 2016 -47.64 -21.50 20.13
CA LEU B 2016 -47.67 -20.27 20.91
C LEU B 2016 -49.07 -19.84 21.29
N GLY B 2017 -50.10 -20.59 20.86
CA GLY B 2017 -51.46 -20.24 21.21
C GLY B 2017 -51.83 -20.53 22.65
N LEU B 2018 -51.01 -21.30 23.37
CA LEU B 2018 -51.23 -21.50 24.79
C LEU B 2018 -50.96 -20.23 25.58
N TYR B 2019 -50.02 -19.40 25.13
CA TYR B 2019 -49.72 -18.14 25.78
C TYR B 2019 -50.66 -17.02 25.36
N ILE B 2020 -51.50 -17.23 24.36
CA ILE B 2020 -52.38 -16.20 23.83
C ILE B 2020 -53.81 -16.52 24.24
N ASN B 2021 -54.50 -15.53 24.81
CA ASN B 2021 -55.91 -15.65 25.14
C ASN B 2021 -56.56 -14.28 24.99
N GLU B 2022 -57.86 -14.22 25.29
CA GLU B 2022 -58.64 -13.02 25.01
C GLU B 2022 -58.29 -11.84 25.89
N LYS B 2023 -57.58 -12.05 27.00
CA LYS B 2023 -57.18 -10.97 27.89
C LYS B 2023 -55.74 -10.54 27.68
N ASN B 2024 -55.04 -11.11 26.71
CA ASN B 2024 -53.64 -10.79 26.48
C ASN B 2024 -53.37 -10.09 25.16
N VAL B 2025 -54.30 -10.17 24.20
CA VAL B 2025 -54.05 -9.64 22.86
C VAL B 2025 -53.99 -8.13 22.85
N ALA B 2026 -54.67 -7.47 23.80
CA ALA B 2026 -54.72 -6.02 23.82
C ALA B 2026 -53.38 -5.39 24.16
N LEU B 2027 -52.47 -6.14 24.77
CA LEU B 2027 -51.12 -5.66 25.04
C LEU B 2027 -50.12 -6.08 23.97
N ILE B 2028 -50.33 -7.25 23.36
CA ILE B 2028 -49.46 -7.68 22.26
C ILE B 2028 -49.67 -6.80 21.04
N ASN B 2029 -50.92 -6.39 20.79
CA ASN B 2029 -51.19 -5.43 19.71
C ASN B 2029 -50.47 -4.12 19.97
N GLN B 2030 -50.51 -3.64 21.21
CA GLN B 2030 -49.87 -2.36 21.53
C GLN B 2030 -48.36 -2.44 21.40
N THR B 2031 -47.74 -3.53 21.84
CA THR B 2031 -46.29 -3.60 21.70
C THR B 2031 -45.88 -3.83 20.24
N LEU B 2032 -46.71 -4.53 19.45
CA LEU B 2032 -46.42 -4.66 18.02
C LEU B 2032 -46.48 -3.30 17.33
N GLU B 2033 -47.49 -2.50 17.66
CA GLU B 2033 -47.58 -1.15 17.10
C GLU B 2033 -46.43 -0.26 17.56
N SER B 2034 -46.01 -0.43 18.82
CA SER B 2034 -44.90 0.37 19.34
C SER B 2034 -43.58 0.03 18.66
N LEU B 2035 -43.31 -1.25 18.40
CA LEU B 2035 -42.12 -1.58 17.61
C LEU B 2035 -42.27 -1.18 16.14
N THR B 2036 -43.51 -1.13 15.63
CA THR B 2036 -43.70 -0.63 14.27
C THR B 2036 -43.34 0.85 14.19
N GLU B 2037 -43.65 1.62 15.23
CA GLU B 2037 -43.35 3.04 15.22
C GLU B 2037 -41.86 3.33 15.38
N TYR B 2038 -41.08 2.40 15.93
CA TYR B 2038 -39.66 2.66 16.15
C TYR B 2038 -38.86 2.61 14.87
N CYS B 2039 -39.33 1.88 13.86
CA CYS B 2039 -38.56 1.62 12.65
C CYS B 2039 -38.99 2.47 11.46
N GLN B 2040 -40.28 2.80 11.35
CA GLN B 2040 -40.75 3.63 10.25
C GLN B 2040 -40.16 5.02 10.35
N GLY B 2041 -40.00 5.68 9.20
CA GLY B 2041 -39.10 6.80 9.14
C GLY B 2041 -37.69 6.25 9.23
N PRO B 2042 -37.23 5.61 8.14
CA PRO B 2042 -36.31 4.47 8.25
C PRO B 2042 -34.96 4.77 8.85
N CYS B 2043 -34.90 4.90 10.17
CA CYS B 2043 -33.64 4.92 10.88
C CYS B 2043 -33.02 3.53 10.84
N HIS B 2044 -31.79 3.43 10.33
CA HIS B 2044 -31.16 2.14 10.15
C HIS B 2044 -30.61 1.56 11.44
N GLU B 2045 -30.63 2.31 12.53
CA GLU B 2045 -30.10 1.81 13.79
C GLU B 2045 -31.14 1.00 14.56
N ASN B 2046 -32.38 1.48 14.60
CA ASN B 2046 -33.44 0.77 15.31
C ASN B 2046 -33.86 -0.51 14.57
N GLN B 2047 -33.64 -0.56 13.26
CA GLN B 2047 -33.94 -1.79 12.51
C GLN B 2047 -32.86 -2.84 12.73
N ASN B 2048 -31.60 -2.41 12.90
CA ASN B 2048 -30.55 -3.36 13.23
C ASN B 2048 -30.65 -3.82 14.67
N CYS B 2049 -31.14 -2.96 15.56
CA CYS B 2049 -31.28 -3.34 16.97
C CYS B 2049 -32.36 -4.40 17.15
N ILE B 2050 -33.47 -4.28 16.44
CA ILE B 2050 -34.55 -5.24 16.59
C ILE B 2050 -34.17 -6.60 15.99
N ALA B 2051 -33.58 -6.59 14.81
CA ALA B 2051 -33.28 -7.85 14.12
C ALA B 2051 -32.11 -8.61 14.73
N THR B 2052 -31.08 -7.91 15.23
CA THR B 2052 -29.80 -8.54 15.53
C THR B 2052 -29.40 -8.47 16.99
N HIS B 2053 -30.32 -8.24 17.93
CA HIS B 2053 -29.84 -8.22 19.30
C HIS B 2053 -29.85 -9.63 19.90
N GLU B 2054 -29.35 -9.74 21.14
CA GLU B 2054 -28.91 -11.01 21.69
C GLU B 2054 -30.08 -11.96 21.95
N SER B 2055 -31.13 -11.48 22.61
CA SER B 2055 -32.28 -12.32 22.89
C SER B 2055 -33.19 -12.30 21.67
N ASN B 2056 -33.04 -13.31 20.81
CA ASN B 2056 -33.60 -13.24 19.45
C ASN B 2056 -35.12 -13.29 19.46
N GLY B 2057 -35.74 -12.11 19.51
CA GLY B 2057 -37.18 -11.94 19.48
C GLY B 2057 -37.76 -11.74 18.11
N ILE B 2058 -36.93 -11.78 17.06
CA ILE B 2058 -37.47 -11.74 15.70
C ILE B 2058 -38.02 -13.08 15.27
N ASP B 2059 -37.74 -14.15 16.02
CA ASP B 2059 -38.17 -15.49 15.66
C ASP B 2059 -39.64 -15.73 16.00
N ILE B 2060 -40.24 -14.86 16.82
CA ILE B 2060 -41.60 -15.06 17.26
C ILE B 2060 -42.57 -14.08 16.60
N ILE B 2061 -42.11 -12.89 16.22
CA ILE B 2061 -42.90 -12.07 15.29
C ILE B 2061 -42.92 -12.69 13.91
N THR B 2062 -41.94 -13.53 13.58
CA THR B 2062 -42.00 -14.35 12.39
C THR B 2062 -42.98 -15.50 12.55
N ALA B 2063 -43.03 -16.09 13.74
CA ALA B 2063 -43.70 -17.37 13.92
C ALA B 2063 -45.21 -17.26 13.81
N LEU B 2064 -45.79 -16.16 14.30
CA LEU B 2064 -47.24 -16.13 14.44
C LEU B 2064 -47.96 -15.79 13.15
N ILE B 2065 -47.25 -15.48 12.07
CA ILE B 2065 -47.88 -15.36 10.76
C ILE B 2065 -47.70 -16.62 9.92
N LEU B 2066 -46.74 -17.49 10.27
CA LEU B 2066 -46.56 -18.73 9.53
C LEU B 2066 -47.52 -19.80 10.02
N ASN B 2067 -47.49 -20.12 11.30
CA ASN B 2067 -48.37 -21.13 11.86
C ASN B 2067 -49.67 -20.50 12.37
N ASP B 2068 -50.64 -21.36 12.62
CA ASP B 2068 -51.95 -20.94 13.10
C ASP B 2068 -52.02 -21.04 14.62
N ILE B 2069 -52.85 -20.20 15.21
CA ILE B 2069 -53.09 -20.24 16.64
C ILE B 2069 -53.98 -21.43 16.96
N ASN B 2070 -53.59 -22.21 17.97
CA ASN B 2070 -54.29 -23.46 18.27
C ASN B 2070 -55.74 -23.27 18.74
N PRO B 2071 -56.07 -22.36 19.67
CA PRO B 2071 -57.50 -22.15 19.97
C PRO B 2071 -58.19 -21.40 18.86
N LEU B 2072 -59.41 -21.83 18.54
CA LEU B 2072 -60.26 -21.16 17.56
C LEU B 2072 -61.64 -20.93 18.16
N GLY B 2073 -62.24 -19.78 17.86
CA GLY B 2073 -63.52 -19.44 18.44
C GLY B 2073 -64.13 -18.27 17.72
N LYS B 2074 -65.28 -17.82 18.24
CA LYS B 2074 -66.01 -16.72 17.61
C LYS B 2074 -65.24 -15.40 17.75
N LYS B 2075 -64.79 -15.08 18.95
CA LYS B 2075 -63.92 -13.93 19.16
C LYS B 2075 -62.45 -14.32 19.10
N ARG B 2076 -62.07 -15.03 18.03
CA ARG B 2076 -60.67 -15.39 17.84
C ARG B 2076 -60.20 -15.01 16.45
N MET B 2077 -61.06 -15.17 15.45
CA MET B 2077 -60.69 -14.84 14.08
C MET B 2077 -60.54 -13.33 13.89
N ASP B 2078 -61.49 -12.57 14.46
CA ASP B 2078 -61.47 -11.11 14.42
C ASP B 2078 -60.47 -10.49 15.38
N LEU B 2079 -59.60 -11.29 15.98
CA LEU B 2079 -58.42 -10.81 16.70
C LEU B 2079 -57.13 -11.32 16.10
N VAL B 2080 -57.13 -12.56 15.60
CA VAL B 2080 -55.95 -13.09 14.95
C VAL B 2080 -55.72 -12.41 13.61
N LEU B 2081 -56.77 -11.87 12.97
CA LEU B 2081 -56.58 -11.10 11.76
C LEU B 2081 -55.78 -9.83 12.03
N GLU B 2082 -56.16 -9.08 13.07
CA GLU B 2082 -55.43 -7.87 13.42
C GLU B 2082 -54.04 -8.20 13.95
N LEU B 2083 -53.89 -9.31 14.66
CA LEU B 2083 -52.58 -9.71 15.18
C LEU B 2083 -51.62 -10.04 14.03
N LYS B 2084 -52.07 -10.84 13.06
CA LYS B 2084 -51.23 -11.17 11.92
C LYS B 2084 -50.97 -9.95 11.04
N ASN B 2085 -51.97 -9.06 10.92
CA ASN B 2085 -51.79 -7.84 10.15
C ASN B 2085 -50.74 -6.94 10.76
N ASN B 2086 -50.77 -6.77 12.09
CA ASN B 2086 -49.77 -5.93 12.76
C ASN B 2086 -48.39 -6.56 12.70
N ALA B 2087 -48.30 -7.89 12.81
CA ALA B 2087 -47.00 -8.55 12.69
C ALA B 2087 -46.41 -8.41 11.30
N SER B 2088 -47.25 -8.56 10.26
CA SER B 2088 -46.78 -8.36 8.89
C SER B 2088 -46.38 -6.92 8.64
N LYS B 2089 -47.12 -5.97 9.22
CA LYS B 2089 -46.76 -4.56 9.09
C LYS B 2089 -45.42 -4.27 9.77
N LEU B 2090 -45.16 -4.89 10.93
CA LEU B 2090 -43.87 -4.72 11.59
C LEU B 2090 -42.74 -5.31 10.76
N LEU B 2091 -42.96 -6.49 10.16
CA LEU B 2091 -41.93 -7.10 9.33
C LEU B 2091 -41.66 -6.27 8.08
N LEU B 2092 -42.69 -5.63 7.53
CA LEU B 2092 -42.48 -4.69 6.43
C LEU B 2092 -41.73 -3.45 6.90
N ALA B 2093 -42.00 -3.00 8.13
CA ALA B 2093 -41.31 -1.82 8.66
C ALA B 2093 -39.83 -2.09 8.90
N ILE B 2094 -39.47 -3.34 9.23
CA ILE B 2094 -38.06 -3.67 9.40
C ILE B 2094 -37.33 -3.61 8.07
N MET B 2095 -37.90 -4.24 7.03
CA MET B 2095 -37.39 -4.14 5.67
C MET B 2095 -38.14 -3.06 4.88
N GLU B 2096 -37.77 -1.82 5.16
CA GLU B 2096 -38.44 -0.69 4.50
C GLU B 2096 -37.66 -0.23 3.28
N SER B 2097 -36.43 0.22 3.49
CA SER B 2097 -35.52 0.52 2.37
C SER B 2097 -34.10 0.30 2.91
N ARG B 2098 -33.55 -0.89 2.67
CA ARG B 2098 -32.26 -1.23 3.23
C ARG B 2098 -31.22 -1.61 2.18
N HIS B 2099 -31.58 -2.50 1.25
CA HIS B 2099 -30.65 -3.07 0.26
C HIS B 2099 -29.45 -3.72 0.94
N ASP B 2100 -29.70 -4.34 2.10
CA ASP B 2100 -28.65 -4.93 2.93
C ASP B 2100 -28.96 -6.40 3.15
N SER B 2101 -27.95 -7.25 2.98
CA SER B 2101 -28.15 -8.69 3.02
C SER B 2101 -28.32 -9.24 4.44
N GLU B 2102 -27.63 -8.66 5.43
CA GLU B 2102 -27.49 -9.32 6.73
C GLU B 2102 -28.81 -9.37 7.49
N ASN B 2103 -29.58 -8.27 7.46
CA ASN B 2103 -30.86 -8.29 8.17
C ASN B 2103 -31.91 -9.08 7.40
N ALA B 2104 -31.73 -9.24 6.10
CA ALA B 2104 -32.63 -10.10 5.33
C ALA B 2104 -32.35 -11.57 5.58
N GLU B 2105 -31.08 -11.96 5.62
CA GLU B 2105 -30.75 -13.35 5.89
C GLU B 2105 -30.97 -13.72 7.35
N ARG B 2106 -30.92 -12.75 8.26
CA ARG B 2106 -31.32 -13.00 9.64
C ARG B 2106 -32.80 -13.37 9.71
N ILE B 2107 -33.63 -12.68 8.94
CA ILE B 2107 -35.05 -13.04 8.84
C ILE B 2107 -35.20 -14.39 8.16
N LEU B 2108 -34.47 -14.60 7.06
CA LEU B 2108 -34.59 -15.80 6.26
C LEU B 2108 -33.97 -17.03 6.91
N TYR B 2109 -33.19 -16.85 7.99
CA TYR B 2109 -32.59 -17.99 8.67
C TYR B 2109 -33.63 -18.84 9.39
N ASN B 2110 -34.76 -18.26 9.76
CA ASN B 2110 -35.75 -18.96 10.56
C ASN B 2110 -36.61 -19.90 9.72
N MET B 2111 -37.32 -19.34 8.75
CA MET B 2111 -38.26 -20.14 7.97
C MET B 2111 -37.56 -20.77 6.78
N ARG B 2112 -38.13 -21.86 6.30
CA ARG B 2112 -37.84 -22.33 4.96
C ARG B 2112 -38.69 -21.52 3.98
N PRO B 2113 -38.30 -21.45 2.70
CA PRO B 2113 -39.11 -20.70 1.73
C PRO B 2113 -40.48 -21.32 1.48
N LYS B 2114 -41.37 -21.21 2.48
CA LYS B 2114 -42.76 -21.62 2.37
C LYS B 2114 -43.70 -20.44 2.44
N GLU B 2115 -43.20 -19.21 2.25
CA GLU B 2115 -44.07 -18.05 2.15
C GLU B 2115 -45.01 -18.14 0.97
N LEU B 2116 -44.62 -18.83 -0.11
CA LEU B 2116 -45.52 -18.97 -1.24
C LEU B 2116 -46.72 -19.84 -0.90
N VAL B 2117 -46.51 -20.95 -0.19
CA VAL B 2117 -47.67 -21.76 0.20
C VAL B 2117 -48.45 -21.06 1.31
N GLU B 2118 -47.77 -20.23 2.12
CA GLU B 2118 -48.48 -19.44 3.12
C GLU B 2118 -49.43 -18.45 2.47
N VAL B 2119 -48.97 -17.73 1.45
CA VAL B 2119 -49.83 -16.75 0.80
C VAL B 2119 -50.87 -17.43 -0.08
N ILE B 2120 -50.58 -18.63 -0.61
CA ILE B 2120 -51.58 -19.37 -1.37
C ILE B 2120 -52.74 -19.79 -0.46
N LYS B 2121 -52.40 -20.38 0.70
CA LYS B 2121 -53.44 -20.76 1.65
C LYS B 2121 -54.20 -19.54 2.15
N LYS B 2122 -53.48 -18.43 2.35
CA LYS B 2122 -54.08 -17.25 2.93
C LYS B 2122 -54.97 -16.55 1.90
N ALA B 2123 -54.71 -16.77 0.61
CA ALA B 2123 -55.58 -16.25 -0.45
C ALA B 2123 -56.82 -17.12 -0.65
N TYR B 2124 -56.67 -18.45 -0.65
CA TYR B 2124 -57.87 -19.29 -0.70
C TYR B 2124 -58.70 -19.28 0.58
N MET B 2125 -58.19 -18.70 1.67
CA MET B 2125 -59.11 -18.46 2.79
C MET B 2125 -60.14 -17.36 2.52
N GLN B 2126 -60.04 -16.65 1.40
CA GLN B 2126 -61.05 -15.66 1.02
C GLN B 2126 -62.24 -16.30 0.30
N GLY B 2127 -62.13 -17.56 -0.12
CA GLY B 2127 -63.09 -18.13 -1.05
C GLY B 2127 -64.48 -18.39 -0.48
N GLU B 2128 -64.61 -18.53 0.84
CA GLU B 2128 -65.91 -18.88 1.40
C GLU B 2128 -66.85 -17.69 1.55
N VAL B 2129 -66.39 -16.47 1.34
CA VAL B 2129 -67.26 -15.31 1.41
C VAL B 2129 -67.50 -14.74 0.02
N ALA B 2141 -58.02 -2.54 4.83
CA ALA B 2141 -58.70 -2.77 6.10
C ALA B 2141 -58.30 -4.12 6.68
N ALA B 2142 -59.01 -4.55 7.73
CA ALA B 2142 -58.79 -5.84 8.35
C ALA B 2142 -59.57 -6.88 7.56
N SER B 2143 -59.01 -7.31 6.43
CA SER B 2143 -59.64 -8.28 5.55
C SER B 2143 -58.61 -9.36 5.26
N PRO B 2144 -59.05 -10.61 5.02
CA PRO B 2144 -58.09 -11.71 4.89
C PRO B 2144 -57.20 -11.63 3.66
N ARG B 2145 -57.62 -10.97 2.58
CA ARG B 2145 -56.81 -10.96 1.37
C ARG B 2145 -55.63 -9.99 1.47
N ASN B 2146 -55.79 -8.88 2.18
CA ASN B 2146 -54.73 -7.88 2.24
C ASN B 2146 -53.53 -8.36 3.05
N VAL B 2147 -53.77 -9.23 4.04
CA VAL B 2147 -52.68 -9.78 4.84
C VAL B 2147 -51.72 -10.58 3.97
N GLY B 2148 -52.27 -11.50 3.17
CA GLY B 2148 -51.45 -12.27 2.24
C GLY B 2148 -50.72 -11.40 1.23
N HIS B 2149 -51.32 -10.25 0.88
CA HIS B 2149 -50.63 -9.29 0.02
C HIS B 2149 -49.43 -8.68 0.75
N ASN B 2150 -49.56 -8.43 2.05
CA ASN B 2150 -48.42 -7.91 2.82
C ASN B 2150 -47.29 -8.93 2.89
N ILE B 2151 -47.61 -10.19 3.18
CA ILE B 2151 -46.55 -11.21 3.15
C ILE B 2151 -46.00 -11.41 1.73
N TYR B 2152 -46.82 -11.24 0.69
CA TYR B 2152 -46.29 -11.31 -0.66
C TYR B 2152 -45.29 -10.20 -0.94
N ILE B 2153 -45.59 -8.97 -0.48
CA ILE B 2153 -44.66 -7.86 -0.66
C ILE B 2153 -43.37 -8.12 0.11
N LEU B 2154 -43.49 -8.65 1.33
CA LEU B 2154 -42.30 -8.97 2.12
C LEU B 2154 -41.45 -10.04 1.45
N ALA B 2155 -42.09 -11.07 0.90
CA ALA B 2155 -41.35 -12.13 0.21
C ALA B 2155 -40.74 -11.63 -1.09
N HIS B 2156 -41.39 -10.69 -1.76
CA HIS B 2156 -40.80 -10.05 -2.94
C HIS B 2156 -39.55 -9.26 -2.57
N GLN B 2157 -39.60 -8.55 -1.44
CA GLN B 2157 -38.41 -7.83 -0.98
C GLN B 2157 -37.31 -8.77 -0.55
N LEU B 2158 -37.66 -9.92 0.03
CA LEU B 2158 -36.65 -10.87 0.48
C LEU B 2158 -36.08 -11.71 -0.66
N ALA B 2159 -36.74 -11.72 -1.82
CA ALA B 2159 -36.32 -12.59 -2.91
C ALA B 2159 -35.08 -12.11 -3.63
N ARG B 2160 -34.70 -10.84 -3.44
CA ARG B 2160 -33.52 -10.31 -4.12
C ARG B 2160 -32.21 -10.78 -3.48
N HIS B 2161 -32.27 -11.40 -2.31
CA HIS B 2161 -31.11 -12.01 -1.69
C HIS B 2161 -31.13 -13.53 -1.76
N ASN B 2162 -32.30 -14.14 -1.58
CA ASN B 2162 -32.44 -15.59 -1.69
C ASN B 2162 -32.65 -15.94 -3.15
N LYS B 2163 -31.66 -16.58 -3.77
CA LYS B 2163 -31.76 -16.91 -5.18
C LYS B 2163 -32.81 -18.00 -5.42
N GLU B 2164 -32.95 -18.94 -4.49
CA GLU B 2164 -33.94 -19.99 -4.63
C GLU B 2164 -35.37 -19.44 -4.52
N LEU B 2165 -35.59 -18.52 -3.58
CA LEU B 2165 -36.91 -17.92 -3.41
C LEU B 2165 -37.31 -17.08 -4.62
N GLN B 2166 -36.32 -16.47 -5.28
CA GLN B 2166 -36.60 -15.72 -6.51
C GLN B 2166 -37.09 -16.63 -7.61
N THR B 2167 -36.55 -17.85 -7.70
CA THR B 2167 -36.89 -18.80 -8.74
C THR B 2167 -38.07 -19.69 -8.38
N MET B 2168 -38.91 -19.27 -7.44
CA MET B 2168 -40.18 -19.96 -7.20
C MET B 2168 -41.39 -19.04 -7.10
N LEU B 2169 -41.21 -17.72 -7.15
CA LEU B 2169 -42.35 -16.82 -7.29
C LEU B 2169 -42.49 -16.33 -8.72
N LYS B 2170 -41.36 -16.06 -9.38
CA LYS B 2170 -41.39 -15.69 -10.80
C LYS B 2170 -41.93 -16.78 -11.72
N PRO B 2171 -41.44 -18.06 -11.69
CA PRO B 2171 -41.87 -18.99 -12.75
C PRO B 2171 -43.21 -19.65 -12.49
N GLY B 2172 -44.01 -19.08 -11.60
CA GLY B 2172 -45.32 -19.64 -11.28
C GLY B 2172 -46.38 -19.57 -12.35
N GLY B 2173 -46.01 -19.13 -13.56
CA GLY B 2173 -46.96 -19.13 -14.65
C GLY B 2173 -47.36 -20.52 -15.11
N GLN B 2174 -46.42 -21.47 -15.05
CA GLN B 2174 -46.63 -22.82 -15.55
C GLN B 2174 -47.05 -23.80 -14.47
N VAL B 2175 -47.31 -23.33 -13.25
CA VAL B 2175 -47.75 -24.20 -12.17
C VAL B 2175 -49.24 -24.01 -11.94
N ASP B 2176 -49.81 -24.92 -11.15
CA ASP B 2176 -51.24 -24.87 -10.86
C ASP B 2176 -51.62 -23.77 -9.88
N GLY B 2177 -50.69 -23.30 -9.06
CA GLY B 2177 -50.98 -22.22 -8.13
C GLY B 2177 -50.96 -20.88 -8.81
N ASP B 2178 -52.00 -20.61 -9.62
CA ASP B 2178 -52.02 -19.43 -10.46
C ASP B 2178 -52.75 -18.26 -9.81
N GLU B 2179 -53.81 -18.55 -9.04
CA GLU B 2179 -54.68 -17.51 -8.51
C GLU B 2179 -53.91 -16.55 -7.61
N ALA B 2180 -53.35 -17.07 -6.51
CA ALA B 2180 -52.68 -16.22 -5.53
C ALA B 2180 -51.45 -15.53 -6.12
N LEU B 2181 -50.60 -16.30 -6.82
CA LEU B 2181 -49.33 -15.76 -7.30
C LEU B 2181 -49.53 -14.69 -8.36
N GLU B 2182 -50.32 -14.98 -9.40
CA GLU B 2182 -50.50 -13.95 -10.42
C GLU B 2182 -51.48 -12.85 -10.00
N PHE B 2183 -52.37 -13.08 -9.04
CA PHE B 2183 -53.14 -11.97 -8.48
C PHE B 2183 -52.24 -10.99 -7.74
N TYR B 2184 -51.40 -11.52 -6.85
CA TYR B 2184 -50.53 -10.64 -6.06
C TYR B 2184 -49.40 -10.06 -6.90
N ALA B 2185 -49.01 -10.73 -7.99
CA ALA B 2185 -48.03 -10.14 -8.90
C ALA B 2185 -48.66 -9.07 -9.78
N LYS B 2186 -49.92 -9.23 -10.15
CA LYS B 2186 -50.61 -8.23 -10.94
C LYS B 2186 -50.87 -6.97 -10.13
N HIS B 2187 -51.22 -7.12 -8.86
CA HIS B 2187 -51.63 -5.98 -8.05
C HIS B 2187 -50.50 -5.38 -7.22
N THR B 2188 -49.25 -5.58 -7.63
CA THR B 2188 -48.10 -5.04 -6.91
C THR B 2188 -47.23 -4.23 -7.86
N ALA B 2189 -46.92 -3.00 -7.46
CA ALA B 2189 -46.09 -2.09 -8.24
C ALA B 2189 -44.77 -1.85 -7.51
N GLN B 2190 -43.95 -0.97 -8.09
CA GLN B 2190 -42.59 -0.74 -7.60
C GLN B 2190 -42.09 0.58 -8.18
N ILE B 2191 -41.48 1.41 -7.33
CA ILE B 2191 -41.15 2.79 -7.66
C ILE B 2191 -39.81 3.11 -7.00
N GLU B 2192 -39.07 4.06 -7.58
CA GLU B 2192 -37.82 4.55 -7.00
C GLU B 2192 -37.90 6.06 -6.78
N ILE B 2193 -37.49 6.52 -5.60
CA ILE B 2193 -37.56 7.93 -5.24
C ILE B 2193 -36.18 8.42 -4.80
N VAL B 2194 -36.05 9.73 -4.59
CA VAL B 2194 -34.82 10.36 -4.12
C VAL B 2194 -35.17 11.19 -2.89
N ARG B 2195 -34.40 10.99 -1.81
CA ARG B 2195 -34.73 11.59 -0.52
C ARG B 2195 -34.00 12.93 -0.36
N LEU B 2196 -33.98 13.45 0.88
CA LEU B 2196 -33.33 14.74 1.15
C LEU B 2196 -31.82 14.68 0.93
N ASP B 2197 -31.18 13.60 1.36
CA ASP B 2197 -29.73 13.47 1.26
C ASP B 2197 -29.27 12.95 -0.10
N ARG B 2198 -30.13 13.06 -1.11
CA ARG B 2198 -29.85 12.62 -2.47
C ARG B 2198 -29.48 11.14 -2.52
N THR B 2199 -30.20 10.34 -1.74
CA THR B 2199 -30.05 8.90 -1.74
C THR B 2199 -31.29 8.26 -2.36
N MET B 2200 -31.07 7.19 -3.11
CA MET B 2200 -32.11 6.56 -3.90
C MET B 2200 -32.65 5.35 -3.14
N GLU B 2201 -33.98 5.26 -3.04
CA GLU B 2201 -34.62 4.18 -2.31
C GLU B 2201 -35.72 3.59 -3.15
N GLN B 2202 -36.03 2.33 -2.90
CA GLN B 2202 -37.01 1.58 -3.67
C GLN B 2202 -38.20 1.21 -2.80
N ILE B 2203 -39.40 1.50 -3.29
CA ILE B 2203 -40.63 1.30 -2.55
C ILE B 2203 -41.50 0.29 -3.29
N VAL B 2204 -41.97 -0.72 -2.57
CA VAL B 2204 -42.91 -1.71 -3.09
C VAL B 2204 -44.24 -1.48 -2.38
N PHE B 2205 -45.30 -1.28 -3.16
CA PHE B 2205 -46.59 -0.90 -2.62
C PHE B 2205 -47.69 -1.61 -3.39
N PRO B 2206 -48.87 -1.79 -2.77
CA PRO B 2206 -50.01 -2.28 -3.52
C PRO B 2206 -50.68 -1.18 -4.33
N VAL B 2207 -51.14 -1.53 -5.52
CA VAL B 2207 -51.83 -0.56 -6.37
C VAL B 2207 -53.22 -0.32 -5.80
N PRO B 2208 -53.78 0.88 -5.93
CA PRO B 2208 -55.17 1.09 -5.55
C PRO B 2208 -56.11 0.31 -6.45
N SER B 2209 -57.28 0.00 -5.91
CA SER B 2209 -58.30 -0.70 -6.70
C SER B 2209 -58.91 0.18 -7.77
N ILE B 2210 -58.78 1.51 -7.65
CA ILE B 2210 -59.37 2.42 -8.64
C ILE B 2210 -58.47 2.62 -9.84
N CYS B 2211 -57.20 2.21 -9.76
CA CYS B 2211 -56.27 2.45 -10.86
C CYS B 2211 -56.50 1.52 -12.04
N GLU B 2212 -57.21 0.41 -11.85
CA GLU B 2212 -57.55 -0.46 -12.97
C GLU B 2212 -58.72 0.07 -13.79
N PHE B 2213 -59.41 1.10 -13.30
CA PHE B 2213 -60.54 1.71 -14.02
C PHE B 2213 -60.07 2.86 -14.90
N LEU B 2214 -59.08 2.59 -15.75
CA LEU B 2214 -58.50 3.60 -16.62
C LEU B 2214 -58.43 3.06 -18.04
N THR B 2215 -58.95 3.82 -18.99
CA THR B 2215 -58.96 3.38 -20.38
C THR B 2215 -57.56 3.44 -20.97
N LYS B 2216 -57.26 2.48 -21.85
CA LYS B 2216 -55.92 2.40 -22.43
C LYS B 2216 -55.68 3.46 -23.50
N GLU B 2217 -56.74 3.98 -24.13
CA GLU B 2217 -56.56 5.05 -25.10
C GLU B 2217 -56.11 6.34 -24.41
N SER B 2218 -56.62 6.60 -23.20
CA SER B 2218 -56.13 7.72 -22.42
C SER B 2218 -54.68 7.52 -21.99
N LYS B 2219 -54.31 6.27 -21.69
CA LYS B 2219 -52.92 5.96 -21.37
C LYS B 2219 -52.00 6.24 -22.56
N LEU B 2220 -52.43 5.85 -23.76
CA LEU B 2220 -51.64 6.13 -24.95
C LEU B 2220 -51.56 7.63 -25.23
N ARG B 2221 -52.65 8.36 -24.99
CA ARG B 2221 -52.63 9.82 -25.13
C ARG B 2221 -51.64 10.47 -24.19
N ILE B 2222 -51.60 10.01 -22.94
CA ILE B 2222 -50.66 10.59 -21.97
C ILE B 2222 -49.23 10.23 -22.35
N TYR B 2223 -49.01 9.00 -22.83
CA TYR B 2223 -47.68 8.58 -23.23
C TYR B 2223 -47.16 9.37 -24.43
N TYR B 2224 -48.03 9.69 -25.38
CA TYR B 2224 -47.56 10.35 -26.60
C TYR B 2224 -47.54 11.87 -26.49
N THR B 2225 -48.61 12.46 -25.95
CA THR B 2225 -48.76 13.91 -26.01
C THR B 2225 -47.96 14.66 -24.95
N THR B 2226 -47.33 13.97 -24.00
CA THR B 2226 -46.51 14.65 -23.02
C THR B 2226 -45.23 15.18 -23.65
N GLU B 2227 -44.93 16.44 -23.40
CA GLU B 2227 -43.83 17.13 -24.06
C GLU B 2227 -42.86 17.72 -23.04
N ARG B 2228 -41.57 17.62 -23.34
CA ARG B 2228 -40.53 17.99 -22.41
C ARG B 2228 -40.31 19.51 -22.39
N ASP B 2229 -39.82 19.98 -21.26
CA ASP B 2229 -39.59 21.41 -21.05
C ASP B 2229 -38.15 21.75 -21.43
N GLU B 2230 -37.69 22.94 -21.02
CA GLU B 2230 -36.39 23.45 -21.45
C GLU B 2230 -35.24 22.66 -20.82
N GLN B 2231 -35.45 22.05 -19.67
CA GLN B 2231 -34.45 21.24 -19.01
C GLN B 2231 -34.43 19.79 -19.50
N GLY B 2232 -35.32 19.44 -20.42
CA GLY B 2232 -35.35 18.09 -20.97
C GLY B 2232 -35.89 17.06 -20.01
N SER B 2233 -37.11 17.28 -19.52
CA SER B 2233 -37.76 16.34 -18.63
C SER B 2233 -39.26 16.37 -18.89
N LYS B 2234 -39.91 15.22 -18.78
CA LYS B 2234 -41.32 15.12 -19.06
C LYS B 2234 -42.20 15.05 -17.82
N ILE B 2235 -41.62 15.12 -16.63
CA ILE B 2235 -42.38 14.87 -15.42
C ILE B 2235 -43.25 16.06 -15.03
N ASN B 2236 -42.86 17.27 -15.44
CA ASN B 2236 -43.56 18.47 -15.03
C ASN B 2236 -44.96 18.54 -15.62
N ASP B 2237 -45.12 18.18 -16.89
CA ASP B 2237 -46.46 18.10 -17.48
C ASP B 2237 -47.14 16.79 -17.13
N PHE B 2238 -46.34 15.77 -16.82
CA PHE B 2238 -46.87 14.48 -16.41
C PHE B 2238 -47.65 14.58 -15.10
N PHE B 2239 -47.24 15.48 -14.20
CA PHE B 2239 -47.96 15.65 -12.94
C PHE B 2239 -49.38 16.19 -13.17
N LEU B 2240 -49.51 17.21 -14.02
CA LEU B 2240 -50.83 17.77 -14.33
C LEU B 2240 -51.71 16.75 -15.05
N ARG B 2241 -51.12 16.01 -16.00
CA ARG B 2241 -51.88 14.96 -16.67
C ARG B 2241 -52.27 13.85 -15.69
N SER B 2242 -51.45 13.60 -14.67
CA SER B 2242 -51.80 12.62 -13.65
C SER B 2242 -53.00 13.06 -12.83
N GLU B 2243 -53.07 14.34 -12.49
CA GLU B 2243 -54.25 14.84 -11.76
C GLU B 2243 -55.52 14.71 -12.60
N ASP B 2244 -55.43 15.05 -13.88
CA ASP B 2244 -56.58 14.89 -14.77
C ASP B 2244 -56.96 13.41 -14.92
N LEU B 2245 -55.96 12.52 -14.95
CA LEU B 2245 -56.24 11.10 -15.02
C LEU B 2245 -56.92 10.59 -13.76
N PHE B 2246 -56.57 11.16 -12.60
CA PHE B 2246 -57.23 10.78 -11.35
C PHE B 2246 -58.71 11.15 -11.39
N ASN B 2247 -59.01 12.36 -11.85
CA ASN B 2247 -60.42 12.75 -11.95
C ASN B 2247 -61.18 11.90 -12.97
N GLU B 2248 -60.51 11.55 -14.08
CA GLU B 2248 -61.14 10.71 -15.10
C GLU B 2248 -61.39 9.30 -14.57
N MET B 2249 -60.49 8.77 -13.75
CA MET B 2249 -60.68 7.46 -13.14
C MET B 2249 -61.83 7.47 -12.14
N ASN B 2250 -61.95 8.55 -11.36
CA ASN B 2250 -63.08 8.71 -10.46
C ASN B 2250 -64.40 8.68 -11.23
N TRP B 2251 -64.48 9.44 -12.32
CA TRP B 2251 -65.71 9.45 -13.10
C TRP B 2251 -65.98 8.11 -13.77
N GLN B 2252 -64.94 7.39 -14.20
CA GLN B 2252 -65.14 6.07 -14.80
C GLN B 2252 -65.70 5.09 -13.80
N LYS B 2253 -65.20 5.12 -12.56
CA LYS B 2253 -65.75 4.25 -11.52
C LYS B 2253 -67.20 4.61 -11.22
N LYS B 2254 -67.52 5.92 -11.23
CA LYS B 2254 -68.91 6.33 -11.03
C LYS B 2254 -69.80 5.85 -12.19
N LEU B 2255 -69.29 5.92 -13.42
CA LEU B 2255 -70.08 5.59 -14.61
C LEU B 2255 -70.30 4.10 -14.78
N ARG B 2256 -69.39 3.26 -14.27
CA ARG B 2256 -69.46 1.82 -14.54
C ARG B 2256 -70.71 1.16 -13.95
N ALA B 2257 -71.41 1.83 -13.01
CA ALA B 2257 -72.60 1.25 -12.42
C ALA B 2257 -73.76 1.19 -13.41
N GLN B 2258 -73.95 2.24 -14.21
CA GLN B 2258 -75.10 2.31 -15.12
C GLN B 2258 -74.89 1.35 -16.29
N PRO B 2259 -75.87 0.51 -16.61
CA PRO B 2259 -75.70 -0.45 -17.71
C PRO B 2259 -75.85 0.16 -19.10
N VAL B 2260 -76.83 1.04 -19.28
CA VAL B 2260 -77.15 1.53 -20.63
C VAL B 2260 -76.27 2.72 -21.00
N LEU B 2261 -75.97 3.61 -20.04
CA LEU B 2261 -75.10 4.74 -20.33
C LEU B 2261 -73.69 4.29 -20.63
N TYR B 2262 -73.22 3.26 -19.92
CA TYR B 2262 -71.91 2.69 -20.23
C TYR B 2262 -71.90 2.01 -21.58
N TRP B 2263 -73.03 1.42 -21.98
CA TRP B 2263 -73.12 0.81 -23.31
C TRP B 2263 -73.06 1.87 -24.40
N CYS B 2264 -73.72 3.02 -24.17
CA CYS B 2264 -73.65 4.09 -25.16
C CYS B 2264 -72.28 4.73 -25.20
N ALA B 2265 -71.66 4.94 -24.04
CA ALA B 2265 -70.34 5.58 -23.99
C ALA B 2265 -69.22 4.64 -24.44
N ARG B 2266 -69.47 3.33 -24.43
CA ARG B 2266 -68.46 2.36 -24.83
C ARG B 2266 -68.36 2.20 -26.35
N ASN B 2267 -69.30 2.77 -27.10
CA ASN B 2267 -69.40 2.50 -28.52
C ASN B 2267 -69.46 3.79 -29.33
N MET B 2268 -68.59 4.76 -28.99
CA MET B 2268 -68.57 6.04 -29.69
C MET B 2268 -68.13 5.89 -31.14
N SER B 2269 -67.19 4.97 -31.39
CA SER B 2269 -66.60 4.83 -32.71
C SER B 2269 -67.63 4.39 -33.73
N PHE B 2270 -68.56 3.51 -33.32
CA PHE B 2270 -69.60 3.04 -34.23
C PHE B 2270 -70.52 4.19 -34.65
N TRP B 2271 -70.97 5.00 -33.68
CA TRP B 2271 -71.85 6.12 -34.00
C TRP B 2271 -71.16 7.13 -34.89
N SER B 2272 -69.90 7.48 -34.57
CA SER B 2272 -69.17 8.45 -35.37
C SER B 2272 -68.92 7.96 -36.79
N SER B 2273 -68.54 6.67 -36.92
CA SER B 2273 -68.30 6.11 -38.24
C SER B 2273 -69.55 6.08 -39.10
N ILE B 2274 -70.68 5.64 -38.52
CA ILE B 2274 -71.88 5.56 -39.35
C ILE B 2274 -72.42 6.95 -39.69
N SER B 2275 -72.26 7.92 -38.77
CA SER B 2275 -72.65 9.29 -39.11
C SER B 2275 -71.80 9.86 -40.23
N PHE B 2276 -70.48 9.63 -40.17
CA PHE B 2276 -69.59 10.08 -41.24
C PHE B 2276 -69.97 9.46 -42.58
N ASN B 2277 -70.18 8.14 -42.59
CA ASN B 2277 -70.46 7.44 -43.84
C ASN B 2277 -71.79 7.88 -44.45
N LEU B 2278 -72.82 8.02 -43.63
CA LEU B 2278 -74.10 8.39 -44.23
C LEU B 2278 -74.15 9.86 -44.60
N ALA B 2279 -73.37 10.73 -43.92
CA ALA B 2279 -73.30 12.11 -44.38
C ALA B 2279 -72.51 12.24 -45.68
N VAL B 2280 -71.47 11.41 -45.86
CA VAL B 2280 -70.77 11.37 -47.14
C VAL B 2280 -71.72 10.91 -48.24
N LEU B 2281 -72.50 9.87 -47.99
CA LEU B 2281 -73.43 9.38 -48.99
C LEU B 2281 -74.54 10.41 -49.26
N MET B 2282 -74.94 11.17 -48.24
CA MET B 2282 -75.93 12.22 -48.43
C MET B 2282 -75.41 13.35 -49.31
N ASN B 2283 -74.14 13.73 -49.11
CA ASN B 2283 -73.53 14.74 -49.97
C ASN B 2283 -73.38 14.24 -51.40
N LEU B 2284 -73.04 12.96 -51.58
CA LEU B 2284 -72.97 12.40 -52.92
C LEU B 2284 -74.34 12.33 -53.58
N LEU B 2285 -75.38 12.10 -52.78
CA LEU B 2285 -76.73 12.07 -53.33
C LEU B 2285 -77.19 13.46 -53.77
N VAL B 2286 -76.92 14.49 -52.97
CA VAL B 2286 -77.34 15.82 -53.36
C VAL B 2286 -76.46 16.38 -54.48
N ALA B 2287 -75.22 15.91 -54.62
CA ALA B 2287 -74.29 16.48 -55.59
C ALA B 2287 -74.65 16.08 -57.01
N PHE B 2288 -75.03 14.82 -57.23
CA PHE B 2288 -75.21 14.31 -58.59
C PHE B 2288 -76.43 14.92 -59.27
N PHE B 2289 -77.53 15.01 -58.55
CA PHE B 2289 -78.77 15.58 -59.11
C PHE B 2289 -79.43 16.47 -58.07
N TYR B 2290 -79.27 17.79 -58.25
CA TYR B 2290 -79.87 18.73 -57.31
C TYR B 2290 -81.35 18.99 -57.53
N PRO B 2291 -81.84 19.37 -58.73
CA PRO B 2291 -83.23 19.89 -58.82
C PRO B 2291 -84.32 18.86 -58.54
N PHE B 2292 -83.97 17.57 -58.44
CA PHE B 2292 -84.88 16.49 -58.01
C PHE B 2292 -86.07 16.37 -58.95
N LYS B 2293 -85.80 16.34 -60.26
CA LYS B 2293 -86.86 16.25 -61.25
C LYS B 2293 -87.10 14.83 -61.74
N GLY B 2294 -86.19 13.91 -61.48
CA GLY B 2294 -86.36 12.54 -61.91
C GLY B 2294 -85.12 11.73 -61.63
N VAL B 2295 -85.21 10.43 -61.96
CA VAL B 2295 -84.11 9.50 -61.74
C VAL B 2295 -83.90 8.72 -63.02
N ARG B 2296 -84.89 8.75 -63.92
CA ARG B 2296 -84.83 7.95 -65.14
C ARG B 2296 -83.76 8.47 -66.10
N GLY B 2297 -83.50 9.77 -66.09
CA GLY B 2297 -82.46 10.33 -66.94
C GLY B 2297 -81.08 9.94 -66.47
N GLY B 2298 -80.18 9.73 -67.42
CA GLY B 2298 -78.81 9.36 -67.09
C GLY B 2298 -77.94 9.05 -68.29
N THR B 2299 -76.65 9.36 -68.19
CA THR B 2299 -75.67 9.01 -69.21
C THR B 2299 -75.07 7.63 -68.98
N LEU B 2300 -75.63 6.86 -68.05
CA LEU B 2300 -75.18 5.51 -67.74
C LEU B 2300 -75.72 4.52 -68.76
N GLU B 2301 -75.69 3.22 -68.41
CA GLU B 2301 -76.15 2.11 -69.24
C GLU B 2301 -77.59 2.27 -69.73
N PRO B 2302 -78.02 1.45 -70.70
CA PRO B 2302 -79.27 1.73 -71.44
C PRO B 2302 -80.54 1.79 -70.60
N HIS B 2303 -80.51 1.19 -69.41
CA HIS B 2303 -81.60 1.35 -68.46
C HIS B 2303 -81.02 1.57 -67.07
N TRP B 2304 -81.63 2.50 -66.33
CA TRP B 2304 -81.30 2.67 -64.92
C TRP B 2304 -81.77 1.49 -64.08
N SER B 2305 -82.85 0.82 -64.52
CA SER B 2305 -83.30 -0.38 -63.83
C SER B 2305 -82.29 -1.52 -63.96
N GLY B 2306 -81.48 -1.52 -65.01
CA GLY B 2306 -80.40 -2.48 -65.10
C GLY B 2306 -79.36 -2.30 -64.01
N LEU B 2307 -78.96 -1.04 -63.75
CA LEU B 2307 -78.04 -0.76 -62.66
C LEU B 2307 -78.70 -1.02 -61.31
N LEU B 2308 -80.02 -0.78 -61.20
CA LEU B 2308 -80.74 -1.10 -59.98
C LEU B 2308 -80.76 -2.60 -59.71
N TRP B 2309 -80.97 -3.41 -60.75
CA TRP B 2309 -80.93 -4.86 -60.60
C TRP B 2309 -79.53 -5.35 -60.30
N THR B 2310 -78.51 -4.70 -60.88
CA THR B 2310 -77.13 -5.03 -60.53
C THR B 2310 -76.83 -4.72 -59.07
N ALA B 2311 -77.35 -3.59 -58.57
CA ALA B 2311 -77.19 -3.26 -57.15
C ALA B 2311 -77.94 -4.25 -56.27
N MET B 2312 -79.12 -4.71 -56.71
CA MET B 2312 -79.85 -5.73 -55.97
C MET B 2312 -79.09 -7.05 -55.93
N LEU B 2313 -78.45 -7.41 -57.05
CA LEU B 2313 -77.63 -8.61 -57.08
C LEU B 2313 -76.41 -8.47 -56.18
N ILE B 2314 -75.82 -7.28 -56.14
CA ILE B 2314 -74.68 -7.03 -55.26
C ILE B 2314 -75.10 -7.13 -53.80
N SER B 2315 -76.27 -6.59 -53.46
CA SER B 2315 -76.79 -6.69 -52.10
C SER B 2315 -77.11 -8.12 -51.73
N LEU B 2316 -77.67 -8.89 -52.66
CA LEU B 2316 -77.95 -10.30 -52.41
C LEU B 2316 -76.67 -11.10 -52.22
N ALA B 2317 -75.62 -10.77 -52.98
CA ALA B 2317 -74.34 -11.44 -52.81
C ALA B 2317 -73.65 -11.04 -51.51
N ILE B 2318 -73.84 -9.80 -51.07
CA ILE B 2318 -73.25 -9.35 -49.80
C ILE B 2318 -74.04 -9.84 -48.59
N VAL B 2319 -75.32 -10.19 -48.77
CA VAL B 2319 -76.12 -10.72 -47.66
C VAL B 2319 -75.83 -12.17 -47.35
N ILE B 2320 -74.92 -12.82 -48.10
CA ILE B 2320 -74.58 -14.21 -47.87
C ILE B 2320 -73.07 -14.32 -47.62
N ALA B 2321 -72.42 -13.18 -47.41
CA ALA B 2321 -70.98 -13.14 -47.18
C ALA B 2321 -70.70 -13.43 -45.70
N LEU B 2322 -69.46 -13.18 -45.28
CA LEU B 2322 -69.10 -13.35 -43.88
C LEU B 2322 -69.75 -12.27 -43.03
N PRO B 2323 -69.99 -12.54 -41.74
CA PRO B 2323 -70.69 -11.57 -40.88
C PRO B 2323 -69.79 -10.40 -40.52
N LYS B 2324 -70.03 -9.25 -41.16
CA LYS B 2324 -69.34 -7.98 -40.98
C LYS B 2324 -67.83 -8.10 -41.12
N PRO B 2325 -67.33 -8.87 -42.08
CA PRO B 2325 -65.88 -8.86 -42.32
C PRO B 2325 -65.47 -7.79 -43.31
N HIS B 2326 -66.38 -7.47 -44.23
CA HIS B 2326 -66.16 -6.50 -45.31
C HIS B 2326 -67.48 -6.27 -46.01
N GLY B 2327 -67.56 -5.13 -46.70
CA GLY B 2327 -68.75 -4.82 -47.48
C GLY B 2327 -69.99 -4.52 -46.67
N ILE B 2328 -69.82 -4.06 -45.43
CA ILE B 2328 -70.98 -3.69 -44.62
C ILE B 2328 -71.65 -2.44 -45.17
N ARG B 2329 -70.85 -1.47 -45.64
CA ARG B 2329 -71.41 -0.27 -46.24
C ARG B 2329 -71.95 -0.53 -47.65
N ALA B 2330 -71.49 -1.60 -48.31
CA ALA B 2330 -71.94 -1.88 -49.67
C ALA B 2330 -73.41 -2.26 -49.70
N LEU B 2331 -73.84 -3.13 -48.79
CA LEU B 2331 -75.24 -3.54 -48.75
C LEU B 2331 -76.15 -2.37 -48.37
N ILE B 2332 -75.71 -1.53 -47.43
CA ILE B 2332 -76.49 -0.37 -47.03
C ILE B 2332 -76.60 0.63 -48.17
N ALA B 2333 -75.51 0.84 -48.90
CA ALA B 2333 -75.54 1.73 -50.05
C ALA B 2333 -76.45 1.19 -51.15
N SER B 2334 -76.41 -0.13 -51.39
CA SER B 2334 -77.30 -0.74 -52.38
C SER B 2334 -78.76 -0.62 -51.95
N THR B 2335 -79.04 -0.80 -50.67
CA THR B 2335 -80.42 -0.65 -50.18
C THR B 2335 -80.90 0.79 -50.31
N ILE B 2336 -80.02 1.76 -50.02
CA ILE B 2336 -80.40 3.17 -50.16
C ILE B 2336 -80.62 3.53 -51.62
N LEU B 2337 -79.82 2.95 -52.52
CA LEU B 2337 -80.02 3.19 -53.95
C LEU B 2337 -81.31 2.55 -54.45
N ARG B 2338 -81.63 1.35 -53.95
CA ARG B 2338 -82.87 0.70 -54.34
C ARG B 2338 -84.10 1.43 -53.82
N LEU B 2339 -84.02 1.99 -52.61
CA LEU B 2339 -85.13 2.78 -52.08
C LEU B 2339 -85.28 4.10 -52.83
N ILE B 2340 -84.22 4.57 -53.49
CA ILE B 2340 -84.26 5.83 -54.21
C ILE B 2340 -85.16 5.76 -55.44
N PHE B 2341 -85.26 4.58 -56.07
CA PHE B 2341 -86.07 4.46 -57.28
C PHE B 2341 -87.51 4.07 -56.99
N SER B 2342 -87.75 3.33 -55.89
CA SER B 2342 -89.11 2.89 -55.57
C SER B 2342 -89.98 4.06 -55.14
N VAL B 2343 -89.48 4.88 -54.20
CA VAL B 2343 -90.21 6.02 -53.67
C VAL B 2343 -89.46 7.27 -54.13
N GLY B 2344 -90.12 8.42 -54.02
CA GLY B 2344 -89.53 9.68 -54.44
C GLY B 2344 -88.28 10.03 -53.66
N LEU B 2345 -87.45 10.87 -54.28
CA LEU B 2345 -86.13 11.15 -53.73
C LEU B 2345 -86.20 12.05 -52.51
N GLN B 2346 -87.10 13.04 -52.52
CA GLN B 2346 -87.27 13.88 -51.34
C GLN B 2346 -87.72 13.12 -50.08
N PRO B 2347 -88.67 12.16 -50.13
CA PRO B 2347 -88.89 11.33 -48.93
C PRO B 2347 -87.65 10.55 -48.48
N THR B 2348 -86.85 10.04 -49.42
CA THR B 2348 -85.63 9.33 -49.05
C THR B 2348 -84.64 10.25 -48.35
N LEU B 2349 -84.50 11.47 -48.86
CA LEU B 2349 -83.57 12.43 -48.24
C LEU B 2349 -84.08 12.89 -46.88
N PHE B 2350 -85.40 13.03 -46.72
CA PHE B 2350 -85.96 13.35 -45.42
C PHE B 2350 -85.71 12.24 -44.41
N LEU B 2351 -85.89 10.98 -44.84
CA LEU B 2351 -85.61 9.84 -43.97
C LEU B 2351 -84.13 9.79 -43.58
N LEU B 2352 -83.24 10.01 -44.55
CA LEU B 2352 -81.82 9.99 -44.27
C LEU B 2352 -81.41 11.13 -43.34
N GLY B 2353 -82.00 12.32 -43.51
CA GLY B 2353 -81.70 13.42 -42.62
C GLY B 2353 -82.20 13.19 -41.20
N ALA B 2354 -83.38 12.60 -41.07
CA ALA B 2354 -83.88 12.25 -39.74
C ALA B 2354 -83.00 11.21 -39.06
N PHE B 2355 -82.53 10.22 -39.84
CA PHE B 2355 -81.62 9.22 -39.30
C PHE B 2355 -80.31 9.87 -38.86
N ASN B 2356 -79.81 10.83 -39.64
CA ASN B 2356 -78.58 11.53 -39.28
C ASN B 2356 -78.76 12.34 -38.01
N VAL B 2357 -79.89 13.03 -37.86
CA VAL B 2357 -80.05 13.88 -36.69
C VAL B 2357 -80.30 13.04 -35.44
N CYS B 2358 -80.97 11.88 -35.56
CA CYS B 2358 -81.11 11.03 -34.38
C CYS B 2358 -79.79 10.38 -34.00
N ASN B 2359 -78.99 10.02 -35.02
CA ASN B 2359 -77.64 9.51 -34.78
C ASN B 2359 -76.78 10.54 -34.06
N LYS B 2360 -76.87 11.81 -34.48
CA LYS B 2360 -76.06 12.84 -33.85
C LYS B 2360 -76.53 13.15 -32.44
N ILE B 2361 -77.85 13.14 -32.19
CA ILE B 2361 -78.29 13.44 -30.83
C ILE B 2361 -78.07 12.26 -29.88
N ILE B 2362 -77.90 11.03 -30.38
CA ILE B 2362 -77.47 10.00 -29.45
C ILE B 2362 -75.95 9.98 -29.32
N PHE B 2363 -75.22 10.39 -30.36
CA PHE B 2363 -73.76 10.46 -30.26
C PHE B 2363 -73.32 11.59 -29.33
N LEU B 2364 -74.08 12.67 -29.26
CA LEU B 2364 -73.74 13.75 -28.32
C LEU B 2364 -73.88 13.28 -26.88
N MET B 2365 -74.93 12.52 -26.58
CA MET B 2365 -75.07 11.92 -25.26
C MET B 2365 -73.96 10.92 -24.98
N SER B 2366 -73.59 10.12 -25.99
CA SER B 2366 -72.50 9.17 -25.84
C SER B 2366 -71.18 9.88 -25.57
N PHE B 2367 -70.97 11.03 -26.20
CA PHE B 2367 -69.73 11.78 -25.99
C PHE B 2367 -69.69 12.42 -24.62
N VAL B 2368 -70.79 13.04 -24.18
CA VAL B 2368 -70.79 13.70 -22.88
C VAL B 2368 -70.84 12.68 -21.75
N GLY B 2369 -71.21 11.44 -22.04
CA GLY B 2369 -71.20 10.39 -21.04
C GLY B 2369 -69.82 10.06 -20.51
N ASN B 2370 -68.95 9.48 -21.35
CA ASN B 2370 -67.64 9.06 -20.86
C ASN B 2370 -66.72 10.23 -20.55
N CYS B 2371 -66.84 11.33 -21.30
CA CYS B 2371 -66.17 12.58 -20.93
C CYS B 2371 -67.08 13.30 -19.93
N GLY B 2372 -66.99 12.86 -18.68
CA GLY B 2372 -67.91 13.31 -17.65
C GLY B 2372 -67.67 14.71 -17.12
N THR B 2373 -67.60 15.68 -18.03
CA THR B 2373 -67.44 17.08 -17.66
C THR B 2373 -68.75 17.69 -17.17
N PHE B 2374 -69.88 17.16 -17.60
CA PHE B 2374 -71.19 17.74 -17.28
C PHE B 2374 -71.66 17.44 -15.86
N THR B 2375 -70.92 16.62 -15.10
CA THR B 2375 -71.36 16.28 -13.76
C THR B 2375 -71.11 17.38 -12.74
N ARG B 2376 -70.32 18.39 -13.09
CA ARG B 2376 -70.01 19.45 -12.13
C ARG B 2376 -70.86 20.70 -12.34
N GLY B 2377 -71.50 20.83 -13.50
CA GLY B 2377 -72.30 21.99 -13.78
C GLY B 2377 -72.53 22.22 -15.26
N TYR B 2378 -72.73 23.47 -15.65
CA TYR B 2378 -72.99 23.82 -17.04
C TYR B 2378 -71.88 24.63 -17.69
N ARG B 2379 -71.15 25.42 -16.90
CA ARG B 2379 -70.10 26.28 -17.46
C ARG B 2379 -68.98 25.46 -18.07
N ALA B 2380 -68.61 24.35 -17.42
CA ALA B 2380 -67.50 23.53 -17.91
C ALA B 2380 -67.84 22.84 -19.22
N MET B 2381 -69.07 22.35 -19.37
CA MET B 2381 -69.44 21.72 -20.63
C MET B 2381 -69.73 22.74 -21.72
N VAL B 2382 -70.19 23.95 -21.36
CA VAL B 2382 -70.40 24.98 -22.35
C VAL B 2382 -69.08 25.49 -22.90
N LEU B 2383 -68.10 25.74 -22.03
CA LEU B 2383 -66.83 26.33 -22.46
C LEU B 2383 -65.95 25.37 -23.24
N ASP B 2384 -66.29 24.08 -23.29
CA ASP B 2384 -65.48 23.12 -24.02
C ASP B 2384 -65.60 23.34 -25.52
N VAL B 2385 -64.45 23.42 -26.20
CA VAL B 2385 -64.44 23.72 -27.63
C VAL B 2385 -64.93 22.52 -28.44
N GLU B 2386 -64.62 21.30 -27.98
CA GLU B 2386 -65.04 20.10 -28.70
C GLU B 2386 -66.55 19.93 -28.62
N PHE B 2387 -67.14 20.17 -27.45
CA PHE B 2387 -68.59 20.12 -27.31
C PHE B 2387 -69.27 21.19 -28.14
N LEU B 2388 -68.67 22.38 -28.22
CA LEU B 2388 -69.22 23.45 -29.05
C LEU B 2388 -69.15 23.09 -30.53
N TYR B 2389 -68.07 22.44 -30.96
CA TYR B 2389 -67.97 22.00 -32.35
C TYR B 2389 -69.00 20.94 -32.67
N HIS B 2390 -69.22 19.99 -31.75
CA HIS B 2390 -70.24 18.97 -31.97
C HIS B 2390 -71.65 19.58 -31.99
N LEU B 2391 -71.88 20.58 -31.14
CA LEU B 2391 -73.16 21.26 -31.14
C LEU B 2391 -73.38 22.05 -32.44
N LEU B 2392 -72.32 22.68 -32.95
CA LEU B 2392 -72.42 23.37 -34.24
C LEU B 2392 -72.69 22.40 -35.38
N TYR B 2393 -72.06 21.22 -35.33
CA TYR B 2393 -72.33 20.19 -36.32
C TYR B 2393 -73.80 19.77 -36.28
N LEU B 2394 -74.34 19.57 -35.07
CA LEU B 2394 -75.75 19.21 -34.92
C LEU B 2394 -76.67 20.32 -35.41
N LEU B 2395 -76.30 21.57 -35.13
CA LEU B 2395 -77.12 22.71 -35.54
C LEU B 2395 -77.19 22.83 -37.05
N ILE B 2396 -76.04 22.71 -37.73
CA ILE B 2396 -76.06 22.85 -39.18
C ILE B 2396 -76.64 21.60 -39.83
N CYS B 2397 -76.56 20.44 -39.17
CA CYS B 2397 -77.25 19.26 -39.69
C CYS B 2397 -78.76 19.42 -39.63
N ALA B 2398 -79.27 19.94 -38.50
CA ALA B 2398 -80.71 20.19 -38.40
C ALA B 2398 -81.15 21.27 -39.38
N MET B 2399 -80.31 22.29 -39.59
CA MET B 2399 -80.62 23.35 -40.53
C MET B 2399 -80.64 22.83 -41.96
N GLY B 2400 -79.71 21.94 -42.32
CA GLY B 2400 -79.72 21.33 -43.63
C GLY B 2400 -80.84 20.32 -43.81
N LEU B 2401 -81.35 19.78 -42.70
CA LEU B 2401 -82.55 18.95 -42.80
C LEU B 2401 -83.80 19.79 -43.01
N PHE B 2402 -83.87 20.97 -42.37
CA PHE B 2402 -85.09 21.74 -42.38
C PHE B 2402 -85.16 22.79 -43.48
N VAL B 2403 -84.07 23.49 -43.77
CA VAL B 2403 -84.06 24.46 -44.86
C VAL B 2403 -82.96 24.11 -45.88
N HIS B 2404 -83.39 23.81 -47.10
CA HIS B 2404 -82.59 23.57 -48.31
C HIS B 2404 -81.62 22.43 -48.02
N GLU B 2405 -80.48 22.31 -48.71
CA GLU B 2405 -79.67 21.10 -48.58
C GLU B 2405 -78.16 21.35 -48.50
N PHE B 2406 -77.68 22.55 -48.80
CA PHE B 2406 -76.25 22.78 -48.97
C PHE B 2406 -75.46 22.75 -47.66
N PHE B 2407 -76.14 22.69 -46.52
CA PHE B 2407 -75.42 22.64 -45.27
C PHE B 2407 -74.77 21.29 -45.02
N TYR B 2408 -75.19 20.25 -45.75
CA TYR B 2408 -74.43 19.00 -45.76
C TYR B 2408 -73.04 19.20 -46.35
N SER B 2409 -72.97 19.94 -47.46
CA SER B 2409 -71.69 20.35 -48.01
C SER B 2409 -70.91 21.22 -47.05
N LEU B 2410 -71.61 22.03 -46.26
CA LEU B 2410 -70.94 22.83 -45.25
C LEU B 2410 -70.29 21.97 -44.17
N LEU B 2411 -70.97 20.90 -43.74
CA LEU B 2411 -70.43 20.01 -42.71
C LEU B 2411 -69.47 18.95 -43.27
N LEU B 2412 -69.28 18.92 -44.58
CA LEU B 2412 -68.29 18.03 -45.18
C LEU B 2412 -66.86 18.30 -44.68
N PHE B 2413 -66.53 19.56 -44.35
CA PHE B 2413 -65.22 19.86 -43.73
C PHE B 2413 -65.07 19.17 -42.38
N ASP B 2414 -66.09 19.26 -41.52
CA ASP B 2414 -66.07 18.58 -40.24
C ASP B 2414 -65.98 17.07 -40.42
N LEU B 2415 -66.55 16.57 -41.52
CA LEU B 2415 -66.39 15.16 -41.87
C LEU B 2415 -64.93 14.80 -42.13
N VAL B 2416 -64.27 15.55 -43.02
CA VAL B 2416 -62.96 15.10 -43.50
C VAL B 2416 -61.82 15.49 -42.55
N TYR B 2417 -62.06 16.39 -41.59
CA TYR B 2417 -61.04 16.78 -40.61
C TYR B 2417 -60.95 15.88 -39.38
N ARG B 2418 -61.16 14.57 -39.50
CA ARG B 2418 -60.91 13.69 -38.37
C ARG B 2418 -59.51 13.12 -38.29
N GLU B 2419 -58.82 12.88 -39.41
CA GLU B 2419 -57.59 12.10 -39.38
C GLU B 2419 -56.36 12.99 -39.22
N GLU B 2420 -55.22 12.32 -39.06
CA GLU B 2420 -53.99 13.00 -38.66
C GLU B 2420 -53.13 13.43 -39.83
N THR B 2421 -53.09 12.67 -40.92
CA THR B 2421 -52.22 13.03 -42.04
C THR B 2421 -52.72 14.27 -42.77
N LEU B 2422 -54.04 14.34 -43.01
CA LEU B 2422 -54.61 15.54 -43.62
C LEU B 2422 -54.45 16.75 -42.72
N LEU B 2423 -54.66 16.58 -41.42
CA LEU B 2423 -54.46 17.68 -40.48
C LEU B 2423 -53.01 18.14 -40.47
N ASN B 2424 -52.07 17.18 -40.58
CA ASN B 2424 -50.65 17.50 -40.63
C ASN B 2424 -50.30 18.32 -41.87
N VAL B 2425 -50.84 17.97 -43.04
CA VAL B 2425 -50.48 18.76 -44.22
C VAL B 2425 -51.18 20.13 -44.19
N ILE B 2426 -52.43 20.20 -43.72
CA ILE B 2426 -53.13 21.47 -43.63
C ILE B 2426 -52.43 22.42 -42.69
N LYS B 2427 -51.88 21.94 -41.59
CA LYS B 2427 -51.31 22.94 -40.71
C LYS B 2427 -49.78 22.89 -40.73
N SER B 2428 -49.25 22.14 -41.69
CA SER B 2428 -48.02 22.56 -42.39
C SER B 2428 -48.26 23.80 -43.21
N VAL B 2429 -49.42 23.92 -43.86
CA VAL B 2429 -49.73 25.18 -44.54
C VAL B 2429 -49.91 26.30 -43.53
N THR B 2430 -50.67 26.06 -42.47
CA THR B 2430 -51.01 27.14 -41.54
C THR B 2430 -50.14 27.20 -40.30
N ARG B 2431 -48.98 26.52 -40.26
CA ARG B 2431 -48.04 26.77 -39.17
C ARG B 2431 -47.38 28.14 -39.31
N ASN B 2432 -46.61 28.34 -40.37
CA ASN B 2432 -45.95 29.63 -40.63
C ASN B 2432 -46.84 30.49 -41.53
N GLY B 2433 -48.05 30.77 -41.03
CA GLY B 2433 -49.00 31.54 -41.80
C GLY B 2433 -48.62 33.00 -41.94
N ARG B 2434 -47.88 33.53 -40.98
CA ARG B 2434 -47.54 34.95 -41.02
C ARG B 2434 -46.49 35.28 -42.09
N PRO B 2435 -45.46 34.45 -42.35
CA PRO B 2435 -44.67 34.67 -43.58
C PRO B 2435 -45.49 34.62 -44.86
N ILE B 2436 -46.50 33.75 -44.94
CA ILE B 2436 -47.32 33.68 -46.14
C ILE B 2436 -48.16 34.93 -46.30
N ILE B 2437 -48.74 35.42 -45.20
CA ILE B 2437 -49.53 36.65 -45.26
C ILE B 2437 -48.65 37.85 -45.61
N LEU B 2438 -47.45 37.91 -45.04
CA LEU B 2438 -46.55 39.03 -45.36
C LEU B 2438 -46.02 38.95 -46.78
N THR B 2439 -45.80 37.74 -47.32
CA THR B 2439 -45.39 37.62 -48.70
C THR B 2439 -46.53 38.01 -49.64
N ALA B 2440 -47.77 37.69 -49.27
CA ALA B 2440 -48.92 38.16 -50.03
C ALA B 2440 -49.04 39.69 -50.00
N ALA B 2441 -48.75 40.29 -48.85
CA ALA B 2441 -48.75 41.75 -48.76
C ALA B 2441 -47.65 42.37 -49.62
N LEU B 2442 -46.47 41.74 -49.64
CA LEU B 2442 -45.38 42.18 -50.52
C LEU B 2442 -45.78 42.08 -51.99
N ALA B 2443 -46.45 41.00 -52.36
CA ALA B 2443 -46.96 40.87 -53.73
C ALA B 2443 -47.96 41.98 -54.04
N LEU B 2444 -48.82 42.30 -53.07
CA LEU B 2444 -49.81 43.35 -53.27
C LEU B 2444 -49.15 44.70 -53.50
N ILE B 2445 -48.11 45.03 -52.73
CA ILE B 2445 -47.48 46.33 -52.91
C ILE B 2445 -46.67 46.37 -54.21
N LEU B 2446 -46.08 45.24 -54.63
CA LEU B 2446 -45.39 45.21 -55.92
C LEU B 2446 -46.37 45.41 -57.07
N VAL B 2447 -47.54 44.77 -56.98
CA VAL B 2447 -48.60 44.99 -57.96
C VAL B 2447 -49.04 46.45 -57.95
N TYR B 2448 -49.08 47.07 -56.78
CA TYR B 2448 -49.49 48.47 -56.67
C TYR B 2448 -48.51 49.40 -57.39
N LEU B 2449 -47.19 49.21 -57.18
CA LEU B 2449 -46.21 50.03 -57.87
C LEU B 2449 -46.21 49.78 -59.38
N PHE B 2450 -46.37 48.53 -59.81
CA PHE B 2450 -46.44 48.27 -61.25
C PHE B 2450 -47.70 48.88 -61.87
N SER B 2451 -48.81 48.90 -61.11
CA SER B 2451 -50.03 49.49 -61.61
C SER B 2451 -49.91 51.01 -61.73
N ILE B 2452 -49.25 51.67 -60.78
CA ILE B 2452 -49.11 53.12 -60.92
C ILE B 2452 -48.10 53.48 -62.01
N VAL B 2453 -47.09 52.62 -62.25
CA VAL B 2453 -46.21 52.84 -63.40
C VAL B 2453 -46.98 52.71 -64.70
N GLY B 2454 -47.84 51.69 -64.81
CA GLY B 2454 -48.66 51.54 -65.99
C GLY B 2454 -49.67 52.65 -66.18
N TYR B 2455 -50.19 53.20 -65.08
CA TYR B 2455 -51.07 54.36 -65.16
C TYR B 2455 -50.32 55.59 -65.64
N LEU B 2456 -49.07 55.73 -65.22
CA LEU B 2456 -48.28 56.90 -65.63
C LEU B 2456 -47.93 56.83 -67.11
N PHE B 2457 -47.40 55.69 -67.57
CA PHE B 2457 -46.78 55.66 -68.89
C PHE B 2457 -47.52 54.85 -69.95
N PHE B 2458 -48.27 53.82 -69.54
CA PHE B 2458 -48.89 52.92 -70.52
C PHE B 2458 -50.40 52.94 -70.38
N LYS B 2459 -50.99 54.13 -70.32
CA LYS B 2459 -52.41 54.26 -70.01
C LYS B 2459 -53.29 53.71 -71.14
N ASP B 2460 -52.86 53.88 -72.39
CA ASP B 2460 -53.66 53.48 -73.53
C ASP B 2460 -53.44 52.04 -73.97
N ASP B 2461 -52.51 51.33 -73.33
CA ASP B 2461 -52.26 49.94 -73.63
C ASP B 2461 -53.13 49.00 -72.81
N PHE B 2462 -54.01 49.53 -71.98
CA PHE B 2462 -54.86 48.72 -71.11
C PHE B 2462 -56.22 48.41 -71.73
N ILE B 2463 -56.29 48.27 -73.04
CA ILE B 2463 -57.53 47.87 -73.71
C ILE B 2463 -57.64 46.36 -73.64
N LEU B 2464 -58.71 45.87 -73.01
CA LEU B 2464 -58.94 44.43 -72.89
C LEU B 2464 -60.36 44.10 -73.33
N GLU B 2465 -60.52 42.87 -73.82
CA GLU B 2465 -61.73 42.44 -74.50
C GLU B 2465 -62.70 41.79 -73.52
N VAL B 2466 -63.97 42.21 -73.58
CA VAL B 2466 -65.03 41.65 -72.75
C VAL B 2466 -66.24 41.35 -73.63
N ASP B 2467 -67.13 40.51 -73.10
CA ASP B 2467 -68.41 40.24 -73.73
C ASP B 2467 -69.55 40.73 -72.83
N ARG B 2468 -70.58 41.28 -73.46
CA ARG B 2468 -71.65 41.98 -72.76
C ARG B 2468 -72.93 41.16 -72.79
N LEU B 2469 -73.67 41.21 -71.69
CA LEU B 2469 -74.96 40.57 -71.64
C LEU B 2469 -75.94 41.28 -72.57
N PRO B 2470 -76.81 40.54 -73.27
CA PRO B 2470 -77.81 41.18 -74.11
C PRO B 2470 -78.81 41.97 -73.28
N ASN B 2471 -79.30 43.07 -73.85
CA ASN B 2471 -80.18 43.98 -73.14
C ASN B 2471 -81.58 43.39 -72.96
N LYS B 2519 -68.14 48.68 -77.31
CA LYS B 2519 -68.13 47.70 -78.40
C LYS B 2519 -66.87 46.83 -78.32
N GLU B 2520 -67.01 45.71 -77.61
CA GLU B 2520 -66.07 44.57 -77.59
C GLU B 2520 -64.79 44.90 -76.81
N HIS B 2521 -64.58 46.16 -76.44
CA HIS B 2521 -63.39 46.56 -75.71
C HIS B 2521 -63.75 47.57 -74.63
N THR B 2522 -63.01 47.54 -73.53
CA THR B 2522 -63.14 48.50 -72.47
C THR B 2522 -61.76 48.99 -72.06
N CYS B 2523 -61.70 50.20 -71.53
CA CYS B 2523 -60.48 50.78 -70.99
C CYS B 2523 -60.64 50.98 -69.50
N GLU B 2524 -59.52 51.00 -68.78
CA GLU B 2524 -59.51 51.16 -67.34
C GLU B 2524 -58.58 52.32 -66.98
N THR B 2525 -59.17 53.49 -66.66
CA THR B 2525 -58.41 54.68 -66.27
C THR B 2525 -59.01 55.21 -64.97
N LEU B 2526 -58.64 54.60 -63.85
CA LEU B 2526 -59.00 55.14 -62.55
C LEU B 2526 -57.92 54.91 -61.48
N LEU B 2527 -56.86 54.15 -61.80
CA LEU B 2527 -55.76 53.70 -60.93
C LEU B 2527 -56.24 52.71 -59.87
N MET B 2528 -57.54 52.46 -59.77
CA MET B 2528 -58.04 51.32 -59.02
C MET B 2528 -58.49 50.19 -59.95
N CYS B 2529 -59.11 50.53 -61.07
CA CYS B 2529 -59.37 49.54 -62.11
C CYS B 2529 -58.06 49.01 -62.69
N ILE B 2530 -57.00 49.81 -62.67
CA ILE B 2530 -55.71 49.33 -63.13
C ILE B 2530 -55.11 48.34 -62.14
N VAL B 2531 -55.31 48.55 -60.83
CA VAL B 2531 -54.89 47.55 -59.85
C VAL B 2531 -55.72 46.27 -60.01
N THR B 2532 -57.01 46.42 -60.34
CA THR B 2532 -57.84 45.25 -60.62
C THR B 2532 -57.33 44.48 -61.84
N VAL B 2533 -56.92 45.20 -62.89
CA VAL B 2533 -56.40 44.56 -64.09
C VAL B 2533 -55.06 43.89 -63.82
N LEU B 2534 -54.22 44.50 -62.99
CA LEU B 2534 -52.95 43.87 -62.63
C LEU B 2534 -53.15 42.62 -61.78
N SER B 2535 -54.19 42.61 -60.93
CA SER B 2535 -54.49 41.38 -60.20
C SER B 2535 -55.16 40.34 -61.09
N HIS B 2536 -55.87 40.78 -62.13
CA HIS B 2536 -56.32 39.90 -63.21
C HIS B 2536 -55.16 39.27 -63.97
N GLY B 2537 -54.10 40.02 -64.21
CA GLY B 2537 -52.89 39.56 -64.86
C GLY B 2537 -51.85 38.93 -63.96
N LEU B 2538 -52.07 38.92 -62.64
CA LEU B 2538 -51.20 38.16 -61.75
C LEU B 2538 -51.36 36.67 -61.96
N ARG B 2539 -52.51 36.24 -62.47
CA ARG B 2539 -52.70 34.88 -62.97
C ARG B 2539 -52.13 34.78 -64.37
N SER B 2540 -52.49 33.71 -65.10
CA SER B 2540 -52.15 33.46 -66.50
C SER B 2540 -50.67 33.16 -66.74
N GLY B 2541 -49.83 33.17 -65.71
CA GLY B 2541 -48.49 32.63 -65.83
C GLY B 2541 -47.48 33.46 -66.60
N GLY B 2542 -47.86 33.95 -67.79
CA GLY B 2542 -46.96 34.77 -68.57
C GLY B 2542 -46.70 36.12 -67.92
N GLY B 2543 -47.70 36.68 -67.24
CA GLY B 2543 -47.56 37.97 -66.60
C GLY B 2543 -48.58 38.97 -67.12
N VAL B 2544 -48.20 40.25 -67.07
CA VAL B 2544 -49.11 41.30 -67.53
C VAL B 2544 -49.03 41.50 -69.03
N GLY B 2545 -48.00 40.96 -69.69
CA GLY B 2545 -47.87 41.16 -71.12
C GLY B 2545 -48.86 40.41 -71.98
N ASP B 2546 -49.60 39.47 -71.41
CA ASP B 2546 -50.60 38.70 -72.16
C ASP B 2546 -51.94 39.40 -72.28
N VAL B 2547 -52.24 40.35 -71.40
CA VAL B 2547 -53.51 41.06 -71.45
C VAL B 2547 -53.38 42.44 -72.07
N LEU B 2548 -52.22 43.08 -71.98
CA LEU B 2548 -52.00 44.37 -72.61
C LEU B 2548 -51.88 44.19 -74.12
N ARG B 2549 -52.19 45.25 -74.86
CA ARG B 2549 -52.20 45.16 -76.31
C ARG B 2549 -50.78 45.06 -76.85
N LYS B 2550 -50.66 44.48 -78.05
CA LYS B 2550 -49.36 44.15 -78.63
C LYS B 2550 -48.68 45.41 -79.16
N PRO B 2551 -47.39 45.61 -78.88
CA PRO B 2551 -46.77 46.92 -79.15
C PRO B 2551 -46.45 47.18 -80.62
N SER B 2552 -46.46 46.15 -81.48
CA SER B 2552 -46.41 46.28 -82.94
C SER B 2552 -45.11 46.87 -83.48
N LYS B 2553 -44.05 46.90 -82.66
CA LYS B 2553 -42.65 47.03 -83.09
C LYS B 2553 -42.28 48.41 -83.63
N GLU B 2554 -43.27 49.27 -83.91
CA GLU B 2554 -42.99 50.55 -84.54
C GLU B 2554 -43.30 51.75 -83.67
N GLU B 2555 -44.13 51.61 -82.65
CA GLU B 2555 -44.34 52.67 -81.69
C GLU B 2555 -43.05 52.94 -80.90
N PRO B 2556 -42.81 54.19 -80.51
CA PRO B 2556 -41.60 54.50 -79.73
C PRO B 2556 -41.53 53.78 -78.39
N LEU B 2557 -42.67 53.52 -77.75
CA LEU B 2557 -42.68 52.81 -76.48
C LEU B 2557 -42.78 51.31 -76.73
N PHE B 2558 -41.73 50.78 -77.36
CA PHE B 2558 -41.59 49.35 -77.60
C PHE B 2558 -40.63 48.69 -76.63
N ALA B 2559 -39.41 49.24 -76.53
CA ALA B 2559 -38.45 48.73 -75.56
C ALA B 2559 -38.93 48.95 -74.14
N ALA B 2560 -39.61 50.07 -73.89
CA ALA B 2560 -40.19 50.31 -72.57
C ALA B 2560 -41.19 49.22 -72.22
N ARG B 2561 -42.01 48.82 -73.18
CA ARG B 2561 -42.96 47.73 -72.97
C ARG B 2561 -42.24 46.41 -72.73
N VAL B 2562 -41.14 46.15 -73.46
CA VAL B 2562 -40.44 44.88 -73.35
C VAL B 2562 -39.80 44.72 -71.98
N ILE B 2563 -39.04 45.74 -71.53
CA ILE B 2563 -38.49 45.68 -70.17
C ILE B 2563 -39.58 45.72 -69.10
N TYR B 2564 -40.67 46.45 -69.32
CA TYR B 2564 -41.77 46.45 -68.35
C TYR B 2564 -42.36 45.05 -68.17
N ASP B 2565 -42.66 44.38 -69.28
CA ASP B 2565 -43.23 43.03 -69.23
C ASP B 2565 -42.25 42.04 -68.62
N LEU B 2566 -40.98 42.13 -69.00
CA LEU B 2566 -39.99 41.18 -68.49
C LEU B 2566 -39.74 41.37 -67.01
N LEU B 2567 -39.65 42.62 -66.54
CA LEU B 2567 -39.48 42.87 -65.11
C LEU B 2567 -40.67 42.36 -64.31
N PHE B 2568 -41.90 42.64 -64.79
CA PHE B 2568 -43.08 42.17 -64.07
C PHE B 2568 -43.08 40.65 -63.98
N PHE B 2569 -42.93 39.97 -65.13
CA PHE B 2569 -42.94 38.51 -65.19
C PHE B 2569 -41.89 37.93 -64.25
N PHE B 2570 -40.61 38.24 -64.50
CA PHE B 2570 -39.50 37.69 -63.76
C PHE B 2570 -39.65 37.96 -62.28
N MET B 2571 -39.61 39.24 -61.88
CA MET B 2571 -39.54 39.55 -60.46
C MET B 2571 -40.81 39.11 -59.73
N VAL B 2572 -41.98 39.62 -60.15
CA VAL B 2572 -43.22 39.32 -59.44
C VAL B 2572 -43.52 37.82 -59.47
N ILE B 2573 -43.73 37.27 -60.68
CA ILE B 2573 -44.17 35.88 -60.82
C ILE B 2573 -43.16 34.94 -60.18
N ILE B 2574 -41.92 34.93 -60.70
CA ILE B 2574 -40.92 33.96 -60.26
C ILE B 2574 -40.64 34.14 -58.78
N ILE B 2575 -40.15 35.33 -58.38
CA ILE B 2575 -39.64 35.49 -57.03
C ILE B 2575 -40.75 35.34 -56.00
N VAL B 2576 -41.91 35.96 -56.21
CA VAL B 2576 -42.92 35.97 -55.14
C VAL B 2576 -43.62 34.62 -55.04
N LEU B 2577 -44.06 34.05 -56.17
CA LEU B 2577 -44.79 32.78 -56.06
C LEU B 2577 -43.86 31.66 -55.62
N ASN B 2578 -42.61 31.66 -56.09
CA ASN B 2578 -41.62 30.75 -55.57
C ASN B 2578 -41.31 30.99 -54.11
N LEU B 2579 -41.42 32.22 -53.62
CA LEU B 2579 -41.25 32.50 -52.20
C LEU B 2579 -42.33 31.83 -51.37
N ILE B 2580 -43.58 31.94 -51.81
CA ILE B 2580 -44.69 31.32 -51.07
C ILE B 2580 -44.52 29.80 -51.04
N PHE B 2581 -44.20 29.20 -52.18
CA PHE B 2581 -44.04 27.75 -52.21
C PHE B 2581 -42.80 27.31 -51.43
N GLY B 2582 -41.75 28.12 -51.42
CA GLY B 2582 -40.58 27.80 -50.61
C GLY B 2582 -40.88 27.83 -49.12
N VAL B 2583 -41.72 28.78 -48.70
CA VAL B 2583 -42.15 28.82 -47.30
C VAL B 2583 -42.90 27.56 -46.92
N ILE B 2584 -43.81 27.11 -47.80
CA ILE B 2584 -44.58 25.89 -47.52
C ILE B 2584 -43.67 24.67 -47.44
N ILE B 2585 -42.73 24.54 -48.37
CA ILE B 2585 -41.81 23.39 -48.40
C ILE B 2585 -40.92 23.39 -47.16
N ASP B 2586 -40.44 24.57 -46.76
CA ASP B 2586 -39.61 24.65 -45.56
C ASP B 2586 -40.39 24.28 -44.31
N THR B 2587 -41.69 24.57 -44.30
CA THR B 2587 -42.49 24.17 -43.14
C THR B 2587 -42.68 22.65 -43.09
N PHE B 2588 -42.85 22.00 -44.25
CA PHE B 2588 -42.78 20.54 -44.28
C PHE B 2588 -41.47 20.02 -43.70
N ALA B 2589 -40.34 20.61 -44.10
CA ALA B 2589 -39.05 20.13 -43.61
C ALA B 2589 -38.93 20.29 -42.10
N ASP B 2590 -39.38 21.43 -41.56
CA ASP B 2590 -39.34 21.66 -40.12
C ASP B 2590 -40.22 20.67 -39.36
N LEU B 2591 -41.44 20.42 -39.88
CA LEU B 2591 -42.35 19.50 -39.21
C LEU B 2591 -41.80 18.08 -39.20
N ARG B 2592 -41.24 17.63 -40.32
CA ARG B 2592 -40.69 16.27 -40.36
C ARG B 2592 -39.49 16.12 -39.43
N SER B 2593 -38.63 17.15 -39.39
CA SER B 2593 -37.46 17.09 -38.51
C SER B 2593 -37.87 17.01 -37.04
N GLU B 2594 -38.83 17.84 -36.63
CA GLU B 2594 -39.24 17.81 -35.23
C GLU B 2594 -40.00 16.54 -34.88
N LYS B 2595 -40.75 15.98 -35.83
CA LYS B 2595 -41.49 14.74 -35.56
C LYS B 2595 -40.52 13.57 -35.40
N GLN B 2596 -39.53 13.44 -36.28
CA GLN B 2596 -38.58 12.35 -36.14
C GLN B 2596 -37.71 12.52 -34.90
N LYS B 2597 -37.40 13.77 -34.53
CA LYS B 2597 -36.63 14.02 -33.32
C LYS B 2597 -37.37 13.59 -32.07
N LYS B 2598 -38.65 13.98 -31.95
CA LYS B 2598 -39.41 13.59 -30.78
C LYS B 2598 -39.71 12.09 -30.77
N GLU B 2599 -39.87 11.48 -31.94
CA GLU B 2599 -40.07 10.03 -32.00
C GLU B 2599 -38.84 9.27 -31.52
N GLU B 2600 -37.65 9.68 -31.96
CA GLU B 2600 -36.45 8.95 -31.52
C GLU B 2600 -36.13 9.22 -30.06
N ILE B 2601 -36.39 10.42 -29.56
CA ILE B 2601 -36.14 10.66 -28.14
C ILE B 2601 -37.20 9.96 -27.27
N LEU B 2602 -38.38 9.68 -27.82
CA LEU B 2602 -39.34 8.85 -27.11
C LEU B 2602 -38.93 7.38 -27.14
N LYS B 2603 -38.29 6.95 -28.23
CA LYS B 2603 -38.06 5.52 -28.41
C LYS B 2603 -36.76 5.05 -27.75
N THR B 2604 -35.76 5.93 -27.63
CA THR B 2604 -34.45 5.51 -27.13
C THR B 2604 -34.07 6.16 -25.80
N THR B 2605 -35.05 6.50 -24.97
CA THR B 2605 -34.78 7.20 -23.72
C THR B 2605 -35.90 6.87 -22.73
N CYS B 2606 -35.52 6.67 -21.47
CA CYS B 2606 -36.50 6.40 -20.42
C CYS B 2606 -37.37 7.63 -20.15
N PHE B 2607 -38.67 7.38 -19.94
CA PHE B 2607 -39.63 8.46 -19.72
C PHE B 2607 -39.34 9.22 -18.44
N ILE B 2608 -38.99 8.51 -17.38
CA ILE B 2608 -38.79 9.11 -16.06
C ILE B 2608 -37.33 9.47 -15.83
N CYS B 2609 -36.45 8.48 -15.99
CA CYS B 2609 -35.04 8.67 -15.66
C CYS B 2609 -34.34 9.57 -16.69
N GLY B 2610 -34.81 9.57 -17.93
CA GLY B 2610 -34.15 10.34 -18.97
C GLY B 2610 -32.83 9.76 -19.45
N LEU B 2611 -32.42 8.60 -18.95
CA LEU B 2611 -31.19 7.97 -19.39
C LEU B 2611 -31.40 7.33 -20.74
N GLU B 2612 -30.29 7.21 -21.48
CA GLU B 2612 -30.32 6.71 -22.85
C GLU B 2612 -30.05 5.21 -22.88
N ARG B 2613 -30.31 4.61 -24.05
CA ARG B 2613 -30.13 3.18 -24.24
C ARG B 2613 -28.68 2.75 -24.15
N ASP B 2614 -27.73 3.66 -24.32
CA ASP B 2614 -26.32 3.30 -24.36
C ASP B 2614 -25.77 2.94 -23.00
N LYS B 2615 -26.38 3.45 -21.92
CA LYS B 2615 -25.86 3.21 -20.58
C LYS B 2615 -26.15 1.80 -20.08
N PHE B 2616 -27.16 1.14 -20.65
CA PHE B 2616 -27.52 -0.22 -20.26
C PHE B 2616 -26.87 -1.24 -21.16
N ASP B 2617 -25.54 -1.21 -21.26
CA ASP B 2617 -24.84 -2.04 -22.25
C ASP B 2617 -24.91 -3.52 -21.87
N ASN B 2618 -24.29 -3.89 -20.74
CA ASN B 2618 -24.53 -5.20 -20.16
C ASN B 2618 -25.17 -5.07 -18.78
N LYS B 2619 -24.47 -4.48 -17.81
CA LYS B 2619 -24.98 -3.97 -16.53
C LYS B 2619 -25.93 -4.88 -15.76
N THR B 2620 -25.87 -6.19 -16.02
CA THR B 2620 -26.72 -7.24 -15.45
C THR B 2620 -28.23 -7.00 -15.62
N VAL B 2621 -28.63 -6.03 -16.44
CA VAL B 2621 -30.02 -5.72 -16.70
C VAL B 2621 -30.17 -5.38 -18.19
N THR B 2622 -31.40 -5.08 -18.59
CA THR B 2622 -31.70 -4.62 -19.93
C THR B 2622 -32.56 -3.36 -19.85
N PHE B 2623 -32.54 -2.59 -20.94
CA PHE B 2623 -33.31 -1.36 -20.99
C PHE B 2623 -34.81 -1.63 -20.96
N GLU B 2624 -35.25 -2.69 -21.65
CA GLU B 2624 -36.67 -2.97 -21.76
C GLU B 2624 -37.29 -3.46 -20.46
N GLU B 2625 -36.50 -4.06 -19.57
CA GLU B 2625 -37.01 -4.38 -18.24
C GLU B 2625 -36.86 -3.24 -17.26
N HIS B 2626 -35.90 -2.34 -17.49
CA HIS B 2626 -35.79 -1.12 -16.73
C HIS B 2626 -37.01 -0.22 -16.96
N ILE B 2627 -37.47 -0.12 -18.20
CA ILE B 2627 -38.55 0.81 -18.51
C ILE B 2627 -39.91 0.15 -18.36
N LYS B 2628 -39.95 -1.06 -17.82
CA LYS B 2628 -41.23 -1.69 -17.52
C LYS B 2628 -41.37 -2.16 -16.08
N GLU B 2629 -40.28 -2.31 -15.33
CA GLU B 2629 -40.36 -2.71 -13.93
C GLU B 2629 -39.73 -1.69 -12.99
N GLU B 2630 -38.53 -1.21 -13.31
CA GLU B 2630 -37.86 -0.29 -12.40
C GLU B 2630 -38.40 1.12 -12.50
N HIS B 2631 -38.67 1.59 -13.72
CA HIS B 2631 -39.11 2.97 -13.94
C HIS B 2631 -40.36 3.02 -14.80
N ASN B 2632 -41.31 2.12 -14.55
CA ASN B 2632 -42.59 2.19 -15.23
C ASN B 2632 -43.38 3.38 -14.70
N MET B 2633 -43.85 4.23 -15.60
CA MET B 2633 -44.49 5.47 -15.19
C MET B 2633 -45.92 5.27 -14.70
N TRP B 2634 -46.59 4.19 -15.10
CA TRP B 2634 -47.90 3.92 -14.54
C TRP B 2634 -47.81 3.50 -13.08
N HIS B 2635 -46.68 2.94 -12.66
CA HIS B 2635 -46.44 2.72 -11.25
C HIS B 2635 -46.31 4.05 -10.50
N TYR B 2636 -45.71 5.06 -11.14
CA TYR B 2636 -45.62 6.38 -10.53
C TYR B 2636 -46.99 7.03 -10.42
N LEU B 2637 -47.82 6.87 -11.44
CA LEU B 2637 -49.19 7.38 -11.37
C LEU B 2637 -49.99 6.66 -10.29
N CYS B 2638 -49.81 5.34 -10.18
CA CYS B 2638 -50.48 4.56 -9.14
C CYS B 2638 -50.03 5.00 -7.75
N PHE B 2639 -48.74 5.32 -7.59
CA PHE B 2639 -48.25 5.77 -6.30
C PHE B 2639 -48.79 7.15 -5.95
N ILE B 2640 -48.93 8.03 -6.95
CA ILE B 2640 -49.53 9.34 -6.70
C ILE B 2640 -50.97 9.20 -6.25
N VAL B 2641 -51.73 8.33 -6.92
CA VAL B 2641 -53.12 8.08 -6.53
C VAL B 2641 -53.18 7.46 -5.13
N LEU B 2642 -52.28 6.53 -4.84
CA LEU B 2642 -52.22 5.88 -3.52
C LEU B 2642 -51.93 6.89 -2.42
N VAL B 2643 -51.03 7.83 -2.68
CA VAL B 2643 -50.75 8.89 -1.71
C VAL B 2643 -52.00 9.74 -1.50
N LYS B 2644 -52.70 10.08 -2.56
CA LYS B 2644 -53.83 10.99 -2.39
C LYS B 2644 -55.17 10.29 -2.15
N VAL B 2645 -55.20 8.98 -1.90
CA VAL B 2645 -56.46 8.32 -1.56
C VAL B 2645 -56.49 7.80 -0.13
N LYS B 2646 -55.33 7.59 0.51
CA LYS B 2646 -55.26 6.80 1.74
C LYS B 2646 -55.68 7.69 2.92
N ASP B 2647 -55.51 7.19 4.15
CA ASP B 2647 -56.15 7.73 5.35
C ASP B 2647 -55.62 9.11 5.73
N SER B 2648 -54.40 9.45 5.28
CA SER B 2648 -53.51 10.54 5.68
C SER B 2648 -52.79 10.24 6.99
N THR B 2649 -53.09 9.13 7.64
CA THR B 2649 -52.27 8.55 8.69
C THR B 2649 -51.96 7.11 8.30
N GLU B 2650 -51.38 6.36 9.24
CA GLU B 2650 -51.10 4.91 9.17
C GLU B 2650 -50.43 4.48 7.85
N TYR B 2651 -49.72 5.37 7.17
CA TYR B 2651 -48.85 4.97 6.07
C TYR B 2651 -47.40 5.33 6.37
N THR B 2652 -46.51 4.65 5.66
CA THR B 2652 -45.14 4.42 6.14
C THR B 2652 -44.24 5.63 5.94
N GLY B 2653 -42.94 5.38 6.05
CA GLY B 2653 -41.91 6.38 6.03
C GLY B 2653 -41.75 7.16 4.73
N PRO B 2654 -41.29 6.49 3.66
CA PRO B 2654 -41.07 7.21 2.39
C PRO B 2654 -42.34 7.77 1.79
N GLU B 2655 -43.49 7.12 2.00
CA GLU B 2655 -44.75 7.62 1.50
C GLU B 2655 -45.09 8.97 2.14
N SER B 2656 -44.81 9.11 3.44
CA SER B 2656 -45.01 10.38 4.12
C SER B 2656 -44.12 11.48 3.59
N TYR B 2657 -42.85 11.17 3.29
CA TYR B 2657 -41.95 12.15 2.70
C TYR B 2657 -42.44 12.59 1.32
N VAL B 2658 -42.90 11.63 0.50
CA VAL B 2658 -43.41 11.96 -0.83
C VAL B 2658 -44.67 12.80 -0.73
N ALA B 2659 -45.56 12.47 0.21
CA ALA B 2659 -46.77 13.27 0.40
C ALA B 2659 -46.44 14.67 0.89
N GLU B 2660 -45.38 14.81 1.68
CA GLU B 2660 -44.90 16.14 2.04
C GLU B 2660 -44.32 16.87 0.83
N MET B 2661 -43.72 16.14 -0.10
CA MET B 2661 -43.19 16.77 -1.31
C MET B 2661 -44.25 17.08 -2.34
N ILE B 2662 -45.47 16.57 -2.19
CA ILE B 2662 -46.54 16.81 -3.15
C ILE B 2662 -47.37 18.02 -2.76
N ARG B 2663 -47.66 18.18 -1.47
CA ARG B 2663 -48.45 19.30 -1.00
C ARG B 2663 -47.73 20.63 -1.23
N GLU B 2664 -46.43 20.69 -0.93
CA GLU B 2664 -45.63 21.79 -1.42
C GLU B 2664 -45.22 21.50 -2.85
N ARG B 2665 -44.83 22.54 -3.59
CA ARG B 2665 -44.91 22.45 -5.04
C ARG B 2665 -43.81 21.57 -5.65
N ASN B 2666 -42.60 21.57 -5.08
CA ASN B 2666 -41.45 21.00 -5.77
C ASN B 2666 -41.57 19.48 -5.96
N LEU B 2667 -40.95 18.98 -7.01
CA LEU B 2667 -41.14 17.59 -7.44
C LEU B 2667 -39.81 16.96 -7.83
N ASP B 2668 -38.76 17.32 -7.11
CA ASP B 2668 -37.43 16.75 -7.33
C ASP B 2668 -37.19 15.48 -6.53
N TRP B 2669 -38.25 14.73 -6.20
CA TRP B 2669 -38.07 13.39 -5.64
C TRP B 2669 -38.04 12.30 -6.70
N PHE B 2670 -38.25 12.66 -7.97
CA PHE B 2670 -38.06 11.70 -9.05
C PHE B 2670 -36.57 11.50 -9.30
N PRO B 2671 -36.17 10.31 -9.74
CA PRO B 2671 -34.78 10.12 -10.17
C PRO B 2671 -34.54 10.77 -11.52
N ARG B 2672 -33.74 11.84 -11.56
CA ARG B 2672 -33.72 12.67 -12.77
C ARG B 2672 -32.63 12.25 -13.75
N MET B 2673 -31.53 11.68 -13.27
CA MET B 2673 -30.52 11.18 -14.21
C MET B 2673 -29.83 9.93 -13.66
N ARG B 2674 -30.50 9.17 -12.79
CA ARG B 2674 -29.86 8.09 -12.06
C ARG B 2674 -30.86 6.97 -11.86
N ALA B 2675 -30.35 5.73 -11.81
CA ALA B 2675 -31.22 4.57 -11.96
C ALA B 2675 -31.10 3.51 -10.87
N MET B 2676 -30.01 3.49 -10.09
CA MET B 2676 -29.75 2.61 -8.94
C MET B 2676 -29.45 1.17 -9.37
N SER B 2677 -29.69 0.86 -10.64
CA SER B 2677 -29.26 -0.40 -11.22
C SER B 2677 -27.93 -0.27 -11.94
N LEU B 2678 -27.31 0.91 -11.89
CA LEU B 2678 -26.05 1.17 -12.53
C LEU B 2678 -24.91 1.42 -11.55
N VAL B 2679 -25.19 1.37 -10.25
CA VAL B 2679 -24.15 1.61 -9.25
C VAL B 2679 -23.43 0.31 -8.91
N SER B 2680 -22.23 0.45 -8.37
CA SER B 2680 -21.38 -0.67 -8.00
C SER B 2680 -20.84 -0.47 -6.59
N SER B 2681 -20.33 -1.55 -6.01
CA SER B 2681 -19.81 -1.51 -4.65
C SER B 2681 -18.34 -1.09 -4.64
N ASP B 2682 -17.84 -0.81 -3.44
CA ASP B 2682 -16.45 -0.39 -3.24
C ASP B 2682 -15.81 -1.32 -2.21
N SER B 2683 -14.63 -1.86 -2.54
CA SER B 2683 -13.93 -2.74 -1.62
C SER B 2683 -12.46 -2.36 -1.49
N GLU B 2684 -11.89 -1.77 -2.56
CA GLU B 2684 -10.48 -1.41 -2.55
C GLU B 2684 -10.21 -0.28 -1.57
N GLY B 2685 -11.08 0.73 -1.55
CA GLY B 2685 -10.93 1.82 -0.61
C GLY B 2685 -11.05 1.37 0.83
N GLU B 2686 -12.08 0.57 1.13
CA GLU B 2686 -12.28 0.05 2.48
C GLU B 2686 -11.12 -0.83 2.91
N GLN B 2687 -10.55 -1.59 1.97
CA GLN B 2687 -9.31 -2.30 2.23
C GLN B 2687 -8.19 -1.33 2.59
N ASN B 2688 -8.15 -0.17 1.93
CA ASN B 2688 -7.10 0.81 2.22
C ASN B 2688 -7.24 1.41 3.62
N GLU B 2689 -8.46 1.77 4.05
CA GLU B 2689 -8.55 2.30 5.43
C GLU B 2689 -8.35 1.20 6.47
N LEU B 2690 -8.77 -0.05 6.21
CA LEU B 2690 -8.48 -1.07 7.20
C LEU B 2690 -6.99 -1.38 7.27
N ARG B 2691 -6.30 -1.30 6.12
CA ARG B 2691 -4.84 -1.39 6.11
C ARG B 2691 -4.22 -0.24 6.89
N ASN B 2692 -4.77 0.97 6.76
CA ASN B 2692 -4.23 2.11 7.48
C ASN B 2692 -4.43 1.98 8.99
N LEU B 2693 -5.59 1.50 9.42
CA LEU B 2693 -5.83 1.28 10.84
C LEU B 2693 -4.94 0.18 11.40
N GLN B 2694 -4.76 -0.90 10.62
CA GLN B 2694 -3.84 -1.96 11.01
C GLN B 2694 -2.41 -1.42 11.07
N GLU B 2695 -2.07 -0.48 10.19
CA GLU B 2695 -0.74 0.13 10.22
C GLU B 2695 -0.55 1.04 11.44
N LYS B 2696 -1.61 1.74 11.86
CA LYS B 2696 -1.51 2.53 13.08
C LYS B 2696 -1.34 1.65 14.31
N LEU B 2697 -2.11 0.55 14.38
CA LEU B 2697 -1.94 -0.39 15.49
C LEU B 2697 -0.55 -1.02 15.47
N GLU B 2698 -0.04 -1.32 14.27
CA GLU B 2698 1.30 -1.88 14.15
C GLU B 2698 2.35 -0.85 14.53
N SER B 2699 2.08 0.43 14.26
CA SER B 2699 2.98 1.49 14.69
C SER B 2699 3.02 1.59 16.21
N THR B 2700 1.88 1.40 16.87
CA THR B 2700 1.89 1.34 18.34
C THR B 2700 2.69 0.13 18.85
N MET B 2701 2.53 -1.03 18.22
CA MET B 2701 3.28 -2.18 18.70
C MET B 2701 4.77 -2.02 18.40
N LYS B 2702 5.11 -1.37 17.30
CA LYS B 2702 6.51 -1.10 17.00
C LYS B 2702 7.10 0.02 17.85
N LEU B 2703 6.28 0.93 18.38
CA LEU B 2703 6.85 1.85 19.35
C LEU B 2703 7.11 1.14 20.68
N VAL B 2704 6.26 0.18 21.05
CA VAL B 2704 6.61 -0.69 22.18
C VAL B 2704 7.88 -1.47 21.88
N THR B 2705 8.04 -1.89 20.62
CA THR B 2705 9.27 -2.58 20.20
C THR B 2705 10.49 -1.68 20.30
N ASN B 2706 10.37 -0.39 19.98
CA ASN B 2706 11.56 0.45 20.16
C ASN B 2706 11.79 0.84 21.61
N LEU B 2707 10.76 0.80 22.48
CA LEU B 2707 11.03 0.81 23.91
C LEU B 2707 11.86 -0.41 24.33
N SER B 2708 11.54 -1.58 23.77
CA SER B 2708 12.45 -2.72 23.93
C SER B 2708 13.80 -2.45 23.28
N GLY B 2709 13.84 -1.56 22.29
CA GLY B 2709 15.11 -1.14 21.72
C GLY B 2709 15.99 -0.39 22.71
N GLN B 2710 15.43 0.64 23.37
CA GLN B 2710 16.28 1.29 24.37
C GLN B 2710 16.53 0.39 25.57
N LEU B 2711 15.67 -0.61 25.80
CA LEU B 2711 16.01 -1.68 26.72
C LEU B 2711 17.26 -2.45 26.28
N SER B 2712 17.38 -2.69 24.97
CA SER B 2712 18.59 -3.33 24.44
C SER B 2712 19.83 -2.49 24.67
N GLU B 2713 19.77 -1.17 24.43
CA GLU B 2713 20.99 -0.47 24.83
C GLU B 2713 21.10 -0.21 26.33
N LEU B 2714 20.04 -0.39 27.12
CA LEU B 2714 20.22 -0.50 28.58
C LEU B 2714 21.11 -1.69 28.91
N LYS B 2715 20.86 -2.83 28.27
CA LYS B 2715 21.78 -3.97 28.42
C LYS B 2715 23.17 -3.62 27.89
N ASP B 2716 23.25 -2.74 26.89
CA ASP B 2716 24.56 -2.31 26.40
C ASP B 2716 25.34 -1.55 27.46
N GLN B 2717 24.71 -0.58 28.17
CA GLN B 2717 25.54 0.10 29.16
C GLN B 2717 25.79 -0.79 30.37
N MET B 2718 24.90 -1.75 30.66
CA MET B 2718 25.23 -2.71 31.71
C MET B 2718 26.48 -3.53 31.36
N THR B 2719 26.53 -4.03 30.12
CA THR B 2719 27.66 -4.85 29.69
C THR B 2719 28.94 -4.05 29.60
N GLU B 2720 28.90 -2.87 28.99
CA GLU B 2720 30.12 -2.08 28.90
C GLU B 2720 30.50 -1.45 30.24
N GLN B 2721 29.56 -1.28 31.16
CA GLN B 2721 29.90 -0.81 32.50
C GLN B 2721 30.68 -1.87 33.27
N ARG B 2722 30.21 -3.13 33.25
CA ARG B 2722 30.97 -4.17 33.94
C ARG B 2722 32.29 -4.46 33.22
N LYS B 2723 32.30 -4.34 31.89
CA LYS B 2723 33.54 -4.54 31.12
C LYS B 2723 34.56 -3.46 31.43
N GLN B 2724 34.14 -2.19 31.50
CA GLN B 2724 35.08 -1.13 31.84
C GLN B 2724 35.46 -1.19 33.31
N LYS B 2725 34.59 -1.71 34.17
CA LYS B 2725 34.94 -1.87 35.57
C LYS B 2725 36.07 -2.88 35.75
N GLN B 2726 35.95 -4.05 35.09
CA GLN B 2726 37.04 -5.02 35.17
C GLN B 2726 38.27 -4.54 34.41
N ARG B 2727 38.09 -3.70 33.38
CA ARG B 2727 39.23 -3.13 32.68
C ARG B 2727 40.03 -2.18 33.58
N ILE B 2728 39.32 -1.31 34.33
CA ILE B 2728 39.98 -0.45 35.30
C ILE B 2728 40.62 -1.29 36.41
N GLY B 2729 39.96 -2.37 36.80
CA GLY B 2729 40.54 -3.25 37.82
C GLY B 2729 41.84 -3.91 37.39
N LEU B 2730 41.90 -4.37 36.13
CA LEU B 2730 43.12 -5.01 35.64
C LEU B 2730 44.20 -3.99 35.28
N LEU B 2731 43.83 -2.79 34.85
CA LEU B 2731 44.84 -1.83 34.40
C LEU B 2731 44.77 -0.60 35.31
N GLY B 2732 44.79 -0.84 36.60
CA GLY B 2732 44.77 0.23 37.58
C GLY B 2732 44.34 -0.30 38.94
N HIS B 2733 44.78 0.41 39.99
CA HIS B 2733 44.44 0.07 41.37
C HIS B 2733 43.91 1.32 42.07
N PRO B 2734 42.64 1.67 41.86
CA PRO B 2734 42.07 2.84 42.54
C PRO B 2734 41.51 2.45 43.91
N PRO B 2735 41.86 3.18 44.95
CA PRO B 2735 41.31 2.88 46.29
C PRO B 2735 39.87 3.34 46.40
N HIS B 2736 39.15 2.70 47.32
CA HIS B 2736 37.76 3.04 47.58
C HIS B 2736 37.62 3.73 48.94
N SER C 1 15.91 -32.58 12.90
CA SER C 1 15.95 -32.63 14.36
C SER C 1 15.96 -34.06 14.86
N SER C 2 17.15 -34.67 14.85
CA SER C 2 17.40 -36.05 15.29
C SER C 2 16.59 -37.06 14.50
N PHE C 3 16.23 -36.74 13.26
CA PHE C 3 15.58 -37.66 12.36
C PHE C 3 16.60 -38.17 11.34
N LEU C 4 16.15 -39.03 10.44
CA LEU C 4 16.98 -39.56 9.37
C LEU C 4 16.43 -39.05 8.04
N HIS C 5 17.30 -38.46 7.23
CA HIS C 5 16.90 -37.80 5.99
C HIS C 5 17.50 -38.52 4.79
N ILE C 6 16.97 -38.18 3.61
CA ILE C 6 17.58 -38.58 2.35
C ILE C 6 18.84 -37.76 2.17
N GLY C 7 19.96 -38.41 1.91
CA GLY C 7 21.23 -37.73 1.78
C GLY C 7 22.12 -37.78 3.00
N ASP C 8 21.66 -38.38 4.10
CA ASP C 8 22.50 -38.58 5.25
C ASP C 8 23.55 -39.64 4.96
N ILE C 9 24.63 -39.63 5.74
CA ILE C 9 25.72 -40.57 5.62
C ILE C 9 25.81 -41.33 6.93
N CYS C 10 25.31 -42.57 6.94
CA CYS C 10 25.20 -43.35 8.16
C CYS C 10 26.20 -44.51 8.14
N SER C 11 26.09 -45.38 9.14
CA SER C 11 26.99 -46.52 9.28
C SER C 11 26.20 -47.65 9.95
N LEU C 12 25.82 -48.65 9.16
CA LEU C 12 24.98 -49.72 9.68
C LEU C 12 25.78 -50.63 10.61
N TYR C 13 25.19 -50.96 11.76
CA TYR C 13 25.84 -51.79 12.76
C TYR C 13 25.01 -53.04 12.97
N ALA C 14 25.66 -54.19 12.99
CA ALA C 14 25.00 -55.48 13.21
C ALA C 14 25.09 -55.84 14.68
N GLU C 15 23.98 -56.30 15.24
CA GLU C 15 23.98 -56.88 16.57
C GLU C 15 22.87 -57.91 16.67
N GLY C 16 23.09 -58.90 17.52
CA GLY C 16 22.26 -60.09 17.56
C GLY C 16 23.11 -61.33 17.76
N SER C 17 23.04 -62.26 16.82
CA SER C 17 23.91 -63.44 16.88
C SER C 17 25.38 -63.04 16.70
N THR C 18 25.65 -62.13 15.77
CA THR C 18 27.00 -61.64 15.52
C THR C 18 26.99 -60.12 15.49
N ASN C 19 28.09 -59.52 15.93
CA ASN C 19 28.23 -58.09 16.06
C ASN C 19 29.26 -57.56 15.07
N GLY C 20 29.19 -56.27 14.79
CA GLY C 20 30.20 -55.62 13.98
C GLY C 20 29.58 -54.72 12.93
N PHE C 21 30.40 -53.80 12.42
CA PHE C 21 29.99 -52.94 11.33
C PHE C 21 30.02 -53.69 10.02
N ILE C 22 29.24 -53.21 9.05
CA ILE C 22 29.21 -53.79 7.72
C ILE C 22 30.27 -53.08 6.87
N SER C 23 31.31 -53.82 6.53
CA SER C 23 32.42 -53.31 5.73
C SER C 23 32.41 -53.97 4.36
N THR C 24 33.45 -53.72 3.57
CA THR C 24 33.61 -54.34 2.27
C THR C 24 35.09 -54.56 2.00
N LEU C 25 35.51 -55.81 1.96
CA LEU C 25 36.90 -56.11 1.69
C LEU C 25 37.26 -55.79 0.25
N GLY C 26 38.35 -55.07 0.06
CA GLY C 26 38.84 -54.73 -1.26
C GLY C 26 37.97 -53.72 -1.99
N LEU C 27 38.44 -53.34 -3.18
CA LEU C 27 37.66 -52.54 -4.10
C LEU C 27 37.46 -53.22 -5.44
N VAL C 28 38.35 -54.11 -5.85
CA VAL C 28 38.10 -54.95 -7.01
C VAL C 28 37.07 -56.04 -6.71
N ASP C 29 36.86 -56.37 -5.44
CA ASP C 29 35.90 -57.38 -5.04
C ASP C 29 34.59 -56.73 -4.63
N ASP C 30 33.50 -57.51 -4.73
CA ASP C 30 32.15 -57.00 -4.51
C ASP C 30 31.43 -57.82 -3.45
N ARG C 31 32.12 -58.18 -2.38
CA ARG C 31 31.55 -58.94 -1.28
C ARG C 31 31.33 -58.02 -0.08
N CYS C 32 30.17 -58.13 0.56
CA CYS C 32 29.88 -57.39 1.77
C CYS C 32 30.13 -58.26 2.99
N VAL C 33 30.85 -57.71 3.95
CA VAL C 33 31.41 -58.47 5.06
C VAL C 33 31.24 -57.68 6.35
N VAL C 34 30.79 -58.37 7.40
CA VAL C 34 30.87 -57.87 8.77
C VAL C 34 32.01 -58.58 9.47
N GLN C 35 32.56 -57.94 10.49
CA GLN C 35 33.64 -58.53 11.27
C GLN C 35 33.54 -58.10 12.73
N PRO C 36 33.54 -59.02 13.68
CA PRO C 36 33.28 -58.66 15.07
C PRO C 36 34.47 -58.06 15.80
N GLU C 37 35.67 -58.51 15.44
CA GLU C 37 36.88 -58.12 16.14
C GLU C 37 37.32 -56.69 15.79
N ALA C 38 36.81 -56.13 14.69
CA ALA C 38 37.24 -54.80 14.26
C ALA C 38 36.87 -53.72 15.26
N GLY C 39 35.69 -53.78 15.83
CA GLY C 39 35.31 -52.82 16.86
C GLY C 39 33.82 -52.72 17.02
N ASP C 40 33.42 -51.99 18.06
CA ASP C 40 32.02 -51.75 18.39
C ASP C 40 31.75 -50.25 18.52
N LEU C 41 30.60 -49.89 19.08
CA LEU C 41 30.21 -48.48 19.17
C LEU C 41 31.16 -47.67 20.04
N ASN C 42 31.74 -48.27 21.08
CA ASN C 42 32.66 -47.54 21.95
C ASN C 42 33.94 -47.15 21.21
N ASN C 43 34.49 -48.05 20.41
CA ASN C 43 35.61 -47.69 19.56
C ASN C 43 35.53 -48.38 18.20
N PRO C 44 35.38 -47.61 17.12
CA PRO C 44 35.19 -48.19 15.80
C PRO C 44 36.50 -48.72 15.25
N PRO C 45 36.48 -49.46 14.14
CA PRO C 45 37.74 -49.90 13.53
C PRO C 45 38.56 -48.72 13.01
N LYS C 46 39.87 -48.97 12.88
CA LYS C 46 40.79 -47.95 12.41
C LYS C 46 40.48 -47.55 10.97
N LYS C 47 40.16 -48.51 10.12
CA LYS C 47 39.74 -48.23 8.75
C LYS C 47 38.23 -48.01 8.69
N PHE C 48 37.79 -46.95 9.37
CA PHE C 48 36.37 -46.68 9.49
C PHE C 48 35.76 -46.13 8.20
N ARG C 49 36.58 -45.56 7.32
CA ARG C 49 36.10 -44.99 6.06
C ARG C 49 35.46 -46.02 5.15
N ASP C 50 35.80 -47.30 5.33
CA ASP C 50 35.25 -48.37 4.50
C ASP C 50 33.77 -48.62 4.83
N CYS C 51 33.36 -48.31 6.05
CA CYS C 51 32.06 -48.73 6.57
C CYS C 51 30.95 -47.71 6.36
N LEU C 52 31.20 -46.61 5.66
CA LEU C 52 30.18 -45.57 5.51
C LEU C 52 29.26 -45.85 4.33
N PHE C 53 27.99 -45.51 4.49
CA PHE C 53 26.98 -45.64 3.45
C PHE C 53 26.21 -44.33 3.35
N LYS C 54 25.57 -44.12 2.20
CA LYS C 54 24.84 -42.89 1.93
C LYS C 54 23.39 -43.21 1.59
N LEU C 55 22.47 -42.41 2.11
CA LEU C 55 21.05 -42.64 1.90
C LEU C 55 20.61 -41.98 0.60
N CYS C 56 19.98 -42.75 -0.27
CA CYS C 56 19.66 -42.29 -1.61
C CYS C 56 18.19 -42.56 -1.90
N PRO C 57 17.55 -41.73 -2.71
CA PRO C 57 16.12 -41.91 -2.98
C PRO C 57 15.88 -42.95 -4.07
N MET C 58 14.62 -43.04 -4.47
CA MET C 58 14.13 -43.96 -5.49
C MET C 58 14.83 -43.74 -6.84
N ASN C 59 15.31 -44.83 -7.42
CA ASN C 59 15.85 -44.84 -8.77
C ASN C 59 15.10 -45.85 -9.62
N ARG C 60 14.72 -45.45 -10.82
CA ARG C 60 13.91 -46.27 -11.72
C ARG C 60 14.80 -46.89 -12.79
N TYR C 61 14.97 -48.21 -12.72
CA TYR C 61 15.73 -48.95 -13.72
C TYR C 61 14.74 -49.66 -14.64
N SER C 62 14.19 -48.89 -15.57
CA SER C 62 13.20 -49.39 -16.52
C SER C 62 13.77 -49.50 -17.92
N ALA C 63 14.31 -48.41 -18.47
CA ALA C 63 14.94 -48.48 -19.77
C ALA C 63 16.35 -49.05 -19.70
N GLN C 64 17.01 -48.94 -18.54
CA GLN C 64 18.32 -49.55 -18.37
C GLN C 64 18.26 -51.06 -18.45
N LYS C 65 17.26 -51.68 -17.83
CA LYS C 65 17.11 -53.13 -17.90
C LYS C 65 16.84 -53.58 -19.32
N GLN C 66 16.00 -52.82 -20.05
CA GLN C 66 15.72 -53.12 -21.45
C GLN C 66 16.97 -53.00 -22.30
N PHE C 67 17.78 -51.95 -22.08
CA PHE C 67 19.01 -51.78 -22.84
C PHE C 67 20.02 -52.88 -22.53
N TRP C 68 20.14 -53.27 -21.26
CA TRP C 68 21.08 -54.34 -20.91
C TRP C 68 20.64 -55.68 -21.48
N LYS C 69 19.34 -55.92 -21.55
CA LYS C 69 18.86 -57.17 -22.14
C LYS C 69 19.02 -57.16 -23.65
N ALA C 70 18.85 -55.99 -24.28
CA ALA C 70 18.99 -55.90 -25.73
C ALA C 70 20.45 -55.95 -26.17
N ALA C 71 21.36 -55.38 -25.39
CA ALA C 71 22.77 -55.32 -25.77
C ALA C 71 23.52 -56.62 -25.55
N LYS C 72 22.88 -57.63 -24.95
CA LYS C 72 23.50 -58.93 -24.75
C LYS C 72 22.83 -59.93 -25.70
N PRO C 73 23.45 -60.26 -26.83
CA PRO C 73 22.80 -61.13 -27.83
C PRO C 73 22.84 -62.59 -27.41
N GLY C 74 21.67 -63.15 -27.12
CA GLY C 74 21.58 -64.54 -26.74
C GLY C 74 21.75 -65.49 -27.91
N ALA C 75 20.80 -65.46 -28.85
CA ALA C 75 20.88 -66.33 -30.02
C ALA C 75 20.44 -65.64 -31.31
N ASN C 76 20.10 -64.35 -31.29
CA ASN C 76 19.68 -63.63 -32.48
C ASN C 76 20.80 -62.80 -33.10
N SER C 77 21.62 -62.17 -32.25
CA SER C 77 22.77 -61.35 -32.68
C SER C 77 22.36 -60.23 -33.62
N THR C 78 21.20 -59.62 -33.35
CA THR C 78 20.68 -58.54 -34.19
C THR C 78 21.11 -57.21 -33.58
N THR C 79 22.18 -56.64 -34.11
CA THR C 79 22.68 -55.34 -33.68
C THR C 79 22.29 -54.30 -34.72
N ASP C 80 21.59 -53.26 -34.28
CA ASP C 80 21.04 -52.25 -35.18
C ASP C 80 21.57 -50.88 -34.77
N ALA C 81 21.99 -50.11 -35.78
CA ALA C 81 22.43 -48.75 -35.55
C ALA C 81 21.26 -47.76 -35.45
N VAL C 82 20.03 -48.23 -35.69
CA VAL C 82 18.85 -47.39 -35.57
C VAL C 82 17.93 -47.80 -34.43
N LEU C 83 18.15 -48.96 -33.83
CA LEU C 83 17.34 -49.44 -32.72
C LEU C 83 18.08 -49.42 -31.40
N LEU C 84 19.26 -50.07 -31.35
CA LEU C 84 20.03 -50.08 -30.12
C LEU C 84 20.59 -48.69 -29.81
N ASN C 85 20.82 -47.87 -30.84
CA ASN C 85 21.29 -46.50 -30.63
C ASN C 85 20.25 -45.66 -29.92
N LYS C 86 19.00 -45.72 -30.37
CA LYS C 86 17.96 -44.95 -29.68
C LYS C 86 17.57 -45.58 -28.36
N LEU C 87 17.74 -46.90 -28.21
CA LEU C 87 17.58 -47.52 -26.90
C LEU C 87 18.62 -47.00 -25.90
N HIS C 88 19.88 -46.89 -26.35
CA HIS C 88 20.93 -46.33 -25.51
C HIS C 88 20.67 -44.87 -25.18
N HIS C 89 20.17 -44.11 -26.16
CA HIS C 89 19.82 -42.71 -25.92
C HIS C 89 18.69 -42.58 -24.91
N ALA C 90 17.68 -43.44 -25.01
CA ALA C 90 16.56 -43.44 -24.06
C ALA C 90 17.03 -43.77 -22.66
N ALA C 91 17.88 -44.79 -22.53
CA ALA C 91 18.40 -45.17 -21.21
C ALA C 91 19.26 -44.06 -20.62
N ASP C 92 20.08 -43.42 -21.45
CA ASP C 92 20.93 -42.33 -20.98
C ASP C 92 20.10 -41.14 -20.50
N LEU C 93 19.07 -40.76 -21.27
CA LEU C 93 18.29 -39.60 -20.86
C LEU C 93 17.43 -39.90 -19.64
N GLU C 94 16.93 -41.13 -19.50
CA GLU C 94 16.12 -41.41 -18.32
C GLU C 94 17.01 -41.54 -17.09
N LYS C 95 18.26 -41.99 -17.27
CA LYS C 95 19.23 -41.95 -16.18
C LYS C 95 19.54 -40.51 -15.77
N LYS C 96 19.63 -39.61 -16.77
CA LYS C 96 19.87 -38.20 -16.48
C LYS C 96 18.71 -37.59 -15.70
N GLN C 97 17.47 -37.87 -16.10
CA GLN C 97 16.35 -37.33 -15.35
C GLN C 97 16.12 -38.08 -14.05
N ASN C 98 16.71 -39.28 -13.90
CA ASN C 98 16.71 -39.97 -12.62
C ASN C 98 17.65 -39.30 -11.64
N GLU C 99 18.86 -38.94 -12.10
CA GLU C 99 19.81 -38.32 -11.19
C GLU C 99 19.48 -36.86 -10.92
N THR C 100 18.81 -36.17 -11.84
CA THR C 100 18.51 -34.76 -11.60
C THR C 100 17.28 -34.55 -10.73
N GLU C 101 16.49 -35.60 -10.48
CA GLU C 101 15.37 -35.48 -9.56
C GLU C 101 15.72 -35.91 -8.15
N ASN C 102 16.86 -36.58 -7.97
CA ASN C 102 17.34 -36.89 -6.62
C ASN C 102 17.77 -35.63 -5.88
N ARG C 103 18.18 -34.59 -6.62
CA ARG C 103 18.52 -33.32 -6.00
C ARG C 103 17.29 -32.59 -5.49
N LYS C 104 16.11 -32.89 -6.03
CA LYS C 104 14.86 -32.32 -5.54
C LYS C 104 14.38 -32.97 -4.26
N LEU C 105 14.86 -34.17 -3.94
CA LEU C 105 14.55 -34.87 -2.71
C LEU C 105 15.69 -34.79 -1.71
N LEU C 106 16.55 -33.78 -1.85
CA LEU C 106 17.81 -33.77 -1.13
C LEU C 106 17.61 -33.54 0.37
N GLY C 107 16.53 -32.88 0.75
CA GLY C 107 16.16 -32.85 2.16
C GLY C 107 14.75 -33.37 2.35
N THR C 108 14.63 -34.54 2.98
CA THR C 108 13.33 -35.21 3.09
C THR C 108 13.43 -36.25 4.20
N VAL C 109 12.56 -36.15 5.20
CA VAL C 109 12.53 -37.12 6.28
C VAL C 109 11.93 -38.41 5.75
N ILE C 110 12.63 -39.52 5.97
CA ILE C 110 12.13 -40.82 5.55
C ILE C 110 11.27 -41.41 6.65
N GLN C 111 10.30 -42.22 6.26
CA GLN C 111 9.46 -42.95 7.19
C GLN C 111 9.58 -44.44 6.92
N TYR C 112 9.11 -45.23 7.90
CA TYR C 112 9.16 -46.67 7.79
C TYR C 112 8.27 -47.15 6.63
N GLY C 113 8.77 -48.10 5.86
CA GLY C 113 8.07 -48.58 4.70
C GLY C 113 8.44 -47.95 3.38
N ASN C 114 9.54 -47.23 3.32
CA ASN C 114 10.00 -46.63 2.07
C ASN C 114 11.09 -47.48 1.44
N VAL C 115 11.51 -47.07 0.24
CA VAL C 115 12.62 -47.66 -0.48
C VAL C 115 13.85 -46.79 -0.22
N ILE C 116 15.01 -47.42 -0.02
CA ILE C 116 16.04 -46.70 0.71
C ILE C 116 17.39 -46.62 -0.03
N GLN C 117 17.66 -47.55 -0.95
CA GLN C 117 18.71 -47.45 -1.97
C GLN C 117 20.09 -47.13 -1.36
N LEU C 118 20.64 -48.09 -0.64
CA LEU C 118 21.92 -47.88 0.03
C LEU C 118 23.06 -47.75 -0.99
N LEU C 119 23.97 -46.80 -0.73
CA LEU C 119 25.11 -46.53 -1.60
C LEU C 119 26.38 -46.49 -0.76
N HIS C 120 27.36 -47.30 -1.16
CA HIS C 120 28.67 -47.27 -0.52
C HIS C 120 29.45 -46.05 -0.98
N LEU C 121 29.97 -45.28 -0.02
CA LEU C 121 30.68 -44.05 -0.37
C LEU C 121 32.08 -44.29 -0.92
N LYS C 122 32.81 -45.25 -0.36
CA LYS C 122 34.18 -45.47 -0.79
C LYS C 122 34.25 -46.05 -2.20
N SER C 123 33.42 -47.05 -2.49
CA SER C 123 33.45 -47.72 -3.77
C SER C 123 32.52 -47.11 -4.81
N ASN C 124 31.63 -46.21 -4.40
CA ASN C 124 30.61 -45.60 -5.26
C ASN C 124 29.74 -46.66 -5.93
N LYS C 125 29.40 -47.71 -5.18
CA LYS C 125 28.64 -48.84 -5.70
C LYS C 125 27.45 -49.11 -4.80
N TYR C 126 26.30 -49.40 -5.41
CA TYR C 126 25.09 -49.67 -4.66
C TYR C 126 25.12 -51.07 -4.06
N LEU C 127 24.48 -51.20 -2.90
CA LEU C 127 24.33 -52.50 -2.25
C LEU C 127 23.11 -53.20 -2.84
N THR C 128 23.34 -54.29 -3.56
CA THR C 128 22.29 -54.94 -4.33
C THR C 128 22.11 -56.38 -3.89
N VAL C 129 21.01 -56.96 -4.36
CA VAL C 129 20.75 -58.40 -4.28
C VAL C 129 19.89 -58.75 -5.48
N ASN C 130 20.08 -59.96 -6.00
CA ASN C 130 19.22 -60.47 -7.06
C ASN C 130 18.72 -61.85 -6.66
N LYS C 131 17.49 -62.15 -7.09
CA LYS C 131 16.70 -63.21 -6.48
C LYS C 131 17.02 -64.60 -7.01
N ARG C 132 17.97 -64.74 -7.93
CA ARG C 132 18.09 -65.99 -8.67
C ARG C 132 19.30 -66.85 -8.27
N LEU C 133 20.38 -66.24 -7.77
CA LEU C 133 21.51 -67.15 -7.53
C LEU C 133 21.91 -67.14 -6.08
N PRO C 134 22.27 -68.30 -5.50
CA PRO C 134 22.52 -68.37 -4.05
C PRO C 134 23.86 -67.79 -3.63
N ALA C 135 24.18 -67.94 -2.35
CA ALA C 135 25.44 -67.47 -1.79
C ALA C 135 26.57 -68.43 -2.14
N LEU C 136 27.80 -67.96 -1.93
CA LEU C 136 28.97 -68.81 -2.13
C LEU C 136 29.19 -69.74 -0.95
N LEU C 137 29.37 -69.17 0.25
CA LEU C 137 29.73 -69.98 1.40
C LEU C 137 28.56 -70.80 1.91
N GLU C 138 27.33 -70.38 1.60
CA GLU C 138 26.13 -71.11 2.01
C GLU C 138 25.20 -71.31 0.83
N LYS C 139 24.34 -72.30 0.97
CA LYS C 139 23.17 -72.48 0.11
C LYS C 139 22.03 -71.65 0.72
N ASN C 140 20.78 -71.95 0.35
CA ASN C 140 19.57 -71.66 1.13
C ASN C 140 19.41 -70.21 1.59
N ALA C 141 18.84 -69.36 0.69
CA ALA C 141 18.65 -67.92 0.84
C ALA C 141 19.94 -67.09 0.70
N MET C 142 20.20 -66.77 -0.56
CA MET C 142 21.29 -66.07 -1.22
C MET C 142 21.96 -64.85 -0.59
N ARG C 143 23.19 -64.58 -1.06
CA ARG C 143 24.07 -63.50 -0.66
C ARG C 143 23.65 -62.16 -1.28
N VAL C 144 24.39 -61.11 -0.91
CA VAL C 144 24.28 -59.77 -1.48
C VAL C 144 25.65 -59.36 -2.00
N THR C 145 25.66 -58.43 -2.95
CA THR C 145 26.88 -57.98 -3.62
C THR C 145 26.82 -56.46 -3.79
N LEU C 146 27.76 -55.93 -4.58
CA LEU C 146 27.80 -54.52 -4.95
C LEU C 146 28.03 -54.39 -6.45
N ASP C 147 27.50 -53.32 -7.05
CA ASP C 147 27.83 -52.99 -8.42
C ASP C 147 27.65 -51.49 -8.66
N GLU C 148 28.31 -50.99 -9.70
CA GLU C 148 28.24 -49.58 -10.04
C GLU C 148 26.91 -49.20 -10.69
N ALA C 149 26.32 -50.13 -11.43
CA ALA C 149 25.24 -49.79 -12.36
C ALA C 149 23.93 -49.45 -11.67
N GLY C 150 23.77 -49.81 -10.39
CA GLY C 150 22.47 -49.66 -9.78
C GLY C 150 21.52 -50.72 -10.27
N ASN C 151 21.76 -51.97 -9.88
CA ASN C 151 20.96 -53.09 -10.32
C ASN C 151 19.50 -52.95 -9.86
N GLU C 152 18.60 -53.40 -10.71
CA GLU C 152 17.22 -53.62 -10.26
C GLU C 152 17.23 -54.69 -9.18
N GLY C 153 16.61 -54.38 -8.04
CA GLY C 153 16.77 -55.21 -6.87
C GLY C 153 17.71 -54.64 -5.83
N SER C 154 18.12 -53.39 -5.98
CA SER C 154 18.83 -52.66 -4.93
C SER C 154 17.87 -51.88 -4.04
N TRP C 155 16.57 -51.94 -4.31
CA TRP C 155 15.59 -51.29 -3.46
C TRP C 155 15.39 -52.10 -2.19
N PHE C 156 15.40 -51.42 -1.04
CA PHE C 156 15.24 -52.08 0.25
C PHE C 156 14.07 -51.44 1.00
N TYR C 157 13.26 -52.27 1.65
CA TYR C 157 12.24 -51.76 2.55
C TYR C 157 12.85 -51.54 3.92
N ILE C 158 12.63 -50.37 4.50
CA ILE C 158 13.06 -50.08 5.85
C ILE C 158 11.90 -50.35 6.80
N GLN C 159 12.10 -51.26 7.73
CA GLN C 159 11.05 -51.74 8.62
C GLN C 159 11.56 -51.74 10.05
N PRO C 160 10.69 -51.49 11.03
CA PRO C 160 11.16 -51.39 12.41
C PRO C 160 11.37 -52.74 13.06
N PHE C 161 12.45 -52.83 13.84
CA PHE C 161 12.70 -53.98 14.70
C PHE C 161 11.89 -53.92 15.98
N TYR C 162 11.33 -52.76 16.30
CA TYR C 162 10.51 -52.55 17.48
C TYR C 162 9.10 -52.17 17.06
N LYS C 163 8.13 -52.59 17.85
CA LYS C 163 6.75 -52.22 17.63
C LYS C 163 6.36 -50.95 18.39
N LEU C 164 7.35 -50.23 18.90
CA LEU C 164 7.12 -48.84 19.32
C LEU C 164 6.73 -47.99 18.12
N ARG C 165 7.33 -48.26 16.98
CA ARG C 165 7.13 -47.49 15.75
C ARG C 165 6.26 -48.30 14.79
N SER C 166 5.73 -47.61 13.79
CA SER C 166 4.85 -48.25 12.83
C SER C 166 5.11 -47.64 11.46
N ILE C 167 4.39 -48.15 10.45
CA ILE C 167 4.53 -47.65 9.09
C ILE C 167 3.98 -46.24 9.01
N GLY C 168 4.76 -45.33 8.44
CA GLY C 168 4.42 -43.93 8.38
C GLY C 168 5.09 -43.09 9.45
N ASP C 169 5.59 -43.72 10.52
CA ASP C 169 6.32 -43.01 11.54
C ASP C 169 7.71 -42.65 11.03
N SER C 170 8.21 -41.48 11.44
CA SER C 170 9.53 -41.05 11.04
C SER C 170 10.61 -41.89 11.73
N VAL C 171 11.77 -41.98 11.11
CA VAL C 171 12.89 -42.76 11.60
C VAL C 171 13.85 -41.83 12.34
N VAL C 172 14.14 -42.16 13.60
CA VAL C 172 15.03 -41.34 14.41
C VAL C 172 16.43 -41.95 14.37
N ILE C 173 17.40 -41.17 14.81
CA ILE C 173 18.80 -41.59 14.78
C ILE C 173 19.06 -42.52 15.95
N GLY C 174 19.64 -43.69 15.65
CA GLY C 174 20.09 -44.60 16.68
C GLY C 174 19.18 -45.78 16.96
N ASP C 175 18.05 -45.89 16.27
CA ASP C 175 17.18 -47.03 16.52
C ASP C 175 17.62 -48.22 15.67
N LYS C 176 17.18 -49.40 16.09
CA LYS C 176 17.47 -50.64 15.38
C LYS C 176 16.33 -50.91 14.40
N VAL C 177 16.67 -51.05 13.12
CA VAL C 177 15.70 -51.34 12.09
C VAL C 177 16.07 -52.67 11.44
N VAL C 178 15.20 -53.14 10.55
CA VAL C 178 15.45 -54.33 9.76
C VAL C 178 15.23 -53.96 8.29
N LEU C 179 16.09 -54.50 7.42
CA LEU C 179 16.05 -54.17 6.00
C LEU C 179 15.76 -55.43 5.21
N ASN C 180 14.72 -55.38 4.39
CA ASN C 180 14.49 -56.45 3.44
C ASN C 180 14.22 -55.88 2.06
N PRO C 181 14.74 -56.52 1.01
CA PRO C 181 14.52 -56.03 -0.35
C PRO C 181 13.07 -56.25 -0.79
N VAL C 182 12.65 -55.41 -1.73
CA VAL C 182 11.27 -55.44 -2.18
C VAL C 182 10.99 -56.69 -3.00
N ASN C 183 11.94 -57.12 -3.83
CA ASN C 183 11.71 -58.25 -4.73
C ASN C 183 12.41 -59.53 -4.29
N ALA C 184 13.11 -59.50 -3.17
CA ALA C 184 13.67 -60.73 -2.61
C ALA C 184 12.87 -61.25 -1.43
N GLY C 185 12.27 -60.36 -0.65
CA GLY C 185 11.37 -60.74 0.43
C GLY C 185 12.01 -61.50 1.58
N GLN C 186 13.29 -61.27 1.82
CA GLN C 186 13.99 -61.92 2.92
C GLN C 186 14.91 -60.90 3.59
N PRO C 187 14.88 -60.77 4.92
CA PRO C 187 15.69 -59.73 5.57
C PRO C 187 17.17 -59.98 5.42
N LEU C 188 17.93 -58.90 5.35
CA LEU C 188 19.37 -58.98 5.17
C LEU C 188 20.01 -59.44 6.47
N HIS C 189 20.87 -60.45 6.39
CA HIS C 189 21.31 -61.21 7.55
C HIS C 189 22.82 -61.19 7.65
N ALA C 190 23.33 -61.06 8.87
CA ALA C 190 24.75 -61.18 9.15
C ALA C 190 25.02 -62.60 9.64
N SER C 191 25.86 -63.33 8.91
CA SER C 191 26.02 -64.75 9.15
C SER C 191 27.06 -65.01 10.24
N SER C 192 27.38 -66.28 10.44
CA SER C 192 28.40 -66.68 11.40
C SER C 192 29.49 -67.54 10.78
N HIS C 193 29.41 -67.87 9.49
CA HIS C 193 30.46 -68.62 8.83
C HIS C 193 31.58 -67.69 8.39
N GLN C 194 32.79 -67.94 8.91
CA GLN C 194 33.93 -67.10 8.60
C GLN C 194 34.43 -67.37 7.18
N LEU C 195 34.94 -66.32 6.55
CA LEU C 195 35.58 -66.47 5.26
C LEU C 195 36.90 -67.22 5.41
N VAL C 196 37.30 -67.92 4.35
CA VAL C 196 38.46 -68.79 4.43
C VAL C 196 39.75 -68.04 4.10
N ASP C 197 39.73 -67.13 3.12
CA ASP C 197 40.93 -66.39 2.78
C ASP C 197 41.24 -65.32 3.83
N ASN C 198 40.21 -64.61 4.29
CA ASN C 198 40.36 -63.58 5.30
C ASN C 198 39.93 -64.15 6.64
N PRO C 199 40.81 -64.22 7.63
CA PRO C 199 40.46 -64.94 8.87
C PRO C 199 39.46 -64.20 9.74
N GLY C 200 39.62 -62.89 9.89
CA GLY C 200 38.71 -62.13 10.72
C GLY C 200 37.57 -61.49 9.95
N CYS C 201 36.73 -62.31 9.32
CA CYS C 201 35.65 -61.81 8.49
C CYS C 201 34.46 -62.74 8.59
N ASN C 202 33.28 -62.22 8.27
CA ASN C 202 32.04 -62.99 8.27
C ASN C 202 31.17 -62.58 7.08
N GLU C 203 30.46 -63.56 6.53
CA GLU C 203 29.64 -63.34 5.36
C GLU C 203 28.37 -62.57 5.73
N VAL C 204 27.81 -61.86 4.74
CA VAL C 204 26.54 -61.19 4.87
C VAL C 204 25.58 -61.83 3.87
N ASN C 205 24.57 -62.54 4.38
CA ASN C 205 23.59 -63.23 3.57
C ASN C 205 22.27 -62.48 3.55
N SER C 206 21.23 -63.13 3.02
CA SER C 206 19.87 -62.61 3.07
C SER C 206 18.91 -63.73 3.47
N VAL C 207 19.25 -64.46 4.55
CA VAL C 207 18.38 -65.53 5.04
C VAL C 207 17.30 -64.95 5.94
N ASN C 208 16.31 -65.78 6.27
CA ASN C 208 15.14 -65.35 7.01
C ASN C 208 15.41 -65.03 8.48
N CYS C 209 16.57 -65.40 9.01
CA CYS C 209 16.86 -65.18 10.42
C CYS C 209 16.98 -63.68 10.71
N ASN C 210 16.59 -63.31 11.93
CA ASN C 210 16.44 -61.90 12.28
C ASN C 210 17.73 -61.24 12.75
N THR C 211 17.94 -60.01 12.29
CA THR C 211 19.05 -59.16 12.68
C THR C 211 18.55 -57.73 12.77
N SER C 212 19.23 -56.92 13.57
CA SER C 212 18.89 -55.52 13.75
C SER C 212 20.03 -54.66 13.23
N TRP C 213 19.70 -53.66 12.43
CA TRP C 213 20.68 -52.79 11.80
C TRP C 213 20.55 -51.40 12.40
N LYS C 214 21.37 -51.12 13.41
CA LYS C 214 21.34 -49.85 14.11
C LYS C 214 21.88 -48.74 13.21
N ILE C 215 21.13 -47.65 13.10
CA ILE C 215 21.51 -46.53 12.24
C ILE C 215 22.41 -45.60 13.05
N VAL C 216 23.70 -45.59 12.73
CA VAL C 216 24.65 -44.74 13.42
C VAL C 216 24.99 -43.57 12.49
N LEU C 217 24.64 -42.36 12.92
CA LEU C 217 24.90 -41.18 12.11
C LEU C 217 26.38 -40.81 12.14
N PHE C 218 26.89 -40.38 11.00
CA PHE C 218 28.24 -39.84 10.87
C PHE C 218 28.24 -38.44 10.30
N MET C 219 27.40 -38.16 9.31
CA MET C 219 27.38 -36.87 8.64
C MET C 219 25.94 -36.48 8.42
N LYS C 220 25.50 -35.43 9.11
CA LYS C 220 24.16 -34.92 8.90
C LYS C 220 24.06 -34.27 7.52
N TRP C 221 22.86 -34.35 6.94
CA TRP C 221 22.54 -33.59 5.74
C TRP C 221 22.81 -32.10 5.94
N SER C 222 23.16 -31.43 4.83
CA SER C 222 23.58 -30.03 4.70
C SER C 222 24.96 -29.78 5.27
N ASP C 223 25.63 -30.78 5.82
CA ASP C 223 27.06 -30.73 6.11
C ASP C 223 27.87 -31.44 5.05
N ASN C 224 27.24 -31.83 3.94
CA ASN C 224 27.90 -32.57 2.86
C ASN C 224 28.08 -31.67 1.64
N LYS C 225 28.28 -30.38 1.84
CA LYS C 225 28.59 -29.49 0.73
C LYS C 225 30.08 -29.57 0.39
N ASP C 226 30.40 -29.34 -0.88
CA ASP C 226 31.78 -29.48 -1.33
C ASP C 226 32.65 -28.27 -0.97
N ASP C 227 32.05 -27.14 -0.62
CA ASP C 227 32.79 -25.92 -0.32
C ASP C 227 33.10 -25.77 1.17
N ILE C 228 33.05 -26.86 1.93
CA ILE C 228 33.28 -26.84 3.37
C ILE C 228 34.31 -27.92 3.69
N LEU C 229 35.28 -27.60 4.54
CA LEU C 229 36.19 -28.61 5.07
C LEU C 229 35.41 -29.53 6.00
N LYS C 230 35.27 -30.79 5.62
CA LYS C 230 34.45 -31.75 6.34
C LYS C 230 35.34 -32.65 7.20
N GLY C 231 34.69 -33.59 7.89
CA GLY C 231 35.35 -34.49 8.80
C GLY C 231 35.83 -35.79 8.23
N GLY C 232 35.74 -36.00 6.92
CA GLY C 232 36.23 -37.21 6.32
C GLY C 232 36.99 -36.95 5.04
N ASP C 233 37.36 -35.70 4.81
CA ASP C 233 38.04 -35.32 3.58
C ASP C 233 39.48 -35.79 3.56
N VAL C 234 40.00 -35.95 2.34
CA VAL C 234 41.41 -36.23 2.10
C VAL C 234 42.02 -34.95 1.55
N VAL C 235 43.11 -34.50 2.17
CA VAL C 235 43.79 -33.28 1.78
C VAL C 235 45.29 -33.50 1.79
N ARG C 236 45.99 -32.72 0.98
CA ARG C 236 47.43 -32.61 1.02
C ARG C 236 47.81 -31.23 1.54
N LEU C 237 48.86 -31.16 2.34
CA LEU C 237 49.16 -30.00 3.15
C LEU C 237 50.37 -29.26 2.58
N PHE C 238 50.09 -28.29 1.70
CA PHE C 238 51.14 -27.48 1.09
C PHE C 238 51.61 -26.43 2.08
N HIS C 239 52.92 -26.30 2.24
CA HIS C 239 53.46 -25.14 2.93
C HIS C 239 53.29 -23.91 2.03
N ALA C 240 53.30 -22.74 2.66
CA ALA C 240 52.95 -21.51 1.95
C ALA C 240 53.97 -21.20 0.86
N GLU C 241 55.24 -21.45 1.12
CA GLU C 241 56.29 -21.16 0.14
C GLU C 241 57.03 -22.41 -0.34
N GLN C 242 57.38 -23.33 0.55
CA GLN C 242 58.44 -24.27 0.21
C GLN C 242 57.93 -25.49 -0.56
N GLU C 243 57.23 -26.41 0.11
CA GLU C 243 56.81 -27.67 -0.52
C GLU C 243 55.60 -28.25 0.20
N LYS C 244 55.26 -29.48 -0.17
CA LYS C 244 54.21 -30.27 0.50
C LYS C 244 54.88 -31.30 1.38
N PHE C 245 54.42 -31.42 2.63
CA PHE C 245 55.07 -32.32 3.57
C PHE C 245 54.30 -33.63 3.69
N LEU C 246 54.98 -34.63 4.21
CA LEU C 246 54.53 -36.01 4.11
C LEU C 246 55.21 -36.82 5.20
N THR C 247 55.15 -38.15 5.09
CA THR C 247 55.92 -39.02 5.96
C THR C 247 56.32 -40.26 5.18
N CYS C 248 57.51 -40.77 5.48
CA CYS C 248 58.07 -41.88 4.72
C CYS C 248 58.97 -42.70 5.65
N ASP C 249 59.81 -43.54 5.05
CA ASP C 249 60.68 -44.45 5.78
C ASP C 249 62.11 -44.27 5.29
N GLU C 250 63.04 -44.11 6.24
CA GLU C 250 64.47 -44.17 5.95
C GLU C 250 65.11 -45.38 6.61
N HIS C 251 65.01 -45.49 7.93
CA HIS C 251 65.32 -46.70 8.66
C HIS C 251 64.12 -47.19 9.45
N ARG C 252 63.46 -46.29 10.18
CA ARG C 252 62.17 -46.52 10.80
C ARG C 252 61.20 -45.47 10.30
N LYS C 253 59.98 -45.48 10.85
CA LYS C 253 58.98 -44.52 10.41
C LYS C 253 59.36 -43.13 10.88
N LYS C 254 59.98 -42.36 9.98
CA LYS C 254 60.48 -41.04 10.28
C LYS C 254 59.65 -40.02 9.52
N GLN C 255 59.07 -39.06 10.25
CA GLN C 255 58.19 -38.08 9.63
C GLN C 255 59.05 -36.92 9.13
N HIS C 256 59.79 -37.19 8.06
CA HIS C 256 60.53 -36.13 7.39
C HIS C 256 59.55 -35.23 6.65
N VAL C 257 59.97 -34.00 6.39
CA VAL C 257 59.04 -32.94 6.05
C VAL C 257 59.50 -32.23 4.78
N PHE C 258 58.54 -32.01 3.88
CA PHE C 258 58.53 -31.25 2.62
C PHE C 258 59.18 -31.93 1.42
N LEU C 259 60.07 -32.93 1.62
CA LEU C 259 60.75 -33.60 0.52
C LEU C 259 61.25 -32.63 -0.55
N ARG C 260 62.25 -31.79 -0.22
CA ARG C 260 62.48 -30.56 -0.97
C ARG C 260 62.82 -30.83 -2.43
N THR C 261 62.24 -30.01 -3.31
CA THR C 261 62.34 -30.12 -4.76
C THR C 261 62.28 -28.72 -5.34
N THR C 262 62.00 -28.62 -6.63
CA THR C 262 61.81 -27.35 -7.32
C THR C 262 60.41 -27.30 -7.92
N GLY C 263 59.70 -26.20 -7.65
CA GLY C 263 58.36 -25.99 -8.22
C GLY C 263 57.26 -26.37 -7.22
N ARG C 264 56.26 -27.11 -7.70
CA ARG C 264 55.20 -27.69 -6.88
C ARG C 264 54.39 -26.63 -6.14
N GLN C 265 53.84 -25.69 -6.91
CA GLN C 265 53.00 -24.64 -6.34
C GLN C 265 51.53 -24.97 -6.54
N SER C 266 51.07 -25.97 -5.79
CA SER C 266 49.69 -26.43 -5.65
C SER C 266 49.06 -26.97 -6.92
N ALA C 267 49.77 -27.00 -8.04
CA ALA C 267 49.22 -27.48 -9.30
C ALA C 267 49.71 -28.88 -9.65
N THR C 268 51.02 -29.09 -9.57
CA THR C 268 51.58 -30.41 -9.84
C THR C 268 51.25 -31.37 -8.71
N SER C 269 51.11 -32.65 -9.07
CA SER C 269 50.88 -33.68 -8.07
C SER C 269 52.20 -34.10 -7.43
N ALA C 270 52.08 -34.82 -6.33
CA ALA C 270 53.24 -35.29 -5.58
C ALA C 270 53.15 -36.80 -5.39
N THR C 271 54.00 -37.35 -4.53
CA THR C 271 53.87 -38.77 -4.20
C THR C 271 52.62 -38.98 -3.35
N SER C 272 51.50 -39.17 -4.04
CA SER C 272 50.17 -39.16 -3.43
C SER C 272 49.95 -40.28 -2.43
N SER C 273 50.78 -41.32 -2.45
CA SER C 273 50.72 -42.31 -1.39
C SER C 273 51.08 -41.69 -0.04
N LYS C 274 52.11 -40.84 -0.02
CA LYS C 274 52.66 -40.34 1.24
C LYS C 274 52.29 -38.91 1.57
N ALA C 275 51.93 -38.09 0.59
CA ALA C 275 51.64 -36.68 0.81
C ALA C 275 50.16 -36.41 1.09
N LEU C 276 49.36 -37.45 1.27
CA LEU C 276 47.93 -37.29 1.48
C LEU C 276 47.58 -37.55 2.94
N TRP C 277 46.79 -36.65 3.52
CA TRP C 277 46.33 -36.76 4.89
C TRP C 277 44.81 -36.73 4.94
N GLU C 278 44.26 -37.31 5.99
CA GLU C 278 42.82 -37.34 6.21
C GLU C 278 42.49 -36.54 7.47
N VAL C 279 41.54 -35.63 7.35
CA VAL C 279 41.16 -34.74 8.44
C VAL C 279 39.88 -35.24 9.09
N GLU C 280 39.85 -35.24 10.42
CA GLU C 280 38.64 -35.60 11.15
C GLU C 280 38.48 -34.71 12.38
N VAL C 281 37.24 -34.54 12.80
CA VAL C 281 36.87 -33.68 13.93
C VAL C 281 36.45 -34.59 15.08
N VAL C 282 36.74 -34.16 16.32
CA VAL C 282 36.59 -35.04 17.48
C VAL C 282 35.11 -35.31 17.80
N GLN C 283 34.30 -34.26 17.92
CA GLN C 283 32.84 -34.32 18.06
C GLN C 283 32.35 -35.12 19.27
N HIS C 284 33.23 -35.41 20.23
CA HIS C 284 32.92 -35.95 21.57
C HIS C 284 32.42 -37.41 21.56
N ASP C 285 32.05 -37.93 20.41
CA ASP C 285 31.78 -39.35 20.27
C ASP C 285 32.58 -39.87 19.08
N PRO C 286 32.89 -41.17 19.05
CA PRO C 286 33.76 -41.68 17.98
C PRO C 286 33.21 -41.52 16.56
N CYS C 287 31.89 -41.56 16.39
CA CYS C 287 31.27 -41.26 15.11
C CYS C 287 30.89 -39.77 15.08
N ARG C 288 30.02 -39.38 14.14
CA ARG C 288 29.32 -38.10 14.05
C ARG C 288 30.25 -36.98 13.54
N GLY C 289 31.50 -37.28 13.19
CA GLY C 289 32.44 -36.23 12.82
C GLY C 289 32.07 -35.50 11.54
N GLY C 290 32.37 -34.22 11.51
CA GLY C 290 32.18 -33.42 10.31
C GLY C 290 32.00 -31.95 10.63
N ALA C 291 32.14 -31.14 9.58
CA ALA C 291 31.83 -29.70 9.57
C ALA C 291 32.65 -28.93 10.61
N GLY C 292 33.94 -28.80 10.32
CA GLY C 292 34.81 -28.00 11.18
C GLY C 292 34.40 -26.54 11.21
N TYR C 293 34.67 -25.88 12.34
CA TYR C 293 34.07 -24.60 12.68
C TYR C 293 35.09 -23.62 13.22
N TRP C 294 36.34 -23.69 12.74
CA TRP C 294 37.47 -22.82 13.07
C TRP C 294 38.00 -23.01 14.48
N ASN C 295 37.29 -23.79 15.32
CA ASN C 295 37.71 -24.05 16.69
C ASN C 295 37.36 -25.49 17.07
N SER C 296 37.47 -26.41 16.13
CA SER C 296 36.82 -27.71 16.24
C SER C 296 37.76 -28.83 16.68
N LEU C 297 39.01 -28.52 17.02
CA LEU C 297 39.99 -29.49 17.52
C LEU C 297 40.21 -30.63 16.51
N PHE C 298 40.80 -30.25 15.38
CA PHE C 298 41.02 -31.19 14.29
C PHE C 298 42.11 -32.20 14.66
N ARG C 299 42.17 -33.27 13.87
CA ARG C 299 43.20 -34.27 14.01
C ARG C 299 43.48 -34.84 12.62
N PHE C 300 44.76 -34.99 12.28
CA PHE C 300 45.18 -35.36 10.94
C PHE C 300 45.76 -36.77 10.96
N LYS C 301 45.23 -37.62 10.09
CA LYS C 301 45.60 -39.03 10.01
C LYS C 301 46.18 -39.31 8.64
N HIS C 302 47.32 -40.00 8.59
CA HIS C 302 47.92 -40.37 7.33
C HIS C 302 47.05 -41.36 6.57
N LEU C 303 47.16 -41.35 5.25
CA LEU C 303 46.29 -42.18 4.44
C LEU C 303 46.94 -43.51 4.07
N ALA C 304 48.25 -43.52 3.83
CA ALA C 304 48.94 -44.76 3.51
C ALA C 304 48.99 -45.70 4.70
N THR C 305 49.24 -45.17 5.88
CA THR C 305 49.27 -45.94 7.11
C THR C 305 48.42 -45.25 8.17
N GLY C 306 48.00 -46.03 9.16
CA GLY C 306 47.14 -45.48 10.19
C GLY C 306 47.88 -44.76 11.30
N HIS C 307 48.75 -43.83 10.92
CA HIS C 307 49.51 -43.04 11.88
C HIS C 307 48.99 -41.60 11.89
N TYR C 308 49.00 -41.00 13.06
CA TYR C 308 48.47 -39.67 13.25
C TYR C 308 49.60 -38.65 13.27
N LEU C 309 49.27 -37.40 13.54
CA LEU C 309 50.24 -36.31 13.63
C LEU C 309 50.29 -35.84 15.07
N ALA C 310 51.47 -35.89 15.69
CA ALA C 310 51.61 -35.52 17.08
C ALA C 310 53.01 -34.93 17.30
N ALA C 311 53.19 -34.33 18.47
CA ALA C 311 54.47 -33.76 18.87
C ALA C 311 54.87 -34.31 20.22
N GLU C 312 56.18 -34.53 20.39
CA GLU C 312 56.71 -35.03 21.65
C GLU C 312 58.12 -34.50 21.81
N VAL C 313 58.58 -34.47 23.06
CA VAL C 313 59.82 -33.77 23.41
C VAL C 313 61.01 -34.47 22.75
N ASP C 314 61.86 -33.68 22.11
CA ASP C 314 62.87 -34.22 21.22
C ASP C 314 64.03 -34.81 22.02
N PRO C 315 64.36 -36.09 21.84
CA PRO C 315 65.56 -36.63 22.50
C PRO C 315 66.85 -36.07 21.95
N ASP C 316 66.83 -35.44 20.77
CA ASP C 316 68.01 -34.83 20.19
C ASP C 316 68.28 -33.48 20.84
N PHE C 317 69.35 -32.82 20.39
CA PHE C 317 69.72 -31.52 20.92
C PHE C 317 68.86 -30.41 20.32
N GLU C 318 68.95 -29.23 20.92
CA GLU C 318 68.24 -28.06 20.43
C GLU C 318 69.03 -26.79 20.71
N VAL C 347 57.68 -31.21 22.66
CA VAL C 347 57.31 -29.84 22.32
C VAL C 347 58.01 -29.41 21.04
N TYR C 348 58.70 -30.34 20.41
CA TYR C 348 59.41 -30.10 19.15
C TYR C 348 59.20 -31.31 18.25
N SER C 349 59.56 -31.14 16.96
CA SER C 349 59.83 -32.24 16.03
C SER C 349 58.62 -33.18 15.89
N LEU C 350 57.60 -32.66 15.19
CA LEU C 350 56.38 -33.42 14.88
C LEU C 350 56.70 -34.82 14.35
N VAL C 351 56.05 -35.81 14.94
CA VAL C 351 56.28 -37.21 14.63
C VAL C 351 54.93 -37.88 14.36
N SER C 352 54.98 -39.18 14.12
CA SER C 352 53.78 -39.99 13.85
C SER C 352 53.59 -40.99 14.98
N VAL C 353 52.41 -40.98 15.58
CA VAL C 353 52.08 -41.91 16.66
C VAL C 353 51.18 -43.01 16.09
N PRO C 354 51.30 -44.26 16.56
CA PRO C 354 50.54 -45.35 15.93
C PRO C 354 49.05 -45.28 16.17
N GLU C 355 48.62 -44.88 17.35
CA GLU C 355 47.21 -44.89 17.69
C GLU C 355 46.85 -43.54 18.30
N GLY C 356 45.67 -43.04 17.95
CA GLY C 356 45.42 -41.61 18.09
C GLY C 356 44.17 -41.13 18.80
N ASN C 357 43.81 -41.69 19.96
CA ASN C 357 42.78 -41.05 20.76
C ASN C 357 43.37 -40.13 21.83
N ASP C 358 44.68 -40.01 21.92
CA ASP C 358 45.29 -39.25 22.99
C ASP C 358 45.18 -37.75 22.71
N ILE C 359 45.43 -36.95 23.75
CA ILE C 359 45.39 -35.49 23.59
C ILE C 359 46.66 -34.93 22.97
N SER C 360 47.70 -35.76 22.82
CA SER C 360 48.95 -35.30 22.23
C SER C 360 48.86 -35.08 20.73
N SER C 361 47.79 -35.55 20.08
CA SER C 361 47.65 -35.44 18.64
C SER C 361 46.50 -34.51 18.23
N ILE C 362 46.04 -33.66 19.13
CA ILE C 362 44.97 -32.73 18.83
C ILE C 362 45.58 -31.42 18.35
N PHE C 363 45.20 -30.99 17.14
CA PHE C 363 45.67 -29.74 16.57
C PHE C 363 44.48 -28.81 16.37
N GLU C 364 44.72 -27.52 16.53
CA GLU C 364 43.71 -26.51 16.28
C GLU C 364 44.29 -25.44 15.40
N LEU C 365 43.43 -24.77 14.65
CA LEU C 365 43.86 -23.92 13.56
C LEU C 365 43.12 -22.58 13.56
N ASP C 366 43.83 -21.53 13.20
CA ASP C 366 43.32 -20.17 13.17
C ASP C 366 43.63 -19.54 11.82
N PRO C 367 42.76 -18.66 11.32
CA PRO C 367 42.96 -18.12 9.98
C PRO C 367 44.09 -17.11 9.92
N THR C 368 44.69 -17.00 8.73
CA THR C 368 45.59 -15.89 8.43
C THR C 368 44.81 -14.62 8.10
N THR C 369 43.65 -14.76 7.48
CA THR C 369 42.81 -13.66 7.04
C THR C 369 41.90 -13.31 8.22
N LEU C 370 40.79 -12.60 8.00
CA LEU C 370 39.88 -12.21 9.07
C LEU C 370 39.31 -13.44 9.79
N ARG C 371 39.06 -13.26 11.08
CA ARG C 371 38.80 -14.38 11.98
C ARG C 371 37.35 -14.84 11.88
N GLY C 372 36.93 -15.67 12.82
CA GLY C 372 35.58 -16.19 12.87
C GLY C 372 35.38 -17.18 14.00
N GLY C 373 34.18 -17.20 14.57
CA GLY C 373 33.87 -18.14 15.63
C GLY C 373 33.39 -19.47 15.10
N ASP C 374 32.48 -19.41 14.12
CA ASP C 374 32.06 -20.59 13.37
C ASP C 374 31.62 -20.13 12.00
N SER C 375 32.42 -20.42 11.00
CA SER C 375 32.17 -19.80 9.70
C SER C 375 32.37 -20.73 8.49
N LEU C 376 32.36 -22.05 8.66
CA LEU C 376 32.39 -23.01 7.54
C LEU C 376 33.66 -22.83 6.69
N VAL C 377 34.78 -23.25 7.27
CA VAL C 377 36.12 -23.24 6.69
C VAL C 377 36.09 -23.64 5.21
N PRO C 378 36.38 -22.72 4.29
CA PRO C 378 35.97 -22.88 2.88
C PRO C 378 36.99 -23.62 2.01
N ARG C 379 37.44 -24.78 2.48
CA ARG C 379 38.04 -25.88 1.69
C ARG C 379 39.37 -25.55 1.04
N ASN C 380 39.80 -24.29 1.07
CA ASN C 380 41.02 -23.91 0.38
C ASN C 380 41.78 -22.83 1.13
N SER C 381 41.33 -22.44 2.32
CA SER C 381 41.91 -21.31 3.03
C SER C 381 43.27 -21.67 3.62
N TYR C 382 44.07 -20.63 3.85
CA TYR C 382 45.38 -20.81 4.47
C TYR C 382 45.24 -20.94 5.98
N VAL C 383 46.10 -21.77 6.56
CA VAL C 383 45.92 -22.28 7.92
C VAL C 383 47.25 -22.21 8.65
N ARG C 384 47.22 -21.69 9.88
CA ARG C 384 48.34 -21.79 10.80
C ARG C 384 47.98 -22.79 11.89
N LEU C 385 48.85 -23.78 12.10
CA LEU C 385 48.53 -24.89 13.00
C LEU C 385 49.03 -24.59 14.41
N ARG C 386 48.15 -24.75 15.39
CA ARG C 386 48.46 -24.56 16.79
C ARG C 386 48.25 -25.85 17.55
N HIS C 387 49.22 -26.22 18.37
CA HIS C 387 49.14 -27.46 19.14
C HIS C 387 48.38 -27.21 20.43
N LEU C 388 47.70 -28.25 20.93
CA LEU C 388 46.80 -28.07 22.05
C LEU C 388 47.45 -28.37 23.40
N CYS C 389 48.09 -29.55 23.54
CA CYS C 389 48.56 -29.99 24.85
C CYS C 389 49.66 -29.07 25.39
N THR C 390 50.57 -28.66 24.52
CA THR C 390 51.45 -27.52 24.78
C THR C 390 51.13 -26.46 23.75
N ASN C 391 50.80 -25.25 24.21
CA ASN C 391 50.36 -24.21 23.29
C ASN C 391 51.57 -23.72 22.50
N THR C 392 51.80 -24.33 21.35
CA THR C 392 53.01 -24.13 20.59
C THR C 392 52.65 -24.15 19.11
N TRP C 393 53.30 -23.29 18.34
CA TRP C 393 53.00 -23.13 16.93
C TRP C 393 54.05 -23.84 16.08
N VAL C 394 53.60 -24.48 14.99
CA VAL C 394 54.50 -25.23 14.13
C VAL C 394 55.37 -24.26 13.32
N HIS C 395 56.60 -24.68 13.04
CA HIS C 395 57.52 -23.86 12.26
C HIS C 395 58.49 -24.77 11.52
N SER C 396 58.96 -24.29 10.37
CA SER C 396 59.78 -25.10 9.47
C SER C 396 61.25 -24.92 9.81
N THR C 397 61.85 -25.97 10.38
CA THR C 397 63.29 -25.98 10.61
C THR C 397 64.01 -26.42 9.34
N ASN C 398 65.17 -25.82 9.10
CA ASN C 398 65.91 -26.04 7.86
C ASN C 398 66.97 -27.15 7.99
N ILE C 399 67.10 -27.77 9.15
CA ILE C 399 68.10 -28.82 9.33
C ILE C 399 67.59 -30.11 8.70
N PRO C 400 68.46 -30.97 8.17
CA PRO C 400 67.99 -32.22 7.56
C PRO C 400 67.94 -33.38 8.54
N ILE C 401 67.03 -34.30 8.27
CA ILE C 401 66.90 -35.51 9.09
C ILE C 401 68.10 -36.42 8.90
N ASP C 402 68.47 -36.68 7.64
CA ASP C 402 69.56 -37.58 7.32
C ASP C 402 70.85 -36.80 7.12
N LYS C 403 71.82 -37.02 8.01
CA LYS C 403 73.08 -36.30 8.00
C LYS C 403 74.23 -37.09 7.40
N GLU C 404 73.95 -38.23 6.76
CA GLU C 404 75.01 -39.12 6.30
C GLU C 404 75.25 -39.04 4.80
N GLU C 405 74.23 -38.76 3.99
CA GLU C 405 74.37 -38.76 2.54
C GLU C 405 74.21 -37.35 1.99
N GLU C 406 75.00 -37.05 0.96
CA GLU C 406 75.07 -35.69 0.41
C GLU C 406 73.80 -35.36 -0.37
N LYS C 407 73.49 -34.05 -0.39
CA LYS C 407 72.28 -33.47 -0.98
C LYS C 407 71.05 -34.15 -0.38
N PRO C 408 70.75 -33.89 0.89
CA PRO C 408 69.75 -34.70 1.62
C PRO C 408 68.33 -34.24 1.30
N VAL C 409 67.46 -35.21 0.99
CA VAL C 409 66.10 -34.90 0.58
C VAL C 409 65.17 -34.74 1.78
N MET C 410 65.58 -35.19 2.97
CA MET C 410 64.73 -35.26 4.15
C MET C 410 65.00 -34.02 5.00
N LEU C 411 63.97 -33.22 5.23
CA LEU C 411 64.07 -32.04 6.10
C LEU C 411 63.24 -32.24 7.36
N LYS C 412 63.56 -31.47 8.39
CA LYS C 412 62.86 -31.56 9.65
C LYS C 412 61.79 -30.47 9.74
N ILE C 413 60.84 -30.67 10.66
CA ILE C 413 59.92 -29.63 11.08
C ILE C 413 59.92 -29.60 12.61
N GLY C 414 59.44 -28.49 13.16
CA GLY C 414 59.42 -28.33 14.59
C GLY C 414 58.26 -27.44 15.02
N THR C 415 58.17 -27.23 16.33
CA THR C 415 57.15 -26.35 16.90
C THR C 415 57.82 -25.33 17.81
N SER C 416 57.49 -24.06 17.62
CA SER C 416 58.12 -22.97 18.36
C SER C 416 57.04 -22.10 18.98
N PRO C 417 57.19 -21.71 20.26
CA PRO C 417 56.06 -21.16 21.01
C PRO C 417 55.70 -19.72 20.68
N LEU C 418 56.29 -19.10 19.67
CA LEU C 418 55.89 -17.76 19.25
C LEU C 418 55.29 -17.83 17.86
N LYS C 419 54.33 -16.93 17.60
CA LYS C 419 53.53 -16.97 16.39
C LYS C 419 54.07 -16.01 15.34
N GLU C 420 54.15 -16.48 14.10
CA GLU C 420 54.58 -15.64 12.98
C GLU C 420 53.85 -16.08 11.73
N ASP C 421 53.84 -15.18 10.73
CA ASP C 421 53.17 -15.42 9.47
C ASP C 421 54.05 -16.07 8.42
N LYS C 422 55.28 -16.45 8.79
CA LYS C 422 56.14 -17.20 7.88
C LYS C 422 55.52 -18.55 7.54
N GLU C 423 55.09 -19.29 8.55
CA GLU C 423 54.61 -20.66 8.37
C GLU C 423 53.08 -20.64 8.37
N ALA C 424 52.48 -20.95 7.22
CA ALA C 424 51.03 -21.00 7.10
C ALA C 424 50.69 -22.04 6.05
N PHE C 425 50.37 -23.25 6.50
CA PHE C 425 50.05 -24.34 5.58
C PHE C 425 48.74 -24.06 4.86
N ALA C 426 48.64 -24.57 3.63
CA ALA C 426 47.42 -24.44 2.85
C ALA C 426 46.69 -25.77 2.80
N ILE C 427 45.36 -25.71 2.86
CA ILE C 427 44.53 -26.90 2.76
C ILE C 427 44.04 -27.01 1.33
N VAL C 428 44.79 -27.71 0.49
CA VAL C 428 44.39 -27.95 -0.90
C VAL C 428 43.80 -29.35 -0.99
N PRO C 429 42.57 -29.50 -1.47
CA PRO C 429 41.90 -30.80 -1.42
C PRO C 429 42.09 -31.62 -2.69
N VAL C 430 41.85 -32.92 -2.55
CA VAL C 430 41.85 -33.86 -3.67
C VAL C 430 40.44 -34.43 -3.79
N SER C 431 39.94 -34.48 -5.02
CA SER C 431 38.60 -34.98 -5.27
C SER C 431 38.54 -36.48 -5.02
N PRO C 432 37.34 -37.02 -4.75
CA PRO C 432 37.23 -38.48 -4.54
C PRO C 432 37.64 -39.31 -5.74
N ALA C 433 37.59 -38.75 -6.95
CA ALA C 433 37.94 -39.48 -8.16
C ALA C 433 39.42 -39.84 -8.24
N GLU C 434 40.28 -39.26 -7.40
CA GLU C 434 41.68 -39.65 -7.34
C GLU C 434 42.00 -40.60 -6.21
N VAL C 435 41.36 -40.43 -5.05
CA VAL C 435 41.58 -41.38 -3.96
C VAL C 435 40.94 -42.73 -4.31
N ARG C 436 39.86 -42.73 -5.10
CA ARG C 436 39.30 -43.98 -5.60
C ARG C 436 40.26 -44.68 -6.55
N ASP C 437 40.95 -43.92 -7.41
CA ASP C 437 41.95 -44.51 -8.29
C ASP C 437 43.13 -45.06 -7.52
N LEU C 438 43.56 -44.35 -6.47
CA LEU C 438 44.65 -44.86 -5.63
C LEU C 438 44.25 -46.15 -4.94
N ASP C 439 43.02 -46.23 -4.45
CA ASP C 439 42.54 -47.46 -3.81
C ASP C 439 42.46 -48.60 -4.81
N PHE C 440 41.98 -48.32 -6.03
CA PHE C 440 41.92 -49.33 -7.08
C PHE C 440 43.31 -49.83 -7.44
N ALA C 441 44.29 -48.93 -7.53
CA ALA C 441 45.65 -49.32 -7.85
C ALA C 441 46.25 -50.19 -6.75
N ASN C 442 46.02 -49.83 -5.49
CA ASN C 442 46.53 -50.64 -4.38
C ASN C 442 45.92 -52.03 -4.38
N ASP C 443 44.61 -52.13 -4.61
CA ASP C 443 43.95 -53.43 -4.57
C ASP C 443 44.38 -54.30 -5.76
N ALA C 444 44.53 -53.70 -6.94
CA ALA C 444 45.01 -54.44 -8.10
C ALA C 444 46.44 -54.93 -7.89
N SER C 445 47.28 -54.11 -7.28
CA SER C 445 48.64 -54.53 -6.97
C SER C 445 48.65 -55.70 -6.00
N LYS C 446 47.79 -55.66 -4.97
CA LYS C 446 47.71 -56.77 -4.03
C LYS C 446 47.25 -58.06 -4.69
N VAL C 447 46.23 -57.97 -5.56
CA VAL C 447 45.71 -59.17 -6.22
C VAL C 447 46.76 -59.77 -7.16
N LEU C 448 47.46 -58.91 -7.93
CA LEU C 448 48.52 -59.40 -8.81
C LEU C 448 49.67 -60.01 -8.01
N GLY C 449 50.00 -59.40 -6.87
CA GLY C 449 51.06 -59.97 -6.03
C GLY C 449 50.70 -61.31 -5.45
N SER C 450 49.42 -61.53 -5.13
CA SER C 450 49.00 -62.84 -4.66
C SER C 450 49.06 -63.88 -5.78
N ILE C 451 48.49 -63.54 -6.95
CA ILE C 451 48.36 -64.51 -8.03
C ILE C 451 49.72 -64.84 -8.64
N ALA C 452 50.64 -63.88 -8.70
CA ALA C 452 51.98 -64.14 -9.24
C ALA C 452 52.72 -65.19 -8.41
N GLY C 453 52.68 -65.05 -7.08
CA GLY C 453 53.26 -66.06 -6.22
C GLY C 453 52.53 -67.39 -6.28
N LYS C 454 51.19 -67.34 -6.37
CA LYS C 454 50.39 -68.56 -6.44
C LYS C 454 50.72 -69.37 -7.68
N LEU C 455 50.93 -68.69 -8.81
CA LEU C 455 51.37 -69.35 -10.03
C LEU C 455 52.85 -69.67 -10.01
N GLU C 456 53.65 -68.98 -9.19
CA GLU C 456 55.07 -69.25 -9.12
C GLU C 456 55.40 -70.54 -8.36
N LYS C 457 54.77 -70.77 -7.20
CA LYS C 457 55.02 -72.03 -6.49
C LYS C 457 54.39 -73.22 -7.20
N GLY C 458 53.16 -73.08 -7.67
CA GLY C 458 52.46 -74.20 -8.27
C GLY C 458 51.37 -73.76 -9.21
N THR C 459 50.38 -74.64 -9.39
CA THR C 459 49.28 -74.38 -10.29
C THR C 459 48.16 -73.63 -9.57
N ILE C 460 47.19 -73.16 -10.37
CA ILE C 460 46.06 -72.39 -9.87
C ILE C 460 44.78 -73.06 -10.35
N THR C 461 43.68 -72.72 -9.69
CA THR C 461 42.38 -73.21 -10.13
C THR C 461 41.87 -72.37 -11.30
N GLN C 462 40.80 -72.85 -11.93
CA GLN C 462 40.20 -72.12 -13.03
C GLN C 462 39.45 -70.87 -12.57
N ASN C 463 39.07 -70.82 -11.28
CA ASN C 463 38.42 -69.61 -10.77
C ASN C 463 39.42 -68.47 -10.61
N GLU C 464 40.65 -68.78 -10.17
CA GLU C 464 41.69 -67.77 -10.11
C GLU C 464 42.14 -67.34 -11.50
N ARG C 465 42.13 -68.28 -12.46
CA ARG C 465 42.47 -67.93 -13.84
C ARG C 465 41.42 -67.02 -14.46
N ARG C 466 40.15 -67.18 -14.08
CA ARG C 466 39.10 -66.30 -14.57
C ARG C 466 39.11 -64.94 -13.88
N SER C 467 39.52 -64.91 -12.60
CA SER C 467 39.49 -63.66 -11.85
C SER C 467 40.59 -62.71 -12.30
N VAL C 468 41.77 -63.24 -12.63
CA VAL C 468 42.85 -62.38 -13.07
C VAL C 468 42.63 -61.89 -14.50
N THR C 469 41.86 -62.61 -15.30
CA THR C 469 41.63 -62.20 -16.69
C THR C 469 40.75 -60.97 -16.76
N LYS C 470 39.67 -60.93 -15.97
CA LYS C 470 38.82 -59.74 -15.95
C LYS C 470 39.53 -58.55 -15.33
N LEU C 471 40.45 -58.79 -14.39
CA LEU C 471 41.21 -57.68 -13.81
C LEU C 471 42.20 -57.11 -14.82
N LEU C 472 42.88 -57.99 -15.57
CA LEU C 472 43.79 -57.51 -16.60
C LEU C 472 43.03 -56.83 -17.74
N GLU C 473 41.80 -57.26 -17.99
CA GLU C 473 40.93 -56.56 -18.94
C GLU C 473 40.53 -55.19 -18.39
N ASP C 474 40.33 -55.10 -17.08
CA ASP C 474 39.88 -53.85 -16.47
C ASP C 474 41.02 -52.84 -16.42
N LEU C 475 42.26 -53.31 -16.28
CA LEU C 475 43.41 -52.41 -16.22
C LEU C 475 43.60 -51.65 -17.53
N VAL C 476 43.28 -52.26 -18.67
CA VAL C 476 43.42 -51.59 -19.95
C VAL C 476 42.46 -50.41 -20.06
N TYR C 477 41.19 -50.61 -19.69
CA TYR C 477 40.24 -49.50 -19.71
C TYR C 477 40.47 -48.53 -18.56
N PHE C 478 41.16 -48.97 -17.51
CA PHE C 478 41.63 -48.07 -16.47
C PHE C 478 42.62 -47.06 -17.04
N VAL C 479 43.63 -47.56 -17.75
CA VAL C 479 44.67 -46.65 -18.23
C VAL C 479 44.23 -45.86 -19.46
N THR C 480 43.40 -46.41 -20.33
CA THR C 480 43.03 -45.66 -21.53
C THR C 480 41.87 -44.71 -21.28
N GLY C 481 41.20 -44.82 -20.14
CA GLY C 481 40.08 -43.96 -19.83
C GLY C 481 38.78 -44.30 -20.53
N GLY C 482 38.73 -45.41 -21.25
CA GLY C 482 37.54 -45.79 -21.97
C GLY C 482 36.54 -46.57 -21.12
N THR C 483 35.49 -47.04 -21.79
CA THR C 483 34.45 -47.84 -21.17
C THR C 483 34.31 -49.17 -21.90
N ASN C 484 33.82 -50.17 -21.18
CA ASN C 484 33.71 -51.52 -21.71
C ASN C 484 32.62 -51.58 -22.78
N SER C 485 33.01 -51.93 -24.01
CA SER C 485 32.08 -52.11 -25.11
C SER C 485 32.33 -53.36 -25.93
N GLY C 486 33.46 -54.03 -25.75
CA GLY C 486 33.77 -55.24 -26.50
C GLY C 486 35.10 -55.15 -27.21
N GLN C 487 35.77 -56.29 -27.36
CA GLN C 487 37.06 -56.42 -28.07
C GLN C 487 38.12 -55.50 -27.42
N ASP C 488 38.51 -55.93 -26.21
CA ASP C 488 39.42 -55.13 -25.38
C ASP C 488 40.78 -54.89 -26.03
N VAL C 489 41.20 -55.75 -26.95
CA VAL C 489 42.43 -55.52 -27.71
C VAL C 489 42.04 -54.70 -28.93
N LEU C 490 41.87 -53.39 -28.72
CA LEU C 490 41.45 -52.49 -29.79
C LEU C 490 42.39 -51.30 -29.98
N GLU C 491 42.89 -50.71 -28.89
CA GLU C 491 43.98 -49.71 -28.91
C GLU C 491 43.67 -48.51 -29.80
N VAL C 492 42.43 -48.04 -29.76
CA VAL C 492 41.98 -47.07 -30.76
C VAL C 492 42.03 -45.61 -30.28
N VAL C 493 41.77 -45.34 -29.00
CA VAL C 493 41.73 -43.96 -28.50
C VAL C 493 43.11 -43.63 -27.94
N PHE C 494 43.99 -43.18 -28.83
CA PHE C 494 45.30 -42.65 -28.44
C PHE C 494 45.30 -41.13 -28.37
N SER C 495 44.42 -40.56 -27.55
CA SER C 495 44.32 -39.09 -27.43
C SER C 495 45.16 -38.58 -26.27
N LYS C 496 44.81 -39.01 -25.06
CA LYS C 496 45.53 -38.64 -23.85
C LYS C 496 45.31 -39.73 -22.80
N PRO C 497 46.23 -40.67 -22.65
CA PRO C 497 45.98 -41.87 -21.84
C PRO C 497 46.20 -41.69 -20.34
N ASN C 498 45.70 -40.58 -19.79
CA ASN C 498 45.62 -40.34 -18.35
C ASN C 498 47.00 -40.42 -17.68
N ARG C 499 47.79 -39.38 -17.96
CA ARG C 499 49.15 -39.27 -17.42
C ARG C 499 49.19 -39.44 -15.90
N GLU C 500 48.20 -38.88 -15.20
CA GLU C 500 48.09 -39.03 -13.76
C GLU C 500 47.79 -40.46 -13.32
N ARG C 501 47.39 -41.33 -14.23
CA ARG C 501 47.04 -42.72 -13.92
C ARG C 501 48.15 -43.70 -14.30
N GLN C 502 48.84 -43.46 -15.43
CA GLN C 502 50.06 -44.20 -15.68
C GLN C 502 51.19 -43.76 -14.77
N LYS C 503 51.06 -42.61 -14.11
CA LYS C 503 51.90 -42.33 -12.95
C LYS C 503 51.57 -43.28 -11.80
N LEU C 504 50.29 -43.56 -11.59
CA LEU C 504 49.88 -44.42 -10.48
C LEU C 504 50.35 -45.86 -10.69
N MET C 505 50.24 -46.38 -11.91
CA MET C 505 50.71 -47.76 -12.11
C MET C 505 52.23 -47.89 -12.08
N ARG C 506 52.98 -46.80 -12.06
CA ARG C 506 54.39 -46.91 -11.75
C ARG C 506 54.67 -46.74 -10.27
N GLU C 507 53.95 -45.82 -9.60
CA GLU C 507 54.22 -45.57 -8.19
C GLU C 507 53.64 -46.65 -7.27
N GLN C 508 52.49 -47.23 -7.62
CA GLN C 508 51.82 -48.20 -6.76
C GLN C 508 52.23 -49.63 -7.02
N ASN C 509 53.40 -49.84 -7.67
CA ASN C 509 54.02 -51.15 -7.87
C ASN C 509 53.16 -52.10 -8.69
N ILE C 510 52.27 -51.57 -9.53
CA ILE C 510 51.50 -52.43 -10.42
C ILE C 510 52.39 -53.00 -11.52
N LEU C 511 53.23 -52.15 -12.12
CA LEU C 511 54.13 -52.61 -13.17
C LEU C 511 55.20 -53.57 -12.67
N LYS C 512 55.55 -53.52 -11.38
CA LYS C 512 56.46 -54.50 -10.82
C LYS C 512 55.82 -55.88 -10.78
N GLN C 513 54.53 -55.95 -10.41
CA GLN C 513 53.87 -57.24 -10.28
C GLN C 513 53.57 -57.88 -11.64
N ILE C 514 53.44 -57.07 -12.69
CA ILE C 514 53.25 -57.60 -14.03
C ILE C 514 54.50 -58.33 -14.50
N PHE C 515 55.67 -57.79 -14.19
CA PHE C 515 56.93 -58.45 -14.52
C PHE C 515 57.07 -59.76 -13.76
N LYS C 516 56.61 -59.79 -12.51
CA LYS C 516 56.65 -61.03 -11.74
C LYS C 516 55.70 -62.06 -12.31
N LEU C 517 54.56 -61.64 -12.84
CA LEU C 517 53.56 -62.56 -13.37
C LEU C 517 53.96 -63.13 -14.72
N LEU C 518 54.90 -62.50 -15.43
CA LEU C 518 55.34 -62.98 -16.72
C LEU C 518 56.32 -64.15 -16.59
N GLN C 519 57.31 -64.02 -15.72
CA GLN C 519 58.32 -65.06 -15.54
C GLN C 519 57.92 -66.12 -14.52
N ALA C 520 56.79 -65.93 -13.82
CA ALA C 520 56.32 -66.96 -12.89
C ALA C 520 55.93 -68.28 -13.57
N PRO C 521 55.13 -68.32 -14.65
CA PRO C 521 54.80 -69.64 -15.22
C PRO C 521 55.98 -70.36 -15.83
N PHE C 522 56.98 -69.63 -16.33
CA PHE C 522 58.15 -70.28 -16.91
C PHE C 522 59.00 -70.93 -15.82
N THR C 523 59.14 -70.25 -14.68
CA THR C 523 59.79 -70.88 -13.53
C THR C 523 58.93 -71.98 -12.93
N ASP C 524 57.61 -71.93 -13.15
CA ASP C 524 56.74 -73.01 -12.70
C ASP C 524 56.93 -74.27 -13.54
N CYS C 525 56.95 -74.12 -14.86
CA CYS C 525 57.13 -75.26 -15.76
C CYS C 525 58.57 -75.71 -15.89
N GLY C 526 59.53 -74.90 -15.43
CA GLY C 526 60.92 -75.31 -15.43
C GLY C 526 61.31 -76.01 -14.14
N ASP C 527 61.02 -75.39 -13.01
CA ASP C 527 61.32 -75.96 -11.71
C ASP C 527 60.36 -75.47 -10.64
N LEU C 531 58.92 -75.40 -23.02
CA LEU C 531 58.02 -74.97 -21.96
C LEU C 531 57.36 -73.65 -22.31
N ARG C 532 57.88 -72.98 -23.35
CA ARG C 532 57.25 -71.77 -23.85
C ARG C 532 56.48 -72.06 -25.14
N LEU C 533 57.16 -72.56 -26.16
CA LEU C 533 56.53 -73.11 -27.36
C LEU C 533 57.14 -74.41 -27.82
N GLU C 534 58.35 -74.76 -27.37
CA GLU C 534 59.00 -75.99 -27.82
C GLU C 534 58.39 -77.22 -27.17
N GLU C 535 57.85 -77.07 -25.96
CA GLU C 535 57.23 -78.16 -25.22
C GLU C 535 55.82 -77.83 -24.74
N LEU C 536 55.53 -76.54 -24.51
CA LEU C 536 54.21 -76.13 -24.05
C LEU C 536 53.59 -75.19 -25.06
N GLY C 537 53.70 -75.53 -26.34
CA GLY C 537 53.12 -74.73 -27.40
C GLY C 537 51.81 -75.29 -27.91
N ASP C 538 51.16 -76.13 -27.11
CA ASP C 538 49.97 -76.84 -27.54
C ASP C 538 48.76 -75.90 -27.59
N GLN C 539 47.70 -76.37 -28.24
CA GLN C 539 46.47 -75.60 -28.37
C GLN C 539 45.69 -75.50 -27.06
N ARG C 540 45.97 -76.38 -26.10
CA ARG C 540 45.26 -76.35 -24.83
C ARG C 540 45.57 -75.09 -24.02
N HIS C 541 46.70 -74.45 -24.29
CA HIS C 541 47.08 -73.23 -23.58
C HIS C 541 46.62 -71.98 -24.32
N ALA C 542 45.35 -71.95 -24.69
CA ALA C 542 44.76 -70.78 -25.35
C ALA C 542 44.33 -69.71 -24.34
N PRO C 543 43.60 -69.99 -23.25
CA PRO C 543 43.34 -68.91 -22.29
C PRO C 543 44.50 -68.64 -21.35
N PHE C 544 45.42 -69.59 -21.20
CA PHE C 544 46.57 -69.38 -20.33
C PHE C 544 47.55 -68.38 -20.92
N ARG C 545 47.66 -68.33 -22.25
CA ARG C 545 48.46 -67.32 -22.91
C ARG C 545 47.69 -66.05 -23.18
N HIS C 546 46.41 -66.01 -22.84
CA HIS C 546 45.60 -64.81 -23.04
C HIS C 546 45.92 -63.73 -22.01
N ILE C 547 46.59 -64.09 -20.92
CA ILE C 547 46.94 -63.12 -19.89
C ILE C 547 48.34 -62.56 -20.17
N CYS C 548 49.19 -63.36 -20.82
CA CYS C 548 50.52 -62.87 -21.17
C CYS C 548 50.45 -61.86 -22.31
N ARG C 549 49.50 -62.02 -23.22
CA ARG C 549 49.31 -61.03 -24.27
C ARG C 549 48.45 -59.85 -23.82
N LEU C 550 47.86 -59.93 -22.62
CA LEU C 550 47.24 -58.77 -22.00
C LEU C 550 48.20 -58.00 -21.12
N CYS C 551 49.14 -58.70 -20.49
CA CYS C 551 50.18 -58.04 -19.71
C CYS C 551 51.06 -57.18 -20.60
N TYR C 552 51.42 -57.68 -21.77
CA TYR C 552 52.22 -56.87 -22.70
C TYR C 552 51.40 -55.72 -23.27
N ARG C 553 50.09 -55.91 -23.44
CA ARG C 553 49.24 -54.82 -23.92
C ARG C 553 49.16 -53.69 -22.90
N VAL C 554 48.99 -54.03 -21.61
CA VAL C 554 48.94 -52.98 -20.60
C VAL C 554 50.32 -52.43 -20.29
N LEU C 555 51.39 -53.18 -20.57
CA LEU C 555 52.73 -52.61 -20.54
C LEU C 555 52.90 -51.57 -21.65
N ARG C 556 52.34 -51.85 -22.83
CA ARG C 556 52.42 -50.92 -23.94
C ARG C 556 51.60 -49.66 -23.68
N HIS C 557 50.42 -49.81 -23.09
CA HIS C 557 49.58 -48.65 -22.78
C HIS C 557 50.14 -47.78 -21.66
N SER C 558 51.07 -48.30 -20.86
CA SER C 558 51.60 -47.52 -19.74
C SER C 558 52.65 -46.51 -20.16
N GLN C 559 53.35 -46.73 -21.27
CA GLN C 559 54.50 -45.92 -21.64
C GLN C 559 54.24 -44.96 -22.79
N GLN C 560 52.98 -44.78 -23.18
CA GLN C 560 52.68 -43.93 -24.33
C GLN C 560 52.85 -42.46 -23.96
N ASP C 561 53.77 -41.79 -24.63
CA ASP C 561 54.09 -40.37 -24.41
C ASP C 561 54.48 -40.09 -22.95
N TYR C 562 55.28 -40.96 -22.36
CA TYR C 562 55.68 -40.83 -20.96
C TYR C 562 57.09 -41.38 -20.81
N ARG C 563 58.03 -40.50 -20.48
CA ARG C 563 59.43 -40.88 -20.36
C ARG C 563 59.70 -41.80 -19.17
N LYS C 564 59.08 -41.52 -18.02
CA LYS C 564 59.37 -42.27 -16.80
C LYS C 564 58.96 -43.73 -16.93
N ASN C 565 57.78 -43.98 -17.51
CA ASN C 565 57.33 -45.35 -17.72
C ASN C 565 58.19 -46.04 -18.77
N GLN C 566 58.62 -45.30 -19.80
CA GLN C 566 59.47 -45.88 -20.84
C GLN C 566 60.80 -46.35 -20.29
N GLU C 567 61.45 -45.51 -19.48
CA GLU C 567 62.72 -45.94 -18.88
C GLU C 567 62.53 -46.99 -17.81
N TYR C 568 61.39 -46.97 -17.09
CA TYR C 568 61.12 -48.03 -16.11
C TYR C 568 60.97 -49.39 -16.80
N ILE C 569 60.28 -49.42 -17.94
CA ILE C 569 60.14 -50.66 -18.68
C ILE C 569 61.47 -51.08 -19.30
N ALA C 570 62.23 -50.11 -19.83
CA ALA C 570 63.52 -50.42 -20.45
C ALA C 570 64.58 -50.83 -19.46
N LYS C 571 64.40 -50.54 -18.17
CA LYS C 571 65.30 -51.09 -17.17
C LYS C 571 65.10 -52.59 -16.97
N GLN C 572 63.92 -53.10 -17.32
CA GLN C 572 63.61 -54.53 -17.26
C GLN C 572 63.61 -55.14 -18.65
N PHE C 573 64.55 -54.70 -19.48
CA PHE C 573 64.62 -55.14 -20.87
C PHE C 573 65.40 -56.44 -21.03
N GLY C 574 66.05 -56.90 -19.95
CA GLY C 574 66.91 -58.07 -20.05
C GLY C 574 66.17 -59.36 -20.38
N PHE C 575 65.03 -59.59 -19.72
CA PHE C 575 64.30 -60.83 -19.94
C PHE C 575 63.23 -60.69 -21.03
N MET C 576 62.85 -59.46 -21.38
CA MET C 576 61.89 -59.25 -22.45
C MET C 576 62.48 -59.65 -23.81
N GLN C 577 63.82 -59.66 -23.90
CA GLN C 577 64.52 -60.05 -25.13
C GLN C 577 64.33 -61.53 -25.47
N LYS C 578 63.95 -62.36 -24.50
CA LYS C 578 63.84 -63.79 -24.74
C LYS C 578 62.67 -64.18 -25.62
N GLN C 579 61.67 -63.31 -25.81
CA GLN C 579 60.39 -63.77 -26.33
C GLN C 579 59.73 -62.79 -27.31
N ILE C 580 60.52 -62.11 -28.15
CA ILE C 580 59.90 -61.30 -29.22
C ILE C 580 59.23 -62.20 -30.26
N GLY C 581 59.93 -63.23 -30.70
CA GLY C 581 59.46 -63.98 -31.85
C GLY C 581 58.31 -64.91 -31.63
N TYR C 582 57.79 -64.99 -30.41
CA TYR C 582 56.73 -65.93 -30.07
C TYR C 582 55.40 -65.20 -30.00
N ASP C 583 54.35 -65.92 -29.64
CA ASP C 583 52.99 -65.41 -29.72
C ASP C 583 52.52 -64.74 -28.43
N VAL C 584 53.43 -64.16 -27.65
CA VAL C 584 53.05 -63.48 -26.42
C VAL C 584 52.94 -61.98 -26.67
N LEU C 585 52.91 -61.60 -27.95
CA LEU C 585 52.71 -60.20 -28.39
C LEU C 585 53.78 -59.26 -27.84
N ALA C 586 55.00 -59.74 -27.68
CA ALA C 586 56.07 -58.89 -27.18
C ALA C 586 56.70 -58.02 -28.27
N GLU C 587 56.39 -58.29 -29.54
CA GLU C 587 57.01 -57.52 -30.63
C GLU C 587 56.39 -56.13 -30.78
N ASP C 588 55.12 -55.96 -30.42
CA ASP C 588 54.48 -54.66 -30.58
C ASP C 588 54.90 -53.69 -29.49
N THR C 589 55.09 -54.18 -28.27
CA THR C 589 55.48 -53.31 -27.17
C THR C 589 56.93 -52.85 -27.31
N ILE C 590 57.80 -53.73 -27.78
CA ILE C 590 59.23 -53.42 -27.84
C ILE C 590 59.54 -52.39 -28.92
N THR C 591 58.71 -52.26 -29.96
CA THR C 591 58.94 -51.23 -30.96
C THR C 591 58.60 -49.85 -30.42
N ALA C 592 57.64 -49.77 -29.51
CA ALA C 592 57.20 -48.46 -29.00
C ALA C 592 58.25 -47.82 -28.10
N LEU C 593 59.09 -48.62 -27.46
CA LEU C 593 60.14 -48.06 -26.61
C LEU C 593 61.23 -47.39 -27.43
N LEU C 594 61.47 -47.87 -28.65
CA LEU C 594 62.56 -47.40 -29.49
C LEU C 594 62.11 -46.45 -30.59
N HIS C 595 60.89 -45.93 -30.51
CA HIS C 595 60.32 -45.12 -31.58
C HIS C 595 60.59 -43.65 -31.30
N ASN C 596 61.59 -43.10 -32.01
CA ASN C 596 61.93 -41.66 -31.99
C ASN C 596 62.25 -41.14 -30.60
N ASN C 597 63.10 -41.84 -29.85
CA ASN C 597 63.59 -41.38 -28.57
C ASN C 597 65.11 -41.46 -28.54
N ARG C 598 65.73 -40.47 -27.89
CA ARG C 598 67.18 -40.30 -27.93
C ARG C 598 67.88 -40.86 -26.70
N LYS C 599 67.58 -40.29 -25.53
CA LYS C 599 68.48 -40.42 -24.39
C LYS C 599 68.40 -41.80 -23.76
N LEU C 600 67.19 -42.33 -23.62
CA LEU C 600 67.03 -43.67 -23.05
C LEU C 600 67.52 -44.75 -24.01
N LEU C 601 67.37 -44.55 -25.32
CA LEU C 601 67.85 -45.53 -26.29
C LEU C 601 69.37 -45.55 -26.33
N GLU C 602 70.02 -44.38 -26.19
CA GLU C 602 71.47 -44.37 -26.29
C GLU C 602 72.16 -44.88 -25.02
N LYS C 603 71.43 -45.07 -23.92
CA LYS C 603 72.05 -45.55 -22.69
C LYS C 603 71.56 -46.92 -22.26
N HIS C 604 70.32 -47.32 -22.63
CA HIS C 604 69.81 -48.60 -22.18
C HIS C 604 70.35 -49.77 -23.00
N ILE C 605 70.53 -49.58 -24.29
CA ILE C 605 71.04 -50.63 -25.16
C ILE C 605 72.56 -50.61 -25.11
N THR C 606 73.17 -51.75 -24.78
CA THR C 606 74.61 -51.88 -24.68
C THR C 606 75.12 -52.88 -25.70
N ALA C 607 76.44 -53.05 -25.73
CA ALA C 607 77.07 -53.98 -26.68
C ALA C 607 76.77 -55.42 -26.32
N ALA C 608 76.64 -55.73 -25.02
CA ALA C 608 76.30 -57.10 -24.62
C ALA C 608 74.90 -57.47 -25.06
N GLU C 609 73.96 -56.52 -25.05
CA GLU C 609 72.62 -56.79 -25.53
C GLU C 609 72.62 -57.09 -27.02
N ILE C 610 73.47 -56.40 -27.79
CA ILE C 610 73.57 -56.69 -29.21
C ILE C 610 74.25 -58.04 -29.44
N ASP C 611 75.27 -58.35 -28.63
CA ASP C 611 76.00 -59.61 -28.79
C ASP C 611 75.11 -60.81 -28.46
N THR C 612 74.25 -60.68 -27.46
CA THR C 612 73.24 -61.72 -27.23
C THR C 612 72.02 -61.55 -28.12
N PHE C 613 71.95 -60.45 -28.87
CA PHE C 613 70.84 -60.21 -29.78
C PHE C 613 71.11 -60.79 -31.16
N VAL C 614 72.36 -61.17 -31.43
CA VAL C 614 72.78 -61.81 -32.66
C VAL C 614 73.01 -63.31 -32.45
N SER C 615 72.31 -63.88 -31.47
CA SER C 615 72.36 -65.28 -31.06
C SER C 615 71.56 -66.14 -32.04
N LEU C 616 71.05 -67.29 -31.59
CA LEU C 616 70.29 -68.18 -32.47
C LEU C 616 68.92 -67.59 -32.81
N VAL C 617 68.93 -66.33 -33.26
CA VAL C 617 67.83 -65.58 -33.85
C VAL C 617 68.33 -65.01 -35.17
N ARG C 618 69.54 -64.43 -35.17
CA ARG C 618 70.31 -64.20 -36.37
C ARG C 618 70.96 -65.46 -36.91
N LYS C 619 71.13 -66.49 -36.09
CA LYS C 619 71.52 -67.77 -36.67
C LYS C 619 70.35 -68.47 -37.36
N ASN C 620 69.15 -67.93 -37.23
CA ASN C 620 67.93 -68.52 -37.77
C ASN C 620 67.36 -67.65 -38.90
N ARG C 621 66.19 -68.08 -39.38
CA ARG C 621 65.49 -67.45 -40.49
C ARG C 621 64.54 -66.38 -39.95
N GLU C 622 63.52 -66.00 -40.76
CA GLU C 622 62.49 -65.00 -40.46
C GLU C 622 63.07 -63.62 -40.21
N PRO C 623 63.46 -62.89 -41.28
CA PRO C 623 64.13 -61.59 -41.11
C PRO C 623 63.23 -60.44 -40.66
N ARG C 624 62.00 -60.74 -40.25
CA ARG C 624 61.23 -59.77 -39.48
C ARG C 624 61.96 -59.41 -38.19
N PHE C 625 62.68 -60.37 -37.62
CA PHE C 625 63.45 -60.03 -36.43
C PHE C 625 64.71 -59.27 -36.84
N LEU C 626 65.11 -59.40 -38.12
CA LEU C 626 66.24 -58.63 -38.64
C LEU C 626 65.88 -57.16 -38.82
N ASP C 627 64.70 -56.84 -39.34
CA ASP C 627 64.41 -55.40 -39.35
C ASP C 627 63.86 -54.93 -38.00
N TYR C 628 63.51 -55.85 -37.09
CA TYR C 628 63.38 -55.48 -35.67
C TYR C 628 64.74 -55.09 -35.08
N LEU C 629 65.83 -55.62 -35.61
CA LEU C 629 67.15 -55.05 -35.32
C LEU C 629 67.34 -53.72 -36.01
N SER C 630 66.90 -53.63 -37.27
CA SER C 630 67.27 -52.49 -38.11
C SER C 630 66.53 -51.21 -37.72
N ASP C 631 65.38 -51.30 -37.06
CA ASP C 631 64.75 -50.05 -36.64
C ASP C 631 65.33 -49.55 -35.33
N LEU C 632 65.86 -50.42 -34.49
CA LEU C 632 66.61 -49.96 -33.33
C LEU C 632 68.06 -49.62 -33.70
N CYS C 633 68.45 -49.93 -34.93
CA CYS C 633 69.77 -49.52 -35.43
C CYS C 633 69.91 -48.00 -35.41
N VAL C 634 69.21 -47.31 -36.30
CA VAL C 634 69.45 -45.89 -36.51
C VAL C 634 68.14 -45.12 -36.59
N SER C 635 67.01 -45.85 -36.70
CA SER C 635 65.75 -45.22 -37.08
C SER C 635 65.25 -44.27 -36.00
N MET C 636 65.47 -42.99 -36.25
CA MET C 636 65.33 -41.90 -35.31
C MET C 636 64.71 -40.77 -36.14
N ASN C 637 64.82 -39.52 -35.69
CA ASN C 637 64.57 -38.42 -36.62
C ASN C 637 65.51 -38.52 -37.81
N LYS C 638 66.83 -38.37 -37.58
CA LYS C 638 67.96 -38.58 -38.48
C LYS C 638 69.27 -38.91 -37.76
N SER C 639 69.79 -40.12 -37.99
CA SER C 639 71.22 -40.46 -37.84
C SER C 639 71.72 -40.28 -36.39
N ILE C 640 71.24 -41.17 -35.52
CA ILE C 640 71.76 -41.27 -34.15
C ILE C 640 73.25 -41.61 -34.19
N PRO C 641 74.08 -40.85 -33.47
CA PRO C 641 75.54 -41.08 -33.55
C PRO C 641 76.11 -41.93 -32.42
N VAL C 642 75.29 -42.46 -31.52
CA VAL C 642 75.81 -43.18 -30.36
C VAL C 642 75.81 -44.68 -30.58
N THR C 643 74.66 -45.26 -30.89
CA THR C 643 74.53 -46.69 -31.13
C THR C 643 74.92 -47.07 -32.56
N GLN C 644 75.22 -46.09 -33.41
CA GLN C 644 75.56 -46.38 -34.79
C GLN C 644 76.86 -47.16 -34.91
N GLU C 645 77.91 -46.73 -34.20
CA GLU C 645 79.13 -47.50 -34.16
C GLU C 645 79.00 -48.73 -33.28
N LEU C 646 77.99 -48.78 -32.42
CA LEU C 646 77.74 -49.95 -31.59
C LEU C 646 77.17 -51.10 -32.39
N ILE C 647 76.37 -50.81 -33.42
CA ILE C 647 75.83 -51.86 -34.27
C ILE C 647 76.75 -52.16 -35.47
N CYS C 648 77.53 -51.17 -35.92
CA CYS C 648 78.40 -51.37 -37.08
C CYS C 648 79.64 -52.21 -36.79
N LYS C 649 79.91 -52.55 -35.53
CA LYS C 649 80.97 -53.48 -35.22
C LYS C 649 80.46 -54.83 -34.74
N ALA C 650 79.20 -55.15 -35.00
CA ALA C 650 78.62 -56.41 -34.57
C ALA C 650 78.13 -57.27 -35.72
N VAL C 651 77.47 -56.67 -36.71
CA VAL C 651 76.88 -57.45 -37.80
C VAL C 651 77.95 -57.96 -38.76
N LEU C 652 79.02 -57.19 -38.99
CA LEU C 652 80.06 -57.59 -39.92
C LEU C 652 81.44 -57.65 -39.28
N ASN C 653 81.55 -57.50 -37.97
CA ASN C 653 82.81 -57.65 -37.25
C ASN C 653 82.59 -58.55 -36.04
N PRO C 654 82.70 -59.87 -36.20
CA PRO C 654 83.06 -60.58 -37.43
C PRO C 654 81.85 -60.89 -38.32
N THR C 655 82.07 -61.74 -39.33
CA THR C 655 81.08 -61.97 -40.38
C THR C 655 80.18 -63.18 -40.10
N ASN C 656 79.94 -63.51 -38.84
CA ASN C 656 79.10 -64.65 -38.49
C ASN C 656 77.62 -64.30 -38.57
N ALA C 657 76.77 -65.15 -37.97
CA ALA C 657 75.33 -64.90 -37.77
C ALA C 657 74.58 -64.70 -39.09
N ASP C 658 74.47 -65.82 -39.83
CA ASP C 658 73.85 -65.87 -41.16
C ASP C 658 74.60 -64.96 -42.12
N ILE C 659 75.81 -65.43 -42.45
CA ILE C 659 77.02 -64.67 -42.75
C ILE C 659 76.76 -63.44 -43.61
N LEU C 660 76.25 -63.65 -44.83
CA LEU C 660 75.98 -62.63 -45.82
C LEU C 660 75.19 -63.29 -46.94
N ILE C 661 74.70 -62.45 -47.85
CA ILE C 661 74.37 -62.88 -49.20
C ILE C 661 75.39 -62.19 -50.09
N GLU C 662 76.49 -62.89 -50.38
CA GLU C 662 77.71 -62.28 -50.88
C GLU C 662 77.66 -62.18 -52.41
N THR C 663 77.60 -60.95 -52.91
CA THR C 663 77.71 -60.67 -54.34
C THR C 663 79.11 -60.13 -54.62
N LYS C 664 79.88 -60.88 -55.41
CA LYS C 664 81.32 -60.64 -55.50
C LYS C 664 81.79 -60.45 -56.94
N LEU C 665 80.88 -60.35 -57.90
CA LEU C 665 81.16 -60.19 -59.34
C LEU C 665 82.14 -61.28 -59.82
N VAL C 666 81.63 -62.50 -59.81
CA VAL C 666 82.42 -63.72 -59.98
C VAL C 666 83.14 -63.78 -61.34
N LEU C 667 82.66 -63.00 -62.32
CA LEU C 667 83.28 -62.85 -63.64
C LEU C 667 83.39 -64.20 -64.37
N SER C 668 82.22 -64.77 -64.65
CA SER C 668 82.13 -66.02 -65.39
C SER C 668 80.88 -65.96 -66.27
N ARG C 669 80.48 -67.10 -66.81
CA ARG C 669 79.28 -67.17 -67.64
C ARG C 669 78.02 -67.26 -66.78
N GLU C 688 76.89 -59.37 -69.69
CA GLU C 688 78.19 -60.02 -69.64
C GLU C 688 78.73 -60.05 -68.21
N GLU C 689 79.18 -61.24 -67.81
CA GLU C 689 79.76 -61.51 -66.48
C GLU C 689 78.78 -61.14 -65.37
N GLU C 690 77.67 -61.88 -65.35
CA GLU C 690 76.60 -61.63 -64.39
C GLU C 690 77.05 -62.00 -62.98
N VAL C 691 76.36 -61.43 -62.00
CA VAL C 691 76.74 -61.56 -60.60
C VAL C 691 76.24 -62.89 -60.05
N TRP C 692 76.88 -63.37 -59.00
CA TRP C 692 76.51 -64.60 -58.32
C TRP C 692 76.48 -64.35 -56.82
N LEU C 693 75.33 -64.64 -56.19
CA LEU C 693 75.13 -64.41 -54.77
C LEU C 693 75.10 -65.73 -54.01
N PHE C 694 75.63 -65.70 -52.78
CA PHE C 694 75.81 -66.88 -51.96
C PHE C 694 74.78 -66.90 -50.83
N TRP C 695 73.94 -67.93 -50.80
CA TRP C 695 73.01 -68.08 -49.69
C TRP C 695 72.94 -69.56 -49.32
N ARG C 696 72.85 -69.83 -48.02
CA ARG C 696 72.96 -71.18 -47.50
C ARG C 696 71.73 -71.55 -46.67
N ASP C 697 71.66 -72.84 -46.33
CA ASP C 697 70.61 -73.39 -45.49
C ASP C 697 71.04 -73.55 -44.04
N SER C 698 72.17 -72.94 -43.65
CA SER C 698 72.73 -72.97 -42.30
C SER C 698 73.04 -74.37 -41.82
N ASN C 699 73.35 -75.29 -42.72
CA ASN C 699 73.65 -76.67 -42.38
C ASN C 699 74.98 -77.16 -42.93
N LYS C 700 75.38 -76.69 -44.10
CA LYS C 700 76.48 -77.29 -44.84
C LYS C 700 77.16 -76.22 -45.68
N GLU C 701 77.89 -76.65 -46.71
CA GLU C 701 78.48 -75.77 -47.71
C GLU C 701 77.40 -74.89 -48.36
N ILE C 702 77.85 -73.81 -49.01
CA ILE C 702 77.00 -72.65 -49.27
C ILE C 702 75.82 -73.00 -50.17
N ARG C 703 76.05 -73.75 -51.26
CA ARG C 703 75.00 -74.26 -52.15
C ARG C 703 74.15 -73.10 -52.71
N SER C 704 74.78 -72.32 -53.59
CA SER C 704 74.12 -71.21 -54.25
C SER C 704 73.84 -71.59 -55.70
N LYS C 705 72.56 -71.61 -56.08
CA LYS C 705 72.20 -71.86 -57.47
C LYS C 705 72.68 -70.75 -58.40
N SER C 706 72.09 -69.56 -58.29
CA SER C 706 72.44 -68.35 -59.01
C SER C 706 71.46 -67.26 -58.56
N VAL C 707 71.71 -66.03 -59.03
CA VAL C 707 70.68 -65.00 -58.99
C VAL C 707 69.82 -65.07 -60.25
N ARG C 708 70.37 -65.61 -61.34
CA ARG C 708 69.61 -65.71 -62.58
C ARG C 708 68.50 -66.75 -62.49
N GLU C 709 68.70 -67.80 -61.69
CA GLU C 709 67.63 -68.75 -61.43
C GLU C 709 66.52 -68.14 -60.60
N LEU C 710 66.84 -67.14 -59.78
CA LEU C 710 65.85 -66.43 -58.99
C LEU C 710 64.99 -65.48 -59.81
N ALA C 711 65.42 -65.16 -61.04
CA ALA C 711 64.62 -64.29 -61.90
C ALA C 711 63.32 -64.94 -62.30
N GLN C 712 63.35 -66.22 -62.66
CA GLN C 712 62.15 -66.95 -63.00
C GLN C 712 61.39 -67.45 -61.77
N ASP C 713 61.96 -67.27 -60.58
CA ASP C 713 61.34 -67.68 -59.33
C ASP C 713 60.46 -66.61 -58.72
N ALA C 714 60.29 -65.48 -59.42
CA ALA C 714 59.41 -64.43 -58.93
C ALA C 714 57.94 -64.83 -59.05
N LYS C 715 57.63 -65.68 -60.02
CA LYS C 715 56.25 -66.13 -60.22
C LYS C 715 55.90 -67.36 -59.38
N GLU C 716 56.76 -68.37 -59.35
CA GLU C 716 56.61 -69.48 -58.40
C GLU C 716 57.97 -70.13 -58.19
N GLY C 717 58.04 -70.94 -57.15
CA GLY C 717 59.27 -71.66 -56.83
C GLY C 717 59.22 -72.28 -55.46
N GLN C 718 60.39 -72.62 -54.94
CA GLN C 718 60.53 -73.21 -53.62
C GLN C 718 60.46 -72.13 -52.55
N LYS C 719 60.16 -72.56 -51.32
CA LYS C 719 60.01 -71.62 -50.20
C LYS C 719 61.31 -70.90 -49.89
N GLU C 720 62.43 -71.61 -49.99
CA GLU C 720 63.73 -70.95 -49.88
C GLU C 720 63.92 -69.96 -51.02
N ASP C 721 63.51 -70.35 -52.24
CA ASP C 721 63.54 -69.42 -53.36
C ASP C 721 62.51 -68.30 -53.20
N ARG C 722 61.42 -68.56 -52.47
CA ARG C 722 60.48 -67.49 -52.16
C ARG C 722 61.14 -66.43 -51.28
N ASP C 723 61.74 -66.85 -50.16
CA ASP C 723 62.14 -65.88 -49.14
C ASP C 723 63.59 -65.43 -49.22
N VAL C 724 64.41 -66.00 -50.12
CA VAL C 724 65.79 -65.53 -50.23
C VAL C 724 65.83 -64.10 -50.75
N LEU C 725 64.93 -63.76 -51.67
CA LEU C 725 64.85 -62.38 -52.17
C LEU C 725 64.40 -61.41 -51.08
N SER C 726 63.44 -61.83 -50.25
CA SER C 726 63.00 -60.99 -49.15
C SER C 726 64.10 -60.80 -48.11
N TYR C 727 64.86 -61.86 -47.80
CA TYR C 727 65.96 -61.74 -46.86
C TYR C 727 67.06 -60.83 -47.40
N TYR C 728 67.39 -60.97 -48.69
CA TYR C 728 68.39 -60.10 -49.30
C TYR C 728 67.94 -58.65 -49.32
N ARG C 729 66.65 -58.42 -49.62
CA ARG C 729 66.10 -57.06 -49.60
C ARG C 729 66.16 -56.47 -48.19
N TYR C 730 65.86 -57.28 -47.17
CA TYR C 730 65.86 -56.78 -45.80
C TYR C 730 67.27 -56.43 -45.35
N GLN C 731 68.25 -57.29 -45.65
CA GLN C 731 69.61 -56.93 -45.25
C GLN C 731 70.17 -55.80 -46.11
N LEU C 732 69.66 -55.63 -47.33
CA LEU C 732 70.11 -54.50 -48.15
C LEU C 732 69.52 -53.20 -47.65
N ASN C 733 68.28 -53.22 -47.16
CA ASN C 733 67.74 -52.06 -46.48
C ASN C 733 68.54 -51.74 -45.22
N LEU C 734 68.93 -52.79 -44.48
CA LEU C 734 69.74 -52.59 -43.28
C LEU C 734 71.12 -52.01 -43.63
N PHE C 735 71.73 -52.48 -44.72
CA PHE C 735 73.02 -51.95 -45.15
C PHE C 735 72.90 -50.54 -45.71
N ALA C 736 71.79 -50.25 -46.39
CA ALA C 736 71.56 -48.92 -46.94
C ALA C 736 71.40 -47.89 -45.83
N ARG C 737 70.53 -48.19 -44.88
CA ARG C 737 70.23 -47.27 -43.79
C ARG C 737 71.22 -47.44 -42.62
N MET C 738 72.22 -48.32 -42.79
CA MET C 738 73.26 -48.51 -41.78
C MET C 738 74.06 -47.23 -41.54
N CYS C 739 74.44 -46.53 -42.60
CA CYS C 739 75.40 -45.42 -42.48
C CYS C 739 74.68 -44.09 -42.29
N LEU C 740 73.94 -43.65 -43.32
CA LEU C 740 73.09 -42.46 -43.33
C LEU C 740 73.84 -41.15 -43.09
N ASP C 741 75.15 -41.17 -42.88
CA ASP C 741 75.88 -40.02 -42.39
C ASP C 741 77.38 -40.29 -42.56
N ARG C 742 78.21 -39.35 -42.13
CA ARG C 742 79.67 -39.50 -42.14
C ARG C 742 80.04 -40.47 -41.02
N GLN C 743 80.11 -41.74 -41.37
CA GLN C 743 80.45 -42.82 -40.44
C GLN C 743 81.61 -43.62 -41.05
N TYR C 744 82.83 -43.33 -40.59
CA TYR C 744 84.03 -43.96 -41.13
C TYR C 744 84.14 -45.44 -40.78
N LEU C 745 83.50 -45.90 -39.71
CA LEU C 745 83.72 -47.26 -39.23
C LEU C 745 83.03 -48.30 -40.11
N ALA C 746 82.06 -47.91 -40.92
CA ALA C 746 81.39 -48.83 -41.82
C ALA C 746 81.24 -48.22 -43.20
N ILE C 747 82.29 -47.56 -43.69
CA ILE C 747 82.26 -46.93 -45.01
C ILE C 747 83.28 -47.51 -45.97
N ASN C 748 84.38 -48.11 -45.49
CA ASN C 748 85.38 -48.70 -46.36
C ASN C 748 85.22 -50.20 -46.52
N GLU C 749 84.61 -50.88 -45.55
CA GLU C 749 84.29 -52.29 -45.73
C GLU C 749 83.19 -52.47 -46.76
N ILE C 750 82.26 -51.52 -46.83
CA ILE C 750 81.15 -51.59 -47.78
C ILE C 750 81.46 -50.80 -49.05
N SER C 751 82.68 -50.30 -49.20
CA SER C 751 83.04 -49.62 -50.43
C SER C 751 83.71 -50.57 -51.42
N GLY C 752 84.74 -51.30 -50.97
CA GLY C 752 85.36 -52.30 -51.83
C GLY C 752 84.41 -53.45 -52.13
N GLN C 753 83.73 -53.95 -51.10
CA GLN C 753 82.57 -54.80 -51.32
C GLN C 753 81.47 -53.97 -51.97
N LEU C 754 80.82 -54.54 -52.99
CA LEU C 754 79.78 -53.90 -53.80
C LEU C 754 80.22 -52.50 -54.26
N ASP C 755 81.26 -52.52 -55.09
CA ASP C 755 81.87 -51.29 -55.60
C ASP C 755 80.94 -50.61 -56.60
N VAL C 756 81.44 -49.51 -57.18
CA VAL C 756 80.63 -48.63 -58.01
C VAL C 756 80.17 -49.34 -59.29
N ASP C 757 81.02 -50.19 -59.86
CA ASP C 757 80.61 -50.97 -61.03
C ASP C 757 79.56 -52.01 -60.67
N LEU C 758 79.69 -52.65 -59.50
CA LEU C 758 78.77 -53.72 -59.14
C LEU C 758 77.40 -53.19 -58.75
N ILE C 759 77.36 -52.07 -58.01
CA ILE C 759 76.10 -51.47 -57.63
C ILE C 759 75.36 -50.92 -58.85
N LEU C 760 76.10 -50.50 -59.88
CA LEU C 760 75.49 -49.97 -61.08
C LEU C 760 75.11 -51.09 -62.06
N ARG C 761 75.79 -52.24 -61.98
CA ARG C 761 75.42 -53.36 -62.82
C ARG C 761 74.03 -53.88 -62.44
N CYS C 762 73.68 -53.79 -61.16
CA CYS C 762 72.35 -54.18 -60.71
C CYS C 762 71.29 -53.12 -60.97
N MET C 763 71.66 -51.98 -61.57
CA MET C 763 70.72 -50.95 -61.99
C MET C 763 70.14 -51.23 -63.37
N SER C 764 70.19 -52.46 -63.84
CA SER C 764 69.78 -52.79 -65.20
C SER C 764 68.27 -53.04 -65.24
N ASP C 765 67.78 -53.44 -66.42
CA ASP C 765 66.37 -53.72 -66.65
C ASP C 765 66.01 -55.19 -66.47
N GLU C 766 66.81 -55.95 -65.72
CA GLU C 766 66.54 -57.37 -65.55
C GLU C 766 65.32 -57.61 -64.68
N ASN C 767 64.75 -58.81 -64.81
CA ASN C 767 63.52 -59.17 -64.11
C ASN C 767 63.85 -59.46 -62.65
N LEU C 768 63.30 -58.65 -61.76
CA LEU C 768 63.54 -58.69 -60.33
C LEU C 768 62.21 -58.69 -59.59
N PRO C 769 62.20 -58.86 -58.24
CA PRO C 769 60.98 -58.53 -57.49
C PRO C 769 60.69 -57.04 -57.47
N TYR C 770 61.67 -56.24 -57.93
CA TYR C 770 61.64 -54.83 -58.30
C TYR C 770 61.65 -53.93 -57.07
N ASP C 771 61.49 -54.48 -55.86
CA ASP C 771 61.79 -53.80 -54.63
C ASP C 771 63.23 -53.98 -54.20
N LEU C 772 63.85 -55.07 -54.68
CA LEU C 772 65.27 -55.29 -54.45
C LEU C 772 66.10 -54.19 -55.08
N ARG C 773 65.74 -53.78 -56.31
CA ARG C 773 66.47 -52.68 -56.94
C ARG C 773 66.23 -51.36 -56.22
N ALA C 774 65.06 -51.19 -55.59
CA ALA C 774 64.85 -50.04 -54.71
C ALA C 774 65.81 -50.08 -53.53
N SER C 775 66.03 -51.26 -52.96
CA SER C 775 67.02 -51.39 -51.89
C SER C 775 68.44 -51.11 -52.40
N PHE C 776 68.75 -51.57 -53.61
CA PHE C 776 70.05 -51.27 -54.22
C PHE C 776 70.24 -49.76 -54.41
N CYS C 777 69.18 -49.05 -54.81
CA CYS C 777 69.33 -47.62 -55.00
C CYS C 777 69.37 -46.86 -53.67
N ARG C 778 68.69 -47.38 -52.64
CA ARG C 778 68.84 -46.83 -51.29
C ARG C 778 70.28 -46.98 -50.81
N LEU C 779 70.90 -48.13 -51.09
CA LEU C 779 72.30 -48.32 -50.76
C LEU C 779 73.21 -47.45 -51.62
N MET C 780 72.83 -47.23 -52.88
CA MET C 780 73.56 -46.33 -53.77
C MET C 780 73.59 -44.90 -53.23
N LEU C 781 72.47 -44.43 -52.68
CA LEU C 781 72.39 -43.05 -52.23
C LEU C 781 73.35 -42.77 -51.06
N HIS C 782 73.71 -43.80 -50.30
CA HIS C 782 74.53 -43.62 -49.12
C HIS C 782 75.97 -44.15 -49.27
N MET C 783 76.36 -44.58 -50.47
CA MET C 783 77.72 -45.06 -50.67
C MET C 783 78.56 -44.20 -51.60
N HIS C 784 77.98 -43.60 -52.64
CA HIS C 784 78.81 -42.88 -53.60
C HIS C 784 79.28 -41.56 -53.03
N VAL C 785 78.54 -41.01 -52.07
CA VAL C 785 78.84 -39.70 -51.50
C VAL C 785 79.42 -39.95 -50.10
N ASP C 786 80.75 -40.10 -50.07
CA ASP C 786 81.44 -40.14 -48.79
C ASP C 786 81.51 -38.76 -48.14
N ARG C 787 81.18 -37.72 -48.90
CA ARG C 787 81.08 -36.33 -48.45
C ARG C 787 82.41 -35.78 -47.91
N ASP C 788 83.52 -36.42 -48.27
CA ASP C 788 84.83 -35.83 -48.04
C ASP C 788 85.20 -34.85 -49.18
N PRO C 789 85.07 -35.20 -50.49
CA PRO C 789 85.43 -34.21 -51.52
C PRO C 789 84.32 -33.22 -51.83
N GLN C 790 83.06 -33.64 -51.71
CA GLN C 790 81.93 -32.81 -52.09
C GLN C 790 81.10 -32.44 -50.87
N GLU C 791 80.74 -31.16 -50.76
CA GLU C 791 79.93 -30.60 -49.69
C GLU C 791 78.76 -29.82 -50.30
N GLN C 792 77.93 -29.27 -49.41
CA GLN C 792 76.79 -28.49 -49.84
C GLN C 792 77.23 -27.17 -50.47
N VAL C 793 76.58 -26.80 -51.58
CA VAL C 793 76.94 -25.59 -52.33
C VAL C 793 75.67 -24.76 -52.54
N THR C 794 75.82 -23.44 -52.44
CA THR C 794 74.76 -22.50 -52.77
C THR C 794 74.96 -21.95 -54.18
N PRO C 795 73.88 -21.70 -54.93
CA PRO C 795 74.02 -21.16 -56.28
C PRO C 795 73.98 -19.64 -56.37
N VAL C 796 73.62 -18.95 -55.30
CA VAL C 796 73.28 -17.52 -55.36
C VAL C 796 74.44 -16.83 -54.64
N LYS C 797 75.63 -17.39 -54.78
CA LYS C 797 76.82 -16.85 -54.14
C LYS C 797 77.12 -15.45 -54.65
N TYR C 798 77.70 -14.63 -53.77
CA TYR C 798 78.02 -13.24 -54.07
C TYR C 798 79.41 -12.94 -53.54
N ALA C 799 79.78 -11.65 -53.59
CA ALA C 799 81.11 -11.14 -53.22
C ALA C 799 82.20 -11.84 -54.03
N ARG C 800 82.16 -11.61 -55.34
CA ARG C 800 83.04 -12.28 -56.28
C ARG C 800 84.46 -11.75 -56.16
N LEU C 801 85.42 -12.52 -56.69
CA LEU C 801 86.84 -12.21 -56.58
C LEU C 801 87.23 -11.32 -57.77
N TRP C 802 86.62 -10.13 -57.78
CA TRP C 802 86.83 -9.10 -58.82
C TRP C 802 86.62 -9.68 -60.22
N SER C 803 85.48 -10.32 -60.40
CA SER C 803 85.24 -11.12 -61.60
C SER C 803 84.96 -10.25 -62.81
N GLU C 804 85.67 -10.54 -63.90
CA GLU C 804 85.48 -9.85 -65.17
C GLU C 804 85.09 -10.87 -66.24
N ILE C 805 84.17 -11.75 -65.90
CA ILE C 805 83.76 -12.86 -66.78
C ILE C 805 83.13 -12.30 -68.04
N PRO C 806 83.41 -12.84 -69.22
CA PRO C 806 82.76 -12.37 -70.45
C PRO C 806 81.27 -12.68 -70.48
N SER C 807 80.60 -12.15 -71.50
CA SER C 807 79.17 -12.32 -71.70
C SER C 807 78.93 -13.41 -72.73
N GLU C 808 78.16 -14.43 -72.36
CA GLU C 808 77.84 -15.54 -73.24
C GLU C 808 76.38 -15.92 -73.03
N ILE C 809 76.01 -17.10 -73.50
CA ILE C 809 74.66 -17.60 -73.42
C ILE C 809 74.60 -18.72 -72.40
N ALA C 810 73.42 -19.28 -72.16
CA ALA C 810 73.13 -20.19 -71.05
C ALA C 810 73.92 -21.49 -71.10
N ILE C 811 74.52 -21.85 -72.23
CA ILE C 811 75.25 -23.12 -72.34
C ILE C 811 76.72 -22.91 -71.99
N ASP C 812 77.05 -21.74 -71.42
CA ASP C 812 78.45 -21.40 -71.17
C ASP C 812 79.06 -22.26 -70.07
N ASP C 813 78.37 -22.38 -68.93
CA ASP C 813 78.88 -23.02 -67.71
C ASP C 813 80.23 -22.41 -67.32
N TYR C 814 80.13 -21.15 -66.85
CA TYR C 814 81.18 -20.13 -66.84
C TYR C 814 82.59 -20.60 -66.53
N ASP C 815 82.77 -21.35 -65.44
CA ASP C 815 84.10 -21.84 -65.10
C ASP C 815 84.38 -23.20 -65.72
N SER C 816 83.54 -24.20 -65.42
CA SER C 816 83.67 -25.55 -65.95
C SER C 816 82.33 -26.25 -65.78
N SER C 817 82.31 -27.56 -66.03
CA SER C 817 81.11 -28.34 -65.76
C SER C 817 80.84 -28.42 -64.26
N GLY C 818 81.90 -28.51 -63.45
CA GLY C 818 81.75 -28.55 -62.02
C GLY C 818 82.82 -27.71 -61.35
N ALA C 819 82.56 -27.37 -60.08
CA ALA C 819 83.50 -26.56 -59.31
C ALA C 819 84.77 -27.36 -59.00
N SER C 820 84.63 -28.64 -58.68
CA SER C 820 85.77 -29.47 -58.32
C SER C 820 86.47 -29.99 -59.57
N LYS C 821 87.36 -30.96 -59.36
CA LYS C 821 88.16 -31.51 -60.46
C LYS C 821 87.45 -32.72 -61.07
N ASP C 822 88.16 -33.47 -61.90
CA ASP C 822 87.56 -34.46 -62.77
C ASP C 822 87.46 -35.85 -62.15
N GLU C 823 87.86 -36.05 -60.89
CA GLU C 823 87.77 -37.37 -60.29
C GLU C 823 86.35 -37.77 -59.93
N ILE C 824 85.39 -36.86 -60.03
CA ILE C 824 84.01 -37.09 -59.61
C ILE C 824 83.02 -36.81 -60.74
N LYS C 825 83.44 -36.99 -61.99
CA LYS C 825 82.58 -36.76 -63.14
C LYS C 825 82.30 -38.03 -63.93
N GLU C 826 83.35 -38.71 -64.40
CA GLU C 826 83.16 -39.85 -65.30
C GLU C 826 82.64 -41.07 -64.57
N ARG C 827 82.97 -41.23 -63.29
CA ARG C 827 82.44 -42.33 -62.50
C ARG C 827 80.94 -42.17 -62.28
N PHE C 828 80.47 -40.94 -62.05
CA PHE C 828 79.06 -40.68 -61.83
C PHE C 828 78.28 -40.54 -63.13
N ALA C 829 78.98 -40.40 -64.26
CA ALA C 829 78.33 -40.09 -65.52
C ALA C 829 77.35 -41.17 -65.95
N GLN C 830 77.74 -42.45 -65.84
CA GLN C 830 76.88 -43.56 -66.25
C GLN C 830 75.60 -43.60 -65.43
N THR C 831 75.73 -43.34 -64.13
CA THR C 831 74.55 -43.19 -63.28
C THR C 831 73.68 -42.04 -63.76
N MET C 832 74.31 -40.96 -64.25
CA MET C 832 73.51 -39.83 -64.73
C MET C 832 72.67 -40.21 -65.95
N GLU C 833 73.25 -40.88 -66.96
CA GLU C 833 72.35 -41.19 -68.07
C GLU C 833 71.39 -42.33 -67.73
N PHE C 834 71.72 -43.18 -66.75
CA PHE C 834 70.74 -44.18 -66.35
C PHE C 834 69.54 -43.56 -65.63
N VAL C 835 69.78 -42.56 -64.78
CA VAL C 835 68.69 -41.80 -64.18
C VAL C 835 67.89 -41.07 -65.25
N GLU C 836 68.59 -40.49 -66.24
CA GLU C 836 67.90 -39.83 -67.34
C GLU C 836 67.04 -40.80 -68.13
N GLU C 837 67.54 -42.02 -68.35
CA GLU C 837 66.78 -43.03 -69.06
C GLU C 837 65.53 -43.43 -68.28
N TYR C 838 65.64 -43.57 -66.96
CA TYR C 838 64.46 -43.91 -66.17
C TYR C 838 63.44 -42.78 -66.18
N LEU C 839 63.91 -41.53 -66.16
CA LEU C 839 62.97 -40.41 -66.26
C LEU C 839 62.29 -40.36 -67.63
N ARG C 840 63.07 -40.59 -68.70
CA ARG C 840 62.49 -40.63 -70.04
C ARG C 840 61.61 -41.84 -70.26
N ASP C 841 61.67 -42.84 -69.39
CA ASP C 841 60.71 -43.94 -69.44
C ASP C 841 59.45 -43.66 -68.62
N VAL C 842 59.61 -43.09 -67.42
CA VAL C 842 58.44 -42.84 -66.57
C VAL C 842 57.62 -41.68 -67.14
N VAL C 843 58.20 -40.84 -68.00
CA VAL C 843 57.41 -39.77 -68.60
C VAL C 843 56.37 -40.32 -69.57
N CYS C 844 56.70 -41.38 -70.31
CA CYS C 844 55.81 -41.82 -71.39
C CYS C 844 55.18 -43.20 -71.18
N GLN C 845 55.96 -44.27 -70.90
CA GLN C 845 55.20 -45.51 -70.79
C GLN C 845 54.51 -45.70 -69.45
N ARG C 846 54.79 -44.88 -68.45
CA ARG C 846 53.97 -44.84 -67.24
C ARG C 846 53.05 -43.61 -67.26
N PHE C 847 52.11 -43.61 -68.22
CA PHE C 847 51.32 -42.39 -68.42
C PHE C 847 50.14 -42.20 -67.45
N PRO C 848 49.28 -43.22 -67.11
CA PRO C 848 48.21 -42.90 -66.14
C PRO C 848 48.78 -42.65 -64.75
N PHE C 849 49.46 -43.68 -64.25
CA PHE C 849 50.24 -43.75 -63.02
C PHE C 849 50.74 -45.18 -62.96
N SER C 850 51.57 -45.48 -61.96
CA SER C 850 52.04 -46.85 -61.74
C SER C 850 51.93 -47.16 -60.25
N ASP C 851 50.77 -47.67 -59.85
CA ASP C 851 50.54 -48.08 -58.47
C ASP C 851 50.99 -49.51 -58.21
N LYS C 852 51.54 -50.19 -59.21
CA LYS C 852 52.00 -51.57 -59.08
C LYS C 852 53.44 -51.60 -58.56
N GLU C 853 53.61 -51.06 -57.35
CA GLU C 853 54.85 -51.08 -56.58
C GLU C 853 56.03 -50.38 -57.27
N LYS C 854 55.75 -49.58 -58.29
CA LYS C 854 56.79 -48.79 -58.93
C LYS C 854 57.12 -47.52 -58.15
N ASN C 855 56.20 -47.10 -57.27
CA ASN C 855 56.31 -45.81 -56.61
C ASN C 855 57.52 -45.76 -55.68
N LYS C 856 57.90 -46.90 -55.11
CA LYS C 856 59.12 -46.96 -54.29
C LYS C 856 60.35 -46.60 -55.10
N LEU C 857 60.49 -47.19 -56.29
CA LEU C 857 61.69 -46.95 -57.08
C LEU C 857 61.67 -45.55 -57.69
N THR C 858 60.48 -45.04 -58.06
CA THR C 858 60.41 -43.66 -58.53
C THR C 858 60.79 -42.68 -57.43
N PHE C 859 60.30 -42.93 -56.20
CA PHE C 859 60.70 -42.15 -55.04
C PHE C 859 62.21 -42.17 -54.83
N GLU C 860 62.81 -43.34 -54.92
CA GLU C 860 64.23 -43.43 -54.58
C GLU C 860 65.11 -42.84 -55.68
N VAL C 861 64.74 -42.99 -56.96
CA VAL C 861 65.55 -42.35 -57.99
C VAL C 861 65.37 -40.83 -57.95
N VAL C 862 64.19 -40.34 -57.57
CA VAL C 862 63.99 -38.90 -57.44
C VAL C 862 64.83 -38.37 -56.26
N ASN C 863 64.88 -39.13 -55.16
CA ASN C 863 65.70 -38.75 -54.01
C ASN C 863 67.18 -38.75 -54.36
N LEU C 864 67.63 -39.74 -55.15
CA LEU C 864 69.02 -39.78 -55.57
C LEU C 864 69.37 -38.59 -56.47
N ALA C 865 68.46 -38.23 -57.38
CA ALA C 865 68.66 -37.06 -58.22
C ALA C 865 68.74 -35.79 -57.37
N ARG C 866 67.86 -35.66 -56.39
CA ARG C 866 67.83 -34.50 -55.52
C ARG C 866 69.12 -34.40 -54.70
N ASN C 867 69.65 -35.53 -54.25
CA ASN C 867 70.89 -35.47 -53.48
C ASN C 867 72.12 -35.23 -54.35
N LEU C 868 72.11 -35.68 -55.61
CA LEU C 868 73.26 -35.40 -56.46
C LEU C 868 73.26 -33.98 -57.02
N ILE C 869 72.09 -33.33 -57.16
CA ILE C 869 72.11 -31.99 -57.73
C ILE C 869 72.61 -30.97 -56.71
N TYR C 870 72.42 -31.23 -55.41
CA TYR C 870 72.76 -30.24 -54.40
C TYR C 870 74.27 -30.09 -54.21
N PHE C 871 75.05 -30.99 -54.80
CA PHE C 871 76.48 -30.79 -54.96
C PHE C 871 76.82 -30.11 -56.27
N GLY C 872 75.82 -29.73 -57.05
CA GLY C 872 76.02 -29.04 -58.31
C GLY C 872 76.64 -29.87 -59.41
N PHE C 873 76.23 -31.13 -59.56
CA PHE C 873 76.93 -32.01 -60.50
C PHE C 873 76.28 -32.01 -61.88
N TYR C 874 75.85 -30.84 -62.34
CA TYR C 874 75.25 -30.64 -63.66
C TYR C 874 75.78 -29.37 -64.30
N ASN C 875 75.75 -29.34 -65.62
CA ASN C 875 75.80 -28.08 -66.34
C ASN C 875 74.44 -27.39 -66.25
N PHE C 876 74.40 -26.13 -66.67
CA PHE C 876 73.17 -25.36 -66.58
C PHE C 876 72.12 -25.90 -67.56
N SER C 877 72.56 -26.21 -68.77
CA SER C 877 71.68 -26.84 -69.75
C SER C 877 71.21 -28.22 -69.31
N ASP C 878 71.97 -28.90 -68.45
CA ASP C 878 71.56 -30.23 -68.00
C ASP C 878 70.27 -30.18 -67.19
N LEU C 879 70.21 -29.35 -66.16
CA LEU C 879 68.96 -29.25 -65.41
C LEU C 879 67.88 -28.49 -66.17
N LEU C 880 68.28 -27.53 -67.03
CA LEU C 880 67.26 -26.84 -67.83
C LEU C 880 66.62 -27.76 -68.86
N ARG C 881 67.33 -28.79 -69.32
CA ARG C 881 66.68 -29.78 -70.17
C ARG C 881 66.02 -30.89 -69.36
N LEU C 882 66.46 -31.10 -68.12
CA LEU C 882 65.78 -32.06 -67.25
C LEU C 882 64.41 -31.57 -66.83
N THR C 883 64.23 -30.24 -66.76
CA THR C 883 62.98 -29.67 -66.24
C THR C 883 61.78 -30.06 -67.10
N LYS C 884 61.94 -30.05 -68.43
CA LYS C 884 60.82 -30.31 -69.32
C LYS C 884 60.28 -31.72 -69.16
N ILE C 885 61.17 -32.71 -69.05
CA ILE C 885 60.73 -34.08 -68.78
C ILE C 885 60.20 -34.20 -67.36
N LEU C 886 60.83 -33.49 -66.40
CA LEU C 886 60.45 -33.61 -65.00
C LEU C 886 59.07 -33.05 -64.72
N LEU C 887 58.67 -31.99 -65.42
CA LEU C 887 57.34 -31.43 -65.23
C LEU C 887 56.26 -32.18 -66.01
N ALA C 888 56.64 -33.16 -66.82
CA ALA C 888 55.69 -33.89 -67.64
C ALA C 888 55.20 -35.18 -66.98
N ILE C 889 55.56 -35.43 -65.72
CA ILE C 889 54.90 -36.45 -64.94
C ILE C 889 53.65 -35.88 -64.26
N LEU C 890 53.68 -34.60 -63.90
CA LEU C 890 52.64 -33.98 -63.09
C LEU C 890 51.37 -33.66 -63.87
N ASP C 891 51.43 -33.61 -65.20
CA ASP C 891 50.31 -33.18 -66.03
C ASP C 891 49.49 -34.34 -66.56
N CYS C 892 49.44 -35.47 -65.85
CA CYS C 892 48.70 -36.64 -66.31
C CYS C 892 47.25 -36.55 -65.86
N VAL C 893 46.54 -35.59 -66.47
CA VAL C 893 45.13 -35.36 -66.18
C VAL C 893 44.45 -34.75 -67.40
N PRO C 955 38.12 -36.16 -47.14
CA PRO C 955 38.85 -36.76 -48.27
C PRO C 955 39.39 -38.14 -47.93
N GLU C 956 39.24 -39.09 -48.85
CA GLU C 956 39.73 -40.44 -48.63
C GLU C 956 41.25 -40.48 -48.69
N LYS C 957 41.86 -41.12 -47.70
CA LYS C 957 43.31 -41.13 -47.57
C LYS C 957 43.94 -42.03 -48.62
N GLU C 958 44.95 -41.51 -49.32
CA GLU C 958 45.71 -42.25 -50.32
C GLU C 958 47.13 -42.39 -49.79
N ASP C 959 47.95 -43.18 -50.50
CA ASP C 959 49.33 -43.46 -50.10
C ASP C 959 50.13 -42.17 -49.95
N ILE C 960 50.83 -42.04 -48.82
CA ILE C 960 51.53 -40.81 -48.48
C ILE C 960 52.93 -40.74 -49.06
N MET C 961 53.42 -41.83 -49.65
CA MET C 961 54.78 -41.83 -50.17
C MET C 961 54.85 -41.21 -51.56
N VAL C 962 53.80 -41.36 -52.36
CA VAL C 962 53.73 -40.57 -53.59
C VAL C 962 53.54 -39.10 -53.26
N MET C 963 52.89 -38.79 -52.13
CA MET C 963 52.87 -37.42 -51.63
C MET C 963 54.28 -36.95 -51.25
N ASP C 964 55.07 -37.84 -50.65
CA ASP C 964 56.45 -37.51 -50.31
C ASP C 964 57.27 -37.23 -51.55
N THR C 965 57.10 -38.03 -52.61
CA THR C 965 57.87 -37.76 -53.82
C THR C 965 57.35 -36.51 -54.55
N LYS C 966 56.07 -36.16 -54.37
CA LYS C 966 55.58 -34.90 -54.91
C LYS C 966 56.17 -33.71 -54.16
N LEU C 967 56.31 -33.83 -52.84
CA LEU C 967 57.00 -32.79 -52.08
C LEU C 967 58.47 -32.70 -52.50
N LYS C 968 59.09 -33.85 -52.77
CA LYS C 968 60.49 -33.88 -53.17
C LYS C 968 60.69 -33.20 -54.52
N ILE C 969 59.80 -33.46 -55.48
CA ILE C 969 59.90 -32.78 -56.76
C ILE C 969 59.51 -31.31 -56.65
N ILE C 970 58.65 -30.94 -55.69
CA ILE C 970 58.38 -29.53 -55.47
C ILE C 970 59.63 -28.80 -55.01
N GLU C 971 60.38 -29.38 -54.07
CA GLU C 971 61.55 -28.63 -53.63
C GLU C 971 62.74 -28.78 -54.56
N ILE C 972 62.77 -29.80 -55.43
CA ILE C 972 63.77 -29.77 -56.49
C ILE C 972 63.41 -28.68 -57.52
N LEU C 973 62.12 -28.46 -57.78
CA LEU C 973 61.71 -27.34 -58.62
C LEU C 973 62.05 -26.01 -57.96
N GLN C 974 61.94 -25.95 -56.63
CA GLN C 974 62.33 -24.75 -55.91
C GLN C 974 63.83 -24.50 -56.01
N PHE C 975 64.63 -25.56 -56.02
CA PHE C 975 66.07 -25.38 -56.19
C PHE C 975 66.41 -24.91 -57.60
N ILE C 976 65.87 -25.57 -58.62
CA ILE C 976 66.35 -25.34 -59.99
C ILE C 976 66.05 -23.94 -60.50
N LEU C 977 65.04 -23.27 -59.94
CA LEU C 977 64.75 -21.90 -60.33
C LEU C 977 65.59 -20.88 -59.60
N ASN C 978 66.31 -21.28 -58.55
CA ASN C 978 67.15 -20.37 -57.79
C ASN C 978 68.52 -20.17 -58.40
N VAL C 979 68.97 -21.08 -59.27
CA VAL C 979 70.21 -20.88 -60.00
C VAL C 979 69.97 -20.08 -61.28
N ARG C 980 68.73 -20.04 -61.77
CA ARG C 980 68.40 -19.18 -62.90
C ARG C 980 68.55 -17.70 -62.53
N LEU C 981 68.24 -17.37 -61.27
CA LEU C 981 68.46 -16.01 -60.78
C LEU C 981 69.94 -15.65 -60.80
N ASP C 982 70.81 -16.61 -60.48
CA ASP C 982 72.24 -16.35 -60.55
C ASP C 982 72.70 -16.15 -61.99
N TYR C 983 72.14 -16.91 -62.92
CA TYR C 983 72.45 -16.72 -64.34
C TYR C 983 72.04 -15.33 -64.80
N ARG C 984 70.83 -14.91 -64.44
CA ARG C 984 70.33 -13.59 -64.82
C ARG C 984 71.16 -12.48 -64.20
N ILE C 985 71.51 -12.60 -62.91
CA ILE C 985 72.27 -11.56 -62.24
C ILE C 985 73.68 -11.46 -62.80
N SER C 986 74.30 -12.61 -63.13
CA SER C 986 75.65 -12.57 -63.69
C SER C 986 75.65 -11.98 -65.09
N CYS C 987 74.70 -12.38 -65.93
CA CYS C 987 74.66 -11.85 -67.29
C CYS C 987 74.29 -10.38 -67.31
N LEU C 988 73.37 -9.94 -66.44
CA LEU C 988 73.01 -8.53 -66.41
C LEU C 988 74.15 -7.67 -65.90
N LEU C 989 74.81 -8.09 -64.82
CA LEU C 989 75.96 -7.34 -64.31
C LEU C 989 77.08 -7.27 -65.34
N CYS C 990 77.37 -8.40 -66.00
CA CYS C 990 78.42 -8.43 -67.02
C CYS C 990 78.08 -7.54 -68.20
N ILE C 991 76.83 -7.60 -68.70
CA ILE C 991 76.52 -6.80 -69.88
C ILE C 991 76.47 -5.32 -69.54
N PHE C 992 76.03 -4.95 -68.33
CA PHE C 992 75.82 -3.54 -68.10
C PHE C 992 77.07 -2.95 -67.42
N LYS C 993 78.10 -3.76 -67.20
CA LYS C 993 79.45 -3.24 -67.04
C LYS C 993 80.25 -3.25 -68.34
N ARG C 994 79.89 -4.13 -69.29
CA ARG C 994 80.46 -4.06 -70.62
C ARG C 994 80.05 -2.77 -71.32
N GLU C 995 78.78 -2.41 -71.19
CA GLU C 995 78.29 -1.14 -71.71
C GLU C 995 78.88 0.06 -70.96
N PHE C 996 79.41 -0.16 -69.75
CA PHE C 996 80.17 0.88 -69.07
C PHE C 996 81.56 1.04 -69.67
N ASP C 997 82.35 -0.03 -69.67
CA ASP C 997 83.76 0.11 -70.03
C ASP C 997 84.01 0.15 -71.53
N GLU C 998 83.01 -0.15 -72.37
CA GLU C 998 83.24 -0.01 -73.81
C GLU C 998 83.23 1.44 -74.26
N SER C 999 82.65 2.33 -73.45
CA SER C 999 82.70 3.78 -73.65
C SER C 999 82.79 4.39 -72.26
N ASN C 1000 84.02 4.64 -71.81
CA ASN C 1000 84.27 4.98 -70.41
C ASN C 1000 85.32 6.08 -70.29
N SER C 1001 85.26 6.78 -69.16
CA SER C 1001 86.38 7.59 -68.68
C SER C 1001 87.26 6.80 -67.72
N GLN C 1002 86.95 5.51 -67.54
CA GLN C 1002 87.72 4.63 -66.67
C GLN C 1002 89.12 4.40 -67.22
N SER C 1003 90.11 4.40 -66.34
CA SER C 1003 91.49 4.14 -66.72
C SER C 1003 91.69 2.67 -67.08
N PRO C 1020 78.34 8.96 -71.08
CA PRO C 1020 78.78 7.95 -70.11
C PRO C 1020 77.74 6.87 -69.87
N GLY C 1021 77.16 6.83 -68.67
CA GLY C 1021 76.20 5.81 -68.32
C GLY C 1021 74.86 5.94 -69.02
N ALA C 1022 74.53 7.13 -69.51
CA ALA C 1022 73.26 7.34 -70.19
C ALA C 1022 73.26 6.84 -71.63
N LEU C 1023 74.40 6.36 -72.13
CA LEU C 1023 74.44 5.80 -73.48
C LEU C 1023 73.62 4.51 -73.57
N ASP C 1024 73.66 3.70 -72.52
CA ASP C 1024 72.87 2.47 -72.47
C ASP C 1024 71.46 2.70 -71.95
N PHE C 1025 71.10 3.94 -71.61
CA PHE C 1025 69.78 4.21 -71.07
C PHE C 1025 68.70 4.00 -72.12
N GLU C 1026 69.03 4.14 -73.40
CA GLU C 1026 68.08 3.80 -74.45
C GLU C 1026 68.23 2.35 -74.93
N HIS C 1027 69.20 1.60 -74.38
CA HIS C 1027 69.24 0.16 -74.53
C HIS C 1027 68.52 -0.58 -73.40
N ILE C 1028 68.00 0.15 -72.40
CA ILE C 1028 67.25 -0.50 -71.33
C ILE C 1028 65.94 -1.06 -71.86
N GLU C 1029 65.32 -0.36 -72.80
CA GLU C 1029 64.02 -0.77 -73.34
C GLU C 1029 64.10 -2.02 -74.21
N GLU C 1030 65.31 -2.48 -74.54
CA GLU C 1030 65.47 -3.71 -75.30
C GLU C 1030 66.14 -4.82 -74.51
N GLN C 1031 66.53 -4.57 -73.25
CA GLN C 1031 67.15 -5.59 -72.42
C GLN C 1031 66.35 -5.91 -71.17
N ALA C 1032 65.71 -4.90 -70.55
CA ALA C 1032 64.96 -5.15 -69.33
C ALA C 1032 63.71 -5.98 -69.61
N GLU C 1033 63.04 -5.72 -70.72
CA GLU C 1033 61.95 -6.55 -71.18
C GLU C 1033 62.41 -7.70 -72.07
N GLY C 1034 63.71 -7.76 -72.38
CA GLY C 1034 64.23 -8.82 -73.23
C GLY C 1034 64.75 -10.00 -72.44
N ILE C 1035 65.28 -9.75 -71.24
CA ILE C 1035 65.78 -10.84 -70.41
C ILE C 1035 64.69 -11.44 -69.53
N PHE C 1036 63.55 -10.77 -69.41
CA PHE C 1036 62.43 -11.26 -68.61
C PHE C 1036 61.26 -11.69 -69.49
N GLY C 1037 60.73 -10.79 -70.30
CA GLY C 1037 59.60 -11.07 -71.15
C GLY C 1037 59.98 -11.26 -72.60
N GLY C 1038 59.41 -10.44 -73.49
CA GLY C 1038 59.68 -10.57 -74.90
C GLY C 1038 59.05 -11.82 -75.48
N SER C 1039 57.72 -11.84 -75.55
CA SER C 1039 57.00 -13.04 -75.97
C SER C 1039 57.28 -13.40 -77.42
N GLU C 1040 57.50 -14.69 -77.64
CA GLU C 1040 57.82 -15.28 -78.95
C GLU C 1040 59.03 -14.62 -79.62
N HIS C 1050 62.03 -22.60 -66.73
CA HIS C 1050 61.46 -22.24 -68.01
C HIS C 1050 60.47 -23.29 -68.51
N GLY C 1051 59.49 -23.62 -67.66
CA GLY C 1051 58.43 -24.51 -68.09
C GLY C 1051 57.53 -23.87 -69.13
N GLY C 1052 57.23 -22.59 -68.97
CA GLY C 1052 56.44 -21.85 -69.94
C GLY C 1052 55.00 -21.65 -69.55
N ARG C 1053 54.08 -21.93 -70.48
CA ARG C 1053 52.66 -21.76 -70.25
C ARG C 1053 52.07 -22.86 -69.36
N THR C 1054 52.76 -24.00 -69.24
CA THR C 1054 52.25 -25.14 -68.50
C THR C 1054 52.76 -25.20 -67.07
N PHE C 1055 53.55 -24.21 -66.65
CA PHE C 1055 54.09 -24.21 -65.29
C PHE C 1055 52.99 -24.02 -64.26
N LEU C 1056 52.01 -23.17 -64.55
CA LEU C 1056 50.97 -22.86 -63.57
C LEU C 1056 49.98 -24.01 -63.41
N ARG C 1057 49.79 -24.82 -64.45
CA ARG C 1057 48.75 -25.85 -64.44
C ARG C 1057 49.05 -26.94 -63.42
N VAL C 1058 50.23 -27.56 -63.53
CA VAL C 1058 50.60 -28.63 -62.62
C VAL C 1058 50.82 -28.09 -61.21
N LEU C 1059 51.28 -26.85 -61.11
CA LEU C 1059 51.51 -26.23 -59.81
C LEU C 1059 50.20 -26.00 -59.07
N LEU C 1060 49.18 -25.49 -59.78
CA LEU C 1060 47.86 -25.35 -59.17
C LEU C 1060 47.24 -26.72 -58.88
N HIS C 1061 47.47 -27.70 -59.75
CA HIS C 1061 46.96 -29.04 -59.52
C HIS C 1061 47.51 -29.65 -58.24
N LEU C 1062 48.80 -29.43 -57.96
CA LEU C 1062 49.32 -29.83 -56.65
C LEU C 1062 48.82 -28.90 -55.55
N THR C 1063 48.47 -27.65 -55.88
CA THR C 1063 48.04 -26.70 -54.86
C THR C 1063 46.71 -27.10 -54.24
N MET C 1064 45.72 -27.53 -55.02
CA MET C 1064 44.52 -27.94 -54.31
C MET C 1064 44.54 -29.40 -53.86
N HIS C 1065 45.70 -30.07 -53.98
CA HIS C 1065 45.83 -31.48 -53.61
C HIS C 1065 46.55 -31.52 -52.27
N ASP C 1066 45.80 -31.81 -51.19
CA ASP C 1066 46.13 -31.35 -49.85
C ASP C 1066 46.26 -32.46 -48.81
N TYR C 1067 46.94 -33.56 -49.12
CA TYR C 1067 47.07 -34.53 -48.03
C TYR C 1067 48.25 -34.19 -47.10
N PRO C 1068 49.47 -33.93 -47.59
CA PRO C 1068 50.49 -33.36 -46.69
C PRO C 1068 50.56 -31.85 -46.82
N PRO C 1069 51.42 -31.17 -46.03
CA PRO C 1069 51.57 -29.70 -46.17
C PRO C 1069 52.46 -29.24 -47.32
N LEU C 1070 52.64 -30.05 -48.37
CA LEU C 1070 53.45 -29.67 -49.53
C LEU C 1070 52.92 -28.41 -50.22
N VAL C 1071 51.63 -28.11 -50.04
CA VAL C 1071 51.00 -26.98 -50.69
C VAL C 1071 51.50 -25.66 -50.14
N SER C 1072 52.10 -25.66 -48.95
CA SER C 1072 52.82 -24.47 -48.48
C SER C 1072 53.94 -24.12 -49.44
N GLY C 1073 54.79 -25.10 -49.77
CA GLY C 1073 55.83 -24.89 -50.76
C GLY C 1073 55.30 -24.63 -52.15
N ALA C 1074 54.16 -25.26 -52.49
CA ALA C 1074 53.53 -24.99 -53.79
C ALA C 1074 53.12 -23.52 -53.91
N LEU C 1075 52.47 -22.98 -52.88
CA LEU C 1075 52.15 -21.56 -52.85
C LEU C 1075 53.40 -20.70 -52.81
N GLN C 1076 54.47 -21.19 -52.17
CA GLN C 1076 55.72 -20.45 -52.14
C GLN C 1076 56.27 -20.23 -53.55
N LEU C 1077 56.34 -21.28 -54.36
CA LEU C 1077 56.85 -21.00 -55.70
C LEU C 1077 55.79 -20.44 -56.62
N LEU C 1078 54.50 -20.53 -56.26
CA LEU C 1078 53.47 -19.79 -56.98
C LEU C 1078 53.70 -18.30 -56.85
N PHE C 1079 53.96 -17.83 -55.63
CA PHE C 1079 54.21 -16.41 -55.40
C PHE C 1079 55.60 -16.01 -55.87
N ARG C 1080 56.55 -16.95 -55.86
CA ARG C 1080 57.91 -16.66 -56.29
C ARG C 1080 58.04 -16.60 -57.80
N HIS C 1081 57.16 -17.30 -58.55
CA HIS C 1081 57.19 -17.21 -60.00
C HIS C 1081 56.85 -15.80 -60.48
N PHE C 1082 55.72 -15.28 -60.04
CA PHE C 1082 55.31 -13.94 -60.44
C PHE C 1082 56.08 -12.90 -59.64
N SER C 1083 56.37 -11.77 -60.29
CA SER C 1083 57.22 -10.70 -59.77
C SER C 1083 58.59 -11.24 -59.36
N GLN C 1084 59.27 -11.90 -60.30
CA GLN C 1084 60.68 -12.21 -60.10
C GLN C 1084 61.54 -10.96 -60.11
N ARG C 1085 61.02 -9.86 -60.66
CA ARG C 1085 61.76 -8.61 -60.72
C ARG C 1085 62.07 -8.05 -59.33
N GLN C 1086 61.16 -8.22 -58.37
CA GLN C 1086 61.40 -7.71 -57.02
C GLN C 1086 62.65 -8.32 -56.40
N GLU C 1087 62.73 -9.66 -56.40
CA GLU C 1087 63.90 -10.26 -55.78
C GLU C 1087 65.15 -10.16 -56.64
N VAL C 1088 65.02 -10.10 -57.97
CA VAL C 1088 66.25 -9.97 -58.74
C VAL C 1088 66.83 -8.55 -58.63
N LEU C 1089 65.97 -7.52 -58.48
CA LEU C 1089 66.49 -6.18 -58.25
C LEU C 1089 67.04 -5.98 -56.85
N GLN C 1090 66.40 -6.56 -55.81
CA GLN C 1090 67.03 -6.46 -54.50
C GLN C 1090 68.30 -7.30 -54.44
N ALA C 1091 68.38 -8.34 -55.25
CA ALA C 1091 69.62 -9.09 -55.41
C ALA C 1091 70.70 -8.25 -56.06
N PHE C 1092 70.38 -7.42 -57.06
CA PHE C 1092 71.35 -6.43 -57.53
C PHE C 1092 71.77 -5.48 -56.42
N LYS C 1093 70.80 -5.00 -55.64
CA LYS C 1093 71.08 -3.99 -54.62
C LYS C 1093 71.95 -4.56 -53.49
N GLN C 1094 71.92 -5.87 -53.29
CA GLN C 1094 72.70 -6.49 -52.23
C GLN C 1094 73.92 -7.27 -52.73
N VAL C 1095 74.02 -7.56 -54.04
CA VAL C 1095 74.86 -8.67 -54.47
C VAL C 1095 76.34 -8.31 -54.45
N GLN C 1096 76.70 -7.08 -54.82
CA GLN C 1096 78.06 -6.83 -55.25
C GLN C 1096 78.83 -6.09 -54.18
N LEU C 1097 79.90 -6.74 -53.71
CA LEU C 1097 80.78 -6.25 -52.66
C LEU C 1097 82.22 -6.36 -53.11
N LEU C 1098 82.49 -5.81 -54.30
CA LEU C 1098 83.78 -5.92 -54.95
C LEU C 1098 84.90 -5.33 -54.11
N VAL C 1099 86.01 -6.05 -54.02
CA VAL C 1099 87.21 -5.59 -53.33
C VAL C 1099 88.35 -5.58 -54.35
N THR C 1100 89.10 -4.48 -54.37
CA THR C 1100 90.26 -4.39 -55.25
C THR C 1100 91.31 -5.43 -54.89
N SER C 1101 91.57 -5.62 -53.61
CA SER C 1101 92.39 -6.74 -53.17
C SER C 1101 91.64 -8.05 -53.40
N GLN C 1102 92.34 -9.05 -53.94
CA GLN C 1102 91.73 -10.34 -54.23
C GLN C 1102 91.79 -11.20 -52.96
N ASP C 1103 90.95 -10.81 -51.99
CA ASP C 1103 90.91 -11.47 -50.69
C ASP C 1103 89.45 -11.73 -50.33
N VAL C 1104 89.12 -13.01 -50.15
CA VAL C 1104 87.76 -13.40 -49.80
C VAL C 1104 87.66 -13.88 -48.36
N ASP C 1105 88.73 -14.46 -47.80
CA ASP C 1105 88.69 -15.02 -46.46
C ASP C 1105 88.51 -13.93 -45.39
N ASN C 1106 89.01 -12.72 -45.65
CA ASN C 1106 88.80 -11.63 -44.71
C ASN C 1106 87.35 -11.16 -44.68
N TYR C 1107 86.69 -11.10 -45.84
CA TYR C 1107 85.27 -10.76 -45.85
C TYR C 1107 84.43 -11.90 -45.31
N LYS C 1108 84.82 -13.15 -45.61
CA LYS C 1108 84.02 -14.31 -45.21
C LYS C 1108 83.97 -14.45 -43.69
N GLN C 1109 85.00 -14.01 -42.98
CA GLN C 1109 84.93 -13.96 -41.53
C GLN C 1109 83.87 -12.96 -41.06
N ILE C 1110 83.78 -11.81 -41.72
CA ILE C 1110 82.76 -10.82 -41.36
C ILE C 1110 81.36 -11.36 -41.64
N LYS C 1111 81.18 -12.03 -42.79
CA LYS C 1111 79.90 -12.63 -43.10
C LYS C 1111 79.54 -13.73 -42.12
N GLN C 1112 80.53 -14.53 -41.69
CA GLN C 1112 80.26 -15.59 -40.74
C GLN C 1112 79.95 -15.04 -39.35
N ASP C 1113 80.63 -13.97 -38.95
CA ASP C 1113 80.41 -13.40 -37.63
C ASP C 1113 79.08 -12.65 -37.55
N LEU C 1114 78.79 -11.79 -38.54
CA LEU C 1114 77.61 -10.95 -38.46
C LEU C 1114 76.32 -11.76 -38.61
N ASP C 1115 76.37 -12.85 -39.37
CA ASP C 1115 75.23 -13.76 -39.42
C ASP C 1115 75.10 -14.61 -38.17
N GLN C 1116 76.20 -14.79 -37.43
CA GLN C 1116 76.13 -15.54 -36.17
C GLN C 1116 75.46 -14.71 -35.07
N LEU C 1117 75.59 -13.39 -35.12
CA LEU C 1117 74.95 -12.52 -34.13
C LEU C 1117 73.44 -12.47 -34.26
N ARG C 1118 72.87 -13.04 -35.33
CA ARG C 1118 71.42 -13.12 -35.45
C ARG C 1118 70.80 -13.96 -34.35
N SER C 1119 71.54 -14.95 -33.84
CA SER C 1119 71.07 -15.74 -32.71
C SER C 1119 71.17 -15.00 -31.38
N ILE C 1120 71.85 -13.85 -31.35
CA ILE C 1120 72.00 -13.08 -30.12
C ILE C 1120 71.26 -11.76 -30.38
N VAL C 1121 70.21 -11.84 -31.18
CA VAL C 1121 69.32 -10.71 -31.42
C VAL C 1121 68.04 -10.82 -30.59
N GLU C 1122 67.40 -11.99 -30.62
CA GLU C 1122 66.16 -12.19 -29.88
C GLU C 1122 66.39 -12.75 -28.48
N LYS C 1123 67.58 -13.23 -28.18
CA LYS C 1123 67.88 -13.81 -26.87
C LYS C 1123 69.34 -13.59 -26.54
N SER C 1124 69.65 -13.63 -25.25
CA SER C 1124 71.02 -13.53 -24.77
C SER C 1124 71.47 -14.70 -23.91
N GLU C 1125 70.53 -15.42 -23.30
CA GLU C 1125 70.87 -16.58 -22.49
C GLU C 1125 70.18 -17.83 -23.01
N SER C 1165 73.64 -20.63 -21.80
CA SER C 1165 74.40 -19.39 -21.74
C SER C 1165 75.65 -19.46 -22.62
N TYR C 1166 75.48 -20.04 -23.81
CA TYR C 1166 76.60 -20.13 -24.75
C TYR C 1166 76.97 -18.77 -25.33
N ASN C 1167 76.02 -17.82 -25.35
CA ASN C 1167 76.25 -16.54 -25.99
C ASN C 1167 77.31 -15.71 -25.27
N TYR C 1168 77.37 -15.79 -23.94
CA TYR C 1168 78.34 -14.99 -23.19
C TYR C 1168 79.76 -15.49 -23.39
N ARG C 1169 79.94 -16.79 -23.64
CA ARG C 1169 81.26 -17.35 -23.89
C ARG C 1169 81.79 -17.02 -25.28
N VAL C 1170 80.97 -16.44 -26.15
CA VAL C 1170 81.38 -16.19 -27.52
C VAL C 1170 81.23 -14.73 -27.95
N VAL C 1171 80.39 -13.93 -27.28
CA VAL C 1171 80.15 -12.55 -27.74
C VAL C 1171 81.39 -11.68 -27.49
N LYS C 1172 82.05 -11.87 -26.34
CA LYS C 1172 83.26 -11.11 -26.06
C LYS C 1172 84.36 -11.43 -27.05
N GLU C 1173 84.53 -12.72 -27.37
CA GLU C 1173 85.56 -13.13 -28.32
C GLU C 1173 85.24 -12.65 -29.73
N ILE C 1174 83.95 -12.63 -30.10
CA ILE C 1174 83.62 -12.25 -31.47
C ILE C 1174 83.70 -10.74 -31.66
N LEU C 1175 83.39 -9.95 -30.63
CA LEU C 1175 83.68 -8.51 -30.71
C LEU C 1175 85.17 -8.23 -30.67
N ILE C 1176 85.95 -9.06 -29.96
CA ILE C 1176 87.41 -8.91 -30.03
C ILE C 1176 87.91 -9.18 -31.44
N ARG C 1177 87.42 -10.25 -32.08
CA ARG C 1177 87.84 -10.60 -33.43
C ARG C 1177 87.43 -9.52 -34.44
N LEU C 1178 86.19 -9.07 -34.37
CA LEU C 1178 85.73 -8.09 -35.34
C LEU C 1178 86.38 -6.73 -35.11
N SER C 1179 86.68 -6.38 -33.85
CA SER C 1179 87.39 -5.15 -33.56
C SER C 1179 88.83 -5.20 -34.05
N LYS C 1180 89.53 -6.33 -33.84
CA LYS C 1180 90.92 -6.40 -34.28
C LYS C 1180 91.02 -6.47 -35.81
N LEU C 1181 90.02 -7.05 -36.47
CA LEU C 1181 89.99 -7.00 -37.93
C LEU C 1181 89.60 -5.62 -38.44
N CYS C 1182 88.83 -4.86 -37.68
CA CYS C 1182 88.51 -3.49 -38.07
C CYS C 1182 89.68 -2.53 -37.85
N VAL C 1183 90.51 -2.78 -36.83
CA VAL C 1183 91.57 -1.86 -36.46
C VAL C 1183 92.91 -2.26 -37.11
N GLN C 1184 92.85 -3.08 -38.16
CA GLN C 1184 94.05 -3.59 -38.81
C GLN C 1184 94.85 -2.48 -39.45
N GLU C 1185 96.17 -2.71 -39.55
CA GLU C 1185 97.15 -1.76 -40.09
C GLU C 1185 97.09 -0.41 -39.35
N SER C 1186 97.10 -0.48 -38.02
CA SER C 1186 97.04 0.73 -37.21
C SER C 1186 98.32 1.54 -37.31
N ALA C 1187 99.45 0.89 -37.58
CA ALA C 1187 100.71 1.60 -37.78
C ALA C 1187 100.78 2.28 -39.13
N SER C 1188 99.86 1.97 -40.04
CA SER C 1188 99.83 2.59 -41.36
C SER C 1188 99.07 3.92 -41.27
N VAL C 1189 98.75 4.51 -42.43
CA VAL C 1189 98.07 5.79 -42.46
C VAL C 1189 96.59 5.66 -42.12
N ARG C 1190 96.06 4.43 -42.09
CA ARG C 1190 94.67 4.12 -41.73
C ARG C 1190 93.66 4.77 -42.69
N LYS C 1191 94.11 5.13 -43.89
CA LYS C 1191 93.21 5.70 -44.89
C LYS C 1191 92.72 4.63 -45.87
N SER C 1192 93.65 3.98 -46.57
CA SER C 1192 93.26 3.00 -47.58
C SER C 1192 92.91 1.66 -46.95
N ARG C 1193 93.72 1.21 -45.98
CA ARG C 1193 93.51 -0.12 -45.40
C ARG C 1193 92.32 -0.16 -44.46
N LYS C 1194 91.95 0.96 -43.84
CA LYS C 1194 90.74 0.98 -43.04
C LYS C 1194 89.50 1.01 -43.93
N GLN C 1195 89.54 1.80 -45.02
CA GLN C 1195 88.37 1.97 -45.86
C GLN C 1195 88.02 0.70 -46.63
N GLN C 1196 89.02 -0.12 -46.96
CA GLN C 1196 88.80 -1.28 -47.82
C GLN C 1196 88.04 -2.42 -47.13
N GLN C 1197 87.68 -2.27 -45.86
CA GLN C 1197 86.54 -2.98 -45.30
C GLN C 1197 85.56 -2.06 -44.57
N ARG C 1198 85.93 -0.80 -44.32
CA ARG C 1198 84.98 0.14 -43.72
C ARG C 1198 83.80 0.40 -44.64
N LEU C 1199 84.07 0.52 -45.95
CA LEU C 1199 83.00 0.46 -46.94
C LEU C 1199 82.23 -0.84 -46.84
N LEU C 1200 82.95 -1.96 -46.71
CA LEU C 1200 82.34 -3.28 -46.70
C LEU C 1200 81.53 -3.55 -45.43
N ARG C 1201 81.80 -2.85 -44.34
CA ARG C 1201 81.04 -3.04 -43.11
C ARG C 1201 79.97 -1.96 -42.90
N ASN C 1202 79.75 -1.07 -43.87
CA ASN C 1202 78.53 -0.26 -43.81
C ASN C 1202 77.29 -1.10 -44.07
N MET C 1203 77.44 -2.22 -44.77
CA MET C 1203 76.32 -3.08 -45.09
C MET C 1203 76.24 -4.25 -44.11
N GLY C 1204 75.99 -3.90 -42.84
CA GLY C 1204 75.65 -4.93 -41.88
C GLY C 1204 76.30 -4.89 -40.52
N ALA C 1205 77.25 -3.99 -40.28
CA ALA C 1205 77.96 -3.96 -39.00
C ALA C 1205 77.48 -2.85 -38.07
N HIS C 1206 76.75 -1.86 -38.57
CA HIS C 1206 76.20 -0.81 -37.73
C HIS C 1206 74.81 -1.14 -37.20
N ALA C 1207 74.08 -2.02 -37.86
CA ALA C 1207 72.75 -2.45 -37.44
C ALA C 1207 72.80 -3.80 -36.74
N VAL C 1208 73.90 -4.11 -36.07
CA VAL C 1208 74.04 -5.33 -35.29
C VAL C 1208 74.45 -4.97 -33.87
N VAL C 1209 75.47 -4.13 -33.73
CA VAL C 1209 76.00 -3.82 -32.41
C VAL C 1209 75.17 -2.74 -31.72
N LEU C 1210 74.42 -1.94 -32.49
CA LEU C 1210 73.67 -0.83 -31.89
C LEU C 1210 72.44 -1.33 -31.15
N GLU C 1211 71.70 -2.28 -31.72
CA GLU C 1211 70.58 -2.87 -31.00
C GLU C 1211 71.04 -3.85 -29.93
N LEU C 1212 72.29 -4.32 -30.01
CA LEU C 1212 72.88 -5.05 -28.90
C LEU C 1212 73.09 -4.12 -27.71
N LEU C 1213 73.39 -2.85 -27.98
CA LEU C 1213 73.52 -1.84 -26.92
C LEU C 1213 72.18 -1.52 -26.26
N GLN C 1214 71.06 -1.83 -26.92
CA GLN C 1214 69.75 -1.66 -26.29
C GLN C 1214 69.60 -2.60 -25.11
N ILE C 1215 70.00 -3.86 -25.28
CA ILE C 1215 70.12 -4.95 -24.29
C ILE C 1215 68.93 -5.00 -23.34
N PRO C 1216 67.78 -5.54 -23.78
CA PRO C 1216 66.61 -5.61 -22.89
C PRO C 1216 66.83 -6.42 -21.62
N TYR C 1217 67.75 -7.39 -21.63
CA TYR C 1217 68.15 -8.09 -20.42
C TYR C 1217 69.06 -7.18 -19.61
N GLU C 1218 68.50 -6.47 -18.64
CA GLU C 1218 69.22 -5.46 -17.87
C GLU C 1218 69.36 -5.92 -16.42
N LYS C 1219 70.61 -5.99 -15.96
CA LYS C 1219 70.93 -6.13 -14.54
C LYS C 1219 71.85 -4.99 -14.14
N ALA C 1220 71.48 -4.25 -13.10
CA ALA C 1220 72.19 -3.04 -12.72
C ALA C 1220 73.43 -3.31 -11.88
N GLU C 1221 73.66 -4.55 -11.48
CA GLU C 1221 74.83 -4.87 -10.68
C GLU C 1221 76.06 -5.08 -11.55
N ASP C 1222 77.22 -5.11 -10.92
CA ASP C 1222 78.48 -5.37 -11.62
C ASP C 1222 78.53 -6.85 -11.98
N THR C 1223 78.22 -7.16 -13.23
CA THR C 1223 78.07 -8.54 -13.68
C THR C 1223 78.98 -8.81 -14.89
N LYS C 1224 78.75 -9.94 -15.55
CA LYS C 1224 79.56 -10.35 -16.69
C LYS C 1224 79.18 -9.64 -17.99
N MET C 1225 78.21 -8.73 -17.96
CA MET C 1225 77.91 -7.91 -19.12
C MET C 1225 78.56 -6.54 -19.07
N GLN C 1226 79.29 -6.22 -18.00
CA GLN C 1226 79.93 -4.91 -17.89
C GLN C 1226 81.11 -4.77 -18.84
N GLU C 1227 81.83 -5.86 -19.12
CA GLU C 1227 82.94 -5.80 -20.07
C GLU C 1227 82.48 -5.89 -21.52
N ILE C 1228 81.24 -6.30 -21.77
CA ILE C 1228 80.74 -6.39 -23.14
C ILE C 1228 80.55 -5.00 -23.73
N MET C 1229 79.96 -4.10 -22.95
CA MET C 1229 79.57 -2.80 -23.50
C MET C 1229 80.75 -1.84 -23.63
N ARG C 1230 81.81 -2.04 -22.84
CA ARG C 1230 83.01 -1.23 -23.03
C ARG C 1230 83.71 -1.59 -24.33
N LEU C 1231 83.69 -2.87 -24.71
CA LEU C 1231 84.19 -3.27 -26.02
C LEU C 1231 83.31 -2.73 -27.14
N ALA C 1232 81.99 -2.65 -26.91
CA ALA C 1232 81.09 -2.02 -27.87
C ALA C 1232 81.40 -0.55 -28.03
N HIS C 1233 81.72 0.14 -26.92
CA HIS C 1233 82.13 1.54 -27.01
C HIS C 1233 83.46 1.69 -27.74
N GLU C 1234 84.40 0.78 -27.49
CA GLU C 1234 85.67 0.79 -28.21
C GLU C 1234 85.45 0.60 -29.71
N PHE C 1235 84.52 -0.29 -30.08
CA PHE C 1235 84.13 -0.42 -31.48
C PHE C 1235 83.52 0.87 -32.01
N LEU C 1236 82.64 1.50 -31.23
CA LEU C 1236 81.98 2.71 -31.71
C LEU C 1236 82.95 3.87 -31.85
N GLN C 1237 84.08 3.84 -31.13
CA GLN C 1237 85.18 4.73 -31.44
C GLN C 1237 85.89 4.33 -32.73
N ASN C 1238 86.41 3.09 -32.80
CA ASN C 1238 87.38 2.80 -33.86
C ASN C 1238 86.71 2.59 -35.23
N PHE C 1239 85.46 2.12 -35.25
CA PHE C 1239 84.74 2.01 -36.52
C PHE C 1239 84.42 3.38 -37.10
N CYS C 1240 84.02 4.33 -36.26
CA CYS C 1240 83.66 5.67 -36.71
C CYS C 1240 84.85 6.63 -36.61
N ALA C 1241 86.07 6.09 -36.55
CA ALA C 1241 87.29 6.88 -36.59
C ALA C 1241 87.80 7.09 -38.01
N GLY C 1242 86.91 7.03 -39.00
CA GLY C 1242 87.28 7.21 -40.39
C GLY C 1242 86.90 8.58 -40.93
N ASN C 1243 85.79 8.66 -41.64
CA ASN C 1243 85.36 9.89 -42.29
C ASN C 1243 83.87 10.06 -42.07
N GLN C 1244 83.24 10.93 -42.86
CA GLN C 1244 81.88 11.38 -42.61
C GLN C 1244 80.80 10.41 -43.09
N GLN C 1245 81.17 9.34 -43.79
CA GLN C 1245 80.20 8.37 -44.29
C GLN C 1245 79.44 7.67 -43.17
N ASN C 1246 80.16 6.87 -42.36
CA ASN C 1246 79.54 6.22 -41.23
C ASN C 1246 79.17 7.22 -40.13
N GLN C 1247 79.83 8.39 -40.10
CA GLN C 1247 79.45 9.46 -39.20
C GLN C 1247 78.00 9.89 -39.44
N ALA C 1248 77.68 10.22 -40.70
CA ALA C 1248 76.32 10.59 -41.04
C ALA C 1248 75.38 9.40 -40.99
N LEU C 1249 75.92 8.18 -41.18
CA LEU C 1249 75.10 6.98 -41.09
C LEU C 1249 74.57 6.78 -39.67
N LEU C 1250 75.43 6.95 -38.66
CA LEU C 1250 75.00 6.73 -37.28
C LEU C 1250 74.58 8.01 -36.56
N HIS C 1251 74.67 9.17 -37.21
CA HIS C 1251 74.28 10.42 -36.56
C HIS C 1251 72.78 10.51 -36.31
N LYS C 1252 71.96 9.80 -37.09
CA LYS C 1252 70.52 9.91 -36.95
C LYS C 1252 69.95 9.03 -35.84
N HIS C 1253 70.73 8.12 -35.27
CA HIS C 1253 70.30 7.32 -34.12
C HIS C 1253 70.90 7.87 -32.82
N ILE C 1254 71.06 9.19 -32.74
CA ILE C 1254 71.62 9.81 -31.54
C ILE C 1254 70.61 9.94 -30.40
N ASN C 1255 69.33 9.64 -30.66
CA ASN C 1255 68.27 9.81 -29.68
C ASN C 1255 68.22 8.67 -28.67
N LEU C 1256 69.03 7.62 -28.85
CA LEU C 1256 69.11 6.53 -27.89
C LEU C 1256 70.33 6.61 -26.99
N PHE C 1257 71.11 7.69 -27.07
CA PHE C 1257 72.27 7.89 -26.21
C PHE C 1257 71.94 9.10 -25.34
N LEU C 1258 71.17 8.87 -24.26
CA LEU C 1258 70.64 9.99 -23.50
C LEU C 1258 71.07 10.01 -22.04
N ASN C 1259 70.82 8.94 -21.29
CA ASN C 1259 70.77 9.08 -19.83
C ASN C 1259 72.09 9.07 -19.06
N PRO C 1260 73.07 8.12 -19.27
CA PRO C 1260 74.11 7.95 -18.24
C PRO C 1260 75.10 9.10 -18.10
N GLY C 1261 75.68 9.55 -19.21
CA GLY C 1261 76.63 10.64 -19.17
C GLY C 1261 77.99 10.31 -18.59
N ILE C 1262 78.26 9.05 -18.26
CA ILE C 1262 79.52 8.63 -17.69
C ILE C 1262 80.27 7.65 -18.58
N LEU C 1263 79.54 6.75 -19.24
CA LEU C 1263 80.14 5.78 -20.15
C LEU C 1263 79.77 6.01 -21.61
N GLU C 1264 78.52 6.36 -21.90
CA GLU C 1264 78.12 6.72 -23.27
C GLU C 1264 78.59 8.12 -23.66
N ALA C 1265 79.07 8.92 -22.70
CA ALA C 1265 79.45 10.29 -22.99
C ALA C 1265 80.72 10.38 -23.83
N VAL C 1266 81.69 9.50 -23.58
CA VAL C 1266 82.93 9.51 -24.34
C VAL C 1266 82.70 9.09 -25.79
N THR C 1267 81.60 8.37 -26.05
CA THR C 1267 81.23 8.06 -27.43
C THR C 1267 80.99 9.33 -28.23
N MET C 1268 80.13 10.22 -27.73
CA MET C 1268 79.88 11.48 -28.42
C MET C 1268 81.10 12.40 -28.39
N GLN C 1269 82.02 12.18 -27.45
CA GLN C 1269 83.31 12.86 -27.53
C GLN C 1269 84.09 12.39 -28.75
N HIS C 1270 83.96 11.11 -29.11
CA HIS C 1270 84.60 10.59 -30.31
C HIS C 1270 83.61 10.35 -31.45
N ILE C 1271 82.52 11.11 -31.50
CA ILE C 1271 81.67 11.21 -32.68
C ILE C 1271 81.77 12.60 -33.31
N PHE C 1272 81.69 13.65 -32.50
CA PHE C 1272 81.80 15.03 -33.00
C PHE C 1272 83.25 15.51 -32.89
N MET C 1273 84.15 14.82 -33.60
CA MET C 1273 85.57 15.08 -33.41
C MET C 1273 86.05 16.30 -34.20
N ASN C 1274 85.87 16.31 -35.54
CA ASN C 1274 86.37 17.44 -36.32
C ASN C 1274 85.48 17.82 -37.49
N ASN C 1275 84.33 17.18 -37.68
CA ASN C 1275 83.52 17.44 -38.86
C ASN C 1275 82.82 18.79 -38.77
N PHE C 1276 82.57 19.38 -39.94
CA PHE C 1276 82.00 20.71 -40.06
C PHE C 1276 80.52 20.70 -40.44
N GLN C 1277 80.11 19.81 -41.33
CA GLN C 1277 78.75 19.76 -41.83
C GLN C 1277 77.78 19.08 -40.87
N LEU C 1278 78.27 18.54 -39.76
CA LEU C 1278 77.43 17.92 -38.75
C LEU C 1278 77.35 18.71 -37.45
N CYS C 1279 78.34 19.56 -37.15
CA CYS C 1279 78.41 20.29 -35.90
C CYS C 1279 77.78 21.68 -35.98
N SER C 1280 76.77 21.87 -36.83
CA SER C 1280 76.12 23.16 -36.93
C SER C 1280 74.61 23.09 -37.01
N GLU C 1281 74.00 21.90 -37.00
CA GLU C 1281 72.56 21.76 -37.17
C GLU C 1281 71.90 21.09 -35.96
N ILE C 1282 72.58 21.06 -34.82
CA ILE C 1282 72.05 20.38 -33.64
C ILE C 1282 70.93 21.23 -33.05
N ASN C 1283 69.72 20.67 -32.99
CA ASN C 1283 68.60 21.34 -32.36
C ASN C 1283 68.74 21.28 -30.83
N GLU C 1284 67.99 22.13 -30.15
CA GLU C 1284 68.10 22.30 -28.70
C GLU C 1284 67.30 21.21 -27.98
N ARG C 1285 67.81 19.97 -28.09
CA ARG C 1285 67.21 18.84 -27.39
C ARG C 1285 68.19 17.85 -26.78
N VAL C 1286 69.50 18.01 -26.96
CA VAL C 1286 70.49 17.14 -26.37
C VAL C 1286 71.50 17.92 -25.53
N VAL C 1287 72.02 19.02 -26.07
CA VAL C 1287 73.09 19.75 -25.38
C VAL C 1287 72.57 20.42 -24.10
N GLN C 1288 71.34 20.92 -24.10
CA GLN C 1288 70.77 21.44 -22.87
C GLN C 1288 70.41 20.32 -21.89
N HIS C 1289 70.06 19.15 -22.41
CA HIS C 1289 69.87 17.99 -21.54
C HIS C 1289 71.17 17.64 -20.83
N PHE C 1290 72.30 17.74 -21.54
CA PHE C 1290 73.59 17.52 -20.90
C PHE C 1290 73.97 18.64 -19.96
N VAL C 1291 73.52 19.87 -20.23
CA VAL C 1291 73.73 20.97 -19.29
C VAL C 1291 73.00 20.70 -17.97
N HIS C 1292 71.76 20.24 -18.04
CA HIS C 1292 71.05 19.85 -16.83
C HIS C 1292 71.62 18.57 -16.23
N CYS C 1293 72.29 17.74 -17.04
CA CYS C 1293 72.96 16.55 -16.53
C CYS C 1293 74.28 16.87 -15.84
N ILE C 1294 74.84 18.06 -16.06
CA ILE C 1294 75.99 18.49 -15.27
C ILE C 1294 75.58 18.63 -13.80
N GLU C 1295 74.43 19.26 -13.55
CA GLU C 1295 73.84 19.21 -12.24
C GLU C 1295 73.17 17.86 -12.01
N THR C 1296 72.81 17.61 -10.75
CA THR C 1296 72.05 16.46 -10.27
C THR C 1296 72.75 15.13 -10.48
N HIS C 1297 73.99 15.11 -10.99
CA HIS C 1297 74.71 13.86 -11.17
C HIS C 1297 76.15 13.93 -10.71
N GLY C 1298 76.75 15.11 -10.65
CA GLY C 1298 78.15 15.26 -10.32
C GLY C 1298 78.93 15.86 -11.48
N ARG C 1299 79.91 16.69 -11.13
CA ARG C 1299 80.73 17.38 -12.12
C ARG C 1299 81.92 16.49 -12.47
N ASN C 1300 81.90 15.94 -13.68
CA ASN C 1300 82.90 14.97 -14.11
C ASN C 1300 84.03 15.67 -14.84
N VAL C 1301 85.27 15.46 -14.38
CA VAL C 1301 86.43 15.98 -15.09
C VAL C 1301 86.57 15.29 -16.44
N GLN C 1302 86.24 13.99 -16.49
CA GLN C 1302 86.32 13.23 -17.74
C GLN C 1302 85.34 13.76 -18.78
N TYR C 1303 84.18 14.23 -18.33
CA TYR C 1303 83.15 14.71 -19.27
C TYR C 1303 83.46 16.08 -19.84
N ILE C 1304 83.94 17.02 -19.02
CA ILE C 1304 83.83 18.45 -19.31
C ILE C 1304 84.74 18.92 -20.45
N LYS C 1305 85.52 18.01 -21.03
CA LYS C 1305 86.24 18.32 -22.26
C LYS C 1305 85.38 18.14 -23.51
N PHE C 1306 84.12 17.71 -23.35
CA PHE C 1306 83.21 17.64 -24.48
C PHE C 1306 82.73 19.01 -24.94
N LEU C 1307 82.65 19.98 -24.03
CA LEU C 1307 81.92 21.21 -24.29
C LEU C 1307 82.56 22.12 -25.33
N GLN C 1308 83.80 21.83 -25.75
CA GLN C 1308 84.40 22.55 -26.86
C GLN C 1308 84.37 21.76 -28.17
N THR C 1309 84.15 20.45 -28.12
CA THR C 1309 84.19 19.64 -29.33
C THR C 1309 82.93 19.85 -30.18
N ILE C 1310 81.76 19.91 -29.55
CA ILE C 1310 80.51 19.99 -30.30
C ILE C 1310 80.34 21.37 -30.93
N VAL C 1311 80.83 22.41 -30.26
CA VAL C 1311 80.57 23.78 -30.69
C VAL C 1311 81.62 24.23 -31.69
N LYS C 1312 82.89 24.16 -31.30
CA LYS C 1312 83.97 24.76 -32.06
C LYS C 1312 84.67 23.69 -32.90
N ALA C 1313 84.52 23.81 -34.22
CA ALA C 1313 85.41 23.08 -35.12
C ALA C 1313 86.74 23.83 -35.22
N GLU C 1314 87.74 23.16 -35.76
CA GLU C 1314 89.06 23.77 -35.90
C GLU C 1314 89.03 24.86 -36.97
N GLY C 1315 89.70 25.97 -36.71
CA GLY C 1315 89.73 27.07 -37.64
C GLY C 1315 88.50 27.96 -37.61
N LYS C 1316 87.32 27.38 -37.79
CA LYS C 1316 86.08 28.11 -37.90
C LYS C 1316 85.30 28.03 -36.60
N PHE C 1317 84.82 29.18 -36.11
CA PHE C 1317 83.99 29.27 -34.92
C PHE C 1317 82.71 30.01 -35.30
N ILE C 1318 81.58 29.30 -35.26
CA ILE C 1318 80.32 29.91 -35.67
C ILE C 1318 79.74 30.73 -34.52
N LYS C 1319 78.90 31.70 -34.88
CA LYS C 1319 78.46 32.72 -33.93
C LYS C 1319 77.20 32.29 -33.17
N LYS C 1320 76.28 31.59 -33.84
CA LYS C 1320 75.00 31.24 -33.22
C LYS C 1320 75.17 30.21 -32.12
N CYS C 1321 76.01 29.20 -32.36
CA CYS C 1321 76.23 28.16 -31.36
C CYS C 1321 76.92 28.71 -30.11
N GLN C 1322 77.89 29.62 -30.32
CA GLN C 1322 78.54 30.28 -29.18
C GLN C 1322 77.55 31.12 -28.40
N ASP C 1323 76.64 31.80 -29.09
CA ASP C 1323 75.61 32.60 -28.42
C ASP C 1323 74.67 31.73 -27.60
N MET C 1324 74.28 30.57 -28.14
CA MET C 1324 73.34 29.73 -27.41
C MET C 1324 74.01 28.83 -26.37
N VAL C 1325 75.33 28.72 -26.37
CA VAL C 1325 76.00 28.08 -25.23
C VAL C 1325 76.49 29.09 -24.21
N MET C 1326 76.56 30.38 -24.55
CA MET C 1326 76.94 31.37 -23.54
C MET C 1326 75.80 31.65 -22.57
N ALA C 1327 74.57 31.72 -23.06
CA ALA C 1327 73.43 32.12 -22.23
C ALA C 1327 73.02 31.03 -21.25
N GLU C 1328 73.23 29.75 -21.61
CA GLU C 1328 72.81 28.68 -20.72
C GLU C 1328 73.70 28.58 -19.48
N LEU C 1329 74.97 28.97 -19.60
CA LEU C 1329 75.86 28.93 -18.45
C LEU C 1329 75.43 29.90 -17.36
N VAL C 1330 74.98 31.09 -17.76
CA VAL C 1330 74.45 32.05 -16.80
C VAL C 1330 73.10 31.58 -16.29
N ASN C 1331 72.27 31.01 -17.17
CA ASN C 1331 70.91 30.62 -16.80
C ASN C 1331 70.91 29.45 -15.81
N SER C 1332 71.76 28.44 -16.06
CA SER C 1332 71.77 27.27 -15.18
C SER C 1332 72.36 27.60 -13.81
N GLY C 1333 73.44 28.37 -13.78
CA GLY C 1333 74.02 28.83 -12.51
C GLY C 1333 74.89 27.87 -11.73
N GLU C 1334 74.47 26.61 -11.60
CA GLU C 1334 75.20 25.62 -10.81
C GLU C 1334 76.17 24.79 -11.65
N ASP C 1335 76.73 25.37 -12.70
CA ASP C 1335 77.70 24.67 -13.53
C ASP C 1335 79.05 24.62 -12.83
N VAL C 1336 80.04 24.08 -13.54
CA VAL C 1336 81.40 23.97 -13.00
C VAL C 1336 82.02 25.36 -12.98
N LEU C 1337 82.03 26.00 -11.82
CA LEU C 1337 82.55 27.35 -11.67
C LEU C 1337 84.03 27.30 -11.30
N VAL C 1338 84.77 28.33 -11.72
CA VAL C 1338 86.19 28.40 -11.39
C VAL C 1338 86.40 29.08 -10.04
N PHE C 1339 85.36 29.66 -9.46
CA PHE C 1339 85.48 30.43 -8.22
C PHE C 1339 85.67 29.48 -7.05
N TYR C 1340 86.94 29.29 -6.65
CA TYR C 1340 87.35 28.48 -5.51
C TYR C 1340 88.25 29.29 -4.59
N ASN C 1341 87.74 30.46 -4.17
CA ASN C 1341 88.49 31.60 -3.64
C ASN C 1341 89.59 31.27 -2.61
N ASP C 1342 90.57 32.18 -2.51
CA ASP C 1342 91.97 31.97 -2.17
C ASP C 1342 92.28 30.86 -1.17
N ARG C 1343 91.47 30.73 -0.11
CA ARG C 1343 91.69 29.68 0.87
C ARG C 1343 91.55 28.29 0.27
N ALA C 1344 90.70 28.13 -0.74
CA ALA C 1344 90.41 26.81 -1.27
C ALA C 1344 91.34 26.40 -2.42
N SER C 1345 91.43 27.22 -3.47
CA SER C 1345 92.16 26.82 -4.67
C SER C 1345 93.67 26.82 -4.48
N PHE C 1346 94.18 27.43 -3.41
CA PHE C 1346 95.63 27.49 -3.22
C PHE C 1346 96.19 26.13 -2.86
N GLN C 1347 95.72 25.54 -1.75
CA GLN C 1347 96.30 24.30 -1.26
C GLN C 1347 95.90 23.10 -2.10
N THR C 1348 94.79 23.19 -2.85
CA THR C 1348 94.40 22.09 -3.71
C THR C 1348 95.31 21.96 -4.91
N LEU C 1349 95.62 23.08 -5.57
CA LEU C 1349 96.36 23.02 -6.83
C LEU C 1349 97.84 22.76 -6.59
N ILE C 1350 98.42 23.30 -5.51
CA ILE C 1350 99.84 23.08 -5.27
C ILE C 1350 100.11 21.65 -4.82
N GLN C 1351 99.11 20.99 -4.23
CA GLN C 1351 99.26 19.58 -3.87
C GLN C 1351 98.85 18.66 -5.01
N MET C 1352 98.11 19.17 -6.00
CA MET C 1352 97.69 18.35 -7.13
C MET C 1352 98.84 18.10 -8.09
N MET C 1353 99.67 19.12 -8.32
CA MET C 1353 100.73 19.02 -9.32
C MET C 1353 102.03 18.50 -8.71
N ARG C 1354 102.39 18.96 -7.51
CA ARG C 1354 103.68 18.62 -6.94
C ARG C 1354 103.72 17.20 -6.39
N SER C 1355 102.62 16.73 -5.79
CA SER C 1355 102.64 15.41 -5.16
C SER C 1355 102.61 14.30 -6.19
N GLU C 1356 101.79 14.43 -7.22
CA GLU C 1356 101.66 13.41 -8.26
C GLU C 1356 101.78 14.06 -9.63
N ARG C 1357 102.35 13.31 -10.57
CA ARG C 1357 102.55 13.77 -11.94
C ARG C 1357 101.97 12.75 -12.91
N ASP C 1358 102.24 12.96 -14.20
CA ASP C 1358 101.74 12.08 -15.26
C ASP C 1358 100.22 12.01 -15.26
N ARG C 1359 99.57 13.15 -15.01
CA ARG C 1359 98.12 13.34 -14.97
C ARG C 1359 97.51 12.85 -13.68
N MET C 1360 98.27 12.29 -12.75
CA MET C 1360 97.76 11.82 -11.46
C MET C 1360 96.49 10.99 -11.66
N ASP C 1361 96.66 9.87 -12.36
CA ASP C 1361 95.55 8.96 -12.66
C ASP C 1361 94.50 9.65 -13.52
N GLU C 1362 94.96 10.29 -14.60
CA GLU C 1362 94.09 11.04 -15.51
C GLU C 1362 93.56 12.30 -14.85
N ASN C 1363 94.27 12.79 -13.83
CA ASN C 1363 93.91 14.01 -13.12
C ASN C 1363 92.40 14.08 -12.91
N SER C 1364 91.88 13.08 -12.20
CA SER C 1364 90.45 12.99 -11.96
C SER C 1364 90.15 13.10 -10.47
N PRO C 1365 90.60 14.18 -9.82
CA PRO C 1365 90.26 14.37 -8.40
C PRO C 1365 88.86 14.91 -8.17
N LEU C 1366 88.23 15.48 -9.20
CA LEU C 1366 86.89 16.04 -9.18
C LEU C 1366 86.83 17.41 -8.53
N PHE C 1367 87.93 17.94 -8.03
CA PHE C 1367 87.93 19.26 -7.39
C PHE C 1367 88.99 20.20 -7.95
N MET C 1368 90.17 19.68 -8.29
CA MET C 1368 91.25 20.50 -8.81
C MET C 1368 91.44 20.38 -10.31
N TYR C 1369 91.22 19.19 -10.87
CA TYR C 1369 91.37 19.01 -12.32
C TYR C 1369 90.12 19.45 -13.08
N HIS C 1370 89.01 19.73 -12.37
CA HIS C 1370 87.81 20.19 -13.05
C HIS C 1370 88.05 21.54 -13.73
N ILE C 1371 88.79 22.43 -13.07
CA ILE C 1371 89.06 23.75 -13.65
C ILE C 1371 89.90 23.61 -14.92
N HIS C 1372 90.82 22.64 -14.93
CA HIS C 1372 91.73 22.52 -16.08
C HIS C 1372 90.96 22.31 -17.38
N LEU C 1373 89.94 21.45 -17.34
CA LEU C 1373 89.14 21.14 -18.53
C LEU C 1373 87.88 21.99 -18.61
N VAL C 1374 87.89 23.18 -18.00
CA VAL C 1374 86.74 24.08 -18.03
C VAL C 1374 87.03 25.19 -19.03
N GLU C 1375 87.87 24.90 -20.02
CA GLU C 1375 88.27 25.90 -21.01
C GLU C 1375 87.09 26.42 -21.83
N LEU C 1376 86.01 25.65 -21.96
CA LEU C 1376 84.87 26.10 -22.74
C LEU C 1376 84.42 27.49 -22.29
N LEU C 1377 84.26 27.67 -20.97
CA LEU C 1377 83.89 28.98 -20.45
C LEU C 1377 85.06 29.96 -20.47
N ALA C 1378 86.29 29.45 -20.49
CA ALA C 1378 87.47 30.30 -20.57
C ALA C 1378 87.79 30.73 -21.99
N VAL C 1379 87.76 29.79 -22.94
CA VAL C 1379 87.96 30.11 -24.35
C VAL C 1379 86.64 30.26 -25.10
N CYS C 1380 85.52 30.40 -24.38
CA CYS C 1380 84.22 30.49 -25.05
C CYS C 1380 84.21 31.59 -26.09
N THR C 1381 84.70 32.77 -25.73
CA THR C 1381 84.79 33.91 -26.63
C THR C 1381 86.24 34.33 -26.84
N GLU C 1382 87.14 33.36 -26.97
CA GLU C 1382 88.56 33.65 -27.03
C GLU C 1382 88.93 34.50 -28.24
N GLY C 1383 88.77 33.96 -29.45
CA GLY C 1383 89.21 34.66 -30.63
C GLY C 1383 88.38 35.87 -31.01
N LYS C 1384 87.16 35.64 -31.51
CA LYS C 1384 86.28 36.74 -31.88
C LYS C 1384 84.82 36.45 -31.58
N ASN C 1385 84.49 35.31 -30.98
CA ASN C 1385 83.10 34.92 -30.74
C ASN C 1385 82.61 35.47 -29.39
N VAL C 1386 82.40 36.79 -29.38
CA VAL C 1386 81.94 37.50 -28.19
C VAL C 1386 80.71 38.31 -28.56
N TYR C 1387 79.53 37.70 -28.39
CA TYR C 1387 78.29 38.44 -28.56
C TYR C 1387 78.00 39.35 -27.39
N THR C 1388 78.34 38.90 -26.18
CA THR C 1388 78.16 39.71 -24.97
C THR C 1388 79.21 39.27 -23.96
N GLU C 1389 80.30 40.03 -23.87
CA GLU C 1389 81.38 39.70 -22.94
C GLU C 1389 81.10 40.20 -21.52
N ILE C 1390 80.05 41.01 -21.32
CA ILE C 1390 79.74 41.48 -19.98
C ILE C 1390 79.39 40.31 -19.08
N LYS C 1391 78.60 39.36 -19.58
CA LYS C 1391 78.23 38.21 -18.76
C LYS C 1391 79.45 37.40 -18.34
N CYS C 1392 80.41 37.21 -19.26
CA CYS C 1392 81.61 36.46 -18.95
C CYS C 1392 82.49 37.16 -17.92
N ASN C 1393 82.39 38.48 -17.81
CA ASN C 1393 83.16 39.25 -16.84
C ASN C 1393 82.46 39.42 -15.50
N SER C 1394 81.13 39.59 -15.52
CA SER C 1394 80.38 39.75 -14.28
C SER C 1394 80.09 38.40 -13.63
N LEU C 1395 79.38 37.52 -14.35
CA LEU C 1395 79.06 36.20 -13.81
C LEU C 1395 80.28 35.29 -13.76
N LEU C 1396 81.29 35.54 -14.58
CA LEU C 1396 82.50 34.73 -14.60
C LEU C 1396 83.68 35.57 -14.15
N PRO C 1397 84.87 35.00 -14.01
CA PRO C 1397 86.02 35.78 -13.55
C PRO C 1397 86.26 36.99 -14.44
N LEU C 1398 86.59 38.12 -13.81
CA LEU C 1398 86.80 39.36 -14.56
C LEU C 1398 88.05 39.29 -15.42
N ASP C 1399 89.01 38.45 -15.06
CA ASP C 1399 90.30 38.27 -15.73
C ASP C 1399 91.30 39.35 -15.34
N ASP C 1400 90.91 40.32 -14.51
CA ASP C 1400 91.85 41.33 -14.02
C ASP C 1400 91.73 41.58 -12.53
N ILE C 1401 90.69 41.05 -11.88
CA ILE C 1401 90.53 41.16 -10.43
C ILE C 1401 90.53 39.80 -9.75
N VAL C 1402 89.84 38.82 -10.34
CA VAL C 1402 89.87 37.46 -9.81
C VAL C 1402 91.12 36.70 -10.23
N ARG C 1403 91.70 37.03 -11.38
CA ARG C 1403 92.94 36.37 -11.80
C ARG C 1403 94.07 36.67 -10.84
N VAL C 1404 94.17 37.92 -10.37
CA VAL C 1404 95.24 38.29 -9.44
C VAL C 1404 95.07 37.57 -8.11
N VAL C 1405 93.82 37.35 -7.69
CA VAL C 1405 93.57 36.74 -6.38
C VAL C 1405 94.26 35.38 -6.29
N THR C 1406 94.20 34.60 -7.36
CA THR C 1406 94.84 33.29 -7.40
C THR C 1406 96.27 33.35 -7.90
N HIS C 1407 96.83 34.54 -8.10
CA HIS C 1407 98.16 34.72 -8.66
C HIS C 1407 99.26 34.73 -7.60
N GLU C 1408 98.91 34.47 -6.33
CA GLU C 1408 99.94 34.43 -5.30
C GLU C 1408 100.98 33.36 -5.61
N ASP C 1409 100.54 32.18 -6.01
CA ASP C 1409 101.42 31.09 -6.44
C ASP C 1409 101.06 30.77 -7.89
N CYS C 1410 101.71 31.46 -8.82
CA CYS C 1410 101.36 31.30 -10.23
C CYS C 1410 101.50 29.84 -10.65
N ILE C 1411 100.44 29.32 -11.26
CA ILE C 1411 100.42 27.96 -11.81
C ILE C 1411 100.34 28.07 -13.33
N PRO C 1412 101.39 27.69 -14.06
CA PRO C 1412 101.31 27.80 -15.53
C PRO C 1412 100.14 27.02 -16.12
N GLU C 1413 99.79 25.88 -15.53
CA GLU C 1413 98.68 25.10 -16.05
C GLU C 1413 97.38 25.90 -16.04
N VAL C 1414 97.11 26.59 -14.93
CA VAL C 1414 95.92 27.44 -14.86
C VAL C 1414 96.07 28.64 -15.79
N LYS C 1415 97.28 29.18 -15.89
CA LYS C 1415 97.49 30.39 -16.68
C LYS C 1415 97.17 30.16 -18.15
N ILE C 1416 97.55 29.01 -18.70
CA ILE C 1416 97.33 28.75 -20.11
C ILE C 1416 95.84 28.86 -20.44
N ALA C 1417 95.00 28.17 -19.67
CA ALA C 1417 93.56 28.29 -19.86
C ALA C 1417 93.05 29.62 -19.29
N TYR C 1418 93.53 30.01 -18.12
CA TYR C 1418 93.13 31.27 -17.53
C TYR C 1418 93.63 32.46 -18.36
N ILE C 1419 94.84 32.35 -18.90
CA ILE C 1419 95.37 33.42 -19.75
C ILE C 1419 94.53 33.53 -21.01
N ASN C 1420 94.03 32.40 -21.54
CA ASN C 1420 93.15 32.45 -22.69
C ASN C 1420 91.89 33.25 -22.38
N PHE C 1421 91.35 33.09 -21.16
CA PHE C 1421 90.24 33.93 -20.73
C PHE C 1421 90.63 35.41 -20.71
N LEU C 1422 91.87 35.70 -20.30
CA LEU C 1422 92.36 37.08 -20.38
C LEU C 1422 92.34 37.58 -21.82
N ASN C 1423 92.77 36.73 -22.75
CA ASN C 1423 92.65 37.09 -24.17
C ASN C 1423 91.19 37.17 -24.59
N HIS C 1424 90.34 36.31 -24.03
CA HIS C 1424 88.93 36.32 -24.39
C HIS C 1424 88.28 37.66 -24.08
N CYS C 1425 88.57 38.22 -22.90
CA CYS C 1425 87.98 39.48 -22.49
C CYS C 1425 88.82 40.68 -22.90
N TYR C 1426 90.14 40.59 -22.78
CA TYR C 1426 91.01 41.71 -23.12
C TYR C 1426 90.57 42.36 -24.43
N VAL C 1427 90.67 41.61 -25.53
CA VAL C 1427 90.17 42.06 -26.82
C VAL C 1427 89.98 40.86 -27.73
N ASP C 1428 88.83 40.78 -28.39
CA ASP C 1428 88.66 39.75 -29.42
C ASP C 1428 89.67 40.03 -30.52
N THR C 1429 89.46 41.11 -31.26
CA THR C 1429 90.53 41.76 -32.01
C THR C 1429 90.57 43.26 -31.78
N GLU C 1430 89.42 43.92 -31.77
CA GLU C 1430 89.33 45.35 -31.45
C GLU C 1430 88.14 45.73 -30.58
N VAL C 1431 87.09 44.91 -30.51
CA VAL C 1431 85.78 45.37 -30.01
C VAL C 1431 85.75 45.62 -28.51
N GLU C 1432 86.70 45.11 -27.75
CA GLU C 1432 86.64 45.29 -26.30
C GLU C 1432 86.57 46.76 -25.94
N MET C 1433 85.68 47.09 -25.00
CA MET C 1433 85.58 48.46 -24.53
C MET C 1433 86.90 48.93 -23.94
N LYS C 1434 87.30 50.14 -24.30
CA LYS C 1434 88.57 50.70 -23.86
C LYS C 1434 88.49 51.00 -22.37
N GLU C 1435 89.08 50.13 -21.55
CA GLU C 1435 89.12 50.29 -20.10
C GLU C 1435 90.56 50.40 -19.65
N ILE C 1436 90.86 51.44 -18.88
CA ILE C 1436 92.21 51.61 -18.33
C ILE C 1436 92.56 50.45 -17.41
N TYR C 1437 91.60 50.04 -16.56
CA TYR C 1437 91.85 48.93 -15.65
C TYR C 1437 92.13 47.64 -16.39
N THR C 1438 91.48 47.42 -17.53
CA THR C 1438 91.70 46.18 -18.28
C THR C 1438 93.15 46.07 -18.75
N SER C 1439 93.74 47.15 -19.21
CA SER C 1439 95.12 47.17 -19.68
C SER C 1439 96.11 47.59 -18.62
N ASN C 1440 95.83 48.68 -17.89
CA ASN C 1440 96.73 49.09 -16.81
C ASN C 1440 96.80 48.02 -15.72
N HIS C 1441 95.65 47.45 -15.36
CA HIS C 1441 95.65 46.41 -14.33
C HIS C 1441 96.39 45.16 -14.81
N MET C 1442 96.23 44.80 -16.08
CA MET C 1442 96.86 43.61 -16.62
C MET C 1442 98.32 43.82 -16.98
N TRP C 1443 98.83 45.05 -16.92
CA TRP C 1443 100.21 45.33 -17.26
C TRP C 1443 101.20 44.95 -16.17
N LYS C 1444 100.71 44.65 -14.96
CA LYS C 1444 101.59 44.25 -13.86
C LYS C 1444 101.72 42.74 -13.72
N LEU C 1445 100.82 41.97 -14.35
CA LEU C 1445 100.91 40.52 -14.26
C LEU C 1445 102.20 40.00 -14.90
N PHE C 1446 102.59 40.59 -16.04
CA PHE C 1446 103.81 40.16 -16.71
C PHE C 1446 105.02 40.32 -15.81
N GLU C 1447 105.13 41.45 -15.12
CA GLU C 1447 106.24 41.66 -14.21
C GLU C 1447 106.22 40.64 -13.07
N ASN C 1448 105.04 40.38 -12.50
CA ASN C 1448 104.95 39.40 -11.43
C ASN C 1448 105.34 38.01 -11.92
N PHE C 1449 104.84 37.62 -13.10
CA PHE C 1449 105.15 36.33 -13.67
C PHE C 1449 106.40 36.34 -14.54
N LEU C 1450 106.98 37.51 -14.81
CA LEU C 1450 108.19 37.57 -15.61
C LEU C 1450 109.34 36.84 -14.91
N VAL C 1451 109.46 37.00 -13.59
CA VAL C 1451 110.48 36.29 -12.85
C VAL C 1451 110.24 34.78 -12.93
N ASP C 1452 108.98 34.37 -12.82
CA ASP C 1452 108.67 32.94 -12.92
C ASP C 1452 109.07 32.38 -14.28
N ILE C 1453 108.79 33.12 -15.35
CA ILE C 1453 109.23 32.69 -16.68
C ILE C 1453 110.75 32.64 -16.75
N CYS C 1454 111.41 33.66 -16.21
CA CYS C 1454 112.87 33.66 -16.17
C CYS C 1454 113.39 32.52 -15.31
N ARG C 1455 112.73 32.25 -14.17
CA ARG C 1455 113.20 31.19 -13.29
C ARG C 1455 113.18 29.84 -14.01
N ALA C 1456 112.10 29.55 -14.73
CA ALA C 1456 112.02 28.30 -15.49
C ALA C 1456 112.70 28.40 -16.85
N CYS C 1457 113.03 29.60 -17.32
CA CYS C 1457 113.70 29.74 -18.61
C CYS C 1457 115.12 29.19 -18.56
N ASN C 1458 115.81 29.35 -17.42
CA ASN C 1458 117.17 28.87 -17.30
C ASN C 1458 117.25 27.35 -17.27
N ASN C 1459 116.19 26.67 -16.87
CA ASN C 1459 116.17 25.21 -16.84
C ASN C 1459 116.03 24.69 -18.27
N THR C 1460 117.05 23.99 -18.76
CA THR C 1460 117.08 23.49 -20.12
C THR C 1460 117.09 21.96 -20.10
N SER C 1461 116.30 21.37 -21.00
CA SER C 1461 116.23 19.92 -21.14
C SER C 1461 115.87 19.25 -19.81
N ASP C 1462 114.91 19.83 -19.11
CA ASP C 1462 114.46 19.26 -17.84
C ASP C 1462 112.96 19.30 -17.64
N ARG C 1463 112.18 19.73 -18.64
CA ARG C 1463 110.73 19.78 -18.51
C ARG C 1463 110.11 19.69 -19.88
N LYS C 1464 108.83 19.30 -19.92
CA LYS C 1464 108.08 19.17 -21.17
C LYS C 1464 107.00 20.24 -21.33
N HIS C 1465 106.41 20.71 -20.24
CA HIS C 1465 105.38 21.73 -20.30
C HIS C 1465 105.93 23.14 -20.49
N ALA C 1466 107.24 23.33 -20.32
CA ALA C 1466 107.82 24.66 -20.49
C ALA C 1466 107.63 25.17 -21.92
N ASP C 1467 107.85 24.30 -22.91
CA ASP C 1467 107.65 24.72 -24.30
C ASP C 1467 106.21 25.12 -24.56
N SER C 1468 105.26 24.33 -24.05
CA SER C 1468 103.85 24.67 -24.21
C SER C 1468 103.52 25.98 -23.49
N VAL C 1469 104.03 26.15 -22.28
CA VAL C 1469 103.77 27.39 -21.54
C VAL C 1469 104.36 28.57 -22.28
N LEU C 1470 105.60 28.44 -22.76
CA LEU C 1470 106.21 29.51 -23.53
C LEU C 1470 105.46 29.73 -24.83
N GLU C 1471 105.10 28.64 -25.53
CA GLU C 1471 104.32 28.76 -26.75
C GLU C 1471 102.93 29.35 -26.46
N LYS C 1472 102.30 28.90 -25.38
CA LYS C 1472 100.98 29.40 -24.99
C LYS C 1472 101.05 30.79 -24.39
N TYR C 1473 102.18 31.20 -23.82
CA TYR C 1473 102.33 32.54 -23.27
C TYR C 1473 102.62 33.58 -24.33
N VAL C 1474 103.18 33.17 -25.47
CA VAL C 1474 103.48 34.12 -26.55
C VAL C 1474 102.25 34.55 -27.33
N THR C 1475 101.13 33.83 -27.17
CA THR C 1475 99.90 34.22 -27.86
C THR C 1475 99.45 35.61 -27.43
N GLU C 1476 99.51 35.90 -26.13
CA GLU C 1476 99.12 37.22 -25.65
C GLU C 1476 100.07 38.31 -26.15
N ILE C 1477 101.36 37.99 -26.29
CA ILE C 1477 102.32 38.98 -26.78
C ILE C 1477 102.00 39.37 -28.21
N VAL C 1478 101.53 38.42 -29.01
CA VAL C 1478 101.18 38.68 -30.40
C VAL C 1478 99.87 39.45 -30.55
N MET C 1479 99.12 39.61 -29.47
CA MET C 1479 97.87 40.36 -29.51
C MET C 1479 98.16 41.85 -29.54
N SER C 1480 97.13 42.67 -29.31
CA SER C 1480 97.29 44.11 -29.36
C SER C 1480 98.59 44.53 -28.69
N ILE C 1481 99.31 45.44 -29.36
CA ILE C 1481 100.58 45.91 -28.84
C ILE C 1481 100.38 46.56 -27.47
N VAL C 1482 101.45 46.55 -26.67
CA VAL C 1482 101.39 47.15 -25.35
C VAL C 1482 101.01 48.62 -25.47
N THR C 1483 100.08 49.05 -24.62
CA THR C 1483 99.60 50.43 -24.65
C THR C 1483 100.72 51.39 -24.25
N THR C 1484 100.62 52.62 -24.77
CA THR C 1484 101.61 53.67 -24.54
C THR C 1484 100.90 54.96 -24.13
N PHE C 1485 99.95 54.85 -23.21
CA PHE C 1485 99.19 55.98 -22.73
C PHE C 1485 99.81 56.52 -21.43
N PHE C 1486 99.10 57.44 -20.78
CA PHE C 1486 99.58 57.97 -19.51
C PHE C 1486 99.92 56.84 -18.55
N SER C 1487 98.99 55.90 -18.38
CA SER C 1487 99.28 54.65 -17.70
C SER C 1487 100.07 53.77 -18.68
N SER C 1488 100.32 52.52 -18.32
CA SER C 1488 101.08 51.69 -19.25
C SER C 1488 102.34 52.45 -19.64
N PRO C 1489 103.36 52.48 -18.76
CA PRO C 1489 104.47 53.43 -18.93
C PRO C 1489 105.17 53.46 -20.28
N PHE C 1490 104.91 52.53 -21.21
CA PHE C 1490 105.49 52.60 -22.55
C PHE C 1490 107.00 52.34 -22.52
N SER C 1491 107.39 51.26 -21.85
CA SER C 1491 108.79 50.84 -21.77
C SER C 1491 109.64 51.89 -21.05
N ASP C 1492 109.27 52.14 -19.80
CA ASP C 1492 110.02 53.01 -18.92
C ASP C 1492 111.16 52.22 -18.27
N GLN C 1493 111.78 52.79 -17.24
CA GLN C 1493 112.90 52.13 -16.60
C GLN C 1493 112.50 50.75 -16.06
N SER C 1494 111.33 50.66 -15.43
CA SER C 1494 110.86 49.40 -14.87
C SER C 1494 109.97 48.61 -15.83
N THR C 1495 109.75 49.13 -17.05
CA THR C 1495 108.90 48.45 -18.02
C THR C 1495 109.65 48.01 -19.28
N THR C 1496 110.87 48.48 -19.49
CA THR C 1496 111.66 48.12 -20.66
C THR C 1496 112.74 47.09 -20.35
N LEU C 1497 113.40 47.21 -19.20
CA LEU C 1497 114.46 46.26 -18.85
C LEU C 1497 113.91 44.84 -18.71
N GLN C 1498 112.75 44.70 -18.08
CA GLN C 1498 112.13 43.40 -17.86
C GLN C 1498 111.30 42.93 -19.05
N THR C 1499 111.18 43.75 -20.09
CA THR C 1499 110.41 43.39 -21.27
C THR C 1499 111.27 43.13 -22.50
N ARG C 1500 112.54 43.52 -22.50
CA ARG C 1500 113.43 43.30 -23.63
C ARG C 1500 114.56 42.34 -23.32
N GLN C 1501 115.34 42.60 -22.27
CA GLN C 1501 116.42 41.68 -21.91
C GLN C 1501 115.89 40.31 -21.53
N PRO C 1502 114.90 40.17 -20.65
CA PRO C 1502 114.37 38.84 -20.34
C PRO C 1502 113.79 38.11 -21.54
N VAL C 1503 113.19 38.85 -22.49
CA VAL C 1503 112.57 38.21 -23.64
C VAL C 1503 113.62 37.45 -24.45
N PHE C 1504 114.79 38.05 -24.65
CA PHE C 1504 115.85 37.37 -25.39
C PHE C 1504 116.30 36.09 -24.68
N VAL C 1505 116.30 36.10 -23.35
CA VAL C 1505 116.68 34.90 -22.61
C VAL C 1505 115.74 33.74 -22.94
N GLN C 1506 114.44 34.01 -22.96
CA GLN C 1506 113.48 32.99 -23.38
C GLN C 1506 113.70 32.58 -24.82
N LEU C 1507 113.99 33.55 -25.70
CA LEU C 1507 114.26 33.23 -27.09
C LEU C 1507 115.53 32.37 -27.21
N LEU C 1508 116.55 32.68 -26.42
CA LEU C 1508 117.77 31.88 -26.46
C LEU C 1508 117.50 30.44 -26.07
N GLN C 1509 116.70 30.23 -25.02
CA GLN C 1509 116.38 28.87 -24.60
C GLN C 1509 115.60 28.13 -25.70
N GLY C 1510 114.64 28.81 -26.32
CA GLY C 1510 113.90 28.18 -27.41
C GLY C 1510 114.79 27.83 -28.58
N VAL C 1511 115.72 28.71 -28.93
CA VAL C 1511 116.64 28.43 -30.03
C VAL C 1511 117.48 27.20 -29.71
N PHE C 1512 117.94 27.08 -28.47
CA PHE C 1512 118.74 25.92 -28.07
C PHE C 1512 117.91 24.65 -27.94
N ARG C 1513 116.59 24.78 -27.87
CA ARG C 1513 115.73 23.60 -27.74
C ARG C 1513 115.84 22.73 -28.99
N VAL C 1514 115.65 21.43 -28.80
CA VAL C 1514 115.73 20.45 -29.88
C VAL C 1514 114.36 20.16 -30.48
N TYR C 1515 113.37 21.01 -30.19
CA TYR C 1515 112.03 20.82 -30.74
C TYR C 1515 111.99 21.27 -32.20
N HIS C 1516 110.79 21.23 -32.78
CA HIS C 1516 110.62 21.65 -34.16
C HIS C 1516 110.86 23.16 -34.29
N CYS C 1517 111.28 23.57 -35.48
CA CYS C 1517 111.55 24.97 -35.76
C CYS C 1517 110.30 25.78 -36.04
N ASN C 1518 109.14 25.13 -36.14
CA ASN C 1518 107.90 25.87 -36.40
C ASN C 1518 107.58 26.82 -35.26
N TRP C 1519 107.77 26.39 -34.01
CA TRP C 1519 107.53 27.24 -32.86
C TRP C 1519 108.70 28.14 -32.50
N LEU C 1520 109.92 27.75 -32.87
CA LEU C 1520 111.08 28.60 -32.58
C LEU C 1520 110.98 29.93 -33.32
N MET C 1521 110.56 29.88 -34.58
CA MET C 1521 110.45 31.12 -35.36
C MET C 1521 109.52 32.12 -34.71
N PRO C 1522 108.32 31.75 -34.25
CA PRO C 1522 107.44 32.75 -33.64
C PRO C 1522 108.05 33.44 -32.42
N SER C 1523 108.86 32.74 -31.64
CA SER C 1523 109.43 33.34 -30.44
C SER C 1523 110.28 34.56 -30.79
N GLN C 1524 111.13 34.45 -31.82
CA GLN C 1524 111.95 35.58 -32.22
C GLN C 1524 111.07 36.75 -32.68
N LYS C 1525 110.04 36.46 -33.47
CA LYS C 1525 109.14 37.53 -33.89
C LYS C 1525 108.41 38.16 -32.71
N ALA C 1526 107.99 37.32 -31.76
CA ALA C 1526 107.30 37.86 -30.58
C ALA C 1526 108.17 38.87 -29.85
N SER C 1527 109.43 38.50 -29.57
CA SER C 1527 110.34 39.45 -28.94
C SER C 1527 110.62 40.62 -29.88
N VAL C 1528 110.81 40.36 -31.17
CA VAL C 1528 111.08 41.42 -32.13
C VAL C 1528 109.88 42.37 -32.21
N GLU C 1529 108.68 41.81 -32.27
CA GLU C 1529 107.48 42.66 -32.31
C GLU C 1529 107.37 43.50 -31.05
N SER C 1530 107.62 42.90 -29.89
CA SER C 1530 107.60 43.65 -28.64
C SER C 1530 108.67 44.74 -28.63
N CYS C 1531 109.86 44.42 -29.14
CA CYS C 1531 110.94 45.40 -29.14
C CYS C 1531 110.57 46.63 -29.98
N ILE C 1532 109.94 46.41 -31.14
CA ILE C 1532 109.53 47.53 -31.98
C ILE C 1532 108.24 48.18 -31.51
N ARG C 1533 107.54 47.57 -30.54
CA ARG C 1533 106.30 48.14 -30.03
C ARG C 1533 106.36 49.67 -30.03
N ARG C 1593 88.19 2.34 -57.52
CA ARG C 1593 87.53 3.35 -56.70
C ARG C 1593 86.32 3.93 -57.42
N ASN C 1594 86.31 3.81 -58.76
CA ASN C 1594 85.18 4.25 -59.56
C ASN C 1594 84.05 3.22 -59.61
N ILE C 1595 84.28 2.02 -59.10
CA ILE C 1595 83.23 1.01 -58.95
C ILE C 1595 82.15 1.51 -57.99
N ILE C 1596 82.58 2.06 -56.86
CA ILE C 1596 81.64 2.57 -55.86
C ILE C 1596 80.86 3.75 -56.43
N GLU C 1597 81.53 4.59 -57.22
CA GLU C 1597 80.88 5.76 -57.80
C GLU C 1597 79.90 5.39 -58.89
N ARG C 1598 80.02 4.19 -59.48
CA ARG C 1598 79.18 3.84 -60.62
C ARG C 1598 78.03 2.88 -60.29
N LEU C 1599 78.20 1.93 -59.36
CA LEU C 1599 77.08 1.02 -59.11
C LEU C 1599 75.91 1.68 -58.37
N GLN C 1600 76.10 2.87 -57.79
CA GLN C 1600 74.93 3.62 -57.34
C GLN C 1600 74.05 4.05 -58.52
N ASP C 1601 74.68 4.57 -59.57
CA ASP C 1601 73.93 4.87 -60.80
C ASP C 1601 73.39 3.60 -61.44
N ILE C 1602 74.12 2.48 -61.33
CA ILE C 1602 73.65 1.22 -61.90
C ILE C 1602 72.37 0.76 -61.18
N VAL C 1603 72.38 0.77 -59.85
CA VAL C 1603 71.19 0.31 -59.14
C VAL C 1603 70.05 1.30 -59.28
N SER C 1604 70.33 2.60 -59.49
CA SER C 1604 69.26 3.53 -59.83
C SER C 1604 68.65 3.23 -61.19
N ALA C 1605 69.50 2.96 -62.19
CA ALA C 1605 69.04 2.63 -63.54
C ALA C 1605 68.40 1.26 -63.63
N LEU C 1606 68.53 0.43 -62.60
CA LEU C 1606 67.69 -0.76 -62.48
C LEU C 1606 66.41 -0.52 -61.67
N GLU C 1607 66.46 0.23 -60.57
CA GLU C 1607 65.28 0.44 -59.74
C GLU C 1607 64.30 1.43 -60.35
N ASP C 1608 64.65 2.04 -61.48
CA ASP C 1608 63.64 2.75 -62.27
C ASP C 1608 62.52 1.83 -62.80
N ARG C 1609 62.74 0.52 -62.77
CA ARG C 1609 61.75 -0.49 -63.15
C ARG C 1609 60.90 -0.94 -61.96
N LEU C 1610 60.65 -0.06 -61.00
CA LEU C 1610 59.92 -0.40 -59.78
C LEU C 1610 58.43 -0.61 -60.02
N ARG C 1611 57.88 0.01 -61.05
CA ARG C 1611 56.48 -0.11 -61.46
C ARG C 1611 56.18 -1.37 -62.30
N PRO C 1612 57.03 -1.79 -63.27
CA PRO C 1612 56.70 -3.01 -64.01
C PRO C 1612 56.56 -4.25 -63.15
N LEU C 1613 57.32 -4.38 -62.06
CA LEU C 1613 57.11 -5.49 -61.15
C LEU C 1613 55.77 -5.39 -60.43
N VAL C 1614 55.33 -4.18 -60.11
CA VAL C 1614 54.05 -3.98 -59.43
C VAL C 1614 52.88 -4.38 -60.35
N GLN C 1615 52.93 -3.91 -61.60
CA GLN C 1615 51.89 -4.29 -62.55
C GLN C 1615 52.01 -5.74 -63.01
N ALA C 1616 53.20 -6.32 -62.95
CA ALA C 1616 53.37 -7.73 -63.28
C ALA C 1616 53.00 -8.64 -62.12
N GLU C 1617 52.86 -8.10 -60.91
CA GLU C 1617 52.37 -8.94 -59.84
C GLU C 1617 50.86 -8.81 -59.62
N LEU C 1618 50.34 -7.58 -59.49
CA LEU C 1618 48.98 -7.44 -58.95
C LEU C 1618 47.93 -7.90 -59.95
N SER C 1619 48.00 -7.40 -61.19
CA SER C 1619 47.02 -7.76 -62.20
C SER C 1619 47.15 -9.22 -62.60
N VAL C 1620 48.40 -9.70 -62.71
CA VAL C 1620 48.67 -11.07 -63.14
C VAL C 1620 48.29 -12.08 -62.07
N LEU C 1621 48.26 -11.70 -60.79
CA LEU C 1621 47.63 -12.58 -59.81
C LEU C 1621 46.11 -12.48 -59.82
N VAL C 1622 45.55 -11.27 -59.88
CA VAL C 1622 44.11 -11.16 -59.70
C VAL C 1622 43.31 -11.70 -60.88
N ASP C 1623 43.86 -11.66 -62.09
CA ASP C 1623 43.09 -12.19 -63.22
C ASP C 1623 43.06 -13.72 -63.21
N VAL C 1624 44.15 -14.35 -62.75
CA VAL C 1624 44.15 -15.81 -62.74
C VAL C 1624 43.43 -16.35 -61.50
N LEU C 1625 43.46 -15.64 -60.38
CA LEU C 1625 42.65 -16.09 -59.24
C LEU C 1625 41.17 -15.81 -59.44
N HIS C 1626 40.81 -14.86 -60.31
CA HIS C 1626 39.41 -14.69 -60.65
C HIS C 1626 38.90 -15.85 -61.52
N ARG C 1627 39.70 -16.29 -62.48
CA ARG C 1627 39.34 -17.41 -63.36
C ARG C 1627 40.46 -18.44 -63.34
N PRO C 1628 40.50 -19.31 -62.33
CA PRO C 1628 41.57 -20.31 -62.22
C PRO C 1628 41.41 -21.56 -63.06
N GLU C 1629 40.22 -21.87 -63.56
CA GLU C 1629 40.00 -23.12 -64.29
C GLU C 1629 39.57 -22.78 -65.72
N LEU C 1630 40.50 -23.03 -66.66
CA LEU C 1630 40.26 -23.06 -68.09
C LEU C 1630 41.51 -23.64 -68.74
N LEU C 1631 41.30 -24.35 -69.86
CA LEU C 1631 42.34 -24.98 -70.66
C LEU C 1631 43.13 -26.03 -69.86
N PHE C 1632 42.55 -26.56 -68.78
CA PHE C 1632 43.31 -27.46 -67.91
C PHE C 1632 43.50 -28.82 -68.61
N PRO C 1633 42.48 -29.75 -68.75
CA PRO C 1633 42.35 -30.43 -70.04
C PRO C 1633 41.16 -29.96 -70.85
N GLU C 1634 40.35 -29.06 -70.25
CA GLU C 1634 38.98 -28.77 -70.67
C GLU C 1634 38.14 -30.05 -70.72
N ASN C 1635 37.97 -30.66 -69.54
CA ASN C 1635 37.19 -31.89 -69.42
C ASN C 1635 36.09 -31.74 -68.38
N THR C 1636 35.45 -32.86 -68.02
CA THR C 1636 34.29 -32.85 -67.13
C THR C 1636 34.54 -33.59 -65.83
N ASP C 1637 35.35 -34.65 -65.84
CA ASP C 1637 35.51 -35.48 -64.65
C ASP C 1637 36.32 -34.77 -63.56
N ALA C 1638 37.56 -34.39 -63.89
CA ALA C 1638 38.52 -33.98 -62.88
C ALA C 1638 38.56 -32.48 -62.63
N ARG C 1639 37.75 -31.68 -63.31
CA ARG C 1639 37.82 -30.24 -63.16
C ARG C 1639 36.53 -29.60 -62.65
N ARG C 1640 35.36 -30.19 -62.97
CA ARG C 1640 34.11 -29.53 -62.64
C ARG C 1640 33.81 -29.54 -61.15
N LYS C 1641 34.41 -30.47 -60.40
CA LYS C 1641 34.24 -30.50 -58.95
C LYS C 1641 35.36 -29.78 -58.21
N CYS C 1642 36.54 -29.66 -58.83
CA CYS C 1642 37.65 -28.98 -58.17
C CYS C 1642 37.44 -27.47 -58.08
N GLU C 1643 36.75 -26.86 -59.04
CA GLU C 1643 36.35 -25.46 -58.92
C GLU C 1643 34.87 -25.33 -59.23
N SER C 1644 34.07 -25.14 -58.18
CA SER C 1644 32.72 -24.61 -58.24
C SER C 1644 32.64 -23.40 -57.34
N GLY C 1645 33.69 -22.58 -57.35
CA GLY C 1645 33.89 -21.61 -56.30
C GLY C 1645 34.66 -22.16 -55.12
N GLY C 1646 35.51 -23.16 -55.34
CA GLY C 1646 36.17 -23.86 -54.24
C GLY C 1646 37.67 -24.02 -54.36
N PHE C 1647 38.32 -23.13 -55.10
CA PHE C 1647 39.79 -23.09 -55.13
C PHE C 1647 40.34 -22.05 -54.17
N ILE C 1648 39.80 -20.83 -54.21
CA ILE C 1648 40.17 -19.82 -53.23
C ILE C 1648 39.68 -20.24 -51.84
N CYS C 1649 38.57 -20.98 -51.78
CA CYS C 1649 38.13 -21.59 -50.53
C CYS C 1649 39.17 -22.56 -50.00
N LYS C 1650 39.75 -23.37 -50.89
CA LYS C 1650 40.78 -24.32 -50.50
C LYS C 1650 42.01 -23.58 -49.99
N LEU C 1651 42.41 -22.52 -50.69
CA LEU C 1651 43.58 -21.73 -50.29
C LEU C 1651 43.36 -21.06 -48.94
N ILE C 1652 42.16 -20.51 -48.70
CA ILE C 1652 41.95 -19.79 -47.45
C ILE C 1652 41.73 -20.72 -46.28
N LYS C 1653 41.23 -21.94 -46.50
CA LYS C 1653 41.15 -22.85 -45.35
C LYS C 1653 42.53 -23.41 -45.04
N HIS C 1654 43.39 -23.56 -46.06
CA HIS C 1654 44.73 -24.03 -45.79
C HIS C 1654 45.60 -22.97 -45.13
N THR C 1655 45.51 -21.71 -45.56
CA THR C 1655 46.45 -20.69 -45.09
C THR C 1655 46.13 -20.18 -43.68
N LYS C 1656 45.00 -20.56 -43.09
CA LYS C 1656 44.74 -20.20 -41.71
C LYS C 1656 45.55 -21.04 -40.73
N GLN C 1657 46.10 -22.17 -41.18
CA GLN C 1657 46.80 -23.10 -40.33
C GLN C 1657 48.32 -22.95 -40.37
N LEU C 1658 48.84 -22.01 -41.16
CA LEU C 1658 50.27 -21.82 -41.27
C LEU C 1658 50.78 -20.61 -40.50
N LEU C 1659 49.94 -19.98 -39.68
CA LEU C 1659 50.43 -18.99 -38.74
C LEU C 1659 51.24 -19.63 -37.62
N GLU C 1660 50.86 -20.85 -37.22
CA GLU C 1660 51.50 -21.51 -36.08
C GLU C 1660 52.90 -21.99 -36.41
N GLU C 1661 53.18 -22.27 -37.69
CA GLU C 1661 54.51 -22.66 -38.12
C GLU C 1661 55.27 -21.42 -38.57
N ASN C 1662 56.46 -21.60 -39.12
CA ASN C 1662 57.33 -20.48 -39.48
C ASN C 1662 56.87 -19.87 -40.80
N GLU C 1663 57.69 -18.96 -41.33
CA GLU C 1663 57.47 -18.29 -42.62
C GLU C 1663 56.14 -17.55 -42.66
N GLU C 1664 56.03 -16.53 -41.81
CA GLU C 1664 54.88 -15.64 -41.81
C GLU C 1664 54.84 -14.72 -43.02
N LYS C 1665 55.92 -14.67 -43.80
CA LYS C 1665 55.92 -13.87 -45.03
C LYS C 1665 54.92 -14.39 -46.04
N LEU C 1666 54.77 -15.71 -46.13
CA LEU C 1666 53.81 -16.30 -47.06
C LEU C 1666 52.38 -15.90 -46.72
N CYS C 1667 52.06 -15.88 -45.41
CA CYS C 1667 50.71 -15.49 -44.99
C CYS C 1667 50.39 -14.05 -45.34
N ILE C 1668 51.34 -13.13 -45.11
CA ILE C 1668 51.05 -11.73 -45.39
C ILE C 1668 51.07 -11.46 -46.88
N LYS C 1669 51.85 -12.24 -47.66
CA LYS C 1669 51.76 -12.14 -49.11
C LYS C 1669 50.40 -12.62 -49.62
N VAL C 1670 49.87 -13.69 -49.03
CA VAL C 1670 48.52 -14.15 -49.36
C VAL C 1670 47.49 -13.08 -49.00
N LEU C 1671 47.65 -12.46 -47.83
CA LEU C 1671 46.72 -11.42 -47.39
C LEU C 1671 46.73 -10.22 -48.32
N GLN C 1672 47.91 -9.75 -48.72
CA GLN C 1672 47.95 -8.60 -49.61
C GLN C 1672 47.46 -8.95 -51.01
N THR C 1673 47.67 -10.19 -51.45
CA THR C 1673 47.09 -10.63 -52.72
C THR C 1673 45.56 -10.61 -52.67
N LEU C 1674 44.99 -11.12 -51.59
CA LEU C 1674 43.53 -11.12 -51.44
C LEU C 1674 42.98 -9.70 -51.31
N ARG C 1675 43.73 -8.80 -50.65
CA ARG C 1675 43.28 -7.42 -50.52
C ARG C 1675 43.36 -6.68 -51.85
N GLU C 1676 44.43 -6.91 -52.62
CA GLU C 1676 44.53 -6.29 -53.94
C GLU C 1676 43.49 -6.85 -54.90
N MET C 1677 43.09 -8.11 -54.73
CA MET C 1677 41.96 -8.63 -55.47
C MET C 1677 40.66 -8.03 -54.98
N MET C 1678 40.64 -7.62 -53.70
CA MET C 1678 39.39 -7.30 -53.04
C MET C 1678 38.84 -5.96 -53.47
N THR C 1679 39.72 -4.98 -53.73
CA THR C 1679 39.31 -3.63 -54.07
C THR C 1679 38.90 -3.55 -55.54
N LYS C 1680 38.57 -2.34 -55.98
CA LYS C 1680 38.17 -2.10 -57.36
C LYS C 1680 38.67 -0.70 -57.75
N ASP C 1681 38.15 -0.18 -58.86
CA ASP C 1681 38.60 1.05 -59.51
C ASP C 1681 40.07 0.98 -59.90
N ARG C 1682 40.52 -0.22 -60.30
CA ARG C 1682 41.86 -0.46 -60.77
C ARG C 1682 41.85 -1.72 -61.64
N GLY C 1683 42.81 -1.80 -62.56
CA GLY C 1683 42.97 -2.95 -63.41
C GLY C 1683 41.79 -3.26 -64.31
N TYR C 1684 41.48 -2.34 -65.23
CA TYR C 1684 40.37 -2.49 -66.15
C TYR C 1684 40.89 -2.73 -67.57
N GLY C 1685 40.35 -3.74 -68.23
CA GLY C 1685 40.75 -4.08 -69.57
C GLY C 1685 39.69 -3.73 -70.62
N LEU C 1719 54.98 13.74 -68.94
CA LEU C 1719 54.33 12.58 -69.55
C LEU C 1719 54.69 11.31 -68.78
N ARG C 1720 54.97 11.47 -67.48
CA ARG C 1720 55.38 10.36 -66.62
C ARG C 1720 54.21 9.70 -65.91
N GLN C 1721 52.98 9.87 -66.42
CA GLN C 1721 51.81 9.23 -65.85
C GLN C 1721 50.99 8.46 -66.87
N LEU C 1722 51.36 8.50 -68.15
CA LEU C 1722 50.57 7.87 -69.21
C LEU C 1722 51.32 6.78 -69.94
N GLU C 1723 52.63 6.92 -70.14
CA GLU C 1723 53.40 5.87 -70.79
C GLU C 1723 53.51 4.63 -69.89
N ASP C 1724 53.61 4.84 -68.58
CA ASP C 1724 53.69 3.73 -67.64
C ASP C 1724 52.42 2.89 -67.68
N HIS C 1725 51.26 3.54 -67.69
CA HIS C 1725 49.99 2.81 -67.73
C HIS C 1725 49.84 2.03 -69.02
N LYS C 1726 50.20 2.61 -70.16
CA LYS C 1726 50.00 1.91 -71.42
C LYS C 1726 50.98 0.76 -71.60
N ARG C 1727 52.25 0.92 -71.17
CA ARG C 1727 53.14 -0.23 -71.29
C ARG C 1727 52.85 -1.30 -70.24
N GLY C 1728 52.32 -0.90 -69.07
CA GLY C 1728 51.89 -1.88 -68.10
C GLY C 1728 50.71 -2.71 -68.58
N GLU C 1729 49.71 -2.05 -69.17
CA GLU C 1729 48.58 -2.80 -69.70
C GLU C 1729 48.98 -3.61 -70.94
N ALA C 1730 49.96 -3.13 -71.70
CA ALA C 1730 50.47 -3.92 -72.82
C ALA C 1730 51.16 -5.20 -72.34
N LEU C 1731 51.97 -5.08 -71.28
CA LEU C 1731 52.66 -6.25 -70.77
C LEU C 1731 51.68 -7.22 -70.10
N ARG C 1732 50.67 -6.69 -69.40
CA ARG C 1732 49.65 -7.55 -68.82
C ARG C 1732 48.80 -8.20 -69.90
N GLN C 1733 48.60 -7.50 -71.02
CA GLN C 1733 47.89 -8.10 -72.14
C GLN C 1733 48.69 -9.25 -72.74
N ILE C 1734 50.02 -9.07 -72.83
CA ILE C 1734 50.90 -10.14 -73.31
C ILE C 1734 50.80 -11.35 -72.40
N LEU C 1735 50.87 -11.12 -71.09
CA LEU C 1735 50.82 -12.23 -70.14
C LEU C 1735 49.45 -12.92 -70.13
N VAL C 1736 48.36 -12.16 -70.26
CA VAL C 1736 47.05 -12.81 -70.22
C VAL C 1736 46.75 -13.52 -71.54
N ASN C 1737 47.28 -13.06 -72.68
CA ASN C 1737 47.05 -13.83 -73.89
C ASN C 1737 47.97 -15.04 -73.98
N ARG C 1738 49.12 -15.02 -73.29
CA ARG C 1738 49.90 -16.25 -73.19
C ARG C 1738 49.29 -17.23 -72.20
N TYR C 1739 48.61 -16.73 -71.16
CA TYR C 1739 48.08 -17.61 -70.14
C TYR C 1739 46.66 -18.09 -70.42
N TYR C 1740 46.02 -17.59 -71.48
CA TYR C 1740 44.63 -17.94 -71.75
C TYR C 1740 44.49 -18.65 -73.09
N SER C 1781 31.48 -16.19 -72.50
CA SER C 1781 30.39 -15.93 -71.57
C SER C 1781 30.92 -15.66 -70.17
N ARG C 1782 31.84 -14.71 -70.05
CA ARG C 1782 32.40 -14.36 -68.75
C ARG C 1782 31.38 -13.57 -67.93
N GLY C 1783 31.18 -13.99 -66.69
CA GLY C 1783 30.29 -13.27 -65.80
C GLY C 1783 30.98 -12.12 -65.10
N GLU C 1784 30.56 -10.89 -65.40
CA GLU C 1784 31.17 -9.73 -64.78
C GLU C 1784 30.75 -9.63 -63.32
N MET C 1785 31.72 -9.39 -62.45
CA MET C 1785 31.50 -9.33 -61.01
C MET C 1785 31.60 -7.87 -60.56
N SER C 1786 30.59 -7.42 -59.81
CA SER C 1786 30.62 -6.12 -59.17
C SER C 1786 31.19 -6.26 -57.77
N LEU C 1787 31.47 -5.11 -57.15
CA LEU C 1787 32.03 -5.13 -55.80
C LEU C 1787 31.02 -5.66 -54.78
N ALA C 1788 29.73 -5.34 -54.95
CA ALA C 1788 28.72 -5.73 -53.99
C ALA C 1788 28.49 -7.23 -53.94
N GLU C 1789 28.90 -7.98 -54.96
CA GLU C 1789 28.72 -9.43 -54.97
C GLU C 1789 30.01 -10.21 -54.80
N VAL C 1790 31.17 -9.63 -55.10
CA VAL C 1790 32.42 -10.33 -54.84
C VAL C 1790 32.67 -10.47 -53.34
N GLN C 1791 32.18 -9.51 -52.53
CA GLN C 1791 32.28 -9.64 -51.08
C GLN C 1791 31.45 -10.81 -50.58
N CYS C 1792 30.23 -10.96 -51.10
CA CYS C 1792 29.39 -12.09 -50.70
C CYS C 1792 29.98 -13.42 -51.17
N HIS C 1793 30.52 -13.44 -52.40
CA HIS C 1793 31.16 -14.64 -52.91
C HIS C 1793 32.36 -15.04 -52.08
N LEU C 1794 33.17 -14.07 -51.65
CA LEU C 1794 34.35 -14.39 -50.88
C LEU C 1794 34.01 -14.71 -49.43
N ASP C 1795 32.90 -14.19 -48.91
CA ASP C 1795 32.50 -14.57 -47.56
C ASP C 1795 31.91 -15.98 -47.54
N LYS C 1796 31.16 -16.35 -48.60
CA LYS C 1796 30.46 -17.63 -48.61
C LYS C 1796 31.44 -18.81 -48.56
N GLU C 1797 32.64 -18.61 -49.08
CA GLU C 1797 33.69 -19.61 -48.95
C GLU C 1797 34.48 -19.48 -47.65
N GLY C 1798 34.29 -18.41 -46.90
CA GLY C 1798 34.82 -18.34 -45.55
C GLY C 1798 35.96 -17.37 -45.29
N ALA C 1799 35.99 -16.23 -45.97
CA ALA C 1799 37.04 -15.25 -45.73
C ALA C 1799 36.84 -14.48 -44.44
N SER C 1800 35.61 -14.39 -43.93
CA SER C 1800 35.37 -13.78 -42.64
C SER C 1800 36.01 -14.61 -41.52
N ASN C 1801 35.91 -15.93 -41.63
CA ASN C 1801 36.52 -16.82 -40.65
C ASN C 1801 38.02 -16.68 -40.63
N LEU C 1802 38.63 -16.43 -41.79
CA LEU C 1802 40.09 -16.29 -41.88
C LEU C 1802 40.58 -15.13 -41.03
N VAL C 1803 40.02 -13.93 -41.22
CA VAL C 1803 40.48 -12.79 -40.45
C VAL C 1803 40.06 -12.91 -38.98
N ILE C 1804 38.85 -13.43 -38.73
CA ILE C 1804 38.36 -13.50 -37.35
C ILE C 1804 39.11 -14.54 -36.53
N ASP C 1805 39.80 -15.49 -37.18
CA ASP C 1805 40.69 -16.40 -36.47
C ASP C 1805 42.15 -15.97 -36.55
N LEU C 1806 42.50 -15.16 -37.56
CA LEU C 1806 43.87 -14.71 -37.72
C LEU C 1806 44.24 -13.63 -36.72
N ILE C 1807 43.29 -12.76 -36.35
CA ILE C 1807 43.59 -11.80 -35.30
C ILE C 1807 43.15 -12.26 -33.92
N MET C 1808 42.39 -13.36 -33.83
CA MET C 1808 42.12 -13.95 -32.53
C MET C 1808 43.36 -14.62 -31.96
N ASN C 1809 44.13 -15.28 -32.83
CA ASN C 1809 45.36 -15.96 -32.41
C ASN C 1809 46.55 -15.36 -33.13
N ALA C 1810 46.64 -14.03 -33.16
CA ALA C 1810 47.69 -13.36 -33.90
C ALA C 1810 49.02 -13.45 -33.16
N SER C 1811 50.06 -13.87 -33.87
CA SER C 1811 51.40 -13.99 -33.32
C SER C 1811 52.28 -12.79 -33.64
N SER C 1812 52.35 -12.40 -34.91
CA SER C 1812 53.18 -11.30 -35.33
C SER C 1812 52.42 -9.98 -35.22
N ASP C 1813 53.10 -8.89 -35.60
CA ASP C 1813 52.50 -7.57 -35.61
C ASP C 1813 52.11 -7.10 -37.00
N ARG C 1814 52.81 -7.55 -38.03
CA ARG C 1814 52.46 -7.25 -39.40
C ARG C 1814 51.24 -8.03 -39.88
N VAL C 1815 51.00 -9.21 -39.31
CA VAL C 1815 49.83 -10.00 -39.65
C VAL C 1815 48.53 -9.29 -39.27
N PHE C 1816 48.53 -8.65 -38.09
CA PHE C 1816 47.34 -7.96 -37.60
C PHE C 1816 46.94 -6.80 -38.51
N HIS C 1817 47.94 -6.02 -38.96
CA HIS C 1817 47.67 -4.84 -39.78
C HIS C 1817 47.11 -5.23 -41.15
N GLU C 1818 47.73 -6.21 -41.80
CA GLU C 1818 47.22 -6.69 -43.07
C GLU C 1818 45.86 -7.37 -42.93
N SER C 1819 45.62 -8.05 -41.80
CA SER C 1819 44.34 -8.71 -41.60
C SER C 1819 43.22 -7.70 -41.41
N ILE C 1820 43.44 -6.63 -40.63
CA ILE C 1820 42.38 -5.65 -40.47
C ILE C 1820 42.21 -4.82 -41.75
N LEU C 1821 43.28 -4.62 -42.52
CA LEU C 1821 43.11 -3.97 -43.82
C LEU C 1821 42.28 -4.83 -44.76
N LEU C 1822 42.49 -6.15 -44.75
CA LEU C 1822 41.67 -7.05 -45.55
C LEU C 1822 40.22 -7.05 -45.08
N ALA C 1823 40.00 -6.97 -43.76
CA ALA C 1823 38.63 -6.91 -43.25
C ALA C 1823 37.93 -5.63 -43.67
N ILE C 1824 38.66 -4.50 -43.66
CA ILE C 1824 38.10 -3.22 -44.10
C ILE C 1824 37.74 -3.28 -45.57
N ALA C 1825 38.64 -3.81 -46.40
CA ALA C 1825 38.34 -3.97 -47.82
C ALA C 1825 37.21 -4.96 -48.06
N LEU C 1826 37.03 -5.92 -47.16
CA LEU C 1826 35.96 -6.89 -47.29
C LEU C 1826 34.60 -6.28 -46.99
N LEU C 1827 34.49 -5.50 -45.91
CA LEU C 1827 33.21 -4.93 -45.52
C LEU C 1827 32.76 -3.85 -46.51
N GLU C 1828 33.53 -2.76 -46.58
CA GLU C 1828 33.40 -1.70 -47.59
C GLU C 1828 31.97 -1.17 -47.68
N GLY C 1829 31.54 -0.55 -46.58
CA GLY C 1829 30.24 0.08 -46.55
C GLY C 1829 29.15 -0.77 -45.93
N GLY C 1830 27.96 -0.69 -46.49
CA GLY C 1830 26.82 -1.38 -45.92
C GLY C 1830 26.54 -2.75 -46.50
N ASN C 1831 27.52 -3.66 -46.43
CA ASN C 1831 27.29 -5.05 -46.81
C ASN C 1831 26.84 -5.81 -45.57
N THR C 1832 25.52 -5.78 -45.33
CA THR C 1832 24.95 -6.47 -44.18
C THR C 1832 24.93 -7.98 -44.35
N THR C 1833 25.13 -8.49 -45.57
CA THR C 1833 25.20 -9.93 -45.76
C THR C 1833 26.44 -10.54 -45.16
N ILE C 1834 27.50 -9.76 -44.96
CA ILE C 1834 28.73 -10.26 -44.38
C ILE C 1834 28.97 -9.75 -42.97
N GLN C 1835 28.31 -8.68 -42.54
CA GLN C 1835 28.27 -8.36 -41.12
C GLN C 1835 27.49 -9.39 -40.33
N HIS C 1836 26.55 -10.06 -41.00
CA HIS C 1836 25.84 -11.17 -40.38
C HIS C 1836 26.78 -12.32 -40.05
N SER C 1837 27.79 -12.55 -40.90
CA SER C 1837 28.79 -13.57 -40.59
C SER C 1837 29.59 -13.19 -39.35
N PHE C 1838 30.01 -11.92 -39.25
CA PHE C 1838 30.78 -11.47 -38.10
C PHE C 1838 29.97 -11.56 -36.82
N PHE C 1839 28.67 -11.24 -36.89
CA PHE C 1839 27.84 -11.38 -35.70
C PHE C 1839 27.54 -12.83 -35.36
N CYS C 1840 27.31 -13.68 -36.37
CA CYS C 1840 26.92 -15.06 -36.14
C CYS C 1840 28.10 -15.97 -35.88
N ARG C 1841 29.33 -15.44 -35.91
CA ARG C 1841 30.45 -16.16 -35.33
C ARG C 1841 30.81 -15.70 -33.92
N LEU C 1842 30.81 -14.38 -33.69
CA LEU C 1842 31.34 -13.83 -32.44
C LEU C 1842 30.48 -14.14 -31.23
N THR C 1843 29.21 -14.52 -31.41
CA THR C 1843 28.37 -14.88 -30.28
C THR C 1843 28.37 -16.38 -30.00
N GLU C 1844 29.42 -17.09 -30.41
CA GLU C 1844 29.56 -18.51 -30.14
C GLU C 1844 31.00 -18.77 -29.75
N ASP C 1845 31.39 -20.06 -29.78
CA ASP C 1845 32.74 -20.64 -29.61
C ASP C 1845 33.42 -20.32 -28.28
N LYS C 1846 32.73 -19.59 -27.40
CA LYS C 1846 33.09 -19.36 -26.00
C LYS C 1846 34.47 -18.75 -25.80
N LYS C 1847 35.09 -18.22 -26.85
CA LYS C 1847 36.42 -17.62 -26.70
C LYS C 1847 36.56 -16.34 -27.51
N SER C 1848 35.46 -15.70 -27.88
CA SER C 1848 35.50 -14.39 -28.52
C SER C 1848 35.91 -13.29 -27.55
N GLU C 1849 35.97 -13.57 -26.25
CA GLU C 1849 36.54 -12.61 -25.32
C GLU C 1849 38.02 -12.37 -25.63
N LYS C 1850 38.70 -13.38 -26.17
CA LYS C 1850 40.05 -13.17 -26.68
C LYS C 1850 40.05 -12.22 -27.88
N PHE C 1851 39.05 -12.36 -28.76
CA PHE C 1851 38.93 -11.48 -29.92
C PHE C 1851 38.74 -10.04 -29.49
N PHE C 1852 37.88 -9.80 -28.49
CA PHE C 1852 37.70 -8.44 -28.02
C PHE C 1852 38.90 -7.96 -27.20
N LYS C 1853 39.60 -8.89 -26.54
CA LYS C 1853 40.77 -8.52 -25.75
C LYS C 1853 41.91 -8.05 -26.63
N VAL C 1854 42.05 -8.63 -27.82
CA VAL C 1854 43.11 -8.21 -28.74
C VAL C 1854 42.91 -6.76 -29.17
N PHE C 1855 41.67 -6.34 -29.41
CA PHE C 1855 41.42 -4.93 -29.69
C PHE C 1855 41.58 -4.08 -28.44
N TYR C 1856 41.09 -4.58 -27.30
CA TYR C 1856 41.03 -3.79 -26.07
C TYR C 1856 42.42 -3.45 -25.55
N ASP C 1857 43.32 -4.43 -25.47
CA ASP C 1857 44.64 -4.15 -24.92
C ASP C 1857 45.51 -3.37 -25.89
N ARG C 1858 45.38 -3.65 -27.19
CA ARG C 1858 46.19 -2.95 -28.18
C ARG C 1858 45.77 -1.49 -28.31
N MET C 1859 44.50 -1.20 -28.10
CA MET C 1859 44.03 0.17 -28.18
C MET C 1859 44.02 0.85 -26.82
N LYS C 1860 44.22 0.09 -25.73
CA LYS C 1860 44.52 0.67 -24.42
C LYS C 1860 45.97 1.13 -24.32
N VAL C 1861 46.92 0.36 -24.85
CA VAL C 1861 48.32 0.76 -24.80
C VAL C 1861 48.66 1.87 -25.77
N ALA C 1862 47.82 2.09 -26.78
CA ALA C 1862 48.08 3.18 -27.72
C ALA C 1862 47.80 4.53 -27.09
N GLN C 1863 46.83 4.60 -26.17
CA GLN C 1863 46.56 5.84 -25.47
C GLN C 1863 47.55 6.10 -24.34
N GLN C 1864 48.31 5.09 -23.91
CA GLN C 1864 49.41 5.33 -22.98
C GLN C 1864 50.61 5.93 -23.68
N GLU C 1865 50.84 5.55 -24.95
CA GLU C 1865 51.99 6.07 -25.67
C GLU C 1865 51.83 7.53 -26.03
N ILE C 1866 50.59 8.00 -26.18
CA ILE C 1866 50.37 9.41 -26.48
C ILE C 1866 50.43 10.27 -25.22
N LYS C 1867 50.15 9.69 -24.05
CA LYS C 1867 50.24 10.43 -22.80
C LYS C 1867 51.68 10.56 -22.30
N ALA C 1868 52.62 9.83 -22.88
CA ALA C 1868 54.00 9.83 -22.43
C ALA C 1868 54.95 10.46 -23.45
N THR C 1869 54.97 9.93 -24.68
CA THR C 1869 56.01 10.34 -25.63
C THR C 1869 55.64 11.65 -26.32
N VAL C 1870 54.58 11.64 -27.13
CA VAL C 1870 54.18 12.84 -27.89
C VAL C 1870 53.17 13.56 -27.02
N THR C 1871 53.68 14.33 -26.06
CA THR C 1871 52.87 15.24 -25.24
C THR C 1871 53.70 16.51 -25.08
N VAL C 1872 53.56 17.41 -26.05
CA VAL C 1872 54.33 18.65 -26.10
C VAL C 1872 53.39 19.81 -26.38
N ASN C 1873 53.87 21.01 -26.07
CA ASN C 1873 53.23 22.24 -26.52
C ASN C 1873 54.32 23.29 -26.73
N THR C 1874 54.14 24.13 -27.73
CA THR C 1874 55.08 25.19 -28.03
C THR C 1874 54.51 26.52 -27.52
N SER C 1875 55.07 27.02 -26.43
CA SER C 1875 54.65 28.29 -25.85
C SER C 1875 55.40 29.46 -26.50
N ASP C 1876 55.36 29.52 -27.84
CA ASP C 1876 56.06 30.53 -28.61
C ASP C 1876 55.12 31.02 -29.71
N LEU C 1877 55.66 31.77 -30.65
CA LEU C 1877 54.89 32.25 -31.79
C LEU C 1877 55.63 31.97 -33.09
N ASP C 1950 61.31 14.28 -42.93
CA ASP C 1950 61.40 15.65 -42.46
C ASP C 1950 60.24 15.99 -41.53
N ASP C 1951 59.63 14.96 -40.95
CA ASP C 1951 58.48 15.14 -40.08
C ASP C 1951 58.61 14.21 -38.86
N LEU C 1952 57.99 14.63 -37.76
CA LEU C 1952 57.87 13.78 -36.58
C LEU C 1952 56.74 12.81 -36.81
N GLU C 1953 57.05 11.69 -37.46
CA GLU C 1953 56.04 10.71 -37.82
C GLU C 1953 55.57 9.96 -36.58
N MET C 1954 54.28 9.62 -36.56
CA MET C 1954 53.66 9.01 -35.39
C MET C 1954 54.16 7.59 -35.17
N SER C 1955 54.00 7.11 -33.93
CA SER C 1955 54.43 5.76 -33.60
C SER C 1955 53.53 4.73 -34.29
N ALA C 1956 54.06 3.52 -34.40
CA ALA C 1956 53.34 2.44 -35.08
C ALA C 1956 52.16 1.92 -34.27
N VAL C 1957 52.00 2.33 -33.01
CA VAL C 1957 50.85 1.92 -32.22
C VAL C 1957 49.72 2.93 -32.27
N ILE C 1958 49.98 4.16 -32.70
CA ILE C 1958 48.94 5.17 -32.89
C ILE C 1958 48.44 5.17 -34.33
N THR C 1959 49.34 5.11 -35.30
CA THR C 1959 48.96 5.04 -36.70
C THR C 1959 48.22 3.74 -37.02
N ILE C 1960 48.41 2.69 -36.23
CA ILE C 1960 47.64 1.46 -36.38
C ILE C 1960 46.17 1.63 -36.02
N MET C 1961 45.79 2.71 -35.34
CA MET C 1961 44.42 2.88 -34.92
C MET C 1961 43.51 3.50 -35.98
N GLN C 1962 44.07 4.06 -37.05
CA GLN C 1962 43.23 4.48 -38.17
C GLN C 1962 42.46 3.30 -38.77
N PRO C 1963 43.09 2.16 -39.13
CA PRO C 1963 42.27 1.01 -39.54
C PRO C 1963 41.47 0.37 -38.41
N ILE C 1964 41.90 0.50 -37.15
CA ILE C 1964 41.13 -0.05 -36.04
C ILE C 1964 39.79 0.66 -35.93
N LEU C 1965 39.84 2.00 -35.95
CA LEU C 1965 38.62 2.78 -35.86
C LEU C 1965 37.79 2.66 -37.13
N ARG C 1966 38.43 2.54 -38.30
CA ARG C 1966 37.65 2.31 -39.52
C ARG C 1966 36.93 0.97 -39.50
N PHE C 1967 37.60 -0.08 -39.00
CA PHE C 1967 36.98 -1.39 -38.90
C PHE C 1967 35.86 -1.42 -37.87
N LEU C 1968 36.02 -0.69 -36.76
CA LEU C 1968 34.92 -0.61 -35.80
C LEU C 1968 33.76 0.22 -36.33
N GLN C 1969 34.04 1.25 -37.14
CA GLN C 1969 32.99 2.03 -37.76
C GLN C 1969 32.21 1.22 -38.78
N LEU C 1970 32.91 0.46 -39.62
CA LEU C 1970 32.26 -0.33 -40.65
C LEU C 1970 31.49 -1.51 -40.10
N LEU C 1971 31.74 -1.89 -38.85
CA LEU C 1971 31.07 -3.06 -38.29
C LEU C 1971 29.61 -2.76 -37.96
N CYS C 1972 29.27 -1.49 -37.76
CA CYS C 1972 27.89 -1.08 -37.50
C CYS C 1972 27.50 0.01 -38.49
N GLU C 1973 27.72 -0.25 -39.77
CA GLU C 1973 27.73 0.80 -40.78
C GLU C 1973 26.34 1.37 -41.05
N ASN C 1974 25.42 0.53 -41.53
CA ASN C 1974 24.10 1.05 -41.88
C ASN C 1974 23.36 1.52 -40.64
N HIS C 1975 22.83 0.57 -39.86
CA HIS C 1975 22.60 0.82 -38.43
C HIS C 1975 22.95 -0.36 -37.54
N ASN C 1976 22.72 -1.60 -37.98
CA ASN C 1976 23.24 -2.83 -37.38
C ASN C 1976 22.92 -2.91 -35.88
N ARG C 1977 21.63 -3.07 -35.60
CA ARG C 1977 21.11 -3.01 -34.24
C ARG C 1977 21.77 -4.04 -33.33
N ASP C 1978 22.04 -5.23 -33.84
CA ASP C 1978 22.63 -6.28 -33.01
C ASP C 1978 24.12 -6.04 -32.75
N LEU C 1979 24.82 -5.44 -33.71
CA LEU C 1979 26.25 -5.20 -33.57
C LEU C 1979 26.57 -3.87 -32.90
N GLN C 1980 25.57 -3.04 -32.63
CA GLN C 1980 25.78 -1.80 -31.90
C GLN C 1980 25.76 -2.02 -30.39
N ASN C 1981 25.09 -3.07 -29.93
CA ASN C 1981 25.08 -3.43 -28.52
C ASN C 1981 26.14 -4.46 -28.18
N PHE C 1982 26.58 -5.25 -29.16
CA PHE C 1982 27.61 -6.25 -28.94
C PHE C 1982 29.00 -5.65 -28.79
N LEU C 1983 29.19 -4.39 -29.20
CA LEU C 1983 30.44 -3.69 -28.97
C LEU C 1983 30.50 -3.06 -27.58
N ARG C 1984 29.42 -3.13 -26.82
CA ARG C 1984 29.33 -2.56 -25.48
C ARG C 1984 29.23 -3.60 -24.38
N CYS C 1985 28.49 -4.67 -24.61
CA CYS C 1985 28.41 -5.79 -23.68
C CYS C 1985 28.32 -7.08 -24.47
N GLN C 1986 29.24 -8.01 -24.21
CA GLN C 1986 29.32 -9.27 -24.94
C GLN C 1986 28.68 -10.43 -24.20
N ASN C 1987 28.18 -10.20 -22.98
CA ASN C 1987 27.53 -11.21 -22.15
C ASN C 1987 28.44 -12.42 -21.90
N ASN C 1988 29.73 -12.15 -21.68
CA ASN C 1988 30.72 -13.18 -21.42
C ASN C 1988 31.11 -13.17 -19.95
N LYS C 1989 32.11 -13.99 -19.61
CA LYS C 1989 32.66 -13.95 -18.26
C LYS C 1989 33.34 -12.61 -17.98
N THR C 1990 34.07 -12.09 -18.96
CA THR C 1990 34.62 -10.73 -18.92
C THR C 1990 34.10 -9.95 -20.12
N ASN C 1991 33.88 -8.65 -19.92
CA ASN C 1991 33.28 -7.80 -20.94
C ASN C 1991 34.12 -6.55 -21.10
N TYR C 1992 34.40 -6.18 -22.35
CA TYR C 1992 35.14 -4.96 -22.68
C TYR C 1992 34.21 -4.00 -23.40
N ASN C 1993 34.01 -2.82 -22.82
CA ASN C 1993 33.17 -1.78 -23.43
C ASN C 1993 34.07 -0.96 -24.35
N LEU C 1994 33.97 -1.22 -25.65
CA LEU C 1994 34.83 -0.52 -26.60
C LEU C 1994 34.39 0.91 -26.82
N VAL C 1995 33.11 1.23 -26.63
CA VAL C 1995 32.63 2.59 -26.83
C VAL C 1995 33.22 3.53 -25.80
N CYS C 1996 33.24 3.11 -24.53
CA CYS C 1996 33.71 3.96 -23.43
C CYS C 1996 35.18 4.30 -23.58
N GLU C 1997 36.01 3.31 -23.83
CA GLU C 1997 37.44 3.56 -23.99
C GLU C 1997 37.83 4.06 -25.38
N THR C 1998 36.94 3.94 -26.37
CA THR C 1998 37.12 4.74 -27.58
C THR C 1998 36.92 6.23 -27.29
N LEU C 1999 35.92 6.56 -26.49
CA LEU C 1999 35.76 7.95 -26.05
C LEU C 1999 36.92 8.38 -25.18
N GLN C 2000 37.49 7.46 -24.39
CA GLN C 2000 38.68 7.79 -23.60
C GLN C 2000 39.86 8.12 -24.49
N PHE C 2001 40.05 7.36 -25.58
CA PHE C 2001 41.09 7.70 -26.55
C PHE C 2001 40.85 9.05 -27.20
N LEU C 2002 39.59 9.32 -27.58
CA LEU C 2002 39.26 10.61 -28.18
C LEU C 2002 39.52 11.75 -27.21
N ASP C 2003 39.29 11.51 -25.93
CA ASP C 2003 39.52 12.53 -24.91
C ASP C 2003 41.02 12.77 -24.75
N CYS C 2004 41.82 11.71 -24.72
CA CYS C 2004 43.24 11.86 -24.39
C CYS C 2004 44.09 12.29 -25.57
N ILE C 2005 43.66 12.04 -26.81
CA ILE C 2005 44.51 12.39 -27.95
C ILE C 2005 44.64 13.89 -28.12
N CYS C 2006 43.64 14.67 -27.75
CA CYS C 2006 43.59 16.09 -28.05
C CYS C 2006 43.35 16.92 -26.80
N GLY C 2007 44.18 16.70 -25.78
CA GLY C 2007 44.16 17.55 -24.60
C GLY C 2007 43.07 17.22 -23.59
N SER C 2008 43.17 16.04 -22.99
CA SER C 2008 42.22 15.62 -21.97
C SER C 2008 42.24 16.57 -20.78
N THR C 2009 41.04 16.97 -20.33
CA THR C 2009 40.77 17.80 -19.15
C THR C 2009 41.29 19.24 -19.33
N THR C 2010 42.03 19.52 -20.39
CA THR C 2010 42.59 20.84 -20.65
C THR C 2010 41.87 21.55 -21.79
N GLY C 2011 41.51 20.82 -22.84
CA GLY C 2011 40.82 21.43 -23.96
C GLY C 2011 39.38 21.79 -23.66
N GLY C 2012 38.76 21.15 -22.67
CA GLY C 2012 37.36 21.41 -22.36
C GLY C 2012 37.10 22.72 -21.65
N LEU C 2013 38.15 23.40 -21.21
CA LEU C 2013 38.01 24.65 -20.47
C LEU C 2013 38.58 25.85 -21.22
N GLY C 2014 39.02 25.68 -22.45
CA GLY C 2014 39.81 26.70 -23.09
C GLY C 2014 40.63 26.17 -24.25
N LEU C 2015 41.95 26.39 -24.19
CA LEU C 2015 42.83 26.10 -25.31
C LEU C 2015 42.84 24.60 -25.63
N LEU C 2016 42.69 24.29 -26.92
CA LEU C 2016 42.93 22.94 -27.39
C LEU C 2016 43.62 22.93 -28.74
N GLY C 2017 43.92 24.08 -29.34
CA GLY C 2017 44.59 24.12 -30.61
C GLY C 2017 46.07 23.79 -30.54
N LEU C 2018 46.65 23.77 -29.33
CA LEU C 2018 48.02 23.32 -29.18
C LEU C 2018 48.15 21.82 -29.44
N TYR C 2019 47.12 21.05 -29.11
CA TYR C 2019 47.13 19.61 -29.34
C TYR C 2019 46.72 19.24 -30.76
N ILE C 2020 46.25 20.20 -31.56
CA ILE C 2020 45.76 19.94 -32.91
C ILE C 2020 46.77 20.50 -33.91
N ASN C 2021 47.15 19.68 -34.88
CA ASN C 2021 48.01 20.13 -35.96
C ASN C 2021 47.64 19.33 -37.22
N GLU C 2022 48.36 19.59 -38.31
CA GLU C 2022 47.99 19.05 -39.61
C GLU C 2022 48.19 17.55 -39.73
N LYS C 2023 48.95 16.93 -38.82
CA LYS C 2023 49.18 15.50 -38.85
C LYS C 2023 48.31 14.73 -37.86
N ASN C 2024 47.42 15.42 -37.15
CA ASN C 2024 46.58 14.79 -36.14
C ASN C 2024 45.10 14.78 -36.48
N VAL C 2025 44.66 15.63 -37.40
CA VAL C 2025 43.23 15.77 -37.67
C VAL C 2025 42.67 14.53 -38.36
N ALA C 2026 43.50 13.79 -39.09
CA ALA C 2026 43.01 12.63 -39.84
C ALA C 2026 42.58 11.49 -38.93
N LEU C 2027 43.03 11.48 -37.68
CA LEU C 2027 42.59 10.49 -36.71
C LEU C 2027 41.45 10.98 -35.84
N ILE C 2028 41.42 12.29 -35.55
CA ILE C 2028 40.31 12.86 -34.80
C ILE C 2028 39.03 12.82 -35.61
N ASN C 2029 39.13 13.06 -36.93
CA ASN C 2029 37.97 12.91 -37.81
C ASN C 2029 37.45 11.48 -37.79
N GLN C 2030 38.37 10.50 -37.83
CA GLN C 2030 37.96 9.10 -37.86
C GLN C 2030 37.30 8.69 -36.55
N THR C 2031 37.83 9.14 -35.41
CA THR C 2031 37.19 8.75 -34.16
C THR C 2031 35.87 9.49 -33.94
N LEU C 2032 35.75 10.72 -34.45
CA LEU C 2032 34.46 11.41 -34.40
C LEU C 2032 33.41 10.69 -35.23
N GLU C 2033 33.79 10.25 -36.43
CA GLU C 2033 32.86 9.48 -37.26
C GLU C 2033 32.52 8.13 -36.62
N SER C 2034 33.50 7.50 -35.98
CA SER C 2034 33.25 6.22 -35.32
C SER C 2034 32.29 6.34 -34.15
N LEU C 2035 32.42 7.39 -33.34
CA LEU C 2035 31.42 7.60 -32.29
C LEU C 2035 30.09 8.07 -32.84
N THR C 2036 30.09 8.73 -34.01
CA THR C 2036 28.81 9.05 -34.66
C THR C 2036 28.08 7.79 -35.09
N GLU C 2037 28.82 6.78 -35.55
CA GLU C 2037 28.19 5.53 -35.98
C GLU C 2037 27.66 4.70 -34.82
N TYR C 2038 28.18 4.90 -33.60
CA TYR C 2038 27.74 4.09 -32.48
C TYR C 2038 26.35 4.47 -31.99
N CYS C 2039 25.93 5.71 -32.21
CA CYS C 2039 24.69 6.23 -31.64
C CYS C 2039 23.54 6.27 -32.62
N GLN C 2040 23.80 6.52 -33.91
CA GLN C 2040 22.74 6.56 -34.91
C GLN C 2040 22.12 5.17 -35.05
N GLY C 2041 20.84 5.15 -35.43
CA GLY C 2041 20.04 3.97 -35.22
C GLY C 2041 19.80 3.87 -33.74
N PRO C 2042 18.93 4.74 -33.22
CA PRO C 2042 19.10 5.28 -31.86
C PRO C 2042 18.98 4.26 -30.74
N CYS C 2043 20.05 3.50 -30.53
CA CYS C 2043 20.17 2.69 -29.32
C CYS C 2043 20.39 3.62 -28.13
N HIS C 2044 19.53 3.49 -27.12
CA HIS C 2044 19.59 4.39 -25.99
C HIS C 2044 20.70 4.04 -25.00
N GLU C 2045 21.38 2.91 -25.20
CA GLU C 2045 22.44 2.52 -24.27
C GLU C 2045 23.77 3.17 -24.64
N ASN C 2046 24.10 3.19 -25.93
CA ASN C 2046 25.35 3.80 -26.37
C ASN C 2046 25.33 5.32 -26.25
N GLN C 2047 24.15 5.93 -26.26
CA GLN C 2047 24.05 7.37 -26.05
C GLN C 2047 24.20 7.73 -24.59
N ASN C 2048 23.73 6.86 -23.69
CA ASN C 2048 23.96 7.08 -22.27
C ASN C 2048 25.40 6.79 -21.87
N CYS C 2049 26.04 5.84 -22.55
CA CYS C 2049 27.43 5.51 -22.24
C CYS C 2049 28.36 6.65 -22.62
N ILE C 2050 28.12 7.30 -23.75
CA ILE C 2050 29.00 8.38 -24.19
C ILE C 2050 28.82 9.61 -23.31
N ALA C 2051 27.59 9.98 -23.00
CA ALA C 2051 27.35 11.21 -22.26
C ALA C 2051 27.68 11.11 -20.78
N THR C 2052 27.47 9.95 -20.16
CA THR C 2052 27.46 9.85 -18.71
C THR C 2052 28.55 8.95 -18.13
N HIS C 2053 29.62 8.64 -18.86
CA HIS C 2053 30.62 7.80 -18.23
C HIS C 2053 31.62 8.65 -17.45
N GLU C 2054 32.53 7.95 -16.75
CA GLU C 2054 33.27 8.55 -15.64
C GLU C 2054 34.27 9.59 -16.12
N SER C 2055 35.07 9.27 -17.14
CA SER C 2055 36.06 10.21 -17.65
C SER C 2055 35.37 11.11 -18.66
N ASN C 2056 34.89 12.27 -18.21
CA ASN C 2056 33.92 13.05 -18.97
C ASN C 2056 34.52 13.63 -20.25
N GLY C 2057 34.39 12.88 -21.34
CA GLY C 2057 34.84 13.26 -22.66
C GLY C 2057 33.81 13.97 -23.50
N ILE C 2058 32.62 14.23 -22.96
CA ILE C 2058 31.64 15.05 -23.68
C ILE C 2058 31.95 16.53 -23.58
N ASP C 2059 32.87 16.92 -22.69
CA ASP C 2059 33.21 18.31 -22.48
C ASP C 2059 34.11 18.86 -23.56
N ILE C 2060 34.71 17.99 -24.36
CA ILE C 2060 35.68 18.41 -25.36
C ILE C 2060 35.13 18.29 -26.79
N ILE C 2061 34.21 17.36 -27.04
CA ILE C 2061 33.42 17.43 -28.26
C ILE C 2061 32.46 18.61 -28.23
N THR C 2062 32.12 19.08 -27.03
CA THR C 2062 31.40 20.34 -26.89
C THR C 2062 32.31 21.53 -27.15
N ALA C 2063 33.57 21.44 -26.69
CA ALA C 2063 34.43 22.62 -26.61
C ALA C 2063 34.86 23.11 -27.99
N LEU C 2064 35.11 22.20 -28.93
CA LEU C 2064 35.76 22.62 -30.17
C LEU C 2064 34.80 23.23 -31.18
N ILE C 2065 33.50 23.24 -30.90
CA ILE C 2065 32.56 24.02 -31.72
C ILE C 2065 32.23 25.37 -31.09
N LEU C 2066 32.48 25.55 -29.80
CA LEU C 2066 32.22 26.84 -29.16
C LEU C 2066 33.37 27.81 -29.39
N ASN C 2067 34.58 27.41 -29.00
CA ASN C 2067 35.74 28.27 -29.15
C ASN C 2067 36.44 27.99 -30.48
N ASP C 2068 37.32 28.90 -30.86
CA ASP C 2068 38.07 28.79 -32.10
C ASP C 2068 39.43 28.16 -31.84
N ILE C 2069 39.95 27.49 -32.87
CA ILE C 2069 41.30 26.91 -32.81
C ILE C 2069 42.32 28.03 -32.93
N ASN C 2070 43.32 28.03 -32.05
CA ASN C 2070 44.28 29.12 -31.98
C ASN C 2070 45.15 29.25 -33.25
N PRO C 2071 45.76 28.20 -33.80
CA PRO C 2071 46.48 28.39 -35.07
C PRO C 2071 45.51 28.57 -36.23
N LEU C 2072 45.84 29.50 -37.12
CA LEU C 2072 45.09 29.74 -38.34
C LEU C 2072 46.04 29.76 -39.52
N GLY C 2073 45.60 29.20 -40.64
CA GLY C 2073 46.45 29.10 -41.81
C GLY C 2073 45.64 28.73 -43.03
N LYS C 2074 46.36 28.53 -44.15
CA LYS C 2074 45.70 28.20 -45.41
C LYS C 2074 45.06 26.81 -45.36
N LYS C 2075 45.81 25.82 -44.92
CA LYS C 2075 45.25 24.48 -44.70
C LYS C 2075 44.80 24.31 -43.25
N ARG C 2076 43.99 25.26 -42.77
CA ARG C 2076 43.44 25.14 -41.42
C ARG C 2076 41.93 25.35 -41.43
N MET C 2077 41.46 26.28 -42.26
CA MET C 2077 40.03 26.55 -42.35
C MET C 2077 39.30 25.38 -42.98
N ASP C 2078 39.85 24.84 -44.07
CA ASP C 2078 39.29 23.69 -44.76
C ASP C 2078 39.53 22.37 -44.05
N LEU C 2079 40.02 22.40 -42.81
CA LEU C 2079 40.01 21.24 -41.93
C LEU C 2079 39.19 21.47 -40.68
N VAL C 2080 39.19 22.70 -40.15
CA VAL C 2080 38.37 23.02 -39.00
C VAL C 2080 36.89 23.04 -39.39
N LEU C 2081 36.58 23.27 -40.66
CA LEU C 2081 35.19 23.20 -41.10
C LEU C 2081 34.65 21.78 -40.96
N GLU C 2082 35.37 20.80 -41.49
CA GLU C 2082 34.93 19.40 -41.35
C GLU C 2082 35.05 18.91 -39.92
N LEU C 2083 36.01 19.43 -39.15
CA LEU C 2083 36.13 19.05 -37.75
C LEU C 2083 34.90 19.50 -36.95
N LYS C 2084 34.51 20.77 -37.11
CA LYS C 2084 33.33 21.28 -36.42
C LYS C 2084 32.05 20.64 -36.95
N ASN C 2085 32.01 20.35 -38.24
CA ASN C 2085 30.85 19.68 -38.83
C ASN C 2085 30.66 18.28 -38.25
N ASN C 2086 31.75 17.51 -38.13
CA ASN C 2086 31.65 16.17 -37.57
C ASN C 2086 31.32 16.22 -36.08
N ALA C 2087 31.84 17.20 -35.36
CA ALA C 2087 31.49 17.32 -33.94
C ALA C 2087 30.03 17.68 -33.74
N SER C 2088 29.50 18.59 -34.56
CA SER C 2088 28.08 18.94 -34.49
C SER C 2088 27.21 17.76 -34.89
N LYS C 2089 27.65 16.98 -35.88
CA LYS C 2089 26.91 15.79 -36.28
C LYS C 2089 26.88 14.75 -35.16
N LEU C 2090 27.99 14.60 -34.44
CA LEU C 2090 28.02 13.69 -33.30
C LEU C 2090 27.09 14.16 -32.18
N LEU C 2091 27.09 15.47 -31.91
CA LEU C 2091 26.20 15.99 -30.88
C LEU C 2091 24.73 15.84 -31.26
N LEU C 2092 24.41 15.96 -32.56
CA LEU C 2092 23.07 15.66 -33.02
C LEU C 2092 22.76 14.17 -32.90
N ALA C 2093 23.75 13.32 -33.12
CA ALA C 2093 23.54 11.88 -33.01
C ALA C 2093 23.28 11.46 -31.57
N ILE C 2094 23.86 12.17 -30.60
CA ILE C 2094 23.60 11.86 -29.20
C ILE C 2094 22.16 12.20 -28.84
N MET C 2095 21.71 13.39 -29.22
CA MET C 2095 20.30 13.80 -29.05
C MET C 2095 19.53 13.58 -30.36
N GLU C 2096 19.19 12.31 -30.60
CA GLU C 2096 18.48 11.98 -31.82
C GLU C 2096 16.97 11.93 -31.59
N SER C 2097 16.52 11.04 -30.72
CA SER C 2097 15.13 11.03 -30.28
C SER C 2097 15.11 10.43 -28.87
N ARG C 2098 15.15 11.29 -27.87
CA ARG C 2098 15.27 10.83 -26.48
C ARG C 2098 14.11 11.26 -25.60
N HIS C 2099 13.76 12.56 -25.64
CA HIS C 2099 12.77 13.17 -24.74
C HIS C 2099 13.14 12.93 -23.28
N ASP C 2100 14.43 12.96 -22.98
CA ASP C 2100 14.96 12.66 -21.67
C ASP C 2100 15.80 13.83 -21.18
N SER C 2101 15.58 14.24 -19.93
CA SER C 2101 16.21 15.45 -19.41
C SER C 2101 17.67 15.26 -19.04
N GLU C 2102 18.06 14.08 -18.54
CA GLU C 2102 19.35 13.92 -17.88
C GLU C 2102 20.52 14.06 -18.86
N ASN C 2103 20.40 13.46 -20.05
CA ASN C 2103 21.48 13.58 -21.02
C ASN C 2103 21.50 14.95 -21.67
N ALA C 2104 20.37 15.66 -21.67
CA ALA C 2104 20.34 17.02 -22.18
C ALA C 2104 20.98 17.98 -21.18
N GLU C 2105 20.68 17.83 -19.88
CA GLU C 2105 21.28 18.71 -18.90
C GLU C 2105 22.74 18.38 -18.63
N ARG C 2106 23.16 17.13 -18.90
CA ARG C 2106 24.59 16.81 -18.88
C ARG C 2106 25.33 17.59 -19.95
N ILE C 2107 24.74 17.70 -21.14
CA ILE C 2107 25.31 18.54 -22.19
C ILE C 2107 25.25 20.01 -21.78
N LEU C 2108 24.10 20.44 -21.24
CA LEU C 2108 23.88 21.83 -20.90
C LEU C 2108 24.64 22.28 -19.66
N TYR C 2109 25.22 21.35 -18.90
CA TYR C 2109 25.96 21.71 -17.70
C TYR C 2109 27.27 22.43 -18.05
N ASN C 2110 27.80 22.19 -19.25
CA ASN C 2110 29.11 22.73 -19.59
C ASN C 2110 29.03 24.18 -20.04
N MET C 2111 28.26 24.45 -21.09
CA MET C 2111 28.23 25.80 -21.65
C MET C 2111 27.17 26.64 -20.96
N ARG C 2112 27.36 27.95 -21.01
CA ARG C 2112 26.27 28.87 -20.80
C ARG C 2112 25.47 29.00 -22.07
N PRO C 2113 24.21 29.46 -22.01
CA PRO C 2113 23.42 29.60 -23.24
C PRO C 2113 23.95 30.69 -24.17
N LYS C 2114 25.11 30.43 -24.77
CA LYS C 2114 25.70 31.29 -25.78
C LYS C 2114 25.71 30.62 -27.15
N GLU C 2115 24.93 29.55 -27.34
CA GLU C 2115 24.75 28.98 -28.65
C GLU C 2115 24.12 29.98 -29.62
N LEU C 2116 23.31 30.92 -29.13
CA LEU C 2116 22.74 31.92 -30.03
C LEU C 2116 23.81 32.85 -30.59
N VAL C 2117 24.74 33.30 -29.75
CA VAL C 2117 25.80 34.15 -30.28
C VAL C 2117 26.77 33.33 -31.10
N GLU C 2118 26.91 32.04 -30.80
CA GLU C 2118 27.75 31.16 -31.61
C GLU C 2118 27.18 31.04 -33.03
N VAL C 2119 25.87 30.79 -33.14
CA VAL C 2119 25.28 30.63 -34.47
C VAL C 2119 25.16 31.97 -35.17
N ILE C 2120 25.02 33.08 -34.43
CA ILE C 2120 25.00 34.40 -35.07
C ILE C 2120 26.36 34.71 -35.70
N LYS C 2121 27.43 34.52 -34.93
CA LYS C 2121 28.77 34.72 -35.46
C LYS C 2121 29.05 33.77 -36.62
N LYS C 2122 28.56 32.54 -36.51
CA LYS C 2122 28.86 31.53 -37.51
C LYS C 2122 28.06 31.80 -38.78
N ALA C 2123 26.93 32.51 -38.67
CA ALA C 2123 26.16 32.90 -39.85
C ALA C 2123 26.76 34.13 -40.53
N TYR C 2124 27.18 35.14 -39.75
CA TYR C 2124 27.89 36.27 -40.37
C TYR C 2124 29.28 35.93 -40.87
N MET C 2125 29.83 34.76 -40.53
CA MET C 2125 31.05 34.34 -41.23
C MET C 2125 30.80 33.95 -42.69
N GLN C 2126 29.55 33.90 -43.15
CA GLN C 2126 29.26 33.65 -44.56
C GLN C 2126 29.30 34.92 -45.40
N GLY C 2127 29.35 36.10 -44.77
CA GLY C 2127 29.12 37.35 -45.48
C GLY C 2127 30.21 37.77 -46.44
N GLU C 2128 31.44 37.29 -46.26
CA GLU C 2128 32.54 37.75 -47.09
C GLU C 2128 32.59 37.07 -48.46
N VAL C 2129 31.81 36.02 -48.68
CA VAL C 2129 31.78 35.37 -49.98
C VAL C 2129 30.47 35.69 -50.70
N ALA C 2141 26.74 20.20 -47.66
CA ALA C 2141 28.16 19.99 -47.90
C ALA C 2141 28.99 20.65 -46.81
N ALA C 2142 30.30 20.74 -47.04
CA ALA C 2142 31.21 21.41 -46.11
C ALA C 2142 31.20 22.90 -46.42
N SER C 2143 30.17 23.58 -45.94
CA SER C 2143 30.00 25.01 -46.16
C SER C 2143 29.75 25.66 -44.81
N PRO C 2144 30.14 26.93 -44.64
CA PRO C 2144 30.06 27.53 -43.30
C PRO C 2144 28.65 27.75 -42.78
N ARG C 2145 27.65 27.90 -43.64
CA ARG C 2145 26.31 28.19 -43.16
C ARG C 2145 25.61 26.96 -42.59
N ASN C 2146 25.89 25.77 -43.13
CA ASN C 2146 25.20 24.57 -42.69
C ASN C 2146 25.62 24.15 -41.29
N VAL C 2147 26.85 24.47 -40.90
CA VAL C 2147 27.32 24.12 -39.56
C VAL C 2147 26.50 24.85 -38.50
N GLY C 2148 26.33 26.17 -38.67
CA GLY C 2148 25.50 26.94 -37.76
C GLY C 2148 24.06 26.47 -37.74
N HIS C 2149 23.58 25.94 -38.86
CA HIS C 2149 22.25 25.34 -38.88
C HIS C 2149 22.21 24.08 -38.02
N ASN C 2150 23.29 23.29 -38.03
CA ASN C 2150 23.34 22.11 -37.17
C ASN C 2150 23.33 22.48 -35.70
N ILE C 2151 24.14 23.46 -35.30
CA ILE C 2151 24.08 23.92 -33.91
C ILE C 2151 22.73 24.57 -33.58
N TYR C 2152 22.08 25.22 -34.56
CA TYR C 2152 20.75 25.76 -34.31
C TYR C 2152 19.73 24.65 -34.04
N ILE C 2153 19.82 23.55 -34.80
CA ILE C 2153 18.92 22.41 -34.58
C ILE C 2153 19.19 21.79 -33.22
N LEU C 2154 20.47 21.67 -32.84
CA LEU C 2154 20.82 21.12 -31.54
C LEU C 2154 20.30 22.01 -30.40
N ALA C 2155 20.42 23.33 -30.54
CA ALA C 2155 19.94 24.24 -29.53
C ALA C 2155 18.42 24.25 -29.47
N HIS C 2156 17.75 24.06 -30.61
CA HIS C 2156 16.30 23.91 -30.61
C HIS C 2156 15.87 22.66 -29.86
N GLN C 2157 16.61 21.55 -30.04
CA GLN C 2157 16.30 20.33 -29.30
C GLN C 2157 16.59 20.48 -27.82
N LEU C 2158 17.62 21.24 -27.47
CA LEU C 2158 17.97 21.44 -26.06
C LEU C 2158 17.08 22.45 -25.37
N ALA C 2159 16.34 23.26 -26.12
CA ALA C 2159 15.55 24.34 -25.54
C ALA C 2159 14.30 23.85 -24.84
N ARG C 2160 13.87 22.61 -25.09
CA ARG C 2160 12.65 22.10 -24.45
C ARG C 2160 12.88 21.70 -22.99
N HIS C 2161 14.13 21.66 -22.54
CA HIS C 2161 14.44 21.43 -21.13
C HIS C 2161 14.91 22.69 -20.43
N ASN C 2162 15.73 23.50 -21.10
CA ASN C 2162 16.20 24.76 -20.53
C ASN C 2162 15.15 25.83 -20.79
N LYS C 2163 14.46 26.26 -19.73
CA LYS C 2163 13.39 27.25 -19.90
C LYS C 2163 13.95 28.61 -20.32
N GLU C 2164 15.13 28.98 -19.82
CA GLU C 2164 15.74 30.24 -20.21
C GLU C 2164 16.14 30.24 -21.68
N LEU C 2165 16.74 29.14 -22.15
CA LEU C 2165 17.16 29.05 -23.54
C LEU C 2165 15.98 29.09 -24.49
N GLN C 2166 14.83 28.56 -24.07
CA GLN C 2166 13.62 28.65 -24.87
C GLN C 2166 13.17 30.10 -25.02
N THR C 2167 13.30 30.90 -23.96
CA THR C 2167 12.87 32.29 -23.97
C THR C 2167 13.94 33.25 -24.48
N MET C 2168 14.94 32.74 -25.22
CA MET C 2168 15.91 33.61 -25.89
C MET C 2168 16.19 33.24 -27.34
N LEU C 2169 15.57 32.18 -27.88
CA LEU C 2169 15.58 31.98 -29.32
C LEU C 2169 14.24 32.34 -29.94
N LYS C 2170 13.14 32.04 -29.24
CA LYS C 2170 11.82 32.42 -29.71
C LYS C 2170 11.60 33.93 -29.82
N PRO C 2171 11.86 34.78 -28.78
CA PRO C 2171 11.44 36.20 -28.89
C PRO C 2171 12.40 37.07 -29.67
N GLY C 2172 13.27 36.47 -30.48
CA GLY C 2172 14.23 37.22 -31.27
C GLY C 2172 13.68 38.05 -32.41
N GLY C 2173 12.35 38.15 -32.52
CA GLY C 2173 11.76 39.02 -33.52
C GLY C 2173 12.02 40.49 -33.27
N GLN C 2174 12.05 40.89 -31.99
CA GLN C 2174 12.18 42.29 -31.61
C GLN C 2174 13.62 42.69 -31.30
N VAL C 2175 14.58 41.82 -31.54
CA VAL C 2175 15.99 42.14 -31.30
C VAL C 2175 16.67 42.42 -32.63
N ASP C 2176 17.88 42.96 -32.55
CA ASP C 2176 18.65 43.29 -33.74
C ASP C 2176 19.25 42.08 -34.44
N GLY C 2177 19.45 40.97 -33.72
CA GLY C 2177 19.97 39.76 -34.34
C GLY C 2177 18.90 39.01 -35.09
N ASP C 2178 18.51 39.55 -36.24
CA ASP C 2178 17.37 39.01 -36.99
C ASP C 2178 17.79 38.03 -38.07
N GLU C 2179 18.95 38.27 -38.70
CA GLU C 2179 19.36 37.48 -39.86
C GLU C 2179 19.50 36.01 -39.50
N ALA C 2180 20.42 35.69 -38.58
CA ALA C 2180 20.71 34.30 -38.25
C ALA C 2180 19.49 33.60 -37.63
N LEU C 2181 18.86 34.26 -36.66
CA LEU C 2181 17.77 33.61 -35.92
C LEU C 2181 16.56 33.33 -36.79
N GLU C 2182 16.07 34.34 -37.51
CA GLU C 2182 14.90 34.08 -38.35
C GLU C 2182 15.23 33.35 -39.64
N PHE C 2183 16.48 33.38 -40.12
CA PHE C 2183 16.85 32.50 -41.22
C PHE C 2183 16.80 31.04 -40.80
N TYR C 2184 17.42 30.72 -39.66
CA TYR C 2184 17.46 29.34 -39.20
C TYR C 2184 16.12 28.88 -38.66
N ALA C 2185 15.27 29.80 -38.19
CA ALA C 2185 13.93 29.42 -37.80
C ALA C 2185 13.03 29.22 -39.00
N LYS C 2186 13.24 29.98 -40.07
CA LYS C 2186 12.47 29.80 -41.29
C LYS C 2186 12.81 28.49 -41.99
N HIS C 2187 14.09 28.12 -41.98
CA HIS C 2187 14.54 26.95 -42.75
C HIS C 2187 14.60 25.68 -41.92
N THR C 2188 13.85 25.58 -40.83
CA THR C 2188 13.85 24.41 -39.97
C THR C 2188 12.43 23.91 -39.79
N ALA C 2189 12.21 22.62 -40.06
CA ALA C 2189 10.91 21.98 -39.91
C ALA C 2189 10.96 20.97 -38.77
N GLN C 2190 9.85 20.26 -38.59
CA GLN C 2190 9.67 19.35 -37.45
C GLN C 2190 8.53 18.40 -37.76
N ILE C 2191 8.74 17.12 -37.50
CA ILE C 2191 7.84 16.04 -37.93
C ILE C 2191 7.80 14.99 -36.83
N GLU C 2192 6.70 14.24 -36.75
CA GLU C 2192 6.57 13.13 -35.81
C GLU C 2192 6.23 11.86 -36.58
N ILE C 2193 6.93 10.76 -36.25
CA ILE C 2193 6.75 9.49 -36.92
C ILE C 2193 6.45 8.39 -35.92
N VAL C 2194 6.11 7.20 -36.41
CA VAL C 2194 5.83 6.04 -35.58
C VAL C 2194 6.71 4.89 -36.07
N ARG C 2195 7.42 4.25 -35.14
CA ARG C 2195 8.43 3.27 -35.47
C ARG C 2195 7.83 1.86 -35.48
N LEU C 2196 8.69 0.83 -35.51
CA LEU C 2196 8.23 -0.56 -35.53
C LEU C 2196 7.49 -0.94 -34.25
N ASP C 2197 8.00 -0.52 -33.10
CA ASP C 2197 7.43 -0.90 -31.82
C ASP C 2197 6.27 -0.02 -31.40
N ARG C 2198 5.67 0.70 -32.35
CA ARG C 2198 4.54 1.61 -32.13
C ARG C 2198 4.89 2.68 -31.10
N THR C 2199 6.11 3.18 -31.17
CA THR C 2199 6.57 4.29 -30.35
C THR C 2199 6.70 5.52 -31.23
N MET C 2200 6.40 6.68 -30.65
CA MET C 2200 6.37 7.93 -31.38
C MET C 2200 7.67 8.69 -31.14
N GLU C 2201 8.27 9.18 -32.21
CA GLU C 2201 9.52 9.91 -32.10
C GLU C 2201 9.41 11.19 -32.93
N GLN C 2202 10.18 12.19 -32.53
CA GLN C 2202 10.12 13.51 -33.13
C GLN C 2202 11.45 13.83 -33.82
N ILE C 2203 11.37 14.28 -35.07
CA ILE C 2203 12.54 14.54 -35.90
C ILE C 2203 12.58 16.02 -36.26
N VAL C 2204 13.73 16.66 -36.05
CA VAL C 2204 13.98 18.03 -36.47
C VAL C 2204 15.00 17.98 -37.59
N PHE C 2205 14.67 18.57 -38.73
CA PHE C 2205 15.48 18.46 -39.94
C PHE C 2205 15.50 19.80 -40.66
N PRO C 2206 16.52 20.05 -41.46
CA PRO C 2206 16.50 21.23 -42.34
C PRO C 2206 15.67 20.97 -43.59
N VAL C 2207 14.94 21.99 -44.03
CA VAL C 2207 14.16 21.86 -45.25
C VAL C 2207 15.09 21.90 -46.44
N PRO C 2208 14.81 21.17 -47.51
CA PRO C 2208 15.60 21.32 -48.74
C PRO C 2208 15.37 22.68 -49.37
N SER C 2209 16.37 23.13 -50.13
CA SER C 2209 16.29 24.42 -50.79
C SER C 2209 15.28 24.44 -51.93
N ILE C 2210 14.87 23.28 -52.43
CA ILE C 2210 13.94 23.24 -53.56
C ILE C 2210 12.48 23.33 -53.11
N CYS C 2211 12.20 23.18 -51.82
CA CYS C 2211 10.83 23.19 -51.34
C CYS C 2211 10.24 24.59 -51.29
N GLU C 2212 11.07 25.63 -51.31
CA GLU C 2212 10.56 26.99 -51.37
C GLU C 2212 10.11 27.39 -52.76
N PHE C 2213 10.41 26.59 -53.78
CA PHE C 2213 10.00 26.85 -55.14
C PHE C 2213 8.67 26.20 -55.47
N LEU C 2214 7.67 26.45 -54.64
CA LEU C 2214 6.34 25.87 -54.78
C LEU C 2214 5.30 26.97 -54.70
N THR C 2215 4.43 27.03 -55.70
CA THR C 2215 3.39 28.06 -55.73
C THR C 2215 2.34 27.80 -54.66
N LYS C 2216 1.82 28.88 -54.09
CA LYS C 2216 0.85 28.75 -53.00
C LYS C 2216 -0.53 28.33 -53.50
N GLU C 2217 -0.86 28.60 -54.76
CA GLU C 2217 -2.14 28.13 -55.29
C GLU C 2217 -2.17 26.61 -55.41
N SER C 2218 -1.04 26.01 -55.77
CA SER C 2218 -0.95 24.56 -55.76
C SER C 2218 -1.05 24.00 -54.35
N LYS C 2219 -0.49 24.73 -53.36
CA LYS C 2219 -0.63 24.32 -51.96
C LYS C 2219 -2.09 24.35 -51.52
N LEU C 2220 -2.83 25.40 -51.91
CA LEU C 2220 -4.25 25.47 -51.57
C LEU C 2220 -5.03 24.36 -52.28
N ARG C 2221 -4.68 24.05 -53.53
CA ARG C 2221 -5.33 22.96 -54.24
C ARG C 2221 -5.12 21.63 -53.54
N ILE C 2222 -3.90 21.37 -53.07
CA ILE C 2222 -3.63 20.11 -52.38
C ILE C 2222 -4.35 20.08 -51.04
N TYR C 2223 -4.41 21.22 -50.35
CA TYR C 2223 -5.12 21.27 -49.07
C TYR C 2223 -6.62 21.05 -49.21
N TYR C 2224 -7.23 21.55 -50.28
CA TYR C 2224 -8.67 21.45 -50.41
C TYR C 2224 -9.13 20.18 -51.10
N THR C 2225 -8.49 19.82 -52.22
CA THR C 2225 -9.00 18.76 -53.07
C THR C 2225 -8.68 17.36 -52.56
N THR C 2226 -7.86 17.21 -51.53
CA THR C 2226 -7.55 15.89 -51.00
C THR C 2226 -8.76 15.34 -50.25
N GLU C 2227 -9.10 14.08 -50.54
CA GLU C 2227 -10.29 13.45 -49.97
C GLU C 2227 -9.90 12.23 -49.15
N ARG C 2228 -10.73 11.91 -48.17
CA ARG C 2228 -10.46 10.79 -47.29
C ARG C 2228 -11.04 9.50 -47.86
N ASP C 2229 -10.43 8.38 -47.47
CA ASP C 2229 -10.84 7.07 -47.93
C ASP C 2229 -11.83 6.47 -46.94
N GLU C 2230 -12.09 5.17 -47.06
CA GLU C 2230 -13.11 4.51 -46.25
C GLU C 2230 -12.71 4.43 -44.77
N GLN C 2231 -11.42 4.44 -44.48
CA GLN C 2231 -10.94 4.42 -43.11
C GLN C 2231 -10.84 5.81 -42.49
N GLY C 2232 -11.18 6.86 -43.23
CA GLY C 2232 -11.15 8.20 -42.70
C GLY C 2232 -9.75 8.74 -42.51
N SER C 2233 -8.97 8.77 -43.57
CA SER C 2233 -7.62 9.32 -43.54
C SER C 2233 -7.30 9.96 -44.88
N LYS C 2234 -6.56 11.06 -44.85
CA LYS C 2234 -6.24 11.78 -46.07
C LYS C 2234 -4.82 11.54 -46.57
N ILE C 2235 -4.03 10.71 -45.88
CA ILE C 2235 -2.62 10.60 -46.21
C ILE C 2235 -2.39 9.77 -47.47
N ASN C 2236 -3.33 8.86 -47.79
CA ASN C 2236 -3.12 7.93 -48.91
C ASN C 2236 -3.12 8.66 -50.25
N ASP C 2237 -4.03 9.62 -50.43
CA ASP C 2237 -4.01 10.44 -51.63
C ASP C 2237 -2.98 11.56 -51.52
N PHE C 2238 -2.66 11.95 -50.29
CA PHE C 2238 -1.65 12.98 -50.05
C PHE C 2238 -0.28 12.53 -50.53
N PHE C 2239 0.02 11.23 -50.46
CA PHE C 2239 1.31 10.74 -50.95
C PHE C 2239 1.46 10.93 -52.47
N LEU C 2240 0.41 10.57 -53.22
CA LEU C 2240 0.44 10.74 -54.67
C LEU C 2240 0.53 12.21 -55.05
N ARG C 2241 -0.25 13.05 -54.36
CA ARG C 2241 -0.16 14.48 -54.62
C ARG C 2241 1.21 15.05 -54.25
N SER C 2242 1.87 14.45 -53.24
CA SER C 2242 3.21 14.86 -52.88
C SER C 2242 4.21 14.55 -53.98
N GLU C 2243 4.08 13.37 -54.61
CA GLU C 2243 4.96 13.04 -55.73
C GLU C 2243 4.77 14.01 -56.90
N ASP C 2244 3.51 14.33 -57.22
CA ASP C 2244 3.23 15.31 -58.27
C ASP C 2244 3.78 16.68 -57.91
N LEU C 2245 3.71 17.05 -56.62
CA LEU C 2245 4.26 18.33 -56.17
C LEU C 2245 5.79 18.35 -56.29
N PHE C 2246 6.43 17.21 -56.07
CA PHE C 2246 7.88 17.13 -56.25
C PHE C 2246 8.27 17.39 -57.70
N ASN C 2247 7.55 16.76 -58.64
CA ASN C 2247 7.84 17.02 -60.05
C ASN C 2247 7.55 18.46 -60.43
N GLU C 2248 6.49 19.04 -59.85
CA GLU C 2248 6.15 20.43 -60.11
C GLU C 2248 7.23 21.39 -59.60
N MET C 2249 7.79 21.10 -58.42
CA MET C 2249 8.86 21.94 -57.89
C MET C 2249 10.13 21.82 -58.71
N ASN C 2250 10.43 20.61 -59.21
CA ASN C 2250 11.56 20.43 -60.11
C ASN C 2250 11.41 21.29 -61.35
N TRP C 2251 10.23 21.24 -61.99
CA TRP C 2251 10.02 22.05 -63.18
C TRP C 2251 10.02 23.54 -62.88
N GLN C 2252 9.52 23.95 -61.70
CA GLN C 2252 9.54 25.37 -61.36
C GLN C 2252 10.96 25.89 -61.19
N LYS C 2253 11.82 25.09 -60.55
CA LYS C 2253 13.22 25.48 -60.43
C LYS C 2253 13.90 25.54 -61.79
N LYS C 2254 13.55 24.62 -62.70
CA LYS C 2254 14.08 24.69 -64.05
C LYS C 2254 13.60 25.93 -64.79
N LEU C 2255 12.33 26.31 -64.60
CA LEU C 2255 11.72 27.41 -65.32
C LEU C 2255 12.19 28.77 -64.82
N ARG C 2256 12.57 28.88 -63.54
CA ARG C 2256 12.89 30.18 -62.96
C ARG C 2256 14.09 30.86 -63.62
N ALA C 2257 14.91 30.12 -64.36
CA ALA C 2257 16.08 30.71 -65.01
C ALA C 2257 15.69 31.65 -66.15
N GLN C 2258 14.69 31.26 -66.95
CA GLN C 2258 14.31 32.07 -68.12
C GLN C 2258 13.57 33.32 -67.69
N PRO C 2259 13.97 34.50 -68.16
CA PRO C 2259 13.29 35.74 -67.74
C PRO C 2259 11.95 35.97 -68.41
N VAL C 2260 11.84 35.71 -69.72
CA VAL C 2260 10.64 36.08 -70.45
C VAL C 2260 9.56 35.00 -70.34
N LEU C 2261 9.97 33.72 -70.36
CA LEU C 2261 8.99 32.65 -70.22
C LEU C 2261 8.36 32.65 -68.83
N TYR C 2262 9.15 32.96 -67.81
CA TYR C 2262 8.61 33.09 -66.47
C TYR C 2262 7.70 34.31 -66.36
N TRP C 2263 7.99 35.37 -67.11
CA TRP C 2263 7.08 36.53 -67.12
C TRP C 2263 5.75 36.18 -67.78
N CYS C 2264 5.78 35.40 -68.86
CA CYS C 2264 4.54 35.00 -69.50
C CYS C 2264 3.76 34.02 -68.63
N ALA C 2265 4.45 33.07 -68.00
CA ALA C 2265 3.78 32.07 -67.16
C ALA C 2265 3.32 32.64 -65.83
N ARG C 2266 3.87 33.77 -65.41
CA ARG C 2266 3.49 34.38 -64.14
C ARG C 2266 2.22 35.21 -64.25
N ASN C 2267 1.71 35.45 -65.45
CA ASN C 2267 0.62 36.39 -65.66
C ASN C 2267 -0.50 35.76 -66.48
N MET C 2268 -0.88 34.51 -66.14
CA MET C 2268 -1.93 33.81 -66.86
C MET C 2268 -3.30 34.48 -66.67
N SER C 2269 -3.55 34.99 -65.46
CA SER C 2269 -4.85 35.53 -65.12
C SER C 2269 -5.19 36.75 -65.98
N PHE C 2270 -4.18 37.59 -66.26
CA PHE C 2270 -4.41 38.78 -67.08
C PHE C 2270 -4.82 38.39 -68.49
N TRP C 2271 -4.11 37.44 -69.11
CA TRP C 2271 -4.45 37.00 -70.46
C TRP C 2271 -5.83 36.37 -70.51
N SER C 2272 -6.14 35.49 -69.55
CA SER C 2272 -7.43 34.83 -69.55
C SER C 2272 -8.57 35.81 -69.34
N SER C 2273 -8.40 36.76 -68.42
CA SER C 2273 -9.44 37.74 -68.14
C SER C 2273 -9.69 38.64 -69.34
N ILE C 2274 -8.61 39.13 -70.00
CA ILE C 2274 -8.84 40.03 -71.12
C ILE C 2274 -9.41 39.28 -72.32
N SER C 2275 -9.04 38.00 -72.50
CA SER C 2275 -9.65 37.22 -73.58
C SER C 2275 -11.13 37.00 -73.33
N PHE C 2276 -11.50 36.66 -72.10
CA PHE C 2276 -12.91 36.49 -71.73
C PHE C 2276 -13.69 37.78 -71.95
N ASN C 2277 -13.15 38.90 -71.48
CA ASN C 2277 -13.86 40.17 -71.58
C ASN C 2277 -14.06 40.59 -73.03
N LEU C 2278 -13.03 40.49 -73.85
CA LEU C 2278 -13.21 40.99 -75.21
C LEU C 2278 -14.00 39.99 -76.06
N ALA C 2279 -14.01 38.71 -75.71
CA ALA C 2279 -14.90 37.78 -76.40
C ALA C 2279 -16.36 38.02 -76.03
N VAL C 2280 -16.62 38.39 -74.76
CA VAL C 2280 -17.96 38.80 -74.36
C VAL C 2280 -18.40 40.03 -75.14
N LEU C 2281 -17.51 41.02 -75.25
CA LEU C 2281 -17.84 42.23 -76.00
C LEU C 2281 -18.03 41.94 -77.48
N MET C 2282 -17.28 40.99 -78.02
CA MET C 2282 -17.42 40.60 -79.42
C MET C 2282 -18.78 39.93 -79.67
N ASN C 2283 -19.21 39.07 -78.74
CA ASN C 2283 -20.53 38.47 -78.86
C ASN C 2283 -21.64 39.50 -78.75
N LEU C 2284 -21.48 40.48 -77.85
CA LEU C 2284 -22.46 41.56 -77.75
C LEU C 2284 -22.48 42.42 -79.01
N LEU C 2285 -21.33 42.58 -79.65
CA LEU C 2285 -21.29 43.35 -80.89
C LEU C 2285 -21.98 42.62 -82.03
N VAL C 2286 -21.76 41.32 -82.16
CA VAL C 2286 -22.42 40.59 -83.24
C VAL C 2286 -23.89 40.37 -82.96
N ALA C 2287 -24.30 40.37 -81.68
CA ALA C 2287 -25.69 40.06 -81.35
C ALA C 2287 -26.64 41.19 -81.70
N PHE C 2288 -26.23 42.44 -81.45
CA PHE C 2288 -27.14 43.57 -81.59
C PHE C 2288 -27.49 43.85 -83.05
N PHE C 2289 -26.50 43.83 -83.92
CA PHE C 2289 -26.70 44.08 -85.34
C PHE C 2289 -25.87 43.09 -86.16
N TYR C 2290 -26.57 42.10 -86.73
CA TYR C 2290 -25.87 41.09 -87.52
C TYR C 2290 -25.60 41.50 -88.96
N PRO C 2291 -26.58 41.95 -89.77
CA PRO C 2291 -26.31 42.07 -91.22
C PRO C 2291 -25.31 43.16 -91.61
N PHE C 2292 -24.91 44.02 -90.67
CA PHE C 2292 -23.83 45.00 -90.85
C PHE C 2292 -24.14 45.98 -91.98
N LYS C 2293 -25.35 46.52 -91.96
CA LYS C 2293 -25.77 47.46 -92.99
C LYS C 2293 -25.60 48.92 -92.60
N GLY C 2294 -25.40 49.19 -91.32
CA GLY C 2294 -25.22 50.57 -90.87
C GLY C 2294 -25.16 50.63 -89.37
N VAL C 2295 -24.94 51.85 -88.88
CA VAL C 2295 -24.82 52.09 -87.44
C VAL C 2295 -25.73 53.26 -87.09
N ARG C 2296 -26.15 54.02 -88.11
CA ARG C 2296 -26.94 55.23 -87.89
C ARG C 2296 -28.34 54.90 -87.38
N GLY C 2297 -28.88 53.76 -87.79
CA GLY C 2297 -30.21 53.37 -87.32
C GLY C 2297 -30.18 52.95 -85.86
N GLY C 2298 -31.26 53.27 -85.15
CA GLY C 2298 -31.36 52.91 -83.75
C GLY C 2298 -32.60 53.44 -83.07
N THR C 2299 -33.11 52.69 -82.09
CA THR C 2299 -34.22 53.12 -81.26
C THR C 2299 -33.76 53.90 -80.03
N LEU C 2300 -32.48 54.26 -79.98
CA LEU C 2300 -31.90 55.03 -78.89
C LEU C 2300 -32.23 56.51 -79.04
N GLU C 2301 -31.49 57.37 -78.33
CA GLU C 2301 -31.62 58.82 -78.33
C GLU C 2301 -31.57 59.44 -79.72
N PRO C 2302 -31.95 60.72 -79.87
CA PRO C 2302 -32.22 61.30 -81.20
C PRO C 2302 -31.04 61.28 -82.17
N HIS C 2303 -29.82 61.18 -81.65
CA HIS C 2303 -28.65 60.98 -82.50
C HIS C 2303 -27.76 59.92 -81.87
N TRP C 2304 -27.22 59.04 -82.71
CA TRP C 2304 -26.20 58.10 -82.27
C TRP C 2304 -24.89 58.82 -81.95
N SER C 2305 -24.63 59.94 -82.62
CA SER C 2305 -23.44 60.74 -82.31
C SER C 2305 -23.52 61.34 -80.91
N GLY C 2306 -24.73 61.56 -80.40
CA GLY C 2306 -24.87 61.99 -79.02
C GLY C 2306 -24.39 60.95 -78.03
N LEU C 2307 -24.76 59.68 -78.25
CA LEU C 2307 -24.27 58.60 -77.42
C LEU C 2307 -22.77 58.39 -77.62
N LEU C 2308 -22.27 58.61 -78.84
CA LEU C 2308 -20.84 58.53 -79.10
C LEU C 2308 -20.08 59.60 -78.34
N TRP C 2309 -20.61 60.83 -78.31
CA TRP C 2309 -19.97 61.90 -77.55
C TRP C 2309 -20.07 61.65 -76.05
N THR C 2310 -21.17 61.05 -75.60
CA THR C 2310 -21.28 60.65 -74.20
C THR C 2310 -20.24 59.59 -73.84
N ALA C 2311 -20.01 58.64 -74.74
CA ALA C 2311 -18.97 57.63 -74.52
C ALA C 2311 -17.59 58.26 -74.53
N MET C 2312 -17.37 59.25 -75.39
CA MET C 2312 -16.09 59.97 -75.40
C MET C 2312 -15.89 60.74 -74.10
N LEU C 2313 -16.95 61.35 -73.57
CA LEU C 2313 -16.86 62.04 -72.28
C LEU C 2313 -16.59 61.05 -71.15
N ILE C 2314 -17.20 59.87 -71.22
CA ILE C 2314 -16.96 58.83 -70.20
C ILE C 2314 -15.51 58.35 -70.27
N SER C 2315 -14.98 58.19 -71.48
CA SER C 2315 -13.58 57.77 -71.63
C SER C 2315 -12.63 58.87 -71.15
N LEU C 2316 -12.96 60.13 -71.42
CA LEU C 2316 -12.13 61.24 -70.93
C LEU C 2316 -12.17 61.33 -69.41
N ALA C 2317 -13.33 61.06 -68.80
CA ALA C 2317 -13.42 61.07 -67.35
C ALA C 2317 -12.71 59.87 -66.73
N ILE C 2318 -12.71 58.73 -67.41
CA ILE C 2318 -12.00 57.55 -66.92
C ILE C 2318 -10.49 57.63 -67.13
N VAL C 2319 -10.04 58.45 -68.10
CA VAL C 2319 -8.60 58.61 -68.32
C VAL C 2319 -7.93 59.52 -67.31
N ILE C 2320 -8.68 60.09 -66.37
CA ILE C 2320 -8.13 60.97 -65.35
C ILE C 2320 -8.45 60.40 -63.97
N ALA C 2321 -8.89 59.15 -63.94
CA ALA C 2321 -9.25 58.49 -62.69
C ALA C 2321 -7.98 57.90 -62.04
N LEU C 2322 -8.17 57.07 -61.02
CA LEU C 2322 -7.05 56.40 -60.39
C LEU C 2322 -6.45 55.36 -61.33
N PRO C 2323 -5.17 55.04 -61.17
CA PRO C 2323 -4.51 54.08 -62.08
C PRO C 2323 -4.96 52.65 -61.81
N LYS C 2324 -5.82 52.13 -62.69
CA LYS C 2324 -6.37 50.78 -62.69
C LYS C 2324 -7.01 50.41 -61.36
N PRO C 2325 -7.75 51.32 -60.72
CA PRO C 2325 -8.50 50.92 -59.52
C PRO C 2325 -9.89 50.39 -59.87
N HIS C 2326 -10.45 50.89 -60.97
CA HIS C 2326 -11.79 50.57 -61.43
C HIS C 2326 -11.99 51.19 -62.80
N GLY C 2327 -12.95 50.66 -63.55
CA GLY C 2327 -13.29 51.21 -64.85
C GLY C 2327 -12.24 51.00 -65.92
N ILE C 2328 -11.39 49.97 -65.79
CA ILE C 2328 -10.39 49.70 -66.82
C ILE C 2328 -11.06 49.21 -68.10
N ARG C 2329 -12.09 48.38 -67.96
CA ARG C 2329 -12.83 47.91 -69.12
C ARG C 2329 -13.75 48.98 -69.70
N ALA C 2330 -14.11 49.99 -68.91
CA ALA C 2330 -15.01 51.04 -69.39
C ALA C 2330 -14.36 51.89 -70.47
N LEU C 2331 -13.10 52.28 -70.26
CA LEU C 2331 -12.40 53.09 -71.26
C LEU C 2331 -12.14 52.30 -72.53
N ILE C 2332 -11.80 51.02 -72.39
CA ILE C 2332 -11.57 50.17 -73.57
C ILE C 2332 -12.86 49.96 -74.34
N ALA C 2333 -13.98 49.76 -73.63
CA ALA C 2333 -15.27 49.62 -74.30
C ALA C 2333 -15.68 50.91 -75.00
N SER C 2334 -15.42 52.06 -74.37
CA SER C 2334 -15.72 53.35 -75.00
C SER C 2334 -14.86 53.57 -76.23
N THR C 2335 -13.58 53.18 -76.18
CA THR C 2335 -12.70 53.31 -77.33
C THR C 2335 -13.14 52.39 -78.47
N ILE C 2336 -13.57 51.17 -78.14
CA ILE C 2336 -14.05 50.24 -79.16
C ILE C 2336 -15.35 50.74 -79.79
N LEU C 2337 -16.21 51.36 -78.98
CA LEU C 2337 -17.45 51.93 -79.51
C LEU C 2337 -17.16 53.14 -80.40
N ARG C 2338 -16.19 53.96 -80.01
CA ARG C 2338 -15.83 55.12 -80.82
C ARG C 2338 -15.19 54.71 -82.14
N LEU C 2339 -14.37 53.66 -82.13
CA LEU C 2339 -13.78 53.16 -83.36
C LEU C 2339 -14.84 52.53 -84.27
N ILE C 2340 -15.96 52.08 -83.70
CA ILE C 2340 -17.01 51.44 -84.47
C ILE C 2340 -17.70 52.41 -85.42
N PHE C 2341 -17.81 53.68 -85.05
CA PHE C 2341 -18.50 54.66 -85.88
C PHE C 2341 -17.57 55.33 -86.89
N SER C 2342 -16.29 55.47 -86.55
CA SER C 2342 -15.35 56.15 -87.44
C SER C 2342 -15.05 55.32 -88.68
N VAL C 2343 -14.73 54.05 -88.49
CA VAL C 2343 -14.39 53.14 -89.57
C VAL C 2343 -15.51 52.09 -89.63
N GLY C 2344 -15.56 51.34 -90.73
CA GLY C 2344 -16.58 50.33 -90.91
C GLY C 2344 -16.51 49.23 -89.86
N LEU C 2345 -17.65 48.57 -89.66
CA LEU C 2345 -17.78 47.62 -88.58
C LEU C 2345 -17.04 46.32 -88.86
N GLN C 2346 -17.05 45.86 -90.10
CA GLN C 2346 -16.27 44.67 -90.46
C GLN C 2346 -14.76 44.83 -90.25
N PRO C 2347 -14.10 45.96 -90.61
CA PRO C 2347 -12.71 46.12 -90.18
C PRO C 2347 -12.50 46.08 -88.67
N THR C 2348 -13.43 46.66 -87.90
CA THR C 2348 -13.31 46.63 -86.44
C THR C 2348 -13.42 45.20 -85.91
N LEU C 2349 -14.35 44.41 -86.47
CA LEU C 2349 -14.50 43.03 -86.04
C LEU C 2349 -13.30 42.18 -86.46
N PHE C 2350 -12.72 42.45 -87.64
CA PHE C 2350 -11.51 41.75 -88.04
C PHE C 2350 -10.35 42.07 -87.11
N LEU C 2351 -10.21 43.34 -86.72
CA LEU C 2351 -9.16 43.74 -85.79
C LEU C 2351 -9.36 43.08 -84.43
N LEU C 2352 -10.60 43.05 -83.94
CA LEU C 2352 -10.88 42.43 -82.64
C LEU C 2352 -10.64 40.93 -82.68
N GLY C 2353 -11.00 40.27 -83.79
CA GLY C 2353 -10.74 38.85 -83.91
C GLY C 2353 -9.26 38.52 -83.98
N ALA C 2354 -8.48 39.34 -84.69
CA ALA C 2354 -7.04 39.15 -84.73
C ALA C 2354 -6.41 39.36 -83.35
N PHE C 2355 -6.92 40.36 -82.61
CA PHE C 2355 -6.43 40.59 -81.25
C PHE C 2355 -6.75 39.40 -80.36
N ASN C 2356 -7.95 38.83 -80.49
CA ASN C 2356 -8.31 37.68 -79.66
C ASN C 2356 -7.48 36.46 -80.02
N VAL C 2357 -7.22 36.24 -81.31
CA VAL C 2357 -6.46 35.04 -81.67
C VAL C 2357 -4.98 35.18 -81.28
N CYS C 2358 -4.42 36.39 -81.32
CA CYS C 2358 -3.04 36.54 -80.84
C CYS C 2358 -2.98 36.42 -79.32
N ASN C 2359 -4.02 36.92 -78.63
CA ASN C 2359 -4.13 36.73 -77.20
C ASN C 2359 -4.21 35.25 -76.84
N LYS C 2360 -4.98 34.48 -77.60
CA LYS C 2360 -5.10 33.06 -77.29
C LYS C 2360 -3.82 32.30 -77.61
N ILE C 2361 -3.12 32.65 -78.69
CA ILE C 2361 -1.89 31.91 -78.97
C ILE C 2361 -0.74 32.32 -78.07
N ILE C 2362 -0.80 33.47 -77.40
CA ILE C 2362 0.21 33.70 -76.37
C ILE C 2362 -0.24 33.11 -75.03
N PHE C 2363 -1.56 33.02 -74.79
CA PHE C 2363 -2.04 32.40 -73.56
C PHE C 2363 -1.81 30.90 -73.56
N LEU C 2364 -1.85 30.26 -74.74
CA LEU C 2364 -1.56 28.83 -74.79
C LEU C 2364 -0.10 28.55 -74.43
N MET C 2365 0.82 29.40 -74.91
CA MET C 2365 2.22 29.28 -74.52
C MET C 2365 2.39 29.56 -73.03
N SER C 2366 1.67 30.55 -72.51
CA SER C 2366 1.73 30.85 -71.08
C SER C 2366 1.22 29.69 -70.24
N PHE C 2367 0.19 29.00 -70.73
CA PHE C 2367 -0.37 27.86 -70.00
C PHE C 2367 0.58 26.66 -70.03
N VAL C 2368 1.13 26.34 -71.21
CA VAL C 2368 2.02 25.19 -71.31
C VAL C 2368 3.37 25.46 -70.65
N GLY C 2369 3.69 26.74 -70.42
CA GLY C 2369 4.92 27.09 -69.72
C GLY C 2369 4.97 26.61 -68.29
N ASN C 2370 4.13 27.16 -67.41
CA ASN C 2370 4.22 26.80 -66.00
C ASN C 2370 3.72 25.38 -65.73
N CYS C 2371 2.74 24.91 -66.49
CA CYS C 2371 2.36 23.50 -66.47
C CYS C 2371 3.31 22.76 -67.41
N GLY C 2372 4.51 22.47 -66.91
CA GLY C 2372 5.57 21.93 -67.73
C GLY C 2372 5.43 20.48 -68.11
N THR C 2373 4.29 20.11 -68.67
CA THR C 2373 4.04 18.76 -69.15
C THR C 2373 4.74 18.50 -70.49
N PHE C 2374 5.00 19.54 -71.27
CA PHE C 2374 5.54 19.38 -72.61
C PHE C 2374 7.04 19.11 -72.63
N THR C 2375 7.71 19.13 -71.48
CA THR C 2375 9.15 18.91 -71.45
C THR C 2375 9.53 17.45 -71.59
N ARG C 2376 8.59 16.52 -71.47
CA ARG C 2376 8.90 15.10 -71.55
C ARG C 2376 8.60 14.51 -72.92
N GLY C 2377 7.80 15.18 -73.73
CA GLY C 2377 7.44 14.67 -75.04
C GLY C 2377 6.18 15.30 -75.59
N TYR C 2378 5.47 14.55 -76.44
CA TYR C 2378 4.25 15.04 -77.07
C TYR C 2378 3.00 14.31 -76.63
N ARG C 2379 3.12 13.04 -76.25
CA ARG C 2379 1.95 12.25 -75.85
C ARG C 2379 1.30 12.80 -74.60
N ALA C 2380 2.10 13.26 -73.64
CA ALA C 2380 1.56 13.74 -72.38
C ALA C 2380 0.81 15.05 -72.55
N MET C 2381 1.31 15.96 -73.40
CA MET C 2381 0.60 17.20 -73.64
C MET C 2381 -0.59 17.02 -74.58
N VAL C 2382 -0.52 16.04 -75.48
CA VAL C 2382 -1.68 15.77 -76.34
C VAL C 2382 -2.83 15.16 -75.55
N LEU C 2383 -2.53 14.19 -74.67
CA LEU C 2383 -3.58 13.47 -73.95
C LEU C 2383 -4.23 14.32 -72.86
N ASP C 2384 -3.70 15.49 -72.53
CA ASP C 2384 -4.28 16.33 -71.49
C ASP C 2384 -5.61 16.93 -71.98
N VAL C 2385 -6.64 16.78 -71.15
CA VAL C 2385 -7.98 17.24 -71.54
C VAL C 2385 -8.06 18.77 -71.51
N GLU C 2386 -7.35 19.41 -70.58
CA GLU C 2386 -7.39 20.86 -70.49
C GLU C 2386 -6.69 21.51 -71.68
N PHE C 2387 -5.55 20.94 -72.10
CA PHE C 2387 -4.87 21.43 -73.29
C PHE C 2387 -5.72 21.21 -74.54
N LEU C 2388 -6.42 20.08 -74.61
CA LEU C 2388 -7.31 19.83 -75.75
C LEU C 2388 -8.47 20.81 -75.77
N TYR C 2389 -9.01 21.15 -74.60
CA TYR C 2389 -10.09 22.14 -74.54
C TYR C 2389 -9.61 23.52 -74.97
N HIS C 2390 -8.41 23.91 -74.54
CA HIS C 2390 -7.84 25.19 -74.96
C HIS C 2390 -7.57 25.20 -76.46
N LEU C 2391 -7.09 24.08 -77.00
CA LEU C 2391 -6.86 23.98 -78.44
C LEU C 2391 -8.15 24.05 -79.23
N LEU C 2392 -9.22 23.43 -78.71
CA LEU C 2392 -10.52 23.52 -79.36
C LEU C 2392 -11.06 24.94 -79.33
N TYR C 2393 -10.85 25.65 -78.22
CA TYR C 2393 -11.22 27.06 -78.12
C TYR C 2393 -10.48 27.88 -79.17
N LEU C 2394 -9.18 27.66 -79.31
CA LEU C 2394 -8.40 28.37 -80.32
C LEU C 2394 -8.86 28.03 -81.73
N LEU C 2395 -9.19 26.76 -81.98
CA LEU C 2395 -9.62 26.34 -83.30
C LEU C 2395 -10.95 27.00 -83.68
N ILE C 2396 -11.91 27.02 -82.76
CA ILE C 2396 -13.19 27.62 -83.11
C ILE C 2396 -13.10 29.14 -83.13
N CYS C 2397 -12.16 29.73 -82.37
CA CYS C 2397 -11.92 31.17 -82.50
C CYS C 2397 -11.37 31.52 -83.88
N ALA C 2398 -10.40 30.76 -84.36
CA ALA C 2398 -9.86 31.00 -85.69
C ALA C 2398 -10.92 30.75 -86.76
N MET C 2399 -11.76 29.74 -86.55
CA MET C 2399 -12.83 29.44 -87.50
C MET C 2399 -13.86 30.56 -87.54
N GLY C 2400 -14.22 31.11 -86.37
CA GLY C 2400 -15.15 32.23 -86.35
C GLY C 2400 -14.55 33.51 -86.87
N LEU C 2401 -13.23 33.65 -86.80
CA LEU C 2401 -12.58 34.81 -87.42
C LEU C 2401 -12.54 34.67 -88.94
N PHE C 2402 -12.35 33.45 -89.43
CA PHE C 2402 -12.15 33.26 -90.87
C PHE C 2402 -13.44 32.96 -91.63
N VAL C 2403 -14.33 32.13 -91.09
CA VAL C 2403 -15.60 31.84 -91.74
C VAL C 2403 -16.75 32.18 -90.81
N HIS C 2404 -17.66 33.02 -91.31
CA HIS C 2404 -18.98 33.39 -90.76
C HIS C 2404 -18.70 34.04 -89.41
N GLU C 2405 -19.66 34.09 -88.46
CA GLU C 2405 -19.41 34.77 -87.19
C GLU C 2405 -19.93 34.08 -85.93
N PHE C 2406 -20.77 33.05 -86.05
CA PHE C 2406 -21.48 32.59 -84.85
C PHE C 2406 -20.64 31.70 -83.96
N PHE C 2407 -19.40 31.43 -84.32
CA PHE C 2407 -18.57 30.58 -83.48
C PHE C 2407 -18.12 31.30 -82.21
N TYR C 2408 -18.21 32.63 -82.18
CA TYR C 2408 -18.07 33.37 -80.93
C TYR C 2408 -19.17 32.98 -79.94
N SER C 2409 -20.40 32.91 -80.44
CA SER C 2409 -21.51 32.40 -79.64
C SER C 2409 -21.27 30.96 -79.23
N LEU C 2410 -20.63 30.18 -80.10
CA LEU C 2410 -20.31 28.80 -79.76
C LEU C 2410 -19.33 28.72 -78.59
N LEU C 2411 -18.33 29.61 -78.56
CA LEU C 2411 -17.35 29.62 -77.47
C LEU C 2411 -17.81 30.39 -76.24
N LEU C 2412 -18.99 30.99 -76.30
CA LEU C 2412 -19.57 31.65 -75.11
C LEU C 2412 -19.79 30.67 -73.95
N PHE C 2413 -20.06 29.39 -74.22
CA PHE C 2413 -20.14 28.40 -73.14
C PHE C 2413 -18.81 28.24 -72.42
N ASP C 2414 -17.73 28.10 -73.19
CA ASP C 2414 -16.39 28.02 -72.60
C ASP C 2414 -16.06 29.29 -71.84
N LEU C 2415 -16.60 30.42 -72.28
CA LEU C 2415 -16.46 31.66 -71.53
C LEU C 2415 -17.12 31.58 -70.16
N VAL C 2416 -18.39 31.18 -70.11
CA VAL C 2416 -19.13 31.30 -68.85
C VAL C 2416 -18.91 30.10 -67.92
N TYR C 2417 -18.22 29.05 -68.39
CA TYR C 2417 -17.81 27.94 -67.51
C TYR C 2417 -16.48 28.16 -66.80
N ARG C 2418 -16.10 29.39 -66.48
CA ARG C 2418 -14.87 29.63 -65.75
C ARG C 2418 -15.05 29.91 -64.26
N GLU C 2419 -16.29 29.96 -63.76
CA GLU C 2419 -16.52 30.13 -62.33
C GLU C 2419 -17.15 28.88 -61.71
N GLU C 2420 -17.19 28.88 -60.38
CA GLU C 2420 -17.46 27.66 -59.62
C GLU C 2420 -18.93 27.49 -59.24
N THR C 2421 -19.63 28.57 -58.92
CA THR C 2421 -21.02 28.44 -58.48
C THR C 2421 -21.94 27.99 -59.62
N LEU C 2422 -21.70 28.51 -60.82
CA LEU C 2422 -22.44 28.04 -61.99
C LEU C 2422 -22.16 26.57 -62.27
N LEU C 2423 -20.89 26.16 -62.13
CA LEU C 2423 -20.56 24.75 -62.28
C LEU C 2423 -21.27 23.90 -61.25
N ASN C 2424 -21.38 24.41 -60.02
CA ASN C 2424 -22.08 23.68 -58.96
C ASN C 2424 -23.55 23.49 -59.28
N VAL C 2425 -24.22 24.52 -59.79
CA VAL C 2425 -25.65 24.32 -60.09
C VAL C 2425 -25.84 23.45 -61.34
N ILE C 2426 -25.00 23.61 -62.37
CA ILE C 2426 -25.11 22.78 -63.57
C ILE C 2426 -24.90 21.32 -63.26
N LYS C 2427 -24.00 20.99 -62.34
CA LYS C 2427 -23.83 19.56 -62.18
C LYS C 2427 -24.37 19.08 -60.85
N SER C 2428 -25.13 19.95 -60.18
CA SER C 2428 -26.32 19.52 -59.46
C SER C 2428 -27.39 19.00 -60.41
N VAL C 2429 -27.56 19.64 -61.57
CA VAL C 2429 -28.47 19.07 -62.57
C VAL C 2429 -27.93 17.74 -63.08
N THR C 2430 -26.66 17.69 -63.45
CA THR C 2430 -26.12 16.50 -64.10
C THR C 2430 -25.41 15.54 -63.17
N ARG C 2431 -25.56 15.65 -61.85
CA ARG C 2431 -25.08 14.59 -60.97
C ARG C 2431 -25.93 13.34 -61.10
N ASN C 2432 -27.20 13.42 -60.71
CA ASN C 2432 -28.12 12.28 -60.82
C ASN C 2432 -28.86 12.33 -62.16
N GLY C 2433 -28.07 12.29 -63.23
CA GLY C 2433 -28.66 12.39 -64.55
C GLY C 2433 -29.43 11.16 -64.96
N ARG C 2434 -29.07 10.00 -64.43
CA ARG C 2434 -29.74 8.77 -64.83
C ARG C 2434 -31.16 8.65 -64.28
N PRO C 2435 -31.47 9.08 -63.04
CA PRO C 2435 -32.89 9.21 -62.68
C PRO C 2435 -33.68 10.15 -63.57
N ILE C 2436 -33.07 11.26 -64.02
CA ILE C 2436 -33.76 12.19 -64.90
C ILE C 2436 -34.03 11.56 -66.25
N ILE C 2437 -33.05 10.84 -66.80
CA ILE C 2437 -33.23 10.17 -68.09
C ILE C 2437 -34.28 9.07 -67.99
N LEU C 2438 -34.26 8.32 -66.89
CA LEU C 2438 -35.25 7.26 -66.73
C LEU C 2438 -36.65 7.82 -66.48
N THR C 2439 -36.77 8.96 -65.80
CA THR C 2439 -38.07 9.59 -65.62
C THR C 2439 -38.59 10.13 -66.95
N ALA C 2440 -37.69 10.64 -67.80
CA ALA C 2440 -38.09 11.07 -69.14
C ALA C 2440 -38.56 9.89 -69.98
N ALA C 2441 -37.89 8.74 -69.86
CA ALA C 2441 -38.32 7.54 -70.58
C ALA C 2441 -39.67 7.05 -70.07
N LEU C 2442 -39.90 7.16 -68.76
CA LEU C 2442 -41.21 6.84 -68.18
C LEU C 2442 -42.30 7.76 -68.75
N ALA C 2443 -42.00 9.06 -68.85
CA ALA C 2443 -42.94 9.99 -69.45
C ALA C 2443 -43.24 9.62 -70.90
N LEU C 2444 -42.20 9.20 -71.62
CA LEU C 2444 -42.37 8.79 -73.00
C LEU C 2444 -43.30 7.58 -73.13
N ILE C 2445 -43.13 6.58 -72.25
CA ILE C 2445 -43.99 5.41 -72.37
C ILE C 2445 -45.41 5.71 -71.92
N LEU C 2446 -45.59 6.61 -70.94
CA LEU C 2446 -46.95 7.00 -70.55
C LEU C 2446 -47.65 7.76 -71.68
N VAL C 2447 -46.91 8.64 -72.36
CA VAL C 2447 -47.43 9.32 -73.55
C VAL C 2447 -47.77 8.30 -74.63
N TYR C 2448 -46.97 7.24 -74.75
CA TYR C 2448 -47.23 6.22 -75.77
C TYR C 2448 -48.54 5.48 -75.50
N LEU C 2449 -48.76 5.06 -74.25
CA LEU C 2449 -50.03 4.40 -73.92
C LEU C 2449 -51.23 5.33 -74.08
N PHE C 2450 -51.10 6.59 -73.66
CA PHE C 2450 -52.21 7.52 -73.86
C PHE C 2450 -52.48 7.78 -75.34
N SER C 2451 -51.43 7.78 -76.16
CA SER C 2451 -51.61 7.99 -77.60
C SER C 2451 -52.30 6.79 -78.25
N ILE C 2452 -51.96 5.57 -77.84
CA ILE C 2452 -52.65 4.43 -78.45
C ILE C 2452 -54.09 4.31 -77.94
N VAL C 2453 -54.37 4.76 -76.70
CA VAL C 2453 -55.76 4.83 -76.25
C VAL C 2453 -56.54 5.84 -77.08
N GLY C 2454 -55.95 7.01 -77.33
CA GLY C 2454 -56.60 8.00 -78.17
C GLY C 2454 -56.77 7.55 -79.62
N TYR C 2455 -55.83 6.77 -80.13
CA TYR C 2455 -55.98 6.20 -81.46
C TYR C 2455 -57.11 5.18 -81.50
N LEU C 2456 -57.27 4.40 -80.42
CA LEU C 2456 -58.33 3.41 -80.38
C LEU C 2456 -59.71 4.05 -80.31
N PHE C 2457 -59.90 4.99 -79.38
CA PHE C 2457 -61.25 5.43 -79.06
C PHE C 2457 -61.59 6.85 -79.49
N PHE C 2458 -60.61 7.75 -79.55
CA PHE C 2458 -60.88 9.17 -79.82
C PHE C 2458 -60.21 9.62 -81.11
N LYS C 2459 -60.35 8.85 -82.17
CA LYS C 2459 -59.61 9.10 -83.41
C LYS C 2459 -60.06 10.39 -84.09
N ASP C 2460 -61.34 10.71 -84.02
CA ASP C 2460 -61.89 11.87 -84.72
C ASP C 2460 -61.84 13.15 -83.89
N ASP C 2461 -61.39 13.07 -82.64
CA ASP C 2461 -61.25 14.25 -81.80
C ASP C 2461 -59.89 14.93 -81.96
N PHE C 2462 -59.03 14.41 -82.84
CA PHE C 2462 -57.69 14.94 -83.01
C PHE C 2462 -57.60 15.95 -84.13
N ILE C 2463 -58.64 16.73 -84.37
CA ILE C 2463 -58.61 17.81 -85.35
C ILE C 2463 -57.97 19.02 -84.70
N LEU C 2464 -56.85 19.48 -85.25
CA LEU C 2464 -56.16 20.65 -84.73
C LEU C 2464 -55.87 21.63 -85.85
N GLU C 2465 -55.82 22.91 -85.50
CA GLU C 2465 -55.80 24.01 -86.44
C GLU C 2465 -54.37 24.41 -86.78
N VAL C 2466 -54.09 24.56 -88.08
CA VAL C 2466 -52.78 24.99 -88.55
C VAL C 2466 -52.98 26.09 -89.59
N ASP C 2467 -51.90 26.83 -89.84
CA ASP C 2467 -51.86 27.81 -90.92
C ASP C 2467 -50.85 27.39 -91.97
N ARG C 2468 -51.24 27.57 -93.24
CA ARG C 2468 -50.49 27.04 -94.35
C ARG C 2468 -49.69 28.14 -95.04
N LEU C 2469 -48.45 27.82 -95.39
CA LEU C 2469 -47.62 28.74 -96.15
C LEU C 2469 -48.20 28.89 -97.56
N PRO C 2470 -48.40 30.13 -98.02
CA PRO C 2470 -49.01 30.33 -99.35
C PRO C 2470 -48.13 29.81 -100.48
N ASN C 2471 -48.79 29.33 -101.53
CA ASN C 2471 -48.11 28.68 -102.65
C ASN C 2471 -47.27 29.66 -103.46
N LYS C 2519 -57.96 22.76 -95.51
CA LYS C 2519 -58.60 24.03 -95.20
C LYS C 2519 -58.66 24.21 -93.69
N GLU C 2520 -57.60 24.82 -93.14
CA GLU C 2520 -57.53 25.36 -91.78
C GLU C 2520 -57.45 24.26 -90.71
N HIS C 2521 -57.63 23.01 -91.10
CA HIS C 2521 -57.69 21.91 -90.15
C HIS C 2521 -56.99 20.69 -90.72
N THR C 2522 -56.33 19.94 -89.85
CA THR C 2522 -55.69 18.69 -90.22
C THR C 2522 -56.06 17.62 -89.20
N CYS C 2523 -56.00 16.37 -89.65
CA CYS C 2523 -56.20 15.21 -88.78
C CYS C 2523 -54.93 14.38 -88.76
N GLU C 2524 -54.75 13.62 -87.70
CA GLU C 2524 -53.57 12.78 -87.51
C GLU C 2524 -54.01 11.35 -87.22
N THR C 2525 -53.94 10.49 -88.24
CA THR C 2525 -54.29 9.07 -88.10
C THR C 2525 -53.15 8.22 -88.66
N LEU C 2526 -52.10 8.04 -87.85
CA LEU C 2526 -51.05 7.11 -88.20
C LEU C 2526 -50.46 6.40 -86.97
N LEU C 2527 -50.87 6.78 -85.76
CA LEU C 2527 -50.39 6.33 -84.46
C LEU C 2527 -48.95 6.79 -84.18
N MET C 2528 -48.28 7.38 -85.16
CA MET C 2528 -47.04 8.12 -84.91
C MET C 2528 -47.27 9.62 -84.89
N CYS C 2529 -48.12 10.11 -85.79
CA CYS C 2529 -48.57 11.50 -85.70
C CYS C 2529 -49.36 11.75 -84.43
N ILE C 2530 -50.03 10.72 -83.91
CA ILE C 2530 -50.73 10.87 -82.65
C ILE C 2530 -49.75 10.97 -81.48
N VAL C 2531 -48.64 10.23 -81.53
CA VAL C 2531 -47.60 10.41 -80.51
C VAL C 2531 -46.97 11.80 -80.63
N THR C 2532 -46.82 12.30 -81.87
CA THR C 2532 -46.34 13.67 -82.06
C THR C 2532 -47.30 14.70 -81.47
N VAL C 2533 -48.61 14.48 -81.64
CA VAL C 2533 -49.62 15.39 -81.09
C VAL C 2533 -49.65 15.31 -79.56
N LEU C 2534 -49.46 14.12 -79.01
CA LEU C 2534 -49.41 14.01 -77.55
C LEU C 2534 -48.15 14.66 -76.96
N SER C 2535 -47.04 14.64 -77.70
CA SER C 2535 -45.87 15.37 -77.24
C SER C 2535 -46.01 16.87 -77.45
N HIS C 2536 -46.80 17.28 -78.46
CA HIS C 2536 -47.24 18.65 -78.61
C HIS C 2536 -48.10 19.11 -77.43
N GLY C 2537 -48.97 18.25 -76.94
CA GLY C 2537 -49.81 18.51 -75.79
C GLY C 2537 -49.21 18.20 -74.44
N LEU C 2538 -47.99 17.65 -74.39
CA LEU C 2538 -47.28 17.51 -73.12
C LEU C 2538 -46.88 18.88 -72.57
N ARG C 2539 -46.74 19.87 -73.44
CA ARG C 2539 -46.60 21.26 -73.04
C ARG C 2539 -47.99 21.83 -72.73
N SER C 2540 -48.10 23.16 -72.66
CA SER C 2540 -49.34 23.93 -72.49
C SER C 2540 -49.99 23.76 -71.12
N GLY C 2541 -49.43 22.95 -70.21
CA GLY C 2541 -49.83 22.98 -68.82
C GLY C 2541 -51.17 22.33 -68.49
N GLY C 2542 -52.21 22.65 -69.26
CA GLY C 2542 -53.51 22.04 -69.03
C GLY C 2542 -53.54 20.56 -69.35
N GLY C 2543 -52.79 20.13 -70.36
CA GLY C 2543 -52.73 18.75 -70.75
C GLY C 2543 -53.15 18.57 -72.21
N VAL C 2544 -53.71 17.39 -72.49
CA VAL C 2544 -54.13 17.09 -73.86
C VAL C 2544 -55.52 17.62 -74.15
N GLY C 2545 -56.27 18.01 -73.13
CA GLY C 2545 -57.62 18.50 -73.34
C GLY C 2545 -57.73 19.87 -73.98
N ASP C 2546 -56.62 20.62 -74.07
CA ASP C 2546 -56.63 21.94 -74.67
C ASP C 2546 -56.47 21.92 -76.19
N VAL C 2547 -55.95 20.83 -76.76
CA VAL C 2547 -55.76 20.75 -78.19
C VAL C 2547 -56.83 19.89 -78.86
N LEU C 2548 -57.41 18.93 -78.16
CA LEU C 2548 -58.50 18.13 -78.71
C LEU C 2548 -59.77 18.96 -78.78
N ARG C 2549 -60.66 18.58 -79.69
CA ARG C 2549 -61.88 19.36 -79.90
C ARG C 2549 -62.83 19.19 -78.73
N LYS C 2550 -63.69 20.19 -78.55
CA LYS C 2550 -64.56 20.27 -77.38
C LYS C 2550 -65.71 19.28 -77.50
N PRO C 2551 -66.03 18.53 -76.44
CA PRO C 2551 -66.96 17.40 -76.59
C PRO C 2551 -68.43 17.79 -76.71
N SER C 2552 -68.79 19.03 -76.37
CA SER C 2552 -70.11 19.62 -76.64
C SER C 2552 -71.28 18.94 -75.90
N LYS C 2553 -70.98 18.14 -74.87
CA LYS C 2553 -71.92 17.76 -73.80
C LYS C 2553 -73.01 16.78 -74.25
N GLU C 2554 -73.18 16.57 -75.56
CA GLU C 2554 -74.28 15.77 -76.05
C GLU C 2554 -73.84 14.49 -76.75
N GLU C 2555 -72.60 14.41 -77.21
CA GLU C 2555 -72.09 13.17 -77.75
C GLU C 2555 -71.98 12.12 -76.64
N PRO C 2556 -72.17 10.84 -76.97
CA PRO C 2556 -72.06 9.79 -75.95
C PRO C 2556 -70.70 9.69 -75.30
N LEU C 2557 -69.62 9.98 -76.04
CA LEU C 2557 -68.27 9.95 -75.49
C LEU C 2557 -67.93 11.31 -74.88
N PHE C 2558 -68.68 11.66 -73.84
CA PHE C 2558 -68.42 12.87 -73.07
C PHE C 2558 -67.72 12.58 -71.76
N ALA C 2559 -68.29 11.66 -70.96
CA ALA C 2559 -67.64 11.27 -69.72
C ALA C 2559 -66.31 10.57 -70.00
N ALA C 2560 -66.25 9.79 -71.08
CA ALA C 2560 -64.98 9.16 -71.46
C ALA C 2560 -63.92 10.22 -71.73
N ARG C 2561 -64.30 11.30 -72.40
CA ARG C 2561 -63.37 12.41 -72.64
C ARG C 2561 -62.98 13.09 -71.35
N VAL C 2562 -63.93 13.26 -70.42
CA VAL C 2562 -63.63 13.99 -69.17
C VAL C 2562 -62.64 13.21 -68.31
N ILE C 2563 -62.90 11.93 -68.07
CA ILE C 2563 -61.92 11.11 -67.34
C ILE C 2563 -60.61 10.94 -68.10
N TYR C 2564 -60.65 10.86 -69.43
CA TYR C 2564 -59.40 10.77 -70.21
C TYR C 2564 -58.53 12.00 -70.01
N ASP C 2565 -59.13 13.19 -70.13
CA ASP C 2565 -58.41 14.44 -69.95
C ASP C 2565 -57.89 14.59 -68.53
N LEU C 2566 -58.73 14.26 -67.54
CA LEU C 2566 -58.33 14.43 -66.15
C LEU C 2566 -57.21 13.47 -65.77
N LEU C 2567 -57.30 12.20 -66.22
CA LEU C 2567 -56.22 11.26 -65.94
C LEU C 2567 -54.91 11.69 -66.58
N PHE C 2568 -54.96 12.14 -67.85
CA PHE C 2568 -53.73 12.59 -68.49
C PHE C 2568 -53.11 13.76 -67.76
N PHE C 2569 -53.92 14.80 -67.50
CA PHE C 2569 -53.44 15.99 -66.80
C PHE C 2569 -52.83 15.63 -65.47
N PHE C 2570 -53.64 15.06 -64.56
CA PHE C 2570 -53.22 14.73 -63.21
C PHE C 2570 -51.98 13.85 -63.22
N MET C 2571 -52.10 12.62 -63.73
CA MET C 2571 -51.02 11.66 -63.59
C MET C 2571 -49.77 12.12 -64.33
N VAL C 2572 -49.88 12.33 -65.66
CA VAL C 2572 -48.69 12.67 -66.44
C VAL C 2572 -48.09 13.98 -65.98
N ILE C 2573 -48.85 15.09 -66.10
CA ILE C 2573 -48.31 16.42 -65.83
C ILE C 2573 -47.81 16.51 -64.40
N ILE C 2574 -48.72 16.33 -63.42
CA ILE C 2574 -48.37 16.53 -62.02
C ILE C 2574 -47.27 15.57 -61.60
N ILE C 2575 -47.53 14.26 -61.69
CA ILE C 2575 -46.62 13.29 -61.10
C ILE C 2575 -45.26 13.31 -61.78
N VAL C 2576 -45.23 13.32 -63.12
CA VAL C 2576 -43.95 13.16 -63.81
C VAL C 2576 -43.11 14.44 -63.75
N LEU C 2577 -43.72 15.61 -64.04
CA LEU C 2577 -42.91 16.81 -64.04
C LEU C 2577 -42.48 17.17 -62.61
N ASN C 2578 -43.35 16.95 -61.62
CA ASN C 2578 -42.94 17.09 -60.24
C ASN C 2578 -41.89 16.07 -59.84
N LEU C 2579 -41.86 14.90 -60.47
CA LEU C 2579 -40.80 13.94 -60.20
C LEU C 2579 -39.45 14.45 -60.67
N ILE C 2580 -39.40 15.02 -61.87
CA ILE C 2580 -38.13 15.56 -62.39
C ILE C 2580 -37.63 16.69 -61.51
N PHE C 2581 -38.52 17.61 -61.13
CA PHE C 2581 -38.11 18.73 -60.30
C PHE C 2581 -37.74 18.26 -58.88
N GLY C 2582 -38.41 17.21 -58.37
CA GLY C 2582 -38.04 16.68 -57.07
C GLY C 2582 -36.67 16.03 -57.08
N VAL C 2583 -36.31 15.37 -58.19
CA VAL C 2583 -34.98 14.80 -58.32
C VAL C 2583 -33.93 15.89 -58.29
N ILE C 2584 -34.18 17.00 -59.01
CA ILE C 2584 -33.22 18.11 -59.03
C ILE C 2584 -33.06 18.73 -57.64
N ILE C 2585 -34.18 18.95 -56.94
CA ILE C 2585 -34.13 19.54 -55.60
C ILE C 2585 -33.41 18.63 -54.62
N ASP C 2586 -33.65 17.32 -54.70
CA ASP C 2586 -32.97 16.39 -53.82
C ASP C 2586 -31.47 16.36 -54.10
N THR C 2587 -31.07 16.58 -55.35
CA THR C 2587 -29.64 16.62 -55.64
C THR C 2587 -28.99 17.87 -55.06
N PHE C 2588 -29.70 19.01 -55.09
CA PHE C 2588 -29.23 20.18 -54.32
C PHE C 2588 -29.04 19.86 -52.84
N ALA C 2589 -30.01 19.17 -52.24
CA ALA C 2589 -29.90 18.86 -50.81
C ALA C 2589 -28.70 17.97 -50.52
N ASP C 2590 -28.48 16.95 -51.36
CA ASP C 2590 -27.34 16.06 -51.19
C ASP C 2590 -26.01 16.80 -51.33
N LEU C 2591 -25.91 17.67 -52.35
CA LEU C 2591 -24.68 18.40 -52.57
C LEU C 2591 -24.36 19.34 -51.41
N ARG C 2592 -25.38 20.06 -50.91
CA ARG C 2592 -25.14 20.97 -49.79
C ARG C 2592 -24.75 20.20 -48.53
N SER C 2593 -25.39 19.06 -48.28
CA SER C 2593 -25.04 18.27 -47.09
C SER C 2593 -23.61 17.78 -47.15
N GLU C 2594 -23.19 17.24 -48.31
CA GLU C 2594 -21.83 16.72 -48.39
C GLU C 2594 -20.79 17.85 -48.37
N LYS C 2595 -21.13 19.02 -48.92
CA LYS C 2595 -20.20 20.14 -48.89
C LYS C 2595 -19.98 20.66 -47.47
N GLN C 2596 -21.08 20.84 -46.72
CA GLN C 2596 -20.91 21.31 -45.35
C GLN C 2596 -20.24 20.27 -44.47
N LYS C 2597 -20.49 18.98 -44.73
CA LYS C 2597 -19.83 17.92 -43.98
C LYS C 2597 -18.33 17.92 -44.19
N LYS C 2598 -17.89 17.99 -45.45
CA LYS C 2598 -16.45 18.00 -45.71
C LYS C 2598 -15.80 19.29 -45.24
N GLU C 2599 -16.54 20.41 -45.29
CA GLU C 2599 -15.99 21.66 -44.78
C GLU C 2599 -15.78 21.61 -43.27
N GLU C 2600 -16.73 21.06 -42.52
CA GLU C 2600 -16.55 21.04 -41.07
C GLU C 2600 -15.52 19.98 -40.66
N ILE C 2601 -15.41 18.86 -41.39
CA ILE C 2601 -14.37 17.91 -41.04
C ILE C 2601 -13.00 18.43 -41.44
N LEU C 2602 -12.93 19.33 -42.42
CA LEU C 2602 -11.65 19.99 -42.72
C LEU C 2602 -11.32 21.04 -41.67
N LYS C 2603 -12.34 21.69 -41.11
CA LYS C 2603 -12.09 22.83 -40.24
C LYS C 2603 -11.84 22.43 -38.79
N THR C 2604 -12.41 21.32 -38.33
CA THR C 2604 -12.32 20.95 -36.92
C THR C 2604 -11.55 19.65 -36.68
N THR C 2605 -10.59 19.32 -37.55
CA THR C 2605 -9.87 18.06 -37.43
C THR C 2605 -8.49 18.23 -38.05
N CYS C 2606 -7.47 17.65 -37.41
CA CYS C 2606 -6.11 17.71 -37.94
C CYS C 2606 -5.99 16.90 -39.23
N PHE C 2607 -5.24 17.45 -40.18
CA PHE C 2607 -5.07 16.82 -41.49
C PHE C 2607 -4.34 15.49 -41.39
N ILE C 2608 -3.31 15.42 -40.56
CA ILE C 2608 -2.48 14.23 -40.45
C ILE C 2608 -2.95 13.32 -39.33
N CYS C 2609 -3.07 13.88 -38.12
CA CYS C 2609 -3.40 13.07 -36.95
C CYS C 2609 -4.85 12.61 -36.96
N GLY C 2610 -5.74 13.36 -37.59
CA GLY C 2610 -7.14 13.03 -37.58
C GLY C 2610 -7.84 13.23 -36.25
N LEU C 2611 -7.17 13.78 -35.25
CA LEU C 2611 -7.79 14.06 -33.97
C LEU C 2611 -8.67 15.29 -34.07
N GLU C 2612 -9.67 15.34 -33.21
CA GLU C 2612 -10.66 16.42 -33.21
C GLU C 2612 -10.24 17.54 -32.28
N ARG C 2613 -10.92 18.68 -32.42
CA ARG C 2613 -10.65 19.85 -31.61
C ARG C 2613 -10.98 19.65 -30.14
N ASP C 2614 -11.84 18.67 -29.82
CA ASP C 2614 -12.28 18.47 -28.45
C ASP C 2614 -11.22 17.82 -27.58
N LYS C 2615 -10.20 17.19 -28.19
CA LYS C 2615 -9.18 16.52 -27.40
C LYS C 2615 -8.17 17.51 -26.81
N PHE C 2616 -8.02 18.68 -27.43
CA PHE C 2616 -7.08 19.70 -26.96
C PHE C 2616 -7.77 20.74 -26.08
N ASP C 2617 -8.36 20.31 -24.96
CA ASP C 2617 -9.11 21.25 -24.12
C ASP C 2617 -8.17 22.22 -23.42
N ASN C 2618 -7.32 21.73 -22.51
CA ASN C 2618 -6.26 22.57 -21.95
C ASN C 2618 -4.89 22.03 -22.34
N LYS C 2619 -4.53 20.82 -21.88
CA LYS C 2619 -3.45 19.97 -22.40
C LYS C 2619 -2.12 20.65 -22.69
N THR C 2620 -1.86 21.80 -22.05
CA THR C 2620 -0.70 22.70 -22.12
C THR C 2620 -0.31 23.10 -23.55
N VAL C 2621 -1.18 22.84 -24.54
CA VAL C 2621 -0.99 23.27 -25.92
C VAL C 2621 -2.34 23.74 -26.45
N THR C 2622 -2.34 24.18 -27.71
CA THR C 2622 -3.56 24.58 -28.40
C THR C 2622 -3.61 23.84 -29.74
N PHE C 2623 -4.84 23.75 -30.27
CA PHE C 2623 -5.05 23.06 -31.54
C PHE C 2623 -4.37 23.80 -32.70
N GLU C 2624 -4.42 25.14 -32.67
CA GLU C 2624 -3.89 25.92 -33.79
C GLU C 2624 -2.38 25.92 -33.84
N GLU C 2625 -1.70 25.69 -32.72
CA GLU C 2625 -0.26 25.48 -32.76
C GLU C 2625 0.12 24.02 -32.99
N HIS C 2626 -0.79 23.09 -32.66
CA HIS C 2626 -0.61 21.70 -33.04
C HIS C 2626 -0.63 21.53 -34.54
N ILE C 2627 -1.55 22.21 -35.23
CA ILE C 2627 -1.73 21.98 -36.66
C ILE C 2627 -0.83 22.90 -37.47
N LYS C 2628 0.07 23.63 -36.82
CA LYS C 2628 1.06 24.41 -37.54
C LYS C 2628 2.49 24.15 -37.12
N GLU C 2629 2.73 23.54 -35.96
CA GLU C 2629 4.07 23.19 -35.52
C GLU C 2629 4.30 21.70 -35.42
N GLU C 2630 3.46 20.98 -34.67
CA GLU C 2630 3.69 19.57 -34.44
C GLU C 2630 3.29 18.72 -35.65
N HIS C 2631 2.18 19.06 -36.29
CA HIS C 2631 1.63 18.23 -37.37
C HIS C 2631 1.35 19.07 -38.60
N ASN C 2632 2.23 19.99 -38.95
CA ASN C 2632 2.12 20.71 -40.20
C ASN C 2632 2.43 19.79 -41.36
N MET C 2633 1.54 19.71 -42.34
CA MET C 2633 1.69 18.74 -43.42
C MET C 2633 2.72 19.17 -44.46
N TRP C 2634 3.01 20.46 -44.58
CA TRP C 2634 4.07 20.86 -45.49
C TRP C 2634 5.43 20.47 -44.95
N HIS C 2635 5.57 20.32 -43.64
CA HIS C 2635 6.76 19.71 -43.08
C HIS C 2635 6.88 18.26 -43.49
N TYR C 2636 5.76 17.55 -43.56
CA TYR C 2636 5.78 16.16 -44.02
C TYR C 2636 6.16 16.06 -45.49
N LEU C 2637 5.64 16.98 -46.31
CA LEU C 2637 6.04 17.03 -47.72
C LEU C 2637 7.52 17.37 -47.86
N CYS C 2638 8.02 18.30 -47.05
CA CYS C 2638 9.44 18.64 -47.06
C CYS C 2638 10.30 17.47 -46.65
N PHE C 2639 9.85 16.68 -45.67
CA PHE C 2639 10.61 15.51 -45.24
C PHE C 2639 10.62 14.44 -46.32
N ILE C 2640 9.50 14.27 -47.04
CA ILE C 2640 9.48 13.31 -48.15
C ILE C 2640 10.45 13.72 -49.24
N VAL C 2641 10.47 15.01 -49.58
CA VAL C 2641 11.41 15.50 -50.59
C VAL C 2641 12.85 15.35 -50.10
N LEU C 2642 13.10 15.63 -48.81
CA LEU C 2642 14.43 15.49 -48.23
C LEU C 2642 14.92 14.04 -48.28
N VAL C 2643 14.02 13.10 -48.00
CA VAL C 2643 14.37 11.69 -48.11
C VAL C 2643 14.72 11.33 -49.54
N LYS C 2644 13.94 11.83 -50.51
CA LYS C 2644 14.20 11.42 -51.88
C LYS C 2644 15.16 12.33 -52.65
N VAL C 2645 15.84 13.27 -52.00
CA VAL C 2645 16.83 14.09 -52.70
C VAL C 2645 18.26 13.81 -52.23
N LYS C 2646 18.44 13.26 -51.02
CA LYS C 2646 19.75 13.28 -50.36
C LYS C 2646 20.61 12.15 -50.95
N ASP C 2647 21.77 11.89 -50.34
CA ASP C 2647 22.87 11.11 -50.93
C ASP C 2647 22.49 9.63 -51.09
N SER C 2648 21.53 9.14 -50.29
CA SER C 2648 21.15 7.76 -49.98
C SER C 2648 22.11 7.11 -48.99
N THR C 2649 23.17 7.79 -48.60
CA THR C 2649 23.98 7.45 -47.44
C THR C 2649 24.04 8.69 -46.54
N GLU C 2650 24.89 8.62 -45.52
CA GLU C 2650 25.23 9.71 -44.59
C GLU C 2650 24.01 10.46 -44.04
N TYR C 2651 22.84 9.82 -43.97
CA TYR C 2651 21.72 10.37 -43.23
C TYR C 2651 21.30 9.43 -42.11
N THR C 2652 20.60 10.00 -41.13
CA THR C 2652 20.59 9.47 -39.77
C THR C 2652 19.65 8.28 -39.61
N GLY C 2653 19.35 7.97 -38.36
CA GLY C 2653 18.59 6.81 -37.97
C GLY C 2653 17.15 6.76 -38.44
N PRO C 2654 16.30 7.64 -37.90
CA PRO C 2654 14.87 7.62 -38.29
C PRO C 2654 14.63 7.91 -39.76
N GLU C 2655 15.47 8.73 -40.37
CA GLU C 2655 15.33 9.02 -41.79
C GLU C 2655 15.54 7.76 -42.62
N SER C 2656 16.48 6.91 -42.23
CA SER C 2656 16.70 5.64 -42.90
C SER C 2656 15.51 4.70 -42.76
N TYR C 2657 14.89 4.64 -41.57
CA TYR C 2657 13.70 3.82 -41.38
C TYR C 2657 12.55 4.31 -42.24
N VAL C 2658 12.36 5.64 -42.32
CA VAL C 2658 11.29 6.20 -43.15
C VAL C 2658 11.55 5.93 -44.63
N ALA C 2659 12.80 6.04 -45.06
CA ALA C 2659 13.14 5.74 -46.46
C ALA C 2659 12.94 4.27 -46.76
N GLU C 2660 13.17 3.40 -45.78
CA GLU C 2660 12.83 2.00 -45.96
C GLU C 2660 11.32 1.79 -46.02
N MET C 2661 10.55 2.62 -45.32
CA MET C 2661 9.10 2.50 -45.37
C MET C 2661 8.50 3.14 -46.62
N ILE C 2662 9.27 3.90 -47.38
CA ILE C 2662 8.77 4.56 -48.58
C ILE C 2662 8.97 3.69 -49.82
N ARG C 2663 10.15 3.04 -49.91
CA ARG C 2663 10.44 2.19 -51.06
C ARG C 2663 9.50 0.99 -51.13
N GLU C 2664 9.25 0.34 -49.99
CA GLU C 2664 8.14 -0.59 -49.92
C GLU C 2664 6.86 0.19 -49.67
N ARG C 2665 5.72 -0.41 -49.99
CA ARG C 2665 4.53 0.39 -50.25
C ARG C 2665 3.91 0.99 -48.99
N ASN C 2666 3.94 0.30 -47.86
CA ASN C 2666 3.13 0.67 -46.71
C ASN C 2666 3.55 2.02 -46.12
N LEU C 2667 2.59 2.71 -45.52
CA LEU C 2667 2.77 4.09 -45.09
C LEU C 2667 2.16 4.31 -43.70
N ASP C 2668 2.28 3.30 -42.84
CA ASP C 2668 1.79 3.40 -41.48
C ASP C 2668 2.84 3.94 -40.51
N TRP C 2669 3.78 4.75 -41.00
CA TRP C 2669 4.67 5.49 -40.11
C TRP C 2669 4.13 6.87 -39.73
N PHE C 2670 3.00 7.27 -40.30
CA PHE C 2670 2.33 8.49 -39.87
C PHE C 2670 1.64 8.25 -38.53
N PRO C 2671 1.53 9.27 -37.69
CA PRO C 2671 0.71 9.14 -36.47
C PRO C 2671 -0.77 9.19 -36.81
N ARG C 2672 -1.48 8.07 -36.66
CA ARG C 2672 -2.81 7.99 -37.24
C ARG C 2672 -3.90 8.41 -36.26
N MET C 2673 -3.69 8.24 -34.96
CA MET C 2673 -4.68 8.75 -34.02
C MET C 2673 -4.03 9.24 -32.72
N ARG C 2674 -2.76 9.67 -32.79
CA ARG C 2674 -1.98 9.97 -31.60
C ARG C 2674 -1.07 11.15 -31.90
N ALA C 2675 -0.79 11.95 -30.87
CA ALA C 2675 -0.27 13.30 -31.09
C ALA C 2675 0.98 13.67 -30.29
N MET C 2676 1.46 12.84 -29.37
CA MET C 2676 2.69 12.99 -28.57
C MET C 2676 2.57 14.09 -27.52
N SER C 2677 1.53 14.91 -27.60
CA SER C 2677 1.32 16.00 -26.66
C SER C 2677 0.14 15.74 -25.74
N LEU C 2678 -0.51 14.58 -25.89
CA LEU C 2678 -1.63 14.21 -25.04
C LEU C 2678 -1.25 13.12 -24.04
N VAL C 2679 0.01 12.70 -24.00
CA VAL C 2679 0.43 11.67 -23.06
C VAL C 2679 0.94 12.33 -21.77
N SER C 2680 0.94 11.54 -20.70
CA SER C 2680 1.37 11.98 -19.38
C SER C 2680 2.34 10.97 -18.79
N SER C 2681 3.00 11.37 -17.71
CA SER C 2681 3.97 10.50 -17.05
C SER C 2681 3.28 9.60 -16.02
N ASP C 2682 4.04 8.60 -15.55
CA ASP C 2682 3.55 7.64 -14.57
C ASP C 2682 4.50 7.64 -13.38
N SER C 2683 3.94 7.76 -12.17
CA SER C 2683 4.75 7.76 -10.96
C SER C 2683 4.17 6.81 -9.91
N GLU C 2684 2.85 6.59 -9.97
CA GLU C 2684 2.19 5.76 -8.97
C GLU C 2684 2.61 4.30 -9.07
N GLY C 2685 2.66 3.76 -10.30
CA GLY C 2685 3.08 2.38 -10.48
C GLY C 2685 4.55 2.18 -10.12
N GLU C 2686 5.40 3.17 -10.46
CA GLU C 2686 6.81 3.10 -10.08
C GLU C 2686 6.97 3.13 -8.57
N GLN C 2687 6.20 3.98 -7.89
CA GLN C 2687 6.24 4.04 -6.43
C GLN C 2687 5.78 2.72 -5.82
N ASN C 2688 4.73 2.13 -6.38
CA ASN C 2688 4.24 0.85 -5.87
C ASN C 2688 5.26 -0.27 -6.08
N GLU C 2689 5.94 -0.28 -7.23
CA GLU C 2689 6.93 -1.33 -7.48
C GLU C 2689 8.17 -1.16 -6.61
N LEU C 2690 8.62 0.08 -6.40
CA LEU C 2690 9.75 0.27 -5.49
C LEU C 2690 9.36 -0.03 -4.05
N ARG C 2691 8.09 0.24 -3.69
CA ARG C 2691 7.57 -0.18 -2.40
C ARG C 2691 7.58 -1.70 -2.28
N ASN C 2692 7.22 -2.41 -3.34
CA ASN C 2692 7.23 -3.87 -3.31
C ASN C 2692 8.65 -4.42 -3.18
N LEU C 2693 9.61 -3.82 -3.89
CA LEU C 2693 11.01 -4.26 -3.76
C LEU C 2693 11.55 -3.97 -2.37
N GLN C 2694 11.21 -2.80 -1.81
CA GLN C 2694 11.59 -2.48 -0.44
C GLN C 2694 10.92 -3.43 0.55
N GLU C 2695 9.70 -3.89 0.23
CA GLU C 2695 9.01 -4.85 1.08
C GLU C 2695 9.66 -6.23 1.00
N LYS C 2696 10.17 -6.61 -0.15
CA LYS C 2696 10.91 -7.87 -0.26
C LYS C 2696 12.21 -7.82 0.53
N LEU C 2697 12.94 -6.70 0.43
CA LEU C 2697 14.15 -6.52 1.24
C LEU C 2697 13.82 -6.49 2.72
N GLU C 2698 12.68 -5.89 3.07
CA GLU C 2698 12.26 -5.85 4.47
C GLU C 2698 11.84 -7.23 4.95
N SER C 2699 11.28 -8.04 4.06
CA SER C 2699 10.96 -9.42 4.40
C SER C 2699 12.23 -10.23 4.64
N THR C 2700 13.29 -9.95 3.88
CA THR C 2700 14.58 -10.58 4.15
C THR C 2700 15.13 -10.17 5.53
N MET C 2701 15.06 -8.87 5.85
CA MET C 2701 15.59 -8.46 7.15
C MET C 2701 14.71 -8.97 8.29
N LYS C 2702 13.41 -9.09 8.05
CA LYS C 2702 12.51 -9.66 9.05
C LYS C 2702 12.63 -11.17 9.17
N LEU C 2703 13.09 -11.88 8.13
CA LEU C 2703 13.38 -13.29 8.34
C LEU C 2703 14.67 -13.45 9.14
N VAL C 2704 15.64 -12.55 8.95
CA VAL C 2704 16.78 -12.52 9.87
C VAL C 2704 16.31 -12.20 11.29
N THR C 2705 15.31 -11.32 11.40
CA THR C 2705 14.73 -10.99 12.71
C THR C 2705 14.05 -12.21 13.34
N ASN C 2706 13.37 -13.04 12.55
CA ASN C 2706 12.78 -14.21 13.19
C ASN C 2706 13.80 -15.32 13.46
N LEU C 2707 14.94 -15.34 12.75
CA LEU C 2707 16.07 -16.13 13.22
C LEU C 2707 16.55 -15.66 14.60
N SER C 2708 16.61 -14.34 14.80
CA SER C 2708 16.81 -13.83 16.16
C SER C 2708 15.65 -14.21 17.08
N GLY C 2709 14.47 -14.46 16.50
CA GLY C 2709 13.36 -14.97 17.29
C GLY C 2709 13.61 -16.35 17.85
N GLN C 2710 14.02 -17.30 16.98
CA GLN C 2710 14.33 -18.61 17.57
C GLN C 2710 15.58 -18.56 18.41
N LEU C 2711 16.45 -17.56 18.22
CA LEU C 2711 17.50 -17.29 19.19
C LEU C 2711 16.93 -16.89 20.55
N SER C 2712 15.83 -16.12 20.55
CA SER C 2712 15.16 -15.77 21.80
C SER C 2712 14.60 -17.01 22.50
N GLU C 2713 13.95 -17.92 21.76
CA GLU C 2713 13.58 -19.11 22.54
C GLU C 2713 14.74 -20.08 22.77
N LEU C 2714 15.89 -19.93 22.08
CA LEU C 2714 17.09 -20.62 22.54
C LEU C 2714 17.47 -20.15 23.95
N LYS C 2715 17.42 -18.83 24.17
CA LYS C 2715 17.59 -18.31 25.53
C LYS C 2715 16.51 -18.83 26.46
N ASP C 2716 15.30 -19.08 25.93
CA ASP C 2716 14.24 -19.65 26.76
C ASP C 2716 14.60 -21.06 27.25
N GLN C 2717 15.10 -21.94 26.36
CA GLN C 2717 15.41 -23.26 26.91
C GLN C 2717 16.66 -23.23 27.77
N MET C 2718 17.58 -22.28 27.53
CA MET C 2718 18.70 -22.13 28.46
C MET C 2718 18.22 -21.75 29.86
N THR C 2719 17.31 -20.76 29.93
CA THR C 2719 16.81 -20.29 31.23
C THR C 2719 15.98 -21.36 31.92
N GLU C 2720 15.05 -22.00 31.20
CA GLU C 2720 14.25 -23.03 31.85
C GLU C 2720 15.04 -24.30 32.11
N GLN C 2721 16.12 -24.55 31.38
CA GLN C 2721 16.99 -25.68 31.68
C GLN C 2721 17.72 -25.48 33.00
N ARG C 2722 18.32 -24.29 33.20
CA ARG C 2722 18.98 -24.06 34.48
C ARG C 2722 17.98 -23.95 35.63
N LYS C 2723 16.79 -23.41 35.35
CA LYS C 2723 15.74 -23.33 36.37
C LYS C 2723 15.24 -24.70 36.77
N GLN C 2724 15.02 -25.59 35.81
CA GLN C 2724 14.58 -26.95 36.16
C GLN C 2724 15.72 -27.75 36.77
N LYS C 2725 16.97 -27.44 36.43
CA LYS C 2725 18.10 -28.12 37.05
C LYS C 2725 18.19 -27.78 38.53
N GLN C 2726 18.08 -26.50 38.88
CA GLN C 2726 18.09 -26.15 40.30
C GLN C 2726 16.80 -26.60 40.99
N ARG C 2727 15.69 -26.70 40.26
CA ARG C 2727 14.45 -27.23 40.83
C ARG C 2727 14.59 -28.70 41.21
N ILE C 2728 15.19 -29.51 40.32
CA ILE C 2728 15.47 -30.91 40.64
C ILE C 2728 16.46 -31.01 41.78
N GLY C 2729 17.45 -30.10 41.81
CA GLY C 2729 18.41 -30.10 42.90
C GLY C 2729 17.78 -29.81 44.25
N LEU C 2730 16.86 -28.86 44.32
CA LEU C 2730 16.22 -28.55 45.58
C LEU C 2730 15.14 -29.56 45.97
N LEU C 2731 14.48 -30.19 45.00
CA LEU C 2731 13.37 -31.08 45.30
C LEU C 2731 13.74 -32.48 44.81
N GLY C 2732 14.92 -32.93 45.16
CA GLY C 2732 15.39 -34.26 44.80
C GLY C 2732 16.90 -34.34 44.92
N HIS C 2733 17.38 -35.57 45.14
CA HIS C 2733 18.81 -35.85 45.25
C HIS C 2733 19.16 -37.00 44.31
N PRO C 2734 19.33 -36.74 43.02
CA PRO C 2734 19.74 -37.79 42.09
C PRO C 2734 21.24 -37.95 42.03
N PRO C 2735 21.75 -39.17 42.16
CA PRO C 2735 23.20 -39.38 42.07
C PRO C 2735 23.68 -39.28 40.62
N HIS C 2736 24.97 -38.97 40.48
CA HIS C 2736 25.59 -38.88 39.17
C HIS C 2736 26.57 -40.03 38.95
N SER D 1 37.16 -4.23 9.09
CA SER D 1 37.37 -5.38 9.97
C SER D 1 38.79 -5.92 9.81
N SER D 2 39.74 -5.28 10.50
CA SER D 2 41.15 -5.62 10.51
C SER D 2 41.78 -5.57 9.11
N PHE D 3 41.22 -4.75 8.22
CA PHE D 3 41.79 -4.49 6.92
C PHE D 3 42.46 -3.13 6.93
N LEU D 4 43.04 -2.76 5.78
CA LEU D 4 43.67 -1.46 5.61
C LEU D 4 42.87 -0.68 4.58
N HIS D 5 42.50 0.55 4.94
CA HIS D 5 41.61 1.38 4.13
C HIS D 5 42.34 2.61 3.63
N ILE D 6 41.73 3.28 2.66
CA ILE D 6 42.16 4.61 2.24
C ILE D 6 41.74 5.58 3.34
N GLY D 7 42.69 6.38 3.81
CA GLY D 7 42.43 7.31 4.89
C GLY D 7 42.89 6.84 6.26
N ASP D 8 43.43 5.64 6.36
CA ASP D 8 44.02 5.19 7.61
C ASP D 8 45.32 5.93 7.88
N ILE D 9 45.72 5.93 9.16
CA ILE D 9 46.94 6.58 9.60
C ILE D 9 47.84 5.51 10.19
N CYS D 10 48.84 5.09 9.44
CA CYS D 10 49.69 3.96 9.82
C CYS D 10 51.09 4.46 10.19
N SER D 11 51.98 3.50 10.42
CA SER D 11 53.36 3.81 10.80
C SER D 11 54.25 2.70 10.26
N LEU D 12 54.99 3.00 9.19
CA LEU D 12 55.80 1.99 8.53
C LEU D 12 57.01 1.62 9.38
N TYR D 13 57.26 0.32 9.52
CA TYR D 13 58.35 -0.20 10.32
C TYR D 13 59.30 -0.97 9.42
N ALA D 14 60.61 -0.72 9.56
CA ALA D 14 61.62 -1.41 8.79
C ALA D 14 62.16 -2.58 9.60
N GLU D 15 62.31 -3.73 8.96
CA GLU D 15 63.00 -4.85 9.56
C GLU D 15 63.64 -5.69 8.46
N GLY D 16 64.75 -6.34 8.82
CA GLY D 16 65.60 -6.97 7.84
C GLY D 16 67.06 -6.76 8.20
N SER D 17 67.83 -6.14 7.29
CA SER D 17 69.20 -5.79 7.61
C SER D 17 69.28 -4.74 8.72
N THR D 18 68.40 -3.74 8.67
CA THR D 18 68.33 -2.71 9.68
C THR D 18 66.88 -2.52 10.14
N ASN D 19 66.72 -2.17 11.41
CA ASN D 19 65.42 -2.06 12.04
C ASN D 19 65.14 -0.62 12.40
N GLY D 20 63.86 -0.29 12.59
CA GLY D 20 63.47 1.02 13.07
C GLY D 20 62.32 1.59 12.29
N PHE D 21 61.65 2.57 12.88
CA PHE D 21 60.58 3.28 12.21
C PHE D 21 61.15 4.29 11.22
N ILE D 22 60.35 4.64 10.23
CA ILE D 22 60.75 5.64 9.24
C ILE D 22 60.31 7.01 9.76
N SER D 23 61.29 7.84 10.10
CA SER D 23 61.07 9.17 10.61
C SER D 23 61.53 10.20 9.59
N THR D 24 61.53 11.47 9.99
CA THR D 24 62.02 12.54 9.13
C THR D 24 62.66 13.60 10.02
N LEU D 25 63.97 13.77 9.90
CA LEU D 25 64.66 14.77 10.69
C LEU D 25 64.30 16.17 10.22
N GLY D 26 63.94 17.03 11.15
CA GLY D 26 63.63 18.41 10.83
C GLY D 26 62.33 18.58 10.08
N LEU D 27 61.98 19.85 9.87
CA LEU D 27 60.87 20.21 9.00
C LEU D 27 61.30 21.10 7.84
N VAL D 28 62.38 21.87 7.98
CA VAL D 28 62.95 22.57 6.85
C VAL D 28 63.70 21.62 5.91
N ASP D 29 64.08 20.45 6.40
CA ASP D 29 64.78 19.45 5.59
C ASP D 29 63.80 18.41 5.06
N ASP D 30 64.18 17.78 3.96
CA ASP D 30 63.32 16.85 3.24
C ASP D 30 63.98 15.50 3.06
N ARG D 31 64.65 15.00 4.10
CA ARG D 31 65.31 13.71 4.07
C ARG D 31 64.52 12.72 4.90
N CYS D 32 64.33 11.51 4.37
CA CYS D 32 63.68 10.44 5.09
C CYS D 32 64.71 9.52 5.72
N VAL D 33 64.53 9.23 7.01
CA VAL D 33 65.55 8.59 7.83
C VAL D 33 64.89 7.53 8.71
N VAL D 34 65.52 6.36 8.77
CA VAL D 34 65.22 5.37 9.80
C VAL D 34 66.32 5.41 10.84
N GLN D 35 66.01 4.97 12.06
CA GLN D 35 66.99 4.92 13.12
C GLN D 35 66.71 3.74 14.04
N PRO D 36 67.69 2.89 14.31
CA PRO D 36 67.43 1.65 15.04
C PRO D 36 67.32 1.84 16.55
N GLU D 37 68.07 2.78 17.09
CA GLU D 37 68.17 2.96 18.53
C GLU D 37 66.92 3.66 19.10
N ALA D 38 66.11 4.29 18.26
CA ALA D 38 64.94 5.02 18.74
C ALA D 38 63.91 4.12 19.40
N GLY D 39 63.66 2.95 18.83
CA GLY D 39 62.76 2.00 19.46
C GLY D 39 62.22 1.00 18.46
N ASP D 40 61.51 0.01 19.01
CA ASP D 40 60.89 -1.06 18.24
C ASP D 40 59.41 -1.17 18.60
N LEU D 41 58.77 -2.27 18.18
CA LEU D 41 57.33 -2.42 18.39
C LEU D 41 56.95 -2.48 19.86
N ASN D 42 57.82 -3.03 20.71
CA ASN D 42 57.51 -3.11 22.14
C ASN D 42 57.47 -1.73 22.79
N ASN D 43 58.40 -0.85 22.44
CA ASN D 43 58.33 0.53 22.88
C ASN D 43 58.80 1.49 21.80
N PRO D 44 57.91 2.35 21.31
CA PRO D 44 58.24 3.25 20.20
C PRO D 44 59.09 4.40 20.70
N PRO D 45 59.65 5.21 19.80
CA PRO D 45 60.40 6.40 20.24
C PRO D 45 59.49 7.41 20.92
N LYS D 46 60.11 8.26 21.74
CA LYS D 46 59.38 9.28 22.47
C LYS D 46 58.74 10.30 21.52
N LYS D 47 59.46 10.70 20.49
CA LYS D 47 58.90 11.58 19.46
C LYS D 47 58.22 10.75 18.37
N PHE D 48 57.16 10.06 18.77
CA PHE D 48 56.47 9.15 17.87
C PHE D 48 55.62 9.88 16.84
N ARG D 49 55.24 11.13 17.11
CA ARG D 49 54.41 11.91 16.19
C ARG D 49 55.08 12.15 14.84
N ASP D 50 56.41 12.08 14.80
CA ASP D 50 57.15 12.32 13.57
C ASP D 50 56.97 11.16 12.59
N CYS D 51 56.68 9.97 13.09
CA CYS D 51 56.73 8.75 12.29
C CYS D 51 55.40 8.36 11.67
N LEU D 52 54.36 9.19 11.79
CA LEU D 52 53.04 8.81 11.27
C LEU D 52 52.90 9.18 9.81
N PHE D 53 52.18 8.33 9.07
CA PHE D 53 51.86 8.56 7.66
C PHE D 53 50.39 8.31 7.43
N LYS D 54 49.86 8.88 6.36
CA LYS D 54 48.44 8.79 6.05
C LYS D 54 48.25 8.19 4.66
N LEU D 55 47.27 7.31 4.54
CA LEU D 55 47.01 6.61 3.29
C LEU D 55 46.11 7.46 2.40
N CYS D 56 46.55 7.71 1.17
CA CYS D 56 45.85 8.63 0.29
C CYS D 56 45.62 7.98 -1.06
N PRO D 57 44.54 8.33 -1.74
CA PRO D 57 44.24 7.69 -3.03
C PRO D 57 45.01 8.32 -4.17
N MET D 58 44.66 7.89 -5.38
CA MET D 58 45.27 8.33 -6.64
C MET D 58 45.13 9.84 -6.84
N ASN D 59 46.25 10.49 -7.17
CA ASN D 59 46.27 11.88 -7.56
C ASN D 59 46.89 12.01 -8.93
N ARG D 60 46.25 12.80 -9.79
CA ARG D 60 46.67 12.96 -11.18
C ARG D 60 47.42 14.27 -11.35
N TYR D 61 48.72 14.19 -11.60
CA TYR D 61 49.55 15.38 -11.85
C TYR D 61 49.80 15.46 -13.35
N SER D 62 48.80 15.96 -14.07
CA SER D 62 48.86 16.08 -15.52
C SER D 62 48.99 17.53 -15.96
N ALA D 63 48.06 18.39 -15.53
CA ALA D 63 48.17 19.81 -15.84
C ALA D 63 49.17 20.52 -14.93
N GLN D 64 49.40 19.98 -13.73
CA GLN D 64 50.40 20.57 -12.84
C GLN D 64 51.80 20.45 -13.41
N LYS D 65 52.13 19.29 -13.99
CA LYS D 65 53.44 19.11 -14.60
C LYS D 65 53.63 20.05 -15.79
N GLN D 66 52.57 20.22 -16.59
CA GLN D 66 52.61 21.14 -17.71
C GLN D 66 52.80 22.59 -17.25
N PHE D 67 52.09 22.97 -16.19
CA PHE D 67 52.22 24.33 -15.66
C PHE D 67 53.61 24.57 -15.07
N TRP D 68 54.17 23.58 -14.37
CA TRP D 68 55.49 23.75 -13.79
C TRP D 68 56.56 23.82 -14.88
N LYS D 69 56.37 23.07 -15.97
CA LYS D 69 57.33 23.14 -17.07
C LYS D 69 57.20 24.45 -17.83
N ALA D 70 55.98 24.97 -17.96
CA ALA D 70 55.78 26.23 -18.67
C ALA D 70 56.22 27.44 -17.87
N ALA D 71 56.07 27.40 -16.55
CA ALA D 71 56.40 28.54 -15.70
C ALA D 71 57.89 28.67 -15.43
N LYS D 72 58.71 27.72 -15.87
CA LYS D 72 60.15 27.79 -15.71
C LYS D 72 60.78 28.05 -17.07
N PRO D 73 61.16 29.30 -17.38
CA PRO D 73 61.66 29.63 -18.73
C PRO D 73 63.10 29.17 -18.91
N GLY D 74 63.30 28.19 -19.80
CA GLY D 74 64.62 27.69 -20.08
C GLY D 74 65.44 28.64 -20.94
N ALA D 75 65.01 28.84 -22.20
CA ALA D 75 65.71 29.74 -23.10
C ALA D 75 64.79 30.58 -23.96
N ASN D 76 63.47 30.49 -23.79
CA ASN D 76 62.52 31.27 -24.58
C ASN D 76 62.02 32.51 -23.84
N SER D 77 61.78 32.39 -22.53
CA SER D 77 61.31 33.47 -21.66
C SER D 77 60.02 34.10 -22.17
N THR D 78 59.11 33.27 -22.68
CA THR D 78 57.84 33.74 -23.22
C THR D 78 56.79 33.64 -22.12
N THR D 79 56.53 34.75 -21.46
CA THR D 79 55.51 34.84 -20.41
C THR D 79 54.29 35.54 -20.98
N ASP D 80 53.14 34.87 -20.92
CA ASP D 80 51.92 35.37 -21.54
C ASP D 80 50.84 35.51 -20.47
N ALA D 81 50.12 36.63 -20.50
CA ALA D 81 48.99 36.84 -19.62
C ALA D 81 47.73 36.17 -20.12
N VAL D 82 47.75 35.59 -21.31
CA VAL D 82 46.60 34.88 -21.86
C VAL D 82 46.82 33.39 -22.01
N LEU D 83 48.06 32.92 -21.86
CA LEU D 83 48.39 31.50 -21.97
C LEU D 83 48.74 30.88 -20.63
N LEU D 84 49.72 31.47 -19.93
CA LEU D 84 50.11 30.94 -18.63
C LEU D 84 49.02 31.17 -17.59
N ASN D 85 48.21 32.21 -17.77
CA ASN D 85 47.09 32.46 -16.87
C ASN D 85 46.05 31.34 -16.96
N LYS D 86 45.66 30.96 -18.17
CA LYS D 86 44.69 29.89 -18.30
C LYS D 86 45.31 28.53 -18.01
N LEU D 87 46.63 28.38 -18.21
CA LEU D 87 47.30 27.17 -17.75
C LEU D 87 47.25 27.04 -16.23
N HIS D 88 47.49 28.14 -15.53
CA HIS D 88 47.38 28.16 -14.06
C HIS D 88 45.95 27.87 -13.61
N HIS D 89 44.97 28.45 -14.31
CA HIS D 89 43.57 28.19 -13.98
C HIS D 89 43.21 26.72 -14.19
N ALA D 90 43.70 26.13 -15.28
CA ALA D 90 43.45 24.71 -15.55
C ALA D 90 44.06 23.82 -14.49
N ALA D 91 45.32 24.11 -14.11
CA ALA D 91 45.99 23.33 -13.07
C ALA D 91 45.27 23.47 -11.73
N ASP D 92 44.83 24.68 -11.40
CA ASP D 92 44.11 24.92 -10.15
C ASP D 92 42.80 24.16 -10.11
N LEU D 93 42.02 24.21 -11.20
CA LEU D 93 40.73 23.54 -11.18
C LEU D 93 40.88 22.02 -11.19
N GLU D 94 41.90 21.49 -11.87
CA GLU D 94 42.04 20.04 -11.87
C GLU D 94 42.59 19.56 -10.54
N LYS D 95 43.37 20.40 -9.85
CA LYS D 95 43.76 20.10 -8.47
C LYS D 95 42.55 20.11 -7.54
N LYS D 96 41.61 21.04 -7.78
CA LYS D 96 40.40 21.09 -6.99
C LYS D 96 39.54 19.84 -7.19
N GLN D 97 39.37 19.41 -8.45
CA GLN D 97 38.60 18.20 -8.67
C GLN D 97 39.39 16.95 -8.31
N ASN D 98 40.71 17.06 -8.17
CA ASN D 98 41.51 15.97 -7.64
C ASN D 98 41.29 15.81 -6.14
N GLU D 99 41.28 16.91 -5.40
CA GLU D 99 41.08 16.81 -3.96
C GLU D 99 39.63 16.54 -3.58
N THR D 100 38.68 16.95 -4.41
CA THR D 100 37.28 16.73 -4.05
C THR D 100 36.79 15.33 -4.39
N GLU D 101 37.55 14.55 -5.15
CA GLU D 101 37.19 13.17 -5.41
C GLU D 101 37.87 12.20 -4.46
N ASN D 102 38.88 12.66 -3.71
CA ASN D 102 39.47 11.83 -2.66
C ASN D 102 38.50 11.62 -1.51
N ARG D 103 37.58 12.56 -1.30
CA ARG D 103 36.55 12.38 -0.28
C ARG D 103 35.53 11.32 -0.68
N LYS D 104 35.38 11.04 -1.97
CA LYS D 104 34.51 9.97 -2.42
C LYS D 104 35.12 8.59 -2.21
N LEU D 105 36.44 8.50 -2.08
CA LEU D 105 37.14 7.25 -1.81
C LEU D 105 37.54 7.14 -0.35
N LEU D 106 36.83 7.85 0.52
CA LEU D 106 37.30 8.03 1.90
C LEU D 106 37.18 6.73 2.70
N GLY D 107 36.27 5.85 2.33
CA GLY D 107 36.27 4.51 2.89
C GLY D 107 36.35 3.46 1.79
N THR D 108 37.49 2.78 1.68
CA THR D 108 37.73 1.86 0.58
C THR D 108 38.86 0.92 0.97
N VAL D 109 38.60 -0.39 0.95
CA VAL D 109 39.63 -1.36 1.25
C VAL D 109 40.60 -1.42 0.09
N ILE D 110 41.90 -1.31 0.38
CA ILE D 110 42.92 -1.39 -0.64
C ILE D 110 43.33 -2.84 -0.83
N GLN D 111 43.75 -3.17 -2.04
CA GLN D 111 44.27 -4.49 -2.36
C GLN D 111 45.69 -4.35 -2.89
N TYR D 112 46.40 -5.48 -2.92
CA TYR D 112 47.76 -5.51 -3.41
C TYR D 112 47.79 -5.16 -4.89
N GLY D 113 48.77 -4.34 -5.27
CA GLY D 113 48.88 -3.87 -6.64
C GLY D 113 48.25 -2.53 -6.93
N ASN D 114 47.90 -1.76 -5.91
CA ASN D 114 47.34 -0.44 -6.12
C ASN D 114 48.41 0.63 -5.94
N VAL D 115 48.02 1.87 -6.22
CA VAL D 115 48.85 3.06 -5.99
C VAL D 115 48.44 3.65 -4.64
N ILE D 116 49.42 4.11 -3.87
CA ILE D 116 49.15 4.22 -2.44
C ILE D 116 49.40 5.60 -1.84
N GLN D 117 50.27 6.40 -2.48
CA GLN D 117 50.39 7.86 -2.25
C GLN D 117 50.58 8.22 -0.77
N LEU D 118 51.75 7.85 -0.25
CA LEU D 118 52.03 8.11 1.16
C LEU D 118 52.15 9.60 1.46
N LEU D 119 51.55 10.02 2.59
CA LEU D 119 51.56 11.41 3.02
C LEU D 119 52.02 11.50 4.46
N HIS D 120 53.04 12.33 4.72
CA HIS D 120 53.49 12.58 6.07
C HIS D 120 52.52 13.53 6.78
N LEU D 121 52.08 13.15 7.96
CA LEU D 121 51.10 13.97 8.68
C LEU D 121 51.70 15.21 9.32
N LYS D 122 52.90 15.09 9.89
CA LYS D 122 53.49 16.22 10.60
C LYS D 122 53.90 17.34 9.63
N SER D 123 54.54 16.97 8.52
CA SER D 123 55.05 17.95 7.58
C SER D 123 54.06 18.31 6.48
N ASN D 124 52.97 17.54 6.34
CA ASN D 124 52.00 17.69 5.26
C ASN D 124 52.65 17.61 3.88
N LYS D 125 53.61 16.71 3.74
CA LYS D 125 54.38 16.56 2.51
C LYS D 125 54.37 15.10 2.07
N TYR D 126 54.21 14.89 0.76
CA TYR D 126 54.18 13.54 0.21
C TYR D 126 55.57 12.94 0.15
N LEU D 127 55.63 11.62 0.30
CA LEU D 127 56.87 10.88 0.16
C LEU D 127 57.08 10.56 -1.31
N THR D 128 58.11 11.17 -1.92
CA THR D 128 58.31 11.12 -3.36
C THR D 128 59.67 10.51 -3.68
N VAL D 129 59.81 10.15 -4.96
CA VAL D 129 61.09 9.81 -5.56
C VAL D 129 61.01 10.23 -7.02
N ASN D 130 62.16 10.64 -7.56
CA ASN D 130 62.26 10.94 -8.99
C ASN D 130 63.43 10.17 -9.56
N LYS D 131 63.29 9.76 -10.83
CA LYS D 131 64.11 8.70 -11.39
C LYS D 131 65.46 9.18 -11.91
N ARG D 132 65.78 10.46 -11.80
CA ARG D 132 66.92 11.01 -12.53
C ARG D 132 68.15 11.29 -11.68
N LEU D 133 67.98 11.60 -10.39
CA LEU D 133 69.22 11.98 -9.70
C LEU D 133 69.50 11.06 -8.53
N PRO D 134 70.76 10.68 -8.29
CA PRO D 134 71.07 9.68 -7.27
C PRO D 134 71.00 10.19 -5.84
N ALA D 135 71.38 9.33 -4.90
CA ALA D 135 71.39 9.68 -3.49
C ALA D 135 72.61 10.53 -3.15
N LEU D 136 72.57 11.13 -1.96
CA LEU D 136 73.71 11.90 -1.49
C LEU D 136 74.79 10.99 -0.93
N LEU D 137 74.45 10.19 0.09
CA LEU D 137 75.47 9.39 0.78
C LEU D 137 75.92 8.22 -0.06
N GLU D 138 75.11 7.78 -1.02
CA GLU D 138 75.46 6.68 -1.89
C GLU D 138 75.23 7.06 -3.35
N LYS D 139 75.91 6.33 -4.23
CA LYS D 139 75.61 6.30 -5.66
C LYS D 139 74.54 5.24 -5.89
N ASN D 140 74.40 4.77 -7.12
CA ASN D 140 73.84 3.45 -7.50
C ASN D 140 72.47 3.14 -6.89
N ALA D 141 71.40 3.61 -7.55
CA ALA D 141 70.00 3.53 -7.14
C ALA D 141 69.59 4.47 -6.01
N MET D 142 69.22 5.67 -6.45
CA MET D 142 68.84 6.92 -5.80
C MET D 142 67.96 6.92 -4.55
N ARG D 143 68.05 8.04 -3.83
CA ARG D 143 67.34 8.36 -2.59
C ARG D 143 65.88 8.75 -2.84
N VAL D 144 65.17 8.98 -1.74
CA VAL D 144 63.80 9.51 -1.72
C VAL D 144 63.78 10.78 -0.89
N THR D 145 62.81 11.64 -1.15
CA THR D 145 62.68 12.94 -0.48
C THR D 145 61.22 13.20 -0.14
N LEU D 146 60.92 14.43 0.26
CA LEU D 146 59.56 14.89 0.51
C LEU D 146 59.35 16.25 -0.15
N ASP D 147 58.10 16.51 -0.55
CA ASP D 147 57.73 17.85 -1.00
C ASP D 147 56.25 18.08 -0.80
N GLU D 148 55.86 19.35 -0.77
CA GLU D 148 54.46 19.72 -0.58
C GLU D 148 53.62 19.50 -1.82
N ALA D 149 54.23 19.65 -3.01
CA ALA D 149 53.47 19.79 -4.24
C ALA D 149 52.82 18.49 -4.70
N GLY D 150 53.25 17.35 -4.18
CA GLY D 150 52.76 16.11 -4.75
C GLY D 150 53.42 15.84 -6.08
N ASN D 151 54.71 15.54 -6.06
CA ASN D 151 55.47 15.30 -7.28
C ASN D 151 54.93 14.11 -8.04
N GLU D 152 54.99 14.19 -9.37
CA GLU D 152 54.80 13.01 -10.19
C GLU D 152 55.94 12.03 -9.90
N GLY D 153 55.59 10.79 -9.59
CA GLY D 153 56.54 9.86 -9.04
C GLY D 153 56.41 9.64 -7.55
N SER D 154 55.35 10.14 -6.93
CA SER D 154 55.01 9.77 -5.57
C SER D 154 54.08 8.57 -5.50
N TRP D 155 53.70 8.01 -6.66
CA TRP D 155 52.87 6.82 -6.67
C TRP D 155 53.71 5.61 -6.33
N PHE D 156 53.20 4.76 -5.45
CA PHE D 156 53.91 3.56 -5.01
C PHE D 156 53.03 2.35 -5.23
N TYR D 157 53.63 1.27 -5.73
CA TYR D 157 52.94 -0.02 -5.80
C TYR D 157 53.08 -0.73 -4.46
N ILE D 158 51.96 -1.21 -3.92
CA ILE D 158 51.98 -2.00 -2.70
C ILE D 158 51.97 -3.47 -3.10
N GLN D 159 53.01 -4.19 -2.70
CA GLN D 159 53.22 -5.57 -3.11
C GLN D 159 53.55 -6.43 -1.90
N PRO D 160 53.14 -7.69 -1.89
CA PRO D 160 53.34 -8.52 -0.70
C PRO D 160 54.76 -9.05 -0.59
N PHE D 161 55.27 -9.05 0.64
CA PHE D 161 56.53 -9.71 0.96
C PHE D 161 56.35 -11.21 1.14
N TYR D 162 55.12 -11.67 1.27
CA TYR D 162 54.81 -13.08 1.42
C TYR D 162 53.97 -13.55 0.24
N LYS D 163 54.15 -14.80 -0.15
CA LYS D 163 53.34 -15.40 -1.19
C LYS D 163 52.11 -16.10 -0.63
N LEU D 164 51.79 -15.87 0.64
CA LEU D 164 50.47 -16.19 1.15
C LEU D 164 49.41 -15.39 0.43
N ARG D 165 49.70 -14.13 0.13
CA ARG D 165 48.78 -13.20 -0.50
C ARG D 165 49.15 -13.03 -1.96
N SER D 166 48.24 -12.44 -2.72
CA SER D 166 48.46 -12.25 -4.15
C SER D 166 47.81 -10.94 -4.57
N ILE D 167 47.95 -10.62 -5.86
CA ILE D 167 47.38 -9.39 -6.40
C ILE D 167 45.87 -9.51 -6.41
N GLY D 168 45.20 -8.49 -5.87
CA GLY D 168 43.76 -8.51 -5.71
C GLY D 168 43.29 -8.89 -4.33
N ASP D 169 44.16 -9.51 -3.54
CA ASP D 169 43.83 -9.83 -2.15
C ASP D 169 43.87 -8.57 -1.30
N SER D 170 42.97 -8.50 -0.33
CA SER D 170 42.94 -7.35 0.57
C SER D 170 44.14 -7.36 1.50
N VAL D 171 44.51 -6.18 1.98
CA VAL D 171 45.67 -6.01 2.85
C VAL D 171 45.17 -5.94 4.29
N VAL D 172 45.71 -6.79 5.14
CA VAL D 172 45.31 -6.84 6.54
C VAL D 172 46.32 -6.05 7.37
N ILE D 173 45.93 -5.75 8.60
CA ILE D 173 46.77 -4.94 9.49
C ILE D 173 47.86 -5.81 10.07
N GLY D 174 49.11 -5.35 9.96
CA GLY D 174 50.23 -6.00 10.61
C GLY D 174 51.08 -6.88 9.72
N ASP D 175 50.75 -7.01 8.45
CA ASP D 175 51.59 -7.83 7.58
C ASP D 175 52.75 -7.01 7.03
N LYS D 176 53.78 -7.71 6.59
CA LYS D 176 54.95 -7.10 5.99
C LYS D 176 54.74 -7.02 4.48
N VAL D 177 54.83 -5.81 3.93
CA VAL D 177 54.69 -5.59 2.51
C VAL D 177 55.98 -4.97 1.99
N VAL D 178 56.05 -4.83 0.67
CA VAL D 178 57.16 -4.16 0.01
C VAL D 178 56.59 -3.08 -0.90
N LEU D 179 57.26 -1.93 -0.94
CA LEU D 179 56.78 -0.77 -1.69
C LEU D 179 57.79 -0.44 -2.77
N ASN D 180 57.32 -0.39 -4.01
CA ASN D 180 58.16 0.12 -5.09
C ASN D 180 57.38 1.13 -5.91
N PRO D 181 58.04 2.21 -6.34
CA PRO D 181 57.35 3.22 -7.16
C PRO D 181 57.05 2.71 -8.54
N VAL D 182 56.02 3.29 -9.16
CA VAL D 182 55.57 2.83 -10.46
C VAL D 182 56.57 3.21 -11.55
N ASN D 183 57.18 4.39 -11.47
CA ASN D 183 58.06 4.87 -12.51
C ASN D 183 59.54 4.81 -12.14
N ALA D 184 59.87 4.31 -10.96
CA ALA D 184 61.27 4.06 -10.61
C ALA D 184 61.63 2.59 -10.68
N GLY D 185 60.70 1.69 -10.37
CA GLY D 185 60.90 0.26 -10.54
C GLY D 185 61.94 -0.35 -9.63
N GLN D 186 62.16 0.24 -8.45
CA GLN D 186 63.11 -0.30 -7.49
C GLN D 186 62.51 -0.18 -6.10
N PRO D 187 62.52 -1.25 -5.30
CA PRO D 187 61.88 -1.20 -3.98
C PRO D 187 62.56 -0.22 -3.05
N LEU D 188 61.76 0.38 -2.17
CA LEU D 188 62.27 1.37 -1.23
C LEU D 188 63.04 0.65 -0.14
N HIS D 189 64.26 1.12 0.13
CA HIS D 189 65.24 0.38 0.90
C HIS D 189 65.71 1.19 2.09
N ALA D 190 65.87 0.52 3.23
CA ALA D 190 66.47 1.13 4.42
C ALA D 190 67.95 0.75 4.44
N SER D 191 68.82 1.76 4.43
CA SER D 191 70.24 1.52 4.23
C SER D 191 70.93 1.22 5.56
N SER D 192 72.25 1.13 5.52
CA SER D 192 73.06 0.93 6.70
C SER D 192 74.15 1.96 6.89
N HIS D 193 74.29 2.93 5.97
CA HIS D 193 75.25 4.00 6.12
C HIS D 193 74.67 5.10 7.00
N GLN D 194 75.34 5.37 8.11
CA GLN D 194 74.87 6.38 9.05
C GLN D 194 75.11 7.78 8.50
N LEU D 195 74.23 8.70 8.86
CA LEU D 195 74.43 10.10 8.52
C LEU D 195 75.56 10.68 9.36
N VAL D 196 76.22 11.69 8.81
CA VAL D 196 77.42 12.23 9.46
C VAL D 196 77.08 13.33 10.46
N ASP D 197 76.11 14.19 10.15
CA ASP D 197 75.73 15.25 11.08
C ASP D 197 74.93 14.69 12.26
N ASN D 198 73.99 13.79 11.99
CA ASN D 198 73.19 13.16 13.02
C ASN D 198 73.73 11.78 13.30
N PRO D 199 74.19 11.49 14.52
CA PRO D 199 74.90 10.23 14.76
C PRO D 199 73.99 9.01 14.77
N GLY D 200 72.82 9.12 15.38
CA GLY D 200 71.90 7.99 15.43
C GLY D 200 70.86 8.00 14.33
N CYS D 201 71.30 7.92 13.08
CA CYS D 201 70.40 8.02 11.94
C CYS D 201 70.92 7.16 10.81
N ASN D 202 70.02 6.74 9.92
CA ASN D 202 70.36 5.94 8.76
C ASN D 202 69.58 6.42 7.54
N GLU D 203 70.21 6.35 6.37
CA GLU D 203 69.61 6.83 5.14
C GLU D 203 68.54 5.87 4.66
N VAL D 204 67.58 6.40 3.90
CA VAL D 204 66.56 5.60 3.23
C VAL D 204 66.76 5.79 1.74
N ASN D 205 67.16 4.72 1.05
CA ASN D 205 67.41 4.71 -0.38
C ASN D 205 66.28 4.03 -1.12
N SER D 206 66.50 3.77 -2.41
CA SER D 206 65.61 2.98 -3.25
C SER D 206 66.42 1.97 -4.07
N VAL D 207 67.32 1.24 -3.42
CA VAL D 207 68.11 0.23 -4.12
C VAL D 207 67.34 -1.07 -4.23
N ASN D 208 67.84 -2.00 -5.03
CA ASN D 208 67.15 -3.25 -5.33
C ASN D 208 67.10 -4.23 -4.16
N CYS D 209 67.88 -4.01 -3.10
CA CYS D 209 67.91 -4.94 -1.99
C CYS D 209 66.58 -4.95 -1.25
N ASN D 210 66.23 -6.12 -0.71
CA ASN D 210 64.90 -6.35 -0.18
C ASN D 210 64.73 -5.91 1.28
N THR D 211 63.58 -5.29 1.55
CA THR D 211 63.18 -4.87 2.89
C THR D 211 61.68 -5.10 3.02
N SER D 212 61.24 -5.25 4.25
CA SER D 212 59.82 -5.45 4.55
C SER D 212 59.32 -4.28 5.36
N TRP D 213 58.16 -3.74 4.97
CA TRP D 213 57.59 -2.55 5.60
C TRP D 213 56.29 -2.98 6.29
N LYS D 214 56.41 -3.28 7.58
CA LYS D 214 55.27 -3.73 8.37
C LYS D 214 54.30 -2.58 8.60
N ILE D 215 53.02 -2.81 8.32
CA ILE D 215 51.99 -1.79 8.46
C ILE D 215 51.49 -1.82 9.90
N VAL D 216 51.84 -0.81 10.67
CA VAL D 216 51.41 -0.70 12.06
C VAL D 216 50.31 0.35 12.14
N LEU D 217 49.11 -0.07 12.51
CA LEU D 217 47.98 0.85 12.61
C LEU D 217 48.11 1.72 13.84
N PHE D 218 47.73 2.99 13.69
CA PHE D 218 47.63 3.94 14.78
C PHE D 218 46.24 4.54 14.91
N MET D 219 45.61 4.87 13.78
CA MET D 219 44.31 5.51 13.78
C MET D 219 43.46 4.87 12.70
N LYS D 220 42.42 4.17 13.10
CA LYS D 220 41.49 3.60 12.16
C LYS D 220 40.70 4.71 11.47
N TRP D 221 40.32 4.47 10.21
CA TRP D 221 39.37 5.32 9.50
C TRP D 221 38.08 5.47 10.30
N SER D 222 37.43 6.63 10.13
CA SER D 222 36.23 7.11 10.79
C SER D 222 36.48 7.50 12.24
N ASP D 223 37.70 7.35 12.75
CA ASP D 223 38.12 7.97 14.00
C ASP D 223 38.93 9.23 13.76
N ASN D 224 38.98 9.70 12.52
CA ASN D 224 39.77 10.87 12.15
C ASN D 224 38.85 12.06 11.84
N LYS D 225 37.70 12.14 12.52
CA LYS D 225 36.84 13.31 12.38
C LYS D 225 37.34 14.44 13.27
N ASP D 226 37.08 15.69 12.83
CA ASP D 226 37.59 16.85 13.55
C ASP D 226 36.78 17.18 14.79
N ASP D 227 35.55 16.66 14.90
CA ASP D 227 34.69 16.97 16.03
C ASP D 227 34.80 15.97 17.18
N ILE D 228 35.91 15.24 17.25
CA ILE D 228 36.13 14.23 18.28
C ILE D 228 37.50 14.47 18.89
N LEU D 229 37.57 14.39 20.22
CA LEU D 229 38.88 14.39 20.88
C LEU D 229 39.60 13.10 20.56
N LYS D 230 40.70 13.19 19.80
CA LYS D 230 41.43 12.04 19.31
C LYS D 230 42.65 11.79 20.20
N GLY D 231 43.42 10.76 19.82
CA GLY D 231 44.58 10.32 20.58
C GLY D 231 45.90 10.93 20.17
N GLY D 232 45.91 11.90 19.28
CA GLY D 232 47.15 12.55 18.90
C GLY D 232 47.00 14.06 18.79
N ASP D 233 45.90 14.58 19.34
CA ASP D 233 45.61 16.00 19.23
C ASP D 233 46.51 16.82 20.15
N VAL D 234 46.69 18.09 19.77
CA VAL D 234 47.36 19.08 20.59
C VAL D 234 46.29 20.01 21.13
N VAL D 235 46.27 20.20 22.45
CA VAL D 235 45.28 21.04 23.12
C VAL D 235 45.97 21.90 24.17
N ARG D 236 45.35 23.03 24.46
CA ARG D 236 45.72 23.86 25.59
C ARG D 236 44.59 23.81 26.62
N LEU D 237 44.95 23.80 27.89
CA LEU D 237 44.03 23.43 28.97
C LEU D 237 43.64 24.67 29.77
N PHE D 238 42.56 25.32 29.35
CA PHE D 238 42.05 26.50 30.02
C PHE D 238 41.31 26.10 31.29
N HIS D 239 41.63 26.76 32.41
CA HIS D 239 40.77 26.63 33.57
C HIS D 239 39.46 27.37 33.32
N ALA D 240 38.42 26.98 34.06
CA ALA D 240 37.08 27.47 33.78
C ALA D 240 36.98 28.98 33.98
N GLU D 241 37.65 29.51 35.01
CA GLU D 241 37.59 30.93 35.31
C GLU D 241 38.94 31.63 35.17
N GLN D 242 40.01 31.03 35.68
CA GLN D 242 41.21 31.83 35.96
C GLN D 242 42.11 32.03 34.74
N GLU D 243 42.84 30.98 34.32
CA GLU D 243 43.81 31.12 33.24
C GLU D 243 44.07 29.77 32.58
N LYS D 244 45.09 29.74 31.72
CA LYS D 244 45.57 28.51 31.08
C LYS D 244 46.86 28.09 31.77
N PHE D 245 46.96 26.80 32.11
CA PHE D 245 48.13 26.35 32.86
C PHE D 245 49.13 25.65 31.95
N LEU D 246 50.35 25.53 32.45
CA LEU D 246 51.49 25.23 31.61
C LEU D 246 52.60 24.67 32.50
N THR D 247 53.81 24.59 31.98
CA THR D 247 54.98 24.26 32.78
C THR D 247 56.19 25.02 32.23
N CYS D 248 57.08 25.42 33.13
CA CYS D 248 58.21 26.25 32.76
C CYS D 248 59.35 25.95 33.71
N ASP D 249 60.36 26.83 33.72
CA ASP D 249 61.57 26.66 34.51
C ASP D 249 61.81 27.91 35.34
N GLU D 250 62.05 27.72 36.64
CA GLU D 250 62.54 28.79 37.51
C GLU D 250 63.95 28.51 38.00
N HIS D 251 64.16 27.38 38.67
CA HIS D 251 65.48 26.84 38.94
C HIS D 251 65.65 25.45 38.36
N ARG D 252 64.67 24.58 38.57
CA ARG D 252 64.55 23.29 37.90
C ARG D 252 63.19 23.22 37.23
N LYS D 253 62.89 22.07 36.63
CA LYS D 253 61.62 21.92 35.93
C LYS D 253 60.48 21.91 36.93
N LYS D 254 59.83 23.07 37.11
CA LYS D 254 58.77 23.24 38.06
C LYS D 254 57.47 23.44 37.31
N GLN D 255 56.48 22.60 37.59
CA GLN D 255 55.20 22.67 36.90
C GLN D 255 54.33 23.70 37.62
N HIS D 256 54.68 24.97 37.45
CA HIS D 256 53.84 26.04 37.96
C HIS D 256 52.61 26.18 37.08
N VAL D 257 51.56 26.75 37.65
CA VAL D 257 50.23 26.59 37.09
C VAL D 257 49.57 27.96 36.92
N PHE D 258 48.96 28.16 35.75
CA PHE D 258 48.10 29.24 35.26
C PHE D 258 48.81 30.52 34.82
N LEU D 259 50.04 30.78 35.28
CA LEU D 259 50.78 32.01 34.93
C LEU D 259 49.90 33.26 34.99
N ARG D 260 49.46 33.68 36.18
CA ARG D 260 48.28 34.52 36.30
C ARG D 260 48.47 35.87 35.61
N THR D 261 47.42 36.30 34.92
CA THR D 261 47.39 37.52 34.10
C THR D 261 45.98 38.09 34.16
N THR D 262 45.66 38.96 33.22
CA THR D 262 44.32 39.54 33.09
C THR D 262 43.76 39.20 31.71
N GLY D 263 42.54 38.69 31.67
CA GLY D 263 41.86 38.37 30.42
C GLY D 263 41.97 36.89 30.06
N ARG D 264 42.31 36.62 28.80
CA ARG D 264 42.62 35.26 28.31
C ARG D 264 41.44 34.31 28.46
N GLN D 265 40.30 34.70 27.91
CA GLN D 265 39.11 33.85 27.95
C GLN D 265 38.94 33.11 26.63
N SER D 266 39.83 32.14 26.43
CA SER D 266 39.84 31.15 25.34
C SER D 266 40.04 31.74 23.94
N ALA D 267 40.13 33.06 23.80
CA ALA D 267 40.28 33.68 22.49
C ALA D 267 41.71 34.12 22.21
N THR D 268 42.33 34.81 23.16
CA THR D 268 43.71 35.23 23.00
C THR D 268 44.65 34.04 23.12
N SER D 269 45.77 34.11 22.40
CA SER D 269 46.78 33.08 22.49
C SER D 269 47.65 33.29 23.71
N ALA D 270 48.43 32.27 24.06
CA ALA D 270 49.32 32.32 25.20
C ALA D 270 50.73 31.96 24.77
N THR D 271 51.62 31.70 25.72
CA THR D 271 52.95 31.23 25.38
C THR D 271 52.85 29.79 24.88
N SER D 272 52.59 29.66 23.58
CA SER D 272 52.24 28.39 22.95
C SER D 272 53.34 27.35 23.01
N SER D 273 54.57 27.74 23.29
CA SER D 273 55.61 26.76 23.55
C SER D 273 55.30 25.96 24.81
N LYS D 274 54.82 26.63 25.86
CA LYS D 274 54.67 26.00 27.16
C LYS D 274 53.24 25.65 27.53
N ALA D 275 52.24 26.31 26.94
CA ALA D 275 50.85 26.10 27.31
C ALA D 275 50.16 25.04 26.46
N LEU D 276 50.90 24.31 25.63
CA LEU D 276 50.34 23.32 24.74
C LEU D 276 50.63 21.92 25.26
N TRP D 277 49.61 21.07 25.29
CA TRP D 277 49.71 19.69 25.73
C TRP D 277 49.22 18.76 24.64
N GLU D 278 49.72 17.53 24.65
CA GLU D 278 49.31 16.50 23.70
C GLU D 278 48.59 15.39 24.46
N VAL D 279 47.43 15.00 23.97
CA VAL D 279 46.59 14.00 24.61
C VAL D 279 46.74 12.67 23.88
N GLU D 280 46.88 11.58 24.63
CA GLU D 280 46.91 10.25 24.05
C GLU D 280 46.17 9.26 24.92
N VAL D 281 45.66 8.21 24.30
CA VAL D 281 44.88 7.16 24.96
C VAL D 281 45.74 5.90 25.02
N VAL D 282 45.59 5.12 26.09
CA VAL D 282 46.53 4.02 26.35
C VAL D 282 46.31 2.85 25.40
N GLN D 283 45.07 2.39 25.21
CA GLN D 283 44.65 1.39 24.22
C GLN D 283 45.38 0.04 24.30
N HIS D 284 46.09 -0.21 25.42
CA HIS D 284 46.65 -1.52 25.80
C HIS D 284 47.84 -1.96 24.96
N ASP D 285 48.10 -1.27 23.84
CA ASP D 285 49.33 -1.46 23.09
C ASP D 285 49.93 -0.09 22.83
N PRO D 286 51.25 -0.01 22.63
CA PRO D 286 51.90 1.31 22.48
C PRO D 286 51.42 2.13 21.29
N CYS D 287 51.01 1.49 20.21
CA CYS D 287 50.40 2.18 19.07
C CYS D 287 48.87 2.13 19.25
N ARG D 288 48.12 2.41 18.18
CA ARG D 288 46.69 2.19 17.99
C ARG D 288 45.85 3.26 18.73
N GLY D 289 46.48 4.23 19.41
CA GLY D 289 45.73 5.16 20.23
C GLY D 289 44.81 6.07 19.43
N GLY D 290 43.67 6.40 20.03
CA GLY D 290 42.75 7.35 19.44
C GLY D 290 41.34 7.14 19.95
N ALA D 291 40.50 8.16 19.70
CA ALA D 291 39.06 8.12 19.91
C ALA D 291 38.69 7.84 21.37
N GLY D 292 38.95 8.84 22.22
CA GLY D 292 38.56 8.74 23.62
C GLY D 292 37.05 8.62 23.79
N TYR D 293 36.64 7.94 24.87
CA TYR D 293 35.28 7.44 25.02
C TYR D 293 34.73 7.71 26.42
N TRP D 294 35.15 8.82 27.03
CA TRP D 294 34.71 9.32 28.36
C TRP D 294 35.22 8.47 29.51
N ASN D 295 35.81 7.31 29.23
CA ASN D 295 36.35 6.42 30.27
C ASN D 295 37.64 5.78 29.78
N SER D 296 38.44 6.51 29.03
CA SER D 296 39.47 5.91 28.19
C SER D 296 40.87 5.99 28.80
N LEU D 297 41.01 6.49 30.03
CA LEU D 297 42.29 6.58 30.75
C LEU D 297 43.31 7.39 29.95
N PHE D 298 43.02 8.69 29.83
CA PHE D 298 43.84 9.59 29.07
C PHE D 298 45.18 9.84 29.78
N ARG D 299 46.13 10.39 29.01
CA ARG D 299 47.42 10.79 29.54
C ARG D 299 47.89 12.01 28.75
N PHE D 300 48.38 13.02 29.46
CA PHE D 300 48.72 14.30 28.86
C PHE D 300 50.23 14.49 28.86
N LYS D 301 50.77 14.79 27.68
CA LYS D 301 52.20 14.94 27.48
C LYS D 301 52.49 16.35 27.01
N HIS D 302 53.50 16.98 27.60
CA HIS D 302 53.88 18.32 27.20
C HIS D 302 54.46 18.31 25.79
N LEU D 303 54.34 19.43 25.10
CA LEU D 303 54.77 19.48 23.71
C LEU D 303 56.18 20.03 23.56
N ALA D 304 56.57 20.99 24.40
CA ALA D 304 57.93 21.54 24.33
C ALA D 304 58.96 20.52 24.76
N THR D 305 58.68 19.76 25.82
CA THR D 305 59.55 18.72 26.31
C THR D 305 58.75 17.45 26.52
N GLY D 306 59.46 16.33 26.55
CA GLY D 306 58.79 15.04 26.69
C GLY D 306 58.47 14.67 28.11
N HIS D 307 57.82 15.58 28.84
CA HIS D 307 57.41 15.33 30.21
C HIS D 307 55.91 15.16 30.28
N TYR D 308 55.46 14.29 31.17
CA TYR D 308 54.06 13.97 31.31
C TYR D 308 53.46 14.72 32.49
N LEU D 309 52.20 14.43 32.79
CA LEU D 309 51.49 15.03 33.92
C LEU D 309 51.23 13.95 34.95
N ALA D 310 51.70 14.16 36.17
CA ALA D 310 51.56 13.18 37.22
C ALA D 310 51.49 13.87 38.57
N ALA D 311 51.07 13.12 39.58
CA ALA D 311 50.98 13.59 40.95
C ALA D 311 51.79 12.68 41.86
N GLU D 312 52.43 13.29 42.86
CA GLU D 312 53.22 12.54 43.83
C GLU D 312 53.17 13.29 45.16
N VAL D 313 53.42 12.56 46.25
CA VAL D 313 53.19 13.09 47.59
C VAL D 313 54.15 14.24 47.87
N ASP D 314 53.60 15.33 48.38
CA ASP D 314 54.33 16.59 48.44
C ASP D 314 55.34 16.57 49.58
N PRO D 315 56.63 16.78 49.31
CA PRO D 315 57.59 16.91 50.42
C PRO D 315 57.40 18.17 51.24
N ASP D 316 56.67 19.16 50.73
CA ASP D 316 56.41 20.39 51.47
C ASP D 316 55.28 20.16 52.48
N PHE D 317 54.94 21.21 53.21
CA PHE D 317 53.90 21.14 54.22
C PHE D 317 52.52 21.22 53.58
N GLU D 318 51.50 20.92 54.37
CA GLU D 318 50.11 21.02 53.92
C GLU D 318 49.18 21.40 55.07
N VAL D 347 50.02 12.67 46.37
CA VAL D 347 48.57 12.87 46.32
C VAL D 347 48.25 14.35 46.22
N TYR D 348 49.29 15.18 46.07
CA TYR D 348 49.14 16.62 45.96
C TYR D 348 50.12 17.12 44.89
N SER D 349 49.90 18.36 44.44
CA SER D 349 50.91 19.17 43.76
C SER D 349 51.41 18.49 42.48
N LEU D 350 50.53 18.47 41.47
CA LEU D 350 50.83 17.94 40.14
C LEU D 350 52.18 18.41 39.63
N VAL D 351 53.00 17.46 39.18
CA VAL D 351 54.35 17.71 38.72
C VAL D 351 54.53 17.05 37.35
N SER D 352 55.74 17.15 36.82
CA SER D 352 56.09 16.57 35.53
C SER D 352 57.11 15.46 35.72
N VAL D 353 56.80 14.28 35.20
CA VAL D 353 57.69 13.13 35.28
C VAL D 353 58.38 12.95 33.94
N PRO D 354 59.64 12.52 33.91
CA PRO D 354 60.36 12.47 32.63
C PRO D 354 59.87 11.40 31.68
N GLU D 355 59.48 10.23 32.18
CA GLU D 355 59.09 9.13 31.32
C GLU D 355 57.77 8.58 31.83
N GLY D 356 56.89 8.20 30.90
CA GLY D 356 55.49 8.08 31.25
C GLY D 356 54.71 6.83 30.89
N ASN D 357 55.26 5.63 31.13
CA ASN D 357 54.42 4.45 31.05
C ASN D 357 53.88 4.01 32.40
N ASP D 358 54.17 4.76 33.46
CA ASP D 358 53.76 4.32 34.78
C ASP D 358 52.28 4.63 35.02
N ILE D 359 51.72 4.02 36.07
CA ILE D 359 50.32 4.26 36.42
C ILE D 359 50.12 5.57 37.17
N SER D 360 51.21 6.23 37.59
CA SER D 360 51.10 7.48 38.32
C SER D 360 50.70 8.66 37.43
N SER D 361 50.73 8.49 36.12
CA SER D 361 50.42 9.57 35.18
C SER D 361 49.15 9.31 34.39
N ILE D 362 48.30 8.40 34.85
CA ILE D 362 47.04 8.11 34.18
C ILE D 362 45.94 8.98 34.76
N PHE D 363 45.29 9.77 33.92
CA PHE D 363 44.20 10.63 34.33
C PHE D 363 42.92 10.18 33.62
N GLU D 364 41.79 10.35 34.30
CA GLU D 364 40.51 10.04 33.71
C GLU D 364 39.57 11.21 33.97
N LEU D 365 38.59 11.36 33.08
CA LEU D 365 37.81 12.58 33.04
C LEU D 365 36.32 12.28 32.90
N ASP D 366 35.50 13.08 33.56
CA ASP D 366 34.05 12.95 33.59
C ASP D 366 33.41 14.28 33.23
N PRO D 367 32.24 14.26 32.58
CA PRO D 367 31.65 15.51 32.12
C PRO D 367 31.05 16.32 33.26
N THR D 368 31.02 17.64 33.04
CA THR D 368 30.22 18.52 33.89
C THR D 368 28.74 18.46 33.54
N THR D 369 28.44 18.23 32.27
CA THR D 369 27.08 18.20 31.73
C THR D 369 26.60 16.75 31.89
N LEU D 370 25.56 16.33 31.16
CA LEU D 370 25.02 14.98 31.26
C LEU D 370 26.08 13.93 30.90
N ARG D 371 25.95 12.75 31.50
CA ARG D 371 27.00 11.75 31.49
C ARG D 371 27.02 10.99 30.17
N GLY D 372 27.77 9.90 30.14
CA GLY D 372 27.87 9.05 28.96
C GLY D 372 28.85 7.91 29.16
N GLY D 373 28.56 6.76 28.56
CA GLY D 373 29.45 5.62 28.66
C GLY D 373 30.50 5.63 27.56
N ASP D 374 30.05 5.88 26.33
CA ASP D 374 30.95 6.10 25.20
C ASP D 374 30.22 7.00 24.22
N SER D 375 30.64 8.25 24.14
CA SER D 375 29.83 9.21 23.39
C SER D 375 30.63 10.19 22.53
N LEU D 376 31.90 9.92 22.20
CA LEU D 376 32.68 10.74 21.26
C LEU D 376 32.82 12.19 21.76
N VAL D 377 33.64 12.34 22.80
CA VAL D 377 33.98 13.60 23.47
C VAL D 377 34.18 14.72 22.45
N PRO D 378 33.30 15.72 22.41
CA PRO D 378 33.15 16.60 21.24
C PRO D 378 34.07 17.82 21.24
N ARG D 379 35.37 17.60 21.48
CA ARG D 379 36.49 18.46 21.12
C ARG D 379 36.53 19.81 21.84
N ASN D 380 35.48 20.17 22.57
CA ASN D 380 35.42 21.48 23.20
C ASN D 380 34.73 21.43 24.56
N SER D 381 34.37 20.25 25.04
CA SER D 381 33.56 20.13 26.24
C SER D 381 34.38 20.43 27.49
N TYR D 382 33.69 20.82 28.55
CA TYR D 382 34.32 21.08 29.83
C TYR D 382 34.58 19.77 30.57
N VAL D 383 35.70 19.73 31.28
CA VAL D 383 36.28 18.50 31.80
C VAL D 383 36.70 18.70 33.24
N ARG D 384 36.34 17.75 34.09
CA ARG D 384 36.88 17.65 35.45
C ARG D 384 37.84 16.47 35.50
N LEU D 385 39.07 16.72 35.94
CA LEU D 385 40.11 15.69 35.89
C LEU D 385 40.15 14.90 37.19
N ARG D 386 40.14 13.58 37.05
CA ARG D 386 40.20 12.66 38.18
C ARG D 386 41.45 11.80 38.06
N HIS D 387 42.21 11.71 39.14
CA HIS D 387 43.43 10.92 39.15
C HIS D 387 43.09 9.46 39.44
N LEU D 388 43.88 8.56 38.89
CA LEU D 388 43.53 7.14 38.91
C LEU D 388 44.17 6.37 40.07
N CYS D 389 45.50 6.50 40.24
CA CYS D 389 46.21 5.68 41.20
C CYS D 389 45.78 5.98 42.64
N THR D 390 45.58 7.25 42.96
CA THR D 390 44.83 7.66 44.13
C THR D 390 43.62 8.42 43.63
N ASN D 391 42.42 7.99 44.04
CA ASN D 391 41.19 8.57 43.52
C ASN D 391 41.03 9.96 44.12
N THR D 392 41.55 10.96 43.41
CA THR D 392 41.67 12.31 43.92
C THR D 392 41.39 13.27 42.79
N TRP D 393 40.71 14.37 43.10
CA TRP D 393 40.30 15.35 42.09
C TRP D 393 41.20 16.57 42.15
N VAL D 394 41.53 17.11 40.97
CA VAL D 394 42.42 18.26 40.91
C VAL D 394 41.69 19.52 41.38
N HIS D 395 42.44 20.42 42.01
CA HIS D 395 41.87 21.68 42.50
C HIS D 395 42.96 22.75 42.49
N SER D 396 42.53 24.00 42.31
CA SER D 396 43.43 25.12 42.13
C SER D 396 43.78 25.73 43.47
N THR D 397 45.01 25.51 43.93
CA THR D 397 45.48 26.17 45.13
C THR D 397 45.98 27.56 44.78
N ASN D 398 45.77 28.51 45.70
CA ASN D 398 46.09 29.90 45.45
C ASN D 398 47.46 30.32 45.97
N ILE D 399 48.23 29.40 46.54
CA ILE D 399 49.56 29.74 47.06
C ILE D 399 50.54 29.82 45.90
N PRO D 400 51.56 30.67 45.97
CA PRO D 400 52.52 30.77 44.86
C PRO D 400 53.70 29.83 45.02
N ILE D 401 54.26 29.43 43.87
CA ILE D 401 55.44 28.58 43.87
C ILE D 401 56.66 29.35 44.38
N ASP D 402 56.88 30.54 43.84
CA ASP D 402 58.04 31.35 44.19
C ASP D 402 57.68 32.35 45.28
N LYS D 403 58.29 32.18 46.45
CA LYS D 403 58.00 32.99 47.62
C LYS D 403 59.04 34.08 47.87
N GLU D 404 59.95 34.31 46.94
CA GLU D 404 61.08 35.22 47.17
C GLU D 404 60.91 36.58 46.51
N GLU D 405 60.23 36.66 45.37
CA GLU D 405 60.12 37.90 44.62
C GLU D 405 58.68 38.40 44.62
N GLU D 406 58.53 39.72 44.71
CA GLU D 406 57.22 40.34 44.87
C GLU D 406 56.42 40.27 43.58
N LYS D 407 55.08 40.24 43.74
CA LYS D 407 54.08 40.07 42.69
C LYS D 407 54.40 38.79 41.90
N PRO D 408 54.20 37.62 42.50
CA PRO D 408 54.72 36.37 41.91
C PRO D 408 53.82 35.86 40.80
N VAL D 409 54.42 35.54 39.66
CA VAL D 409 53.66 35.11 38.49
C VAL D 409 53.30 33.63 38.55
N MET D 410 53.92 32.87 39.46
CA MET D 410 53.83 31.43 39.49
C MET D 410 52.82 31.03 40.56
N LEU D 411 51.83 30.22 40.19
CA LEU D 411 50.86 29.68 41.14
C LEU D 411 50.97 28.16 41.19
N LYS D 412 50.48 27.59 42.29
CA LYS D 412 50.49 26.15 42.47
C LYS D 412 49.15 25.55 42.07
N ILE D 413 49.15 24.23 41.87
CA ILE D 413 47.92 23.45 41.75
C ILE D 413 48.08 22.24 42.66
N GLY D 414 46.94 21.62 42.99
CA GLY D 414 46.95 20.46 43.86
C GLY D 414 45.80 19.54 43.53
N THR D 415 45.71 18.44 44.28
CA THR D 415 44.64 17.48 44.13
C THR D 415 43.99 17.25 45.49
N SER D 416 42.66 17.33 45.53
CA SER D 416 41.90 17.23 46.77
C SER D 416 40.83 16.16 46.62
N PRO D 417 40.65 15.29 47.62
CA PRO D 417 39.86 14.06 47.40
C PRO D 417 38.35 14.26 47.38
N LEU D 418 37.83 15.47 47.44
CA LEU D 418 36.39 15.71 47.32
C LEU D 418 36.11 16.46 46.02
N LYS D 419 34.93 16.21 45.45
CA LYS D 419 34.61 16.70 44.12
C LYS D 419 33.74 17.95 44.20
N GLU D 420 34.07 18.94 43.38
CA GLU D 420 33.29 20.18 43.31
C GLU D 420 33.34 20.72 41.90
N ASP D 421 32.38 21.59 41.60
CA ASP D 421 32.24 22.19 40.28
C ASP D 421 33.01 23.49 40.12
N LYS D 422 33.79 23.88 41.13
CA LYS D 422 34.68 25.04 41.00
C LYS D 422 35.71 24.81 39.91
N GLU D 423 36.38 23.67 39.94
CA GLU D 423 37.49 23.39 39.04
C GLU D 423 37.01 22.49 37.91
N ALA D 424 36.98 23.03 36.69
CA ALA D 424 36.57 22.27 35.53
C ALA D 424 37.32 22.80 34.32
N PHE D 425 38.42 22.15 33.96
CA PHE D 425 39.22 22.57 32.84
C PHE D 425 38.48 22.41 31.53
N ALA D 426 38.79 23.28 30.58
CA ALA D 426 38.21 23.21 29.26
C ALA D 426 39.23 22.69 28.25
N ILE D 427 38.76 21.86 27.32
CA ILE D 427 39.60 21.33 26.26
C ILE D 427 39.41 22.18 25.02
N VAL D 428 40.20 23.23 24.86
CA VAL D 428 40.15 24.07 23.68
C VAL D 428 41.28 23.66 22.74
N PRO D 429 41.00 23.31 21.49
CA PRO D 429 42.02 22.75 20.61
C PRO D 429 42.72 23.80 19.76
N VAL D 430 43.89 23.42 19.26
CA VAL D 430 44.65 24.23 18.33
C VAL D 430 44.73 23.47 17.00
N SER D 431 44.55 24.19 15.91
CA SER D 431 44.54 23.59 14.59
C SER D 431 45.95 23.11 14.23
N PRO D 432 46.06 22.11 13.33
CA PRO D 432 47.40 21.67 12.89
C PRO D 432 48.21 22.76 12.20
N ALA D 433 47.55 23.74 11.58
CA ALA D 433 48.24 24.81 10.88
C ALA D 433 49.00 25.75 11.81
N GLU D 434 48.78 25.68 13.13
CA GLU D 434 49.55 26.47 14.08
C GLU D 434 50.70 25.68 14.70
N VAL D 435 50.48 24.40 15.01
CA VAL D 435 51.58 23.58 15.51
C VAL D 435 52.61 23.33 14.41
N ARG D 436 52.18 23.32 13.15
CA ARG D 436 53.13 23.25 12.05
C ARG D 436 53.98 24.51 11.98
N ASP D 437 53.38 25.68 12.21
CA ASP D 437 54.15 26.92 12.24
C ASP D 437 55.13 26.94 13.41
N LEU D 438 54.71 26.43 14.57
CA LEU D 438 55.61 26.35 15.71
C LEU D 438 56.80 25.44 15.43
N ASP D 439 56.54 24.29 14.77
CA ASP D 439 57.63 23.39 14.40
C ASP D 439 58.57 24.03 13.39
N PHE D 440 58.01 24.75 12.41
CA PHE D 440 58.84 25.44 11.43
C PHE D 440 59.71 26.50 12.09
N ALA D 441 59.14 27.25 13.04
CA ALA D 441 59.91 28.27 13.74
C ALA D 441 61.04 27.66 14.56
N ASN D 442 60.77 26.55 15.24
CA ASN D 442 61.80 25.88 16.02
C ASN D 442 62.93 25.38 15.14
N ASP D 443 62.59 24.77 14.00
CA ASP D 443 63.62 24.22 13.11
C ASP D 443 64.44 25.33 12.46
N ALA D 444 63.79 26.43 12.08
CA ALA D 444 64.51 27.57 11.51
C ALA D 444 65.45 28.19 12.54
N SER D 445 65.00 28.28 13.79
CA SER D 445 65.86 28.80 14.86
C SER D 445 67.07 27.91 15.06
N LYS D 446 66.89 26.58 15.03
CA LYS D 446 68.01 25.66 15.19
C LYS D 446 69.01 25.79 14.04
N VAL D 447 68.51 25.89 12.81
CA VAL D 447 69.40 25.99 11.64
C VAL D 447 70.19 27.29 11.68
N LEU D 448 69.52 28.41 12.02
CA LEU D 448 70.21 29.69 12.14
C LEU D 448 71.23 29.67 13.28
N GLY D 449 70.90 29.02 14.39
CA GLY D 449 71.85 28.91 15.49
C GLY D 449 73.08 28.10 15.13
N SER D 450 72.91 27.07 14.31
CA SER D 450 74.07 26.31 13.85
C SER D 450 74.93 27.15 12.90
N ILE D 451 74.31 27.78 11.91
CA ILE D 451 75.07 28.47 10.86
C ILE D 451 75.74 29.73 11.41
N ALA D 452 75.11 30.42 12.37
CA ALA D 452 75.72 31.61 12.95
C ALA D 452 77.03 31.27 13.67
N GLY D 453 77.03 30.20 14.46
CA GLY D 453 78.26 29.76 15.08
C GLY D 453 79.27 29.24 14.08
N LYS D 454 78.81 28.54 13.05
CA LYS D 454 79.69 27.99 12.03
C LYS D 454 80.43 29.10 11.28
N LEU D 455 79.73 30.19 10.99
CA LEU D 455 80.35 31.37 10.40
C LEU D 455 81.13 32.20 11.41
N GLU D 456 80.81 32.07 12.70
CA GLU D 456 81.52 32.82 13.72
C GLU D 456 82.92 32.28 14.00
N LYS D 457 83.07 30.95 14.14
CA LYS D 457 84.40 30.40 14.35
C LYS D 457 85.26 30.47 13.08
N GLY D 458 84.69 30.14 11.95
CA GLY D 458 85.46 30.09 10.71
C GLY D 458 84.60 30.25 9.48
N THR D 459 85.11 29.73 8.36
CA THR D 459 84.41 29.84 7.09
C THR D 459 83.44 28.67 6.91
N ILE D 460 82.60 28.79 5.88
CA ILE D 460 81.57 27.80 5.57
C ILE D 460 81.75 27.37 4.11
N THR D 461 81.17 26.23 3.79
CA THR D 461 81.16 25.76 2.41
C THR D 461 80.09 26.48 1.62
N GLN D 462 80.13 26.31 0.30
CA GLN D 462 79.13 26.91 -0.57
C GLN D 462 77.78 26.23 -0.46
N ASN D 463 77.74 24.98 0.03
CA ASN D 463 76.47 24.31 0.23
C ASN D 463 75.72 24.88 1.43
N GLU D 464 76.45 25.22 2.49
CA GLU D 464 75.83 25.89 3.63
C GLU D 464 75.41 27.31 3.28
N ARG D 465 76.17 27.98 2.42
CA ARG D 465 75.80 29.31 1.98
C ARG D 465 74.54 29.29 1.11
N ARG D 466 74.34 28.22 0.34
CA ARG D 466 73.13 28.08 -0.45
C ARG D 466 71.93 27.68 0.41
N SER D 467 72.17 26.89 1.46
CA SER D 467 71.06 26.40 2.29
C SER D 467 70.47 27.51 3.14
N VAL D 468 71.30 28.40 3.65
CA VAL D 468 70.79 29.49 4.48
C VAL D 468 70.09 30.55 3.64
N THR D 469 70.45 30.66 2.36
CA THR D 469 69.83 31.67 1.50
C THR D 469 68.37 31.33 1.20
N LYS D 470 68.10 30.08 0.87
CA LYS D 470 66.71 29.67 0.63
C LYS D 470 65.89 29.69 1.90
N LEU D 471 66.50 29.45 3.06
CA LEU D 471 65.77 29.55 4.32
C LEU D 471 65.42 30.99 4.65
N LEU D 472 66.37 31.91 4.43
CA LEU D 472 66.06 33.33 4.63
C LEU D 472 65.05 33.83 3.61
N GLU D 473 65.04 33.24 2.41
CA GLU D 473 63.98 33.53 1.44
C GLU D 473 62.64 33.01 1.93
N ASP D 474 62.62 31.84 2.57
CA ASP D 474 61.37 31.26 3.03
C ASP D 474 60.82 31.99 4.25
N LEU D 475 61.71 32.58 5.06
CA LEU D 475 61.26 33.31 6.25
C LEU D 475 60.43 34.54 5.89
N VAL D 476 60.79 35.21 4.79
CA VAL D 476 60.04 36.40 4.37
C VAL D 476 58.62 36.04 3.97
N TYR D 477 58.45 35.00 3.17
CA TYR D 477 57.11 34.58 2.77
C TYR D 477 56.38 33.88 3.90
N PHE D 478 57.12 33.38 4.89
CA PHE D 478 56.52 32.91 6.13
C PHE D 478 55.86 34.06 6.88
N VAL D 479 56.60 35.15 7.10
CA VAL D 479 56.08 36.21 7.95
C VAL D 479 55.07 37.08 7.20
N THR D 480 55.15 37.20 5.88
CA THR D 480 54.17 38.02 5.18
C THR D 480 52.94 37.23 4.74
N GLY D 481 52.98 35.90 4.84
CA GLY D 481 51.86 35.09 4.43
C GLY D 481 51.71 34.88 2.94
N GLY D 482 52.67 35.32 2.13
CA GLY D 482 52.58 35.20 0.69
C GLY D 482 53.06 33.86 0.18
N THR D 483 53.07 33.75 -1.16
CA THR D 483 53.52 32.55 -1.85
C THR D 483 54.64 32.91 -2.82
N ASN D 484 55.50 31.93 -3.08
CA ASN D 484 56.68 32.14 -3.92
C ASN D 484 56.28 32.36 -5.38
N SER D 485 56.59 33.53 -5.92
CA SER D 485 56.35 33.84 -7.32
C SER D 485 57.52 34.55 -8.00
N GLY D 486 58.51 35.03 -7.27
CA GLY D 486 59.65 35.69 -7.86
C GLY D 486 59.92 37.06 -7.28
N GLN D 487 61.20 37.46 -7.26
CA GLN D 487 61.66 38.77 -6.78
C GLN D 487 61.26 38.97 -5.31
N ASP D 488 61.92 38.19 -4.45
CA ASP D 488 61.59 38.14 -3.03
C ASP D 488 61.74 39.48 -2.31
N VAL D 489 62.55 40.41 -2.84
CA VAL D 489 62.57 41.78 -2.32
C VAL D 489 61.47 42.53 -3.09
N LEU D 490 60.23 42.37 -2.61
CA LEU D 490 59.09 43.04 -3.24
C LEU D 490 58.26 43.86 -2.27
N GLU D 491 57.99 43.34 -1.06
CA GLU D 491 57.40 44.09 0.05
C GLU D 491 56.06 44.74 -0.32
N VAL D 492 55.23 44.02 -1.07
CA VAL D 492 54.03 44.63 -1.65
C VAL D 492 52.76 44.40 -0.85
N VAL D 493 52.61 43.25 -0.19
CA VAL D 493 51.35 42.94 0.53
C VAL D 493 51.54 43.38 1.98
N PHE D 494 51.29 44.67 2.20
CA PHE D 494 51.24 45.24 3.55
C PHE D 494 49.80 45.33 4.05
N SER D 495 49.08 44.22 4.04
CA SER D 495 47.68 44.22 4.48
C SER D 495 47.58 43.82 5.95
N LYS D 496 48.01 42.60 6.27
CA LYS D 496 48.01 42.08 7.63
C LYS D 496 49.07 41.01 7.74
N PRO D 497 50.26 41.33 8.23
CA PRO D 497 51.41 40.41 8.14
C PRO D 497 51.47 39.37 9.26
N ASN D 498 50.32 38.74 9.55
CA ASN D 498 50.23 37.57 10.42
C ASN D 498 50.80 37.84 11.81
N ARG D 499 50.05 38.64 12.57
CA ARG D 499 50.43 39.01 13.93
C ARG D 499 50.74 37.79 14.79
N GLU D 500 49.96 36.71 14.65
CA GLU D 500 50.22 35.46 15.35
C GLU D 500 51.50 34.78 14.91
N ARG D 501 52.08 35.17 13.78
CA ARG D 501 53.31 34.59 13.27
C ARG D 501 54.54 35.45 13.56
N GLN D 502 54.41 36.77 13.51
CA GLN D 502 55.50 37.59 14.03
C GLN D 502 55.55 37.57 15.55
N LYS D 503 54.52 37.06 16.22
CA LYS D 503 54.68 36.66 17.61
C LYS D 503 55.62 35.47 17.74
N LEU D 504 55.49 34.49 16.83
CA LEU D 504 56.35 33.31 16.85
C LEU D 504 57.79 33.66 16.51
N MET D 505 57.97 34.62 15.60
CA MET D 505 59.31 35.05 15.21
C MET D 505 60.06 35.71 16.36
N ARG D 506 59.38 36.18 17.39
CA ARG D 506 60.02 36.70 18.59
C ARG D 506 60.12 35.68 19.71
N GLU D 507 59.07 34.87 19.91
CA GLU D 507 59.05 33.95 21.04
C GLU D 507 59.96 32.75 20.83
N GLN D 508 60.11 32.29 19.59
CA GLN D 508 60.90 31.10 19.30
C GLN D 508 62.37 31.40 19.04
N ASN D 509 62.84 32.58 19.47
CA ASN D 509 64.25 32.99 19.43
C ASN D 509 64.81 33.04 18.00
N ILE D 510 63.94 33.28 17.02
CA ILE D 510 64.41 33.46 15.65
C ILE D 510 65.12 34.80 15.50
N LEU D 511 64.53 35.87 16.06
CA LEU D 511 65.12 37.20 15.95
C LEU D 511 66.41 37.33 16.74
N LYS D 512 66.61 36.51 17.77
CA LYS D 512 67.90 36.49 18.45
C LYS D 512 69.00 35.93 17.56
N GLN D 513 68.69 34.88 16.79
CA GLN D 513 69.70 34.25 15.96
C GLN D 513 70.05 35.10 14.74
N ILE D 514 69.12 35.94 14.28
CA ILE D 514 69.41 36.85 13.18
C ILE D 514 70.44 37.89 13.60
N PHE D 515 70.32 38.39 14.83
CA PHE D 515 71.31 39.33 15.36
C PHE D 515 72.67 38.68 15.50
N LYS D 516 72.70 37.40 15.89
CA LYS D 516 73.96 36.68 15.97
C LYS D 516 74.59 36.49 14.59
N LEU D 517 73.76 36.27 13.57
CA LEU D 517 74.26 36.02 12.22
C LEU D 517 74.77 37.29 11.55
N LEU D 518 74.37 38.47 12.03
CA LEU D 518 74.82 39.72 11.45
C LEU D 518 76.24 40.09 11.88
N GLN D 519 76.53 39.98 13.17
CA GLN D 519 77.84 40.33 13.70
C GLN D 519 78.83 39.17 13.66
N ALA D 520 78.39 37.97 13.30
CA ALA D 520 79.32 36.84 13.17
C ALA D 520 80.36 37.03 12.07
N PRO D 521 80.03 37.41 10.82
CA PRO D 521 81.09 37.50 9.80
C PRO D 521 82.11 38.60 10.07
N PHE D 522 81.71 39.69 10.75
CA PHE D 522 82.67 40.75 11.02
C PHE D 522 83.62 40.34 12.13
N THR D 523 83.12 39.60 13.13
CA THR D 523 84.01 39.00 14.12
C THR D 523 84.85 37.89 13.51
N ASP D 524 84.37 37.29 12.41
CA ASP D 524 85.17 36.30 11.70
C ASP D 524 86.33 36.95 10.95
N CYS D 525 86.06 38.03 10.22
CA CYS D 525 87.09 38.70 9.46
C CYS D 525 87.97 39.62 10.31
N GLY D 526 87.56 39.90 11.54
CA GLY D 526 88.41 40.67 12.44
C GLY D 526 89.32 39.80 13.27
N ASP D 527 88.75 38.80 13.93
CA ASP D 527 89.52 37.87 14.74
C ASP D 527 88.86 36.49 14.81
N LEU D 531 86.96 45.66 6.48
CA LEU D 531 86.41 44.31 6.57
C LEU D 531 84.91 44.33 6.27
N ARG D 532 84.33 45.53 6.26
CA ARG D 532 82.93 45.67 5.87
C ARG D 532 82.82 46.22 4.46
N LEU D 533 83.39 47.40 4.21
CA LEU D 533 83.57 47.93 2.86
C LEU D 533 84.95 48.54 2.63
N GLU D 534 85.70 48.84 3.69
CA GLU D 534 87.01 49.46 3.53
C GLU D 534 88.07 48.46 3.08
N GLU D 535 87.88 47.18 3.42
CA GLU D 535 88.79 46.11 3.05
C GLU D 535 88.09 44.94 2.39
N LEU D 536 86.82 44.71 2.71
CA LEU D 536 86.07 43.61 2.13
C LEU D 536 84.87 44.14 1.36
N GLY D 537 85.08 45.21 0.59
CA GLY D 537 84.03 45.80 -0.21
C GLY D 537 84.08 45.38 -1.67
N ASP D 538 84.75 44.26 -1.94
CA ASP D 538 85.01 43.83 -3.31
C ASP D 538 83.73 43.26 -3.93
N GLN D 539 83.77 43.10 -5.27
CA GLN D 539 82.64 42.56 -6.01
C GLN D 539 82.44 41.06 -5.76
N ARG D 540 83.48 40.36 -5.28
CA ARG D 540 83.37 38.93 -5.06
C ARG D 540 82.38 38.58 -3.95
N HIS D 541 82.09 39.53 -3.06
CA HIS D 541 81.14 39.31 -1.97
C HIS D 541 79.75 39.76 -2.35
N ALA D 542 79.27 39.32 -3.52
CA ALA D 542 77.92 39.61 -3.96
C ALA D 542 76.88 38.66 -3.36
N PRO D 543 77.04 37.32 -3.35
CA PRO D 543 76.05 36.50 -2.64
C PRO D 543 76.27 36.46 -1.14
N PHE D 544 77.46 36.80 -0.66
CA PHE D 544 77.72 36.79 0.77
C PHE D 544 77.01 37.94 1.47
N ARG D 545 76.86 39.08 0.79
CA ARG D 545 76.09 40.19 1.32
C ARG D 545 74.61 40.08 0.98
N HIS D 546 74.21 39.05 0.24
CA HIS D 546 72.80 38.86 -0.09
C HIS D 546 72.01 38.33 1.09
N ILE D 547 72.68 37.80 2.12
CA ILE D 547 71.98 37.29 3.29
C ILE D 547 71.87 38.39 4.34
N CYS D 548 72.82 39.33 4.33
CA CYS D 548 72.74 40.45 5.27
C CYS D 548 71.64 41.42 4.88
N ARG D 549 71.37 41.57 3.59
CA ARG D 549 70.26 42.40 3.15
C ARG D 549 68.93 41.64 3.14
N LEU D 550 68.97 40.33 3.38
CA LEU D 550 67.74 39.58 3.64
C LEU D 550 67.41 39.52 5.13
N CYS D 551 68.44 39.50 5.98
CA CYS D 551 68.24 39.55 7.42
C CYS D 551 67.59 40.87 7.83
N TYR D 552 68.04 41.98 7.24
CA TYR D 552 67.41 43.26 7.55
C TYR D 552 66.01 43.35 6.97
N ARG D 553 65.76 42.70 5.84
CA ARG D 553 64.42 42.68 5.27
C ARG D 553 63.44 41.92 6.17
N VAL D 554 63.86 40.76 6.68
CA VAL D 554 62.98 40.02 7.57
C VAL D 554 62.93 40.65 8.96
N LEU D 555 63.94 41.43 9.35
CA LEU D 555 63.81 42.26 10.55
C LEU D 555 62.76 43.33 10.36
N ARG D 556 62.71 43.92 9.16
CA ARG D 556 61.72 44.96 8.87
C ARG D 556 60.31 44.38 8.82
N HIS D 557 60.15 43.20 8.24
CA HIS D 557 58.83 42.58 8.17
C HIS D 557 58.32 42.08 9.52
N SER D 558 59.18 41.96 10.52
CA SER D 558 58.75 41.47 11.81
C SER D 558 58.06 42.53 12.66
N GLN D 559 58.38 43.80 12.46
CA GLN D 559 57.93 44.86 13.35
C GLN D 559 56.81 45.72 12.77
N GLN D 560 56.21 45.32 11.66
CA GLN D 560 55.18 46.15 11.03
C GLN D 560 53.89 46.09 11.85
N ASP D 561 53.47 47.25 12.36
CA ASP D 561 52.26 47.40 13.17
C ASP D 561 52.29 46.50 14.40
N TYR D 562 53.44 46.39 15.06
CA TYR D 562 53.59 45.51 16.22
C TYR D 562 54.56 46.16 17.18
N ARG D 563 54.06 46.55 18.37
CA ARG D 563 54.87 47.24 19.36
C ARG D 563 55.95 46.36 19.97
N LYS D 564 55.62 45.10 20.28
CA LYS D 564 56.55 44.22 20.97
C LYS D 564 57.79 43.94 20.12
N ASN D 565 57.59 43.67 18.82
CA ASN D 565 58.72 43.45 17.94
C ASN D 565 59.53 44.73 17.73
N GLN D 566 58.84 45.88 17.68
CA GLN D 566 59.53 47.15 17.53
C GLN D 566 60.46 47.44 18.70
N GLU D 567 59.97 47.27 19.92
CA GLU D 567 60.82 47.50 21.07
C GLU D 567 61.88 46.42 21.23
N TYR D 568 61.60 45.18 20.82
CA TYR D 568 62.62 44.13 20.85
C TYR D 568 63.77 44.45 19.91
N ILE D 569 63.46 44.95 18.71
CA ILE D 569 64.51 45.34 17.77
C ILE D 569 65.25 46.57 18.27
N ALA D 570 64.51 47.54 18.83
CA ALA D 570 65.14 48.77 19.33
C ALA D 570 65.97 48.56 20.57
N LYS D 571 65.77 47.45 21.29
CA LYS D 571 66.69 47.12 22.38
C LYS D 571 68.06 46.68 21.87
N GLN D 572 68.14 46.22 20.62
CA GLN D 572 69.39 45.83 19.97
C GLN D 572 69.83 46.88 18.97
N PHE D 573 69.62 48.15 19.31
CA PHE D 573 69.92 49.25 18.42
C PHE D 573 71.38 49.69 18.50
N GLY D 574 72.14 49.14 19.44
CA GLY D 574 73.50 49.60 19.67
C GLY D 574 74.44 49.34 18.51
N PHE D 575 74.37 48.14 17.92
CA PHE D 575 75.28 47.80 16.84
C PHE D 575 74.68 48.07 15.47
N MET D 576 73.36 48.23 15.38
CA MET D 576 72.73 48.55 14.11
C MET D 576 73.10 49.95 13.64
N GLN D 577 73.52 50.80 14.57
CA GLN D 577 73.97 52.17 14.26
C GLN D 577 75.28 52.19 13.46
N LYS D 578 76.05 51.10 13.48
CA LYS D 578 77.34 51.08 12.80
C LYS D 578 77.25 51.07 11.28
N GLN D 579 76.10 50.70 10.71
CA GLN D 579 76.08 50.32 9.30
C GLN D 579 74.83 50.82 8.55
N ILE D 580 74.33 52.02 8.85
CA ILE D 580 73.28 52.60 8.01
C ILE D 580 73.80 52.94 6.62
N GLY D 581 74.95 53.60 6.56
CA GLY D 581 75.38 54.18 5.30
C GLY D 581 75.94 53.21 4.29
N TYR D 582 75.98 51.92 4.59
CA TYR D 582 76.58 50.93 3.70
C TYR D 582 75.47 50.17 2.98
N ASP D 583 75.87 49.18 2.18
CA ASP D 583 74.94 48.50 1.28
C ASP D 583 74.31 47.25 1.91
N VAL D 584 74.13 47.22 3.23
CA VAL D 584 73.51 46.08 3.88
C VAL D 584 72.04 46.37 4.13
N LEU D 585 71.51 47.41 3.48
CA LEU D 585 70.09 47.79 3.51
C LEU D 585 69.59 48.07 4.94
N ALA D 586 70.45 48.62 5.79
CA ALA D 586 70.03 48.95 7.14
C ALA D 586 69.29 50.26 7.24
N GLU D 587 69.30 51.08 6.18
CA GLU D 587 68.65 52.38 6.24
C GLU D 587 67.14 52.28 6.14
N ASP D 588 66.62 51.26 5.46
CA ASP D 588 65.17 51.14 5.30
C ASP D 588 64.50 50.61 6.57
N THR D 589 65.17 49.70 7.27
CA THR D 589 64.59 49.14 8.48
C THR D 589 64.59 50.14 9.62
N ILE D 590 65.64 50.96 9.71
CA ILE D 590 65.79 51.87 10.85
C ILE D 590 64.79 53.03 10.78
N THR D 591 64.30 53.38 9.58
CA THR D 591 63.28 54.42 9.49
C THR D 591 61.93 53.93 10.00
N ALA D 592 61.66 52.63 9.84
CA ALA D 592 60.36 52.10 10.23
C ALA D 592 60.18 52.06 11.73
N LEU D 593 61.28 51.96 12.49
CA LEU D 593 61.17 51.95 13.95
C LEU D 593 60.80 53.33 14.49
N LEU D 594 61.18 54.39 13.79
CA LEU D 594 60.98 55.75 14.26
C LEU D 594 59.81 56.47 13.58
N HIS D 595 58.95 55.73 12.89
CA HIS D 595 57.89 56.33 12.09
C HIS D 595 56.61 56.41 12.92
N ASN D 596 56.33 57.62 13.44
CA ASN D 596 55.08 57.94 14.15
C ASN D 596 54.84 57.06 15.37
N ASN D 597 55.87 56.88 16.20
CA ASN D 597 55.73 56.19 17.48
C ASN D 597 56.28 57.07 18.60
N ARG D 598 55.61 57.03 19.75
CA ARG D 598 55.87 57.95 20.84
C ARG D 598 56.76 57.34 21.93
N LYS D 599 56.28 56.27 22.56
CA LYS D 599 56.81 55.87 23.86
C LYS D 599 58.14 55.17 23.73
N LEU D 600 58.29 54.29 22.74
CA LEU D 600 59.57 53.62 22.55
C LEU D 600 60.63 54.56 22.00
N LEU D 601 60.25 55.53 21.18
CA LEU D 601 61.22 56.50 20.67
C LEU D 601 61.70 57.42 21.78
N GLU D 602 60.81 57.82 22.69
CA GLU D 602 61.25 58.75 23.73
C GLU D 602 62.09 58.09 24.82
N LYS D 603 62.15 56.75 24.88
CA LYS D 603 62.94 56.08 25.90
C LYS D 603 64.13 55.31 25.35
N HIS D 604 64.08 54.85 24.10
CA HIS D 604 65.19 54.06 23.58
C HIS D 604 66.37 54.91 23.14
N ILE D 605 66.11 56.08 22.56
CA ILE D 605 67.16 56.97 22.09
C ILE D 605 67.62 57.82 23.26
N THR D 606 68.92 57.80 23.54
CA THR D 606 69.50 58.55 24.65
C THR D 606 70.49 59.58 24.11
N ALA D 607 71.06 60.37 25.02
CA ALA D 607 72.01 61.40 24.64
C ALA D 607 73.33 60.80 24.18
N ALA D 608 73.73 59.65 24.75
CA ALA D 608 74.95 58.99 24.31
C ALA D 608 74.84 58.48 22.89
N GLU D 609 73.65 58.01 22.50
CA GLU D 609 73.43 57.58 21.12
C GLU D 609 73.55 58.74 20.15
N ILE D 610 73.08 59.92 20.54
CA ILE D 610 73.22 61.10 19.70
C ILE D 610 74.69 61.54 19.64
N ASP D 611 75.39 61.47 20.79
CA ASP D 611 76.78 61.90 20.84
C ASP D 611 77.68 61.00 20.01
N THR D 612 77.41 59.70 20.00
CA THR D 612 78.11 58.82 19.07
C THR D 612 77.49 58.82 17.69
N PHE D 613 76.34 59.47 17.53
CA PHE D 613 75.65 59.53 16.25
C PHE D 613 76.11 60.74 15.44
N VAL D 614 76.81 61.67 16.08
CA VAL D 614 77.41 62.84 15.44
C VAL D 614 78.92 62.66 15.27
N SER D 615 79.35 61.40 15.15
CA SER D 615 80.74 60.97 14.99
C SER D 615 81.19 61.20 13.55
N LEU D 616 82.17 60.42 13.08
CA LEU D 616 82.68 60.59 11.72
C LEU D 616 81.66 60.13 10.67
N VAL D 617 80.42 60.62 10.81
CA VAL D 617 79.32 60.51 9.87
C VAL D 617 78.77 61.91 9.64
N ARG D 618 78.59 62.69 10.72
CA ARG D 618 78.48 64.14 10.65
C ARG D 618 79.82 64.81 10.41
N LYS D 619 80.93 64.18 10.77
CA LYS D 619 82.21 64.70 10.32
C LYS D 619 82.43 64.43 8.84
N ASN D 620 81.60 63.59 8.23
CA ASN D 620 81.68 63.24 6.82
C ASN D 620 80.52 63.88 6.04
N ARG D 621 80.50 63.59 4.75
CA ARG D 621 79.61 64.25 3.79
C ARG D 621 78.37 63.35 3.68
N GLU D 622 77.57 63.48 2.59
CA GLU D 622 76.33 62.74 2.28
C GLU D 622 75.22 63.03 3.28
N PRO D 623 74.54 64.19 3.16
CA PRO D 623 73.53 64.59 4.15
C PRO D 623 72.21 63.82 4.09
N ARG D 624 72.16 62.73 3.32
CA ARG D 624 71.06 61.77 3.50
C ARG D 624 71.10 61.19 4.91
N PHE D 625 72.29 61.07 5.48
CA PHE D 625 72.36 60.60 6.86
C PHE D 625 71.98 61.73 7.80
N LEU D 626 72.08 62.98 7.32
CA LEU D 626 71.64 64.14 8.10
C LEU D 626 70.12 64.23 8.17
N ASP D 627 69.39 63.97 7.08
CA ASP D 627 67.95 63.95 7.31
C ASP D 627 67.49 62.60 7.86
N TYR D 628 68.34 61.57 7.84
CA TYR D 628 68.11 60.41 8.72
C TYR D 628 68.24 60.79 10.19
N LEU D 629 69.03 61.82 10.51
CA LEU D 629 68.92 62.43 11.84
C LEU D 629 67.63 63.24 11.99
N SER D 630 67.27 63.97 10.94
CA SER D 630 66.19 64.96 11.06
C SER D 630 64.81 64.31 11.19
N ASP D 631 64.62 63.08 10.68
CA ASP D 631 63.29 62.49 10.85
C ASP D 631 63.14 61.84 12.22
N LEU D 632 64.24 61.43 12.85
CA LEU D 632 64.17 61.02 14.24
C LEU D 632 64.29 62.19 15.18
N CYS D 633 64.57 63.39 14.65
CA CYS D 633 64.58 64.59 15.47
C CYS D 633 63.21 64.86 16.11
N VAL D 634 62.23 65.20 15.28
CA VAL D 634 60.94 65.61 15.82
C VAL D 634 59.79 64.95 15.04
N SER D 635 60.11 64.35 13.89
CA SER D 635 59.08 63.99 12.92
C SER D 635 58.18 62.88 13.43
N MET D 636 56.99 63.29 13.87
CA MET D 636 56.03 62.45 14.56
C MET D 636 54.69 62.94 14.01
N ASN D 637 53.59 62.78 14.75
CA ASN D 637 52.38 63.51 14.38
C ASN D 637 52.65 65.02 14.36
N LYS D 638 52.94 65.61 15.52
CA LYS D 638 53.36 67.00 15.78
C LYS D 638 54.15 67.17 17.08
N SER D 639 55.42 67.57 16.95
CA SER D 639 56.21 68.26 17.99
C SER D 639 56.36 67.43 19.27
N ILE D 640 57.11 66.34 19.15
CA ILE D 640 57.48 65.51 20.30
C ILE D 640 58.27 66.35 21.31
N PRO D 641 57.86 66.37 22.59
CA PRO D 641 58.50 67.27 23.56
C PRO D 641 59.61 66.64 24.38
N VAL D 642 60.00 65.39 24.09
CA VAL D 642 60.99 64.70 24.92
C VAL D 642 62.37 64.73 24.30
N THR D 643 62.48 64.37 23.03
CA THR D 643 63.77 64.29 22.35
C THR D 643 64.19 65.59 21.69
N GLN D 644 63.31 66.58 21.62
CA GLN D 644 63.65 67.83 20.93
C GLN D 644 64.69 68.62 21.71
N GLU D 645 64.60 68.64 23.04
CA GLU D 645 65.67 69.24 23.83
C GLU D 645 66.89 68.34 23.91
N LEU D 646 66.73 67.04 23.59
CA LEU D 646 67.87 66.14 23.55
C LEU D 646 68.70 66.33 22.29
N ILE D 647 68.08 66.76 21.19
CA ILE D 647 68.83 67.03 19.96
C ILE D 647 69.27 68.50 19.85
N CYS D 648 68.54 69.43 20.47
CA CYS D 648 68.90 70.84 20.38
C CYS D 648 70.10 71.23 21.21
N LYS D 649 70.63 70.35 22.06
CA LYS D 649 71.88 70.60 22.74
C LYS D 649 73.03 69.76 22.20
N ALA D 650 72.90 69.22 21.00
CA ALA D 650 73.95 68.40 20.41
C ALA D 650 74.47 68.94 19.09
N VAL D 651 73.59 69.41 18.22
CA VAL D 651 74.00 69.86 16.89
C VAL D 651 74.72 71.21 16.95
N LEU D 652 74.30 72.10 17.85
CA LEU D 652 74.91 73.42 17.96
C LEU D 652 75.47 73.72 19.34
N ASN D 653 75.51 72.74 20.24
CA ASN D 653 76.13 72.89 21.56
C ASN D 653 77.04 71.70 21.83
N PRO D 654 78.30 71.76 21.38
CA PRO D 654 78.95 72.88 20.70
C PRO D 654 78.76 72.85 19.19
N THR D 655 79.51 73.70 18.48
CA THR D 655 79.30 73.95 17.06
C THR D 655 80.19 73.08 16.16
N ASN D 656 80.56 71.88 16.62
CA ASN D 656 81.40 70.99 15.84
C ASN D 656 80.60 70.21 14.80
N ALA D 657 81.20 69.15 14.25
CA ALA D 657 80.53 68.16 13.39
C ALA D 657 79.97 68.80 12.12
N ASP D 658 80.90 69.21 11.24
CA ASP D 658 80.60 69.90 9.98
C ASP D 658 79.87 71.20 10.26
N ILE D 659 80.66 72.14 10.80
CA ILE D 659 80.29 73.17 11.77
C ILE D 659 78.95 73.83 11.46
N LEU D 660 78.86 74.48 10.31
CA LEU D 660 77.69 75.22 9.84
C LEU D 660 77.95 75.60 8.40
N ILE D 661 76.90 76.13 7.76
CA ILE D 661 77.05 76.97 6.59
C ILE D 661 76.62 78.36 7.05
N GLU D 662 77.61 79.16 7.46
CA GLU D 662 77.36 80.36 8.27
C GLU D 662 77.07 81.55 7.37
N THR D 663 75.83 82.03 7.42
CA THR D 663 75.43 83.27 6.76
C THR D 663 75.34 84.37 7.82
N LYS D 664 76.18 85.39 7.68
CA LYS D 664 76.40 86.33 8.77
C LYS D 664 76.21 87.79 8.34
N LEU D 665 75.72 88.04 7.12
CA LEU D 665 75.51 89.38 6.55
C LEU D 665 76.78 90.23 6.65
N VAL D 666 77.79 89.79 5.88
CA VAL D 666 79.15 90.27 5.99
C VAL D 666 79.28 91.78 5.71
N LEU D 667 78.29 92.36 5.02
CA LEU D 667 78.21 93.80 4.76
C LEU D 667 79.42 94.31 3.98
N SER D 668 79.56 93.79 2.78
CA SER D 668 80.64 94.20 1.87
C SER D 668 80.09 94.17 0.45
N ARG D 669 80.98 94.26 -0.53
CA ARG D 669 80.57 94.21 -1.94
C ARG D 669 80.35 92.78 -2.39
N GLU D 688 72.22 95.23 -2.44
CA GLU D 688 73.25 95.90 -1.65
C GLU D 688 73.62 95.07 -0.42
N GLU D 689 74.93 94.88 -0.22
CA GLU D 689 75.51 94.14 0.90
C GLU D 689 74.98 92.70 0.94
N GLU D 690 75.33 91.96 -0.11
CA GLU D 690 74.88 90.59 -0.26
C GLU D 690 75.52 89.68 0.78
N VAL D 691 74.87 88.54 1.03
CA VAL D 691 75.27 87.63 2.09
C VAL D 691 76.43 86.78 1.60
N TRP D 692 77.20 86.25 2.56
CA TRP D 692 78.33 85.37 2.30
C TRP D 692 78.25 84.17 3.23
N LEU D 693 78.23 82.96 2.65
CA LEU D 693 78.11 81.74 3.40
C LEU D 693 79.43 80.97 3.41
N PHE D 694 79.70 80.30 4.53
CA PHE D 694 80.97 79.63 4.78
C PHE D 694 80.78 78.12 4.66
N TRP D 695 81.50 77.49 3.74
CA TRP D 695 81.48 76.03 3.65
C TRP D 695 82.89 75.54 3.33
N ARG D 696 83.27 74.43 3.95
CA ARG D 696 84.63 73.94 3.90
C ARG D 696 84.69 72.51 3.36
N ASP D 697 85.92 72.07 3.09
CA ASP D 697 86.20 70.72 2.63
C ASP D 697 86.66 69.80 3.76
N SER D 698 86.48 70.22 5.01
CA SER D 698 86.82 69.46 6.22
C SER D 698 88.30 69.12 6.29
N ASN D 699 89.16 69.93 5.70
CA ASN D 699 90.60 69.70 5.69
C ASN D 699 91.42 70.87 6.20
N LYS D 700 90.97 72.09 5.95
CA LYS D 700 91.80 73.28 6.15
C LYS D 700 90.90 74.46 6.51
N GLU D 701 91.42 75.67 6.31
CA GLU D 701 90.66 76.91 6.44
C GLU D 701 89.43 76.88 5.53
N ILE D 702 88.48 77.78 5.82
CA ILE D 702 87.08 77.60 5.41
C ILE D 702 86.95 77.59 3.89
N ARG D 703 87.59 78.52 3.19
CA ARG D 703 87.65 78.57 1.72
C ARG D 703 86.23 78.62 1.12
N SER D 704 85.59 79.77 1.33
CA SER D 704 84.27 80.03 0.80
C SER D 704 84.37 80.99 -0.38
N LYS D 705 83.95 80.55 -1.56
CA LYS D 705 83.91 81.42 -2.73
C LYS D 705 82.92 82.56 -2.57
N SER D 706 81.62 82.24 -2.56
CA SER D 706 80.50 83.15 -2.34
C SER D 706 79.22 82.33 -2.45
N VAL D 707 78.10 82.98 -2.16
CA VAL D 707 76.81 82.43 -2.58
C VAL D 707 76.45 82.93 -3.98
N ARG D 708 77.02 84.07 -4.39
CA ARG D 708 76.74 84.62 -5.71
C ARG D 708 77.38 83.78 -6.81
N GLU D 709 78.51 83.15 -6.52
CA GLU D 709 79.12 82.23 -7.47
C GLU D 709 78.27 80.96 -7.61
N LEU D 710 77.53 80.59 -6.58
CA LEU D 710 76.65 79.44 -6.63
C LEU D 710 75.39 79.70 -7.45
N ALA D 711 75.07 80.96 -7.75
CA ALA D 711 73.90 81.28 -8.57
C ALA D 711 74.07 80.76 -10.00
N GLN D 712 75.24 80.94 -10.58
CA GLN D 712 75.53 80.42 -11.91
C GLN D 712 75.90 78.95 -11.90
N ASP D 713 76.04 78.35 -10.73
CA ASP D 713 76.38 76.94 -10.59
C ASP D 713 75.15 76.04 -10.55
N ALA D 714 73.95 76.61 -10.72
CA ALA D 714 72.75 75.80 -10.76
C ALA D 714 72.66 75.00 -12.05
N LYS D 715 73.25 75.50 -13.13
CA LYS D 715 73.22 74.80 -14.41
C LYS D 715 74.36 73.81 -14.56
N GLU D 716 75.60 74.19 -14.24
CA GLU D 716 76.69 73.23 -14.14
C GLU D 716 77.76 73.79 -13.21
N GLY D 717 78.68 72.92 -12.82
CA GLY D 717 79.78 73.34 -11.95
C GLY D 717 80.50 72.14 -11.40
N GLN D 718 81.24 72.37 -10.31
CA GLN D 718 81.98 71.32 -9.63
C GLN D 718 81.05 70.54 -8.71
N LYS D 719 81.49 69.33 -8.34
CA LYS D 719 80.68 68.44 -7.52
C LYS D 719 80.43 69.03 -6.14
N GLU D 720 81.44 69.69 -5.58
CA GLU D 720 81.24 70.43 -4.34
C GLU D 720 80.24 71.57 -4.55
N ASP D 721 80.34 72.26 -5.69
CA ASP D 721 79.37 73.28 -6.05
C ASP D 721 78.00 72.66 -6.38
N ARG D 722 77.99 71.41 -6.84
CA ARG D 722 76.71 70.72 -7.03
C ARG D 722 76.00 70.51 -5.70
N ASP D 723 76.70 69.94 -4.72
CA ASP D 723 76.02 69.45 -3.54
C ASP D 723 76.05 70.39 -2.34
N VAL D 724 76.74 71.54 -2.42
CA VAL D 724 76.73 72.46 -1.30
C VAL D 724 75.34 73.07 -1.11
N LEU D 725 74.62 73.32 -2.21
CA LEU D 725 73.25 73.81 -2.12
C LEU D 725 72.33 72.77 -1.51
N SER D 726 72.50 71.50 -1.87
CA SER D 726 71.69 70.44 -1.29
C SER D 726 71.98 70.27 0.20
N TYR D 727 73.26 70.36 0.60
CA TYR D 727 73.59 70.25 2.01
C TYR D 727 73.01 71.43 2.81
N TYR D 728 73.11 72.64 2.26
CA TYR D 728 72.54 73.80 2.93
C TYR D 728 71.03 73.70 3.04
N ARG D 729 70.38 73.20 1.99
CA ARG D 729 68.93 73.00 2.03
C ARG D 729 68.55 71.96 3.08
N TYR D 730 69.34 70.89 3.19
CA TYR D 730 69.03 69.84 4.16
C TYR D 730 69.19 70.34 5.59
N GLN D 731 70.27 71.08 5.87
CA GLN D 731 70.40 71.59 7.23
C GLN D 731 69.41 72.72 7.50
N LEU D 732 68.95 73.42 6.46
CA LEU D 732 67.94 74.45 6.68
C LEU D 732 66.58 73.83 6.95
N ASN D 733 66.28 72.70 6.30
CA ASN D 733 65.09 71.94 6.66
C ASN D 733 65.18 71.44 8.09
N LEU D 734 66.37 70.97 8.49
CA LEU D 734 66.57 70.52 9.87
C LEU D 734 66.40 71.66 10.87
N PHE D 735 66.91 72.84 10.54
CA PHE D 735 66.76 74.00 11.42
C PHE D 735 65.33 74.52 11.44
N ALA D 736 64.62 74.42 10.31
CA ALA D 736 63.23 74.84 10.24
C ALA D 736 62.36 73.93 11.10
N ARG D 737 62.53 72.63 10.95
CA ARG D 737 61.72 71.67 11.67
C ARG D 737 62.31 71.36 13.06
N MET D 738 63.41 72.03 13.42
CA MET D 738 64.04 71.85 14.72
C MET D 738 63.12 72.24 15.87
N CYS D 739 62.44 73.38 15.74
CA CYS D 739 61.70 73.95 16.87
C CYS D 739 60.23 73.50 16.86
N LEU D 740 59.48 73.93 15.86
CA LEU D 740 58.08 73.58 15.58
C LEU D 740 57.11 73.94 16.70
N ASP D 741 57.57 74.55 17.80
CA ASP D 741 56.76 74.68 18.99
C ASP D 741 57.46 75.68 19.92
N ARG D 742 56.88 75.90 21.10
CA ARG D 742 57.47 76.75 22.13
C ARG D 742 58.63 75.98 22.76
N GLN D 743 59.83 76.19 22.19
CA GLN D 743 61.05 75.56 22.65
C GLN D 743 62.09 76.65 22.89
N TYR D 744 62.26 77.03 24.16
CA TYR D 744 63.17 78.11 24.53
C TYR D 744 64.64 77.77 24.35
N LEU D 745 65.00 76.47 24.37
CA LEU D 745 66.41 76.11 24.37
C LEU D 745 67.07 76.28 23.00
N ALA D 746 66.29 76.42 21.93
CA ALA D 746 66.85 76.66 20.61
C ALA D 746 66.03 77.72 19.88
N ILE D 747 65.68 78.79 20.60
CA ILE D 747 64.93 79.89 20.02
C ILE D 747 65.69 81.21 20.03
N ASN D 748 66.68 81.39 20.90
CA ASN D 748 67.44 82.62 20.94
C ASN D 748 68.79 82.52 20.25
N GLU D 749 69.35 81.31 20.17
CA GLU D 749 70.57 81.12 19.37
C GLU D 749 70.27 81.27 17.89
N ILE D 750 69.08 80.85 17.46
CA ILE D 750 68.70 80.94 16.05
C ILE D 750 67.90 82.23 15.78
N SER D 751 67.79 83.12 16.77
CA SER D 751 67.13 84.39 16.52
C SER D 751 68.12 85.48 16.14
N GLY D 752 69.18 85.66 16.94
CA GLY D 752 70.23 86.60 16.58
C GLY D 752 70.97 86.17 15.34
N GLN D 753 71.35 84.89 15.27
CA GLN D 753 71.77 84.31 14.00
C GLN D 753 70.57 84.26 13.07
N LEU D 754 70.79 84.65 11.80
CA LEU D 754 69.76 84.74 10.76
C LEU D 754 68.53 85.51 11.25
N ASP D 755 68.77 86.79 11.54
CA ASP D 755 67.75 87.67 12.08
C ASP D 755 66.71 88.01 11.02
N VAL D 756 65.76 88.87 11.41
CA VAL D 756 64.59 89.16 10.58
C VAL D 756 64.97 89.84 9.28
N ASP D 757 65.98 90.71 9.31
CA ASP D 757 66.45 91.33 8.07
C ASP D 757 67.14 90.32 7.16
N LEU D 758 67.91 89.39 7.74
CA LEU D 758 68.68 88.45 6.93
C LEU D 758 67.79 87.38 6.31
N ILE D 759 66.82 86.88 7.08
CA ILE D 759 65.89 85.88 6.55
C ILE D 759 65.02 86.48 5.46
N LEU D 760 64.73 87.78 5.54
CA LEU D 760 63.91 88.45 4.53
C LEU D 760 64.72 88.90 3.33
N ARG D 761 66.03 89.11 3.52
CA ARG D 761 66.88 89.46 2.39
C ARG D 761 66.98 88.28 1.42
N CYS D 762 66.92 87.07 1.92
CA CYS D 762 66.93 85.87 1.08
C CYS D 762 65.56 85.56 0.48
N MET D 763 64.54 86.37 0.77
CA MET D 763 63.23 86.26 0.15
C MET D 763 63.14 87.00 -1.18
N SER D 764 64.28 87.28 -1.81
CA SER D 764 64.31 88.10 -3.02
C SER D 764 64.07 87.22 -4.25
N ASP D 765 64.16 87.83 -5.43
CA ASP D 765 63.95 87.16 -6.70
C ASP D 765 65.24 86.66 -7.33
N GLU D 766 66.29 86.45 -6.54
CA GLU D 766 67.58 86.03 -7.09
C GLU D 766 67.51 84.58 -7.57
N ASN D 767 68.45 84.23 -8.45
CA ASN D 767 68.48 82.91 -9.07
C ASN D 767 69.03 81.90 -8.06
N LEU D 768 68.19 80.95 -7.68
CA LEU D 768 68.46 79.93 -6.67
C LEU D 768 68.13 78.56 -7.24
N PRO D 769 68.44 77.46 -6.51
CA PRO D 769 67.84 76.17 -6.87
C PRO D 769 66.33 76.13 -6.60
N TYR D 770 65.85 77.15 -5.89
CA TYR D 770 64.46 77.57 -5.69
C TYR D 770 63.75 76.68 -4.67
N ASP D 771 64.36 75.57 -4.26
CA ASP D 771 63.94 74.82 -3.09
C ASP D 771 64.62 75.32 -1.83
N LEU D 772 65.79 75.95 -1.99
CA LEU D 772 66.47 76.57 -0.87
C LEU D 772 65.61 77.70 -0.27
N ARG D 773 64.97 78.49 -1.11
CA ARG D 773 64.08 79.54 -0.60
C ARG D 773 62.85 78.94 0.05
N ALA D 774 62.41 77.77 -0.39
CA ALA D 774 61.35 77.06 0.32
C ALA D 774 61.82 76.66 1.73
N SER D 775 63.08 76.23 1.86
CA SER D 775 63.62 75.94 3.18
C SER D 775 63.73 77.21 4.02
N PHE D 776 64.13 78.32 3.40
CA PHE D 776 64.17 79.61 4.10
C PHE D 776 62.79 80.01 4.62
N CYS D 777 61.75 79.77 3.82
CA CYS D 777 60.40 80.14 4.26
C CYS D 777 59.88 79.17 5.32
N ARG D 778 60.26 77.90 5.25
CA ARG D 778 59.96 76.97 6.33
C ARG D 778 60.60 77.40 7.65
N LEU D 779 61.84 77.89 7.57
CA LEU D 779 62.50 78.43 8.75
C LEU D 779 61.86 79.74 9.20
N MET D 780 61.39 80.55 8.25
CA MET D 780 60.67 81.78 8.55
C MET D 780 59.41 81.52 9.35
N LEU D 781 58.67 80.46 8.99
CA LEU D 781 57.39 80.20 9.64
C LEU D 781 57.57 79.87 11.12
N HIS D 782 58.73 79.36 11.51
CA HIS D 782 58.95 78.92 12.89
C HIS D 782 59.88 79.84 13.68
N MET D 783 60.28 80.98 13.13
CA MET D 783 61.13 81.89 13.88
C MET D 783 60.48 83.22 14.22
N HIS D 784 59.61 83.77 13.37
CA HIS D 784 59.09 85.10 13.65
C HIS D 784 58.05 85.06 14.76
N VAL D 785 57.42 83.92 14.94
CA VAL D 785 56.34 83.76 15.91
C VAL D 785 56.91 82.97 17.10
N ASP D 786 57.48 83.69 18.05
CA ASP D 786 57.87 83.08 19.31
C ASP D 786 56.66 82.74 20.17
N ARG D 787 55.49 83.27 19.82
CA ARG D 787 54.19 82.98 20.45
C ARG D 787 54.16 83.38 21.92
N ASP D 788 55.07 84.26 22.35
CA ASP D 788 54.94 84.91 23.64
C ASP D 788 54.02 86.13 23.57
N PRO D 789 54.16 87.08 22.57
CA PRO D 789 53.22 88.21 22.56
C PRO D 789 51.90 87.91 21.86
N GLN D 790 51.92 87.03 20.86
CA GLN D 790 50.73 86.75 20.06
C GLN D 790 50.27 85.31 20.27
N GLU D 791 48.97 85.15 20.47
CA GLU D 791 48.31 83.86 20.66
C GLU D 791 47.13 83.74 19.69
N GLN D 792 46.46 82.60 19.77
CA GLN D 792 45.30 82.35 18.90
C GLN D 792 44.13 83.24 19.29
N VAL D 793 43.45 83.78 18.29
CA VAL D 793 42.34 84.71 18.49
C VAL D 793 41.14 84.23 17.68
N THR D 794 39.94 84.36 18.27
CA THR D 794 38.69 84.09 17.58
C THR D 794 38.07 85.40 17.09
N PRO D 795 37.41 85.39 15.92
CA PRO D 795 36.79 86.62 15.41
C PRO D 795 35.33 86.81 15.78
N VAL D 796 34.69 85.81 16.39
CA VAL D 796 33.24 85.80 16.54
C VAL D 796 33.03 85.97 18.04
N LYS D 797 33.92 86.74 18.68
CA LYS D 797 33.85 86.97 20.12
C LYS D 797 32.57 87.70 20.49
N TYR D 798 32.09 87.42 21.69
CA TYR D 798 30.84 87.98 22.21
C TYR D 798 31.05 88.41 23.65
N ALA D 799 29.94 88.79 24.30
CA ALA D 799 29.92 89.34 25.66
C ALA D 799 30.82 90.56 25.77
N ARG D 800 30.45 91.61 25.04
CA ARG D 800 31.26 92.82 24.93
C ARG D 800 31.21 93.61 26.24
N LEU D 801 32.19 94.52 26.39
CA LEU D 801 32.34 95.30 27.62
C LEU D 801 31.49 96.57 27.50
N TRP D 802 30.18 96.34 27.40
CA TRP D 802 29.16 97.40 27.27
C TRP D 802 29.49 98.34 26.12
N SER D 803 29.70 97.75 24.94
CA SER D 803 30.25 98.48 23.81
C SER D 803 29.20 99.39 23.17
N GLU D 804 29.57 100.66 22.97
CA GLU D 804 28.73 101.63 22.30
C GLU D 804 29.43 102.15 21.06
N ILE D 805 30.01 101.24 20.28
CA ILE D 805 30.83 101.59 19.12
C ILE D 805 29.96 102.29 18.08
N PRO D 806 30.45 103.35 17.42
CA PRO D 806 29.66 104.00 16.36
C PRO D 806 29.50 103.11 15.13
N SER D 807 28.66 103.58 14.21
CA SER D 807 28.36 102.87 12.97
C SER D 807 29.20 103.46 11.84
N GLU D 808 29.97 102.60 11.18
CA GLU D 808 30.83 103.02 10.07
C GLU D 808 30.77 101.95 8.99
N ILE D 809 31.73 101.99 8.08
CA ILE D 809 31.79 101.07 6.96
C ILE D 809 32.99 100.14 7.18
N ALA D 810 33.18 99.19 6.24
CA ALA D 810 34.09 98.07 6.42
C ALA D 810 35.57 98.46 6.55
N ILE D 811 35.94 99.70 6.24
CA ILE D 811 37.33 100.12 6.32
C ILE D 811 37.61 100.72 7.70
N ASP D 812 36.67 100.56 8.63
CA ASP D 812 36.80 101.20 9.94
C ASP D 812 37.90 100.56 10.78
N ASP D 813 37.88 99.23 10.89
CA ASP D 813 38.77 98.46 11.78
C ASP D 813 38.68 98.99 13.21
N TYR D 814 37.52 98.73 13.81
CA TYR D 814 36.89 99.45 14.92
C TYR D 814 37.83 99.99 16.00
N ASP D 815 38.71 99.14 16.51
CA ASP D 815 39.65 99.57 17.55
C ASP D 815 40.96 100.08 16.95
N SER D 816 41.65 99.25 16.18
CA SER D 816 42.90 99.61 15.53
C SER D 816 43.15 98.62 14.40
N SER D 817 44.35 98.67 13.82
CA SER D 817 44.73 97.66 12.84
C SER D 817 44.90 96.30 13.49
N GLY D 818 45.41 96.26 14.71
CA GLY D 818 45.57 95.01 15.44
C GLY D 818 45.18 95.21 16.89
N ALA D 819 44.92 94.06 17.55
CA ALA D 819 44.53 94.09 18.95
C ALA D 819 45.71 94.51 19.83
N SER D 820 46.91 94.05 19.52
CA SER D 820 48.09 94.34 20.32
C SER D 820 48.66 95.70 19.94
N LYS D 821 49.88 95.97 20.42
CA LYS D 821 50.53 97.26 20.20
C LYS D 821 51.37 97.21 18.94
N ASP D 822 52.21 98.22 18.73
CA ASP D 822 52.86 98.46 17.45
C ASP D 822 54.22 97.77 17.31
N GLU D 823 54.66 96.98 18.28
CA GLU D 823 55.95 96.31 18.16
C GLU D 823 55.93 95.14 17.17
N ILE D 824 54.75 94.75 16.69
CA ILE D 824 54.59 93.58 15.84
C ILE D 824 53.89 93.94 14.52
N LYS D 825 54.05 95.18 14.05
CA LYS D 825 53.43 95.62 12.81
C LYS D 825 54.45 95.96 11.74
N GLU D 826 55.37 96.90 12.03
CA GLU D 826 56.27 97.41 11.00
C GLU D 826 57.34 96.39 10.64
N ARG D 827 57.75 95.53 11.58
CA ARG D 827 58.70 94.47 11.28
C ARG D 827 58.10 93.45 10.33
N PHE D 828 56.84 93.09 10.53
CA PHE D 828 56.17 92.11 9.68
C PHE D 828 55.64 92.73 8.38
N ALA D 829 55.61 94.07 8.30
CA ALA D 829 54.98 94.73 7.16
C ALA D 829 55.66 94.40 5.85
N GLN D 830 57.00 94.36 5.82
CA GLN D 830 57.73 94.06 4.60
C GLN D 830 57.43 92.65 4.11
N THR D 831 57.34 91.70 5.04
CA THR D 831 56.90 90.35 4.69
C THR D 831 55.48 90.37 4.13
N MET D 832 54.64 91.28 4.64
CA MET D 832 53.27 91.36 4.13
C MET D 832 53.23 91.84 2.67
N GLU D 833 53.98 92.90 2.33
CA GLU D 833 53.92 93.25 0.90
C GLU D 833 54.66 92.25 0.04
N PHE D 834 55.62 91.50 0.59
CA PHE D 834 56.27 90.47 -0.22
C PHE D 834 55.36 89.27 -0.49
N VAL D 835 54.58 88.83 0.50
CA VAL D 835 53.61 87.76 0.24
C VAL D 835 52.51 88.25 -0.70
N GLU D 836 52.12 89.53 -0.57
CA GLU D 836 51.17 90.09 -1.54
C GLU D 836 51.75 90.12 -2.95
N GLU D 837 53.04 90.44 -3.06
CA GLU D 837 53.70 90.45 -4.37
C GLU D 837 53.75 89.06 -4.97
N TYR D 838 54.05 88.04 -4.15
CA TYR D 838 54.10 86.68 -4.68
C TYR D 838 52.72 86.19 -5.09
N LEU D 839 51.69 86.56 -4.34
CA LEU D 839 50.33 86.20 -4.77
C LEU D 839 49.93 86.91 -6.06
N ARG D 840 50.27 88.20 -6.18
CA ARG D 840 49.98 88.94 -7.40
C ARG D 840 50.84 88.47 -8.58
N ASP D 841 51.90 87.70 -8.32
CA ASP D 841 52.65 87.07 -9.41
C ASP D 841 52.08 85.70 -9.78
N VAL D 842 51.73 84.88 -8.80
CA VAL D 842 51.22 83.55 -9.10
C VAL D 842 49.81 83.62 -9.68
N VAL D 843 49.10 84.73 -9.49
CA VAL D 843 47.78 84.86 -10.09
C VAL D 843 47.87 84.97 -11.61
N CYS D 844 48.89 85.65 -12.14
CA CYS D 844 48.90 85.95 -13.57
C CYS D 844 50.03 85.27 -14.34
N GLN D 845 51.31 85.40 -13.93
CA GLN D 845 52.27 84.74 -14.84
C GLN D 845 52.37 83.23 -14.63
N ARG D 846 51.79 82.67 -13.57
CA ARG D 846 51.63 81.23 -13.47
C ARG D 846 50.18 80.82 -13.78
N PHE D 847 49.78 81.03 -15.03
CA PHE D 847 48.37 80.85 -15.37
C PHE D 847 47.92 79.41 -15.61
N PRO D 848 48.65 78.51 -16.38
CA PRO D 848 48.12 77.14 -16.50
C PRO D 848 48.22 76.39 -15.18
N PHE D 849 49.46 76.28 -14.71
CA PHE D 849 49.91 75.75 -13.42
C PHE D 849 51.43 75.85 -13.49
N SER D 850 52.09 75.51 -12.37
CA SER D 850 53.54 75.47 -12.33
C SER D 850 53.97 74.18 -11.63
N ASP D 851 54.13 73.12 -12.42
CA ASP D 851 54.60 71.84 -11.92
C ASP D 851 56.12 71.75 -11.88
N LYS D 852 56.82 72.81 -12.28
CA LYS D 852 58.28 72.83 -12.30
C LYS D 852 58.83 73.27 -10.93
N GLU D 853 58.51 72.45 -9.92
CA GLU D 853 59.01 72.56 -8.55
C GLU D 853 58.63 73.87 -7.86
N LYS D 854 57.66 74.60 -8.41
CA LYS D 854 57.18 75.81 -7.75
C LYS D 854 56.18 75.49 -6.66
N ASN D 855 55.59 74.30 -6.70
CA ASN D 855 54.48 73.96 -5.81
C ASN D 855 54.92 73.91 -4.35
N LYS D 856 56.18 73.56 -4.09
CA LYS D 856 56.71 73.60 -2.72
C LYS D 856 56.67 75.02 -2.16
N LEU D 857 57.15 75.99 -2.94
CA LEU D 857 57.21 77.35 -2.44
C LEU D 857 55.81 77.96 -2.35
N THR D 858 54.91 77.62 -3.29
CA THR D 858 53.54 78.10 -3.17
C THR D 858 52.86 77.53 -1.93
N PHE D 859 53.06 76.24 -1.67
CA PHE D 859 52.57 75.61 -0.44
C PHE D 859 53.09 76.33 0.81
N GLU D 860 54.39 76.61 0.84
CA GLU D 860 54.94 77.17 2.07
C GLU D 860 54.57 78.63 2.26
N VAL D 861 54.45 79.42 1.19
CA VAL D 861 54.03 80.81 1.37
C VAL D 861 52.55 80.86 1.75
N VAL D 862 51.73 79.93 1.23
CA VAL D 862 50.33 79.87 1.63
C VAL D 862 50.21 79.46 3.10
N ASN D 863 51.06 78.53 3.54
CA ASN D 863 51.07 78.13 4.95
C ASN D 863 51.50 79.29 5.85
N LEU D 864 52.49 80.08 5.41
CA LEU D 864 52.92 81.24 6.19
C LEU D 864 51.81 82.27 6.29
N ALA D 865 51.09 82.51 5.18
CA ALA D 865 49.95 83.42 5.21
C ALA D 865 48.86 82.93 6.17
N ARG D 866 48.58 81.63 6.12
CA ARG D 866 47.56 81.03 6.99
C ARG D 866 47.96 81.13 8.46
N ASN D 867 49.25 80.98 8.76
CA ASN D 867 49.65 81.10 10.15
C ASN D 867 49.71 82.54 10.63
N LEU D 868 49.99 83.50 9.75
CA LEU D 868 49.99 84.89 10.20
C LEU D 868 48.59 85.47 10.33
N ILE D 869 47.60 84.97 9.56
CA ILE D 869 46.27 85.56 9.68
C ILE D 869 45.59 85.15 10.98
N TYR D 870 45.91 83.97 11.53
CA TYR D 870 45.18 83.47 12.68
C TYR D 870 45.54 84.22 13.95
N PHE D 871 46.57 85.06 13.92
CA PHE D 871 46.81 86.04 14.97
C PHE D 871 46.13 87.38 14.67
N GLY D 872 45.36 87.44 13.59
CA GLY D 872 44.63 88.65 13.24
C GLY D 872 45.48 89.80 12.77
N PHE D 873 46.52 89.55 11.97
CA PHE D 873 47.47 90.63 11.64
C PHE D 873 47.10 91.34 10.35
N TYR D 874 45.81 91.58 10.14
CA TYR D 874 45.29 92.31 8.98
C TYR D 874 44.19 93.25 9.41
N ASN D 875 44.00 94.30 8.62
CA ASN D 875 42.75 95.04 8.63
C ASN D 875 41.69 94.24 7.89
N PHE D 876 40.44 94.67 8.01
CA PHE D 876 39.34 93.95 7.39
C PHE D 876 39.41 94.06 5.87
N SER D 877 39.71 95.26 5.37
CA SER D 877 39.92 95.47 3.95
C SER D 877 41.13 94.70 3.42
N ASP D 878 42.11 94.38 4.28
CA ASP D 878 43.28 93.65 3.82
C ASP D 878 42.93 92.25 3.35
N LEU D 879 42.23 91.46 4.17
CA LEU D 879 41.83 90.14 3.72
C LEU D 879 40.69 90.19 2.71
N LEU D 880 39.82 91.21 2.79
CA LEU D 880 38.76 91.32 1.79
C LEU D 880 39.30 91.68 0.41
N ARG D 881 40.46 92.37 0.35
CA ARG D 881 41.09 92.57 -0.95
C ARG D 881 42.01 91.41 -1.32
N LEU D 882 42.50 90.65 -0.33
CA LEU D 882 43.29 89.46 -0.63
C LEU D 882 42.44 88.36 -1.24
N THR D 883 41.14 88.34 -0.92
CA THR D 883 40.27 87.25 -1.36
C THR D 883 40.15 87.18 -2.88
N LYS D 884 40.06 88.35 -3.54
CA LYS D 884 39.85 88.38 -5.00
C LYS D 884 41.03 87.79 -5.75
N ILE D 885 42.25 88.12 -5.33
CA ILE D 885 43.43 87.52 -5.93
C ILE D 885 43.54 86.05 -5.52
N LEU D 886 43.18 85.73 -4.27
CA LEU D 886 43.33 84.37 -3.77
C LEU D 886 42.40 83.39 -4.47
N LEU D 887 41.19 83.81 -4.84
CA LEU D 887 40.27 82.93 -5.54
C LEU D 887 40.55 82.85 -7.03
N ALA D 888 41.50 83.62 -7.54
CA ALA D 888 41.81 83.65 -8.97
C ALA D 888 42.94 82.70 -9.35
N ILE D 889 43.42 81.88 -8.41
CA ILE D 889 44.27 80.76 -8.78
C ILE D 889 43.42 79.54 -9.13
N LEU D 890 42.26 79.40 -8.50
CA LEU D 890 41.45 78.20 -8.59
C LEU D 890 40.65 78.10 -9.89
N ASP D 891 40.47 79.22 -10.62
CA ASP D 891 39.62 79.26 -11.80
C ASP D 891 40.40 79.08 -13.09
N CYS D 892 41.53 78.37 -13.07
CA CYS D 892 42.35 78.19 -14.26
C CYS D 892 41.86 76.99 -15.05
N VAL D 893 40.67 77.14 -15.62
CA VAL D 893 40.05 76.10 -16.43
C VAL D 893 39.12 76.73 -17.46
N PRO D 955 40.74 56.64 -10.74
CA PRO D 955 41.41 57.90 -11.03
C PRO D 955 42.92 57.82 -10.88
N GLU D 956 43.67 58.37 -11.84
CA GLU D 956 45.12 58.35 -11.77
C GLU D 956 45.62 59.29 -10.68
N LYS D 957 46.52 58.79 -9.85
CA LYS D 957 47.01 59.54 -8.70
C LYS D 957 47.94 60.66 -9.14
N GLU D 958 47.69 61.87 -8.63
CA GLU D 958 48.50 63.04 -8.88
C GLU D 958 49.14 63.45 -7.55
N ASP D 959 50.06 64.42 -7.61
CA ASP D 959 50.80 64.88 -6.44
C ASP D 959 49.85 65.36 -5.34
N ILE D 960 50.07 64.88 -4.12
CA ILE D 960 49.16 65.14 -3.01
C ILE D 960 49.48 66.44 -2.28
N MET D 961 50.59 67.09 -2.63
CA MET D 961 50.97 68.30 -1.91
C MET D 961 50.26 69.53 -2.48
N VAL D 962 49.98 69.53 -3.78
CA VAL D 962 49.07 70.56 -4.30
C VAL D 962 47.65 70.33 -3.78
N MET D 963 47.29 69.07 -3.50
CA MET D 963 46.05 68.81 -2.79
C MET D 963 46.08 69.37 -1.37
N ASP D 964 47.24 69.26 -0.71
CA ASP D 964 47.40 69.84 0.63
C ASP D 964 47.25 71.35 0.60
N THR D 965 47.83 72.01 -0.39
CA THR D 965 47.69 73.47 -0.46
C THR D 965 46.27 73.87 -0.87
N LYS D 966 45.55 73.00 -1.60
CA LYS D 966 44.15 73.28 -1.89
C LYS D 966 43.30 73.14 -0.64
N LEU D 967 43.60 72.16 0.21
CA LEU D 967 42.93 72.06 1.51
C LEU D 967 43.25 73.27 2.38
N LYS D 968 44.50 73.73 2.31
CA LYS D 968 44.92 74.88 3.10
C LYS D 968 44.19 76.16 2.67
N ILE D 969 44.05 76.36 1.36
CA ILE D 969 43.29 77.52 0.90
C ILE D 969 41.79 77.35 1.15
N ILE D 970 41.29 76.12 1.19
CA ILE D 970 39.89 75.91 1.57
C ILE D 970 39.66 76.36 3.01
N GLU D 971 40.55 75.98 3.93
CA GLU D 971 40.25 76.39 5.30
C GLU D 971 40.66 77.83 5.59
N ILE D 972 41.53 78.44 4.77
CA ILE D 972 41.70 79.89 4.91
C ILE D 972 40.45 80.62 4.39
N LEU D 973 39.79 80.07 3.35
CA LEU D 973 38.52 80.62 2.90
C LEU D 973 37.44 80.43 3.96
N GLN D 974 37.50 79.30 4.68
CA GLN D 974 36.57 79.06 5.78
C GLN D 974 36.79 80.06 6.91
N PHE D 975 38.04 80.43 7.16
CA PHE D 975 38.30 81.43 8.20
C PHE D 975 37.81 82.82 7.77
N ILE D 976 38.14 83.25 6.55
CA ILE D 976 37.92 84.65 6.18
C ILE D 976 36.45 85.02 6.10
N LEU D 977 35.57 84.04 5.89
CA LEU D 977 34.13 84.32 5.88
C LEU D 977 33.53 84.34 7.27
N ASN D 978 34.25 83.88 8.29
CA ASN D 978 33.73 83.86 9.64
C ASN D 978 33.90 85.18 10.37
N VAL D 979 34.79 86.05 9.89
CA VAL D 979 34.91 87.39 10.45
C VAL D 979 33.95 88.36 9.78
N ARG D 980 33.47 88.04 8.58
CA ARG D 980 32.42 88.83 7.94
C ARG D 980 31.13 88.78 8.74
N LEU D 981 30.86 87.63 9.37
CA LEU D 981 29.71 87.51 10.26
C LEU D 981 29.84 88.45 11.46
N ASP D 982 31.08 88.63 11.95
CA ASP D 982 31.29 89.58 13.05
C ASP D 982 31.04 91.01 12.60
N TYR D 983 31.46 91.34 11.38
CA TYR D 983 31.15 92.65 10.79
C TYR D 983 29.65 92.88 10.72
N ARG D 984 28.92 91.89 10.20
CA ARG D 984 27.48 92.03 10.03
C ARG D 984 26.77 92.13 11.38
N ILE D 985 27.16 91.29 12.35
CA ILE D 985 26.51 91.30 13.65
C ILE D 985 26.81 92.61 14.40
N SER D 986 28.04 93.13 14.28
CA SER D 986 28.38 94.34 14.99
C SER D 986 27.66 95.54 14.39
N CYS D 987 27.64 95.66 13.07
CA CYS D 987 26.97 96.80 12.45
C CYS D 987 25.46 96.72 12.58
N LEU D 988 24.88 95.52 12.54
CA LEU D 988 23.43 95.41 12.71
C LEU D 988 23.02 95.74 14.14
N LEU D 989 23.75 95.23 15.14
CA LEU D 989 23.45 95.57 16.52
C LEU D 989 23.62 97.06 16.77
N CYS D 990 24.70 97.65 16.22
CA CYS D 990 24.94 99.08 16.41
C CYS D 990 23.86 99.93 15.74
N ILE D 991 23.46 99.59 14.51
CA ILE D 991 22.47 100.42 13.84
C ILE D 991 21.11 100.27 14.49
N PHE D 992 20.76 99.08 14.99
CA PHE D 992 19.38 98.90 15.41
C PHE D 992 19.31 99.15 16.93
N LYS D 993 20.43 99.51 17.56
CA LYS D 993 20.38 100.24 18.83
C LYS D 993 20.49 101.75 18.65
N ARG D 994 21.10 102.21 17.55
CA ARG D 994 21.08 103.63 17.21
C ARG D 994 19.66 104.07 16.91
N GLU D 995 18.92 103.26 16.15
CA GLU D 995 17.51 103.53 15.89
C GLU D 995 16.65 103.38 17.13
N PHE D 996 17.16 102.71 18.17
CA PHE D 996 16.50 102.71 19.47
C PHE D 996 16.72 104.02 20.21
N ASP D 997 17.98 104.38 20.45
CA ASP D 997 18.26 105.50 21.34
C ASP D 997 18.13 106.88 20.67
N GLU D 998 17.99 106.93 19.33
CA GLU D 998 17.77 108.23 18.71
C GLU D 998 16.34 108.71 18.89
N SER D 999 15.41 107.80 19.19
CA SER D 999 14.04 108.14 19.57
C SER D 999 13.66 107.14 20.66
N ASN D 1000 13.87 107.53 21.92
CA ASN D 1000 13.79 106.61 23.03
C ASN D 1000 13.10 107.24 24.23
N SER D 1001 12.53 106.37 25.07
CA SER D 1001 12.17 106.73 26.44
C SER D 1001 13.30 106.39 27.41
N GLN D 1002 14.44 105.94 26.89
CA GLN D 1002 15.61 105.61 27.69
C GLN D 1002 16.20 106.85 28.33
N SER D 1003 16.60 106.71 29.59
CA SER D 1003 17.24 107.80 30.32
C SER D 1003 18.65 108.07 29.79
N PRO D 1020 8.10 104.04 19.48
CA PRO D 1020 9.29 103.42 20.07
C PRO D 1020 10.01 102.51 19.08
N GLY D 1021 9.99 101.20 19.34
CA GLY D 1021 10.70 100.25 18.51
C GLY D 1021 10.08 100.03 17.15
N ALA D 1022 8.80 100.35 16.99
CA ALA D 1022 8.12 100.18 15.71
C ALA D 1022 8.44 101.27 14.71
N LEU D 1023 9.19 102.30 15.11
CA LEU D 1023 9.58 103.36 14.17
C LEU D 1023 10.52 102.81 13.10
N ASP D 1024 11.42 101.91 13.48
CA ASP D 1024 12.35 101.28 12.54
C ASP D 1024 11.75 100.06 11.86
N PHE D 1025 10.50 99.70 12.19
CA PHE D 1025 9.89 98.52 11.61
C PHE D 1025 9.63 98.69 10.12
N GLU D 1026 9.46 99.94 9.66
CA GLU D 1026 9.37 100.19 8.22
C GLU D 1026 10.74 100.50 7.60
N HIS D 1027 11.80 100.56 8.40
CA HIS D 1027 13.16 100.56 7.89
C HIS D 1027 13.75 99.15 7.78
N ILE D 1028 13.01 98.12 8.22
CA ILE D 1028 13.50 96.76 8.09
C ILE D 1028 13.57 96.35 6.62
N GLU D 1029 12.61 96.81 5.82
CA GLU D 1029 12.53 96.44 4.42
C GLU D 1029 13.64 97.06 3.57
N GLU D 1030 14.42 98.00 4.13
CA GLU D 1030 15.55 98.58 3.41
C GLU D 1030 16.89 98.22 4.03
N GLN D 1031 16.91 97.48 5.15
CA GLN D 1031 18.16 97.07 5.77
C GLN D 1031 18.35 95.55 5.80
N ALA D 1032 17.27 94.78 6.00
CA ALA D 1032 17.40 93.34 6.07
C ALA D 1032 17.77 92.76 4.71
N GLU D 1033 17.18 93.29 3.64
CA GLU D 1033 17.58 92.93 2.28
C GLU D 1033 18.71 93.81 1.76
N GLY D 1034 19.14 94.81 2.52
CA GLY D 1034 20.20 95.70 2.10
C GLY D 1034 21.57 95.24 2.57
N ILE D 1035 21.62 94.61 3.73
CA ILE D 1035 22.90 94.12 4.26
C ILE D 1035 23.21 92.71 3.77
N PHE D 1036 22.24 92.01 3.20
CA PHE D 1036 22.45 90.66 2.67
C PHE D 1036 22.39 90.63 1.16
N GLY D 1037 21.28 91.07 0.57
CA GLY D 1037 21.10 91.05 -0.87
C GLY D 1037 21.23 92.42 -1.49
N GLY D 1038 20.18 92.87 -2.19
CA GLY D 1038 20.22 94.15 -2.86
C GLY D 1038 21.15 94.12 -4.06
N SER D 1039 20.75 93.40 -5.10
CA SER D 1039 21.61 93.17 -6.26
C SER D 1039 21.87 94.48 -7.01
N GLU D 1040 23.14 94.66 -7.38
CA GLU D 1040 23.65 95.84 -8.10
C GLU D 1040 23.32 97.15 -7.39
N HIS D 1050 33.24 87.79 -0.11
CA HIS D 1050 32.58 88.52 -1.18
C HIS D 1050 33.20 88.22 -2.54
N GLY D 1051 33.30 86.94 -2.87
CA GLY D 1051 33.75 86.57 -4.20
C GLY D 1051 32.75 86.93 -5.28
N GLY D 1052 31.47 86.75 -5.01
CA GLY D 1052 30.42 87.14 -5.93
C GLY D 1052 29.82 86.00 -6.71
N ARG D 1053 29.70 86.19 -8.03
CA ARG D 1053 29.12 85.17 -8.91
C ARG D 1053 30.07 84.01 -9.16
N THR D 1054 31.37 84.20 -8.95
CA THR D 1054 32.38 83.20 -9.25
C THR D 1054 32.74 82.34 -8.05
N PHE D 1055 32.11 82.57 -6.90
CA PHE D 1055 32.42 81.79 -5.70
C PHE D 1055 32.03 80.34 -5.86
N LEU D 1056 30.88 80.07 -6.50
CA LEU D 1056 30.37 78.71 -6.60
C LEU D 1056 31.16 77.88 -7.60
N ARG D 1057 31.76 78.52 -8.60
CA ARG D 1057 32.40 77.80 -9.70
C ARG D 1057 33.64 77.05 -9.23
N VAL D 1058 34.58 77.77 -8.60
CA VAL D 1058 35.82 77.15 -8.12
C VAL D 1058 35.53 76.21 -6.96
N LEU D 1059 34.51 76.52 -6.18
CA LEU D 1059 34.14 75.68 -5.04
C LEU D 1059 33.60 74.34 -5.51
N LEU D 1060 32.72 74.35 -6.53
CA LEU D 1060 32.25 73.10 -7.10
C LEU D 1060 33.37 72.36 -7.82
N HIS D 1061 34.28 73.10 -8.46
CA HIS D 1061 35.40 72.48 -9.15
C HIS D 1061 36.30 71.72 -8.18
N LEU D 1062 36.52 72.27 -6.99
CA LEU D 1062 37.20 71.50 -5.95
C LEU D 1062 36.30 70.41 -5.37
N THR D 1063 34.97 70.60 -5.44
CA THR D 1063 34.05 69.64 -4.86
C THR D 1063 34.08 68.30 -5.61
N MET D 1064 34.10 68.30 -6.95
CA MET D 1064 34.18 66.97 -7.54
C MET D 1064 35.61 66.49 -7.73
N HIS D 1065 36.59 67.19 -7.17
CA HIS D 1065 38.01 66.83 -7.31
C HIS D 1065 38.41 66.18 -5.99
N ASP D 1066 38.56 64.85 -6.01
CA ASP D 1066 38.39 64.01 -4.82
C ASP D 1066 39.60 63.14 -4.47
N TYR D 1067 40.81 63.69 -4.50
CA TYR D 1067 41.89 62.78 -4.08
C TYR D 1067 42.05 62.76 -2.55
N PRO D 1068 42.14 63.89 -1.83
CA PRO D 1068 42.03 63.84 -0.37
C PRO D 1068 40.62 64.14 0.10
N PRO D 1069 40.34 64.09 1.43
CA PRO D 1069 39.00 64.44 1.92
C PRO D 1069 38.72 65.94 2.07
N LEU D 1070 39.41 66.80 1.31
CA LEU D 1070 39.18 68.24 1.37
C LEU D 1070 37.74 68.59 0.98
N VAL D 1071 37.08 67.72 0.22
CA VAL D 1071 35.74 67.99 -0.26
C VAL D 1071 34.72 67.98 0.86
N SER D 1072 35.04 67.36 1.99
CA SER D 1072 34.20 67.52 3.18
C SER D 1072 34.10 68.99 3.55
N GLY D 1073 35.25 69.67 3.66
CA GLY D 1073 35.26 71.10 3.90
C GLY D 1073 34.67 71.90 2.75
N ALA D 1074 34.84 71.42 1.51
CA ALA D 1074 34.26 72.11 0.36
C ALA D 1074 32.74 72.16 0.44
N LEU D 1075 32.10 71.01 0.69
CA LEU D 1075 30.66 71.01 0.93
C LEU D 1075 30.28 71.73 2.22
N GLN D 1076 31.17 71.77 3.21
CA GLN D 1076 30.89 72.57 4.41
C GLN D 1076 30.70 74.03 4.07
N LEU D 1077 31.62 74.63 3.32
CA LEU D 1077 31.36 76.04 3.01
C LEU D 1077 30.37 76.21 1.86
N LEU D 1078 30.09 75.15 1.09
CA LEU D 1078 28.98 75.20 0.13
C LEU D 1078 27.66 75.39 0.86
N PHE D 1079 27.45 74.58 1.90
CA PHE D 1079 26.22 74.68 2.68
C PHE D 1079 26.22 75.92 3.57
N ARG D 1080 27.40 76.37 3.99
CA ARG D 1080 27.51 77.55 4.83
C ARG D 1080 27.31 78.84 4.05
N HIS D 1081 27.59 78.85 2.75
CA HIS D 1081 27.36 80.04 1.93
C HIS D 1081 25.87 80.35 1.84
N PHE D 1082 25.07 79.37 1.44
CA PHE D 1082 23.63 79.58 1.36
C PHE D 1082 23.02 79.56 2.76
N SER D 1083 21.99 80.39 2.93
CA SER D 1083 21.31 80.58 4.21
C SER D 1083 22.28 81.00 5.31
N GLN D 1084 23.03 82.07 5.06
CA GLN D 1084 23.79 82.70 6.13
C GLN D 1084 22.88 83.37 7.15
N ARG D 1085 21.63 83.63 6.78
CA ARG D 1085 20.66 84.24 7.67
C ARG D 1085 20.36 83.36 8.88
N GLN D 1086 20.34 82.04 8.71
CA GLN D 1086 20.06 81.14 9.83
C GLN D 1086 21.08 81.29 10.95
N GLU D 1087 22.37 81.17 10.61
CA GLU D 1087 23.36 81.30 11.68
C GLU D 1087 23.57 82.74 12.12
N VAL D 1088 23.30 83.74 11.27
CA VAL D 1088 23.50 85.10 11.79
C VAL D 1088 22.34 85.49 12.72
N LEU D 1089 21.13 84.98 12.49
CA LEU D 1089 20.05 85.19 13.45
C LEU D 1089 20.24 84.38 14.73
N GLN D 1090 20.76 83.16 14.63
CA GLN D 1090 21.10 82.42 15.85
C GLN D 1090 22.22 83.12 16.60
N ALA D 1091 23.13 83.76 15.86
CA ALA D 1091 24.18 84.56 16.47
C ALA D 1091 23.62 85.79 17.17
N PHE D 1092 22.60 86.46 16.59
CA PHE D 1092 21.91 87.52 17.33
C PHE D 1092 21.27 87.00 18.60
N LYS D 1093 20.62 85.84 18.51
CA LYS D 1093 19.90 85.31 19.66
C LYS D 1093 20.84 84.87 20.78
N GLN D 1094 22.09 84.54 20.44
CA GLN D 1094 23.03 84.06 21.46
C GLN D 1094 24.10 85.09 21.82
N VAL D 1095 24.25 86.17 21.07
CA VAL D 1095 25.52 86.90 21.08
C VAL D 1095 25.63 87.80 22.31
N GLN D 1096 24.56 88.43 22.74
CA GLN D 1096 24.68 89.62 23.58
C GLN D 1096 24.35 89.28 25.02
N LEU D 1097 25.34 89.46 25.88
CA LEU D 1097 25.27 89.19 27.31
C LEU D 1097 25.77 90.38 28.09
N LEU D 1098 25.20 91.56 27.76
CA LEU D 1098 25.65 92.83 28.31
C LEU D 1098 25.53 92.87 29.83
N VAL D 1099 26.58 93.37 30.47
CA VAL D 1099 26.59 93.58 31.92
C VAL D 1099 26.82 95.06 32.17
N THR D 1100 26.01 95.64 33.06
CA THR D 1100 26.18 97.05 33.43
C THR D 1100 27.54 97.27 34.08
N SER D 1101 27.95 96.37 34.98
CA SER D 1101 29.31 96.39 35.49
C SER D 1101 30.27 96.00 34.38
N GLN D 1102 31.37 96.74 34.26
CA GLN D 1102 32.37 96.48 33.23
C GLN D 1102 33.34 95.42 33.74
N ASP D 1103 32.82 94.18 33.82
CA ASP D 1103 33.57 93.05 34.33
C ASP D 1103 33.42 91.88 33.37
N VAL D 1104 34.53 91.41 32.83
CA VAL D 1104 34.52 90.29 31.90
C VAL D 1104 35.11 89.02 32.52
N ASP D 1105 36.04 89.15 33.46
CA ASP D 1105 36.70 87.99 34.04
C ASP D 1105 35.75 87.14 34.87
N ASN D 1106 34.74 87.77 35.47
CA ASN D 1106 33.75 87.00 36.23
C ASN D 1106 32.86 86.17 35.31
N TYR D 1107 32.46 86.71 34.16
CA TYR D 1107 31.70 85.92 33.20
C TYR D 1107 32.57 84.88 32.52
N LYS D 1108 33.83 85.22 32.24
CA LYS D 1108 34.72 84.32 31.52
C LYS D 1108 35.01 83.06 32.32
N GLN D 1109 34.99 83.14 33.65
CA GLN D 1109 35.08 81.94 34.48
C GLN D 1109 33.87 81.04 34.27
N ILE D 1110 32.68 81.62 34.18
CA ILE D 1110 31.46 80.84 33.95
C ILE D 1110 31.50 80.19 32.57
N LYS D 1111 31.95 80.93 31.55
CA LYS D 1111 32.09 80.37 30.22
C LYS D 1111 33.12 79.25 30.18
N GLN D 1112 34.22 79.41 30.92
CA GLN D 1112 35.25 78.39 30.94
C GLN D 1112 34.78 77.14 31.69
N ASP D 1113 34.03 77.34 32.78
CA ASP D 1113 33.57 76.20 33.57
C ASP D 1113 32.46 75.43 32.86
N LEU D 1114 31.46 76.14 32.35
CA LEU D 1114 30.30 75.46 31.77
C LEU D 1114 30.64 74.75 30.47
N ASP D 1115 31.60 75.27 29.71
CA ASP D 1115 32.09 74.55 28.54
C ASP D 1115 33.00 73.38 28.92
N GLN D 1116 33.60 73.42 30.12
CA GLN D 1116 34.42 72.30 30.56
C GLN D 1116 33.56 71.10 30.96
N LEU D 1117 32.35 71.34 31.45
CA LEU D 1117 31.43 70.27 31.84
C LEU D 1117 30.90 69.49 30.65
N ARG D 1118 31.14 69.95 29.41
CA ARG D 1118 30.74 69.18 28.24
C ARG D 1118 31.47 67.85 28.16
N SER D 1119 32.68 67.77 28.69
CA SER D 1119 33.41 66.51 28.75
C SER D 1119 32.89 65.59 29.84
N ILE D 1120 32.03 66.07 30.74
CA ILE D 1120 31.49 65.27 31.82
C ILE D 1120 29.99 65.16 31.53
N VAL D 1121 29.64 65.17 30.26
CA VAL D 1121 28.26 64.96 29.80
C VAL D 1121 28.07 63.53 29.30
N GLU D 1122 28.96 63.06 28.44
CA GLU D 1122 28.85 61.71 27.87
C GLU D 1122 29.61 60.67 28.69
N LYS D 1123 30.47 61.08 29.62
CA LYS D 1123 31.26 60.15 30.41
C LYS D 1123 31.54 60.77 31.78
N SER D 1124 31.83 59.91 32.75
CA SER D 1124 32.20 60.35 34.08
C SER D 1124 33.55 59.80 34.55
N GLU D 1125 34.00 58.69 33.98
CA GLU D 1125 35.30 58.12 34.35
C GLU D 1125 36.20 58.01 33.13
N SER D 1165 40.06 58.79 35.54
CA SER D 1165 39.13 59.32 36.52
C SER D 1165 39.48 60.76 36.91
N TYR D 1166 39.84 61.55 35.90
CA TYR D 1166 40.17 62.95 36.15
C TYR D 1166 38.94 63.77 36.53
N ASN D 1167 37.76 63.32 36.10
CA ASN D 1167 36.54 64.11 36.31
C ASN D 1167 36.18 64.25 37.77
N TYR D 1168 36.42 63.20 38.58
CA TYR D 1168 36.06 63.24 39.99
C TYR D 1168 36.95 64.19 40.78
N ARG D 1169 38.20 64.36 40.36
CA ARG D 1169 39.10 65.29 41.02
C ARG D 1169 38.81 66.75 40.70
N VAL D 1170 37.91 67.03 39.76
CA VAL D 1170 37.64 68.40 39.33
C VAL D 1170 36.18 68.79 39.44
N VAL D 1171 35.23 67.84 39.46
CA VAL D 1171 33.81 68.22 39.45
C VAL D 1171 33.41 68.82 40.79
N LYS D 1172 33.92 68.27 41.90
CA LYS D 1172 33.61 68.83 43.21
C LYS D 1172 34.16 70.24 43.35
N GLU D 1173 35.38 70.47 42.88
CA GLU D 1173 35.99 71.79 42.96
C GLU D 1173 35.28 72.78 42.05
N ILE D 1174 34.80 72.33 40.87
CA ILE D 1174 34.20 73.28 39.94
C ILE D 1174 32.77 73.62 40.37
N LEU D 1175 32.04 72.69 40.99
CA LEU D 1175 30.78 73.06 41.61
C LEU D 1175 30.99 73.95 42.83
N ILE D 1176 32.08 73.75 43.58
CA ILE D 1176 32.39 74.68 44.68
C ILE D 1176 32.64 76.08 44.13
N ARG D 1177 33.43 76.19 43.07
CA ARG D 1177 33.75 77.50 42.46
C ARG D 1177 32.50 78.17 41.92
N LEU D 1178 31.69 77.43 41.16
CA LEU D 1178 30.52 78.04 40.54
C LEU D 1178 29.46 78.39 41.59
N SER D 1179 29.36 77.58 42.66
CA SER D 1179 28.44 77.89 43.75
C SER D 1179 28.89 79.12 44.53
N LYS D 1180 30.19 79.24 44.81
CA LYS D 1180 30.65 80.41 45.58
C LYS D 1180 30.58 81.68 44.73
N LEU D 1181 30.74 81.57 43.41
CA LEU D 1181 30.53 82.72 42.56
C LEU D 1181 29.05 83.05 42.40
N CYS D 1182 28.16 82.05 42.52
CA CYS D 1182 26.73 82.32 42.49
C CYS D 1182 26.23 82.93 43.80
N VAL D 1183 26.84 82.59 44.92
CA VAL D 1183 26.34 83.00 46.24
C VAL D 1183 27.07 84.26 46.72
N GLN D 1184 27.71 85.00 45.81
CA GLN D 1184 28.50 86.17 46.16
C GLN D 1184 27.61 87.28 46.73
N GLU D 1185 28.22 88.11 47.59
CA GLU D 1185 27.57 89.20 48.30
C GLU D 1185 26.37 88.72 49.11
N SER D 1186 26.58 87.65 49.88
CA SER D 1186 25.50 87.09 50.68
C SER D 1186 25.13 87.99 51.84
N ALA D 1187 26.07 88.81 52.32
CA ALA D 1187 25.76 89.78 53.38
C ALA D 1187 24.99 90.97 52.85
N SER D 1188 24.90 91.13 51.52
CA SER D 1188 24.15 92.23 50.93
C SER D 1188 22.68 91.85 50.83
N VAL D 1189 21.90 92.64 50.10
CA VAL D 1189 20.47 92.38 49.98
C VAL D 1189 20.16 91.23 49.04
N ARG D 1190 21.15 90.78 48.27
CA ARG D 1190 21.07 89.64 47.34
C ARG D 1190 20.02 89.88 46.24
N LYS D 1191 19.69 91.14 45.98
CA LYS D 1191 18.75 91.47 44.90
C LYS D 1191 19.49 91.86 43.62
N SER D 1192 20.33 92.90 43.70
CA SER D 1192 21.01 93.39 42.52
C SER D 1192 22.25 92.54 42.20
N ARG D 1193 23.03 92.19 43.21
CA ARG D 1193 24.28 91.47 42.98
C ARG D 1193 24.05 90.01 42.62
N LYS D 1194 22.95 89.41 43.09
CA LYS D 1194 22.63 88.06 42.65
C LYS D 1194 22.11 88.04 41.22
N GLN D 1195 21.26 89.02 40.86
CA GLN D 1195 20.63 89.03 39.55
C GLN D 1195 21.64 89.30 38.43
N GLN D 1196 22.68 90.08 38.72
CA GLN D 1196 23.62 90.52 37.68
C GLN D 1196 24.53 89.41 37.17
N GLN D 1197 24.41 88.19 37.69
CA GLN D 1197 24.77 87.00 36.95
C GLN D 1197 23.69 85.93 36.94
N ARG D 1198 22.64 86.07 37.75
CA ARG D 1198 21.52 85.13 37.70
C ARG D 1198 20.81 85.21 36.37
N LEU D 1199 20.64 86.43 35.83
CA LEU D 1199 20.25 86.58 34.43
C LEU D 1199 21.25 85.92 33.50
N LEU D 1200 22.55 86.12 33.76
CA LEU D 1200 23.61 85.62 32.91
C LEU D 1200 23.75 84.10 32.96
N ARG D 1201 23.30 83.45 34.03
CA ARG D 1201 23.37 82.00 34.11
C ARG D 1201 22.04 81.32 33.79
N ASN D 1202 21.02 82.05 33.32
CA ASN D 1202 19.89 81.36 32.71
C ASN D 1202 20.27 80.76 31.37
N MET D 1203 21.30 81.30 30.71
CA MET D 1203 21.73 80.82 29.41
C MET D 1203 22.91 79.86 29.57
N GLY D 1204 22.64 78.74 30.23
CA GLY D 1204 23.61 77.65 30.21
C GLY D 1204 23.93 76.94 31.51
N ALA D 1205 23.40 77.41 32.65
CA ALA D 1205 23.74 76.79 33.92
C ALA D 1205 22.65 75.89 34.48
N HIS D 1206 21.43 75.95 33.94
CA HIS D 1206 20.37 75.05 34.37
C HIS D 1206 20.29 73.78 33.54
N ALA D 1207 20.85 73.81 32.32
CA ALA D 1207 20.89 72.65 31.44
C ALA D 1207 22.25 71.97 31.46
N VAL D 1208 22.95 72.06 32.60
CA VAL D 1208 24.24 71.38 32.77
C VAL D 1208 24.16 70.51 34.03
N VAL D 1209 23.71 71.10 35.13
CA VAL D 1209 23.70 70.38 36.40
C VAL D 1209 22.49 69.46 36.50
N LEU D 1210 21.43 69.72 35.74
CA LEU D 1210 20.22 68.93 35.87
C LEU D 1210 20.38 67.55 35.23
N GLU D 1211 21.00 67.47 34.06
CA GLU D 1211 21.28 66.16 33.47
C GLU D 1211 22.46 65.49 34.13
N LEU D 1212 23.30 66.23 34.85
CA LEU D 1212 24.30 65.61 35.71
C LEU D 1212 23.62 64.87 36.87
N LEU D 1213 22.48 65.39 37.34
CA LEU D 1213 21.70 64.73 38.37
C LEU D 1213 21.07 63.43 37.87
N GLN D 1214 20.92 63.26 36.55
CA GLN D 1214 20.43 62.00 36.00
C GLN D 1214 21.41 60.87 36.29
N ILE D 1215 22.71 61.12 36.09
CA ILE D 1215 23.87 60.29 36.42
C ILE D 1215 23.66 58.82 36.07
N PRO D 1216 23.77 58.45 34.79
CA PRO D 1216 23.57 57.04 34.41
C PRO D 1216 24.55 56.07 35.06
N TYR D 1217 25.74 56.53 35.43
CA TYR D 1217 26.67 55.72 36.21
C TYR D 1217 26.19 55.70 37.66
N GLU D 1218 25.44 54.65 38.04
CA GLU D 1218 24.81 54.56 39.35
C GLU D 1218 25.44 53.44 40.16
N LYS D 1219 25.95 53.78 41.34
CA LYS D 1219 26.35 52.82 42.36
C LYS D 1219 25.61 53.16 43.64
N ALA D 1220 24.92 52.17 44.21
CA ALA D 1220 24.04 52.39 45.35
C ALA D 1220 24.77 52.43 46.68
N GLU D 1221 26.07 52.14 46.69
CA GLU D 1221 26.83 52.16 47.93
C GLU D 1221 27.32 53.56 48.25
N ASP D 1222 27.76 53.75 49.49
CA ASP D 1222 28.34 55.02 49.92
C ASP D 1222 29.72 55.17 49.29
N THR D 1223 29.79 55.95 48.23
CA THR D 1223 30.98 56.09 47.40
C THR D 1223 31.37 57.57 47.30
N LYS D 1224 32.27 57.87 46.39
CA LYS D 1224 32.78 59.22 46.18
C LYS D 1224 31.84 60.11 45.38
N MET D 1225 30.68 59.60 44.96
CA MET D 1225 29.68 60.43 44.31
C MET D 1225 28.59 60.90 45.27
N GLN D 1226 28.65 60.51 46.54
CA GLN D 1226 27.63 60.93 47.50
C GLN D 1226 27.75 62.40 47.86
N GLU D 1227 28.96 62.95 47.89
CA GLU D 1227 29.15 64.37 48.16
C GLU D 1227 28.92 65.24 46.94
N ILE D 1228 28.90 64.67 45.73
CA ILE D 1228 28.68 65.46 44.53
C ILE D 1228 27.25 65.96 44.47
N MET D 1229 26.29 65.10 44.77
CA MET D 1229 24.89 65.44 44.58
C MET D 1229 24.34 66.34 45.69
N ARG D 1230 24.94 66.28 46.88
CA ARG D 1230 24.54 67.20 47.94
C ARG D 1230 24.97 68.62 47.60
N LEU D 1231 26.12 68.78 46.94
CA LEU D 1231 26.51 70.10 46.44
C LEU D 1231 25.60 70.56 45.31
N ALA D 1232 25.13 69.62 44.49
CA ALA D 1232 24.16 69.97 43.46
C ALA D 1232 22.85 70.43 44.07
N HIS D 1233 22.41 69.79 45.16
CA HIS D 1233 21.21 70.24 45.87
C HIS D 1233 21.43 71.59 46.51
N GLU D 1234 22.61 71.81 47.07
CA GLU D 1234 22.96 73.12 47.65
C GLU D 1234 22.90 74.21 46.59
N PHE D 1235 23.42 73.93 45.39
CA PHE D 1235 23.30 74.86 44.27
C PHE D 1235 21.85 75.08 43.89
N LEU D 1236 21.06 74.01 43.83
CA LEU D 1236 19.67 74.14 43.40
C LEU D 1236 18.83 74.92 44.41
N GLN D 1237 19.22 74.91 45.69
CA GLN D 1237 18.69 75.91 46.62
C GLN D 1237 19.22 77.31 46.31
N ASN D 1238 20.55 77.45 46.15
CA ASN D 1238 21.14 78.78 46.05
C ASN D 1238 20.94 79.42 44.69
N PHE D 1239 20.91 78.64 43.60
CA PHE D 1239 20.67 79.22 42.28
C PHE D 1239 19.25 79.76 42.17
N CYS D 1240 18.27 79.01 42.67
CA CYS D 1240 16.87 79.38 42.54
C CYS D 1240 16.32 80.00 43.82
N ALA D 1241 17.17 80.71 44.57
CA ALA D 1241 16.77 81.50 45.72
C ALA D 1241 16.49 82.95 45.35
N GLY D 1242 16.16 83.21 44.09
CA GLY D 1242 15.92 84.55 43.62
C GLY D 1242 14.44 84.87 43.48
N ASN D 1243 13.92 84.78 42.27
CA ASN D 1243 12.55 85.15 41.98
C ASN D 1243 11.92 84.03 41.14
N GLN D 1244 10.76 84.32 40.55
CA GLN D 1244 9.96 83.30 39.88
C GLN D 1244 10.44 82.96 38.48
N GLN D 1245 11.45 83.67 37.96
CA GLN D 1245 12.00 83.42 36.63
C GLN D 1245 12.56 82.00 36.51
N ASN D 1246 13.61 81.70 37.27
CA ASN D 1246 14.19 80.37 37.24
C ASN D 1246 13.29 79.34 37.91
N GLN D 1247 12.38 79.75 38.80
CA GLN D 1247 11.36 78.84 39.31
C GLN D 1247 10.49 78.29 38.18
N ALA D 1248 9.95 79.19 37.35
CA ALA D 1248 9.15 78.75 36.22
C ALA D 1248 10.01 78.07 35.17
N LEU D 1249 11.30 78.42 35.10
CA LEU D 1249 12.19 77.76 34.15
C LEU D 1249 12.40 76.29 34.50
N LEU D 1250 12.62 75.98 35.78
CA LEU D 1250 12.88 74.59 36.15
C LEU D 1250 11.63 73.85 36.64
N HIS D 1251 10.47 74.52 36.69
CA HIS D 1251 9.26 73.85 37.16
C HIS D 1251 8.74 72.81 36.17
N LYS D 1252 9.07 72.94 34.89
CA LYS D 1252 8.59 71.99 33.89
C LYS D 1252 9.39 70.70 33.86
N HIS D 1253 10.55 70.65 34.52
CA HIS D 1253 11.31 69.42 34.68
C HIS D 1253 11.10 68.81 36.06
N ILE D 1254 9.89 68.97 36.61
CA ILE D 1254 9.58 68.43 37.94
C ILE D 1254 9.28 66.95 37.90
N ASN D 1255 9.13 66.36 36.71
CA ASN D 1255 8.77 64.95 36.57
C ASN D 1255 9.95 64.01 36.75
N LEU D 1256 11.17 64.53 36.92
CA LEU D 1256 12.33 63.71 37.19
C LEU D 1256 12.74 63.72 38.65
N PHE D 1257 11.96 64.36 39.53
CA PHE D 1257 12.23 64.38 40.96
C PHE D 1257 11.09 63.59 41.61
N LEU D 1258 11.19 62.27 41.61
CA LEU D 1258 10.05 61.44 42.01
C LEU D 1258 10.33 60.53 43.18
N ASN D 1259 11.35 59.67 43.11
CA ASN D 1259 11.36 58.50 43.97
C ASN D 1259 11.86 58.64 45.41
N PRO D 1260 13.04 59.30 45.72
CA PRO D 1260 13.64 59.07 47.05
C PRO D 1260 12.87 59.68 48.21
N GLY D 1261 12.51 60.96 48.12
CA GLY D 1261 11.78 61.63 49.18
C GLY D 1261 12.58 61.94 50.42
N ILE D 1262 13.89 61.68 50.42
CA ILE D 1262 14.74 61.93 51.57
C ILE D 1262 15.79 62.98 51.29
N LEU D 1263 16.35 62.98 50.07
CA LEU D 1263 17.35 63.97 49.68
C LEU D 1263 16.86 64.93 48.60
N GLU D 1264 16.10 64.46 47.62
CA GLU D 1264 15.51 65.34 46.62
C GLU D 1264 14.31 66.10 47.15
N ALA D 1265 13.78 65.72 48.31
CA ALA D 1265 12.57 66.34 48.83
C ALA D 1265 12.80 67.77 49.30
N VAL D 1266 13.98 68.05 49.86
CA VAL D 1266 14.29 69.39 50.33
C VAL D 1266 14.39 70.39 49.17
N THR D 1267 14.66 69.89 47.96
CA THR D 1267 14.66 70.75 46.77
C THR D 1267 13.27 71.34 46.55
N MET D 1268 12.23 70.51 46.54
CA MET D 1268 10.88 71.03 46.39
C MET D 1268 10.42 71.82 47.61
N GLN D 1269 11.04 71.58 48.77
CA GLN D 1269 10.79 72.47 49.91
C GLN D 1269 11.31 73.87 49.63
N HIS D 1270 12.47 73.98 48.98
CA HIS D 1270 13.03 75.28 48.63
C HIS D 1270 12.86 75.64 47.16
N ILE D 1271 11.81 75.12 46.52
CA ILE D 1271 11.34 75.62 45.23
C ILE D 1271 10.00 76.33 45.37
N PHE D 1272 9.06 75.71 46.08
CA PHE D 1272 7.73 76.32 46.31
C PHE D 1272 7.74 77.09 47.63
N MET D 1273 8.61 78.10 47.72
CA MET D 1273 8.79 78.77 48.99
C MET D 1273 7.71 79.82 49.27
N ASN D 1274 7.48 80.77 48.34
CA ASN D 1274 6.48 81.81 48.58
C ASN D 1274 5.71 82.20 47.32
N ASN D 1275 5.94 81.55 46.18
CA ASN D 1275 5.33 82.00 44.93
C ASN D 1275 3.84 81.69 44.88
N PHE D 1276 3.10 82.54 44.19
CA PHE D 1276 1.65 82.45 44.07
C PHE D 1276 1.19 81.90 42.73
N GLN D 1277 1.81 82.31 41.64
CA GLN D 1277 1.40 81.90 40.30
C GLN D 1277 1.88 80.51 39.93
N LEU D 1278 2.68 79.87 40.78
CA LEU D 1278 3.14 78.50 40.56
C LEU D 1278 2.54 77.51 41.55
N CYS D 1279 2.07 77.97 42.72
CA CYS D 1279 1.57 77.10 43.77
C CYS D 1279 0.05 76.92 43.70
N SER D 1280 -0.56 76.99 42.51
CA SER D 1280 -1.98 76.80 42.40
C SER D 1280 -2.42 75.98 41.19
N GLU D 1281 -1.49 75.50 40.36
CA GLU D 1281 -1.85 74.77 39.15
C GLU D 1281 -1.30 73.35 39.16
N ILE D 1282 -0.96 72.82 40.33
CA ILE D 1282 -0.38 71.48 40.42
C ILE D 1282 -1.47 70.45 40.21
N ASN D 1283 -1.32 69.62 39.18
CA ASN D 1283 -2.25 68.54 38.92
C ASN D 1283 -1.98 67.39 39.89
N GLU D 1284 -2.96 66.48 39.98
CA GLU D 1284 -2.92 65.38 40.96
C GLU D 1284 -2.07 64.23 40.42
N ARG D 1285 -0.76 64.48 40.36
CA ARG D 1285 0.20 63.46 39.95
C ARG D 1285 1.50 63.44 40.73
N VAL D 1286 1.73 64.37 41.66
CA VAL D 1286 2.94 64.38 42.48
C VAL D 1286 2.61 64.38 43.98
N VAL D 1287 1.67 65.23 44.39
CA VAL D 1287 1.39 65.39 45.82
C VAL D 1287 0.75 64.12 46.40
N GLN D 1288 -0.11 63.44 45.63
CA GLN D 1288 -0.65 62.16 46.10
C GLN D 1288 0.40 61.07 46.05
N HIS D 1289 1.34 61.15 45.11
CA HIS D 1289 2.48 60.23 45.11
C HIS D 1289 3.30 60.39 46.39
N PHE D 1290 3.48 61.62 46.85
CA PHE D 1290 4.16 61.85 48.12
C PHE D 1290 3.32 61.43 49.32
N VAL D 1291 1.99 61.51 49.20
CA VAL D 1291 1.12 60.99 50.25
C VAL D 1291 1.31 59.49 50.41
N HIS D 1292 1.33 58.76 49.28
CA HIS D 1292 1.62 57.33 49.36
C HIS D 1292 3.09 57.06 49.73
N CYS D 1293 3.98 58.02 49.48
CA CYS D 1293 5.36 57.89 49.90
C CYS D 1293 5.55 58.14 51.39
N ILE D 1294 4.59 58.77 52.06
CA ILE D 1294 4.63 58.85 53.52
C ILE D 1294 4.53 57.46 54.11
N GLU D 1295 3.61 56.65 53.60
CA GLU D 1295 3.62 55.23 53.92
C GLU D 1295 4.71 54.52 53.14
N THR D 1296 4.97 53.28 53.53
CA THR D 1296 5.87 52.32 52.88
C THR D 1296 7.33 52.78 52.85
N HIS D 1297 7.68 53.90 53.46
CA HIS D 1297 9.06 54.35 53.51
C HIS D 1297 9.49 54.85 54.87
N GLY D 1298 8.58 55.27 55.71
CA GLY D 1298 8.91 55.84 57.00
C GLY D 1298 8.45 57.28 57.08
N ARG D 1299 8.02 57.67 58.29
CA ARG D 1299 7.51 59.02 58.54
C ARG D 1299 8.68 59.91 58.94
N ASN D 1300 9.06 60.81 58.04
CA ASN D 1300 10.24 61.63 58.22
C ASN D 1300 9.85 62.97 58.85
N VAL D 1301 10.49 63.30 59.98
CA VAL D 1301 10.28 64.61 60.59
C VAL D 1301 10.83 65.71 59.69
N GLN D 1302 11.94 65.43 59.00
CA GLN D 1302 12.56 66.40 58.09
C GLN D 1302 11.64 66.70 56.92
N TYR D 1303 10.87 65.71 56.45
CA TYR D 1303 10.01 65.90 55.30
C TYR D 1303 8.74 66.69 55.62
N ILE D 1304 8.09 66.39 56.76
CA ILE D 1304 6.67 66.71 56.95
C ILE D 1304 6.40 68.21 57.11
N LYS D 1305 7.43 69.04 57.05
CA LYS D 1305 7.22 70.48 56.98
C LYS D 1305 6.97 70.96 55.54
N PHE D 1306 7.00 70.05 54.56
CA PHE D 1306 6.65 70.41 53.19
C PHE D 1306 5.15 70.64 53.02
N LEU D 1307 4.32 69.96 53.81
CA LEU D 1307 2.90 69.86 53.49
C LEU D 1307 2.13 71.17 53.67
N GLN D 1308 2.75 72.20 54.26
CA GLN D 1308 2.13 73.52 54.28
C GLN D 1308 2.73 74.48 53.26
N THR D 1309 3.89 74.16 52.69
CA THR D 1309 4.53 75.07 51.74
C THR D 1309 3.81 75.07 50.40
N ILE D 1310 3.46 73.88 49.89
CA ILE D 1310 2.87 73.79 48.56
C ILE D 1310 1.45 74.35 48.55
N VAL D 1311 0.70 74.15 49.64
CA VAL D 1311 -0.71 74.48 49.67
C VAL D 1311 -0.91 75.91 50.16
N LYS D 1312 -0.36 76.22 51.33
CA LYS D 1312 -0.63 77.47 52.02
C LYS D 1312 0.45 78.49 51.67
N ALA D 1313 0.11 79.41 50.77
CA ALA D 1313 0.93 80.59 50.58
C ALA D 1313 0.63 81.60 51.68
N GLU D 1314 1.54 82.56 51.85
CA GLU D 1314 1.36 83.58 52.87
C GLU D 1314 0.22 84.52 52.49
N GLY D 1315 -0.57 84.91 53.49
CA GLY D 1315 -1.69 85.80 53.26
C GLY D 1315 -2.91 85.13 52.66
N LYS D 1316 -2.76 84.52 51.49
CA LYS D 1316 -3.86 83.95 50.74
C LYS D 1316 -3.89 82.44 50.92
N PHE D 1317 -5.07 81.90 51.19
CA PHE D 1317 -5.28 80.45 51.33
C PHE D 1317 -6.41 80.06 50.38
N ILE D 1318 -6.09 79.26 49.37
CA ILE D 1318 -7.09 78.88 48.38
C ILE D 1318 -7.92 77.69 48.87
N LYS D 1319 -9.13 77.60 48.35
CA LYS D 1319 -10.12 76.67 48.90
C LYS D 1319 -10.03 75.29 48.26
N LYS D 1320 -9.75 75.22 46.97
CA LYS D 1320 -9.76 73.93 46.27
C LYS D 1320 -8.61 73.04 46.70
N CYS D 1321 -7.41 73.62 46.86
CA CYS D 1321 -6.24 72.83 47.27
C CYS D 1321 -6.42 72.32 48.69
N GLN D 1322 -6.97 73.13 49.59
CA GLN D 1322 -7.26 72.67 50.94
C GLN D 1322 -8.30 71.55 50.95
N ASP D 1323 -9.29 71.64 50.06
CA ASP D 1323 -10.30 70.58 49.96
C ASP D 1323 -9.68 69.28 49.47
N MET D 1324 -8.77 69.36 48.48
CA MET D 1324 -8.19 68.13 47.94
C MET D 1324 -7.02 67.60 48.76
N VAL D 1325 -6.50 68.37 49.72
CA VAL D 1325 -5.56 67.79 50.67
C VAL D 1325 -6.24 67.35 51.96
N MET D 1326 -7.46 67.80 52.23
CA MET D 1326 -8.15 67.34 53.42
C MET D 1326 -8.67 65.91 53.25
N ALA D 1327 -9.18 65.58 52.06
CA ALA D 1327 -9.82 64.29 51.84
C ALA D 1327 -8.81 63.14 51.77
N GLU D 1328 -7.59 63.43 51.32
CA GLU D 1328 -6.59 62.36 51.18
C GLU D 1328 -6.09 61.89 52.54
N LEU D 1329 -6.06 62.77 53.54
CA LEU D 1329 -5.61 62.38 54.87
C LEU D 1329 -6.54 61.35 55.49
N VAL D 1330 -7.85 61.53 55.31
CA VAL D 1330 -8.81 60.53 55.77
C VAL D 1330 -8.73 59.28 54.92
N ASN D 1331 -8.55 59.44 53.60
CA ASN D 1331 -8.57 58.31 52.68
C ASN D 1331 -7.36 57.41 52.89
N SER D 1332 -6.17 57.99 53.06
CA SER D 1332 -4.97 57.18 53.21
C SER D 1332 -4.93 56.46 54.55
N GLY D 1333 -5.32 57.15 55.62
CA GLY D 1333 -5.43 56.50 56.93
C GLY D 1333 -4.16 56.31 57.74
N GLU D 1334 -3.09 55.82 57.11
CA GLU D 1334 -1.85 55.52 57.80
C GLU D 1334 -0.85 56.69 57.77
N ASP D 1335 -1.34 57.92 57.75
CA ASP D 1335 -0.48 59.09 57.77
C ASP D 1335 0.07 59.32 59.17
N VAL D 1336 0.81 60.42 59.32
CA VAL D 1336 1.40 60.76 60.61
C VAL D 1336 0.29 61.26 61.52
N LEU D 1337 -0.17 60.40 62.43
CA LEU D 1337 -1.27 60.71 63.32
C LEU D 1337 -0.72 61.29 64.62
N VAL D 1338 -1.51 62.16 65.26
CA VAL D 1338 -1.10 62.74 66.53
C VAL D 1338 -1.51 61.86 67.70
N PHE D 1339 -2.33 60.83 67.44
CA PHE D 1339 -2.87 59.98 68.51
C PHE D 1339 -1.78 59.06 69.04
N TYR D 1340 -1.17 59.47 70.15
CA TYR D 1340 -0.14 58.72 70.87
C TYR D 1340 -0.52 58.59 72.33
N ASN D 1341 -1.73 58.07 72.58
CA ASN D 1341 -2.51 58.20 73.81
C ASN D 1341 -1.75 57.99 75.13
N ASP D 1342 -2.29 58.58 76.20
CA ASP D 1342 -1.61 59.11 77.38
C ASP D 1342 -0.35 58.38 77.84
N ARG D 1343 -0.37 57.04 77.83
CA ARG D 1343 0.80 56.27 78.24
C ARG D 1343 2.01 56.54 77.34
N ALA D 1344 1.79 56.84 76.05
CA ALA D 1344 2.88 56.97 75.10
C ALA D 1344 3.42 58.39 74.99
N SER D 1345 2.56 59.37 74.71
CA SER D 1345 3.02 60.72 74.42
C SER D 1345 3.51 61.46 75.66
N PHE D 1346 3.22 60.96 76.86
CA PHE D 1346 3.64 61.66 78.06
C PHE D 1346 5.15 61.56 78.26
N GLN D 1347 5.67 60.34 78.37
CA GLN D 1347 7.08 60.18 78.71
C GLN D 1347 7.99 60.49 77.53
N THR D 1348 7.47 60.44 76.30
CA THR D 1348 8.30 60.79 75.15
C THR D 1348 8.57 62.28 75.08
N LEU D 1349 7.54 63.10 75.28
CA LEU D 1349 7.67 64.54 75.08
C LEU D 1349 8.42 65.21 76.23
N ILE D 1350 8.21 64.72 77.46
CA ILE D 1350 8.89 65.34 78.60
C ILE D 1350 10.38 64.99 78.60
N GLN D 1351 10.76 63.86 78.00
CA GLN D 1351 12.16 63.52 77.87
C GLN D 1351 12.78 64.10 76.60
N MET D 1352 11.95 64.51 75.63
CA MET D 1352 12.48 65.08 74.39
C MET D 1352 12.96 66.51 74.61
N MET D 1353 12.25 67.28 75.43
CA MET D 1353 12.55 68.69 75.59
C MET D 1353 13.51 68.94 76.75
N ARG D 1354 13.31 68.24 77.87
CA ARG D 1354 14.10 68.51 79.06
C ARG D 1354 15.51 67.95 78.97
N SER D 1355 15.68 66.78 78.37
CA SER D 1355 17.01 66.15 78.34
C SER D 1355 17.93 66.85 77.35
N GLU D 1356 17.43 67.20 76.17
CA GLU D 1356 18.23 67.85 75.14
C GLU D 1356 17.51 69.08 74.63
N ARG D 1357 18.28 70.09 74.26
CA ARG D 1357 17.76 71.36 73.77
C ARG D 1357 18.44 71.69 72.44
N ASP D 1358 18.18 72.90 71.94
CA ASP D 1358 18.74 73.37 70.67
C ASP D 1358 18.33 72.47 69.52
N ARG D 1359 17.07 72.01 69.55
CA ARG D 1359 16.44 71.14 68.56
C ARG D 1359 16.86 69.68 68.70
N MET D 1360 17.73 69.34 69.64
CA MET D 1360 18.15 67.95 69.86
C MET D 1360 18.51 67.28 68.53
N ASP D 1361 19.55 67.83 67.89
CA ASP D 1361 20.03 67.34 66.61
C ASP D 1361 18.95 67.48 65.54
N GLU D 1362 18.37 68.68 65.45
CA GLU D 1362 17.30 68.96 64.51
C GLU D 1362 16.01 68.25 64.89
N ASN D 1363 15.88 67.90 66.18
CA ASN D 1363 14.70 67.24 66.70
C ASN D 1363 14.18 66.19 65.72
N SER D 1364 15.04 65.21 65.43
CA SER D 1364 14.72 64.17 64.48
C SER D 1364 14.68 62.81 65.17
N PRO D 1365 13.88 62.65 66.23
CA PRO D 1365 13.77 61.34 66.87
C PRO D 1365 12.84 60.39 66.12
N LEU D 1366 11.99 60.90 65.24
CA LEU D 1366 11.04 60.14 64.42
C LEU D 1366 9.80 59.72 65.20
N PHE D 1367 9.69 60.03 66.48
CA PHE D 1367 8.53 59.65 67.27
C PHE D 1367 7.91 60.81 68.02
N MET D 1368 8.72 61.73 68.54
CA MET D 1368 8.22 62.87 69.30
C MET D 1368 8.23 64.18 68.52
N TYR D 1369 9.22 64.38 67.66
CA TYR D 1369 9.28 65.59 66.86
C TYR D 1369 8.39 65.52 65.63
N HIS D 1370 7.87 64.33 65.30
CA HIS D 1370 6.97 64.22 64.16
C HIS D 1370 5.70 65.04 64.37
N ILE D 1371 5.16 65.03 65.58
CA ILE D 1371 3.94 65.78 65.87
C ILE D 1371 4.20 67.28 65.71
N HIS D 1372 5.39 67.74 66.08
CA HIS D 1372 5.67 69.18 66.05
C HIS D 1372 5.49 69.74 64.65
N LEU D 1373 5.99 69.04 63.63
CA LEU D 1373 5.88 69.49 62.25
C LEU D 1373 4.68 68.89 61.52
N VAL D 1374 3.62 68.54 62.27
CA VAL D 1374 2.40 67.99 61.70
C VAL D 1374 1.34 69.07 61.67
N GLU D 1375 1.78 70.33 61.61
CA GLU D 1375 0.85 71.45 61.62
C GLU D 1375 -0.07 71.49 60.41
N LEU D 1376 0.29 70.83 59.31
CA LEU D 1376 -0.57 70.83 58.14
C LEU D 1376 -1.99 70.41 58.51
N LEU D 1377 -2.12 69.31 59.25
CA LEU D 1377 -3.44 68.87 59.69
C LEU D 1377 -4.00 69.75 60.79
N ALA D 1378 -3.15 70.47 61.53
CA ALA D 1378 -3.58 71.39 62.56
C ALA D 1378 -3.92 72.76 62.01
N VAL D 1379 -3.08 73.28 61.11
CA VAL D 1379 -3.36 74.55 60.44
C VAL D 1379 -4.03 74.34 59.09
N CYS D 1380 -4.47 73.12 58.78
CA CYS D 1380 -5.11 72.85 57.49
C CYS D 1380 -6.32 73.75 57.29
N THR D 1381 -7.17 73.86 58.30
CA THR D 1381 -8.37 74.69 58.25
C THR D 1381 -8.35 75.75 59.35
N GLU D 1382 -7.18 76.30 59.65
CA GLU D 1382 -7.03 77.21 60.77
C GLU D 1382 -7.86 78.47 60.61
N GLY D 1383 -7.56 79.29 59.61
CA GLY D 1383 -8.23 80.57 59.48
C GLY D 1383 -9.67 80.49 59.01
N LYS D 1384 -9.87 80.15 57.74
CA LYS D 1384 -11.23 80.02 57.20
C LYS D 1384 -11.36 78.89 56.19
N ASN D 1385 -10.30 78.11 55.94
CA ASN D 1385 -10.32 77.07 54.93
C ASN D 1385 -10.83 75.76 55.54
N VAL D 1386 -12.13 75.75 55.83
CA VAL D 1386 -12.80 74.59 56.42
C VAL D 1386 -14.01 74.26 55.56
N TYR D 1387 -13.81 73.38 54.57
CA TYR D 1387 -14.94 72.90 53.78
C TYR D 1387 -15.76 71.86 54.54
N THR D 1388 -15.10 71.04 55.35
CA THR D 1388 -15.78 70.04 56.18
C THR D 1388 -14.93 69.80 57.42
N GLU D 1389 -15.29 70.45 58.52
CA GLU D 1389 -14.54 70.30 59.76
C GLU D 1389 -14.94 69.06 60.55
N ILE D 1390 -16.00 68.36 60.14
CA ILE D 1390 -16.41 67.15 60.84
C ILE D 1390 -15.31 66.10 60.74
N LYS D 1391 -14.71 65.95 59.56
CA LYS D 1391 -13.66 64.96 59.39
C LYS D 1391 -12.47 65.26 60.28
N CYS D 1392 -12.10 66.53 60.40
CA CYS D 1392 -10.97 66.92 61.23
C CYS D 1392 -11.24 66.68 62.72
N ASN D 1393 -12.50 66.66 63.13
CA ASN D 1393 -12.87 66.42 64.52
C ASN D 1393 -13.10 64.94 64.83
N SER D 1394 -13.68 64.20 63.89
CA SER D 1394 -13.92 62.77 64.11
C SER D 1394 -12.67 61.95 63.83
N LEU D 1395 -12.15 62.03 62.61
CA LEU D 1395 -10.95 61.28 62.26
C LEU D 1395 -9.70 61.85 62.90
N LEU D 1396 -9.72 63.13 63.28
CA LEU D 1396 -8.57 63.77 63.91
C LEU D 1396 -8.95 64.19 65.33
N PRO D 1397 -8.01 64.73 66.11
CA PRO D 1397 -8.34 65.12 67.48
C PRO D 1397 -9.51 66.10 67.51
N LEU D 1398 -10.39 65.90 68.50
CA LEU D 1398 -11.58 66.73 68.61
C LEU D 1398 -11.23 68.16 69.01
N ASP D 1399 -10.09 68.36 69.67
CA ASP D 1399 -9.60 69.64 70.17
C ASP D 1399 -10.26 70.02 71.49
N ASP D 1400 -11.20 69.23 72.00
CA ASP D 1400 -11.80 69.48 73.30
C ASP D 1400 -11.91 68.24 74.17
N ILE D 1401 -11.66 67.05 73.61
CA ILE D 1401 -11.66 65.80 74.37
C ILE D 1401 -10.30 65.13 74.34
N VAL D 1402 -9.66 65.09 73.17
CA VAL D 1402 -8.31 64.55 73.07
C VAL D 1402 -7.25 65.56 73.51
N ARG D 1403 -7.51 66.86 73.38
CA ARG D 1403 -6.55 67.86 73.84
C ARG D 1403 -6.36 67.78 75.36
N VAL D 1404 -7.46 67.58 76.09
CA VAL D 1404 -7.37 67.51 77.55
C VAL D 1404 -6.60 66.26 77.97
N VAL D 1405 -6.73 65.16 77.23
CA VAL D 1405 -6.09 63.92 77.61
C VAL D 1405 -4.58 64.11 77.75
N THR D 1406 -3.97 64.85 76.83
CA THR D 1406 -2.55 65.14 76.86
C THR D 1406 -2.21 66.39 77.66
N HIS D 1407 -3.20 66.99 78.34
CA HIS D 1407 -3.00 68.23 79.06
C HIS D 1407 -2.54 68.03 80.50
N GLU D 1408 -2.27 66.79 80.90
CA GLU D 1408 -1.79 66.55 82.26
C GLU D 1408 -0.50 67.32 82.52
N ASP D 1409 0.44 67.26 81.58
CA ASP D 1409 1.69 68.02 81.64
C ASP D 1409 1.72 68.93 80.42
N CYS D 1410 1.16 70.12 80.55
CA CYS D 1410 1.05 71.03 79.42
C CYS D 1410 2.42 71.31 78.82
N ILE D 1411 2.53 71.12 77.52
CA ILE D 1411 3.75 71.43 76.76
C ILE D 1411 3.43 72.61 75.84
N PRO D 1412 4.05 73.77 76.06
CA PRO D 1412 3.75 74.91 75.16
C PRO D 1412 4.06 74.61 73.71
N GLU D 1413 5.08 73.82 73.43
CA GLU D 1413 5.41 73.51 72.04
C GLU D 1413 4.25 72.82 71.34
N VAL D 1414 3.63 71.84 72.01
CA VAL D 1414 2.47 71.17 71.44
C VAL D 1414 1.28 72.13 71.38
N LYS D 1415 1.13 72.97 72.40
CA LYS D 1415 -0.03 73.85 72.48
C LYS D 1415 -0.08 74.81 71.29
N ILE D 1416 1.07 75.36 70.90
CA ILE D 1416 1.09 76.34 69.81
C ILE D 1416 0.48 75.74 68.55
N ALA D 1417 0.96 74.55 68.15
CA ALA D 1417 0.36 73.87 67.01
C ALA D 1417 -0.97 73.25 67.38
N TYR D 1418 -1.06 72.63 68.56
CA TYR D 1418 -2.32 72.05 69.01
C TYR D 1418 -3.37 73.13 69.26
N ILE D 1419 -2.95 74.26 69.82
CA ILE D 1419 -3.89 75.36 70.04
C ILE D 1419 -4.40 75.91 68.71
N ASN D 1420 -3.55 75.91 67.69
CA ASN D 1420 -4.00 76.32 66.37
C ASN D 1420 -5.11 75.40 65.86
N PHE D 1421 -5.00 74.10 66.13
CA PHE D 1421 -6.09 73.19 65.82
C PHE D 1421 -7.34 73.55 66.59
N LEU D 1422 -7.21 73.96 67.85
CA LEU D 1422 -8.36 74.45 68.60
C LEU D 1422 -8.99 75.64 67.90
N ASN D 1423 -8.18 76.57 67.41
CA ASN D 1423 -8.69 77.67 66.61
C ASN D 1423 -9.28 77.16 65.29
N HIS D 1424 -8.67 76.12 64.72
CA HIS D 1424 -9.16 75.59 63.45
C HIS D 1424 -10.59 75.09 63.57
N CYS D 1425 -10.88 74.36 64.65
CA CYS D 1425 -12.22 73.80 64.84
C CYS D 1425 -13.14 74.76 65.61
N TYR D 1426 -12.62 75.42 66.64
CA TYR D 1426 -13.45 76.31 67.44
C TYR D 1426 -14.34 77.18 66.56
N VAL D 1427 -13.73 78.03 65.75
CA VAL D 1427 -14.46 78.82 64.77
C VAL D 1427 -13.49 79.33 63.71
N ASP D 1428 -13.84 79.18 62.44
CA ASP D 1428 -13.04 79.80 61.39
C ASP D 1428 -13.11 81.31 61.57
N THR D 1429 -14.29 81.88 61.34
CA THR D 1429 -14.64 83.18 61.91
C THR D 1429 -16.02 83.16 62.54
N GLU D 1430 -17.01 82.54 61.90
CA GLU D 1430 -18.34 82.37 62.46
C GLU D 1430 -18.97 81.00 62.21
N VAL D 1431 -18.52 80.25 61.21
CA VAL D 1431 -19.30 79.13 60.67
C VAL D 1431 -19.39 77.93 61.60
N GLU D 1432 -18.52 77.83 62.61
CA GLU D 1432 -18.54 76.65 63.47
C GLU D 1432 -19.91 76.47 64.10
N MET D 1433 -20.40 75.23 64.10
CA MET D 1433 -21.68 74.92 64.72
C MET D 1433 -21.63 75.28 66.20
N LYS D 1434 -22.70 75.92 66.68
CA LYS D 1434 -22.77 76.38 68.06
C LYS D 1434 -22.91 75.17 68.97
N GLU D 1435 -21.82 74.77 69.62
CA GLU D 1435 -21.80 73.65 70.54
C GLU D 1435 -21.39 74.14 71.92
N ILE D 1436 -22.20 73.81 72.93
CA ILE D 1436 -21.88 74.18 74.30
C ILE D 1436 -20.57 73.53 74.73
N TYR D 1437 -20.39 72.25 74.39
CA TYR D 1437 -19.16 71.54 74.76
C TYR D 1437 -17.93 72.18 74.13
N THR D 1438 -18.05 72.69 72.90
CA THR D 1438 -16.91 73.30 72.24
C THR D 1438 -16.39 74.51 72.99
N SER D 1439 -17.30 75.35 73.51
CA SER D 1439 -16.93 76.54 74.27
C SER D 1439 -16.89 76.31 75.77
N ASN D 1440 -17.92 75.66 76.33
CA ASN D 1440 -17.91 75.37 77.76
C ASN D 1440 -16.76 74.44 78.12
N HIS D 1441 -16.54 73.40 77.30
CA HIS D 1441 -15.44 72.47 77.56
C HIS D 1441 -14.09 73.17 77.45
N MET D 1442 -13.94 74.06 76.46
CA MET D 1442 -12.67 74.75 76.23
C MET D 1442 -12.46 75.92 77.18
N TRP D 1443 -13.46 76.29 77.98
CA TRP D 1443 -13.33 77.41 78.91
C TRP D 1443 -12.54 77.07 80.16
N LYS D 1444 -12.26 75.79 80.39
CA LYS D 1444 -11.49 75.37 81.56
C LYS D 1444 -10.01 75.20 81.27
N LEU D 1445 -9.64 75.09 79.99
CA LEU D 1445 -8.23 74.94 79.65
C LEU D 1445 -7.41 76.15 80.07
N PHE D 1446 -7.97 77.35 79.89
CA PHE D 1446 -7.26 78.56 80.26
C PHE D 1446 -6.92 78.56 81.75
N GLU D 1447 -7.89 78.18 82.59
CA GLU D 1447 -7.63 78.12 84.02
C GLU D 1447 -6.56 77.10 84.35
N ASN D 1448 -6.61 75.93 83.71
CA ASN D 1448 -5.59 74.91 83.97
C ASN D 1448 -4.22 75.39 83.52
N PHE D 1449 -4.14 76.01 82.35
CA PHE D 1449 -2.88 76.53 81.83
C PHE D 1449 -2.61 77.97 82.25
N LEU D 1450 -3.57 78.63 82.89
CA LEU D 1450 -3.34 79.99 83.36
C LEU D 1450 -2.20 80.04 84.38
N VAL D 1451 -2.18 79.08 85.30
CA VAL D 1451 -1.09 79.01 86.28
C VAL D 1451 0.24 78.80 85.57
N ASP D 1452 0.25 77.92 84.56
CA ASP D 1452 1.49 77.68 83.82
C ASP D 1452 1.99 78.94 83.15
N ILE D 1453 1.08 79.71 82.54
CA ILE D 1453 1.48 80.99 81.95
C ILE D 1453 1.99 81.93 83.02
N CYS D 1454 1.29 81.99 84.15
CA CYS D 1454 1.76 82.83 85.27
C CYS D 1454 3.10 82.33 85.79
N ARG D 1455 3.27 81.01 85.89
CA ARG D 1455 4.51 80.46 86.41
C ARG D 1455 5.70 80.88 85.56
N ALA D 1456 5.56 80.81 84.24
CA ALA D 1456 6.63 81.24 83.34
C ALA D 1456 6.60 82.74 83.08
N CYS D 1457 5.52 83.42 83.43
CA CYS D 1457 5.45 84.87 83.22
C CYS D 1457 6.42 85.61 84.13
N ASN D 1458 6.61 85.12 85.36
CA ASN D 1458 7.50 85.78 86.30
C ASN D 1458 8.97 85.66 85.90
N ASN D 1459 9.32 84.64 85.12
CA ASN D 1459 10.69 84.46 84.66
C ASN D 1459 10.98 85.46 83.55
N THR D 1460 11.90 86.39 83.80
CA THR D 1460 12.24 87.44 82.86
C THR D 1460 13.68 87.29 82.39
N SER D 1461 13.89 87.49 81.09
CA SER D 1461 15.23 87.41 80.49
C SER D 1461 15.90 86.07 80.80
N ASP D 1462 15.12 84.99 80.68
CA ASP D 1462 15.65 83.66 80.92
C ASP D 1462 15.17 82.61 79.91
N ARG D 1463 14.41 83.00 78.89
CA ARG D 1463 13.93 82.04 77.89
C ARG D 1463 13.66 82.78 76.59
N LYS D 1464 13.62 82.01 75.51
CA LYS D 1464 13.36 82.55 74.17
C LYS D 1464 12.01 82.16 73.62
N HIS D 1465 11.50 80.98 73.97
CA HIS D 1465 10.20 80.53 73.48
C HIS D 1465 9.03 81.15 74.22
N ALA D 1466 9.28 81.80 75.36
CA ALA D 1466 8.19 82.41 76.12
C ALA D 1466 7.49 83.49 75.29
N ASP D 1467 8.26 84.34 74.60
CA ASP D 1467 7.65 85.37 73.78
C ASP D 1467 6.80 84.77 72.67
N SER D 1468 7.30 83.72 72.01
CA SER D 1468 6.52 83.06 70.98
C SER D 1468 5.27 82.42 71.56
N VAL D 1469 5.40 81.76 72.72
CA VAL D 1469 4.23 81.14 73.35
C VAL D 1469 3.21 82.20 73.73
N LEU D 1470 3.68 83.30 74.34
CA LEU D 1470 2.77 84.39 74.66
C LEU D 1470 2.18 85.02 73.41
N GLU D 1471 3.01 85.24 72.40
CA GLU D 1471 2.51 85.77 71.13
C GLU D 1471 1.57 84.78 70.45
N LYS D 1472 1.92 83.51 70.47
CA LYS D 1472 1.08 82.47 69.88
C LYS D 1472 -0.15 82.15 70.72
N TYR D 1473 -0.11 82.42 72.03
CA TYR D 1473 -1.26 82.18 72.88
C TYR D 1473 -2.28 83.32 72.82
N VAL D 1474 -1.85 84.52 72.43
CA VAL D 1474 -2.77 85.65 72.32
C VAL D 1474 -3.64 85.60 71.09
N THR D 1475 -3.31 84.73 70.12
CA THR D 1475 -4.14 84.62 68.93
C THR D 1475 -5.54 84.15 69.28
N GLU D 1476 -5.65 83.17 70.18
CA GLU D 1476 -6.97 82.69 70.59
C GLU D 1476 -7.74 83.75 71.35
N ILE D 1477 -7.06 84.58 72.13
CA ILE D 1477 -7.74 85.64 72.87
C ILE D 1477 -8.37 86.65 71.92
N VAL D 1478 -7.70 86.92 70.79
CA VAL D 1478 -8.23 87.85 69.81
C VAL D 1478 -9.37 87.28 68.98
N MET D 1479 -9.65 85.98 69.12
CA MET D 1479 -10.74 85.35 68.39
C MET D 1479 -12.06 85.70 69.07
N SER D 1480 -13.13 85.00 68.69
CA SER D 1480 -14.45 85.27 69.24
C SER D 1480 -14.37 85.55 70.73
N ILE D 1481 -15.08 86.60 71.16
CA ILE D 1481 -15.05 86.97 72.57
C ILE D 1481 -15.57 85.81 73.42
N VAL D 1482 -15.14 85.80 74.68
CA VAL D 1482 -15.58 84.77 75.61
C VAL D 1482 -17.09 84.79 75.72
N THR D 1483 -17.70 83.60 75.67
CA THR D 1483 -19.14 83.48 75.73
C THR D 1483 -19.66 83.92 77.09
N THR D 1484 -20.90 84.39 77.10
CA THR D 1484 -21.57 84.90 78.30
C THR D 1484 -22.96 84.29 78.44
N PHE D 1485 -23.05 82.98 78.23
CA PHE D 1485 -24.31 82.25 78.31
C PHE D 1485 -24.47 81.64 79.69
N PHE D 1486 -25.49 80.79 79.85
CA PHE D 1486 -25.70 80.11 81.12
C PHE D 1486 -24.43 79.42 81.57
N SER D 1487 -23.81 78.65 80.69
CA SER D 1487 -22.46 78.16 80.91
C SER D 1487 -21.50 79.31 80.65
N SER D 1488 -20.19 79.04 80.64
CA SER D 1488 -19.28 80.16 80.39
C SER D 1488 -19.64 81.28 81.35
N PRO D 1489 -19.25 81.18 82.63
CA PRO D 1489 -19.81 82.07 83.67
C PRO D 1489 -19.77 83.57 83.40
N PHE D 1490 -19.08 84.06 82.37
CA PHE D 1490 -19.12 85.49 82.03
C PHE D 1490 -18.39 86.33 83.09
N SER D 1491 -17.17 85.91 83.43
CA SER D 1491 -16.34 86.63 84.39
C SER D 1491 -16.98 86.66 85.78
N ASP D 1492 -17.19 85.46 86.32
CA ASP D 1492 -17.69 85.29 87.68
C ASP D 1492 -16.51 85.36 88.65
N GLN D 1493 -16.74 84.96 89.90
CA GLN D 1493 -15.69 85.03 90.90
C GLN D 1493 -14.46 84.23 90.48
N SER D 1494 -14.67 83.02 89.95
CA SER D 1494 -13.57 82.17 89.53
C SER D 1494 -13.22 82.34 88.05
N THR D 1495 -13.90 83.23 87.34
CA THR D 1495 -13.64 83.45 85.92
C THR D 1495 -13.13 84.85 85.60
N THR D 1496 -13.21 85.78 86.54
CA THR D 1496 -12.74 87.15 86.32
C THR D 1496 -11.39 87.44 86.98
N LEU D 1497 -11.18 86.93 88.19
CA LEU D 1497 -9.91 87.17 88.89
C LEU D 1497 -8.74 86.58 88.10
N GLN D 1498 -8.90 85.38 87.56
CA GLN D 1498 -7.85 84.71 86.81
C GLN D 1498 -7.80 85.14 85.35
N THR D 1499 -8.72 85.99 84.91
CA THR D 1499 -8.76 86.45 83.53
C THR D 1499 -8.37 87.91 83.36
N ARG D 1500 -8.34 88.70 84.43
CA ARG D 1500 -7.99 90.11 84.36
C ARG D 1500 -6.69 90.41 85.08
N GLN D 1501 -6.58 90.06 86.36
CA GLN D 1501 -5.34 90.31 87.09
C GLN D 1501 -4.16 89.56 86.48
N PRO D 1502 -4.25 88.26 86.21
CA PRO D 1502 -3.12 87.56 85.58
C PRO D 1502 -2.75 88.12 84.21
N VAL D 1503 -3.74 88.60 83.45
CA VAL D 1503 -3.46 89.10 82.10
C VAL D 1503 -2.51 90.29 82.17
N PHE D 1504 -2.72 91.20 83.12
CA PHE D 1504 -1.83 92.34 83.25
C PHE D 1504 -0.42 91.91 83.60
N VAL D 1505 -0.26 90.84 84.38
CA VAL D 1505 1.08 90.35 84.72
C VAL D 1505 1.82 89.95 83.46
N GLN D 1506 1.17 89.23 82.56
CA GLN D 1506 1.78 88.90 81.28
C GLN D 1506 2.08 90.15 80.47
N LEU D 1507 1.14 91.10 80.48
CA LEU D 1507 1.38 92.36 79.77
C LEU D 1507 2.57 93.10 80.35
N LEU D 1508 2.70 93.11 81.69
CA LEU D 1508 3.82 93.79 82.32
C LEU D 1508 5.14 93.16 81.89
N GLN D 1509 5.21 91.83 81.85
CA GLN D 1509 6.44 91.17 81.42
C GLN D 1509 6.76 91.51 79.98
N GLY D 1510 5.76 91.51 79.10
CA GLY D 1510 6.00 91.88 77.71
C GLY D 1510 6.47 93.31 77.57
N VAL D 1511 5.89 94.23 78.34
CA VAL D 1511 6.32 95.62 78.28
C VAL D 1511 7.77 95.75 78.70
N PHE D 1512 8.17 95.01 79.74
CA PHE D 1512 9.55 95.03 80.20
C PHE D 1512 10.51 94.32 79.25
N ARG D 1513 10.00 93.50 78.34
CA ARG D 1513 10.85 92.79 77.40
C ARG D 1513 11.56 93.77 76.48
N VAL D 1514 12.76 93.37 76.04
CA VAL D 1514 13.57 94.19 75.16
C VAL D 1514 13.36 93.83 73.69
N TYR D 1515 12.28 93.09 73.39
CA TYR D 1515 11.98 92.69 72.02
C TYR D 1515 11.38 93.88 71.27
N HIS D 1516 10.98 93.64 70.03
CA HIS D 1516 10.37 94.70 69.22
C HIS D 1516 9.02 95.11 69.81
N CYS D 1517 8.64 96.36 69.57
CA CYS D 1517 7.37 96.89 70.06
C CYS D 1517 6.17 96.46 69.21
N ASN D 1518 6.41 95.81 68.07
CA ASN D 1518 5.30 95.35 67.24
C ASN D 1518 4.42 94.35 67.97
N TRP D 1519 5.03 93.41 68.69
CA TRP D 1519 4.28 92.43 69.45
C TRP D 1519 3.84 92.91 70.82
N LEU D 1520 4.55 93.89 71.39
CA LEU D 1520 4.14 94.43 72.69
C LEU D 1520 2.78 95.09 72.62
N MET D 1521 2.53 95.85 71.54
CA MET D 1521 1.25 96.53 71.41
C MET D 1521 0.08 95.55 71.41
N PRO D 1522 0.11 94.45 70.67
CA PRO D 1522 -1.04 93.53 70.68
C PRO D 1522 -1.36 92.98 72.07
N SER D 1523 -0.36 92.77 72.92
CA SER D 1523 -0.62 92.21 74.24
C SER D 1523 -1.53 93.11 75.05
N GLN D 1524 -1.28 94.42 75.04
CA GLN D 1524 -2.13 95.34 75.77
C GLN D 1524 -3.56 95.32 75.23
N LYS D 1525 -3.71 95.30 73.90
CA LYS D 1525 -5.04 95.23 73.30
C LYS D 1525 -5.72 93.91 73.66
N ALA D 1526 -4.97 92.80 73.65
CA ALA D 1526 -5.55 91.51 73.99
C ALA D 1526 -6.15 91.54 75.40
N SER D 1527 -5.38 92.02 76.38
CA SER D 1527 -5.93 92.16 77.72
C SER D 1527 -7.04 93.19 77.76
N VAL D 1528 -6.87 94.31 77.06
CA VAL D 1528 -7.91 95.33 77.03
C VAL D 1528 -9.19 94.79 76.40
N GLU D 1529 -9.05 94.08 75.27
CA GLU D 1529 -10.22 93.49 74.63
C GLU D 1529 -10.90 92.49 75.56
N SER D 1530 -10.12 91.66 76.24
CA SER D 1530 -10.71 90.71 77.20
C SER D 1530 -11.39 91.44 78.34
N CYS D 1531 -10.77 92.53 78.83
CA CYS D 1531 -11.36 93.27 79.94
C CYS D 1531 -12.73 93.83 79.56
N ILE D 1532 -12.86 94.37 78.35
CA ILE D 1532 -14.13 94.92 77.89
C ILE D 1532 -15.10 93.84 77.41
N ARG D 1533 -14.64 92.61 77.27
CA ARG D 1533 -15.50 91.52 76.84
C ARG D 1533 -16.92 91.70 77.36
N ARG D 1593 18.95 98.30 32.69
CA ARG D 1593 17.88 97.36 32.99
C ARG D 1593 16.86 97.29 31.85
N ASN D 1594 16.83 98.34 31.03
CA ASN D 1594 15.97 98.36 29.85
C ASN D 1594 16.57 97.63 28.65
N ILE D 1595 17.85 97.25 28.75
CA ILE D 1595 18.47 96.41 27.73
C ILE D 1595 17.78 95.06 27.65
N ILE D 1596 17.52 94.45 28.80
CA ILE D 1596 16.85 93.14 28.85
C ILE D 1596 15.43 93.27 28.31
N GLU D 1597 14.77 94.38 28.60
CA GLU D 1597 13.40 94.58 28.15
C GLU D 1597 13.32 94.84 26.65
N ARG D 1598 14.42 95.26 26.03
CA ARG D 1598 14.37 95.64 24.62
C ARG D 1598 14.94 94.61 23.66
N LEU D 1599 15.99 93.87 24.02
CA LEU D 1599 16.53 92.91 23.05
C LEU D 1599 15.62 91.70 22.82
N GLN D 1600 14.63 91.47 23.67
CA GLN D 1600 13.60 90.48 23.31
C GLN D 1600 12.79 90.95 22.10
N ASP D 1601 12.38 92.22 22.11
CA ASP D 1601 11.73 92.80 20.94
C ASP D 1601 12.68 92.86 19.74
N ILE D 1602 13.98 93.10 20.00
CA ILE D 1602 14.96 93.15 18.92
C ILE D 1602 15.07 91.78 18.25
N VAL D 1603 15.22 90.72 19.03
CA VAL D 1603 15.35 89.40 18.43
C VAL D 1603 14.05 88.93 17.80
N SER D 1604 12.89 89.40 18.30
CA SER D 1604 11.64 89.13 17.59
C SER D 1604 11.58 89.82 16.24
N ALA D 1605 11.99 91.10 16.20
CA ALA D 1605 12.01 91.88 14.96
C ALA D 1605 13.09 91.44 14.00
N LEU D 1606 14.03 90.60 14.45
CA LEU D 1606 14.90 89.89 13.51
C LEU D 1606 14.39 88.51 13.11
N GLU D 1607 13.79 87.75 14.03
CA GLU D 1607 13.32 86.40 13.70
C GLU D 1607 12.01 86.42 12.93
N ASP D 1608 11.42 87.60 12.71
CA ASP D 1608 10.34 87.71 11.73
C ASP D 1608 10.80 87.37 10.29
N ARG D 1609 12.11 87.34 10.05
CA ARG D 1609 12.70 86.97 8.77
C ARG D 1609 12.98 85.47 8.68
N LEU D 1610 12.19 84.63 9.35
CA LEU D 1610 12.42 83.19 9.40
C LEU D 1610 12.13 82.49 8.08
N ARG D 1611 11.23 83.05 7.28
CA ARG D 1611 10.87 82.55 5.96
C ARG D 1611 11.87 82.91 4.85
N PRO D 1612 12.40 84.16 4.76
CA PRO D 1612 13.38 84.43 3.69
C PRO D 1612 14.61 83.56 3.70
N LEU D 1613 15.09 83.13 4.87
CA LEU D 1613 16.19 82.17 4.90
C LEU D 1613 15.77 80.81 4.36
N VAL D 1614 14.52 80.40 4.62
CA VAL D 1614 14.02 79.12 4.12
C VAL D 1614 13.92 79.13 2.61
N GLN D 1615 13.35 80.18 2.04
CA GLN D 1615 13.27 80.29 0.59
C GLN D 1615 14.61 80.60 -0.06
N ALA D 1616 15.55 81.21 0.66
CA ALA D 1616 16.89 81.45 0.14
C ALA D 1616 17.78 80.23 0.25
N GLU D 1617 17.39 79.23 1.04
CA GLU D 1617 18.18 78.01 1.02
C GLU D 1617 17.59 76.97 0.07
N LEU D 1618 16.27 76.70 0.14
CA LEU D 1618 15.76 75.48 -0.50
C LEU D 1618 15.77 75.60 -2.02
N SER D 1619 15.15 76.65 -2.56
CA SER D 1619 15.06 76.78 -4.01
C SER D 1619 16.41 77.10 -4.62
N VAL D 1620 17.20 77.94 -3.94
CA VAL D 1620 18.51 78.35 -4.42
C VAL D 1620 19.52 77.21 -4.36
N LEU D 1621 19.27 76.18 -3.53
CA LEU D 1621 20.07 74.97 -3.64
C LEU D 1621 19.55 74.02 -4.71
N VAL D 1622 18.24 73.76 -4.75
CA VAL D 1622 17.74 72.75 -5.67
C VAL D 1622 17.82 73.17 -7.14
N ASP D 1623 17.81 74.47 -7.45
CA ASP D 1623 17.91 74.85 -8.86
C ASP D 1623 19.34 74.67 -9.36
N VAL D 1624 20.33 74.92 -8.51
CA VAL D 1624 21.71 74.76 -8.95
C VAL D 1624 22.15 73.30 -8.91
N LEU D 1625 21.60 72.49 -7.98
CA LEU D 1625 21.89 71.06 -8.07
C LEU D 1625 21.13 70.38 -9.19
N HIS D 1626 20.03 70.96 -9.67
CA HIS D 1626 19.38 70.42 -10.86
C HIS D 1626 20.21 70.69 -12.12
N ARG D 1627 20.78 71.89 -12.24
CA ARG D 1627 21.63 72.25 -13.38
C ARG D 1627 22.96 72.79 -12.86
N PRO D 1628 23.90 71.91 -12.51
CA PRO D 1628 25.19 72.36 -11.96
C PRO D 1628 26.22 72.79 -12.98
N GLU D 1629 26.08 72.47 -14.27
CA GLU D 1629 27.09 72.81 -15.26
C GLU D 1629 26.49 73.73 -16.30
N LEU D 1630 26.90 75.00 -16.24
CA LEU D 1630 26.71 76.00 -17.27
C LEU D 1630 27.56 77.21 -16.92
N LEU D 1631 28.05 77.90 -17.95
CA LEU D 1631 28.89 79.10 -17.85
C LEU D 1631 30.21 78.82 -17.12
N PHE D 1632 30.65 77.56 -17.09
CA PHE D 1632 31.83 77.22 -16.31
C PHE D 1632 33.11 77.75 -16.99
N PRO D 1633 33.63 77.18 -18.13
CA PRO D 1633 34.10 78.07 -19.22
C PRO D 1633 33.17 78.06 -20.42
N GLU D 1634 32.15 77.20 -20.39
CA GLU D 1634 31.39 76.75 -21.56
C GLU D 1634 32.34 76.16 -22.62
N ASN D 1635 33.00 75.06 -22.25
CA ASN D 1635 33.92 74.38 -23.14
C ASN D 1635 33.55 72.91 -23.31
N THR D 1636 34.43 72.14 -23.92
CA THR D 1636 34.18 70.74 -24.27
C THR D 1636 35.08 69.76 -23.55
N ASP D 1637 36.34 70.15 -23.29
CA ASP D 1637 37.31 69.20 -22.74
C ASP D 1637 37.02 68.89 -21.27
N ALA D 1638 37.02 69.91 -20.42
CA ALA D 1638 37.05 69.72 -18.98
C ALA D 1638 35.67 69.69 -18.33
N ARG D 1639 34.59 69.84 -19.08
CA ARG D 1639 33.26 69.90 -18.49
C ARG D 1639 32.32 68.80 -18.94
N ARG D 1640 32.47 68.31 -20.18
CA ARG D 1640 31.49 67.37 -20.71
C ARG D 1640 31.58 66.00 -20.06
N LYS D 1641 32.72 65.67 -19.47
CA LYS D 1641 32.87 64.39 -18.76
C LYS D 1641 32.62 64.53 -17.26
N CYS D 1642 32.80 65.74 -16.71
CA CYS D 1642 32.57 65.94 -15.28
C CYS D 1642 31.10 65.88 -14.91
N GLU D 1643 30.21 66.31 -15.79
CA GLU D 1643 28.78 66.12 -15.57
C GLU D 1643 28.15 65.50 -16.81
N SER D 1644 27.85 64.21 -16.73
CA SER D 1644 26.91 63.52 -17.61
C SER D 1644 25.84 62.85 -16.76
N GLY D 1645 25.40 63.57 -15.72
CA GLY D 1645 24.67 62.94 -14.64
C GLY D 1645 25.58 62.38 -13.56
N GLY D 1646 26.75 62.96 -13.37
CA GLY D 1646 27.74 62.41 -12.47
C GLY D 1646 28.34 63.37 -11.47
N PHE D 1647 27.62 64.44 -11.13
CA PHE D 1647 28.02 65.33 -10.04
C PHE D 1647 27.32 64.98 -8.74
N ILE D 1648 26.00 64.80 -8.78
CA ILE D 1648 25.26 64.32 -7.62
C ILE D 1648 25.68 62.89 -7.29
N CYS D 1649 26.04 62.10 -8.32
CA CYS D 1649 26.61 60.78 -8.10
C CYS D 1649 27.91 60.86 -7.32
N LYS D 1650 28.75 61.83 -7.68
CA LYS D 1650 30.01 62.06 -6.99
C LYS D 1650 29.77 62.44 -5.53
N LEU D 1651 28.81 63.35 -5.32
CA LEU D 1651 28.47 63.80 -3.97
C LEU D 1651 27.93 62.66 -3.11
N ILE D 1652 27.07 61.81 -3.68
CA ILE D 1652 26.45 60.77 -2.87
C ILE D 1652 27.40 59.61 -2.65
N LYS D 1653 28.38 59.36 -3.53
CA LYS D 1653 29.33 58.30 -3.20
C LYS D 1653 30.32 58.82 -2.17
N HIS D 1654 30.62 60.13 -2.19
CA HIS D 1654 31.51 60.67 -1.18
C HIS D 1654 30.86 60.75 0.20
N THR D 1655 29.59 61.17 0.27
CA THR D 1655 29.00 61.44 1.57
C THR D 1655 28.57 60.19 2.33
N LYS D 1656 28.64 59.01 1.72
CA LYS D 1656 28.37 57.79 2.45
C LYS D 1656 29.53 57.38 3.36
N GLN D 1657 30.71 57.97 3.15
CA GLN D 1657 31.91 57.59 3.88
C GLN D 1657 32.23 58.53 5.03
N LEU D 1658 31.42 59.57 5.25
CA LEU D 1658 31.68 60.53 6.32
C LEU D 1658 30.78 60.33 7.53
N LEU D 1659 30.03 59.23 7.58
CA LEU D 1659 29.34 58.88 8.82
C LEU D 1659 30.32 58.40 9.87
N GLU D 1660 31.40 57.72 9.44
CA GLU D 1660 32.35 57.12 10.37
C GLU D 1660 33.21 58.17 11.07
N GLU D 1661 33.41 59.33 10.43
CA GLU D 1661 34.14 60.42 11.06
C GLU D 1661 33.15 61.36 11.74
N ASN D 1662 33.63 62.49 12.24
CA ASN D 1662 32.80 63.39 13.02
C ASN D 1662 31.93 64.24 12.11
N GLU D 1663 31.27 65.25 12.69
CA GLU D 1663 30.44 66.22 11.98
C GLU D 1663 29.32 65.54 11.19
N GLU D 1664 28.41 64.90 11.93
CA GLU D 1664 27.22 64.31 11.35
C GLU D 1664 26.20 65.35 10.90
N LYS D 1665 26.40 66.63 11.26
CA LYS D 1665 25.51 67.69 10.80
C LYS D 1665 25.58 67.85 9.29
N LEU D 1666 26.77 67.70 8.72
CA LEU D 1666 26.92 67.81 7.27
C LEU D 1666 26.15 66.71 6.54
N CYS D 1667 26.17 65.49 7.08
CA CYS D 1667 25.44 64.38 6.46
C CYS D 1667 23.93 64.61 6.48
N ILE D 1668 23.40 65.08 7.60
CA ILE D 1668 21.95 65.28 7.67
C ILE D 1668 21.54 66.51 6.88
N LYS D 1669 22.43 67.50 6.74
CA LYS D 1669 22.13 68.62 5.85
C LYS D 1669 22.12 68.18 4.39
N VAL D 1670 23.03 67.28 4.00
CA VAL D 1670 23.00 66.70 2.66
C VAL D 1670 21.72 65.93 2.44
N LEU D 1671 21.29 65.15 3.45
CA LEU D 1671 20.07 64.36 3.35
C LEU D 1671 18.83 65.24 3.19
N GLN D 1672 18.74 66.30 4.00
CA GLN D 1672 17.58 67.17 3.91
C GLN D 1672 17.60 67.99 2.62
N THR D 1673 18.79 68.34 2.11
CA THR D 1673 18.85 69.01 0.81
C THR D 1673 18.35 68.10 -0.30
N LEU D 1674 18.78 66.82 -0.29
CA LEU D 1674 18.31 65.88 -1.30
C LEU D 1674 16.82 65.60 -1.16
N ARG D 1675 16.29 65.57 0.06
CA ARG D 1675 14.86 65.35 0.24
C ARG D 1675 14.04 66.55 -0.20
N GLU D 1676 14.47 67.77 0.13
CA GLU D 1676 13.78 68.97 -0.34
C GLU D 1676 13.86 69.11 -1.85
N MET D 1677 14.94 68.60 -2.46
CA MET D 1677 14.99 68.52 -3.92
C MET D 1677 14.08 67.42 -4.44
N MET D 1678 13.87 66.39 -3.63
CA MET D 1678 13.32 65.13 -4.12
C MET D 1678 11.81 65.24 -4.38
N THR D 1679 11.12 66.03 -3.56
CA THR D 1679 9.68 66.22 -3.63
C THR D 1679 9.30 67.17 -4.77
N LYS D 1680 8.00 67.43 -4.88
CA LYS D 1680 7.47 68.34 -5.91
C LYS D 1680 6.28 69.09 -5.30
N ASP D 1681 5.48 69.71 -6.19
CA ASP D 1681 4.37 70.62 -5.83
C ASP D 1681 4.85 71.80 -5.01
N ARG D 1682 6.07 72.27 -5.30
CA ARG D 1682 6.65 73.45 -4.66
C ARG D 1682 7.75 73.98 -5.56
N GLY D 1683 8.03 75.27 -5.40
CA GLY D 1683 9.09 75.94 -6.13
C GLY D 1683 8.92 75.93 -7.64
N TYR D 1684 7.85 76.55 -8.12
CA TYR D 1684 7.56 76.61 -9.55
C TYR D 1684 7.81 78.01 -10.08
N GLY D 1685 8.53 78.10 -11.19
CA GLY D 1685 8.84 79.38 -11.80
C GLY D 1685 8.06 79.66 -13.06
N LEU D 1719 -3.41 89.03 4.85
CA LEU D 1719 -2.60 89.05 3.63
C LEU D 1719 -1.19 88.56 3.92
N ARG D 1720 -1.06 87.66 4.90
CA ARG D 1720 0.23 87.14 5.31
C ARG D 1720 0.61 85.84 4.61
N GLN D 1721 -0.18 85.42 3.61
CA GLN D 1721 0.12 84.23 2.85
C GLN D 1721 0.45 84.51 1.38
N LEU D 1722 0.38 85.76 0.94
CA LEU D 1722 0.59 86.10 -0.45
C LEU D 1722 1.77 87.03 -0.68
N GLU D 1723 2.03 87.97 0.23
CA GLU D 1723 3.19 88.83 0.10
C GLU D 1723 4.49 88.07 0.32
N ASP D 1724 4.47 87.07 1.22
CA ASP D 1724 5.65 86.27 1.47
C ASP D 1724 6.05 85.46 0.25
N HIS D 1725 5.07 84.86 -0.44
CA HIS D 1725 5.35 84.08 -1.63
C HIS D 1725 5.90 84.95 -2.76
N LYS D 1726 5.33 86.14 -2.96
CA LYS D 1726 5.78 86.97 -4.07
C LYS D 1726 7.16 87.56 -3.80
N ARG D 1727 7.46 87.95 -2.55
CA ARG D 1727 8.82 88.45 -2.32
C ARG D 1727 9.83 87.31 -2.28
N GLY D 1728 9.41 86.10 -1.88
CA GLY D 1728 10.31 84.96 -1.97
C GLY D 1728 10.64 84.59 -3.40
N GLU D 1729 9.64 84.57 -4.28
CA GLU D 1729 9.92 84.28 -5.68
C GLU D 1729 10.71 85.41 -6.33
N ALA D 1730 10.51 86.66 -5.90
CA ALA D 1730 11.31 87.76 -6.38
C ALA D 1730 12.77 87.60 -5.98
N LEU D 1731 13.02 87.20 -4.73
CA LEU D 1731 14.40 87.06 -4.25
C LEU D 1731 15.10 85.88 -4.90
N ARG D 1732 14.40 84.75 -5.06
CA ARG D 1732 15.03 83.62 -5.74
C ARG D 1732 15.20 83.91 -7.22
N GLN D 1733 14.34 84.77 -7.80
CA GLN D 1733 14.53 85.20 -9.18
C GLN D 1733 15.79 86.05 -9.31
N ILE D 1734 16.03 86.92 -8.32
CA ILE D 1734 17.25 87.72 -8.29
C ILE D 1734 18.48 86.81 -8.22
N LEU D 1735 18.43 85.82 -7.33
CA LEU D 1735 19.57 84.92 -7.18
C LEU D 1735 19.78 84.04 -8.40
N VAL D 1736 18.72 83.58 -9.05
CA VAL D 1736 18.92 82.73 -10.22
C VAL D 1736 19.35 83.54 -11.44
N ASN D 1737 18.94 84.81 -11.55
CA ASN D 1737 19.46 85.58 -12.68
C ASN D 1737 20.88 86.08 -12.43
N ARG D 1738 21.30 86.19 -11.16
CA ARG D 1738 22.72 86.44 -10.91
C ARG D 1738 23.56 85.19 -11.10
N TYR D 1739 23.00 84.01 -10.84
CA TYR D 1739 23.77 82.78 -10.91
C TYR D 1739 23.76 82.13 -12.29
N TYR D 1740 22.97 82.66 -13.22
CA TYR D 1740 22.84 82.03 -14.53
C TYR D 1740 23.33 82.95 -15.64
N SER D 1781 16.96 75.05 -24.24
CA SER D 1781 16.48 73.69 -24.42
C SER D 1781 16.56 72.90 -23.10
N ARG D 1782 15.97 73.45 -22.05
CA ARG D 1782 15.96 72.77 -20.76
C ARG D 1782 14.99 71.61 -20.79
N GLY D 1783 15.45 70.44 -20.34
CA GLY D 1783 14.61 69.27 -20.26
C GLY D 1783 13.82 69.22 -18.97
N GLU D 1784 12.50 69.35 -19.07
CA GLU D 1784 11.66 69.32 -17.88
C GLU D 1784 11.59 67.92 -17.30
N MET D 1785 11.78 67.82 -15.99
CA MET D 1785 11.83 66.53 -15.29
C MET D 1785 10.54 66.38 -14.49
N SER D 1786 9.90 65.21 -14.64
CA SER D 1786 8.75 64.86 -13.82
C SER D 1786 9.22 64.05 -12.62
N LEU D 1787 8.29 63.84 -11.68
CA LEU D 1787 8.63 63.09 -10.48
C LEU D 1787 8.92 61.62 -10.80
N ALA D 1788 8.21 61.03 -11.76
CA ALA D 1788 8.37 59.62 -12.07
C ALA D 1788 9.72 59.29 -12.71
N GLU D 1789 10.44 60.28 -13.22
CA GLU D 1789 11.75 60.05 -13.81
C GLU D 1789 12.92 60.61 -13.01
N VAL D 1790 12.70 61.58 -12.12
CA VAL D 1790 13.78 62.04 -11.26
C VAL D 1790 14.16 60.96 -10.24
N GLN D 1791 13.19 60.14 -9.81
CA GLN D 1791 13.50 59.02 -8.94
C GLN D 1791 14.41 58.02 -9.63
N CYS D 1792 14.11 57.71 -10.90
CA CYS D 1792 14.96 56.81 -11.67
C CYS D 1792 16.34 57.42 -11.92
N HIS D 1793 16.39 58.73 -12.13
CA HIS D 1793 17.66 59.41 -12.36
C HIS D 1793 18.56 59.36 -11.14
N LEU D 1794 18.00 59.56 -9.94
CA LEU D 1794 18.82 59.43 -8.74
C LEU D 1794 19.10 57.98 -8.38
N ASP D 1795 18.22 57.04 -8.75
CA ASP D 1795 18.50 55.66 -8.42
C ASP D 1795 19.56 55.06 -9.33
N LYS D 1796 19.66 55.53 -10.58
CA LYS D 1796 20.66 55.01 -11.50
C LYS D 1796 22.07 55.36 -11.03
N GLU D 1797 22.24 56.54 -10.43
CA GLU D 1797 23.54 56.94 -9.91
C GLU D 1797 23.79 56.41 -8.49
N GLY D 1798 22.78 55.83 -7.84
CA GLY D 1798 23.02 55.11 -6.60
C GLY D 1798 22.51 55.74 -5.32
N ALA D 1799 21.37 56.43 -5.39
CA ALA D 1799 20.79 56.99 -4.16
C ALA D 1799 20.14 55.92 -3.28
N SER D 1800 19.76 54.78 -3.86
CA SER D 1800 19.26 53.68 -3.05
C SER D 1800 20.37 53.10 -2.18
N ASN D 1801 21.58 52.98 -2.74
CA ASN D 1801 22.71 52.45 -2.00
C ASN D 1801 23.06 53.33 -0.81
N LEU D 1802 22.89 54.65 -0.96
CA LEU D 1802 23.20 55.58 0.12
C LEU D 1802 22.36 55.31 1.36
N VAL D 1803 21.04 55.25 1.21
CA VAL D 1803 20.19 55.02 2.38
C VAL D 1803 20.33 53.58 2.87
N ILE D 1804 20.48 52.61 1.96
CA ILE D 1804 20.55 51.22 2.37
C ILE D 1804 21.85 50.89 3.08
N ASP D 1805 22.90 51.71 2.91
CA ASP D 1805 24.10 51.57 3.70
C ASP D 1805 24.15 52.54 4.88
N LEU D 1806 23.39 53.63 4.80
CA LEU D 1806 23.37 54.62 5.87
C LEU D 1806 22.59 54.14 7.07
N ILE D 1807 21.51 53.37 6.86
CA ILE D 1807 20.80 52.81 8.02
C ILE D 1807 21.26 51.40 8.34
N MET D 1808 22.07 50.77 7.49
CA MET D 1808 22.68 49.50 7.86
C MET D 1808 23.78 49.71 8.90
N ASN D 1809 24.53 50.79 8.77
CA ASN D 1809 25.61 51.12 9.70
C ASN D 1809 25.34 52.46 10.37
N ALA D 1810 24.11 52.66 10.83
CA ALA D 1810 23.71 53.94 11.40
C ALA D 1810 24.31 54.11 12.78
N SER D 1811 24.94 55.27 13.01
CA SER D 1811 25.54 55.59 14.30
C SER D 1811 24.64 56.49 15.14
N SER D 1812 24.17 57.59 14.57
CA SER D 1812 23.33 58.54 15.30
C SER D 1812 21.87 58.12 15.22
N ASP D 1813 21.01 58.93 15.83
CA ASP D 1813 19.57 58.72 15.81
C ASP D 1813 18.85 59.65 14.86
N ARG D 1814 19.38 60.85 14.62
CA ARG D 1814 18.83 61.78 13.66
C ARG D 1814 19.13 61.37 12.23
N VAL D 1815 20.23 60.65 12.00
CA VAL D 1815 20.58 60.14 10.67
C VAL D 1815 19.54 59.15 10.16
N PHE D 1816 19.08 58.26 11.05
CA PHE D 1816 18.10 57.24 10.67
C PHE D 1816 16.79 57.86 10.22
N HIS D 1817 16.30 58.88 10.94
CA HIS D 1817 15.02 59.49 10.63
C HIS D 1817 15.05 60.21 9.29
N GLU D 1818 16.11 61.01 9.05
CA GLU D 1818 16.25 61.69 7.76
C GLU D 1818 16.48 60.70 6.63
N SER D 1819 17.18 59.59 6.90
CA SER D 1819 17.42 58.60 5.86
C SER D 1819 16.14 57.88 5.45
N ILE D 1820 15.29 57.50 6.42
CA ILE D 1820 14.05 56.84 6.04
C ILE D 1820 13.07 57.84 5.42
N LEU D 1821 13.12 59.12 5.81
CA LEU D 1821 12.31 60.12 5.14
C LEU D 1821 12.75 60.30 3.69
N LEU D 1822 14.07 60.28 3.44
CA LEU D 1822 14.57 60.35 2.07
C LEU D 1822 14.17 59.13 1.27
N ALA D 1823 14.18 57.95 1.90
CA ALA D 1823 13.76 56.73 1.21
C ALA D 1823 12.27 56.78 0.85
N ILE D 1824 11.45 57.29 1.76
CA ILE D 1824 10.01 57.44 1.48
C ILE D 1824 9.78 58.40 0.32
N ALA D 1825 10.48 59.54 0.34
CA ALA D 1825 10.35 60.49 -0.77
C ALA D 1825 10.88 59.91 -2.07
N LEU D 1826 11.89 59.04 -1.99
CA LEU D 1826 12.44 58.41 -3.19
C LEU D 1826 11.47 57.41 -3.81
N LEU D 1827 10.86 56.56 -2.99
CA LEU D 1827 9.96 55.54 -3.53
C LEU D 1827 8.68 56.18 -4.09
N GLU D 1828 7.89 56.80 -3.21
CA GLU D 1828 6.74 57.65 -3.58
C GLU D 1828 5.78 56.93 -4.53
N GLY D 1829 5.19 55.86 -4.00
CA GLY D 1829 4.18 55.12 -4.75
C GLY D 1829 4.72 53.92 -5.48
N GLY D 1830 4.25 53.71 -6.70
CA GLY D 1830 4.59 52.52 -7.45
C GLY D 1830 5.72 52.67 -8.44
N ASN D 1831 6.89 53.11 -7.97
CA ASN D 1831 8.08 53.11 -8.81
C ASN D 1831 8.79 51.76 -8.65
N THR D 1832 8.34 50.79 -9.44
CA THR D 1832 8.93 49.47 -9.40
C THR D 1832 10.33 49.41 -10.00
N THR D 1833 10.75 50.45 -10.73
CA THR D 1833 12.10 50.49 -11.25
C THR D 1833 13.14 50.66 -10.16
N ILE D 1834 12.76 51.22 -9.01
CA ILE D 1834 13.70 51.43 -7.92
C ILE D 1834 13.46 50.49 -6.75
N GLN D 1835 12.28 49.87 -6.64
CA GLN D 1835 12.11 48.75 -5.73
C GLN D 1835 12.93 47.55 -6.18
N HIS D 1836 13.18 47.46 -7.49
CA HIS D 1836 14.10 46.44 -8.00
C HIS D 1836 15.50 46.62 -7.48
N SER D 1837 15.94 47.88 -7.29
CA SER D 1837 17.24 48.14 -6.68
C SER D 1837 17.29 47.65 -5.24
N PHE D 1838 16.23 47.94 -4.48
CA PHE D 1838 16.17 47.53 -3.08
C PHE D 1838 16.15 46.01 -2.95
N PHE D 1839 15.45 45.33 -3.86
CA PHE D 1839 15.45 43.87 -3.81
C PHE D 1839 16.77 43.27 -4.31
N CYS D 1840 17.38 43.85 -5.34
CA CYS D 1840 18.59 43.31 -5.94
C CYS D 1840 19.84 43.72 -5.18
N ARG D 1841 19.72 44.51 -4.12
CA ARG D 1841 20.82 44.65 -3.17
C ARG D 1841 20.64 43.78 -1.93
N LEU D 1842 19.43 43.72 -1.39
CA LEU D 1842 19.22 43.09 -0.09
C LEU D 1842 19.38 41.58 -0.11
N THR D 1843 19.32 40.94 -1.27
CA THR D 1843 19.51 39.50 -1.35
C THR D 1843 20.97 39.11 -1.66
N GLU D 1844 21.92 40.00 -1.35
CA GLU D 1844 23.34 39.72 -1.54
C GLU D 1844 24.08 40.24 -0.31
N ASP D 1845 25.40 40.36 -0.45
CA ASP D 1845 26.39 40.97 0.46
C ASP D 1845 26.45 40.33 1.85
N LYS D 1846 25.64 39.29 2.09
CA LYS D 1846 25.70 38.40 3.26
C LYS D 1846 25.58 39.12 4.59
N LYS D 1847 25.15 40.39 4.61
CA LYS D 1847 25.02 41.10 5.88
C LYS D 1847 23.76 41.97 5.91
N SER D 1848 22.77 41.67 5.07
CA SER D 1848 21.48 42.34 5.15
C SER D 1848 20.67 41.92 6.37
N GLU D 1849 21.11 40.88 7.09
CA GLU D 1849 20.49 40.56 8.36
C GLU D 1849 20.68 41.71 9.36
N LYS D 1850 21.79 42.44 9.23
CA LYS D 1850 21.96 43.67 10.01
C LYS D 1850 20.93 44.72 9.60
N PHE D 1851 20.65 44.83 8.30
CA PHE D 1851 19.65 45.77 7.81
C PHE D 1851 18.28 45.46 8.37
N PHE D 1852 17.90 44.19 8.39
CA PHE D 1852 16.61 43.83 8.97
C PHE D 1852 16.63 43.94 10.48
N LYS D 1853 17.79 43.72 11.11
CA LYS D 1853 17.90 43.81 12.56
C LYS D 1853 17.72 45.24 13.05
N VAL D 1854 18.18 46.22 12.27
CA VAL D 1854 18.01 47.62 12.63
C VAL D 1854 16.53 47.99 12.70
N PHE D 1855 15.73 47.49 11.76
CA PHE D 1855 14.28 47.71 11.85
C PHE D 1855 13.67 46.89 12.99
N TYR D 1856 14.11 45.64 13.13
CA TYR D 1856 13.48 44.71 14.06
C TYR D 1856 13.66 45.14 15.51
N ASP D 1857 14.88 45.50 15.91
CA ASP D 1857 15.08 45.86 17.31
C ASP D 1857 14.52 47.24 17.64
N ARG D 1858 14.59 48.17 16.70
CA ARG D 1858 14.07 49.52 16.94
C ARG D 1858 12.55 49.52 17.02
N MET D 1859 11.90 48.64 16.28
CA MET D 1859 10.46 48.55 16.32
C MET D 1859 9.96 47.52 17.33
N LYS D 1860 10.87 46.70 17.87
CA LYS D 1860 10.56 45.88 19.04
C LYS D 1860 10.58 46.69 20.33
N VAL D 1861 11.56 47.60 20.48
CA VAL D 1861 11.63 48.43 21.68
C VAL D 1861 10.58 49.52 21.71
N ALA D 1862 9.99 49.86 20.57
CA ALA D 1862 8.94 50.87 20.55
C ALA D 1862 7.65 50.34 21.15
N GLN D 1863 7.39 49.05 20.99
CA GLN D 1863 6.21 48.44 21.58
C GLN D 1863 6.39 48.14 23.07
N GLN D 1864 7.63 48.14 23.57
CA GLN D 1864 7.86 48.07 25.00
C GLN D 1864 7.60 49.40 25.68
N GLU D 1865 7.87 50.51 24.99
CA GLU D 1865 7.68 51.83 25.59
C GLU D 1865 6.20 52.15 25.72
N ILE D 1866 5.35 51.60 24.86
CA ILE D 1866 3.92 51.85 24.96
C ILE D 1866 3.27 50.95 26.02
N LYS D 1867 3.86 49.80 26.31
CA LYS D 1867 3.33 48.92 27.36
C LYS D 1867 3.71 49.38 28.75
N ALA D 1868 4.63 50.33 28.88
CA ALA D 1868 5.11 50.78 30.18
C ALA D 1868 4.71 52.22 30.48
N THR D 1869 5.07 53.17 29.61
CA THR D 1869 4.90 54.58 29.95
C THR D 1869 3.47 55.05 29.69
N VAL D 1870 3.06 55.07 28.42
CA VAL D 1870 1.72 55.56 28.06
C VAL D 1870 0.81 54.34 28.05
N THR D 1871 0.36 53.96 29.24
CA THR D 1871 -0.66 52.91 29.40
C THR D 1871 -1.57 53.40 30.51
N VAL D 1872 -2.59 54.18 30.13
CA VAL D 1872 -3.52 54.80 31.08
C VAL D 1872 -4.94 54.59 30.56
N ASN D 1873 -5.88 54.74 31.49
CA ASN D 1873 -7.29 54.85 31.14
C ASN D 1873 -7.96 55.76 32.16
N THR D 1874 -8.93 56.54 31.70
CA THR D 1874 -9.67 57.44 32.58
C THR D 1874 -11.03 56.82 32.86
N SER D 1875 -11.21 56.34 34.08
CA SER D 1875 -12.49 55.75 34.51
C SER D 1875 -13.43 56.83 35.06
N ASP D 1876 -13.64 57.87 34.27
CA ASP D 1876 -14.46 59.02 34.65
C ASP D 1876 -15.34 59.39 33.46
N LEU D 1877 -15.99 60.55 33.55
CA LEU D 1877 -16.81 61.05 32.46
C LEU D 1877 -16.46 62.51 32.16
N ASP D 1950 0.90 71.96 25.00
CA ASP D 1950 -0.31 71.77 25.79
C ASP D 1950 -0.89 70.39 25.57
N ASP D 1951 -0.05 69.46 25.13
CA ASP D 1951 -0.47 68.09 24.85
C ASP D 1951 0.57 67.11 25.36
N LEU D 1952 0.11 65.90 25.67
CA LEU D 1952 1.01 64.80 26.02
C LEU D 1952 1.54 64.21 24.72
N GLU D 1953 2.62 64.81 24.22
CA GLU D 1953 3.19 64.40 22.94
C GLU D 1953 3.89 63.05 23.08
N MET D 1954 3.81 62.25 22.03
CA MET D 1954 4.32 60.89 22.06
C MET D 1954 5.84 60.87 22.12
N SER D 1955 6.38 59.73 22.56
CA SER D 1955 7.82 59.58 22.66
C SER D 1955 8.44 59.49 21.26
N ALA D 1956 9.74 59.78 21.19
CA ALA D 1956 10.44 59.79 19.91
C ALA D 1956 10.66 58.39 19.35
N VAL D 1957 10.38 57.33 20.12
CA VAL D 1957 10.49 55.97 19.59
C VAL D 1957 9.17 55.45 19.03
N ILE D 1958 8.05 56.09 19.36
CA ILE D 1958 6.75 55.73 18.79
C ILE D 1958 6.44 56.57 17.57
N THR D 1959 6.68 57.88 17.66
CA THR D 1959 6.46 58.77 16.53
C THR D 1959 7.41 58.47 15.37
N ILE D 1960 8.55 57.83 15.65
CA ILE D 1960 9.45 57.38 14.60
C ILE D 1960 8.87 56.24 13.76
N MET D 1961 7.81 55.60 14.23
CA MET D 1961 7.26 54.45 13.51
C MET D 1961 6.27 54.84 12.42
N GLN D 1962 5.80 56.07 12.37
CA GLN D 1962 5.01 56.52 11.22
C GLN D 1962 5.82 56.43 9.92
N PRO D 1963 7.05 56.97 9.82
CA PRO D 1963 7.84 56.70 8.61
C PRO D 1963 8.31 55.27 8.48
N ILE D 1964 8.48 54.52 9.58
CA ILE D 1964 8.88 53.12 9.48
C ILE D 1964 7.79 52.31 8.78
N LEU D 1965 6.54 52.49 9.21
CA LEU D 1965 5.43 51.78 8.61
C LEU D 1965 5.14 52.29 7.21
N ARG D 1966 5.33 53.60 6.96
CA ARG D 1966 5.17 54.11 5.60
C ARG D 1966 6.22 53.52 4.65
N PHE D 1967 7.46 53.41 5.10
CA PHE D 1967 8.52 52.85 4.28
C PHE D 1967 8.30 51.35 4.04
N LEU D 1968 7.80 50.63 5.04
CA LEU D 1968 7.48 49.22 4.82
C LEU D 1968 6.28 49.05 3.90
N GLN D 1969 5.31 49.96 3.97
CA GLN D 1969 4.16 49.91 3.06
C GLN D 1969 4.58 50.20 1.62
N LEU D 1970 5.42 51.21 1.41
CA LEU D 1970 5.84 51.57 0.07
C LEU D 1970 6.79 50.56 -0.56
N LEU D 1971 7.37 49.67 0.24
CA LEU D 1971 8.32 48.69 -0.29
C LEU D 1971 7.61 47.61 -1.09
N CYS D 1972 6.33 47.37 -0.82
CA CYS D 1972 5.54 46.40 -1.56
C CYS D 1972 4.27 47.06 -2.08
N GLU D 1973 4.45 48.20 -2.76
CA GLU D 1973 3.34 49.11 -3.01
C GLU D 1973 2.35 48.55 -4.03
N ASN D 1974 2.80 48.32 -5.27
CA ASN D 1974 1.86 47.89 -6.30
C ASN D 1974 1.32 46.51 -5.99
N HIS D 1975 2.13 45.46 -6.20
CA HIS D 1975 1.97 44.21 -5.47
C HIS D 1975 3.29 43.56 -5.07
N ASN D 1976 4.34 43.70 -5.86
CA ASN D 1976 5.74 43.39 -5.52
C ASN D 1976 5.89 41.99 -4.92
N ARG D 1977 5.66 40.99 -5.78
CA ARG D 1977 5.60 39.60 -5.34
C ARG D 1977 6.87 39.15 -4.64
N ASP D 1978 8.04 39.61 -5.10
CA ASP D 1978 9.30 39.19 -4.52
C ASP D 1978 9.56 39.87 -3.17
N LEU D 1979 9.12 41.11 -3.01
CA LEU D 1979 9.35 41.87 -1.79
C LEU D 1979 8.27 41.65 -0.74
N GLN D 1980 7.21 40.93 -1.07
CA GLN D 1980 6.19 40.58 -0.08
C GLN D 1980 6.55 39.34 0.71
N ASN D 1981 7.39 38.47 0.14
CA ASN D 1981 7.89 37.30 0.85
C ASN D 1981 9.22 37.55 1.52
N PHE D 1982 10.00 38.51 1.02
CA PHE D 1982 11.29 38.85 1.60
C PHE D 1982 11.17 39.60 2.91
N LEU D 1983 10.01 40.17 3.21
CA LEU D 1983 9.75 40.78 4.52
C LEU D 1983 9.34 39.77 5.57
N ARG D 1984 9.14 38.51 5.19
CA ARG D 1984 8.73 37.44 6.08
C ARG D 1984 9.80 36.41 6.33
N CYS D 1985 10.57 36.04 5.29
CA CYS D 1985 11.70 35.14 5.43
C CYS D 1985 12.80 35.59 4.49
N GLN D 1986 13.98 35.83 5.03
CA GLN D 1986 15.11 36.34 4.26
C GLN D 1986 16.10 35.26 3.85
N ASN D 1987 15.86 34.01 4.27
CA ASN D 1987 16.71 32.85 3.95
C ASN D 1987 18.16 33.07 4.39
N ASN D 1988 18.33 33.68 5.56
CA ASN D 1988 19.64 33.95 6.13
C ASN D 1988 19.91 33.01 7.29
N LYS D 1989 21.03 33.24 7.98
CA LYS D 1989 21.33 32.50 9.19
C LYS D 1989 20.31 32.80 10.27
N THR D 1990 19.92 34.07 10.41
CA THR D 1990 18.83 34.48 11.27
C THR D 1990 17.80 35.23 10.44
N ASN D 1991 16.53 35.06 10.79
CA ASN D 1991 15.43 35.62 10.03
C ASN D 1991 14.48 36.36 10.96
N TYR D 1992 14.08 37.57 10.55
CA TYR D 1992 13.14 38.38 11.29
C TYR D 1992 11.86 38.51 10.47
N ASN D 1993 10.75 38.06 11.04
CA ASN D 1993 9.44 38.16 10.41
C ASN D 1993 8.84 39.50 10.78
N LEU D 1994 8.91 40.46 9.86
CA LEU D 1994 8.41 41.79 10.17
C LEU D 1994 6.89 41.87 10.17
N VAL D 1995 6.22 40.99 9.42
CA VAL D 1995 4.76 41.00 9.38
C VAL D 1995 4.17 40.62 10.73
N CYS D 1996 4.72 39.57 11.35
CA CYS D 1996 4.18 39.04 12.60
C CYS D 1996 4.30 40.06 13.73
N GLU D 1997 5.48 40.65 13.89
CA GLU D 1997 5.67 41.64 14.94
C GLU D 1997 5.16 43.04 14.57
N THR D 1998 4.89 43.31 13.29
CA THR D 1998 4.05 44.47 12.97
C THR D 1998 2.63 44.27 13.46
N LEU D 1999 2.08 43.05 13.29
CA LEU D 1999 0.78 42.75 13.87
C LEU D 1999 0.82 42.77 15.40
N GLN D 2000 1.95 42.39 15.98
CA GLN D 2000 2.11 42.49 17.43
C GLN D 2000 2.06 43.93 17.90
N PHE D 2001 2.71 44.84 17.15
CA PHE D 2001 2.62 46.26 17.47
C PHE D 2001 1.20 46.78 17.33
N LEU D 2002 0.51 46.37 16.26
CA LEU D 2002 -0.88 46.79 16.07
C LEU D 2002 -1.76 46.27 17.20
N ASP D 2003 -1.47 45.08 17.71
CA ASP D 2003 -2.24 44.52 18.79
C ASP D 2003 -1.98 45.29 20.09
N CYS D 2004 -0.72 45.63 20.36
CA CYS D 2004 -0.39 46.21 21.65
C CYS D 2004 -0.67 47.70 21.73
N ILE D 2005 -0.71 48.42 20.61
CA ILE D 2005 -0.89 49.87 20.68
C ILE D 2005 -2.29 50.24 21.15
N CYS D 2006 -3.30 49.41 20.87
CA CYS D 2006 -4.69 49.78 21.10
C CYS D 2006 -5.40 48.73 21.93
N GLY D 2007 -4.82 48.37 23.07
CA GLY D 2007 -5.49 47.49 24.02
C GLY D 2007 -5.41 46.02 23.70
N SER D 2008 -4.20 45.47 23.75
CA SER D 2008 -3.99 44.05 23.51
C SER D 2008 -4.74 43.20 24.53
N THR D 2009 -5.44 42.18 24.02
CA THR D 2009 -6.18 41.15 24.77
C THR D 2009 -7.40 41.75 25.52
N THR D 2010 -7.54 43.07 25.53
CA THR D 2010 -8.64 43.74 26.22
C THR D 2010 -9.67 44.29 25.24
N GLY D 2011 -9.21 44.86 24.12
CA GLY D 2011 -10.12 45.40 23.13
C GLY D 2011 -10.89 44.35 22.34
N GLY D 2012 -10.37 43.13 22.27
CA GLY D 2012 -11.01 42.09 21.49
C GLY D 2012 -12.24 41.49 22.14
N LEU D 2013 -12.51 41.82 23.40
CA LEU D 2013 -13.65 41.27 24.12
C LEU D 2013 -14.69 42.33 24.47
N GLY D 2014 -14.52 43.56 24.03
CA GLY D 2014 -15.31 44.64 24.57
C GLY D 2014 -14.68 46.00 24.33
N LEU D 2015 -14.48 46.75 25.42
CA LEU D 2015 -14.05 48.14 25.32
C LEU D 2015 -12.68 48.25 24.67
N LEU D 2016 -12.57 49.16 23.71
CA LEU D 2016 -11.27 49.55 23.17
C LEU D 2016 -11.19 51.04 22.90
N GLY D 2017 -12.25 51.80 23.13
CA GLY D 2017 -12.23 53.23 22.90
C GLY D 2017 -11.44 54.01 23.94
N LEU D 2018 -11.10 53.38 25.06
CA LEU D 2018 -10.23 54.03 26.04
C LEU D 2018 -8.81 54.15 25.51
N TYR D 2019 -8.37 53.20 24.69
CA TYR D 2019 -7.03 53.25 24.10
C TYR D 2019 -6.98 54.11 22.85
N ILE D 2020 -8.12 54.58 22.34
CA ILE D 2020 -8.18 55.34 21.10
C ILE D 2020 -8.50 56.79 21.43
N ASN D 2021 -7.72 57.71 20.90
CA ASN D 2021 -7.99 59.13 21.04
C ASN D 2021 -7.49 59.84 19.78
N GLU D 2022 -7.64 61.16 19.75
CA GLU D 2022 -7.39 61.93 18.54
C GLU D 2022 -5.92 61.99 18.14
N LYS D 2023 -5.00 61.67 19.05
CA LYS D 2023 -3.58 61.68 18.75
C LYS D 2023 -3.03 60.30 18.42
N ASN D 2024 -3.88 59.27 18.41
CA ASN D 2024 -3.42 57.91 18.18
C ASN D 2024 -3.91 57.31 16.87
N VAL D 2025 -4.97 57.87 16.27
CA VAL D 2025 -5.58 57.26 15.09
C VAL D 2025 -4.65 57.35 13.88
N ALA D 2026 -3.77 58.35 13.83
CA ALA D 2026 -2.92 58.55 12.66
C ALA D 2026 -1.88 57.45 12.51
N LEU D 2027 -1.59 56.72 13.58
CA LEU D 2027 -0.69 55.57 13.51
C LEU D 2027 -1.41 54.25 13.33
N ILE D 2028 -2.62 54.14 13.88
CA ILE D 2028 -3.41 52.93 13.68
C ILE D 2028 -3.88 52.83 12.23
N ASN D 2029 -4.22 53.97 11.62
CA ASN D 2029 -4.54 53.98 10.19
C ASN D 2029 -3.35 53.51 9.36
N GLN D 2030 -2.15 53.99 9.71
CA GLN D 2030 -0.96 53.63 8.94
C GLN D 2030 -0.62 52.15 9.09
N THR D 2031 -0.75 51.60 10.29
CA THR D 2031 -0.44 50.17 10.42
C THR D 2031 -1.54 49.30 9.80
N LEU D 2032 -2.79 49.76 9.81
CA LEU D 2032 -3.84 49.02 9.10
C LEU D 2032 -3.58 49.01 7.60
N GLU D 2033 -3.18 50.14 7.03
CA GLU D 2033 -2.83 50.19 5.62
C GLU D 2033 -1.60 49.34 5.31
N SER D 2034 -0.62 49.33 6.21
CA SER D 2034 0.58 48.54 6.00
C SER D 2034 0.29 47.05 6.02
N LEU D 2035 -0.56 46.57 6.92
CA LEU D 2035 -0.95 45.17 6.86
C LEU D 2035 -1.88 44.87 5.70
N THR D 2036 -2.63 45.87 5.22
CA THR D 2036 -3.40 45.67 3.99
C THR D 2036 -2.50 45.46 2.80
N GLU D 2037 -1.36 46.16 2.75
CA GLU D 2037 -0.44 46.00 1.64
C GLU D 2037 0.32 44.68 1.66
N TYR D 2038 0.43 44.04 2.83
CA TYR D 2038 1.19 42.79 2.89
C TYR D 2038 0.45 41.62 2.27
N CYS D 2039 -0.88 41.68 2.22
CA CYS D 2039 -1.69 40.54 1.80
C CYS D 2039 -2.21 40.65 0.37
N GLN D 2040 -2.51 41.86 -0.10
CA GLN D 2040 -2.98 42.04 -1.47
C GLN D 2040 -1.90 41.65 -2.46
N GLY D 2041 -2.31 41.21 -3.65
CA GLY D 2041 -1.42 40.45 -4.48
C GLY D 2041 -1.24 39.10 -3.83
N PRO D 2042 -2.28 38.26 -3.90
CA PRO D 2042 -2.58 37.32 -2.81
C PRO D 2042 -1.53 36.25 -2.56
N CYS D 2043 -0.46 36.63 -1.88
CA CYS D 2043 0.48 35.66 -1.33
C CYS D 2043 -0.18 34.93 -0.18
N HIS D 2044 -0.23 33.61 -0.25
CA HIS D 2044 -0.94 32.83 0.75
C HIS D 2044 -0.14 32.65 2.03
N GLU D 2045 1.11 33.09 2.06
CA GLU D 2045 1.92 32.94 3.27
C GLU D 2045 1.69 34.09 4.24
N ASN D 2046 1.62 35.32 3.75
CA ASN D 2046 1.39 36.46 4.61
C ASN D 2046 -0.03 36.49 5.15
N GLN D 2047 -0.98 35.87 4.45
CA GLN D 2047 -2.35 35.80 4.97
C GLN D 2047 -2.48 34.74 6.06
N ASN D 2048 -1.71 33.65 5.95
CA ASN D 2048 -1.69 32.67 7.03
C ASN D 2048 -0.92 33.18 8.23
N CYS D 2049 0.11 34.00 8.02
CA CYS D 2049 0.88 34.54 9.12
C CYS D 2049 0.06 35.51 9.96
N ILE D 2050 -0.75 36.34 9.32
CA ILE D 2050 -1.55 37.32 10.06
C ILE D 2050 -2.66 36.63 10.84
N ALA D 2051 -3.36 35.69 10.22
CA ALA D 2051 -4.52 35.08 10.86
C ALA D 2051 -4.16 34.08 11.94
N THR D 2052 -3.06 33.35 11.79
CA THR D 2052 -2.81 32.16 12.61
C THR D 2052 -1.56 32.26 13.49
N HIS D 2053 -1.01 33.44 13.73
CA HIS D 2053 0.17 33.44 14.58
C HIS D 2053 -0.22 33.48 16.05
N GLU D 2054 0.80 33.39 16.92
CA GLU D 2054 0.60 33.01 18.32
C GLU D 2054 -0.13 34.09 19.11
N SER D 2055 0.31 35.33 19.00
CA SER D 2055 -0.32 36.43 19.73
C SER D 2055 -1.50 36.92 18.92
N ASN D 2056 -2.69 36.39 19.20
CA ASN D 2056 -3.82 36.51 18.29
C ASN D 2056 -4.31 37.94 18.16
N GLY D 2057 -3.78 38.66 17.18
CA GLY D 2057 -4.15 40.02 16.85
C GLY D 2057 -5.24 40.16 15.81
N ILE D 2058 -5.79 39.05 15.32
CA ILE D 2058 -6.94 39.14 14.43
C ILE D 2058 -8.23 39.39 15.19
N ASP D 2059 -8.21 39.24 16.51
CA ASP D 2059 -9.41 39.41 17.33
C ASP D 2059 -9.76 40.87 17.55
N ILE D 2060 -8.84 41.78 17.25
CA ILE D 2060 -9.05 43.19 17.53
C ILE D 2060 -9.25 44.00 16.25
N ILE D 2061 -8.69 43.57 15.11
CA ILE D 2061 -9.14 44.10 13.84
C ILE D 2061 -10.56 43.62 13.52
N THR D 2062 -10.97 42.51 14.11
CA THR D 2062 -12.37 42.09 14.06
C THR D 2062 -13.23 42.96 14.97
N ALA D 2063 -12.71 43.32 16.15
CA ALA D 2063 -13.55 43.88 17.20
C ALA D 2063 -14.03 45.29 16.87
N LEU D 2064 -13.21 46.10 16.22
CA LEU D 2064 -13.54 47.52 16.11
C LEU D 2064 -14.52 47.83 15.00
N ILE D 2065 -14.91 46.83 14.19
CA ILE D 2065 -16.02 47.02 13.25
C ILE D 2065 -17.33 46.46 13.79
N LEU D 2066 -17.28 45.59 14.80
CA LEU D 2066 -18.50 45.05 15.39
C LEU D 2066 -19.08 46.01 16.43
N ASN D 2067 -18.29 46.37 17.43
CA ASN D 2067 -18.75 47.27 18.48
C ASN D 2067 -18.41 48.71 18.12
N ASP D 2068 -19.04 49.63 18.86
CA ASP D 2068 -18.85 51.05 18.65
C ASP D 2068 -17.79 51.59 19.62
N ILE D 2069 -17.11 52.64 19.19
CA ILE D 2069 -16.14 53.32 20.04
C ILE D 2069 -16.89 54.14 21.08
N ASN D 2070 -16.47 54.02 22.34
CA ASN D 2070 -17.20 54.65 23.44
C ASN D 2070 -17.19 56.18 23.40
N PRO D 2071 -16.07 56.89 23.18
CA PRO D 2071 -16.16 58.34 23.04
C PRO D 2071 -16.77 58.72 21.69
N LEU D 2072 -17.64 59.73 21.72
CA LEU D 2072 -18.24 60.28 20.51
C LEU D 2072 -18.09 61.80 20.54
N GLY D 2073 -17.82 62.38 19.37
CA GLY D 2073 -17.60 63.80 19.28
C GLY D 2073 -17.63 64.28 17.85
N LYS D 2074 -17.34 65.56 17.67
CA LYS D 2074 -17.38 66.16 16.34
C LYS D 2074 -16.27 65.61 15.45
N LYS D 2075 -15.04 65.59 15.95
CA LYS D 2075 -13.93 64.96 15.24
C LYS D 2075 -13.75 63.51 15.69
N ARG D 2076 -14.84 62.75 15.66
CA ARG D 2076 -14.76 61.34 16.00
C ARG D 2076 -15.42 60.49 14.93
N MET D 2077 -16.54 60.97 14.37
CA MET D 2077 -17.24 60.21 13.35
C MET D 2077 -16.44 60.17 12.06
N ASP D 2078 -15.88 61.31 11.66
CA ASP D 2078 -15.04 61.42 10.48
C ASP D 2078 -13.63 60.85 10.66
N LEU D 2079 -13.39 60.15 11.75
CA LEU D 2079 -12.20 59.31 11.91
C LEU D 2079 -12.54 57.85 12.12
N VAL D 2080 -13.65 57.57 12.82
CA VAL D 2080 -14.07 56.18 12.99
C VAL D 2080 -14.60 55.62 11.68
N LEU D 2081 -15.08 56.48 10.77
CA LEU D 2081 -15.47 56.00 9.45
C LEU D 2081 -14.27 55.44 8.69
N GLU D 2082 -13.18 56.20 8.64
CA GLU D 2082 -11.97 55.75 7.97
C GLU D 2082 -11.33 54.56 8.70
N LEU D 2083 -11.42 54.54 10.03
CA LEU D 2083 -10.88 53.44 10.80
C LEU D 2083 -11.61 52.13 10.49
N LYS D 2084 -12.95 52.16 10.52
CA LYS D 2084 -13.73 50.97 10.21
C LYS D 2084 -13.58 50.58 8.74
N ASN D 2085 -13.46 51.57 7.84
CA ASN D 2085 -13.27 51.28 6.44
C ASN D 2085 -11.94 50.57 6.19
N ASN D 2086 -10.86 51.04 6.83
CA ASN D 2086 -9.57 50.39 6.65
C ASN D 2086 -9.55 49.01 7.29
N ALA D 2087 -10.23 48.82 8.42
CA ALA D 2087 -10.29 47.50 9.03
C ALA D 2087 -11.06 46.52 8.17
N SER D 2088 -12.18 46.95 7.58
CA SER D 2088 -12.95 46.10 6.68
C SER D 2088 -12.15 45.79 5.42
N LYS D 2089 -11.39 46.77 4.91
CA LYS D 2089 -10.54 46.53 3.76
C LYS D 2089 -9.45 45.51 4.07
N LEU D 2090 -8.88 45.57 5.27
CA LEU D 2090 -7.88 44.58 5.68
C LEU D 2090 -8.48 43.19 5.79
N LEU D 2091 -9.69 43.09 6.36
CA LEU D 2091 -10.36 41.80 6.46
C LEU D 2091 -10.70 41.23 5.08
N LEU D 2092 -11.06 42.09 4.13
CA LEU D 2092 -11.24 41.64 2.75
C LEU D 2092 -9.92 41.22 2.12
N ALA D 2093 -8.83 41.89 2.49
CA ALA D 2093 -7.53 41.53 1.95
C ALA D 2093 -7.06 40.17 2.46
N ILE D 2094 -7.43 39.82 3.69
CA ILE D 2094 -7.05 38.51 4.22
C ILE D 2094 -7.81 37.41 3.48
N MET D 2095 -9.12 37.57 3.30
CA MET D 2095 -9.93 36.67 2.49
C MET D 2095 -10.13 37.25 1.09
N GLU D 2096 -9.10 37.13 0.27
CA GLU D 2096 -9.15 37.69 -1.07
C GLU D 2096 -9.59 36.63 -2.08
N SER D 2097 -8.80 35.57 -2.23
CA SER D 2097 -9.20 34.39 -3.01
C SER D 2097 -8.45 33.20 -2.42
N ARG D 2098 -9.11 32.48 -1.52
CA ARG D 2098 -8.46 31.38 -0.82
C ARG D 2098 -9.09 30.03 -1.11
N HIS D 2099 -10.42 29.91 -0.95
CA HIS D 2099 -11.15 28.63 -1.03
C HIS D 2099 -10.58 27.62 -0.04
N ASP D 2100 -10.14 28.12 1.12
CA ASP D 2100 -9.51 27.32 2.15
C ASP D 2100 -10.27 27.50 3.45
N SER D 2101 -10.50 26.40 4.17
CA SER D 2101 -11.38 26.43 5.33
C SER D 2101 -10.79 27.16 6.52
N GLU D 2102 -9.55 26.84 6.93
CA GLU D 2102 -9.10 27.07 8.30
C GLU D 2102 -9.08 28.54 8.67
N ASN D 2103 -8.68 29.41 7.73
CA ASN D 2103 -8.60 30.83 8.03
C ASN D 2103 -9.98 31.46 8.10
N ALA D 2104 -11.02 30.77 7.62
CA ALA D 2104 -12.37 31.30 7.75
C ALA D 2104 -12.94 31.07 9.14
N GLU D 2105 -12.86 29.84 9.67
CA GLU D 2105 -13.35 29.66 11.03
C GLU D 2105 -12.38 30.23 12.05
N ARG D 2106 -11.13 30.48 11.69
CA ARG D 2106 -10.27 31.27 12.57
C ARG D 2106 -10.83 32.67 12.74
N ILE D 2107 -11.33 33.27 11.67
CA ILE D 2107 -12.04 34.54 11.77
C ILE D 2107 -13.38 34.33 12.47
N LEU D 2108 -14.10 33.27 12.10
CA LEU D 2108 -15.45 33.03 12.59
C LEU D 2108 -15.49 32.56 14.05
N TYR D 2109 -14.35 32.18 14.62
CA TYR D 2109 -14.34 31.73 16.01
C TYR D 2109 -14.63 32.87 16.98
N ASN D 2110 -14.35 34.11 16.57
CA ASN D 2110 -14.46 35.25 17.47
C ASN D 2110 -15.91 35.71 17.61
N MET D 2111 -16.53 36.10 16.51
CA MET D 2111 -17.86 36.69 16.57
C MET D 2111 -18.92 35.60 16.48
N ARG D 2112 -20.10 35.91 17.01
CA ARG D 2112 -21.29 35.19 16.63
C ARG D 2112 -21.82 35.78 15.32
N PRO D 2113 -22.61 35.02 14.56
CA PRO D 2113 -23.10 35.55 13.27
C PRO D 2113 -24.10 36.69 13.42
N LYS D 2114 -23.59 37.86 13.85
CA LYS D 2114 -24.38 39.08 13.94
C LYS D 2114 -23.93 40.11 12.92
N GLU D 2115 -23.19 39.69 11.88
CA GLU D 2115 -22.85 40.59 10.80
C GLU D 2115 -24.10 41.11 10.08
N LEU D 2116 -25.18 40.35 10.06
CA LEU D 2116 -26.40 40.83 9.41
C LEU D 2116 -27.02 41.97 10.18
N VAL D 2117 -27.07 41.89 11.51
CA VAL D 2117 -27.61 43.02 12.26
C VAL D 2117 -26.63 44.18 12.25
N GLU D 2118 -25.32 43.89 12.12
CA GLU D 2118 -24.34 44.96 11.98
C GLU D 2118 -24.56 45.74 10.68
N VAL D 2119 -24.76 45.03 9.57
CA VAL D 2119 -24.94 45.73 8.29
C VAL D 2119 -26.33 46.35 8.21
N ILE D 2120 -27.33 45.78 8.87
CA ILE D 2120 -28.66 46.39 8.91
C ILE D 2120 -28.60 47.73 9.65
N LYS D 2121 -27.95 47.73 10.82
CA LYS D 2121 -27.78 48.96 11.58
C LYS D 2121 -26.93 49.96 10.81
N LYS D 2122 -25.92 49.48 10.10
CA LYS D 2122 -24.97 50.38 9.47
C LYS D 2122 -25.61 51.01 8.25
N ALA D 2123 -26.48 50.26 7.56
CA ALA D 2123 -27.26 50.82 6.45
C ALA D 2123 -28.32 51.80 6.96
N TYR D 2124 -28.96 51.48 8.09
CA TYR D 2124 -29.94 52.41 8.66
C TYR D 2124 -29.29 53.67 9.22
N MET D 2125 -27.98 53.66 9.44
CA MET D 2125 -27.27 54.90 9.79
C MET D 2125 -27.16 55.88 8.63
N GLN D 2126 -27.54 55.48 7.41
CA GLN D 2126 -27.56 56.39 6.27
C GLN D 2126 -28.86 57.19 6.19
N GLY D 2127 -29.88 56.83 6.98
CA GLY D 2127 -31.21 57.38 6.81
C GLY D 2127 -31.37 58.84 7.19
N GLU D 2128 -30.51 59.36 8.08
CA GLU D 2128 -30.70 60.72 8.55
C GLU D 2128 -30.18 61.78 7.57
N VAL D 2129 -29.46 61.39 6.52
CA VAL D 2129 -29.00 62.36 5.54
C VAL D 2129 -29.79 62.21 4.24
N ALA D 2141 -16.04 56.01 -1.64
CA ALA D 2141 -15.44 57.00 -0.77
C ALA D 2141 -15.68 56.66 0.70
N ALA D 2142 -15.42 57.63 1.58
CA ALA D 2142 -15.65 57.46 3.01
C ALA D 2142 -17.10 57.83 3.30
N SER D 2143 -18.01 56.88 3.06
CA SER D 2143 -19.43 57.09 3.27
C SER D 2143 -19.95 55.91 4.07
N PRO D 2144 -21.01 56.10 4.88
CA PRO D 2144 -21.46 55.01 5.76
C PRO D 2144 -22.03 53.81 5.04
N ARG D 2145 -22.58 53.97 3.84
CA ARG D 2145 -23.23 52.84 3.18
C ARG D 2145 -22.22 51.88 2.57
N ASN D 2146 -21.07 52.38 2.10
CA ASN D 2146 -20.09 51.51 1.47
C ASN D 2146 -19.40 50.60 2.49
N VAL D 2147 -19.27 51.06 3.73
CA VAL D 2147 -18.66 50.23 4.78
C VAL D 2147 -19.49 48.98 5.02
N GLY D 2148 -20.80 49.14 5.21
CA GLY D 2148 -21.68 48.00 5.36
C GLY D 2148 -21.69 47.09 4.16
N HIS D 2149 -21.46 47.64 2.97
CA HIS D 2149 -21.30 46.82 1.78
C HIS D 2149 -20.03 45.98 1.85
N ASN D 2150 -18.96 46.55 2.41
CA ASN D 2150 -17.72 45.76 2.58
C ASN D 2150 -17.92 44.62 3.57
N ILE D 2151 -18.55 44.89 4.70
CA ILE D 2151 -18.85 43.78 5.63
C ILE D 2151 -19.84 42.79 5.00
N TYR D 2152 -20.77 43.25 4.16
CA TYR D 2152 -21.66 42.30 3.48
C TYR D 2152 -20.89 41.38 2.54
N ILE D 2153 -19.92 41.93 1.79
CA ILE D 2153 -19.11 41.11 0.90
C ILE D 2153 -18.27 40.12 1.71
N LEU D 2154 -17.73 40.56 2.84
CA LEU D 2154 -16.95 39.66 3.69
C LEU D 2154 -17.82 38.54 4.26
N ALA D 2155 -19.03 38.86 4.68
CA ALA D 2155 -19.94 37.84 5.21
C ALA D 2155 -20.42 36.90 4.12
N HIS D 2156 -20.57 37.41 2.89
CA HIS D 2156 -20.89 36.55 1.76
C HIS D 2156 -19.76 35.57 1.49
N GLN D 2157 -18.51 36.02 1.59
CA GLN D 2157 -17.37 35.14 1.40
C GLN D 2157 -17.25 34.13 2.52
N LEU D 2158 -17.59 34.54 3.75
CA LEU D 2158 -17.50 33.63 4.89
C LEU D 2158 -18.65 32.63 4.95
N ALA D 2159 -19.74 32.88 4.21
CA ALA D 2159 -20.92 32.04 4.32
C ALA D 2159 -20.76 30.69 3.64
N ARG D 2160 -19.78 30.53 2.75
CA ARG D 2160 -19.61 29.26 2.05
C ARG D 2160 -19.01 28.18 2.93
N HIS D 2161 -18.44 28.53 4.07
CA HIS D 2161 -17.96 27.56 5.04
C HIS D 2161 -18.91 27.37 6.20
N ASN D 2162 -19.55 28.44 6.68
CA ASN D 2162 -20.53 28.35 7.74
C ASN D 2162 -21.90 28.12 7.12
N LYS D 2163 -22.38 26.89 7.17
CA LYS D 2163 -23.73 26.60 6.69
C LYS D 2163 -24.79 27.26 7.55
N GLU D 2164 -24.48 27.45 8.84
CA GLU D 2164 -25.41 28.11 9.75
C GLU D 2164 -25.58 29.58 9.38
N LEU D 2165 -24.51 30.24 8.95
CA LEU D 2165 -24.60 31.62 8.49
C LEU D 2165 -25.26 31.72 7.11
N GLN D 2166 -25.10 30.68 6.28
CA GLN D 2166 -25.60 30.72 4.91
C GLN D 2166 -27.12 30.78 4.88
N THR D 2167 -27.78 30.08 5.81
CA THR D 2167 -29.23 29.97 5.82
C THR D 2167 -29.92 31.16 6.49
N MET D 2168 -29.25 32.30 6.61
CA MET D 2168 -29.88 33.52 7.09
C MET D 2168 -29.49 34.78 6.32
N LEU D 2169 -28.69 34.68 5.26
CA LEU D 2169 -28.54 35.80 4.34
C LEU D 2169 -29.38 35.61 3.09
N LYS D 2170 -29.40 34.40 2.55
CA LYS D 2170 -30.25 34.08 1.40
C LYS D 2170 -31.75 34.22 1.69
N PRO D 2171 -32.35 33.59 2.74
CA PRO D 2171 -33.82 33.56 2.81
C PRO D 2171 -34.45 34.82 3.38
N GLY D 2172 -33.69 35.93 3.40
CA GLY D 2172 -34.19 37.18 3.95
C GLY D 2172 -35.29 37.87 3.17
N GLY D 2173 -35.83 37.22 2.15
CA GLY D 2173 -36.97 37.79 1.44
C GLY D 2173 -38.23 37.86 2.27
N GLN D 2174 -38.43 36.87 3.14
CA GLN D 2174 -39.64 36.77 3.93
C GLN D 2174 -39.53 37.39 5.32
N VAL D 2175 -38.41 38.05 5.62
CA VAL D 2175 -38.24 38.72 6.91
C VAL D 2175 -38.41 40.22 6.72
N ASP D 2176 -38.55 40.92 7.84
CA ASP D 2176 -38.77 42.36 7.82
C ASP D 2176 -37.50 43.15 7.47
N GLY D 2177 -36.32 42.58 7.69
CA GLY D 2177 -35.09 43.26 7.35
C GLY D 2177 -34.80 43.18 5.86
N ASP D 2178 -35.55 43.93 5.07
CA ASP D 2178 -35.49 43.80 3.63
C ASP D 2178 -34.55 44.81 2.97
N GLU D 2179 -34.47 46.02 3.54
CA GLU D 2179 -33.74 47.11 2.89
C GLU D 2179 -32.27 46.76 2.73
N ALA D 2180 -31.57 46.56 3.84
CA ALA D 2180 -30.12 46.32 3.80
C ALA D 2180 -29.79 45.03 3.05
N LEU D 2181 -30.50 43.94 3.37
CA LEU D 2181 -30.16 42.63 2.80
C LEU D 2181 -30.38 42.58 1.29
N GLU D 2182 -31.57 42.98 0.82
CA GLU D 2182 -31.78 42.93 -0.62
C GLU D 2182 -31.11 44.08 -1.37
N PHE D 2183 -30.81 45.20 -0.71
CA PHE D 2183 -29.99 46.22 -1.36
C PHE D 2183 -28.58 45.71 -1.62
N TYR D 2184 -27.95 45.13 -0.59
CA TYR D 2184 -26.59 44.65 -0.72
C TYR D 2184 -26.51 43.39 -1.56
N ALA D 2185 -27.59 42.59 -1.61
CA ALA D 2185 -27.61 41.44 -2.51
C ALA D 2185 -27.84 41.86 -3.95
N LYS D 2186 -28.61 42.93 -4.17
CA LYS D 2186 -28.82 43.44 -5.52
C LYS D 2186 -27.56 44.08 -6.09
N HIS D 2187 -26.80 44.78 -5.24
CA HIS D 2187 -25.65 45.54 -5.73
C HIS D 2187 -24.33 44.78 -5.61
N THR D 2188 -24.36 43.46 -5.56
CA THR D 2188 -23.16 42.65 -5.43
C THR D 2188 -23.10 41.61 -6.54
N ALA D 2189 -21.99 41.57 -7.25
CA ALA D 2189 -21.77 40.63 -8.35
C ALA D 2189 -20.66 39.64 -7.97
N GLN D 2190 -20.31 38.78 -8.93
CA GLN D 2190 -19.41 37.67 -8.67
C GLN D 2190 -18.90 37.14 -10.00
N ILE D 2191 -17.59 36.92 -10.10
CA ILE D 2191 -16.90 36.64 -11.35
C ILE D 2191 -15.79 35.63 -11.08
N GLU D 2192 -15.42 34.85 -12.08
CA GLU D 2192 -14.31 33.91 -11.97
C GLU D 2192 -13.29 34.19 -13.07
N ILE D 2193 -12.01 34.26 -12.69
CA ILE D 2193 -10.93 34.58 -13.62
C ILE D 2193 -9.87 33.48 -13.59
N VAL D 2194 -8.89 33.58 -14.48
CA VAL D 2194 -7.76 32.65 -14.56
C VAL D 2194 -6.48 33.48 -14.58
N ARG D 2195 -5.55 33.15 -13.68
CA ARG D 2195 -4.28 33.87 -13.59
C ARG D 2195 -3.21 33.22 -14.46
N LEU D 2196 -1.95 33.66 -14.27
CA LEU D 2196 -0.85 33.19 -15.11
C LEU D 2196 -0.58 31.70 -14.94
N ASP D 2197 -0.67 31.18 -13.71
CA ASP D 2197 -0.41 29.78 -13.44
C ASP D 2197 -1.60 28.88 -13.74
N ARG D 2198 -2.58 29.39 -14.51
CA ARG D 2198 -3.76 28.64 -14.95
C ARG D 2198 -4.57 28.13 -13.76
N THR D 2199 -4.69 28.98 -12.74
CA THR D 2199 -5.49 28.67 -11.56
C THR D 2199 -6.73 29.55 -11.55
N MET D 2200 -7.83 28.98 -11.07
CA MET D 2200 -9.13 29.66 -11.09
C MET D 2200 -9.41 30.22 -9.71
N GLU D 2201 -9.67 31.53 -9.63
CA GLU D 2201 -10.02 32.16 -8.38
C GLU D 2201 -11.25 33.02 -8.58
N GLN D 2202 -12.01 33.19 -7.50
CA GLN D 2202 -13.33 33.81 -7.53
C GLN D 2202 -13.30 35.18 -6.86
N ILE D 2203 -13.88 36.18 -7.53
CA ILE D 2203 -13.84 37.57 -7.07
C ILE D 2203 -15.26 38.04 -6.80
N VAL D 2204 -15.47 38.65 -5.64
CA VAL D 2204 -16.74 39.29 -5.28
C VAL D 2204 -16.48 40.79 -5.20
N PHE D 2205 -17.28 41.57 -5.92
CA PHE D 2205 -17.05 43.00 -6.06
C PHE D 2205 -18.39 43.72 -6.05
N PRO D 2206 -18.40 45.01 -5.68
CA PRO D 2206 -19.61 45.82 -5.86
C PRO D 2206 -19.77 46.29 -7.28
N VAL D 2207 -21.01 46.33 -7.76
CA VAL D 2207 -21.28 46.81 -9.11
C VAL D 2207 -21.16 48.33 -9.12
N PRO D 2208 -20.73 48.93 -10.22
CA PRO D 2208 -20.76 50.39 -10.33
C PRO D 2208 -22.19 50.90 -10.35
N SER D 2209 -22.33 52.16 -9.91
CA SER D 2209 -23.64 52.79 -9.93
C SER D 2209 -24.12 53.12 -11.34
N ILE D 2210 -23.21 53.16 -12.32
CA ILE D 2210 -23.59 53.50 -13.68
C ILE D 2210 -24.07 52.29 -14.47
N CYS D 2211 -23.85 51.08 -13.96
CA CYS D 2211 -24.23 49.88 -14.70
C CYS D 2211 -25.73 49.63 -14.67
N GLU D 2212 -26.46 50.24 -13.74
CA GLU D 2212 -27.91 50.10 -13.72
C GLU D 2212 -28.58 51.00 -14.75
N PHE D 2213 -27.84 51.91 -15.37
CA PHE D 2213 -28.38 52.79 -16.40
C PHE D 2213 -28.22 52.20 -17.80
N LEU D 2214 -28.68 50.97 -17.97
CA LEU D 2214 -28.56 50.25 -19.23
C LEU D 2214 -29.92 49.68 -19.61
N THR D 2215 -30.35 49.97 -20.83
CA THR D 2215 -31.65 49.49 -21.29
C THR D 2215 -31.62 47.99 -21.53
N LYS D 2216 -32.74 47.33 -21.23
CA LYS D 2216 -32.79 45.87 -21.37
C LYS D 2216 -32.89 45.41 -22.81
N GLU D 2217 -33.39 46.26 -23.72
CA GLU D 2217 -33.42 45.89 -25.13
C GLU D 2217 -32.01 45.82 -25.71
N SER D 2218 -31.11 46.71 -25.26
CA SER D 2218 -29.71 46.60 -25.65
C SER D 2218 -29.07 45.36 -25.06
N LYS D 2219 -29.46 44.97 -23.85
CA LYS D 2219 -28.98 43.73 -23.26
C LYS D 2219 -29.40 42.52 -24.08
N LEU D 2220 -30.66 42.50 -24.52
CA LEU D 2220 -31.14 41.41 -25.37
C LEU D 2220 -30.43 41.39 -26.72
N ARG D 2221 -30.16 42.57 -27.27
CA ARG D 2221 -29.42 42.65 -28.53
C ARG D 2221 -28.01 42.08 -28.38
N ILE D 2222 -27.34 42.40 -27.28
CA ILE D 2222 -25.98 41.88 -27.07
C ILE D 2222 -26.02 40.37 -26.83
N TYR D 2223 -27.04 39.89 -26.12
CA TYR D 2223 -27.18 38.46 -25.86
C TYR D 2223 -27.45 37.67 -27.14
N TYR D 2224 -28.22 38.22 -28.07
CA TYR D 2224 -28.61 37.45 -29.24
C TYR D 2224 -27.62 37.62 -30.40
N THR D 2225 -27.20 38.86 -30.69
CA THR D 2225 -26.46 39.12 -31.91
C THR D 2225 -24.98 38.78 -31.81
N THR D 2226 -24.47 38.41 -30.64
CA THR D 2226 -23.07 38.03 -30.53
C THR D 2226 -22.84 36.67 -31.17
N GLU D 2227 -21.79 36.57 -31.99
CA GLU D 2227 -21.50 35.37 -32.75
C GLU D 2227 -20.14 34.82 -32.35
N ARG D 2228 -19.99 33.49 -32.48
CA ARG D 2228 -18.76 32.83 -32.13
C ARG D 2228 -17.79 32.82 -33.30
N ASP D 2229 -16.50 32.76 -32.97
CA ASP D 2229 -15.44 32.75 -33.97
C ASP D 2229 -15.08 31.30 -34.31
N GLU D 2230 -13.95 31.12 -34.99
CA GLU D 2230 -13.57 29.79 -35.49
C GLU D 2230 -13.21 28.84 -34.36
N GLN D 2231 -12.78 29.37 -33.21
CA GLN D 2231 -12.45 28.56 -32.05
C GLN D 2231 -13.66 28.26 -31.17
N GLY D 2232 -14.83 28.77 -31.53
CA GLY D 2232 -16.04 28.49 -30.76
C GLY D 2232 -16.09 29.22 -29.44
N SER D 2233 -15.99 30.54 -29.47
CA SER D 2233 -16.07 31.36 -28.27
C SER D 2233 -16.72 32.69 -28.61
N LYS D 2234 -17.53 33.19 -27.70
CA LYS D 2234 -18.26 34.43 -27.95
C LYS D 2234 -17.64 35.64 -27.27
N ILE D 2235 -16.53 35.48 -26.54
CA ILE D 2235 -16.01 36.57 -25.73
C ILE D 2235 -15.29 37.62 -26.56
N ASN D 2236 -14.74 37.25 -27.72
CA ASN D 2236 -13.94 38.17 -28.52
C ASN D 2236 -14.79 39.32 -29.07
N ASP D 2237 -15.99 39.02 -29.56
CA ASP D 2237 -16.89 40.09 -29.99
C ASP D 2237 -17.62 40.71 -28.81
N PHE D 2238 -17.74 39.95 -27.71
CA PHE D 2238 -18.37 40.46 -26.50
C PHE D 2238 -17.58 41.60 -25.89
N PHE D 2239 -16.25 41.59 -26.05
CA PHE D 2239 -15.44 42.69 -25.52
C PHE D 2239 -15.74 44.01 -26.25
N LEU D 2240 -15.81 43.98 -27.58
CA LEU D 2240 -16.12 45.17 -28.36
C LEU D 2240 -17.53 45.67 -28.05
N ARG D 2241 -18.49 44.75 -27.95
CA ARG D 2241 -19.84 45.14 -27.58
C ARG D 2241 -19.90 45.71 -26.18
N SER D 2242 -19.03 45.23 -25.29
CA SER D 2242 -18.95 45.78 -23.93
C SER D 2242 -18.46 47.22 -23.94
N GLU D 2243 -17.46 47.53 -24.77
CA GLU D 2243 -17.00 48.91 -24.88
C GLU D 2243 -18.10 49.83 -25.40
N ASP D 2244 -18.84 49.38 -26.43
CA ASP D 2244 -19.96 50.16 -26.94
C ASP D 2244 -21.05 50.32 -25.89
N LEU D 2245 -21.27 49.29 -25.06
CA LEU D 2245 -22.25 49.38 -23.98
C LEU D 2245 -21.81 50.38 -22.92
N PHE D 2246 -20.51 50.47 -22.67
CA PHE D 2246 -20.00 51.46 -21.72
C PHE D 2246 -20.28 52.88 -22.19
N ASN D 2247 -20.02 53.15 -23.47
CA ASN D 2247 -20.32 54.48 -24.01
C ASN D 2247 -21.83 54.75 -24.00
N GLU D 2248 -22.63 53.72 -24.25
CA GLU D 2248 -24.09 53.87 -24.22
C GLU D 2248 -24.59 54.19 -22.82
N MET D 2249 -24.02 53.55 -21.80
CA MET D 2249 -24.41 53.83 -20.42
C MET D 2249 -24.00 55.23 -20.00
N ASN D 2250 -22.82 55.68 -20.45
CA ASN D 2250 -22.39 57.06 -20.19
C ASN D 2250 -23.40 58.05 -20.77
N TRP D 2251 -23.79 57.85 -22.03
CA TRP D 2251 -24.76 58.76 -22.64
C TRP D 2251 -26.14 58.67 -21.99
N GLN D 2252 -26.54 57.47 -21.54
CA GLN D 2252 -27.83 57.33 -20.87
C GLN D 2252 -27.85 58.10 -19.55
N LYS D 2253 -26.76 58.03 -18.78
CA LYS D 2253 -26.67 58.80 -17.55
C LYS D 2253 -26.68 60.29 -17.83
N LYS D 2254 -26.02 60.71 -18.91
CA LYS D 2254 -26.06 62.13 -19.28
C LYS D 2254 -27.47 62.56 -19.69
N LEU D 2255 -28.19 61.69 -20.40
CA LEU D 2255 -29.51 62.03 -20.93
C LEU D 2255 -30.59 62.03 -19.86
N ARG D 2256 -30.42 61.24 -18.80
CA ARG D 2256 -31.49 61.09 -17.80
C ARG D 2256 -31.84 62.39 -17.07
N ALA D 2257 -30.96 63.40 -17.12
CA ALA D 2257 -31.22 64.66 -16.45
C ALA D 2257 -32.36 65.44 -17.11
N GLN D 2258 -32.40 65.46 -18.46
CA GLN D 2258 -33.41 66.26 -19.16
C GLN D 2258 -34.77 65.60 -19.07
N PRO D 2259 -35.81 66.33 -18.66
CA PRO D 2259 -37.14 65.72 -18.53
C PRO D 2259 -37.86 65.49 -19.86
N VAL D 2260 -37.80 66.45 -20.78
CA VAL D 2260 -38.60 66.36 -21.99
C VAL D 2260 -37.91 65.54 -23.07
N LEU D 2261 -36.58 65.66 -23.18
CA LEU D 2261 -35.86 64.86 -24.17
C LEU D 2261 -35.90 63.38 -23.82
N TYR D 2262 -35.83 63.06 -22.53
CA TYR D 2262 -35.97 61.68 -22.11
C TYR D 2262 -37.39 61.17 -22.34
N TRP D 2263 -38.39 62.04 -22.23
CA TRP D 2263 -39.76 61.64 -22.55
C TRP D 2263 -39.93 61.35 -24.03
N CYS D 2264 -39.30 62.16 -24.89
CA CYS D 2264 -39.37 61.90 -26.32
C CYS D 2264 -38.59 60.64 -26.70
N ALA D 2265 -37.41 60.44 -26.11
CA ALA D 2265 -36.60 59.28 -26.44
C ALA D 2265 -37.13 57.99 -25.82
N ARG D 2266 -37.97 58.10 -24.80
CA ARG D 2266 -38.53 56.93 -24.15
C ARG D 2266 -39.72 56.35 -24.90
N ASN D 2267 -40.24 57.04 -25.91
CA ASN D 2267 -41.49 56.67 -26.54
C ASN D 2267 -41.34 56.59 -28.06
N MET D 2268 -40.25 55.98 -28.53
CA MET D 2268 -40.01 55.87 -29.97
C MET D 2268 -41.04 54.97 -30.64
N SER D 2269 -41.47 53.92 -29.96
CA SER D 2269 -42.36 52.93 -30.55
C SER D 2269 -43.70 53.54 -30.91
N PHE D 2270 -44.20 54.44 -30.08
CA PHE D 2270 -45.49 55.09 -30.35
C PHE D 2270 -45.42 55.95 -31.61
N TRP D 2271 -44.35 56.75 -31.74
CA TRP D 2271 -44.21 57.60 -32.92
C TRP D 2271 -44.05 56.76 -34.19
N SER D 2272 -43.21 55.71 -34.13
CA SER D 2272 -43.00 54.87 -35.30
C SER D 2272 -44.27 54.14 -35.70
N SER D 2273 -45.00 53.61 -34.72
CA SER D 2273 -46.24 52.89 -35.01
C SER D 2273 -47.29 53.81 -35.63
N ILE D 2274 -47.47 55.01 -35.08
CA ILE D 2274 -48.52 55.87 -35.63
C ILE D 2274 -48.11 56.40 -37.00
N SER D 2275 -46.81 56.64 -37.24
CA SER D 2275 -46.38 57.04 -38.56
C SER D 2275 -46.61 55.94 -39.59
N PHE D 2276 -46.28 54.70 -39.23
CA PHE D 2276 -46.53 53.56 -40.11
C PHE D 2276 -48.01 53.42 -40.44
N ASN D 2277 -48.86 53.48 -39.40
CA ASN D 2277 -50.29 53.27 -39.60
C ASN D 2277 -50.90 54.35 -40.47
N LEU D 2278 -50.56 55.62 -40.21
CA LEU D 2278 -51.24 56.65 -40.99
C LEU D 2278 -50.64 56.76 -42.38
N ALA D 2279 -49.38 56.35 -42.60
CA ALA D 2279 -48.87 56.28 -43.96
C ALA D 2279 -49.51 55.13 -44.75
N VAL D 2280 -49.80 54.01 -44.08
CA VAL D 2280 -50.56 52.93 -44.72
C VAL D 2280 -51.94 53.42 -45.12
N LEU D 2281 -52.61 54.14 -44.20
CA LEU D 2281 -53.94 54.66 -44.52
C LEU D 2281 -53.89 55.72 -45.62
N MET D 2282 -52.81 56.49 -45.68
CA MET D 2282 -52.64 57.48 -46.73
C MET D 2282 -52.47 56.82 -48.10
N ASN D 2283 -51.70 55.73 -48.14
CA ASN D 2283 -51.54 54.98 -49.40
C ASN D 2283 -52.87 54.34 -49.82
N LEU D 2284 -53.64 53.83 -48.86
CA LEU D 2284 -54.94 53.28 -49.19
C LEU D 2284 -55.90 54.36 -49.67
N LEU D 2285 -55.78 55.57 -49.14
CA LEU D 2285 -56.63 56.67 -49.59
C LEU D 2285 -56.28 57.10 -51.01
N VAL D 2286 -54.99 57.20 -51.33
CA VAL D 2286 -54.63 57.61 -52.69
C VAL D 2286 -54.86 56.49 -53.69
N ALA D 2287 -54.85 55.23 -53.24
CA ALA D 2287 -54.95 54.10 -54.18
C ALA D 2287 -56.35 53.95 -54.74
N PHE D 2288 -57.38 54.11 -53.89
CA PHE D 2288 -58.74 53.80 -54.30
C PHE D 2288 -59.27 54.79 -55.32
N PHE D 2289 -59.04 56.08 -55.10
CA PHE D 2289 -59.50 57.12 -56.02
C PHE D 2289 -58.40 58.15 -56.20
N TYR D 2290 -57.72 58.09 -57.35
CA TYR D 2290 -56.65 59.04 -57.62
C TYR D 2290 -57.13 60.39 -58.14
N PRO D 2291 -57.95 60.51 -59.20
CA PRO D 2291 -58.15 61.83 -59.81
C PRO D 2291 -58.89 62.85 -58.94
N PHE D 2292 -59.48 62.43 -57.81
CA PHE D 2292 -60.07 63.31 -56.81
C PHE D 2292 -61.22 64.13 -57.39
N LYS D 2293 -62.12 63.45 -58.11
CA LYS D 2293 -63.24 64.13 -58.74
C LYS D 2293 -64.52 64.06 -57.91
N GLY D 2294 -64.58 63.17 -56.92
CA GLY D 2294 -65.77 63.06 -56.10
C GLY D 2294 -65.64 61.89 -55.14
N VAL D 2295 -66.67 61.76 -54.30
CA VAL D 2295 -66.71 60.70 -53.30
C VAL D 2295 -68.06 60.01 -53.39
N ARG D 2296 -69.02 60.65 -54.07
CA ARG D 2296 -70.38 60.14 -54.14
C ARG D 2296 -70.45 58.87 -54.99
N GLY D 2297 -69.59 58.76 -56.00
CA GLY D 2297 -69.59 57.57 -56.83
C GLY D 2297 -69.02 56.37 -56.09
N GLY D 2298 -69.58 55.20 -56.37
CA GLY D 2298 -69.12 53.98 -55.74
C GLY D 2298 -69.93 52.75 -56.10
N THR D 2299 -69.26 51.60 -56.14
CA THR D 2299 -69.92 50.32 -56.35
C THR D 2299 -70.38 49.68 -55.04
N LEU D 2300 -70.31 50.43 -53.93
CA LEU D 2300 -70.74 49.97 -52.62
C LEU D 2300 -72.26 50.05 -52.48
N GLU D 2301 -72.75 50.00 -51.24
CA GLU D 2301 -74.17 50.06 -50.88
C GLU D 2301 -74.88 51.28 -51.47
N PRO D 2302 -76.23 51.30 -51.43
CA PRO D 2302 -77.01 52.27 -52.23
C PRO D 2302 -76.74 53.74 -51.93
N HIS D 2303 -76.20 54.03 -50.74
CA HIS D 2303 -75.73 55.37 -50.44
C HIS D 2303 -74.39 55.29 -49.72
N TRP D 2304 -73.49 56.20 -50.10
CA TRP D 2304 -72.23 56.35 -49.38
C TRP D 2304 -72.45 56.94 -47.99
N SER D 2305 -73.50 57.75 -47.83
CA SER D 2305 -73.85 58.27 -46.52
C SER D 2305 -74.30 57.17 -45.57
N GLY D 2306 -74.82 56.06 -46.09
CA GLY D 2306 -75.12 54.92 -45.25
C GLY D 2306 -73.87 54.30 -44.64
N LEU D 2307 -72.82 54.14 -45.45
CA LEU D 2307 -71.55 53.65 -44.93
C LEU D 2307 -70.91 54.67 -44.00
N LEU D 2308 -71.09 55.97 -44.29
CA LEU D 2308 -70.60 57.01 -43.39
C LEU D 2308 -71.29 56.96 -42.03
N TRP D 2309 -72.61 56.75 -42.02
CA TRP D 2309 -73.34 56.62 -40.76
C TRP D 2309 -72.96 55.34 -40.03
N THR D 2310 -72.69 54.26 -40.78
CA THR D 2310 -72.19 53.03 -40.17
C THR D 2310 -70.83 53.25 -39.52
N ALA D 2311 -69.96 54.02 -40.18
CA ALA D 2311 -68.66 54.34 -39.60
C ALA D 2311 -68.81 55.23 -38.37
N MET D 2312 -69.78 56.15 -38.39
CA MET D 2312 -70.05 56.98 -37.22
C MET D 2312 -70.58 56.14 -36.07
N LEU D 2313 -71.42 55.16 -36.35
CA LEU D 2313 -71.89 54.24 -35.32
C LEU D 2313 -70.75 53.39 -34.77
N ILE D 2314 -69.84 52.97 -35.63
CA ILE D 2314 -68.68 52.19 -35.18
C ILE D 2314 -67.78 53.05 -34.30
N SER D 2315 -67.58 54.32 -34.66
CA SER D 2315 -66.78 55.21 -33.84
C SER D 2315 -67.45 55.50 -32.51
N LEU D 2316 -68.78 55.66 -32.50
CA LEU D 2316 -69.52 55.85 -31.25
C LEU D 2316 -69.44 54.62 -30.36
N ALA D 2317 -69.48 53.43 -30.95
CA ALA D 2317 -69.35 52.20 -30.17
C ALA D 2317 -67.94 52.02 -29.65
N ILE D 2318 -66.93 52.45 -30.41
CA ILE D 2318 -65.55 52.35 -29.96
C ILE D 2318 -65.17 53.42 -28.95
N VAL D 2319 -65.90 54.54 -28.90
CA VAL D 2319 -65.64 55.59 -27.92
C VAL D 2319 -66.18 55.26 -26.54
N ILE D 2320 -66.83 54.12 -26.37
CA ILE D 2320 -67.38 53.72 -25.08
C ILE D 2320 -66.79 52.37 -24.69
N ALA D 2321 -65.74 51.95 -25.40
CA ALA D 2321 -65.10 50.67 -25.14
C ALA D 2321 -64.08 50.84 -24.00
N LEU D 2322 -63.23 49.82 -23.81
CA LEU D 2322 -62.18 49.92 -22.81
C LEU D 2322 -61.11 50.91 -23.25
N PRO D 2323 -60.38 51.51 -22.31
CA PRO D 2323 -59.40 52.53 -22.64
C PRO D 2323 -58.15 51.92 -23.27
N LYS D 2324 -58.03 52.05 -24.60
CA LYS D 2324 -56.92 51.60 -25.43
C LYS D 2324 -56.63 50.12 -25.25
N PRO D 2325 -57.64 49.26 -25.13
CA PRO D 2325 -57.36 47.81 -25.13
C PRO D 2325 -57.34 47.23 -26.53
N HIS D 2326 -58.12 47.83 -27.42
CA HIS D 2326 -58.28 47.39 -28.81
C HIS D 2326 -59.08 48.45 -29.55
N GLY D 2327 -58.97 48.42 -30.88
CA GLY D 2327 -59.75 49.31 -31.71
C GLY D 2327 -59.35 50.77 -31.63
N ILE D 2328 -58.10 51.05 -31.25
CA ILE D 2328 -57.62 52.42 -31.21
C ILE D 2328 -57.51 53.01 -32.61
N ARG D 2329 -57.04 52.21 -33.57
CA ARG D 2329 -56.96 52.65 -34.95
C ARG D 2329 -58.32 52.68 -35.62
N ALA D 2330 -59.30 51.94 -35.11
CA ALA D 2330 -60.63 51.90 -35.72
C ALA D 2330 -61.34 53.24 -35.61
N LEU D 2331 -61.30 53.85 -34.41
CA LEU D 2331 -61.94 55.14 -34.22
C LEU D 2331 -61.26 56.24 -35.03
N ILE D 2332 -59.93 56.20 -35.11
CA ILE D 2332 -59.19 57.19 -35.89
C ILE D 2332 -59.49 57.03 -37.38
N ALA D 2333 -59.57 55.78 -37.85
CA ALA D 2333 -59.92 55.54 -39.25
C ALA D 2333 -61.33 56.00 -39.56
N SER D 2334 -62.27 55.76 -38.64
CA SER D 2334 -63.65 56.21 -38.83
C SER D 2334 -63.72 57.74 -38.83
N THR D 2335 -62.94 58.40 -37.96
CA THR D 2335 -62.92 59.86 -37.95
C THR D 2335 -62.33 60.42 -39.24
N ILE D 2336 -61.27 59.79 -39.75
CA ILE D 2336 -60.66 60.23 -41.01
C ILE D 2336 -61.61 60.02 -42.18
N LEU D 2337 -62.38 58.92 -42.15
CA LEU D 2337 -63.36 58.68 -43.20
C LEU D 2337 -64.51 59.68 -43.12
N ARG D 2338 -64.94 60.02 -41.91
CA ARG D 2338 -66.01 61.00 -41.75
C ARG D 2338 -65.57 62.39 -42.18
N LEU D 2339 -64.31 62.76 -41.89
CA LEU D 2339 -63.80 64.05 -42.34
C LEU D 2339 -63.63 64.09 -43.85
N ILE D 2340 -63.51 62.92 -44.50
CA ILE D 2340 -63.31 62.87 -45.94
C ILE D 2340 -64.55 63.32 -46.70
N PHE D 2341 -65.75 63.07 -46.17
CA PHE D 2341 -66.98 63.44 -46.87
C PHE D 2341 -67.43 64.86 -46.55
N SER D 2342 -67.13 65.36 -45.35
CA SER D 2342 -67.58 66.69 -44.97
C SER D 2342 -66.83 67.78 -45.74
N VAL D 2343 -65.50 67.69 -45.79
CA VAL D 2343 -64.66 68.67 -46.46
C VAL D 2343 -64.04 67.95 -47.66
N GLY D 2344 -63.46 68.73 -48.57
CA GLY D 2344 -62.84 68.17 -49.76
C GLY D 2344 -61.68 67.25 -49.44
N LEU D 2345 -61.40 66.35 -50.39
CA LEU D 2345 -60.42 65.30 -50.14
C LEU D 2345 -58.99 65.84 -50.16
N GLN D 2346 -58.70 66.80 -51.04
CA GLN D 2346 -57.39 67.42 -51.05
C GLN D 2346 -57.04 68.16 -49.76
N PRO D 2347 -57.93 68.94 -49.11
CA PRO D 2347 -57.60 69.44 -47.77
C PRO D 2347 -57.33 68.35 -46.74
N THR D 2348 -58.07 67.24 -46.81
CA THR D 2348 -57.84 66.13 -45.87
C THR D 2348 -56.47 65.50 -46.09
N LEU D 2349 -56.08 65.33 -47.36
CA LEU D 2349 -54.77 64.76 -47.66
C LEU D 2349 -53.65 65.71 -47.29
N PHE D 2350 -53.86 67.02 -47.46
CA PHE D 2350 -52.85 67.99 -47.01
C PHE D 2350 -52.69 67.96 -45.50
N LEU D 2351 -53.81 67.87 -44.76
CA LEU D 2351 -53.74 67.77 -43.31
C LEU D 2351 -53.03 66.50 -42.87
N LEU D 2352 -53.33 65.37 -43.52
CA LEU D 2352 -52.69 64.11 -43.17
C LEU D 2352 -51.20 64.13 -43.50
N GLY D 2353 -50.82 64.74 -44.62
CA GLY D 2353 -49.41 64.86 -44.95
C GLY D 2353 -48.65 65.75 -43.99
N ALA D 2354 -49.26 66.86 -43.57
CA ALA D 2354 -48.62 67.72 -42.56
C ALA D 2354 -48.47 67.00 -41.24
N PHE D 2355 -49.49 66.21 -40.85
CA PHE D 2355 -49.40 65.43 -39.62
C PHE D 2355 -48.28 64.40 -39.71
N ASN D 2356 -48.13 63.74 -40.87
CA ASN D 2356 -47.08 62.76 -41.02
C ASN D 2356 -45.69 63.41 -41.00
N VAL D 2357 -45.55 64.59 -41.62
CA VAL D 2357 -44.23 65.20 -41.65
C VAL D 2357 -43.85 65.77 -40.28
N CYS D 2358 -44.82 66.25 -39.49
CA CYS D 2358 -44.48 66.70 -38.14
C CYS D 2358 -44.18 65.50 -37.24
N ASN D 2359 -44.89 64.39 -37.45
CA ASN D 2359 -44.60 63.15 -36.75
C ASN D 2359 -43.19 62.66 -37.07
N LYS D 2360 -42.79 62.74 -38.34
CA LYS D 2360 -41.45 62.29 -38.69
C LYS D 2360 -40.37 63.21 -38.17
N ILE D 2361 -40.60 64.53 -38.16
CA ILE D 2361 -39.55 65.41 -37.66
C ILE D 2361 -39.47 65.39 -36.13
N ILE D 2362 -40.51 64.94 -35.42
CA ILE D 2362 -40.29 64.73 -33.99
C ILE D 2362 -39.73 63.33 -33.73
N PHE D 2363 -40.03 62.36 -34.59
CA PHE D 2363 -39.46 61.03 -34.42
C PHE D 2363 -37.97 61.01 -34.74
N LEU D 2364 -37.52 61.85 -35.66
CA LEU D 2364 -36.08 61.94 -35.93
C LEU D 2364 -35.32 62.47 -34.72
N MET D 2365 -35.88 63.48 -34.05
CA MET D 2365 -35.29 63.98 -32.82
C MET D 2365 -35.33 62.92 -31.73
N SER D 2366 -36.43 62.17 -31.63
CA SER D 2366 -36.54 61.10 -30.65
C SER D 2366 -35.52 60.00 -30.91
N PHE D 2367 -35.24 59.72 -32.19
CA PHE D 2367 -34.25 58.69 -32.52
C PHE D 2367 -32.84 59.15 -32.23
N VAL D 2368 -32.50 60.39 -32.61
CA VAL D 2368 -31.13 60.87 -32.37
C VAL D 2368 -30.90 61.17 -30.91
N GLY D 2369 -31.97 61.32 -30.12
CA GLY D 2369 -31.83 61.51 -28.69
C GLY D 2369 -31.19 60.36 -27.96
N ASN D 2370 -31.87 59.21 -27.88
CA ASN D 2370 -31.33 58.09 -27.11
C ASN D 2370 -30.13 57.45 -27.78
N CYS D 2371 -30.08 57.44 -29.11
CA CYS D 2371 -28.87 57.07 -29.83
C CYS D 2371 -27.99 58.31 -29.93
N GLY D 2372 -27.26 58.58 -28.85
CA GLY D 2372 -26.54 59.83 -28.72
C GLY D 2372 -25.29 59.97 -29.56
N THR D 2373 -25.42 59.77 -30.86
CA THR D 2373 -24.31 59.97 -31.79
C THR D 2373 -24.06 61.45 -32.07
N PHE D 2374 -25.09 62.30 -31.97
CA PHE D 2374 -24.98 63.70 -32.33
C PHE D 2374 -24.13 64.53 -31.37
N THR D 2375 -23.78 63.99 -30.20
CA THR D 2375 -22.97 64.74 -29.26
C THR D 2375 -21.47 64.64 -29.51
N ARG D 2376 -21.01 63.68 -30.32
CA ARG D 2376 -19.59 63.60 -30.62
C ARG D 2376 -19.20 64.42 -31.84
N GLY D 2377 -20.19 64.99 -32.53
CA GLY D 2377 -19.92 65.80 -33.70
C GLY D 2377 -20.94 65.62 -34.80
N TYR D 2378 -20.51 65.78 -36.06
CA TYR D 2378 -21.39 65.67 -37.20
C TYR D 2378 -21.06 64.52 -38.13
N ARG D 2379 -19.79 64.15 -38.25
CA ARG D 2379 -19.37 63.14 -39.22
C ARG D 2379 -19.97 61.77 -38.90
N ALA D 2380 -20.04 61.42 -37.63
CA ALA D 2380 -20.54 60.09 -37.25
C ALA D 2380 -22.06 60.00 -37.45
N MET D 2381 -22.79 61.07 -37.16
CA MET D 2381 -24.23 61.04 -37.37
C MET D 2381 -24.59 61.18 -38.85
N VAL D 2382 -23.75 61.85 -39.63
CA VAL D 2382 -23.95 61.87 -41.08
C VAL D 2382 -23.67 60.51 -41.69
N LEU D 2383 -22.60 59.85 -41.25
CA LEU D 2383 -22.18 58.59 -41.85
C LEU D 2383 -23.07 57.41 -41.45
N ASP D 2384 -23.96 57.57 -40.47
CA ASP D 2384 -24.80 56.46 -40.03
C ASP D 2384 -25.84 56.11 -41.09
N VAL D 2385 -25.93 54.82 -41.42
CA VAL D 2385 -26.83 54.38 -42.49
C VAL D 2385 -28.29 54.46 -42.04
N GLU D 2386 -28.55 54.19 -40.76
CA GLU D 2386 -29.93 54.26 -40.27
C GLU D 2386 -30.44 55.70 -40.26
N PHE D 2387 -29.60 56.64 -39.85
CA PHE D 2387 -29.99 58.05 -39.87
C PHE D 2387 -30.19 58.54 -41.30
N LEU D 2388 -29.34 58.07 -42.22
CA LEU D 2388 -29.51 58.43 -43.64
C LEU D 2388 -30.80 57.86 -44.21
N TYR D 2389 -31.16 56.64 -43.81
CA TYR D 2389 -32.41 56.04 -44.27
C TYR D 2389 -33.62 56.82 -43.72
N HIS D 2390 -33.57 57.22 -42.45
CA HIS D 2390 -34.64 58.02 -41.88
C HIS D 2390 -34.73 59.39 -42.55
N LEU D 2391 -33.59 59.99 -42.87
CA LEU D 2391 -33.58 61.27 -43.57
C LEU D 2391 -34.15 61.14 -44.98
N LEU D 2392 -33.83 60.04 -45.68
CA LEU D 2392 -34.40 59.79 -47.00
C LEU D 2392 -35.90 59.60 -46.93
N TYR D 2393 -36.37 58.90 -45.89
CA TYR D 2393 -37.80 58.74 -45.66
C TYR D 2393 -38.47 60.10 -45.47
N LEU D 2394 -37.85 60.97 -44.67
CA LEU D 2394 -38.39 62.31 -44.45
C LEU D 2394 -38.40 63.12 -45.74
N LEU D 2395 -37.34 62.99 -46.55
CA LEU D 2395 -37.25 63.75 -47.80
C LEU D 2395 -38.33 63.32 -48.79
N ILE D 2396 -38.54 62.01 -48.94
CA ILE D 2396 -39.57 61.58 -49.89
C ILE D 2396 -40.97 61.80 -49.33
N CYS D 2397 -41.12 61.84 -48.01
CA CYS D 2397 -42.40 62.27 -47.43
C CYS D 2397 -42.68 63.73 -47.73
N ALA D 2398 -41.65 64.59 -47.63
CA ALA D 2398 -41.83 65.99 -47.98
C ALA D 2398 -42.16 66.16 -49.45
N MET D 2399 -41.51 65.37 -50.32
CA MET D 2399 -41.84 65.42 -51.75
C MET D 2399 -43.26 64.94 -52.02
N GLY D 2400 -43.70 63.88 -51.35
CA GLY D 2400 -45.05 63.41 -51.52
C GLY D 2400 -46.10 64.37 -50.96
N LEU D 2401 -45.71 65.19 -49.98
CA LEU D 2401 -46.60 66.24 -49.53
C LEU D 2401 -46.64 67.41 -50.50
N PHE D 2402 -45.49 67.73 -51.11
CA PHE D 2402 -45.38 68.95 -51.90
C PHE D 2402 -45.57 68.72 -53.40
N VAL D 2403 -44.99 67.67 -53.97
CA VAL D 2403 -45.15 67.41 -55.40
C VAL D 2403 -45.82 66.05 -55.61
N HIS D 2404 -47.08 66.11 -56.05
CA HIS D 2404 -47.94 65.00 -56.50
C HIS D 2404 -48.04 64.00 -55.33
N GLU D 2405 -48.32 62.72 -55.55
CA GLU D 2405 -48.68 61.86 -54.42
C GLU D 2405 -48.01 60.49 -54.38
N PHE D 2406 -47.38 60.06 -55.48
CA PHE D 2406 -46.94 58.66 -55.59
C PHE D 2406 -45.74 58.33 -54.70
N PHE D 2407 -45.12 59.32 -54.07
CA PHE D 2407 -43.98 59.05 -53.20
C PHE D 2407 -44.40 58.37 -51.90
N TYR D 2408 -45.68 58.42 -51.54
CA TYR D 2408 -46.18 57.59 -50.45
C TYR D 2408 -46.06 56.11 -50.81
N SER D 2409 -46.43 55.75 -52.04
CA SER D 2409 -46.21 54.40 -52.54
C SER D 2409 -44.73 54.07 -52.57
N LEU D 2410 -43.89 55.07 -52.86
CA LEU D 2410 -42.44 54.84 -52.83
C LEU D 2410 -41.96 54.48 -51.42
N LEU D 2411 -42.49 55.16 -50.39
CA LEU D 2411 -42.07 54.88 -49.01
C LEU D 2411 -42.80 53.69 -48.38
N LEU D 2412 -43.74 53.10 -49.10
CA LEU D 2412 -44.41 51.87 -48.62
C LEU D 2412 -43.42 50.72 -48.40
N PHE D 2413 -42.33 50.64 -49.18
CA PHE D 2413 -41.29 49.63 -48.90
C PHE D 2413 -40.65 49.83 -47.54
N ASP D 2414 -40.26 51.07 -47.23
CA ASP D 2414 -39.71 51.40 -45.92
C ASP D 2414 -40.71 51.11 -44.81
N LEU D 2415 -42.00 51.25 -45.12
CA LEU D 2415 -43.04 50.85 -44.18
C LEU D 2415 -43.01 49.35 -43.88
N VAL D 2416 -43.03 48.53 -44.93
CA VAL D 2416 -43.24 47.09 -44.71
C VAL D 2416 -41.94 46.35 -44.34
N TYR D 2417 -40.77 46.97 -44.51
CA TYR D 2417 -39.50 46.35 -44.12
C TYR D 2417 -39.10 46.58 -42.66
N ARG D 2418 -40.04 46.65 -41.73
CA ARG D 2418 -39.67 46.70 -40.32
C ARG D 2418 -39.48 45.34 -39.64
N GLU D 2419 -40.24 44.31 -40.03
CA GLU D 2419 -40.26 43.08 -39.25
C GLU D 2419 -39.22 42.09 -39.73
N GLU D 2420 -39.13 40.96 -39.01
CA GLU D 2420 -38.06 40.01 -39.17
C GLU D 2420 -38.39 38.86 -40.12
N THR D 2421 -39.64 38.40 -40.14
CA THR D 2421 -39.99 37.25 -40.98
C THR D 2421 -39.95 37.62 -42.47
N LEU D 2422 -40.49 38.78 -42.82
CA LEU D 2422 -40.41 39.24 -44.20
C LEU D 2422 -38.98 39.49 -44.61
N LEU D 2423 -38.17 40.08 -43.73
CA LEU D 2423 -36.76 40.27 -44.03
C LEU D 2423 -36.04 38.94 -44.22
N ASN D 2424 -36.42 37.93 -43.43
CA ASN D 2424 -35.83 36.61 -43.55
C ASN D 2424 -36.16 35.97 -44.90
N VAL D 2425 -37.40 36.08 -45.37
CA VAL D 2425 -37.70 35.47 -46.67
C VAL D 2425 -37.08 36.27 -47.82
N ILE D 2426 -37.08 37.60 -47.73
CA ILE D 2426 -36.49 38.42 -48.79
C ILE D 2426 -34.99 38.16 -48.92
N LYS D 2427 -34.30 37.94 -47.82
CA LYS D 2427 -32.88 37.77 -48.04
C LYS D 2427 -32.44 36.33 -47.84
N SER D 2428 -33.44 35.44 -47.75
CA SER D 2428 -33.32 34.12 -48.35
C SER D 2428 -33.28 34.20 -49.86
N VAL D 2429 -34.06 35.10 -50.46
CA VAL D 2429 -33.91 35.30 -51.91
C VAL D 2429 -32.54 35.90 -52.23
N THR D 2430 -32.15 36.94 -51.50
CA THR D 2430 -30.93 37.67 -51.86
C THR D 2430 -29.68 37.23 -51.09
N ARG D 2431 -29.70 36.09 -50.39
CA ARG D 2431 -28.44 35.57 -49.85
C ARG D 2431 -27.54 35.04 -50.95
N ASN D 2432 -27.96 34.00 -51.65
CA ASN D 2432 -27.19 33.43 -52.75
C ASN D 2432 -27.64 34.07 -54.07
N GLY D 2433 -27.48 35.38 -54.14
CA GLY D 2433 -27.90 36.11 -55.32
C GLY D 2433 -27.03 35.87 -56.53
N ARG D 2434 -25.75 35.52 -56.31
CA ARG D 2434 -24.85 35.34 -57.43
C ARG D 2434 -25.12 34.05 -58.20
N PRO D 2435 -25.49 32.91 -57.57
CA PRO D 2435 -26.02 31.80 -58.38
C PRO D 2435 -27.26 32.16 -59.18
N ILE D 2436 -28.15 32.99 -58.65
CA ILE D 2436 -29.36 33.37 -59.38
C ILE D 2436 -28.99 34.24 -60.58
N ILE D 2437 -28.06 35.18 -60.40
CA ILE D 2437 -27.63 36.03 -61.51
C ILE D 2437 -26.91 35.21 -62.58
N LEU D 2438 -26.07 34.26 -62.16
CA LEU D 2438 -25.37 33.43 -63.13
C LEU D 2438 -26.31 32.47 -63.84
N THR D 2439 -27.36 31.98 -63.17
CA THR D 2439 -28.33 31.14 -63.84
C THR D 2439 -29.16 31.95 -64.83
N ALA D 2440 -29.45 33.21 -64.50
CA ALA D 2440 -30.12 34.09 -65.45
C ALA D 2440 -29.24 34.36 -66.67
N ALA D 2441 -27.93 34.52 -66.45
CA ALA D 2441 -27.00 34.70 -67.56
C ALA D 2441 -26.93 33.46 -68.44
N LEU D 2442 -26.96 32.27 -67.82
CA LEU D 2442 -26.99 31.01 -68.56
C LEU D 2442 -28.27 30.90 -69.39
N ALA D 2443 -29.41 31.31 -68.81
CA ALA D 2443 -30.65 31.34 -69.58
C ALA D 2443 -30.55 32.29 -70.75
N LEU D 2444 -29.90 33.45 -70.54
CA LEU D 2444 -29.75 34.43 -71.62
C LEU D 2444 -28.91 33.87 -72.76
N ILE D 2445 -27.82 33.17 -72.45
CA ILE D 2445 -27.00 32.64 -73.53
C ILE D 2445 -27.68 31.47 -74.23
N LEU D 2446 -28.47 30.67 -73.51
CA LEU D 2446 -29.22 29.61 -74.17
C LEU D 2446 -30.28 30.17 -75.11
N VAL D 2447 -30.95 31.24 -74.68
CA VAL D 2447 -31.87 31.97 -75.55
C VAL D 2447 -31.14 32.52 -76.77
N TYR D 2448 -29.91 32.99 -76.58
CA TYR D 2448 -29.13 33.54 -77.69
C TYR D 2448 -28.81 32.49 -78.75
N LEU D 2449 -28.35 31.31 -78.32
CA LEU D 2449 -28.10 30.24 -79.30
C LEU D 2449 -29.37 29.75 -79.96
N PHE D 2450 -30.47 29.62 -79.22
CA PHE D 2450 -31.72 29.22 -79.86
C PHE D 2450 -32.20 30.26 -80.86
N SER D 2451 -31.98 31.54 -80.55
CA SER D 2451 -32.38 32.61 -81.47
C SER D 2451 -31.56 32.60 -82.74
N ILE D 2452 -30.24 32.35 -82.64
CA ILE D 2452 -29.45 32.33 -83.87
C ILE D 2452 -29.73 31.06 -84.68
N VAL D 2453 -30.10 29.96 -84.02
CA VAL D 2453 -30.56 28.77 -84.76
C VAL D 2453 -31.85 29.09 -85.52
N GLY D 2454 -32.80 29.75 -84.85
CA GLY D 2454 -34.03 30.14 -85.51
C GLY D 2454 -33.83 31.14 -86.63
N TYR D 2455 -32.85 32.04 -86.48
CA TYR D 2455 -32.51 32.95 -87.56
C TYR D 2455 -31.91 32.21 -88.74
N LEU D 2456 -31.11 31.18 -88.47
CA LEU D 2456 -30.49 30.41 -89.55
C LEU D 2456 -31.52 29.61 -90.33
N PHE D 2457 -32.38 28.85 -89.64
CA PHE D 2457 -33.18 27.84 -90.32
C PHE D 2457 -34.67 28.13 -90.36
N PHE D 2458 -35.21 28.87 -89.40
CA PHE D 2458 -36.66 29.05 -89.31
C PHE D 2458 -37.02 30.53 -89.42
N LYS D 2459 -36.46 31.22 -90.40
CA LYS D 2459 -36.60 32.67 -90.49
C LYS D 2459 -38.03 33.08 -90.82
N ASP D 2460 -38.73 32.30 -91.62
CA ASP D 2460 -40.07 32.66 -92.07
C ASP D 2460 -41.16 32.15 -91.14
N ASP D 2461 -40.82 31.41 -90.09
CA ASP D 2461 -41.79 30.94 -89.12
C ASP D 2461 -42.01 31.93 -87.99
N PHE D 2462 -41.36 33.08 -88.03
CA PHE D 2462 -41.45 34.07 -86.96
C PHE D 2462 -42.51 35.13 -87.23
N ILE D 2463 -43.60 34.77 -87.90
CA ILE D 2463 -44.71 35.69 -88.09
C ILE D 2463 -45.59 35.66 -86.85
N LEU D 2464 -45.73 36.82 -86.20
CA LEU D 2464 -46.56 36.93 -85.02
C LEU D 2464 -47.53 38.10 -85.16
N GLU D 2465 -48.68 37.97 -84.50
CA GLU D 2465 -49.81 38.86 -84.70
C GLU D 2465 -49.78 40.02 -83.71
N VAL D 2466 -49.98 41.24 -84.22
CA VAL D 2466 -50.02 42.44 -83.39
C VAL D 2466 -51.23 43.27 -83.80
N ASP D 2467 -51.60 44.19 -82.92
CA ASP D 2467 -52.64 45.19 -83.20
C ASP D 2467 -52.04 46.58 -83.20
N ARG D 2468 -52.49 47.40 -84.16
CA ARG D 2468 -51.89 48.69 -84.43
C ARG D 2468 -52.80 49.81 -83.93
N LEU D 2469 -52.18 50.86 -83.41
CA LEU D 2469 -52.93 52.04 -82.99
C LEU D 2469 -53.51 52.74 -84.22
N PRO D 2470 -54.74 53.27 -84.12
CA PRO D 2470 -55.31 54.02 -85.24
C PRO D 2470 -54.52 55.30 -85.51
N ASN D 2471 -54.46 55.68 -86.78
CA ASN D 2471 -53.67 56.83 -87.20
C ASN D 2471 -54.30 58.15 -86.76
N LYS D 2519 -50.31 44.70 -92.03
CA LYS D 2519 -51.68 44.21 -91.93
C LYS D 2519 -51.70 42.99 -91.02
N GLU D 2520 -51.88 43.23 -89.72
CA GLU D 2520 -52.22 42.24 -88.68
C GLU D 2520 -51.04 41.32 -88.35
N HIS D 2521 -49.96 41.40 -89.11
CA HIS D 2521 -48.84 40.48 -88.95
C HIS D 2521 -47.53 41.22 -89.14
N THR D 2522 -46.52 40.85 -88.36
CA THR D 2522 -45.19 41.41 -88.49
C THR D 2522 -44.17 40.27 -88.50
N CYS D 2523 -43.04 40.53 -89.15
CA CYS D 2523 -41.92 39.61 -89.15
C CYS D 2523 -40.73 40.26 -88.46
N GLU D 2524 -39.83 39.42 -87.95
CA GLU D 2524 -38.64 39.89 -87.23
C GLU D 2524 -37.41 39.25 -87.84
N THR D 2525 -36.68 40.03 -88.66
CA THR D 2525 -35.44 39.56 -89.28
C THR D 2525 -34.35 40.61 -89.02
N LEU D 2526 -33.77 40.56 -87.82
CA LEU D 2526 -32.59 41.38 -87.54
C LEU D 2526 -31.60 40.68 -86.60
N LEU D 2527 -31.96 39.50 -86.07
CA LEU D 2527 -31.24 38.69 -85.07
C LEU D 2527 -31.18 39.37 -83.70
N MET D 2528 -31.65 40.62 -83.59
CA MET D 2528 -31.92 41.20 -82.30
C MET D 2528 -33.41 41.21 -81.98
N CYS D 2529 -34.24 41.47 -82.99
CA CYS D 2529 -35.68 41.27 -82.83
C CYS D 2529 -36.00 39.80 -82.60
N ILE D 2530 -35.19 38.89 -83.12
CA ILE D 2530 -35.40 37.47 -82.86
C ILE D 2530 -35.05 37.12 -81.41
N VAL D 2531 -34.02 37.74 -80.84
CA VAL D 2531 -33.76 37.56 -79.41
C VAL D 2531 -34.89 38.15 -78.57
N THR D 2532 -35.45 39.28 -79.03
CA THR D 2532 -36.61 39.87 -78.35
C THR D 2532 -37.80 38.92 -78.40
N VAL D 2533 -38.03 38.27 -79.55
CA VAL D 2533 -39.14 37.33 -79.68
C VAL D 2533 -38.91 36.08 -78.83
N LEU D 2534 -37.67 35.62 -78.74
CA LEU D 2534 -37.38 34.47 -77.88
C LEU D 2534 -37.53 34.81 -76.41
N SER D 2535 -37.24 36.05 -76.01
CA SER D 2535 -37.52 36.44 -74.63
C SER D 2535 -39.01 36.68 -74.39
N HIS D 2536 -39.74 37.07 -75.44
CA HIS D 2536 -41.20 37.06 -75.42
C HIS D 2536 -41.77 35.66 -75.22
N GLY D 2537 -41.17 34.66 -75.86
CA GLY D 2537 -41.56 33.27 -75.72
C GLY D 2537 -40.92 32.51 -74.58
N LEU D 2538 -40.01 33.14 -73.82
CA LEU D 2538 -39.53 32.53 -72.59
C LEU D 2538 -40.61 32.46 -71.54
N ARG D 2539 -41.61 33.35 -71.62
CA ARG D 2539 -42.83 33.23 -70.85
C ARG D 2539 -43.77 32.24 -71.53
N SER D 2540 -45.05 32.24 -71.14
CA SER D 2540 -46.14 31.45 -71.72
C SER D 2540 -46.03 29.95 -71.45
N GLY D 2541 -44.99 29.48 -70.76
CA GLY D 2541 -44.99 28.12 -70.25
C GLY D 2541 -44.75 27.01 -71.25
N GLY D 2542 -45.48 27.05 -72.37
CA GLY D 2542 -45.28 26.03 -73.39
C GLY D 2542 -43.93 26.12 -74.07
N GLY D 2543 -43.41 27.33 -74.24
CA GLY D 2543 -42.12 27.54 -74.87
C GLY D 2543 -42.25 28.43 -76.09
N VAL D 2544 -41.35 28.22 -77.05
CA VAL D 2544 -41.34 29.04 -78.26
C VAL D 2544 -42.32 28.51 -79.30
N GLY D 2545 -42.80 27.28 -79.14
CA GLY D 2545 -43.72 26.72 -80.11
C GLY D 2545 -45.10 27.30 -80.13
N ASP D 2546 -45.48 28.09 -79.12
CA ASP D 2546 -46.79 28.71 -79.06
C ASP D 2546 -46.89 30.02 -79.84
N VAL D 2547 -45.76 30.67 -80.12
CA VAL D 2547 -45.78 31.91 -80.86
C VAL D 2547 -45.40 31.75 -82.32
N LEU D 2548 -44.59 30.74 -82.64
CA LEU D 2548 -44.23 30.47 -84.03
C LEU D 2548 -45.41 29.86 -84.76
N ARG D 2549 -45.44 30.03 -86.08
CA ARG D 2549 -46.59 29.56 -86.85
C ARG D 2549 -46.59 28.04 -86.93
N LYS D 2550 -47.79 27.50 -87.15
CA LYS D 2550 -48.00 26.05 -87.09
C LYS D 2550 -47.45 25.37 -88.34
N PRO D 2551 -46.72 24.26 -88.19
CA PRO D 2551 -45.97 23.72 -89.33
C PRO D 2551 -46.81 22.98 -90.36
N SER D 2552 -48.06 22.61 -90.05
CA SER D 2552 -49.05 22.11 -91.00
C SER D 2552 -48.69 20.76 -91.64
N LYS D 2553 -47.73 20.03 -91.08
CA LYS D 2553 -47.54 18.59 -91.26
C LYS D 2553 -47.01 18.20 -92.65
N GLU D 2554 -47.02 19.13 -93.61
CA GLU D 2554 -46.65 18.80 -94.98
C GLU D 2554 -45.40 19.49 -95.47
N GLU D 2555 -44.97 20.59 -94.84
CA GLU D 2555 -43.71 21.19 -95.17
C GLU D 2555 -42.56 20.26 -94.77
N PRO D 2556 -41.44 20.29 -95.51
CA PRO D 2556 -40.30 19.43 -95.16
C PRO D 2556 -39.71 19.71 -93.80
N LEU D 2557 -39.75 20.96 -93.34
CA LEU D 2557 -39.22 21.31 -92.01
C LEU D 2557 -40.33 21.16 -90.97
N PHE D 2558 -40.77 19.92 -90.80
CA PHE D 2558 -41.75 19.57 -89.79
C PHE D 2558 -41.11 18.90 -88.58
N ALA D 2559 -40.33 17.83 -88.82
CA ALA D 2559 -39.61 17.19 -87.74
C ALA D 2559 -38.57 18.11 -87.14
N ALA D 2560 -37.94 18.94 -87.96
CA ALA D 2560 -36.99 19.93 -87.45
C ALA D 2560 -37.69 20.88 -86.47
N ARG D 2561 -38.90 21.31 -86.81
CA ARG D 2561 -39.68 22.16 -85.91
C ARG D 2561 -40.06 21.41 -84.65
N VAL D 2562 -40.41 20.13 -84.74
CA VAL D 2562 -40.86 19.38 -83.57
C VAL D 2562 -39.73 19.19 -82.57
N ILE D 2563 -38.56 18.72 -83.04
CA ILE D 2563 -37.41 18.63 -82.13
C ILE D 2563 -36.93 20.00 -81.66
N TYR D 2564 -37.00 21.04 -82.50
CA TYR D 2564 -36.62 22.38 -82.05
C TYR D 2564 -37.49 22.86 -80.89
N ASP D 2565 -38.82 22.72 -81.04
CA ASP D 2565 -39.74 23.13 -79.99
C ASP D 2565 -39.57 22.30 -78.73
N LEU D 2566 -39.41 20.99 -78.88
CA LEU D 2566 -39.29 20.12 -77.71
C LEU D 2566 -37.98 20.37 -76.96
N LEU D 2567 -36.86 20.56 -77.67
CA LEU D 2567 -35.61 20.88 -77.01
C LEU D 2567 -35.68 22.20 -76.28
N PHE D 2568 -36.25 23.24 -76.92
CA PHE D 2568 -36.36 24.53 -76.24
C PHE D 2568 -37.20 24.41 -74.98
N PHE D 2569 -38.40 23.84 -75.09
CA PHE D 2569 -39.30 23.68 -73.95
C PHE D 2569 -38.62 22.94 -72.83
N PHE D 2570 -38.23 21.68 -73.08
CA PHE D 2570 -37.63 20.81 -72.08
C PHE D 2570 -36.42 21.46 -71.44
N MET D 2571 -35.36 21.67 -72.22
CA MET D 2571 -34.09 22.10 -71.63
C MET D 2571 -34.22 23.48 -71.00
N VAL D 2572 -34.60 24.50 -71.78
CA VAL D 2572 -34.63 25.86 -71.25
C VAL D 2572 -35.64 25.98 -70.12
N ILE D 2573 -36.93 25.74 -70.41
CA ILE D 2573 -37.99 25.96 -69.42
C ILE D 2573 -37.75 25.11 -68.17
N ILE D 2574 -37.76 23.78 -68.34
CA ILE D 2574 -37.68 22.89 -67.19
C ILE D 2574 -36.38 23.11 -66.43
N ILE D 2575 -35.23 22.89 -67.09
CA ILE D 2575 -33.96 22.85 -66.38
C ILE D 2575 -33.64 24.21 -65.77
N VAL D 2576 -33.80 25.31 -66.52
CA VAL D 2576 -33.32 26.60 -66.02
C VAL D 2576 -34.26 27.16 -64.96
N LEU D 2577 -35.58 27.16 -65.21
CA LEU D 2577 -36.47 27.75 -64.22
C LEU D 2577 -36.51 26.91 -62.95
N ASN D 2578 -36.47 25.58 -63.10
CA ASN D 2578 -36.32 24.71 -61.94
C ASN D 2578 -34.98 24.91 -61.24
N LEU D 2579 -33.93 25.30 -61.96
CA LEU D 2579 -32.65 25.61 -61.32
C LEU D 2579 -32.76 26.82 -60.42
N ILE D 2580 -33.42 27.88 -60.90
CA ILE D 2580 -33.59 29.09 -60.11
C ILE D 2580 -34.40 28.80 -58.85
N PHE D 2581 -35.50 28.07 -59.00
CA PHE D 2581 -36.33 27.76 -57.85
C PHE D 2581 -35.62 26.80 -56.89
N GLY D 2582 -34.79 25.88 -57.42
CA GLY D 2582 -34.03 25.01 -56.55
C GLY D 2582 -32.99 25.77 -55.74
N VAL D 2583 -32.38 26.80 -56.34
CA VAL D 2583 -31.45 27.64 -55.60
C VAL D 2583 -32.14 28.34 -54.45
N ILE D 2584 -33.35 28.88 -54.71
CA ILE D 2584 -34.09 29.57 -53.66
C ILE D 2584 -34.47 28.61 -52.52
N ILE D 2585 -34.95 27.41 -52.88
CA ILE D 2585 -35.36 26.44 -51.86
C ILE D 2585 -34.16 25.97 -51.03
N ASP D 2586 -33.01 25.77 -51.68
CA ASP D 2586 -31.82 25.37 -50.96
C ASP D 2586 -31.35 26.47 -50.01
N THR D 2587 -31.57 27.74 -50.38
CA THR D 2587 -31.19 28.81 -49.47
C THR D 2587 -32.11 28.86 -48.24
N PHE D 2588 -33.41 28.59 -48.42
CA PHE D 2588 -34.28 28.35 -47.26
C PHE D 2588 -33.75 27.26 -46.35
N ALA D 2589 -33.33 26.13 -46.94
CA ALA D 2589 -32.85 25.02 -46.12
C ALA D 2589 -31.59 25.40 -45.34
N ASP D 2590 -30.66 26.10 -45.99
CA ASP D 2590 -29.45 26.54 -45.33
C ASP D 2590 -29.74 27.52 -44.18
N LEU D 2591 -30.64 28.48 -44.43
CA LEU D 2591 -30.99 29.46 -43.40
C LEU D 2591 -31.63 28.80 -42.20
N ARG D 2592 -32.56 27.87 -42.42
CA ARG D 2592 -33.22 27.21 -41.30
C ARG D 2592 -32.24 26.35 -40.52
N SER D 2593 -31.33 25.67 -41.21
CA SER D 2593 -30.35 24.84 -40.50
C SER D 2593 -29.44 25.69 -39.63
N GLU D 2594 -28.93 26.80 -40.17
CA GLU D 2594 -28.03 27.63 -39.36
C GLU D 2594 -28.77 28.33 -38.22
N LYS D 2595 -30.04 28.68 -38.42
CA LYS D 2595 -30.80 29.32 -37.35
C LYS D 2595 -31.06 28.37 -36.21
N GLN D 2596 -31.49 27.13 -36.52
CA GLN D 2596 -31.73 26.18 -35.44
C GLN D 2596 -30.44 25.76 -34.76
N LYS D 2597 -29.33 25.70 -35.51
CA LYS D 2597 -28.04 25.37 -34.92
C LYS D 2597 -27.60 26.44 -33.92
N LYS D 2598 -27.66 27.71 -34.31
CA LYS D 2598 -27.25 28.75 -33.38
C LYS D 2598 -28.22 28.90 -32.22
N GLU D 2599 -29.50 28.61 -32.43
CA GLU D 2599 -30.46 28.65 -31.33
C GLU D 2599 -30.17 27.56 -30.30
N GLU D 2600 -29.88 26.34 -30.75
CA GLU D 2600 -29.63 25.30 -29.77
C GLU D 2600 -28.27 25.45 -29.09
N ILE D 2601 -27.27 26.00 -29.80
CA ILE D 2601 -25.99 26.23 -29.12
C ILE D 2601 -26.10 27.42 -28.17
N LEU D 2602 -27.04 28.34 -28.40
CA LEU D 2602 -27.30 29.39 -27.43
C LEU D 2602 -28.06 28.85 -26.23
N LYS D 2603 -28.94 27.86 -26.45
CA LYS D 2603 -29.84 27.43 -25.39
C LYS D 2603 -29.21 26.37 -24.48
N THR D 2604 -28.30 25.55 -24.99
CA THR D 2604 -27.75 24.45 -24.21
C THR D 2604 -26.25 24.58 -23.92
N THR D 2605 -25.75 25.81 -23.80
CA THR D 2605 -24.32 26.01 -23.59
C THR D 2605 -24.12 27.34 -22.87
N CYS D 2606 -23.18 27.37 -21.91
CA CYS D 2606 -22.87 28.59 -21.21
C CYS D 2606 -22.22 29.61 -22.13
N PHE D 2607 -22.61 30.89 -21.95
CA PHE D 2607 -22.11 31.96 -22.79
C PHE D 2607 -20.62 32.18 -22.62
N ILE D 2608 -20.14 32.11 -21.38
CA ILE D 2608 -18.74 32.40 -21.08
C ILE D 2608 -17.90 31.13 -21.06
N CYS D 2609 -18.33 30.15 -20.26
CA CYS D 2609 -17.53 28.94 -20.08
C CYS D 2609 -17.56 28.05 -21.30
N GLY D 2610 -18.62 28.10 -22.09
CA GLY D 2610 -18.73 27.23 -23.24
C GLY D 2610 -19.00 25.78 -22.92
N LEU D 2611 -19.20 25.43 -21.65
CA LEU D 2611 -19.51 24.06 -21.28
C LEU D 2611 -20.96 23.75 -21.60
N GLU D 2612 -21.23 22.47 -21.83
CA GLU D 2612 -22.54 22.00 -22.22
C GLU D 2612 -23.37 21.61 -21.00
N ARG D 2613 -24.67 21.45 -21.25
CA ARG D 2613 -25.61 21.07 -20.19
C ARG D 2613 -25.34 19.67 -19.64
N ASP D 2614 -24.66 18.81 -20.40
CA ASP D 2614 -24.46 17.44 -19.98
C ASP D 2614 -23.41 17.31 -18.89
N LYS D 2615 -22.58 18.32 -18.69
CA LYS D 2615 -21.53 18.23 -17.68
C LYS D 2615 -22.08 18.44 -16.28
N PHE D 2616 -23.21 19.13 -16.15
CA PHE D 2616 -23.82 19.42 -14.85
C PHE D 2616 -24.92 18.41 -14.52
N ASP D 2617 -24.58 17.12 -14.44
CA ASP D 2617 -25.60 16.10 -14.20
C ASP D 2617 -26.15 16.19 -12.79
N ASN D 2618 -25.31 15.92 -11.78
CA ASN D 2618 -25.71 16.18 -10.40
C ASN D 2618 -24.81 17.24 -9.77
N LYS D 2619 -23.51 16.97 -9.62
CA LYS D 2619 -22.43 17.92 -9.38
C LYS D 2619 -22.69 19.01 -8.34
N THR D 2620 -23.62 18.75 -7.40
CA THR D 2620 -24.12 19.60 -6.32
C THR D 2620 -24.50 21.02 -6.75
N VAL D 2621 -24.68 21.25 -8.04
CA VAL D 2621 -25.16 22.52 -8.59
C VAL D 2621 -26.12 22.21 -9.73
N THR D 2622 -26.66 23.26 -10.34
CA THR D 2622 -27.48 23.14 -11.53
C THR D 2622 -26.96 24.10 -12.59
N PHE D 2623 -27.31 23.81 -13.84
CA PHE D 2623 -26.87 24.62 -14.96
C PHE D 2623 -27.49 26.02 -14.90
N GLU D 2624 -28.76 26.11 -14.50
CA GLU D 2624 -29.46 27.39 -14.51
C GLU D 2624 -28.99 28.33 -13.41
N GLU D 2625 -28.43 27.81 -12.33
CA GLU D 2625 -27.78 28.67 -11.34
C GLU D 2625 -26.32 28.92 -11.66
N HIS D 2626 -25.69 28.03 -12.44
CA HIS D 2626 -24.36 28.31 -12.96
C HIS D 2626 -24.38 29.48 -13.93
N ILE D 2627 -25.39 29.56 -14.79
CA ILE D 2627 -25.39 30.57 -15.83
C ILE D 2627 -26.07 31.86 -15.35
N LYS D 2628 -26.40 31.92 -14.07
CA LYS D 2628 -26.91 33.18 -13.50
C LYS D 2628 -26.16 33.65 -12.27
N GLU D 2629 -25.37 32.79 -11.61
CA GLU D 2629 -24.58 33.21 -10.47
C GLU D 2629 -23.09 33.12 -10.72
N GLU D 2630 -22.60 31.94 -11.12
CA GLU D 2630 -21.16 31.75 -11.27
C GLU D 2630 -20.63 32.39 -12.54
N HIS D 2631 -21.36 32.29 -13.64
CA HIS D 2631 -20.88 32.76 -14.93
C HIS D 2631 -21.89 33.65 -15.61
N ASN D 2632 -22.52 34.56 -14.86
CA ASN D 2632 -23.39 35.56 -15.46
C ASN D 2632 -22.54 36.59 -16.19
N MET D 2633 -22.86 36.83 -17.46
CA MET D 2633 -22.02 37.68 -18.28
C MET D 2633 -22.21 39.18 -17.99
N TRP D 2634 -23.35 39.57 -17.44
CA TRP D 2634 -23.51 40.96 -17.05
C TRP D 2634 -22.64 41.30 -15.85
N HIS D 2635 -22.32 40.31 -15.02
CA HIS D 2635 -21.31 40.51 -13.99
C HIS D 2635 -19.94 40.75 -14.61
N TYR D 2636 -19.63 40.07 -15.71
CA TYR D 2636 -18.36 40.32 -16.41
C TYR D 2636 -18.32 41.71 -17.02
N LEU D 2637 -19.45 42.17 -17.59
CA LEU D 2637 -19.52 43.53 -18.11
C LEU D 2637 -19.38 44.55 -16.98
N CYS D 2638 -20.03 44.29 -15.84
CA CYS D 2638 -19.91 45.17 -14.68
C CYS D 2638 -18.48 45.23 -14.17
N PHE D 2639 -17.78 44.10 -14.17
CA PHE D 2639 -16.39 44.09 -13.73
C PHE D 2639 -15.49 44.85 -14.70
N ILE D 2640 -15.76 44.75 -16.01
CA ILE D 2640 -14.99 45.52 -16.98
C ILE D 2640 -15.19 47.02 -16.77
N VAL D 2641 -16.44 47.42 -16.55
CA VAL D 2641 -16.72 48.84 -16.27
C VAL D 2641 -16.07 49.28 -14.97
N LEU D 2642 -16.11 48.42 -13.93
CA LEU D 2642 -15.50 48.73 -12.65
C LEU D 2642 -13.99 48.90 -12.78
N VAL D 2643 -13.35 48.06 -13.58
CA VAL D 2643 -11.92 48.21 -13.83
C VAL D 2643 -11.64 49.53 -14.52
N LYS D 2644 -12.46 49.90 -15.50
CA LYS D 2644 -12.15 51.12 -16.26
C LYS D 2644 -12.80 52.39 -15.70
N VAL D 2645 -13.39 52.36 -14.51
CA VAL D 2645 -13.93 53.59 -13.93
C VAL D 2645 -13.17 54.02 -12.67
N LYS D 2646 -12.46 53.11 -12.00
CA LYS D 2646 -11.99 53.35 -10.64
C LYS D 2646 -10.72 54.21 -10.70
N ASP D 2647 -10.05 54.40 -9.56
CA ASP D 2647 -9.03 55.43 -9.35
C ASP D 2647 -7.78 55.18 -10.18
N SER D 2648 -7.54 53.94 -10.58
CA SER D 2648 -6.31 53.31 -11.12
C SER D 2648 -5.29 53.02 -10.03
N THR D 2649 -5.56 53.40 -8.79
CA THR D 2649 -4.86 52.91 -7.61
C THR D 2649 -5.89 52.35 -6.65
N GLU D 2650 -5.45 52.03 -5.44
CA GLU D 2650 -6.27 51.58 -4.29
C GLU D 2650 -7.30 50.50 -4.64
N TYR D 2651 -7.05 49.69 -5.67
CA TYR D 2651 -7.83 48.49 -5.89
C TYR D 2651 -6.95 47.25 -5.85
N THR D 2652 -7.59 46.11 -5.63
CA THR D 2652 -6.95 44.96 -5.01
C THR D 2652 -6.10 44.17 -5.99
N GLY D 2653 -5.76 42.94 -5.58
CA GLY D 2653 -4.85 42.07 -6.29
C GLY D 2653 -5.33 41.60 -7.66
N PRO D 2654 -6.36 40.76 -7.69
CA PRO D 2654 -6.83 40.23 -8.99
C PRO D 2654 -7.34 41.29 -9.94
N GLU D 2655 -7.93 42.35 -9.41
CA GLU D 2655 -8.40 43.45 -10.26
C GLU D 2655 -7.24 44.11 -10.99
N SER D 2656 -6.11 44.26 -10.32
CA SER D 2656 -4.91 44.81 -10.95
C SER D 2656 -4.38 43.91 -12.05
N TYR D 2657 -4.37 42.59 -11.85
CA TYR D 2657 -3.95 41.66 -12.89
C TYR D 2657 -4.87 41.71 -14.09
N VAL D 2658 -6.19 41.77 -13.86
CA VAL D 2658 -7.15 41.87 -14.96
C VAL D 2658 -6.97 43.18 -15.72
N ALA D 2659 -6.75 44.29 -15.00
CA ALA D 2659 -6.52 45.57 -15.65
C ALA D 2659 -5.22 45.55 -16.45
N GLU D 2660 -4.22 44.82 -15.99
CA GLU D 2660 -3.01 44.61 -16.78
C GLU D 2660 -3.31 43.76 -18.01
N MET D 2661 -4.25 42.82 -17.91
CA MET D 2661 -4.60 42.00 -19.06
C MET D 2661 -5.53 42.71 -20.04
N ILE D 2662 -6.11 43.85 -19.67
CA ILE D 2662 -7.01 44.59 -20.55
C ILE D 2662 -6.26 45.61 -21.39
N ARG D 2663 -5.30 46.31 -20.78
CA ARG D 2663 -4.53 47.32 -21.50
C ARG D 2663 -3.70 46.70 -22.62
N GLU D 2664 -3.04 45.57 -22.34
CA GLU D 2664 -2.49 44.77 -23.43
C GLU D 2664 -3.62 43.90 -23.98
N ARG D 2665 -3.43 43.41 -25.21
CA ARG D 2665 -4.58 43.01 -26.00
C ARG D 2665 -5.21 41.69 -25.53
N ASN D 2666 -4.41 40.73 -25.06
CA ASN D 2666 -4.90 39.37 -24.87
C ASN D 2666 -5.97 39.28 -23.78
N LEU D 2667 -6.86 38.29 -23.93
CA LEU D 2667 -8.05 38.20 -23.10
C LEU D 2667 -8.30 36.75 -22.67
N ASP D 2668 -7.21 36.03 -22.41
CA ASP D 2668 -7.31 34.66 -21.93
C ASP D 2668 -7.38 34.56 -20.41
N TRP D 2669 -7.90 35.58 -19.73
CA TRP D 2669 -8.22 35.47 -18.32
C TRP D 2669 -9.63 34.98 -18.06
N PHE D 2670 -10.44 34.81 -19.11
CA PHE D 2670 -11.75 34.20 -18.97
C PHE D 2670 -11.59 32.69 -18.78
N PRO D 2671 -12.50 32.06 -18.04
CA PRO D 2671 -12.49 30.59 -17.99
C PRO D 2671 -13.04 29.99 -19.27
N ARG D 2672 -12.19 29.33 -20.06
CA ARG D 2672 -12.59 29.00 -21.43
C ARG D 2672 -13.23 27.63 -21.53
N MET D 2673 -12.87 26.68 -20.66
CA MET D 2673 -13.56 25.40 -20.69
C MET D 2673 -13.67 24.79 -19.28
N ARG D 2674 -13.64 25.63 -18.25
CA ARG D 2674 -13.55 25.16 -16.87
C ARG D 2674 -14.42 26.05 -15.99
N ALA D 2675 -14.98 25.45 -14.94
CA ALA D 2675 -16.12 26.06 -14.25
C ALA D 2675 -16.02 26.19 -12.73
N MET D 2676 -14.98 25.64 -12.09
CA MET D 2676 -14.66 25.76 -10.66
C MET D 2676 -15.61 24.94 -9.78
N SER D 2677 -16.72 24.48 -10.35
CA SER D 2677 -17.69 23.70 -9.60
C SER D 2677 -17.71 22.25 -10.03
N LEU D 2678 -16.84 21.87 -10.97
CA LEU D 2678 -16.72 20.50 -11.42
C LEU D 2678 -15.47 19.81 -10.90
N VAL D 2679 -14.68 20.49 -10.07
CA VAL D 2679 -13.47 19.90 -9.52
C VAL D 2679 -13.78 19.23 -8.19
N SER D 2680 -12.91 18.30 -7.80
CA SER D 2680 -13.05 17.55 -6.56
C SER D 2680 -11.73 17.55 -5.81
N SER D 2681 -11.77 17.11 -4.56
CA SER D 2681 -10.59 17.07 -3.73
C SER D 2681 -9.83 15.75 -3.92
N ASP D 2682 -8.61 15.71 -3.39
CA ASP D 2682 -7.73 14.55 -3.49
C ASP D 2682 -7.30 14.14 -2.09
N SER D 2683 -7.46 12.86 -1.75
CA SER D 2683 -7.07 12.36 -0.44
C SER D 2683 -6.25 11.09 -0.56
N GLU D 2684 -6.46 10.34 -1.65
CA GLU D 2684 -5.77 9.06 -1.82
C GLU D 2684 -4.28 9.25 -2.03
N GLY D 2685 -3.89 10.20 -2.89
CA GLY D 2685 -2.48 10.46 -3.10
C GLY D 2685 -1.78 11.02 -1.87
N GLU D 2686 -2.48 11.89 -1.12
CA GLU D 2686 -1.93 12.40 0.13
C GLU D 2686 -1.74 11.28 1.15
N GLN D 2687 -2.71 10.37 1.23
CA GLN D 2687 -2.59 9.23 2.14
C GLN D 2687 -1.43 8.33 1.74
N ASN D 2688 -1.26 8.11 0.44
CA ASN D 2688 -0.15 7.28 -0.04
C ASN D 2688 1.20 7.93 0.24
N GLU D 2689 1.29 9.25 0.08
CA GLU D 2689 2.56 9.94 0.33
C GLU D 2689 2.89 9.98 1.82
N LEU D 2690 1.89 10.20 2.68
CA LEU D 2690 2.17 10.16 4.12
C LEU D 2690 2.48 8.73 4.57
N ARG D 2691 1.87 7.73 3.92
CA ARG D 2691 2.25 6.35 4.16
C ARG D 2691 3.70 6.09 3.76
N ASN D 2692 4.14 6.66 2.63
CA ASN D 2692 5.51 6.50 2.20
C ASN D 2692 6.49 7.17 3.16
N LEU D 2693 6.15 8.37 3.65
CA LEU D 2693 7.02 9.04 4.62
C LEU D 2693 7.07 8.27 5.93
N GLN D 2694 5.92 7.75 6.39
CA GLN D 2694 5.89 6.91 7.58
C GLN D 2694 6.69 5.63 7.36
N GLU D 2695 6.70 5.12 6.13
CA GLU D 2695 7.50 3.95 5.80
C GLU D 2695 8.99 4.26 5.81
N LYS D 2696 9.38 5.47 5.38
CA LYS D 2696 10.79 5.86 5.46
C LYS D 2696 11.25 6.00 6.91
N LEU D 2697 10.44 6.64 7.76
CA LEU D 2697 10.78 6.71 9.18
C LEU D 2697 10.78 5.33 9.83
N GLU D 2698 9.88 4.44 9.39
CA GLU D 2698 9.86 3.09 9.90
C GLU D 2698 11.07 2.30 9.43
N SER D 2699 11.55 2.59 8.22
CA SER D 2699 12.80 1.99 7.75
C SER D 2699 13.99 2.46 8.57
N THR D 2700 13.98 3.72 9.00
CA THR D 2700 15.01 4.20 9.91
C THR D 2700 14.95 3.48 11.25
N MET D 2701 13.76 3.31 11.81
CA MET D 2701 13.67 2.64 13.11
C MET D 2701 14.01 1.15 12.96
N LYS D 2702 13.68 0.55 11.81
CA LYS D 2702 14.03 -0.83 11.56
C LYS D 2702 15.51 -1.02 11.25
N LEU D 2703 16.20 0.01 10.74
CA LEU D 2703 17.64 -0.14 10.63
C LEU D 2703 18.30 -0.04 12.00
N VAL D 2704 17.75 0.79 12.89
CA VAL D 2704 18.18 0.73 14.29
C VAL D 2704 17.89 -0.64 14.89
N THR D 2705 16.75 -1.24 14.51
CA THR D 2705 16.40 -2.58 14.95
C THR D 2705 17.39 -3.62 14.43
N ASN D 2706 17.87 -3.48 13.19
CA ASN D 2706 18.86 -4.47 12.75
C ASN D 2706 20.25 -4.19 13.31
N LEU D 2707 20.55 -2.95 13.74
CA LEU D 2707 21.71 -2.76 14.61
C LEU D 2707 21.56 -3.53 15.92
N SER D 2708 20.36 -3.52 16.50
CA SER D 2708 20.09 -4.43 17.61
C SER D 2708 20.18 -5.89 17.16
N GLY D 2709 19.97 -6.15 15.88
CA GLY D 2709 20.18 -7.49 15.34
C GLY D 2709 21.64 -7.94 15.41
N GLN D 2710 22.56 -7.11 14.91
CA GLN D 2710 23.95 -7.53 15.07
C GLN D 2710 24.40 -7.45 16.52
N LEU D 2711 23.71 -6.69 17.36
CA LEU D 2711 23.89 -6.82 18.81
C LEU D 2711 23.50 -8.21 19.31
N SER D 2712 22.42 -8.77 18.74
CA SER D 2712 22.02 -10.14 19.09
C SER D 2712 23.09 -11.15 18.68
N GLU D 2713 23.65 -11.04 17.47
CA GLU D 2713 24.74 -12.00 17.28
C GLU D 2713 26.05 -11.59 17.93
N LEU D 2714 26.19 -10.36 18.44
CA LEU D 2714 27.27 -10.08 19.38
C LEU D 2714 27.13 -10.95 20.63
N LYS D 2715 25.91 -11.00 21.18
CA LYS D 2715 25.65 -11.93 22.28
C LYS D 2715 25.90 -13.37 21.86
N ASP D 2716 25.69 -13.67 20.57
CA ASP D 2716 26.04 -15.01 20.08
C ASP D 2716 27.53 -15.30 20.19
N GLN D 2717 28.41 -14.36 19.79
CA GLN D 2717 29.82 -14.79 19.94
C GLN D 2717 30.29 -14.75 21.39
N MET D 2718 29.70 -13.90 22.26
CA MET D 2718 30.07 -14.05 23.67
C MET D 2718 29.61 -15.40 24.23
N THR D 2719 28.40 -15.85 23.89
CA THR D 2719 27.90 -17.12 24.41
C THR D 2719 28.71 -18.29 23.86
N GLU D 2720 28.94 -18.33 22.55
CA GLU D 2720 29.72 -19.43 22.01
C GLU D 2720 31.20 -19.33 22.34
N GLN D 2721 31.70 -18.12 22.66
CA GLN D 2721 33.08 -17.98 23.10
C GLN D 2721 33.27 -18.59 24.49
N ARG D 2722 32.38 -18.28 25.42
CA ARG D 2722 32.51 -18.89 26.75
C ARG D 2722 32.20 -20.39 26.70
N LYS D 2723 31.28 -20.80 25.82
CA LYS D 2723 30.98 -22.23 25.66
C LYS D 2723 32.18 -22.98 25.09
N GLN D 2724 32.84 -22.43 24.08
CA GLN D 2724 34.00 -23.10 23.53
C GLN D 2724 35.19 -23.01 24.47
N LYS D 2725 35.26 -21.97 25.31
CA LYS D 2725 36.33 -21.87 26.29
C LYS D 2725 36.20 -22.97 27.34
N GLN D 2726 35.00 -23.18 27.87
CA GLN D 2726 34.83 -24.29 28.82
C GLN D 2726 34.93 -25.64 28.12
N ARG D 2727 34.59 -25.72 26.83
CA ARG D 2727 34.78 -26.96 26.08
C ARG D 2727 36.25 -27.32 25.93
N ILE D 2728 37.10 -26.33 25.61
CA ILE D 2728 38.54 -26.56 25.56
C ILE D 2728 39.07 -26.90 26.95
N GLY D 2729 38.52 -26.26 27.98
CA GLY D 2729 38.95 -26.57 29.34
C GLY D 2729 38.64 -27.99 29.77
N LEU D 2730 37.45 -28.49 29.41
CA LEU D 2730 37.11 -29.86 29.77
C LEU D 2730 37.77 -30.90 28.87
N LEU D 2731 38.04 -30.57 27.61
CA LEU D 2731 38.58 -31.57 26.69
C LEU D 2731 39.96 -31.08 26.23
N GLY D 2732 40.79 -30.72 27.19
CA GLY D 2732 42.14 -30.28 26.90
C GLY D 2732 42.72 -29.51 28.06
N HIS D 2733 44.05 -29.51 28.16
CA HIS D 2733 44.78 -28.78 29.20
C HIS D 2733 45.86 -27.94 28.56
N PRO D 2734 45.52 -26.78 28.01
CA PRO D 2734 46.54 -25.90 27.42
C PRO D 2734 47.15 -24.99 28.46
N PRO D 2735 48.47 -24.91 28.53
CA PRO D 2735 49.12 -24.00 29.48
C PRO D 2735 49.01 -22.55 29.02
N HIS D 2736 49.11 -21.66 30.00
CA HIS D 2736 49.07 -20.22 29.72
C HIS D 2736 50.44 -19.59 29.96
#